data_5OO6
#
_entry.id   5OO6
#
_cell.length_a   70.520
_cell.length_b   112.990
_cell.length_c   270.980
_cell.angle_alpha   90.00
_cell.angle_beta   90.30
_cell.angle_gamma   90.02
#
_symmetry.space_group_name_H-M   'P 1'
#
loop_
_entity.id
_entity.type
_entity.pdbx_description
1 polymer 'Nuclear cap-binding protein subunit 1'
2 polymer 'Nuclear cap-binding protein subunit 2'
3 polymer 'Serrate RNA effector molecule homolog'
4 non-polymer "7N-METHYL-8-HYDROGUANOSINE-5'-TRIPHOSPHATE"
#
loop_
_entity_poly.entity_id
_entity_poly.type
_entity_poly.pdbx_seq_one_letter_code
_entity_poly.pdbx_strand_id
1 'polypeptide(L)'
;MKTSDANETEDHLESLICKVGEKSACSLESNLEGLAGVLEADLPNYKSKILRLLCTVARLLPEKLTIYTTLVGLLNARNY
NFGGEFVEAMIRQLKESLKANNYNEAVYLVRFLSDLVNCHVIAAPSMVAMFENFVSVTQEEDVPQVRRDWYVYAFLSSLP
WVGKELYEKKDAEMDRIFANTESYLKRRQKTHVPMLQVWTADKPHPQEEYLDCLWAQIQKLKKDRWQERHILRPYLAFDS
ILCEALQHNLPPFTPPPHTEDSVYPMPRVIFRMFDYTDDPEGPVMPGSHSVERFVIEENLHCIIKSHWKERKTCAAQLVS
YPGKNKIPLNYHIVEVIFAELFQLPAPPHIDVMYTTLLIELCKLQPGSLPQVLAQATEMLYMRLDTMNTTCVDRFINWFS
HHLSNFQFRWSWEDWSDCLSQDPESPKPKFVREVLEKCMRLSYHQRILDIVPPTFSALCPVNPTCIYKYGDESSNSLPGH
SVALCLAVAFKSKATNDEIFSILKDVPNPNQDDDDDEGFSFNPLKIEVFVQTLLHLAAKSFSHSFSALAKFHEVFKTLAE
SDEGKLHVLRVMFEVWRNHPQMIAVLVDKMIRTQIVDCAAVANWIFSSELSRDFTRLFVWEILHSTIRKMNKHVLKIQKE
LEEAKEKLARQHKRRSDDDDRSSDRKDGVLEEQIERLQEKVESAQSEQKNLFLVIFQRFIMILTEHLVRCETDGTSVLTP
WYKNCIERLQQIFLQHHQIIQQYMVTLENLLFTAELDPHILAVFQQFCALQA
;
A,D,G,J,M,P,S,V
2 'polypeptide(L)'
;GAMSGGLLKALRSDSYVELSQYRDQHFRGDNEEQEKLLKKSCTLYVGNLSFYTTEEQIYELFSKSGDIKKIIMGLDKMKK
TACGFCFVEYYSRADAENAMRYINGTRLDDRIIRTDWDAGFKEGRQYGRGRSGGQVRDEYRQDYDAGRGGYGKLAQNQ
;
B,E,H,K,N,Q,T,W
3 'polypeptide(L)' GAMGRGNYDAFRGQGGYPGKPRNRMVRGDPRAIVEYRDLDAPDDVDFF C,F,I,L,O,R,U,X
#
loop_
_chem_comp.id
_chem_comp.type
_chem_comp.name
_chem_comp.formula
MGT non-polymer 7N-METHYL-8-HYDROGUANOSINE-5'-TRIPHOSPHATE 'C11 H20 N5 O14 P3'
#
# COMPACT_ATOMS: atom_id res chain seq x y z
N THR A 9 -75.79 -35.18 -32.51
CA THR A 9 -75.47 -33.71 -32.45
C THR A 9 -74.21 -33.35 -31.65
N GLU A 10 -73.61 -34.28 -30.90
CA GLU A 10 -72.32 -34.06 -30.23
C GLU A 10 -71.17 -34.00 -31.24
N ASP A 11 -71.18 -34.92 -32.22
CA ASP A 11 -70.23 -34.88 -33.34
C ASP A 11 -70.43 -33.64 -34.22
N HIS A 12 -71.70 -33.28 -34.44
CA HIS A 12 -72.08 -32.06 -35.17
C HIS A 12 -71.64 -30.77 -34.46
N LEU A 13 -71.80 -30.73 -33.13
CA LEU A 13 -71.38 -29.58 -32.31
C LEU A 13 -69.89 -29.28 -32.42
N GLU A 14 -69.07 -30.33 -32.35
CA GLU A 14 -67.61 -30.15 -32.37
C GLU A 14 -67.16 -29.56 -33.70
N SER A 15 -67.64 -30.11 -34.81
CA SER A 15 -67.26 -29.61 -36.15
C SER A 15 -67.79 -28.20 -36.45
N LEU A 16 -68.94 -27.84 -35.89
CA LEU A 16 -69.48 -26.47 -36.04
C LEU A 16 -68.62 -25.42 -35.32
N ILE A 17 -68.23 -25.72 -34.09
CA ILE A 17 -67.35 -24.84 -33.30
C ILE A 17 -65.96 -24.77 -33.93
N CYS A 18 -65.44 -25.90 -34.41
CA CYS A 18 -64.14 -25.94 -35.09
C CYS A 18 -64.11 -25.20 -36.44
N LYS A 19 -65.19 -25.27 -37.21
CA LYS A 19 -65.20 -24.74 -38.58
C LYS A 19 -65.34 -23.21 -38.67
N VAL A 20 -65.99 -22.58 -37.70
CA VAL A 20 -66.08 -21.11 -37.66
C VAL A 20 -64.67 -20.50 -37.61
N GLY A 21 -64.46 -19.45 -38.39
CA GLY A 21 -63.14 -18.82 -38.53
C GLY A 21 -62.35 -19.26 -39.75
N GLU A 22 -62.70 -20.42 -40.32
CA GLU A 22 -62.04 -20.93 -41.53
C GLU A 22 -62.67 -20.31 -42.79
N LYS A 23 -62.16 -20.70 -43.96
CA LYS A 23 -62.75 -20.36 -45.26
C LYS A 23 -64.27 -20.48 -45.25
N SER A 24 -64.96 -19.50 -45.83
CA SER A 24 -66.43 -19.50 -45.87
C SER A 24 -67.00 -18.61 -46.96
N ALA A 25 -68.19 -18.96 -47.43
CA ALA A 25 -68.94 -18.13 -48.37
C ALA A 25 -69.34 -16.82 -47.69
N CYS A 26 -69.96 -16.93 -46.52
CA CYS A 26 -70.34 -15.78 -45.70
C CYS A 26 -69.13 -15.15 -45.01
N SER A 27 -69.36 -14.01 -44.37
CA SER A 27 -68.34 -13.36 -43.57
C SER A 27 -68.18 -14.04 -42.20
N LEU A 28 -67.14 -13.63 -41.48
CA LEU A 28 -66.89 -14.13 -40.12
C LEU A 28 -67.98 -13.71 -39.13
N GLU A 29 -68.43 -12.46 -39.26
CA GLU A 29 -69.49 -11.89 -38.41
C GLU A 29 -70.80 -12.67 -38.57
N SER A 30 -71.13 -13.03 -39.80
CA SER A 30 -72.32 -13.82 -40.10
C SER A 30 -72.29 -15.20 -39.43
N ASN A 31 -71.15 -15.89 -39.54
CA ASN A 31 -71.01 -17.25 -38.98
C ASN A 31 -71.07 -17.27 -37.44
N LEU A 32 -70.44 -16.29 -36.80
CA LEU A 32 -70.50 -16.15 -35.33
C LEU A 32 -71.93 -15.90 -34.85
N GLU A 33 -72.61 -14.96 -35.51
CA GLU A 33 -74.04 -14.67 -35.27
C GLU A 33 -74.87 -15.94 -35.39
N GLY A 34 -74.67 -16.67 -36.48
CA GLY A 34 -75.37 -17.92 -36.74
C GLY A 34 -75.06 -19.01 -35.72
N LEU A 35 -73.77 -19.17 -35.41
CA LEU A 35 -73.33 -20.19 -34.45
C LEU A 35 -73.81 -19.89 -33.04
N ALA A 36 -73.64 -18.64 -32.61
CA ALA A 36 -74.14 -18.18 -31.30
C ALA A 36 -75.61 -18.51 -31.12
N GLY A 37 -76.40 -18.35 -32.19
CA GLY A 37 -77.81 -18.74 -32.19
C GLY A 37 -78.03 -20.23 -32.05
N VAL A 38 -77.29 -21.02 -32.84
CA VAL A 38 -77.42 -22.49 -32.82
C VAL A 38 -76.98 -23.04 -31.46
N LEU A 39 -75.92 -22.48 -30.88
CA LEU A 39 -75.44 -22.90 -29.56
C LEU A 39 -76.41 -22.56 -28.43
N GLU A 40 -77.06 -21.40 -28.49
CA GLU A 40 -78.07 -21.01 -27.50
C GLU A 40 -79.28 -21.95 -27.52
N ALA A 41 -79.67 -22.40 -28.72
CA ALA A 41 -80.72 -23.40 -28.89
C ALA A 41 -80.37 -24.75 -28.24
N ASP A 42 -79.09 -25.15 -28.30
CA ASP A 42 -78.62 -26.41 -27.68
C ASP A 42 -78.31 -26.32 -26.16
N LEU A 43 -78.38 -25.13 -25.56
CA LEU A 43 -78.09 -24.94 -24.12
C LEU A 43 -78.98 -25.72 -23.15
N PRO A 44 -80.33 -25.76 -23.39
CA PRO A 44 -81.22 -26.58 -22.58
C PRO A 44 -80.69 -27.96 -22.14
N ASN A 45 -80.17 -28.75 -23.09
CA ASN A 45 -79.72 -30.14 -22.80
C ASN A 45 -78.31 -30.55 -23.32
N TYR A 46 -77.49 -29.59 -23.76
CA TYR A 46 -76.07 -29.83 -24.07
C TYR A 46 -75.14 -28.75 -23.49
N LYS A 47 -75.56 -28.09 -22.40
CA LYS A 47 -74.76 -27.04 -21.75
C LYS A 47 -73.39 -27.56 -21.32
N SER A 48 -73.35 -28.80 -20.84
CA SER A 48 -72.14 -29.45 -20.38
C SER A 48 -71.12 -29.67 -21.52
N LYS A 49 -71.60 -30.22 -22.65
CA LYS A 49 -70.76 -30.40 -23.86
C LYS A 49 -70.15 -29.09 -24.34
N ILE A 50 -70.97 -28.07 -24.47
CA ILE A 50 -70.57 -26.79 -25.07
C ILE A 50 -69.56 -26.03 -24.19
N LEU A 51 -69.72 -26.10 -22.88
CA LEU A 51 -68.74 -25.54 -21.95
C LEU A 51 -67.36 -26.20 -22.11
N ARG A 52 -67.38 -27.52 -22.22
CA ARG A 52 -66.14 -28.30 -22.33
C ARG A 52 -65.45 -28.12 -23.69
N LEU A 53 -66.25 -28.08 -24.76
CA LEU A 53 -65.73 -27.86 -26.12
C LEU A 53 -65.16 -26.47 -26.30
N LEU A 54 -65.78 -25.46 -25.69
CA LEU A 54 -65.24 -24.09 -25.76
C LEU A 54 -64.00 -23.92 -24.88
N CYS A 55 -63.91 -24.65 -23.77
CA CYS A 55 -62.67 -24.69 -22.98
C CYS A 55 -61.52 -25.35 -23.74
N THR A 56 -61.83 -26.37 -24.53
CA THR A 56 -60.84 -27.09 -25.31
C THR A 56 -60.23 -26.23 -26.43
N VAL A 57 -61.08 -25.51 -27.16
CA VAL A 57 -60.58 -24.59 -28.21
C VAL A 57 -59.84 -23.39 -27.62
N ALA A 58 -60.20 -22.98 -26.40
CA ALA A 58 -59.48 -21.91 -25.68
C ALA A 58 -58.05 -22.33 -25.34
N ARG A 59 -57.88 -23.62 -25.05
CA ARG A 59 -56.60 -24.22 -24.67
C ARG A 59 -55.75 -24.65 -25.88
N LEU A 60 -56.40 -25.21 -26.90
CA LEU A 60 -55.70 -25.86 -28.05
C LEU A 60 -55.60 -25.06 -29.35
N LEU A 61 -56.42 -24.01 -29.50
CA LEU A 61 -56.43 -23.18 -30.71
C LEU A 61 -56.25 -21.69 -30.40
N PRO A 62 -55.09 -21.32 -29.80
CA PRO A 62 -54.83 -19.91 -29.50
C PRO A 62 -54.65 -19.03 -30.74
N GLU A 63 -54.25 -19.62 -31.86
CA GLU A 63 -54.20 -18.90 -33.15
C GLU A 63 -55.55 -18.31 -33.56
N LYS A 64 -56.66 -18.91 -33.11
CA LYS A 64 -58.01 -18.41 -33.34
C LYS A 64 -58.65 -17.84 -32.07
N LEU A 65 -57.84 -17.23 -31.21
CA LEU A 65 -58.27 -16.66 -29.92
C LEU A 65 -59.48 -15.71 -30.00
N THR A 66 -59.34 -14.64 -30.78
CA THR A 66 -60.35 -13.57 -30.83
C THR A 66 -61.66 -14.00 -31.49
N ILE A 67 -61.59 -15.02 -32.34
CA ILE A 67 -62.80 -15.61 -32.92
C ILE A 67 -63.65 -16.25 -31.81
N TYR A 68 -63.02 -16.99 -30.91
CA TYR A 68 -63.75 -17.73 -29.87
C TYR A 68 -64.14 -16.89 -28.66
N THR A 69 -63.32 -15.90 -28.30
CA THR A 69 -63.73 -14.95 -27.23
C THR A 69 -64.97 -14.18 -27.67
N THR A 70 -64.99 -13.74 -28.93
CA THR A 70 -66.17 -13.11 -29.51
C THR A 70 -67.38 -14.04 -29.39
N LEU A 71 -67.22 -15.31 -29.80
CA LEU A 71 -68.31 -16.27 -29.70
C LEU A 71 -68.86 -16.39 -28.29
N VAL A 72 -67.97 -16.40 -27.30
CA VAL A 72 -68.36 -16.43 -25.88
C VAL A 72 -69.05 -15.13 -25.49
N GLY A 73 -68.55 -13.99 -25.97
CA GLY A 73 -69.20 -12.69 -25.77
C GLY A 73 -70.66 -12.65 -26.17
N LEU A 74 -70.96 -13.20 -27.35
CA LEU A 74 -72.32 -13.24 -27.88
C LEU A 74 -73.22 -14.18 -27.09
N LEU A 75 -72.66 -15.30 -26.65
CA LEU A 75 -73.39 -16.24 -25.79
C LEU A 75 -73.68 -15.68 -24.40
N ASN A 76 -72.72 -14.95 -23.84
CA ASN A 76 -72.88 -14.25 -22.55
C ASN A 76 -74.01 -13.22 -22.60
N ALA A 77 -74.09 -12.46 -23.71
CA ALA A 77 -75.12 -11.45 -23.91
C ALA A 77 -76.55 -12.03 -23.98
N ARG A 78 -76.70 -13.18 -24.63
CA ARG A 78 -78.00 -13.89 -24.70
C ARG A 78 -78.33 -14.70 -23.44
N ASN A 79 -77.30 -15.14 -22.73
CA ASN A 79 -77.47 -16.01 -21.56
C ASN A 79 -76.36 -15.71 -20.56
N TYR A 80 -76.67 -14.90 -19.56
CA TYR A 80 -75.73 -14.49 -18.52
C TYR A 80 -75.14 -15.68 -17.74
N ASN A 81 -75.99 -16.66 -17.39
CA ASN A 81 -75.56 -17.79 -16.56
C ASN A 81 -74.58 -18.73 -17.24
N PHE A 82 -74.65 -18.81 -18.57
CA PHE A 82 -73.66 -19.54 -19.36
C PHE A 82 -72.28 -18.91 -19.23
N GLY A 83 -72.21 -17.60 -19.43
CA GLY A 83 -70.97 -16.83 -19.24
C GLY A 83 -70.36 -16.96 -17.85
N GLY A 84 -71.22 -17.10 -16.84
CA GLY A 84 -70.76 -17.35 -15.47
C GLY A 84 -70.14 -18.72 -15.31
N GLU A 85 -70.83 -19.74 -15.81
CA GLU A 85 -70.32 -21.12 -15.74
C GLU A 85 -69.08 -21.36 -16.61
N PHE A 86 -68.92 -20.58 -17.68
CA PHE A 86 -67.73 -20.67 -18.53
C PHE A 86 -66.50 -20.12 -17.83
N VAL A 87 -66.60 -18.94 -17.24
CA VAL A 87 -65.48 -18.33 -16.51
C VAL A 87 -65.06 -19.21 -15.33
N GLU A 88 -66.02 -19.87 -14.69
CA GLU A 88 -65.73 -20.90 -13.68
C GLU A 88 -64.94 -22.06 -14.26
N ALA A 89 -65.44 -22.61 -15.38
CA ALA A 89 -64.79 -23.74 -16.08
C ALA A 89 -63.36 -23.43 -16.53
N MET A 90 -63.13 -22.22 -17.04
CA MET A 90 -61.79 -21.77 -17.43
C MET A 90 -60.84 -21.66 -16.25
N ILE A 91 -61.32 -21.17 -15.11
CA ILE A 91 -60.49 -21.09 -13.91
C ILE A 91 -60.14 -22.50 -13.40
N ARG A 92 -61.08 -23.43 -13.47
CA ARG A 92 -60.80 -24.84 -13.14
C ARG A 92 -59.74 -25.40 -14.07
N GLN A 93 -59.91 -25.18 -15.37
CA GLN A 93 -58.96 -25.65 -16.38
C GLN A 93 -57.57 -25.03 -16.24
N LEU A 94 -57.52 -23.77 -15.80
CA LEU A 94 -56.25 -23.07 -15.60
C LEU A 94 -55.46 -23.68 -14.44
N LYS A 95 -56.16 -23.92 -13.32
CA LYS A 95 -55.55 -24.54 -12.15
C LYS A 95 -55.15 -25.99 -12.44
N GLU A 96 -55.98 -26.69 -13.20
CA GLU A 96 -55.68 -28.04 -13.68
C GLU A 96 -54.37 -28.07 -14.49
N SER A 97 -54.23 -27.11 -15.42
CA SER A 97 -53.05 -27.04 -16.29
C SER A 97 -51.78 -26.67 -15.52
N LEU A 98 -51.90 -25.77 -14.54
CA LEU A 98 -50.73 -25.35 -13.74
C LEU A 98 -50.24 -26.46 -12.82
N LYS A 99 -51.18 -27.14 -12.16
CA LYS A 99 -50.89 -28.32 -11.32
C LYS A 99 -50.13 -29.40 -12.09
N ALA A 100 -50.50 -29.59 -13.36
CA ALA A 100 -49.88 -30.61 -14.23
C ALA A 100 -48.64 -30.11 -14.98
N ASN A 101 -48.08 -28.95 -14.60
CA ASN A 101 -46.95 -28.32 -15.29
C ASN A 101 -47.11 -28.09 -16.80
N ASN A 102 -48.34 -27.80 -17.23
CA ASN A 102 -48.63 -27.39 -18.60
C ASN A 102 -48.70 -25.87 -18.62
N TYR A 103 -47.54 -25.26 -18.40
CA TYR A 103 -47.43 -23.80 -18.35
C TYR A 103 -47.63 -23.18 -19.73
N ASN A 104 -47.28 -23.90 -20.79
CA ASN A 104 -47.47 -23.38 -22.14
C ASN A 104 -48.95 -23.31 -22.53
N GLU A 105 -49.74 -24.29 -22.12
CA GLU A 105 -51.20 -24.23 -22.30
C GLU A 105 -51.85 -23.16 -21.41
N ALA A 106 -51.33 -23.00 -20.20
CA ALA A 106 -51.86 -22.03 -19.25
C ALA A 106 -51.84 -20.59 -19.80
N VAL A 107 -50.75 -20.20 -20.47
CA VAL A 107 -50.65 -18.87 -21.08
C VAL A 107 -51.84 -18.63 -22.01
N TYR A 108 -52.16 -19.61 -22.85
CA TYR A 108 -53.26 -19.49 -23.78
C TYR A 108 -54.60 -19.28 -23.05
N LEU A 109 -54.78 -19.96 -21.92
CA LEU A 109 -55.96 -19.76 -21.09
C LEU A 109 -55.99 -18.37 -20.45
N VAL A 110 -54.83 -17.88 -20.01
CA VAL A 110 -54.71 -16.52 -19.44
C VAL A 110 -55.03 -15.46 -20.50
N ARG A 111 -54.44 -15.58 -21.69
CA ARG A 111 -54.75 -14.67 -22.82
C ARG A 111 -56.21 -14.71 -23.22
N PHE A 112 -56.82 -15.89 -23.14
CA PHE A 112 -58.26 -16.03 -23.42
C PHE A 112 -59.12 -15.27 -22.40
N LEU A 113 -58.81 -15.42 -21.12
CA LEU A 113 -59.48 -14.68 -20.06
C LEU A 113 -59.25 -13.18 -20.23
N SER A 114 -58.02 -12.79 -20.58
CA SER A 114 -57.68 -11.39 -20.87
C SER A 114 -58.59 -10.79 -21.93
N ASP A 115 -58.62 -11.41 -23.11
CA ASP A 115 -59.40 -10.89 -24.23
C ASP A 115 -60.92 -10.99 -24.01
N LEU A 116 -61.38 -11.84 -23.09
CA LEU A 116 -62.80 -11.85 -22.67
C LEU A 116 -63.26 -10.58 -21.96
N VAL A 117 -62.31 -9.76 -21.48
CA VAL A 117 -62.62 -8.42 -20.97
C VAL A 117 -63.07 -7.50 -22.13
N ASN A 118 -62.42 -7.62 -23.29
CA ASN A 118 -62.80 -6.85 -24.48
C ASN A 118 -64.20 -7.22 -25.01
N CYS A 119 -64.66 -8.44 -24.74
CA CYS A 119 -66.01 -8.89 -25.12
C CYS A 119 -67.09 -8.65 -24.05
N HIS A 120 -66.74 -7.91 -23.00
CA HIS A 120 -67.64 -7.63 -21.87
C HIS A 120 -68.25 -8.92 -21.28
N VAL A 121 -67.36 -9.88 -21.01
CA VAL A 121 -67.71 -11.11 -20.29
C VAL A 121 -67.06 -11.09 -18.89
N ILE A 122 -65.82 -10.61 -18.82
CA ILE A 122 -65.10 -10.50 -17.56
C ILE A 122 -64.91 -9.01 -17.24
N ALA A 123 -65.09 -8.65 -15.97
CA ALA A 123 -64.92 -7.28 -15.52
C ALA A 123 -63.44 -6.94 -15.43
N ALA A 124 -63.06 -5.76 -15.94
CA ALA A 124 -61.65 -5.32 -16.00
C ALA A 124 -60.91 -5.31 -14.64
N PRO A 125 -61.59 -4.88 -13.55
CA PRO A 125 -60.94 -4.96 -12.23
C PRO A 125 -60.52 -6.37 -11.79
N SER A 126 -61.24 -7.41 -12.22
CA SER A 126 -60.90 -8.80 -11.89
C SER A 126 -59.60 -9.25 -12.53
N MET A 127 -59.39 -8.89 -13.80
CA MET A 127 -58.13 -9.20 -14.48
C MET A 127 -56.95 -8.43 -13.91
N VAL A 128 -57.18 -7.20 -13.45
CA VAL A 128 -56.11 -6.42 -12.81
C VAL A 128 -55.77 -7.06 -11.46
N ALA A 129 -56.78 -7.56 -10.75
CA ALA A 129 -56.58 -8.29 -9.48
C ALA A 129 -55.81 -9.59 -9.70
N MET A 130 -56.17 -10.35 -10.74
CA MET A 130 -55.45 -11.57 -11.11
C MET A 130 -54.00 -11.26 -11.49
N PHE A 131 -53.79 -10.26 -12.33
CA PHE A 131 -52.43 -9.86 -12.71
C PHE A 131 -51.61 -9.25 -11.57
N GLU A 132 -52.26 -8.64 -10.58
CA GLU A 132 -51.59 -8.25 -9.33
C GLU A 132 -50.97 -9.49 -8.67
N ASN A 133 -51.79 -10.54 -8.53
CA ASN A 133 -51.34 -11.82 -7.93
C ASN A 133 -50.27 -12.54 -8.76
N PHE A 134 -50.33 -12.44 -10.09
CA PHE A 134 -49.30 -13.02 -10.97
C PHE A 134 -47.96 -12.37 -10.70
N VAL A 135 -47.91 -11.04 -10.82
CA VAL A 135 -46.64 -10.32 -10.69
C VAL A 135 -46.09 -10.40 -9.25
N SER A 136 -46.96 -10.58 -8.26
CA SER A 136 -46.53 -10.83 -6.87
C SER A 136 -45.66 -12.08 -6.68
N VAL A 137 -45.68 -13.00 -7.65
CA VAL A 137 -44.77 -14.16 -7.66
C VAL A 137 -43.30 -13.73 -7.77
N THR A 138 -43.03 -12.55 -8.34
CA THR A 138 -41.67 -11.99 -8.34
C THR A 138 -41.14 -11.61 -6.95
N GLN A 139 -42.05 -11.42 -5.98
CA GLN A 139 -41.71 -11.13 -4.58
C GLN A 139 -41.33 -12.38 -3.78
N GLU A 140 -41.92 -13.54 -4.13
CA GLU A 140 -41.64 -14.82 -3.45
C GLU A 140 -40.15 -15.12 -3.38
N GLU A 141 -39.68 -15.64 -2.24
CA GLU A 141 -38.28 -16.03 -2.07
C GLU A 141 -38.12 -17.53 -1.96
N ASP A 142 -36.89 -17.99 -2.19
CA ASP A 142 -36.54 -19.43 -2.25
C ASP A 142 -37.32 -20.16 -3.36
N VAL A 143 -37.42 -19.54 -4.53
CA VAL A 143 -38.05 -20.13 -5.73
C VAL A 143 -37.22 -19.80 -6.97
N PRO A 144 -37.30 -20.66 -8.01
CA PRO A 144 -36.41 -20.45 -9.17
C PRO A 144 -36.87 -19.31 -10.08
N GLN A 145 -35.91 -18.70 -10.77
CA GLN A 145 -36.17 -17.59 -11.71
C GLN A 145 -37.21 -17.96 -12.75
N VAL A 146 -37.10 -19.16 -13.32
CA VAL A 146 -38.03 -19.63 -14.35
C VAL A 146 -39.51 -19.63 -13.93
N ARG A 147 -39.79 -19.81 -12.64
CA ARG A 147 -41.15 -19.68 -12.10
C ARG A 147 -41.61 -18.24 -12.21
N ARG A 148 -40.76 -17.33 -11.74
CA ARG A 148 -41.07 -15.91 -11.74
C ARG A 148 -41.22 -15.40 -13.18
N ASP A 149 -40.23 -15.73 -14.01
CA ASP A 149 -40.26 -15.46 -15.45
C ASP A 149 -41.58 -15.80 -16.12
N TRP A 150 -42.11 -16.98 -15.83
CA TRP A 150 -43.34 -17.41 -16.47
C TRP A 150 -44.52 -16.52 -16.08
N TYR A 151 -44.65 -16.24 -14.79
CA TYR A 151 -45.79 -15.46 -14.28
C TYR A 151 -45.81 -14.04 -14.84
N VAL A 152 -44.62 -13.45 -14.98
CA VAL A 152 -44.45 -12.19 -15.72
C VAL A 152 -44.84 -12.36 -17.20
N TYR A 153 -44.29 -13.39 -17.84
CA TYR A 153 -44.56 -13.65 -19.27
C TYR A 153 -46.06 -13.78 -19.57
N ALA A 154 -46.79 -14.52 -18.74
CA ALA A 154 -48.24 -14.68 -18.92
C ALA A 154 -48.99 -13.35 -18.84
N PHE A 155 -48.50 -12.47 -17.97
CA PHE A 155 -49.05 -11.10 -17.84
C PHE A 155 -48.69 -10.26 -19.08
N LEU A 156 -47.39 -10.07 -19.32
CA LEU A 156 -46.92 -9.23 -20.43
C LEU A 156 -47.47 -9.67 -21.78
N SER A 157 -47.48 -10.97 -22.04
CA SER A 157 -47.97 -11.51 -23.32
C SER A 157 -49.49 -11.45 -23.49
N SER A 158 -50.23 -11.14 -22.42
CA SER A 158 -51.67 -10.87 -22.54
C SER A 158 -51.98 -9.43 -22.95
N LEU A 159 -51.03 -8.52 -22.77
CA LEU A 159 -51.29 -7.08 -22.95
C LEU A 159 -51.57 -6.61 -24.37
N PRO A 160 -51.00 -7.28 -25.39
CA PRO A 160 -51.42 -6.88 -26.75
C PRO A 160 -52.92 -6.99 -27.00
N TRP A 161 -53.60 -7.91 -26.31
CA TRP A 161 -55.04 -8.11 -26.45
C TRP A 161 -55.84 -7.21 -25.52
N VAL A 162 -55.41 -7.11 -24.25
CA VAL A 162 -56.20 -6.45 -23.21
C VAL A 162 -55.53 -5.20 -22.58
N GLY A 163 -54.34 -4.85 -23.02
CA GLY A 163 -53.57 -3.75 -22.40
C GLY A 163 -54.23 -2.38 -22.42
N LYS A 164 -55.00 -2.11 -23.47
CA LYS A 164 -55.76 -0.86 -23.59
C LYS A 164 -56.88 -0.81 -22.56
N GLU A 165 -57.75 -1.82 -22.59
CA GLU A 165 -58.94 -1.90 -21.73
C GLU A 165 -58.63 -1.85 -20.23
N LEU A 166 -57.51 -2.46 -19.81
CA LEU A 166 -57.10 -2.44 -18.40
C LEU A 166 -56.53 -1.09 -17.98
N TYR A 167 -55.75 -0.47 -18.85
CA TYR A 167 -55.11 0.81 -18.53
C TYR A 167 -56.11 1.97 -18.48
N GLU A 168 -57.23 1.87 -19.21
CA GLU A 168 -58.29 2.89 -19.15
C GLU A 168 -59.20 2.74 -17.92
N LYS A 169 -59.41 1.51 -17.45
CA LYS A 169 -60.26 1.27 -16.27
C LYS A 169 -59.54 1.43 -14.93
N LYS A 170 -58.26 1.07 -14.86
CA LYS A 170 -57.50 1.08 -13.59
C LYS A 170 -56.01 1.43 -13.78
N ASP A 171 -55.72 2.60 -14.36
CA ASP A 171 -54.31 2.99 -14.64
C ASP A 171 -53.42 3.10 -13.39
N ALA A 172 -54.02 3.50 -12.26
CA ALA A 172 -53.32 3.58 -10.97
C ALA A 172 -52.77 2.22 -10.58
N GLU A 173 -53.66 1.23 -10.56
CA GLU A 173 -53.31 -0.16 -10.21
C GLU A 173 -52.29 -0.76 -11.18
N MET A 174 -52.44 -0.44 -12.48
CA MET A 174 -51.55 -0.97 -13.51
C MET A 174 -50.14 -0.36 -13.46
N ASP A 175 -50.02 0.91 -13.09
CA ASP A 175 -48.69 1.53 -12.92
C ASP A 175 -47.84 0.84 -11.83
N ARG A 176 -48.49 0.34 -10.77
CA ARG A 176 -47.80 -0.44 -9.73
C ARG A 176 -47.26 -1.76 -10.26
N ILE A 177 -48.05 -2.42 -11.12
CA ILE A 177 -47.66 -3.68 -11.74
C ILE A 177 -46.44 -3.47 -12.64
N PHE A 178 -46.46 -2.41 -13.44
CA PHE A 178 -45.33 -2.06 -14.30
C PHE A 178 -44.08 -1.64 -13.54
N ALA A 179 -44.25 -1.07 -12.34
CA ALA A 179 -43.13 -0.73 -11.46
C ALA A 179 -42.49 -1.98 -10.85
N ASN A 180 -43.32 -2.87 -10.31
CA ASN A 180 -42.89 -4.16 -9.76
C ASN A 180 -42.29 -5.08 -10.82
N THR A 181 -42.94 -5.12 -12.00
CA THR A 181 -42.43 -5.86 -13.16
C THR A 181 -41.08 -5.34 -13.61
N GLU A 182 -40.98 -4.03 -13.80
CA GLU A 182 -39.73 -3.39 -14.26
C GLU A 182 -38.57 -3.61 -13.27
N SER A 183 -38.85 -3.54 -11.98
CA SER A 183 -37.82 -3.79 -10.96
C SER A 183 -37.31 -5.24 -11.03
N TYR A 184 -38.23 -6.19 -11.21
CA TYR A 184 -37.85 -7.60 -11.35
C TYR A 184 -36.95 -7.86 -12.58
N LEU A 185 -37.35 -7.32 -13.73
CA LEU A 185 -36.61 -7.54 -14.98
C LEU A 185 -35.18 -6.95 -14.95
N LYS A 186 -34.99 -5.88 -14.15
CA LYS A 186 -33.66 -5.29 -13.95
C LYS A 186 -32.72 -6.24 -13.21
N ARG A 187 -33.25 -6.89 -12.17
CA ARG A 187 -32.44 -7.77 -11.30
C ARG A 187 -32.41 -9.27 -11.70
N ARG A 188 -33.06 -9.63 -12.81
CA ARG A 188 -32.98 -11.00 -13.35
C ARG A 188 -31.57 -11.36 -13.78
N GLN A 189 -31.22 -12.63 -13.60
CA GLN A 189 -29.98 -13.20 -14.14
C GLN A 189 -30.11 -13.38 -15.65
N LYS A 190 -29.00 -13.21 -16.37
CA LYS A 190 -28.95 -13.40 -17.82
C LYS A 190 -27.86 -14.41 -18.23
N THR A 191 -27.60 -15.38 -17.34
CA THR A 191 -26.47 -16.31 -17.51
C THR A 191 -26.68 -17.26 -18.69
N HIS A 192 -27.94 -17.63 -18.89
CA HIS A 192 -28.37 -18.51 -19.98
C HIS A 192 -28.19 -17.99 -21.41
N VAL A 193 -28.18 -16.67 -21.60
CA VAL A 193 -28.29 -16.10 -22.95
C VAL A 193 -27.23 -16.58 -23.97
N PRO A 194 -25.94 -16.64 -23.59
CA PRO A 194 -24.92 -17.13 -24.54
C PRO A 194 -25.10 -18.58 -24.99
N MET A 195 -25.81 -19.38 -24.20
CA MET A 195 -26.13 -20.77 -24.56
C MET A 195 -27.28 -20.91 -25.55
N LEU A 196 -28.23 -19.97 -25.53
CA LEU A 196 -29.44 -20.05 -26.34
C LEU A 196 -29.43 -19.21 -27.62
N GLN A 197 -28.47 -18.32 -27.77
CA GLN A 197 -28.38 -17.47 -28.97
C GLN A 197 -27.93 -18.29 -30.16
N VAL A 198 -28.60 -18.07 -31.29
CA VAL A 198 -28.21 -18.71 -32.54
C VAL A 198 -26.93 -18.06 -33.07
N TRP A 199 -26.84 -16.74 -32.92
CA TRP A 199 -25.67 -15.95 -33.27
C TRP A 199 -25.22 -15.11 -32.07
N THR A 200 -23.92 -15.20 -31.74
CA THR A 200 -23.32 -14.37 -30.66
C THR A 200 -23.23 -12.88 -31.06
N ALA A 201 -23.03 -12.61 -32.35
CA ALA A 201 -22.98 -11.24 -32.87
C ALA A 201 -24.31 -10.52 -32.67
N ASP A 202 -24.25 -9.21 -32.50
CA ASP A 202 -25.47 -8.37 -32.38
C ASP A 202 -25.68 -7.45 -33.59
N LYS A 203 -24.93 -7.71 -34.67
CA LYS A 203 -25.09 -7.05 -35.95
C LYS A 203 -25.20 -8.17 -37.00
N PRO A 204 -26.20 -8.16 -37.89
CA PRO A 204 -27.21 -7.10 -38.05
C PRO A 204 -28.37 -7.07 -37.04
N HIS A 205 -28.56 -8.15 -36.28
CA HIS A 205 -29.67 -8.22 -35.32
C HIS A 205 -29.23 -8.80 -33.99
N PRO A 206 -29.47 -8.07 -32.89
CA PRO A 206 -29.24 -8.70 -31.59
C PRO A 206 -30.24 -9.82 -31.32
N GLN A 207 -29.75 -10.99 -30.96
CA GLN A 207 -30.60 -12.10 -30.53
C GLN A 207 -30.97 -11.84 -29.07
N GLU A 208 -32.11 -11.20 -28.87
CA GLU A 208 -32.52 -10.68 -27.56
C GLU A 208 -33.11 -11.75 -26.65
N GLU A 209 -32.96 -11.55 -25.35
CA GLU A 209 -33.54 -12.43 -24.35
C GLU A 209 -35.05 -12.19 -24.32
N TYR A 210 -35.82 -13.27 -24.25
CA TYR A 210 -37.26 -13.24 -24.55
C TYR A 210 -38.11 -12.30 -23.70
N LEU A 211 -37.74 -12.08 -22.44
CA LEU A 211 -38.50 -11.16 -21.56
C LEU A 211 -38.05 -9.72 -21.73
N ASP A 212 -36.77 -9.51 -22.02
CA ASP A 212 -36.26 -8.17 -22.37
C ASP A 212 -36.97 -7.67 -23.62
N CYS A 213 -37.04 -8.52 -24.63
CA CYS A 213 -37.69 -8.19 -25.90
C CYS A 213 -39.18 -7.93 -25.76
N LEU A 214 -39.90 -8.78 -25.04
CA LEU A 214 -41.34 -8.58 -24.81
C LEU A 214 -41.57 -7.28 -24.04
N TRP A 215 -40.70 -6.99 -23.07
CA TRP A 215 -40.75 -5.72 -22.31
C TRP A 215 -40.67 -4.52 -23.25
N ALA A 216 -39.58 -4.45 -24.03
CA ALA A 216 -39.41 -3.42 -25.05
C ALA A 216 -40.67 -3.25 -25.92
N GLN A 217 -41.26 -4.37 -26.34
CA GLN A 217 -42.48 -4.36 -27.15
C GLN A 217 -43.68 -3.81 -26.39
N ILE A 218 -43.82 -4.17 -25.13
CA ILE A 218 -44.92 -3.68 -24.31
C ILE A 218 -44.74 -2.20 -23.96
N GLN A 219 -43.49 -1.74 -23.85
CA GLN A 219 -43.21 -0.31 -23.62
C GLN A 219 -43.62 0.54 -24.83
N LYS A 220 -43.21 0.12 -26.03
CA LYS A 220 -43.60 0.81 -27.27
C LYS A 220 -45.10 0.80 -27.50
N LEU A 221 -45.78 -0.25 -27.10
CA LEU A 221 -47.24 -0.32 -27.18
C LEU A 221 -47.90 0.69 -26.23
N LYS A 222 -47.38 0.78 -25.01
CA LYS A 222 -47.87 1.77 -24.03
C LYS A 222 -47.65 3.20 -24.51
N LYS A 223 -46.44 3.47 -25.03
CA LYS A 223 -46.09 4.77 -25.60
C LYS A 223 -46.97 5.18 -26.77
N ASP A 224 -47.49 4.20 -27.52
CA ASP A 224 -48.44 4.45 -28.62
C ASP A 224 -49.91 4.29 -28.19
N ARG A 225 -50.21 4.65 -26.93
CA ARG A 225 -51.58 4.65 -26.37
C ARG A 225 -52.35 3.33 -26.50
N TRP A 226 -51.63 2.20 -26.46
CA TRP A 226 -52.21 0.85 -26.63
C TRP A 226 -52.92 0.63 -27.97
N GLN A 227 -52.43 1.30 -29.02
CA GLN A 227 -52.93 1.15 -30.37
C GLN A 227 -52.02 0.16 -31.08
N GLU A 228 -52.60 -0.94 -31.54
CA GLU A 228 -51.87 -1.95 -32.31
C GLU A 228 -52.60 -2.22 -33.61
N ARG A 229 -51.85 -2.61 -34.63
CA ARG A 229 -52.33 -2.61 -36.02
C ARG A 229 -52.58 -3.99 -36.66
N HIS A 230 -52.43 -5.09 -35.90
CA HIS A 230 -52.51 -6.46 -36.47
C HIS A 230 -53.68 -7.33 -36.02
N ILE A 231 -54.01 -7.32 -34.74
CA ILE A 231 -54.95 -8.30 -34.17
C ILE A 231 -56.37 -8.10 -34.69
N LEU A 232 -56.89 -9.11 -35.38
CA LEU A 232 -58.29 -9.13 -35.80
C LEU A 232 -59.17 -9.28 -34.56
N ARG A 233 -60.15 -8.40 -34.44
CA ARG A 233 -61.04 -8.34 -33.28
C ARG A 233 -62.48 -8.37 -33.79
N PRO A 234 -63.04 -9.57 -34.01
CA PRO A 234 -64.43 -9.67 -34.49
C PRO A 234 -65.48 -9.00 -33.58
N TYR A 235 -65.21 -8.99 -32.27
CA TYR A 235 -66.11 -8.34 -31.29
C TYR A 235 -66.44 -6.85 -31.55
N LEU A 236 -65.51 -6.11 -32.16
CA LEU A 236 -65.75 -4.70 -32.50
C LEU A 236 -66.96 -4.49 -33.43
N ALA A 237 -67.21 -5.47 -34.31
CA ALA A 237 -68.38 -5.47 -35.19
C ALA A 237 -69.71 -5.67 -34.44
N PHE A 238 -69.68 -6.35 -33.30
CA PHE A 238 -70.88 -6.57 -32.47
C PHE A 238 -70.97 -5.60 -31.28
N ASP A 239 -70.47 -4.38 -31.46
CA ASP A 239 -70.39 -3.40 -30.36
C ASP A 239 -71.75 -3.07 -29.73
N SER A 240 -72.80 -2.99 -30.54
CA SER A 240 -74.18 -2.79 -30.05
C SER A 240 -74.60 -3.82 -29.01
N ILE A 241 -74.39 -5.09 -29.34
CA ILE A 241 -74.84 -6.22 -28.50
C ILE A 241 -73.97 -6.40 -27.25
N LEU A 242 -72.67 -6.14 -27.37
CA LEU A 242 -71.72 -6.41 -26.28
C LEU A 242 -71.58 -5.31 -25.21
N CYS A 243 -71.98 -4.07 -25.54
CA CYS A 243 -72.07 -3.00 -24.54
C CYS A 243 -73.08 -3.34 -23.44
N GLU A 244 -74.28 -3.72 -23.89
CA GLU A 244 -75.40 -4.04 -23.00
C GLU A 244 -75.23 -5.35 -22.21
N ALA A 245 -74.29 -6.20 -22.63
CA ALA A 245 -74.01 -7.47 -21.94
C ALA A 245 -73.41 -7.24 -20.55
N LEU A 246 -73.84 -8.06 -19.59
CA LEU A 246 -73.43 -7.91 -18.20
C LEU A 246 -72.18 -8.73 -17.92
N GLN A 247 -71.27 -8.14 -17.14
CA GLN A 247 -69.95 -8.72 -16.88
C GLN A 247 -69.94 -9.66 -15.67
N HIS A 248 -68.85 -10.42 -15.56
CA HIS A 248 -68.62 -11.34 -14.45
C HIS A 248 -67.30 -11.03 -13.79
N ASN A 249 -67.21 -11.34 -12.50
CA ASN A 249 -65.96 -11.19 -11.75
C ASN A 249 -65.27 -12.54 -11.68
N LEU A 250 -64.00 -12.58 -12.09
CA LEU A 250 -63.15 -13.72 -11.78
C LEU A 250 -63.01 -13.82 -10.28
N PRO A 251 -63.02 -15.05 -9.73
CA PRO A 251 -62.67 -15.14 -8.30
C PRO A 251 -61.23 -14.64 -8.07
N PRO A 252 -60.89 -14.30 -6.80
CA PRO A 252 -59.48 -13.98 -6.51
C PRO A 252 -58.60 -15.20 -6.78
N PHE A 253 -57.42 -14.96 -7.34
CA PHE A 253 -56.57 -16.04 -7.82
C PHE A 253 -55.28 -16.17 -7.01
N THR A 254 -55.13 -17.30 -6.34
CA THR A 254 -53.89 -17.64 -5.63
C THR A 254 -53.05 -18.53 -6.56
N PRO A 255 -51.86 -18.05 -6.97
CA PRO A 255 -51.03 -18.90 -7.85
C PRO A 255 -50.54 -20.14 -7.12
N PRO A 256 -50.80 -21.36 -7.66
CA PRO A 256 -50.33 -22.58 -7.01
C PRO A 256 -48.87 -22.50 -6.61
N PRO A 257 -48.55 -22.84 -5.34
CA PRO A 257 -47.21 -22.54 -4.86
C PRO A 257 -46.17 -23.50 -5.39
N HIS A 258 -44.91 -23.10 -5.31
CA HIS A 258 -43.80 -23.91 -5.79
C HIS A 258 -43.63 -25.16 -4.93
N THR A 259 -43.45 -26.30 -5.60
CA THR A 259 -43.03 -27.55 -4.95
C THR A 259 -41.85 -28.07 -5.74
N GLU A 260 -41.18 -29.11 -5.24
CA GLU A 260 -40.06 -29.69 -5.99
C GLU A 260 -40.53 -30.66 -7.10
N ASP A 261 -41.84 -30.90 -7.19
CA ASP A 261 -42.47 -31.48 -8.39
C ASP A 261 -42.66 -30.47 -9.55
N SER A 262 -42.59 -29.17 -9.27
CA SER A 262 -42.83 -28.12 -10.28
C SER A 262 -41.73 -28.05 -11.33
N VAL A 263 -42.16 -27.94 -12.58
CA VAL A 263 -41.28 -27.91 -13.75
C VAL A 263 -41.77 -26.74 -14.60
N TYR A 264 -40.92 -25.71 -14.74
CA TYR A 264 -41.29 -24.51 -15.50
C TYR A 264 -40.57 -24.48 -16.85
N PRO A 265 -41.13 -23.73 -17.83
CA PRO A 265 -40.47 -23.61 -19.15
C PRO A 265 -39.08 -23.01 -19.05
N MET A 266 -38.16 -23.49 -19.88
CA MET A 266 -36.84 -22.92 -19.97
C MET A 266 -36.92 -21.52 -20.56
N PRO A 267 -35.96 -20.65 -20.22
CA PRO A 267 -35.90 -19.36 -20.91
C PRO A 267 -35.59 -19.53 -22.41
N ARG A 268 -35.93 -18.49 -23.17
CA ARG A 268 -35.77 -18.47 -24.62
C ARG A 268 -35.03 -17.22 -25.08
N VAL A 269 -34.59 -17.25 -26.32
CA VAL A 269 -33.95 -16.12 -27.00
C VAL A 269 -34.67 -15.93 -28.34
N ILE A 270 -35.13 -14.71 -28.62
CA ILE A 270 -35.92 -14.44 -29.83
C ILE A 270 -35.04 -14.50 -31.09
N PHE A 271 -35.33 -15.47 -31.95
CA PHE A 271 -34.70 -15.57 -33.25
C PHE A 271 -35.07 -14.37 -34.07
N ARG A 272 -34.12 -13.89 -34.87
CA ARG A 272 -34.30 -12.66 -35.63
C ARG A 272 -33.32 -12.61 -36.78
N MET A 273 -33.84 -12.65 -38.01
CA MET A 273 -33.00 -12.47 -39.20
C MET A 273 -33.48 -11.42 -40.22
N PHE A 274 -34.74 -10.99 -40.15
CA PHE A 274 -35.29 -10.01 -41.09
C PHE A 274 -35.69 -8.69 -40.42
N ASP A 275 -35.49 -7.58 -41.12
CA ASP A 275 -36.27 -6.34 -40.92
C ASP A 275 -36.85 -5.91 -42.27
N TYR A 276 -37.60 -4.81 -42.29
CA TYR A 276 -38.28 -4.34 -43.51
C TYR A 276 -37.38 -4.17 -44.75
N THR A 277 -36.08 -3.88 -44.55
CA THR A 277 -35.16 -3.65 -45.68
C THR A 277 -34.78 -4.91 -46.48
N ASP A 278 -35.11 -6.08 -45.97
CA ASP A 278 -34.94 -7.34 -46.72
C ASP A 278 -36.10 -7.59 -47.70
N ASP A 279 -37.20 -6.82 -47.58
CA ASP A 279 -38.31 -6.84 -48.52
C ASP A 279 -38.81 -5.40 -48.81
N PRO A 280 -38.04 -4.64 -49.64
CA PRO A 280 -38.43 -3.26 -49.92
C PRO A 280 -39.68 -3.12 -50.80
N GLU A 281 -39.98 -4.13 -51.61
CA GLU A 281 -41.07 -4.09 -52.58
C GLU A 281 -42.40 -4.35 -51.88
N GLY A 282 -42.45 -5.42 -51.10
CA GLY A 282 -43.67 -5.82 -50.40
C GLY A 282 -44.01 -4.93 -49.22
N PRO A 283 -45.06 -5.29 -48.46
CA PRO A 283 -45.50 -4.48 -47.31
C PRO A 283 -44.42 -4.32 -46.25
N VAL A 284 -44.53 -3.27 -45.44
CA VAL A 284 -43.50 -2.95 -44.46
C VAL A 284 -43.60 -3.91 -43.29
N MET A 285 -42.51 -4.61 -43.03
CA MET A 285 -42.41 -5.61 -41.96
C MET A 285 -42.38 -4.91 -40.61
N PRO A 286 -43.33 -5.26 -39.69
CA PRO A 286 -43.27 -4.70 -38.34
C PRO A 286 -41.94 -4.98 -37.67
N GLY A 287 -41.44 -4.03 -36.88
CA GLY A 287 -40.08 -4.10 -36.33
C GLY A 287 -39.94 -5.02 -35.14
N SER A 288 -38.69 -5.38 -34.85
CA SER A 288 -38.34 -6.26 -33.73
C SER A 288 -39.02 -5.90 -32.43
N HIS A 289 -39.13 -4.61 -32.13
CA HIS A 289 -39.74 -4.15 -30.89
C HIS A 289 -41.19 -3.68 -31.02
N SER A 290 -41.92 -4.23 -31.99
CA SER A 290 -43.37 -4.00 -32.09
C SER A 290 -44.13 -5.25 -31.64
N VAL A 291 -45.24 -5.06 -30.91
CA VAL A 291 -46.11 -6.17 -30.52
C VAL A 291 -46.77 -6.86 -31.71
N GLU A 292 -46.85 -6.16 -32.84
CA GLU A 292 -47.28 -6.76 -34.10
C GLU A 292 -46.37 -7.97 -34.44
N ARG A 293 -45.06 -7.76 -34.38
CA ARG A 293 -44.09 -8.81 -34.70
C ARG A 293 -44.21 -9.99 -33.75
N PHE A 294 -44.47 -9.71 -32.48
CA PHE A 294 -44.67 -10.75 -31.46
C PHE A 294 -45.94 -11.57 -31.74
N VAL A 295 -47.05 -10.90 -32.02
CA VAL A 295 -48.33 -11.59 -32.24
C VAL A 295 -48.35 -12.40 -33.54
N ILE A 296 -47.65 -11.90 -34.55
CA ILE A 296 -47.53 -12.60 -35.82
C ILE A 296 -46.77 -13.89 -35.60
N GLU A 297 -45.59 -13.80 -35.02
CA GLU A 297 -44.72 -14.97 -34.83
C GLU A 297 -45.33 -15.99 -33.87
N GLU A 298 -46.00 -15.50 -32.82
CA GLU A 298 -46.69 -16.38 -31.88
C GLU A 298 -47.76 -17.21 -32.58
N ASN A 299 -48.59 -16.55 -33.39
CA ASN A 299 -49.68 -17.24 -34.10
C ASN A 299 -49.15 -18.24 -35.14
N LEU A 300 -48.13 -17.83 -35.90
CA LEU A 300 -47.49 -18.73 -36.86
C LEU A 300 -46.89 -19.97 -36.17
N HIS A 301 -46.25 -19.77 -35.02
CA HIS A 301 -45.76 -20.91 -34.23
C HIS A 301 -46.91 -21.81 -33.81
N CYS A 302 -48.01 -21.22 -33.33
CA CYS A 302 -49.18 -21.99 -32.90
C CYS A 302 -49.87 -22.77 -34.03
N ILE A 303 -49.86 -22.21 -35.23
CA ILE A 303 -50.38 -22.91 -36.42
C ILE A 303 -49.55 -24.18 -36.68
N ILE A 304 -48.24 -24.07 -36.59
CA ILE A 304 -47.37 -25.22 -36.79
C ILE A 304 -47.63 -26.24 -35.68
N LYS A 305 -47.74 -25.77 -34.45
CA LYS A 305 -48.07 -26.64 -33.30
C LYS A 305 -49.39 -27.38 -33.48
N SER A 306 -50.38 -26.74 -34.08
CA SER A 306 -51.68 -27.37 -34.31
C SER A 306 -51.70 -28.35 -35.48
N HIS A 307 -50.83 -28.17 -36.46
CA HIS A 307 -50.91 -28.93 -37.72
C HIS A 307 -49.60 -29.59 -38.16
N TRP A 308 -48.63 -29.73 -37.26
CA TRP A 308 -47.29 -30.25 -37.63
C TRP A 308 -47.31 -31.60 -38.35
N LYS A 309 -48.29 -32.45 -38.04
CA LYS A 309 -48.38 -33.79 -38.63
C LYS A 309 -48.88 -33.83 -40.07
N GLU A 310 -49.59 -32.79 -40.48
CA GLU A 310 -50.22 -32.73 -41.80
C GLU A 310 -49.50 -31.64 -42.60
N ARG A 311 -48.36 -31.99 -43.20
CA ARG A 311 -47.51 -30.99 -43.85
C ARG A 311 -48.23 -30.10 -44.88
N LYS A 312 -49.13 -30.69 -45.65
CA LYS A 312 -49.86 -29.96 -46.70
C LYS A 312 -50.89 -29.02 -46.07
N THR A 313 -51.64 -29.52 -45.10
CA THR A 313 -52.53 -28.67 -44.29
C THR A 313 -51.77 -27.58 -43.55
N CYS A 314 -50.62 -27.93 -42.99
CA CYS A 314 -49.79 -26.96 -42.27
C CYS A 314 -49.35 -25.80 -43.16
N ALA A 315 -48.98 -26.10 -44.41
CA ALA A 315 -48.59 -25.06 -45.37
C ALA A 315 -49.76 -24.16 -45.73
N ALA A 316 -50.90 -24.75 -46.01
CA ALA A 316 -52.12 -24.02 -46.35
C ALA A 316 -52.51 -23.02 -45.27
N GLN A 317 -52.50 -23.46 -44.01
CA GLN A 317 -52.89 -22.61 -42.89
C GLN A 317 -51.95 -21.44 -42.67
N LEU A 318 -50.66 -21.68 -42.88
CA LEU A 318 -49.66 -20.61 -42.76
C LEU A 318 -49.86 -19.57 -43.84
N VAL A 319 -50.04 -20.02 -45.08
CA VAL A 319 -50.18 -19.13 -46.24
C VAL A 319 -51.48 -18.32 -46.17
N SER A 320 -52.54 -18.90 -45.61
CA SER A 320 -53.81 -18.21 -45.46
C SER A 320 -53.99 -17.48 -44.12
N TYR A 321 -52.89 -17.07 -43.47
CA TYR A 321 -52.94 -16.40 -42.17
C TYR A 321 -53.55 -15.00 -42.31
N PRO A 322 -54.67 -14.75 -41.59
CA PRO A 322 -55.32 -13.44 -41.66
C PRO A 322 -54.75 -12.40 -40.68
N GLY A 323 -54.78 -11.14 -41.09
CA GLY A 323 -54.48 -10.02 -40.21
C GLY A 323 -55.29 -8.77 -40.57
N LYS A 324 -55.36 -7.82 -39.65
CA LYS A 324 -56.07 -6.56 -39.90
C LYS A 324 -55.40 -5.76 -41.03
N ASN A 325 -54.07 -5.74 -41.05
CA ASN A 325 -53.31 -5.05 -42.10
C ASN A 325 -52.37 -6.00 -42.82
N LYS A 326 -51.93 -5.58 -44.00
CA LYS A 326 -51.06 -6.38 -44.84
C LYS A 326 -49.61 -6.43 -44.31
N ILE A 327 -49.02 -7.63 -44.44
CA ILE A 327 -47.69 -7.94 -43.94
C ILE A 327 -46.96 -8.84 -44.92
N PRO A 328 -45.62 -8.80 -44.96
CA PRO A 328 -44.89 -9.66 -45.89
C PRO A 328 -44.85 -11.12 -45.40
N LEU A 329 -45.98 -11.80 -45.58
CA LEU A 329 -46.25 -13.09 -44.94
C LEU A 329 -45.23 -14.18 -45.26
N ASN A 330 -44.71 -14.20 -46.49
CA ASN A 330 -43.68 -15.17 -46.86
C ASN A 330 -42.40 -15.02 -46.03
N TYR A 331 -42.04 -13.79 -45.67
CA TYR A 331 -40.84 -13.54 -44.87
C TYR A 331 -41.04 -13.99 -43.43
N HIS A 332 -42.18 -13.63 -42.85
CA HIS A 332 -42.55 -14.10 -41.53
C HIS A 332 -42.61 -15.63 -41.41
N ILE A 333 -43.10 -16.30 -42.44
CA ILE A 333 -43.22 -17.76 -42.44
C ILE A 333 -41.84 -18.41 -42.45
N VAL A 334 -41.00 -17.99 -43.37
CA VAL A 334 -39.63 -18.52 -43.45
C VAL A 334 -38.86 -18.25 -42.16
N GLU A 335 -39.06 -17.09 -41.55
CA GLU A 335 -38.38 -16.73 -40.31
C GLU A 335 -38.83 -17.64 -39.16
N VAL A 336 -40.15 -17.72 -38.95
CA VAL A 336 -40.75 -18.59 -37.95
C VAL A 336 -40.34 -20.05 -38.09
N ILE A 337 -40.22 -20.52 -39.33
CA ILE A 337 -39.73 -21.89 -39.57
C ILE A 337 -38.28 -22.03 -39.12
N PHE A 338 -37.40 -21.17 -39.59
CA PHE A 338 -35.99 -21.23 -39.13
C PHE A 338 -35.82 -20.93 -37.65
N ALA A 339 -36.72 -20.13 -37.08
CA ALA A 339 -36.72 -19.88 -35.63
C ALA A 339 -36.93 -21.17 -34.82
N GLU A 340 -37.78 -22.07 -35.33
CA GLU A 340 -38.02 -23.37 -34.71
C GLU A 340 -36.86 -24.31 -35.00
N LEU A 341 -36.49 -24.45 -36.27
CA LEU A 341 -35.40 -25.34 -36.63
C LEU A 341 -34.13 -25.05 -35.84
N PHE A 342 -33.80 -23.78 -35.65
CA PHE A 342 -32.58 -23.40 -34.91
C PHE A 342 -32.79 -23.12 -33.41
N GLN A 343 -33.96 -23.42 -32.85
CA GLN A 343 -34.21 -23.13 -31.44
C GLN A 343 -33.31 -23.96 -30.56
N LEU A 344 -32.85 -23.35 -29.45
CA LEU A 344 -32.03 -24.03 -28.46
C LEU A 344 -32.80 -24.10 -27.12
N PRO A 345 -32.76 -25.23 -26.41
CA PRO A 345 -31.96 -26.40 -26.74
C PRO A 345 -32.36 -27.16 -27.99
N ALA A 346 -33.67 -27.32 -28.19
CA ALA A 346 -34.21 -28.15 -29.29
C ALA A 346 -35.34 -27.48 -30.06
N PRO A 347 -35.60 -27.94 -31.28
CA PRO A 347 -36.79 -27.47 -31.97
C PRO A 347 -38.04 -28.06 -31.36
N PRO A 348 -39.21 -27.43 -31.54
CA PRO A 348 -40.43 -28.02 -30.97
C PRO A 348 -40.89 -29.31 -31.62
N HIS A 349 -40.40 -29.60 -32.83
CA HIS A 349 -40.81 -30.78 -33.59
C HIS A 349 -39.59 -31.38 -34.29
N ILE A 350 -39.70 -32.63 -34.72
CA ILE A 350 -38.58 -33.31 -35.38
C ILE A 350 -38.03 -32.51 -36.57
N ASP A 351 -36.69 -32.41 -36.65
CA ASP A 351 -35.99 -31.52 -37.62
C ASP A 351 -36.46 -31.66 -39.05
N VAL A 352 -36.70 -32.89 -39.49
CA VAL A 352 -37.01 -33.18 -40.89
C VAL A 352 -38.35 -32.63 -41.35
N MET A 353 -39.29 -32.46 -40.42
CA MET A 353 -40.59 -31.84 -40.72
C MET A 353 -40.43 -30.48 -41.38
N TYR A 354 -39.46 -29.69 -40.91
CA TYR A 354 -39.23 -28.33 -41.43
C TYR A 354 -38.76 -28.33 -42.89
N THR A 355 -37.95 -29.31 -43.27
CA THR A 355 -37.51 -29.45 -44.65
C THR A 355 -38.70 -29.67 -45.58
N THR A 356 -39.58 -30.58 -45.17
CA THR A 356 -40.78 -30.91 -45.93
C THR A 356 -41.79 -29.76 -45.97
N LEU A 357 -42.02 -29.11 -44.83
CA LEU A 357 -42.93 -27.98 -44.77
C LEU A 357 -42.50 -26.86 -45.71
N LEU A 358 -41.19 -26.58 -45.75
CA LEU A 358 -40.66 -25.60 -46.69
C LEU A 358 -40.90 -26.00 -48.15
N ILE A 359 -40.79 -27.29 -48.48
CA ILE A 359 -41.12 -27.78 -49.84
C ILE A 359 -42.61 -27.57 -50.17
N GLU A 360 -43.49 -27.99 -49.27
CA GLU A 360 -44.94 -27.80 -49.46
C GLU A 360 -45.32 -26.33 -49.59
N LEU A 361 -44.57 -25.46 -48.91
CA LEU A 361 -44.75 -24.02 -49.05
C LEU A 361 -44.27 -23.50 -50.41
N CYS A 362 -43.17 -24.02 -50.93
CA CYS A 362 -42.74 -23.68 -52.29
C CYS A 362 -43.79 -24.10 -53.31
N LYS A 363 -44.34 -25.31 -53.15
CA LYS A 363 -45.43 -25.80 -54.01
C LYS A 363 -46.65 -24.86 -54.00
N LEU A 364 -47.01 -24.39 -52.82
CA LEU A 364 -48.21 -23.56 -52.63
C LEU A 364 -48.04 -22.10 -53.09
N GLN A 365 -46.80 -21.60 -53.15
CA GLN A 365 -46.52 -20.22 -53.55
C GLN A 365 -45.28 -20.23 -54.47
N PRO A 366 -45.38 -20.92 -55.62
CA PRO A 366 -44.17 -21.14 -56.42
C PRO A 366 -43.59 -19.89 -57.06
N GLY A 367 -44.41 -18.85 -57.24
CA GLY A 367 -43.94 -17.61 -57.83
C GLY A 367 -43.11 -16.71 -56.92
N SER A 368 -43.30 -16.84 -55.60
CA SER A 368 -42.67 -15.94 -54.62
C SER A 368 -41.81 -16.61 -53.53
N LEU A 369 -42.30 -17.70 -52.94
CA LEU A 369 -41.65 -18.33 -51.78
C LEU A 369 -40.21 -18.83 -52.03
N PRO A 370 -39.97 -19.54 -53.16
CA PRO A 370 -38.60 -20.00 -53.43
C PRO A 370 -37.56 -18.89 -53.46
N GLN A 371 -37.95 -17.72 -53.93
CA GLN A 371 -37.05 -16.55 -53.95
C GLN A 371 -36.74 -16.08 -52.54
N VAL A 372 -37.78 -15.96 -51.70
CA VAL A 372 -37.62 -15.59 -50.29
C VAL A 372 -36.77 -16.63 -49.56
N LEU A 373 -37.02 -17.90 -49.83
CA LEU A 373 -36.24 -18.98 -49.24
C LEU A 373 -34.76 -18.87 -49.62
N ALA A 374 -34.47 -18.69 -50.90
CA ALA A 374 -33.08 -18.57 -51.37
C ALA A 374 -32.36 -17.34 -50.80
N GLN A 375 -33.07 -16.24 -50.68
CA GLN A 375 -32.56 -15.02 -50.05
C GLN A 375 -32.18 -15.26 -48.59
N ALA A 376 -33.06 -15.94 -47.87
CA ALA A 376 -32.81 -16.30 -46.47
C ALA A 376 -31.61 -17.23 -46.34
N THR A 377 -31.54 -18.24 -47.20
CA THR A 377 -30.39 -19.16 -47.23
C THR A 377 -29.08 -18.42 -47.41
N GLU A 378 -29.08 -17.44 -48.30
CA GLU A 378 -27.94 -16.56 -48.55
C GLU A 378 -27.56 -15.80 -47.28
N MET A 379 -28.55 -15.21 -46.62
CA MET A 379 -28.33 -14.46 -45.39
C MET A 379 -27.81 -15.33 -44.25
N LEU A 380 -28.26 -16.58 -44.18
CA LEU A 380 -27.78 -17.53 -43.17
C LEU A 380 -26.32 -17.87 -43.40
N TYR A 381 -25.97 -18.10 -44.66
CA TYR A 381 -24.58 -18.34 -45.05
C TYR A 381 -23.68 -17.17 -44.70
N MET A 382 -24.10 -15.95 -45.03
CA MET A 382 -23.30 -14.75 -44.76
C MET A 382 -23.02 -14.51 -43.27
N ARG A 383 -23.94 -14.96 -42.40
CA ARG A 383 -23.80 -14.79 -40.95
C ARG A 383 -23.25 -16.02 -40.22
N LEU A 384 -22.68 -16.98 -40.96
CA LEU A 384 -22.15 -18.22 -40.38
C LEU A 384 -21.05 -18.04 -39.34
N ASP A 385 -20.32 -16.95 -39.42
CA ASP A 385 -19.12 -16.77 -38.60
C ASP A 385 -19.39 -16.78 -37.10
N THR A 386 -20.55 -16.27 -36.66
CA THR A 386 -20.95 -16.34 -35.25
C THR A 386 -22.10 -17.32 -34.94
N MET A 387 -22.48 -18.16 -35.91
CA MET A 387 -23.58 -19.12 -35.70
C MET A 387 -23.12 -20.28 -34.82
N ASN A 388 -23.94 -20.62 -33.83
CA ASN A 388 -23.69 -21.74 -32.92
C ASN A 388 -23.58 -23.06 -33.70
N THR A 389 -22.66 -23.92 -33.27
CA THR A 389 -22.37 -25.18 -33.97
C THR A 389 -23.58 -26.11 -34.03
N THR A 390 -24.37 -26.15 -32.96
CA THR A 390 -25.60 -26.94 -32.91
C THR A 390 -26.54 -26.54 -34.08
N CYS A 391 -26.75 -25.22 -34.24
CA CYS A 391 -27.54 -24.68 -35.34
C CYS A 391 -26.93 -24.91 -36.73
N VAL A 392 -25.59 -24.82 -36.84
CA VAL A 392 -24.91 -25.03 -38.11
C VAL A 392 -25.12 -26.46 -38.62
N ASP A 393 -25.12 -27.44 -37.72
CA ASP A 393 -25.42 -28.82 -38.09
C ASP A 393 -26.82 -28.97 -38.69
N ARG A 394 -27.78 -28.30 -38.08
CA ARG A 394 -29.16 -28.34 -38.54
C ARG A 394 -29.33 -27.67 -39.91
N PHE A 395 -28.60 -26.57 -40.10
CA PHE A 395 -28.54 -25.83 -41.36
C PHE A 395 -27.95 -26.73 -42.47
N ILE A 396 -26.81 -27.36 -42.19
CA ILE A 396 -26.18 -28.32 -43.09
C ILE A 396 -27.16 -29.45 -43.48
N ASN A 397 -27.79 -30.06 -42.49
CA ASN A 397 -28.72 -31.16 -42.72
C ASN A 397 -29.95 -30.72 -43.49
N TRP A 398 -30.48 -29.54 -43.18
CA TRP A 398 -31.65 -29.02 -43.89
C TRP A 398 -31.32 -28.70 -45.34
N PHE A 399 -30.26 -27.93 -45.53
CA PHE A 399 -29.88 -27.44 -46.85
C PHE A 399 -29.49 -28.59 -47.80
N SER A 400 -28.71 -29.54 -47.32
CA SER A 400 -28.33 -30.70 -48.14
C SER A 400 -29.56 -31.53 -48.56
N HIS A 401 -30.48 -31.73 -47.62
CA HIS A 401 -31.69 -32.51 -47.87
C HIS A 401 -32.67 -31.75 -48.77
N HIS A 402 -32.72 -30.44 -48.61
CA HIS A 402 -33.50 -29.58 -49.52
C HIS A 402 -32.95 -29.70 -50.94
N LEU A 403 -31.67 -29.40 -51.13
CA LEU A 403 -31.02 -29.53 -52.45
C LEU A 403 -31.29 -30.88 -53.10
N SER A 404 -31.24 -31.97 -52.33
CA SER A 404 -31.50 -33.30 -52.88
C SER A 404 -32.90 -33.46 -53.48
N ASN A 405 -33.85 -32.61 -53.06
CA ASN A 405 -35.21 -32.56 -53.64
C ASN A 405 -35.40 -31.65 -54.86
N PHE A 406 -34.38 -30.88 -55.23
CA PHE A 406 -34.44 -30.02 -56.40
C PHE A 406 -33.16 -30.15 -57.22
N GLN A 407 -32.79 -31.41 -57.50
CA GLN A 407 -31.71 -31.76 -58.41
C GLN A 407 -30.35 -31.07 -58.12
N PHE A 408 -30.10 -30.81 -56.84
CA PHE A 408 -28.88 -30.13 -56.38
C PHE A 408 -28.60 -28.80 -57.09
N ARG A 409 -29.67 -28.11 -57.51
CA ARG A 409 -29.56 -26.83 -58.17
C ARG A 409 -29.22 -25.76 -57.14
N TRP A 410 -28.05 -25.14 -57.27
CA TRP A 410 -27.68 -24.01 -56.43
C TRP A 410 -26.57 -23.17 -57.07
N SER A 411 -26.69 -21.85 -56.96
CA SER A 411 -25.68 -20.91 -57.46
C SER A 411 -24.45 -20.92 -56.57
N TRP A 412 -23.58 -21.91 -56.76
CA TRP A 412 -22.42 -22.15 -55.87
C TRP A 412 -21.40 -21.00 -55.90
N GLU A 413 -21.18 -20.43 -57.08
CA GLU A 413 -20.31 -19.25 -57.24
C GLU A 413 -20.68 -18.02 -56.39
N ASP A 414 -21.94 -17.89 -55.96
CA ASP A 414 -22.33 -16.85 -54.98
C ASP A 414 -21.53 -16.94 -53.68
N TRP A 415 -21.01 -18.13 -53.37
CA TRP A 415 -20.22 -18.41 -52.18
C TRP A 415 -18.72 -18.62 -52.47
N SER A 416 -18.18 -17.96 -53.51
CA SER A 416 -16.75 -18.12 -53.87
C SER A 416 -15.76 -17.57 -52.83
N ASP A 417 -16.20 -16.56 -52.07
CA ASP A 417 -15.42 -15.99 -50.94
C ASP A 417 -14.86 -17.02 -49.92
N CYS A 418 -15.50 -18.17 -49.79
CA CYS A 418 -15.02 -19.26 -48.91
C CYS A 418 -13.70 -19.89 -49.38
N LEU A 419 -13.45 -19.89 -50.68
CA LEU A 419 -12.26 -20.56 -51.25
C LEU A 419 -10.93 -19.93 -50.86
N SER A 420 -10.93 -18.60 -50.64
CA SER A 420 -9.73 -17.88 -50.19
C SER A 420 -9.53 -17.83 -48.66
N GLN A 421 -10.57 -18.16 -47.88
CA GLN A 421 -10.49 -18.21 -46.41
C GLN A 421 -9.83 -19.51 -45.91
N ASP A 422 -9.48 -19.50 -44.63
CA ASP A 422 -8.92 -20.66 -43.93
C ASP A 422 -9.94 -21.82 -43.91
N PRO A 423 -9.56 -23.02 -44.43
CA PRO A 423 -10.46 -24.20 -44.42
C PRO A 423 -11.20 -24.53 -43.11
N GLU A 424 -10.61 -24.21 -41.96
CA GLU A 424 -11.28 -24.41 -40.67
C GLU A 424 -12.42 -23.41 -40.40
N SER A 425 -12.41 -22.25 -41.07
CA SER A 425 -13.41 -21.20 -40.84
C SER A 425 -14.83 -21.66 -41.17
N PRO A 426 -15.85 -21.04 -40.52
CA PRO A 426 -17.24 -21.50 -40.65
C PRO A 426 -17.80 -21.67 -42.06
N LYS A 427 -17.47 -20.73 -42.96
CA LYS A 427 -18.03 -20.75 -44.32
C LYS A 427 -17.53 -21.90 -45.23
N PRO A 428 -16.19 -22.04 -45.39
CA PRO A 428 -15.73 -23.19 -46.19
C PRO A 428 -16.00 -24.55 -45.54
N LYS A 429 -15.99 -24.59 -44.20
CA LYS A 429 -16.32 -25.80 -43.45
C LYS A 429 -17.81 -26.16 -43.60
N PHE A 430 -18.66 -25.13 -43.64
CA PHE A 430 -20.07 -25.31 -43.98
C PHE A 430 -20.22 -25.98 -45.34
N VAL A 431 -19.52 -25.45 -46.35
CA VAL A 431 -19.66 -25.93 -47.72
C VAL A 431 -19.12 -27.36 -47.87
N ARG A 432 -17.99 -27.67 -47.22
CA ARG A 432 -17.42 -29.02 -47.25
C ARG A 432 -18.39 -30.06 -46.73
N GLU A 433 -18.97 -29.77 -45.55
CA GLU A 433 -19.90 -30.69 -44.89
C GLU A 433 -21.22 -30.84 -45.65
N VAL A 434 -21.70 -29.74 -46.23
CA VAL A 434 -22.91 -29.77 -47.07
C VAL A 434 -22.72 -30.72 -48.24
N LEU A 435 -21.58 -30.59 -48.90
CA LEU A 435 -21.26 -31.43 -50.06
C LEU A 435 -21.05 -32.90 -49.66
N GLU A 436 -20.41 -33.11 -48.50
CA GLU A 436 -20.29 -34.45 -47.90
C GLU A 436 -21.67 -35.06 -47.63
N LYS A 437 -22.59 -34.24 -47.11
CA LYS A 437 -23.97 -34.66 -46.86
C LYS A 437 -24.76 -34.91 -48.15
N CYS A 438 -24.51 -34.08 -49.17
CA CYS A 438 -25.11 -34.30 -50.48
C CYS A 438 -24.69 -35.65 -51.09
N MET A 439 -23.39 -35.95 -50.98
CA MET A 439 -22.85 -37.23 -51.48
C MET A 439 -23.56 -38.45 -50.90
N ARG A 440 -23.88 -38.41 -49.61
CA ARG A 440 -24.56 -39.52 -48.94
C ARG A 440 -25.96 -39.79 -49.50
N LEU A 441 -26.66 -38.71 -49.85
CA LEU A 441 -27.98 -38.80 -50.48
C LEU A 441 -27.92 -39.12 -51.98
N SER A 442 -26.73 -38.94 -52.58
CA SER A 442 -26.50 -39.13 -54.00
C SER A 442 -25.37 -40.15 -54.20
N TYR A 443 -24.35 -39.81 -55.00
CA TYR A 443 -23.10 -40.57 -55.12
C TYR A 443 -21.94 -39.63 -55.47
N HIS A 444 -20.70 -40.11 -55.29
CA HIS A 444 -19.49 -39.25 -55.43
C HIS A 444 -19.44 -38.45 -56.73
N GLN A 445 -19.68 -39.12 -57.86
CA GLN A 445 -19.55 -38.49 -59.18
C GLN A 445 -20.57 -37.37 -59.41
N ARG A 446 -21.80 -37.54 -58.92
CA ARG A 446 -22.88 -36.57 -59.12
C ARG A 446 -22.59 -35.23 -58.42
N ILE A 447 -21.84 -35.28 -57.32
CA ILE A 447 -21.47 -34.07 -56.57
C ILE A 447 -20.33 -33.31 -57.28
N LEU A 448 -19.39 -34.05 -57.87
CA LEU A 448 -18.34 -33.44 -58.72
C LEU A 448 -18.91 -32.66 -59.91
N ASP A 449 -20.01 -33.17 -60.48
CA ASP A 449 -20.67 -32.53 -61.63
C ASP A 449 -21.35 -31.22 -61.24
N ILE A 450 -22.22 -31.28 -60.23
CA ILE A 450 -23.08 -30.13 -59.86
C ILE A 450 -22.38 -28.90 -59.26
N VAL A 451 -21.10 -29.01 -58.92
CA VAL A 451 -20.32 -27.86 -58.47
C VAL A 451 -19.38 -27.35 -59.57
N PRO A 452 -19.08 -26.03 -59.57
CA PRO A 452 -17.99 -25.49 -60.40
C PRO A 452 -16.64 -26.19 -60.17
N PRO A 453 -15.75 -26.20 -61.19
CA PRO A 453 -14.40 -26.77 -60.97
C PRO A 453 -13.54 -26.08 -59.91
N THR A 454 -13.82 -24.82 -59.57
CA THR A 454 -13.15 -24.15 -58.44
C THR A 454 -13.55 -24.70 -57.05
N PHE A 455 -14.72 -25.33 -56.97
CA PHE A 455 -15.25 -25.92 -55.71
C PHE A 455 -14.87 -27.40 -55.43
N SER A 456 -14.31 -28.11 -56.43
CA SER A 456 -13.96 -29.53 -56.25
C SER A 456 -12.77 -29.79 -55.28
N ALA A 457 -12.08 -28.73 -54.87
CA ALA A 457 -11.18 -28.79 -53.70
C ALA A 457 -11.98 -29.10 -52.42
N LEU A 458 -13.12 -28.41 -52.26
CA LEU A 458 -14.01 -28.60 -51.11
C LEU A 458 -14.90 -29.85 -51.18
N CYS A 459 -14.92 -30.56 -52.31
CA CYS A 459 -15.68 -31.82 -52.44
C CYS A 459 -15.12 -32.94 -51.57
N PRO A 460 -15.97 -33.88 -51.17
CA PRO A 460 -15.56 -35.00 -50.35
C PRO A 460 -14.76 -35.98 -51.19
N VAL A 461 -14.09 -36.91 -50.53
CA VAL A 461 -13.28 -37.90 -51.22
C VAL A 461 -14.16 -39.07 -51.60
N ASN A 462 -13.61 -39.98 -52.40
CA ASN A 462 -14.37 -41.17 -52.80
C ASN A 462 -14.39 -42.09 -51.61
N PRO A 463 -15.56 -42.62 -51.27
CA PRO A 463 -15.70 -43.48 -50.10
C PRO A 463 -15.27 -44.93 -50.37
N THR A 464 -13.96 -45.18 -50.24
CA THR A 464 -13.35 -46.48 -50.53
C THR A 464 -12.60 -47.07 -49.34
N CYS A 465 -12.52 -48.40 -49.36
CA CYS A 465 -11.83 -49.19 -48.35
C CYS A 465 -10.32 -49.00 -48.48
N ILE A 466 -9.63 -48.83 -47.35
CA ILE A 466 -8.16 -48.84 -47.30
C ILE A 466 -7.72 -50.16 -46.65
N TYR A 467 -7.33 -51.12 -47.48
CA TYR A 467 -6.87 -52.44 -47.01
C TYR A 467 -5.35 -52.46 -46.90
N LYS A 468 -4.86 -53.07 -45.82
CA LYS A 468 -3.41 -53.20 -45.55
C LYS A 468 -2.88 -54.52 -46.11
N GLY A 479 2.70 -59.97 -39.83
CA GLY A 479 1.55 -60.81 -40.11
C GLY A 479 1.02 -60.65 -41.53
N HIS A 480 1.93 -60.59 -42.50
CA HIS A 480 1.58 -60.49 -43.93
C HIS A 480 0.96 -61.80 -44.44
N SER A 481 1.61 -62.93 -44.12
CA SER A 481 1.14 -64.26 -44.51
C SER A 481 -0.12 -64.71 -43.77
N VAL A 482 -0.37 -64.14 -42.58
CA VAL A 482 -1.51 -64.53 -41.74
C VAL A 482 -2.81 -64.00 -42.34
N ALA A 483 -2.77 -62.75 -42.82
CA ALA A 483 -3.90 -62.13 -43.52
C ALA A 483 -4.27 -62.86 -44.82
N LEU A 484 -3.26 -63.42 -45.50
CA LEU A 484 -3.50 -64.25 -46.69
C LEU A 484 -4.22 -65.56 -46.37
N CYS A 485 -3.91 -66.15 -45.21
CA CYS A 485 -4.59 -67.36 -44.73
C CYS A 485 -6.07 -67.12 -44.42
N LEU A 486 -6.33 -66.07 -43.63
CA LEU A 486 -7.70 -65.65 -43.29
C LEU A 486 -8.53 -65.34 -44.53
N ALA A 487 -7.92 -64.64 -45.49
CA ALA A 487 -8.55 -64.33 -46.78
C ALA A 487 -9.14 -65.58 -47.44
N VAL A 488 -8.35 -66.66 -47.47
CA VAL A 488 -8.78 -67.95 -48.04
C VAL A 488 -9.90 -68.60 -47.21
N ALA A 489 -9.79 -68.52 -45.88
CA ALA A 489 -10.77 -69.13 -44.96
C ALA A 489 -12.16 -68.48 -45.02
N PHE A 490 -12.21 -67.15 -45.11
CA PHE A 490 -13.48 -66.42 -45.27
C PHE A 490 -14.14 -66.78 -46.60
N LYS A 491 -13.36 -66.68 -47.68
CA LYS A 491 -13.80 -67.04 -49.05
C LYS A 491 -14.36 -68.46 -49.13
N SER A 492 -13.71 -69.41 -48.44
CA SER A 492 -14.11 -70.82 -48.44
C SER A 492 -15.26 -71.20 -47.50
N LYS A 493 -15.93 -70.21 -46.90
CA LYS A 493 -17.11 -70.43 -46.04
C LYS A 493 -16.75 -71.24 -44.78
N ALA A 494 -15.73 -70.76 -44.06
CA ALA A 494 -15.22 -71.43 -42.86
C ALA A 494 -16.02 -71.07 -41.61
N THR A 495 -15.88 -71.92 -40.59
CA THR A 495 -16.55 -71.72 -39.30
C THR A 495 -15.71 -70.84 -38.36
N ASN A 496 -16.31 -70.41 -37.25
CA ASN A 496 -15.63 -69.57 -36.23
C ASN A 496 -14.41 -70.25 -35.62
N ASP A 497 -14.53 -71.57 -35.38
CA ASP A 497 -13.46 -72.42 -34.84
C ASP A 497 -12.18 -72.34 -35.69
N GLU A 498 -12.35 -72.39 -37.01
CA GLU A 498 -11.24 -72.39 -37.96
C GLU A 498 -10.55 -71.01 -38.06
N ILE A 499 -11.34 -69.95 -38.05
CA ILE A 499 -10.79 -68.57 -38.08
C ILE A 499 -10.04 -68.27 -36.78
N PHE A 500 -10.59 -68.68 -35.65
CA PHE A 500 -9.91 -68.54 -34.34
C PHE A 500 -8.61 -69.34 -34.29
N SER A 501 -8.61 -70.52 -34.91
CA SER A 501 -7.43 -71.38 -35.00
C SER A 501 -6.29 -70.75 -35.84
N ILE A 502 -6.66 -70.12 -36.95
CA ILE A 502 -5.70 -69.42 -37.83
C ILE A 502 -5.01 -68.23 -37.13
N LEU A 503 -5.72 -67.57 -36.20
CA LEU A 503 -5.17 -66.43 -35.46
C LEU A 503 -4.15 -66.79 -34.37
N LYS A 504 -3.90 -68.09 -34.15
CA LYS A 504 -2.86 -68.55 -33.22
C LYS A 504 -1.46 -68.11 -33.69
N ASP A 505 -1.21 -68.21 -35.01
CA ASP A 505 0.10 -67.87 -35.61
C ASP A 505 0.28 -66.37 -35.85
N VAL A 506 0.48 -65.59 -34.77
CA VAL A 506 0.66 -64.14 -34.88
C VAL A 506 1.71 -63.66 -33.86
N PRO A 507 2.77 -62.96 -34.31
CA PRO A 507 3.79 -62.46 -33.37
C PRO A 507 3.34 -61.24 -32.56
N ASN A 508 3.57 -61.28 -31.24
CA ASN A 508 3.18 -60.22 -30.31
C ASN A 508 4.35 -59.24 -30.03
N PRO A 509 4.17 -57.93 -30.32
CA PRO A 509 5.15 -56.92 -29.89
C PRO A 509 4.85 -56.40 -28.48
N ASN A 522 -2.80 -58.91 -27.38
CA ASN A 522 -2.21 -58.98 -28.71
C ASN A 522 -2.94 -58.06 -29.72
N PRO A 523 -2.40 -56.85 -29.99
CA PRO A 523 -3.06 -55.92 -30.92
C PRO A 523 -2.98 -56.29 -32.41
N LEU A 524 -2.04 -57.15 -32.78
CA LEU A 524 -1.88 -57.56 -34.18
C LEU A 524 -2.88 -58.65 -34.60
N LYS A 525 -3.43 -59.41 -33.64
CA LYS A 525 -4.51 -60.37 -33.92
C LYS A 525 -5.77 -59.68 -34.43
N ILE A 526 -6.13 -58.59 -33.75
CA ILE A 526 -7.27 -57.76 -34.11
C ILE A 526 -7.03 -57.07 -35.46
N GLU A 527 -5.84 -56.50 -35.62
CA GLU A 527 -5.46 -55.78 -36.84
C GLU A 527 -5.62 -56.63 -38.11
N VAL A 528 -5.07 -57.84 -38.11
CA VAL A 528 -5.19 -58.76 -39.26
C VAL A 528 -6.60 -59.34 -39.44
N PHE A 529 -7.36 -59.47 -38.35
CA PHE A 529 -8.74 -59.98 -38.43
C PHE A 529 -9.71 -58.92 -38.97
N VAL A 530 -9.66 -57.72 -38.40
CA VAL A 530 -10.60 -56.64 -38.76
C VAL A 530 -10.36 -56.19 -40.21
N GLN A 531 -9.10 -55.87 -40.54
CA GLN A 531 -8.71 -55.46 -41.90
C GLN A 531 -9.22 -56.39 -42.99
N THR A 532 -9.09 -57.70 -42.76
CA THR A 532 -9.44 -58.73 -43.73
C THR A 532 -10.95 -58.94 -43.86
N LEU A 533 -11.65 -58.97 -42.73
CA LEU A 533 -13.10 -59.19 -42.72
C LEU A 533 -13.87 -58.02 -43.33
N LEU A 534 -13.45 -56.79 -43.00
CA LEU A 534 -14.08 -55.58 -43.54
C LEU A 534 -13.76 -55.33 -45.01
N HIS A 535 -12.53 -55.67 -45.43
CA HIS A 535 -12.16 -55.63 -46.86
C HIS A 535 -13.03 -56.56 -47.72
N LEU A 536 -13.21 -57.79 -47.25
CA LEU A 536 -14.02 -58.79 -47.98
C LEU A 536 -15.53 -58.57 -47.89
N ALA A 537 -15.98 -57.73 -46.96
CA ALA A 537 -17.39 -57.34 -46.85
C ALA A 537 -17.62 -55.86 -47.15
N ALA A 538 -16.72 -55.24 -47.92
CA ALA A 538 -16.76 -53.80 -48.22
C ALA A 538 -17.75 -53.39 -49.32
N LYS A 539 -18.49 -54.35 -49.87
CA LYS A 539 -19.35 -54.11 -51.02
C LYS A 539 -20.58 -53.26 -50.66
N SER A 540 -21.16 -53.53 -49.48
CA SER A 540 -22.33 -52.78 -49.01
C SER A 540 -22.43 -52.79 -47.48
N PHE A 541 -23.44 -52.10 -46.96
CA PHE A 541 -23.77 -52.15 -45.53
C PHE A 541 -24.30 -53.52 -45.12
N SER A 542 -25.14 -54.14 -45.96
CA SER A 542 -25.68 -55.48 -45.67
C SER A 542 -24.60 -56.58 -45.60
N HIS A 543 -23.59 -56.49 -46.46
CA HIS A 543 -22.46 -57.43 -46.43
C HIS A 543 -21.61 -57.24 -45.18
N SER A 544 -21.27 -55.99 -44.87
CA SER A 544 -20.53 -55.67 -43.64
C SER A 544 -21.31 -56.06 -42.37
N PHE A 545 -22.64 -55.90 -42.39
CA PHE A 545 -23.49 -56.34 -41.26
C PHE A 545 -23.58 -57.85 -41.16
N SER A 546 -23.58 -58.55 -42.30
CA SER A 546 -23.56 -60.01 -42.31
C SER A 546 -22.22 -60.55 -41.78
N ALA A 547 -21.13 -59.86 -42.06
CA ALA A 547 -19.79 -60.23 -41.56
C ALA A 547 -19.69 -60.15 -40.04
N LEU A 548 -20.16 -59.06 -39.44
CA LEU A 548 -20.15 -58.90 -37.97
C LEU A 548 -21.01 -59.95 -37.29
N ALA A 549 -22.16 -60.28 -37.89
CA ALA A 549 -23.06 -61.29 -37.33
C ALA A 549 -22.49 -62.71 -37.42
N LYS A 550 -21.88 -63.03 -38.56
CA LYS A 550 -21.36 -64.39 -38.81
C LYS A 550 -20.16 -64.72 -37.91
N PHE A 551 -19.23 -63.77 -37.78
CA PHE A 551 -18.05 -63.93 -36.90
C PHE A 551 -18.14 -63.06 -35.64
N HIS A 552 -19.34 -63.07 -35.05
CA HIS A 552 -19.65 -62.32 -33.81
C HIS A 552 -18.81 -62.82 -32.64
N GLU A 553 -18.69 -64.14 -32.55
CA GLU A 553 -17.97 -64.79 -31.46
C GLU A 553 -16.46 -64.53 -31.52
N VAL A 554 -15.90 -64.42 -32.72
CA VAL A 554 -14.49 -64.07 -32.88
C VAL A 554 -14.23 -62.63 -32.44
N PHE A 555 -15.16 -61.73 -32.76
CA PHE A 555 -15.09 -60.33 -32.31
C PHE A 555 -15.16 -60.20 -30.79
N LYS A 556 -16.14 -60.87 -30.18
CA LYS A 556 -16.32 -60.83 -28.71
C LYS A 556 -15.11 -61.34 -27.93
N THR A 557 -14.46 -62.38 -28.44
CA THR A 557 -13.25 -62.94 -27.83
C THR A 557 -12.08 -61.98 -27.96
N LEU A 558 -11.89 -61.43 -29.16
CA LEU A 558 -10.78 -60.49 -29.42
C LEU A 558 -10.91 -59.16 -28.68
N ALA A 559 -12.14 -58.73 -28.36
CA ALA A 559 -12.38 -57.42 -27.77
C ALA A 559 -13.21 -57.47 -26.48
N GLU A 560 -12.93 -58.44 -25.62
CA GLU A 560 -13.54 -58.47 -24.28
C GLU A 560 -12.76 -57.57 -23.33
N SER A 561 -11.46 -57.42 -23.59
CA SER A 561 -10.62 -56.42 -22.92
C SER A 561 -11.08 -54.99 -23.29
N ASP A 562 -10.94 -54.06 -22.35
CA ASP A 562 -11.23 -52.63 -22.62
C ASP A 562 -10.28 -52.06 -23.68
N GLU A 563 -9.00 -52.38 -23.58
CA GLU A 563 -8.02 -51.96 -24.61
C GLU A 563 -8.16 -52.75 -25.91
N GLY A 564 -8.79 -53.93 -25.85
CA GLY A 564 -9.20 -54.66 -27.05
C GLY A 564 -10.34 -54.00 -27.81
N LYS A 565 -11.31 -53.43 -27.09
CA LYS A 565 -12.39 -52.65 -27.71
C LYS A 565 -11.82 -51.43 -28.42
N LEU A 566 -11.02 -50.63 -27.70
CA LEU A 566 -10.36 -49.44 -28.25
C LEU A 566 -9.58 -49.71 -29.54
N HIS A 567 -8.97 -50.89 -29.63
CA HIS A 567 -8.16 -51.25 -30.79
C HIS A 567 -9.03 -51.69 -31.99
N VAL A 568 -10.17 -52.34 -31.73
CA VAL A 568 -11.12 -52.68 -32.80
C VAL A 568 -11.64 -51.41 -33.48
N LEU A 569 -11.93 -50.38 -32.68
CA LEU A 569 -12.36 -49.09 -33.21
C LEU A 569 -11.24 -48.38 -33.97
N ARG A 570 -10.01 -48.42 -33.42
CA ARG A 570 -8.85 -47.81 -34.08
C ARG A 570 -8.55 -48.44 -35.45
N VAL A 571 -8.63 -49.77 -35.56
CA VAL A 571 -8.38 -50.47 -36.83
C VAL A 571 -9.50 -50.20 -37.83
N MET A 572 -10.74 -50.42 -37.38
CA MET A 572 -11.95 -50.15 -38.17
C MET A 572 -11.98 -48.73 -38.75
N PHE A 573 -11.47 -47.75 -38.00
CA PHE A 573 -11.29 -46.39 -38.52
C PHE A 573 -10.28 -46.34 -39.67
N GLU A 574 -9.11 -46.94 -39.47
CA GLU A 574 -8.05 -46.95 -40.49
C GLU A 574 -8.45 -47.64 -41.80
N VAL A 575 -9.38 -48.59 -41.73
CA VAL A 575 -9.96 -49.22 -42.91
C VAL A 575 -10.92 -48.26 -43.62
N TRP A 576 -11.80 -47.62 -42.84
CA TRP A 576 -12.93 -46.86 -43.40
C TRP A 576 -12.87 -45.34 -43.18
N ARG A 577 -11.70 -44.78 -42.94
CA ARG A 577 -11.59 -43.32 -42.73
C ARG A 577 -12.04 -42.46 -43.91
N ASN A 578 -12.12 -43.04 -45.11
CA ASN A 578 -12.70 -42.35 -46.27
C ASN A 578 -14.23 -42.43 -46.35
N HIS A 579 -14.85 -43.34 -45.60
CA HIS A 579 -16.31 -43.54 -45.64
C HIS A 579 -16.99 -43.33 -44.26
N PRO A 580 -16.99 -42.08 -43.75
CA PRO A 580 -17.63 -41.71 -42.49
C PRO A 580 -18.98 -42.37 -42.18
N GLN A 581 -19.82 -42.54 -43.19
CA GLN A 581 -21.14 -43.16 -42.99
C GLN A 581 -21.00 -44.62 -42.55
N MET A 582 -20.04 -45.35 -43.16
CA MET A 582 -19.78 -46.75 -42.80
C MET A 582 -19.24 -46.87 -41.37
N ILE A 583 -18.35 -45.97 -40.99
CA ILE A 583 -17.85 -45.92 -39.61
C ILE A 583 -19.03 -45.85 -38.65
N ALA A 584 -19.93 -44.90 -38.90
CA ALA A 584 -21.08 -44.63 -38.04
C ALA A 584 -22.01 -45.82 -37.91
N VAL A 585 -22.36 -46.45 -39.02
CA VAL A 585 -23.26 -47.63 -38.96
C VAL A 585 -22.58 -48.89 -38.40
N LEU A 586 -21.25 -48.96 -38.48
CA LEU A 586 -20.52 -50.09 -37.89
C LEU A 586 -20.43 -49.94 -36.38
N VAL A 587 -19.97 -48.76 -35.94
CA VAL A 587 -19.91 -48.41 -34.51
C VAL A 587 -21.26 -48.67 -33.85
N ASP A 588 -22.35 -48.35 -34.55
CA ASP A 588 -23.69 -48.60 -34.08
C ASP A 588 -23.96 -50.10 -33.88
N LYS A 589 -23.62 -50.92 -34.87
CA LYS A 589 -23.86 -52.37 -34.80
C LYS A 589 -22.96 -52.99 -33.74
N MET A 590 -21.72 -52.52 -33.64
CA MET A 590 -20.78 -53.03 -32.65
C MET A 590 -21.25 -52.75 -31.21
N ILE A 591 -21.89 -51.60 -30.98
CA ILE A 591 -22.48 -51.29 -29.67
C ILE A 591 -23.73 -52.14 -29.42
N ARG A 592 -24.56 -52.31 -30.43
CA ARG A 592 -25.81 -53.08 -30.30
C ARG A 592 -25.61 -54.57 -30.02
N THR A 593 -24.54 -55.14 -30.58
CA THR A 593 -24.21 -56.56 -30.39
C THR A 593 -23.12 -56.78 -29.33
N GLN A 594 -22.74 -55.71 -28.63
CA GLN A 594 -21.79 -55.74 -27.50
C GLN A 594 -20.35 -56.09 -27.86
N ILE A 595 -19.97 -55.92 -29.13
CA ILE A 595 -18.56 -56.02 -29.53
C ILE A 595 -17.77 -54.98 -28.74
N VAL A 596 -18.28 -53.75 -28.74
CA VAL A 596 -17.77 -52.68 -27.88
C VAL A 596 -18.89 -52.13 -26.99
N ASP A 597 -18.53 -51.24 -26.08
CA ASP A 597 -19.50 -50.53 -25.24
C ASP A 597 -19.38 -49.02 -25.43
N CYS A 598 -20.38 -48.29 -24.92
CA CYS A 598 -20.44 -46.85 -25.08
C CYS A 598 -19.21 -46.12 -24.57
N ALA A 599 -18.66 -46.61 -23.46
CA ALA A 599 -17.45 -46.02 -22.86
C ALA A 599 -16.24 -46.10 -23.79
N ALA A 600 -16.07 -47.25 -24.45
CA ALA A 600 -15.00 -47.42 -25.43
C ALA A 600 -15.11 -46.39 -26.55
N VAL A 601 -16.32 -46.26 -27.10
CA VAL A 601 -16.59 -45.33 -28.19
C VAL A 601 -16.38 -43.87 -27.77
N ALA A 602 -16.72 -43.55 -26.53
CA ALA A 602 -16.50 -42.21 -25.99
C ALA A 602 -15.02 -41.85 -25.96
N ASN A 603 -14.20 -42.73 -25.39
CA ASN A 603 -12.74 -42.53 -25.32
C ASN A 603 -12.12 -42.46 -26.71
N TRP A 604 -12.52 -43.39 -27.57
CA TRP A 604 -12.11 -43.44 -28.98
C TRP A 604 -12.32 -42.13 -29.74
N ILE A 605 -13.41 -41.42 -29.46
CA ILE A 605 -13.75 -40.15 -30.11
C ILE A 605 -12.81 -39.01 -29.67
N PHE A 606 -12.47 -38.97 -28.39
CA PHE A 606 -11.52 -37.97 -27.89
C PHE A 606 -10.05 -38.39 -28.03
N SER A 607 -9.78 -39.58 -28.55
CA SER A 607 -8.41 -40.05 -28.77
C SER A 607 -7.69 -39.28 -29.87
N SER A 608 -6.37 -39.50 -29.96
CA SER A 608 -5.53 -38.79 -30.93
C SER A 608 -5.71 -39.25 -32.38
N GLU A 609 -6.22 -40.47 -32.60
CA GLU A 609 -6.47 -41.00 -33.96
C GLU A 609 -7.53 -40.22 -34.73
N LEU A 610 -8.49 -39.65 -33.99
CA LEU A 610 -9.55 -38.79 -34.55
C LEU A 610 -9.29 -37.30 -34.25
N SER A 611 -8.02 -36.94 -34.02
CA SER A 611 -7.65 -35.57 -33.67
C SER A 611 -7.75 -34.64 -34.87
N ARG A 612 -7.36 -35.14 -36.04
CA ARG A 612 -7.48 -34.41 -37.31
C ARG A 612 -8.93 -34.22 -37.74
N ASP A 613 -9.78 -35.21 -37.45
CA ASP A 613 -11.20 -35.22 -37.87
C ASP A 613 -12.18 -34.80 -36.75
N PHE A 614 -11.66 -34.20 -35.68
CA PHE A 614 -12.43 -33.89 -34.48
C PHE A 614 -13.50 -32.82 -34.71
N THR A 615 -13.20 -31.84 -35.58
CA THR A 615 -14.14 -30.79 -35.95
C THR A 615 -15.20 -31.22 -36.96
N ARG A 616 -14.99 -32.35 -37.63
CA ARG A 616 -15.94 -32.86 -38.62
C ARG A 616 -17.21 -33.38 -37.95
N LEU A 617 -18.32 -33.35 -38.69
CA LEU A 617 -19.64 -33.67 -38.15
C LEU A 617 -19.80 -35.12 -37.72
N PHE A 618 -19.36 -36.05 -38.57
CA PHE A 618 -19.59 -37.49 -38.34
C PHE A 618 -19.14 -37.98 -36.96
N VAL A 619 -18.07 -37.39 -36.43
CA VAL A 619 -17.60 -37.69 -35.07
C VAL A 619 -18.75 -37.51 -34.08
N TRP A 620 -19.40 -36.35 -34.16
CA TRP A 620 -20.45 -35.97 -33.21
C TRP A 620 -21.78 -36.67 -33.51
N GLU A 621 -22.01 -37.06 -34.76
CA GLU A 621 -23.12 -37.98 -35.08
C GLU A 621 -22.94 -39.29 -34.30
N ILE A 622 -21.71 -39.81 -34.33
CA ILE A 622 -21.42 -41.09 -33.68
C ILE A 622 -21.51 -40.97 -32.15
N LEU A 623 -21.00 -39.87 -31.60
CA LEU A 623 -21.10 -39.66 -30.16
C LEU A 623 -22.56 -39.58 -29.72
N HIS A 624 -23.36 -38.76 -30.42
CA HIS A 624 -24.75 -38.55 -30.02
C HIS A 624 -25.58 -39.80 -30.24
N SER A 625 -25.30 -40.53 -31.32
CA SER A 625 -25.99 -41.79 -31.57
C SER A 625 -25.70 -42.76 -30.42
N THR A 626 -24.42 -42.82 -30.04
CA THR A 626 -23.97 -43.63 -28.92
C THR A 626 -24.70 -43.23 -27.62
N ILE A 627 -24.72 -41.94 -27.31
CA ILE A 627 -25.43 -41.44 -26.12
C ILE A 627 -26.92 -41.81 -26.17
N ARG A 628 -27.55 -41.72 -27.34
CA ARG A 628 -28.97 -42.07 -27.51
C ARG A 628 -29.27 -43.54 -27.22
N LYS A 629 -28.42 -44.45 -27.73
CA LYS A 629 -28.56 -45.89 -27.45
C LYS A 629 -28.51 -46.14 -25.94
N MET A 630 -27.58 -45.47 -25.25
CA MET A 630 -27.46 -45.53 -23.81
C MET A 630 -28.73 -45.05 -23.12
N ASN A 631 -29.23 -43.89 -23.53
CA ASN A 631 -30.42 -43.31 -22.89
C ASN A 631 -31.67 -44.16 -23.13
N LYS A 632 -31.78 -44.78 -24.31
CA LYS A 632 -32.93 -45.65 -24.62
C LYS A 632 -32.87 -46.96 -23.87
N HIS A 633 -31.65 -47.50 -23.72
CA HIS A 633 -31.43 -48.69 -22.91
C HIS A 633 -31.92 -48.51 -21.46
N VAL A 634 -31.63 -47.35 -20.88
CA VAL A 634 -32.10 -47.02 -19.53
C VAL A 634 -33.63 -46.93 -19.53
N LEU A 635 -34.19 -46.25 -20.52
CA LEU A 635 -35.63 -46.05 -20.61
C LEU A 635 -36.41 -47.35 -20.72
N LYS A 636 -35.90 -48.28 -21.54
CA LYS A 636 -36.54 -49.59 -21.72
C LYS A 636 -36.56 -50.39 -20.40
N ILE A 637 -35.42 -50.41 -19.70
CA ILE A 637 -35.32 -51.08 -18.41
C ILE A 637 -36.25 -50.38 -17.40
N GLN A 638 -36.35 -49.05 -17.46
CA GLN A 638 -37.25 -48.28 -16.59
C GLN A 638 -38.73 -48.55 -16.82
N LYS A 639 -39.12 -48.83 -18.06
CA LYS A 639 -40.54 -49.12 -18.38
C LYS A 639 -40.91 -50.59 -18.13
N GLU A 640 -39.95 -51.51 -18.24
CA GLU A 640 -40.15 -52.89 -17.76
C GLU A 640 -40.41 -52.91 -16.25
N LEU A 641 -39.81 -51.95 -15.52
CA LEU A 641 -40.04 -51.79 -14.08
C LEU A 641 -41.46 -51.31 -13.76
N GLU A 642 -41.94 -50.26 -14.42
CA GLU A 642 -43.30 -49.74 -14.16
C GLU A 642 -44.42 -50.63 -14.72
N GLU A 643 -44.14 -51.37 -15.80
CA GLU A 643 -45.07 -52.39 -16.31
C GLU A 643 -45.19 -53.60 -15.37
N ALA A 644 -44.17 -53.84 -14.54
CA ALA A 644 -44.23 -54.85 -13.49
C ALA A 644 -44.94 -54.33 -12.22
N LYS A 645 -44.69 -53.07 -11.84
CA LYS A 645 -45.34 -52.45 -10.67
C LYS A 645 -46.84 -52.19 -10.86
N GLU A 646 -47.23 -51.81 -12.08
CA GLU A 646 -48.65 -51.68 -12.43
C GLU A 646 -49.35 -53.06 -12.48
N LYS A 647 -48.64 -54.10 -12.90
CA LYS A 647 -49.14 -55.48 -12.83
C LYS A 647 -49.34 -55.96 -11.39
N LEU A 648 -48.51 -55.47 -10.46
CA LEU A 648 -48.67 -55.72 -9.03
C LEU A 648 -49.91 -55.01 -8.45
N ALA A 649 -50.14 -53.77 -8.87
CA ALA A 649 -51.29 -52.96 -8.39
C ALA A 649 -52.65 -53.50 -8.85
N ARG A 650 -52.72 -54.00 -10.09
CA ARG A 650 -53.93 -54.66 -10.62
C ARG A 650 -54.27 -55.94 -9.87
N GLN A 651 -53.25 -56.74 -9.55
CA GLN A 651 -53.42 -58.01 -8.83
C GLN A 651 -53.85 -57.79 -7.36
N HIS A 652 -53.43 -56.66 -6.76
CA HIS A 652 -53.92 -56.22 -5.44
C HIS A 652 -55.15 -55.31 -5.59
N VAL A 669 -43.59 -63.94 -5.96
CA VAL A 669 -42.62 -64.10 -7.04
C VAL A 669 -42.49 -62.83 -7.86
N LEU A 670 -43.64 -62.21 -8.19
CA LEU A 670 -43.66 -60.95 -8.98
C LEU A 670 -42.99 -59.78 -8.25
N GLU A 671 -43.13 -59.74 -6.92
CA GLU A 671 -42.51 -58.69 -6.12
C GLU A 671 -40.97 -58.84 -6.03
N GLU A 672 -40.48 -60.06 -6.20
CA GLU A 672 -39.04 -60.34 -6.28
C GLU A 672 -38.46 -60.05 -7.68
N GLN A 673 -39.29 -60.09 -8.72
CA GLN A 673 -38.91 -59.60 -10.06
C GLN A 673 -38.72 -58.07 -10.06
N ILE A 674 -39.53 -57.36 -9.26
CA ILE A 674 -39.39 -55.90 -9.08
C ILE A 674 -38.09 -55.53 -8.40
N GLU A 675 -37.67 -56.31 -7.39
CA GLU A 675 -36.36 -56.10 -6.75
C GLU A 675 -35.20 -56.31 -7.74
N ARG A 676 -35.36 -57.26 -8.66
CA ARG A 676 -34.34 -57.48 -9.71
C ARG A 676 -34.28 -56.32 -10.71
N LEU A 677 -35.44 -55.84 -11.16
CA LEU A 677 -35.49 -54.74 -12.12
C LEU A 677 -34.99 -53.40 -11.55
N GLN A 678 -35.29 -53.11 -10.29
CA GLN A 678 -34.72 -51.94 -9.60
C GLN A 678 -33.19 -51.98 -9.54
N GLU A 679 -32.63 -53.19 -9.46
CA GLU A 679 -31.17 -53.40 -9.52
C GLU A 679 -30.62 -53.15 -10.94
N LYS A 680 -31.33 -53.65 -11.96
CA LYS A 680 -30.93 -53.45 -13.36
C LYS A 680 -31.00 -51.98 -13.78
N VAL A 681 -32.05 -51.28 -13.33
CA VAL A 681 -32.18 -49.83 -13.53
C VAL A 681 -30.98 -49.10 -12.97
N GLU A 682 -30.61 -49.42 -11.73
CA GLU A 682 -29.51 -48.73 -11.05
C GLU A 682 -28.17 -49.03 -11.70
N SER A 683 -27.97 -50.25 -12.18
CA SER A 683 -26.75 -50.58 -12.90
C SER A 683 -26.71 -49.88 -14.27
N ALA A 684 -27.88 -49.79 -14.93
CA ALA A 684 -28.01 -49.10 -16.21
C ALA A 684 -27.80 -47.59 -16.07
N GLN A 685 -28.49 -46.99 -15.09
CA GLN A 685 -28.31 -45.58 -14.74
C GLN A 685 -26.88 -45.26 -14.34
N SER A 686 -26.20 -46.21 -13.70
CA SER A 686 -24.80 -46.06 -13.35
C SER A 686 -23.94 -46.03 -14.60
N GLU A 687 -24.18 -46.97 -15.53
CA GLU A 687 -23.47 -47.01 -16.80
C GLU A 687 -23.68 -45.70 -17.58
N GLN A 688 -24.92 -45.23 -17.60
CA GLN A 688 -25.30 -43.96 -18.23
C GLN A 688 -24.55 -42.78 -17.66
N LYS A 689 -24.53 -42.67 -16.34
CA LYS A 689 -23.86 -41.57 -15.64
C LYS A 689 -22.38 -41.55 -15.97
N ASN A 690 -21.76 -42.73 -15.99
CA ASN A 690 -20.34 -42.84 -16.26
C ASN A 690 -19.98 -42.41 -17.68
N LEU A 691 -20.88 -42.69 -18.63
CA LEU A 691 -20.68 -42.27 -20.00
C LEU A 691 -20.62 -40.75 -20.14
N PHE A 692 -21.46 -40.05 -19.39
CA PHE A 692 -21.43 -38.59 -19.37
C PHE A 692 -20.21 -38.05 -18.65
N LEU A 693 -19.86 -38.67 -17.50
CA LEU A 693 -18.68 -38.27 -16.73
C LEU A 693 -17.39 -38.47 -17.52
N VAL A 694 -17.30 -39.58 -18.26
CA VAL A 694 -16.20 -39.78 -19.19
C VAL A 694 -16.16 -38.60 -20.17
N ILE A 695 -17.27 -38.38 -20.88
CA ILE A 695 -17.33 -37.35 -21.92
C ILE A 695 -16.95 -35.98 -21.38
N PHE A 696 -17.51 -35.58 -20.24
CA PHE A 696 -17.19 -34.27 -19.67
C PHE A 696 -15.73 -34.15 -19.27
N GLN A 697 -15.18 -35.20 -18.66
CA GLN A 697 -13.75 -35.23 -18.28
C GLN A 697 -12.83 -34.96 -19.46
N ARG A 698 -13.13 -35.61 -20.59
CA ARG A 698 -12.29 -35.49 -21.77
C ARG A 698 -12.40 -34.09 -22.37
N PHE A 699 -13.60 -33.50 -22.32
CA PHE A 699 -13.79 -32.10 -22.73
C PHE A 699 -12.98 -31.16 -21.86
N ILE A 700 -13.11 -31.30 -20.54
CA ILE A 700 -12.40 -30.44 -19.59
C ILE A 700 -10.89 -30.57 -19.76
N MET A 701 -10.41 -31.79 -20.05
CA MET A 701 -9.00 -32.05 -20.28
C MET A 701 -8.50 -31.30 -21.52
N ILE A 702 -9.08 -31.59 -22.68
CA ILE A 702 -8.58 -31.00 -23.94
C ILE A 702 -8.87 -29.50 -24.08
N LEU A 703 -9.89 -29.00 -23.40
CA LEU A 703 -10.13 -27.56 -23.33
C LEU A 703 -9.12 -26.86 -22.43
N THR A 704 -8.82 -27.46 -21.28
CA THR A 704 -7.78 -26.96 -20.37
C THR A 704 -6.41 -26.97 -21.05
N GLU A 705 -6.07 -28.09 -21.70
CA GLU A 705 -4.83 -28.23 -22.48
C GLU A 705 -4.63 -27.15 -23.56
N HIS A 706 -5.74 -26.65 -24.13
CA HIS A 706 -5.71 -25.54 -25.08
C HIS A 706 -5.52 -24.20 -24.37
N LEU A 707 -6.32 -23.96 -23.33
CA LEU A 707 -6.29 -22.67 -22.60
C LEU A 707 -4.98 -22.41 -21.87
N VAL A 708 -4.33 -23.46 -21.37
CA VAL A 708 -3.01 -23.35 -20.74
C VAL A 708 -1.94 -23.01 -21.80
N ARG A 709 -1.92 -23.75 -22.91
CA ARG A 709 -0.94 -23.48 -23.99
C ARG A 709 -1.15 -22.12 -24.69
N CYS A 710 -2.36 -21.58 -24.64
CA CYS A 710 -2.64 -20.25 -25.24
C CYS A 710 -2.04 -19.10 -24.43
N GLU A 711 -2.17 -19.13 -23.09
CA GLU A 711 -1.54 -18.11 -22.26
C GLU A 711 -0.02 -18.31 -22.12
N THR A 712 0.45 -19.56 -22.20
CA THR A 712 1.90 -19.87 -22.19
C THR A 712 2.57 -19.33 -23.47
N ASP A 713 2.01 -19.65 -24.63
CA ASP A 713 2.54 -19.18 -25.92
C ASP A 713 2.07 -17.77 -26.34
N GLY A 714 1.17 -17.16 -25.57
CA GLY A 714 0.66 -15.81 -25.87
C GLY A 714 -0.28 -15.69 -27.06
N THR A 715 -0.75 -16.83 -27.60
CA THR A 715 -1.55 -16.87 -28.83
C THR A 715 -3.00 -16.47 -28.53
N SER A 716 -3.82 -16.39 -29.57
CA SER A 716 -5.25 -16.14 -29.44
C SER A 716 -5.97 -17.38 -28.90
N VAL A 717 -6.93 -17.15 -28.00
CA VAL A 717 -7.73 -18.20 -27.39
C VAL A 717 -8.78 -18.68 -28.40
N LEU A 718 -9.49 -17.71 -28.99
CA LEU A 718 -10.68 -17.98 -29.80
C LEU A 718 -10.34 -18.42 -31.23
N THR A 719 -9.73 -19.61 -31.35
CA THR A 719 -9.40 -20.20 -32.66
C THR A 719 -10.64 -20.88 -33.25
N PRO A 720 -10.57 -21.35 -34.52
CA PRO A 720 -11.64 -22.21 -35.05
C PRO A 720 -11.82 -23.54 -34.31
N TRP A 721 -10.72 -24.21 -33.94
CA TRP A 721 -10.80 -25.47 -33.19
C TRP A 721 -11.50 -25.30 -31.85
N TYR A 722 -11.18 -24.23 -31.13
CA TYR A 722 -11.80 -23.93 -29.83
C TYR A 722 -13.30 -23.68 -29.94
N LYS A 723 -13.70 -22.92 -30.97
CA LYS A 723 -15.12 -22.60 -31.22
C LYS A 723 -15.94 -23.89 -31.34
N ASN A 724 -15.46 -24.81 -32.17
CA ASN A 724 -16.07 -26.13 -32.30
C ASN A 724 -16.17 -26.81 -30.93
N CYS A 725 -15.01 -27.02 -30.29
CA CYS A 725 -14.93 -27.81 -29.06
C CYS A 725 -15.81 -27.28 -27.91
N ILE A 726 -15.70 -25.99 -27.58
CA ILE A 726 -16.49 -25.39 -26.50
C ILE A 726 -18.01 -25.48 -26.78
N GLU A 727 -18.40 -25.37 -28.05
CA GLU A 727 -19.81 -25.45 -28.45
C GLU A 727 -20.33 -26.89 -28.57
N ARG A 728 -19.44 -27.85 -28.85
CA ARG A 728 -19.80 -29.27 -28.77
C ARG A 728 -19.98 -29.75 -27.33
N LEU A 729 -19.25 -29.15 -26.38
CA LEU A 729 -19.51 -29.38 -24.96
C LEU A 729 -20.89 -28.84 -24.62
N GLN A 730 -21.11 -27.57 -24.97
CA GLN A 730 -22.42 -26.90 -24.84
C GLN A 730 -23.57 -27.73 -25.45
N GLN A 731 -23.29 -28.38 -26.58
CA GLN A 731 -24.26 -29.25 -27.25
C GLN A 731 -24.72 -30.42 -26.38
N ILE A 732 -23.77 -31.05 -25.69
CA ILE A 732 -24.06 -32.20 -24.81
C ILE A 732 -25.10 -31.78 -23.77
N PHE A 733 -24.85 -30.64 -23.12
CA PHE A 733 -25.80 -30.09 -22.13
C PHE A 733 -27.19 -29.81 -22.72
N LEU A 734 -27.23 -29.23 -23.91
CA LEU A 734 -28.50 -28.89 -24.56
C LEU A 734 -29.28 -30.14 -24.96
N GLN A 735 -28.60 -31.08 -25.62
CA GLN A 735 -29.27 -32.31 -26.05
C GLN A 735 -29.84 -33.12 -24.91
N HIS A 736 -29.17 -33.13 -23.76
CA HIS A 736 -29.52 -34.06 -22.67
C HIS A 736 -29.72 -33.38 -21.31
N HIS A 737 -30.15 -32.12 -21.31
CA HIS A 737 -30.25 -31.36 -20.06
C HIS A 737 -31.06 -32.06 -18.97
N GLN A 738 -32.13 -32.76 -19.32
CA GLN A 738 -32.99 -33.35 -18.29
C GLN A 738 -32.33 -34.54 -17.59
N ILE A 739 -31.56 -35.32 -18.33
CA ILE A 739 -30.75 -36.40 -17.76
C ILE A 739 -29.57 -35.85 -16.97
N ILE A 740 -28.83 -34.89 -17.52
CA ILE A 740 -27.67 -34.32 -16.85
C ILE A 740 -28.04 -33.61 -15.53
N GLN A 741 -29.26 -33.05 -15.44
CA GLN A 741 -29.80 -32.51 -14.17
C GLN A 741 -29.74 -33.50 -12.99
N GLN A 742 -29.84 -34.79 -13.26
CA GLN A 742 -29.69 -35.80 -12.21
C GLN A 742 -28.28 -35.86 -11.59
N TYR A 743 -27.28 -35.33 -12.28
CA TYR A 743 -25.87 -35.40 -11.86
C TYR A 743 -25.32 -34.09 -11.26
N MET A 744 -26.18 -33.20 -10.76
CA MET A 744 -25.74 -31.85 -10.33
C MET A 744 -24.72 -31.87 -9.21
N VAL A 745 -24.97 -32.71 -8.21
CA VAL A 745 -24.10 -32.80 -7.04
C VAL A 745 -22.72 -33.31 -7.45
N THR A 746 -22.66 -34.42 -8.19
CA THR A 746 -21.40 -34.96 -8.68
C THR A 746 -20.65 -33.96 -9.58
N LEU A 747 -21.39 -33.24 -10.44
CA LEU A 747 -20.77 -32.31 -11.38
C LEU A 747 -20.24 -31.03 -10.70
N GLU A 748 -20.96 -30.53 -9.70
CA GLU A 748 -20.51 -29.34 -8.94
C GLU A 748 -19.27 -29.65 -8.08
N ASN A 749 -19.26 -30.81 -7.43
CA ASN A 749 -18.19 -31.20 -6.52
C ASN A 749 -16.91 -31.69 -7.23
N LEU A 750 -17.05 -32.54 -8.23
CA LEU A 750 -15.90 -33.27 -8.79
C LEU A 750 -15.38 -32.83 -10.16
N LEU A 751 -16.23 -32.22 -11.00
CA LEU A 751 -15.83 -31.87 -12.38
C LEU A 751 -15.88 -30.38 -12.67
N PHE A 752 -17.07 -29.79 -12.58
CA PHE A 752 -17.26 -28.37 -12.87
C PHE A 752 -17.19 -27.56 -11.58
N THR A 753 -15.95 -27.38 -11.11
CA THR A 753 -15.65 -26.70 -9.85
C THR A 753 -15.09 -25.30 -10.11
N ALA A 754 -14.97 -24.52 -9.04
CA ALA A 754 -14.41 -23.15 -9.12
C ALA A 754 -12.94 -23.11 -9.62
N GLU A 755 -12.19 -24.19 -9.42
CA GLU A 755 -10.81 -24.32 -9.92
C GLU A 755 -10.62 -24.19 -11.44
N LEU A 756 -11.68 -24.46 -12.22
CA LEU A 756 -11.61 -24.43 -13.68
C LEU A 756 -11.55 -23.04 -14.26
N ASP A 757 -10.94 -22.96 -15.45
CA ASP A 757 -10.90 -21.73 -16.25
C ASP A 757 -12.34 -21.27 -16.51
N PRO A 758 -12.67 -19.99 -16.20
CA PRO A 758 -14.08 -19.56 -16.27
C PRO A 758 -14.74 -19.69 -17.67
N HIS A 759 -13.92 -19.80 -18.71
CA HIS A 759 -14.39 -20.20 -20.05
C HIS A 759 -15.13 -21.55 -20.03
N ILE A 760 -14.51 -22.57 -19.44
CA ILE A 760 -15.13 -23.90 -19.32
C ILE A 760 -16.28 -23.92 -18.30
N LEU A 761 -16.10 -23.26 -17.16
CA LEU A 761 -17.14 -23.21 -16.12
C LEU A 761 -18.40 -22.42 -16.56
N ALA A 762 -18.24 -21.46 -17.47
CA ALA A 762 -19.38 -20.69 -17.99
C ALA A 762 -20.46 -21.59 -18.63
N VAL A 763 -20.02 -22.59 -19.39
CA VAL A 763 -20.92 -23.55 -20.05
C VAL A 763 -21.78 -24.29 -19.02
N PHE A 764 -21.17 -24.69 -17.91
CA PHE A 764 -21.87 -25.36 -16.83
C PHE A 764 -22.83 -24.43 -16.07
N GLN A 765 -22.40 -23.20 -15.80
CA GLN A 765 -23.27 -22.20 -15.16
C GLN A 765 -24.43 -21.78 -16.07
N GLN A 766 -24.18 -21.81 -17.39
CA GLN A 766 -25.23 -21.62 -18.38
C GLN A 766 -26.27 -22.73 -18.29
N PHE A 767 -25.81 -23.98 -18.33
CA PHE A 767 -26.67 -25.15 -18.15
C PHE A 767 -27.48 -25.10 -16.83
N CYS A 768 -26.84 -24.70 -15.73
CA CYS A 768 -27.54 -24.43 -14.45
C CYS A 768 -28.74 -23.52 -14.63
N ALA A 769 -28.56 -22.47 -15.42
CA ALA A 769 -29.55 -21.41 -15.61
C ALA A 769 -30.83 -21.84 -16.32
N LEU A 770 -30.80 -22.95 -17.06
CA LEU A 770 -31.98 -23.40 -17.80
C LEU A 770 -33.17 -23.74 -16.90
N GLN A 771 -32.92 -24.30 -15.72
CA GLN A 771 -34.00 -24.61 -14.78
C GLN A 771 -33.87 -23.90 -13.42
N ALA A 772 -32.86 -23.04 -13.27
CA ALA A 772 -32.69 -22.23 -12.07
C ALA A 772 -33.53 -20.94 -12.13
N GLY B 6 -60.26 -32.00 -23.01
CA GLY B 6 -60.03 -33.22 -23.84
C GLY B 6 -59.22 -32.90 -25.08
N LEU B 7 -59.66 -33.41 -26.23
CA LEU B 7 -59.02 -33.16 -27.53
C LEU B 7 -60.05 -32.87 -28.63
N LEU B 8 -59.57 -32.29 -29.73
CA LEU B 8 -60.38 -32.03 -30.92
C LEU B 8 -60.02 -33.04 -32.01
N LYS B 9 -61.03 -33.72 -32.56
CA LYS B 9 -60.84 -34.70 -33.64
C LYS B 9 -60.08 -34.09 -34.83
N ALA B 10 -60.38 -32.82 -35.14
CA ALA B 10 -59.74 -32.09 -36.23
C ALA B 10 -58.22 -31.96 -36.07
N LEU B 11 -57.74 -31.79 -34.84
CA LEU B 11 -56.31 -31.72 -34.56
C LEU B 11 -55.64 -33.09 -34.48
N ARG B 12 -56.36 -34.10 -33.97
CA ARG B 12 -55.86 -35.47 -33.96
C ARG B 12 -55.59 -36.04 -35.35
N SER B 13 -56.25 -35.46 -36.37
CA SER B 13 -56.04 -35.81 -37.77
C SER B 13 -54.59 -36.16 -38.10
N ASP B 14 -54.38 -37.36 -38.67
CA ASP B 14 -53.05 -37.84 -39.00
C ASP B 14 -53.13 -38.71 -40.25
N SER B 15 -53.45 -38.05 -41.36
CA SER B 15 -53.78 -38.73 -42.61
C SER B 15 -52.59 -39.43 -43.28
N TYR B 16 -51.38 -38.95 -43.05
CA TYR B 16 -50.18 -39.54 -43.64
C TYR B 16 -49.82 -40.89 -43.01
N VAL B 17 -50.42 -41.20 -41.86
CA VAL B 17 -50.18 -42.42 -41.10
C VAL B 17 -51.28 -43.49 -41.32
N GLU B 18 -52.44 -43.10 -41.87
CA GLU B 18 -53.50 -44.07 -42.17
C GLU B 18 -53.05 -45.13 -43.16
N LEU B 19 -53.77 -46.26 -43.17
CA LEU B 19 -53.39 -47.42 -43.97
C LEU B 19 -53.73 -47.18 -45.44
N SER B 20 -52.89 -47.65 -46.34
CA SER B 20 -53.21 -47.62 -47.76
C SER B 20 -54.21 -48.74 -48.08
N GLN B 21 -54.67 -48.78 -49.33
CA GLN B 21 -55.56 -49.84 -49.80
C GLN B 21 -54.85 -51.18 -50.06
N TYR B 22 -53.51 -51.16 -50.16
CA TYR B 22 -52.72 -52.37 -50.39
C TYR B 22 -52.85 -53.41 -49.28
N ARG B 23 -52.96 -54.68 -49.69
CA ARG B 23 -52.75 -55.82 -48.80
C ARG B 23 -51.87 -56.86 -49.47
N ASP B 24 -51.25 -57.68 -48.64
CA ASP B 24 -50.31 -58.70 -49.07
C ASP B 24 -51.07 -60.01 -49.29
N GLN B 25 -50.85 -60.63 -50.46
CA GLN B 25 -51.58 -61.83 -50.86
C GLN B 25 -50.97 -63.09 -50.24
N HIS B 26 -49.64 -63.21 -50.28
CA HIS B 26 -48.93 -64.31 -49.61
C HIS B 26 -49.02 -64.27 -48.06
N PHE B 27 -49.70 -63.27 -47.50
CA PHE B 27 -49.94 -63.21 -46.06
C PHE B 27 -50.85 -64.34 -45.57
N ARG B 28 -50.26 -65.27 -44.82
CA ARG B 28 -51.01 -66.34 -44.14
C ARG B 28 -51.91 -65.77 -43.04
N GLY B 29 -53.09 -65.31 -43.43
CA GLY B 29 -54.06 -64.82 -42.46
C GLY B 29 -55.18 -63.97 -43.00
N ASP B 30 -56.13 -63.70 -42.11
CA ASP B 30 -57.30 -62.87 -42.36
C ASP B 30 -56.90 -61.41 -42.64
N ASN B 31 -57.80 -60.63 -43.24
CA ASN B 31 -57.58 -59.19 -43.45
C ASN B 31 -57.56 -58.41 -42.12
N GLU B 32 -58.54 -58.68 -41.25
CA GLU B 32 -58.60 -58.03 -39.92
C GLU B 32 -57.40 -58.41 -39.03
N GLU B 33 -56.82 -59.59 -39.27
CA GLU B 33 -55.59 -60.03 -38.61
C GLU B 33 -54.35 -59.31 -39.18
N GLN B 34 -54.38 -59.00 -40.48
CA GLN B 34 -53.31 -58.20 -41.12
C GLN B 34 -53.34 -56.72 -40.69
N GLU B 35 -54.54 -56.13 -40.70
CA GLU B 35 -54.74 -54.74 -40.25
C GLU B 35 -54.26 -54.51 -38.82
N LYS B 36 -54.50 -55.49 -37.96
CA LYS B 36 -54.05 -55.46 -36.57
C LYS B 36 -52.51 -55.41 -36.47
N LEU B 37 -51.82 -56.12 -37.36
CA LEU B 37 -50.36 -56.05 -37.46
C LEU B 37 -49.87 -54.74 -38.07
N LEU B 38 -50.55 -54.28 -39.11
CA LEU B 38 -50.22 -53.00 -39.78
C LEU B 38 -50.32 -51.78 -38.86
N LYS B 39 -51.29 -51.79 -37.94
CA LYS B 39 -51.47 -50.69 -36.98
C LYS B 39 -50.45 -50.67 -35.84
N LYS B 40 -49.73 -51.78 -35.62
CA LYS B 40 -48.68 -51.85 -34.60
C LYS B 40 -47.29 -52.01 -35.22
N SER B 41 -47.18 -51.99 -36.54
CA SER B 41 -45.91 -52.23 -37.21
C SER B 41 -44.92 -51.08 -37.01
N CYS B 42 -43.64 -51.42 -37.07
CA CYS B 42 -42.56 -50.44 -37.16
C CYS B 42 -41.81 -50.62 -38.47
N THR B 43 -42.48 -51.17 -39.49
CA THR B 43 -41.81 -51.65 -40.68
C THR B 43 -42.51 -51.05 -41.91
N LEU B 44 -41.72 -50.45 -42.80
CA LEU B 44 -42.26 -49.75 -43.96
C LEU B 44 -41.81 -50.38 -45.27
N TYR B 45 -42.76 -50.57 -46.21
CA TYR B 45 -42.43 -50.80 -47.61
C TYR B 45 -42.06 -49.45 -48.21
N VAL B 46 -41.03 -49.44 -49.04
CA VAL B 46 -40.58 -48.23 -49.75
C VAL B 46 -40.56 -48.52 -51.25
N GLY B 47 -41.54 -47.98 -51.99
CA GLY B 47 -41.65 -48.18 -53.43
C GLY B 47 -41.04 -47.08 -54.31
N ASN B 48 -40.90 -47.40 -55.58
CA ASN B 48 -40.42 -46.50 -56.65
C ASN B 48 -38.95 -46.06 -56.52
N LEU B 49 -38.11 -46.88 -55.89
CA LEU B 49 -36.67 -46.64 -55.88
C LEU B 49 -36.09 -46.88 -57.27
N SER B 50 -34.98 -46.21 -57.54
CA SER B 50 -34.11 -46.56 -58.66
C SER B 50 -33.49 -47.92 -58.36
N PHE B 51 -33.13 -48.65 -59.41
CA PHE B 51 -32.33 -49.88 -59.27
C PHE B 51 -30.87 -49.52 -58.89
N TYR B 52 -30.46 -48.31 -59.22
CA TYR B 52 -29.13 -47.80 -58.85
C TYR B 52 -29.04 -47.23 -57.43
N THR B 53 -30.18 -47.10 -56.74
CA THR B 53 -30.23 -46.55 -55.38
C THR B 53 -29.59 -47.50 -54.37
N THR B 54 -28.51 -47.03 -53.73
CA THR B 54 -27.72 -47.81 -52.77
C THR B 54 -28.27 -47.73 -51.33
N GLU B 55 -28.00 -48.75 -50.53
CA GLU B 55 -28.30 -48.76 -49.07
C GLU B 55 -27.75 -47.55 -48.31
N GLU B 56 -26.58 -47.05 -48.74
CA GLU B 56 -26.00 -45.80 -48.21
C GLU B 56 -26.99 -44.63 -48.27
N GLN B 57 -27.72 -44.53 -49.38
CA GLN B 57 -28.70 -43.46 -49.59
C GLN B 57 -29.97 -43.69 -48.76
N ILE B 58 -30.50 -44.91 -48.79
CA ILE B 58 -31.70 -45.24 -48.01
C ILE B 58 -31.45 -45.01 -46.52
N TYR B 59 -30.27 -45.40 -46.03
CA TYR B 59 -29.93 -45.23 -44.61
C TYR B 59 -29.84 -43.74 -44.24
N GLU B 60 -29.22 -42.92 -45.10
CA GLU B 60 -29.07 -41.49 -44.81
C GLU B 60 -30.42 -40.75 -44.71
N LEU B 61 -31.31 -41.02 -45.66
CA LEU B 61 -32.63 -40.36 -45.71
C LEU B 61 -33.49 -40.82 -44.55
N PHE B 62 -33.74 -42.12 -44.46
CA PHE B 62 -34.65 -42.69 -43.47
C PHE B 62 -34.16 -42.59 -42.03
N SER B 63 -32.87 -42.33 -41.82
CA SER B 63 -32.32 -41.98 -40.50
C SER B 63 -32.86 -40.66 -39.95
N LYS B 64 -33.32 -39.77 -40.83
CA LYS B 64 -33.81 -38.46 -40.40
C LYS B 64 -35.12 -38.51 -39.60
N SER B 65 -35.87 -39.61 -39.68
CA SER B 65 -37.08 -39.77 -38.87
C SER B 65 -36.85 -40.54 -37.58
N GLY B 66 -35.65 -41.10 -37.41
CA GLY B 66 -35.32 -41.95 -36.25
C GLY B 66 -34.28 -43.02 -36.54
N ASP B 67 -33.83 -43.70 -35.48
CA ASP B 67 -32.75 -44.70 -35.58
C ASP B 67 -33.27 -45.98 -36.26
N ILE B 68 -32.56 -46.43 -37.30
CA ILE B 68 -32.99 -47.58 -38.11
C ILE B 68 -32.50 -48.89 -37.50
N LYS B 69 -33.42 -49.84 -37.37
CA LYS B 69 -33.09 -51.21 -36.97
C LYS B 69 -32.52 -52.00 -38.15
N LYS B 70 -33.28 -52.06 -39.25
CA LYS B 70 -32.94 -52.95 -40.36
C LYS B 70 -33.45 -52.42 -41.72
N ILE B 71 -32.54 -52.40 -42.70
CA ILE B 71 -32.88 -52.20 -44.10
C ILE B 71 -32.74 -53.55 -44.79
N ILE B 72 -33.80 -53.98 -45.47
CA ILE B 72 -33.80 -55.21 -46.26
C ILE B 72 -34.09 -54.81 -47.70
N MET B 73 -33.05 -54.81 -48.54
CA MET B 73 -33.20 -54.41 -49.94
C MET B 73 -34.13 -55.33 -50.73
N GLY B 74 -34.80 -54.75 -51.73
CA GLY B 74 -35.75 -55.48 -52.57
C GLY B 74 -34.99 -56.07 -53.75
N LEU B 75 -35.02 -57.39 -53.86
CA LEU B 75 -34.18 -58.13 -54.81
C LEU B 75 -34.98 -58.77 -55.94
N ASP B 76 -34.34 -58.90 -57.10
CA ASP B 76 -34.87 -59.69 -58.20
C ASP B 76 -34.76 -61.17 -57.79
N LYS B 77 -35.83 -61.93 -57.98
CA LYS B 77 -35.86 -63.33 -57.51
C LYS B 77 -34.82 -64.23 -58.19
N MET B 78 -34.56 -63.97 -59.46
CA MET B 78 -33.58 -64.73 -60.24
C MET B 78 -32.18 -64.15 -60.03
N LYS B 79 -32.01 -62.87 -60.36
CA LYS B 79 -30.69 -62.22 -60.42
C LYS B 79 -30.11 -61.83 -59.06
N LYS B 80 -30.98 -61.60 -58.06
CA LYS B 80 -30.61 -61.00 -56.76
C LYS B 80 -29.90 -59.63 -56.90
N THR B 81 -30.39 -58.85 -57.86
CA THR B 81 -30.04 -57.44 -58.05
C THR B 81 -31.18 -56.60 -57.48
N ALA B 82 -30.87 -55.35 -57.15
CA ALA B 82 -31.87 -54.39 -56.68
C ALA B 82 -32.92 -54.14 -57.76
N CYS B 83 -34.17 -54.57 -57.51
CA CYS B 83 -35.27 -54.41 -58.46
C CYS B 83 -36.29 -53.33 -58.05
N GLY B 84 -35.84 -52.35 -57.26
CA GLY B 84 -36.54 -51.06 -57.12
C GLY B 84 -37.41 -50.81 -55.90
N PHE B 85 -37.30 -51.63 -54.86
CA PHE B 85 -37.95 -51.35 -53.58
C PHE B 85 -37.08 -51.77 -52.40
N CYS B 86 -37.57 -51.52 -51.19
CA CYS B 86 -36.95 -52.06 -49.98
C CYS B 86 -37.91 -52.01 -48.79
N PHE B 87 -37.48 -52.58 -47.67
CA PHE B 87 -38.18 -52.46 -46.39
C PHE B 87 -37.30 -51.72 -45.39
N VAL B 88 -37.93 -50.94 -44.52
CA VAL B 88 -37.22 -50.20 -43.48
C VAL B 88 -37.91 -50.45 -42.15
N GLU B 89 -37.17 -51.02 -41.21
CA GLU B 89 -37.67 -51.30 -39.86
C GLU B 89 -37.05 -50.33 -38.86
N TYR B 90 -37.90 -49.78 -38.00
CA TYR B 90 -37.49 -48.88 -36.92
C TYR B 90 -37.68 -49.58 -35.59
N TYR B 91 -37.03 -49.08 -34.55
CA TYR B 91 -37.22 -49.61 -33.19
C TYR B 91 -38.56 -49.18 -32.59
N SER B 92 -38.99 -47.94 -32.83
CA SER B 92 -40.31 -47.48 -32.36
C SER B 92 -41.28 -47.19 -33.49
N ARG B 93 -42.57 -47.31 -33.15
CA ARG B 93 -43.67 -46.94 -34.04
C ARG B 93 -43.56 -45.45 -34.39
N ALA B 94 -43.32 -44.61 -33.38
CA ALA B 94 -43.25 -43.16 -33.54
C ALA B 94 -42.25 -42.71 -34.62
N ASP B 95 -41.12 -43.40 -34.70
CA ASP B 95 -40.10 -43.08 -35.71
C ASP B 95 -40.56 -43.49 -37.10
N ALA B 96 -41.23 -44.63 -37.20
CA ALA B 96 -41.83 -45.06 -38.46
C ALA B 96 -42.96 -44.13 -38.91
N GLU B 97 -43.81 -43.73 -37.97
CA GLU B 97 -44.85 -42.72 -38.23
C GLU B 97 -44.27 -41.44 -38.81
N ASN B 98 -43.16 -40.95 -38.26
CA ASN B 98 -42.51 -39.75 -38.77
C ASN B 98 -41.94 -39.91 -40.19
N ALA B 99 -41.46 -41.12 -40.53
CA ALA B 99 -41.02 -41.39 -41.91
C ALA B 99 -42.19 -41.27 -42.89
N MET B 100 -43.31 -41.90 -42.52
CA MET B 100 -44.56 -41.81 -43.27
C MET B 100 -45.09 -40.39 -43.42
N ARG B 101 -44.85 -39.56 -42.43
CA ARG B 101 -45.29 -38.16 -42.44
C ARG B 101 -44.42 -37.25 -43.28
N TYR B 102 -43.11 -37.44 -43.26
CA TYR B 102 -42.18 -36.45 -43.84
C TYR B 102 -41.24 -36.93 -44.92
N ILE B 103 -41.04 -38.24 -45.03
CA ILE B 103 -40.20 -38.80 -46.09
C ILE B 103 -41.03 -39.31 -47.26
N ASN B 104 -42.16 -39.95 -46.94
CA ASN B 104 -43.17 -40.33 -47.93
C ASN B 104 -43.44 -39.18 -48.89
N GLY B 105 -43.38 -39.45 -50.19
CA GLY B 105 -43.66 -38.43 -51.20
C GLY B 105 -42.60 -37.37 -51.42
N THR B 106 -41.37 -37.62 -50.95
CA THR B 106 -40.23 -36.75 -51.24
C THR B 106 -39.23 -37.51 -52.09
N ARG B 107 -38.15 -36.84 -52.51
CA ARG B 107 -37.20 -37.42 -53.45
C ARG B 107 -36.09 -38.22 -52.80
N LEU B 108 -35.78 -39.37 -53.42
CA LEU B 108 -34.60 -40.16 -53.10
C LEU B 108 -33.98 -40.57 -54.43
N ASP B 109 -32.80 -40.02 -54.71
CA ASP B 109 -32.10 -40.24 -55.98
C ASP B 109 -32.90 -39.65 -57.16
N ASP B 110 -33.41 -38.44 -56.92
CA ASP B 110 -34.27 -37.68 -57.85
C ASP B 110 -35.59 -38.37 -58.25
N ARG B 111 -36.09 -39.29 -57.43
CA ARG B 111 -37.36 -39.96 -57.69
C ARG B 111 -38.30 -39.79 -56.51
N ILE B 112 -39.56 -39.47 -56.78
CA ILE B 112 -40.57 -39.38 -55.73
C ILE B 112 -40.88 -40.80 -55.25
N ILE B 113 -40.46 -41.12 -54.03
CA ILE B 113 -40.66 -42.42 -53.42
C ILE B 113 -41.91 -42.44 -52.56
N ARG B 114 -42.51 -43.63 -52.45
CA ARG B 114 -43.74 -43.83 -51.71
C ARG B 114 -43.45 -44.82 -50.61
N THR B 115 -43.98 -44.57 -49.42
CA THR B 115 -43.86 -45.49 -48.29
C THR B 115 -45.22 -46.06 -47.93
N ASP B 116 -45.21 -47.26 -47.35
CA ASP B 116 -46.43 -47.87 -46.85
C ASP B 116 -46.13 -48.73 -45.64
N TRP B 117 -47.09 -48.82 -44.72
CA TRP B 117 -47.01 -49.75 -43.60
C TRP B 117 -46.96 -51.18 -44.12
N ASP B 118 -46.11 -52.00 -43.51
CA ASP B 118 -46.00 -53.43 -43.83
C ASP B 118 -46.36 -54.24 -42.58
N ALA B 119 -46.96 -55.41 -42.80
CA ALA B 119 -47.40 -56.26 -41.69
C ALA B 119 -46.24 -56.96 -40.97
N GLY B 120 -45.06 -56.97 -41.61
CA GLY B 120 -43.84 -57.47 -41.01
C GLY B 120 -43.10 -58.32 -42.02
N PHE B 121 -41.79 -58.13 -42.11
CA PHE B 121 -40.95 -58.90 -43.00
C PHE B 121 -40.95 -60.38 -42.62
N LYS B 122 -41.01 -61.25 -43.63
CA LYS B 122 -40.74 -62.69 -43.51
C LYS B 122 -39.72 -63.02 -44.59
N GLU B 123 -39.17 -64.22 -44.54
CA GLU B 123 -38.29 -64.70 -45.62
C GLU B 123 -39.12 -64.93 -46.89
N GLY B 124 -38.55 -64.55 -48.04
CA GLY B 124 -39.25 -64.61 -49.34
C GLY B 124 -39.84 -63.29 -49.81
N ARG B 125 -40.18 -62.41 -48.87
CA ARG B 125 -40.81 -61.13 -49.19
C ARG B 125 -39.87 -60.11 -49.82
N GLN B 126 -38.57 -60.27 -49.64
CA GLN B 126 -37.58 -59.41 -50.31
C GLN B 126 -37.55 -59.56 -51.84
N TYR B 127 -38.04 -60.69 -52.34
CA TYR B 127 -37.97 -61.02 -53.76
C TYR B 127 -39.17 -60.47 -54.52
N GLY B 128 -38.90 -59.95 -55.73
CA GLY B 128 -39.95 -59.46 -56.63
C GLY B 128 -40.81 -60.61 -57.14
N ARG B 129 -42.13 -60.44 -57.02
CA ARG B 129 -43.10 -61.46 -57.41
C ARG B 129 -43.56 -61.35 -58.87
N GLY B 130 -42.88 -60.52 -59.67
CA GLY B 130 -43.13 -60.48 -61.11
C GLY B 130 -42.68 -61.77 -61.78
N ARG B 131 -43.31 -62.08 -62.91
CA ARG B 131 -43.04 -63.30 -63.68
C ARG B 131 -41.56 -63.42 -64.10
N SER B 132 -40.95 -62.32 -64.53
CA SER B 132 -39.55 -62.30 -64.98
C SER B 132 -38.53 -61.97 -63.87
N GLY B 133 -38.97 -61.98 -62.61
CA GLY B 133 -38.07 -61.84 -61.45
C GLY B 133 -38.19 -60.53 -60.69
N GLY B 134 -38.37 -59.43 -61.43
CA GLY B 134 -38.53 -58.10 -60.85
C GLY B 134 -39.90 -57.88 -60.23
N GLN B 135 -40.22 -56.62 -59.93
CA GLN B 135 -41.53 -56.28 -59.34
C GLN B 135 -42.64 -56.42 -60.37
N VAL B 136 -43.84 -56.74 -59.88
CA VAL B 136 -45.05 -56.84 -60.71
C VAL B 136 -45.30 -55.56 -61.50
N ARG B 137 -45.01 -54.43 -60.86
CA ARG B 137 -45.17 -53.10 -61.47
C ARG B 137 -44.33 -52.90 -62.75
N ASP B 138 -43.18 -53.58 -62.86
CA ASP B 138 -42.28 -53.47 -64.02
C ASP B 138 -42.59 -54.36 -65.23
N GLU B 139 -43.65 -55.17 -65.16
CA GLU B 139 -43.99 -56.11 -66.25
C GLU B 139 -45.05 -55.52 -67.19
N TYR B 140 -46.13 -55.01 -66.62
CA TYR B 140 -47.20 -54.33 -67.36
C TYR B 140 -46.75 -53.09 -68.13
N ARG B 141 -46.12 -52.16 -67.40
CA ARG B 141 -45.93 -50.76 -67.83
C ARG B 141 -45.37 -50.54 -69.25
N GLN B 142 -45.89 -49.49 -69.89
CA GLN B 142 -45.50 -49.10 -71.26
C GLN B 142 -44.26 -48.18 -71.28
N ASP B 143 -44.27 -47.18 -70.38
CA ASP B 143 -43.26 -46.08 -70.36
C ASP B 143 -41.79 -46.51 -70.33
N TYR B 144 -40.93 -45.61 -70.76
CA TYR B 144 -39.48 -45.74 -70.53
C TYR B 144 -39.11 -45.13 -69.17
N ASP B 145 -38.14 -45.75 -68.50
CA ASP B 145 -37.68 -45.33 -67.17
C ASP B 145 -36.27 -45.88 -66.90
N ALA B 146 -35.25 -45.04 -67.11
CA ALA B 146 -33.83 -45.45 -67.04
C ALA B 146 -33.43 -46.13 -65.72
N GLY B 147 -33.86 -45.54 -64.61
CA GLY B 147 -33.61 -46.09 -63.27
C GLY B 147 -34.33 -47.40 -62.97
N ARG B 148 -35.45 -47.65 -63.64
CA ARG B 148 -36.25 -48.87 -63.43
C ARG B 148 -35.97 -50.00 -64.46
N GLY B 149 -34.87 -49.88 -65.21
CA GLY B 149 -34.43 -50.93 -66.15
C GLY B 149 -34.47 -50.51 -67.61
N GLY B 150 -35.58 -49.90 -68.02
CA GLY B 150 -35.78 -49.44 -69.39
C GLY B 150 -37.26 -49.48 -69.75
N TYR B 151 -37.61 -50.33 -70.72
CA TYR B 151 -39.03 -50.60 -71.02
C TYR B 151 -39.56 -51.67 -70.05
N GLY B 152 -40.82 -52.07 -70.21
CA GLY B 152 -41.40 -53.16 -69.41
C GLY B 152 -40.86 -54.54 -69.76
N LYS B 153 -41.71 -55.55 -69.68
CA LYS B 153 -41.33 -56.95 -69.96
C LYS B 153 -42.54 -57.82 -70.29
N THR C 9 23.26 -30.88 -23.44
CA THR C 9 22.85 -32.31 -23.44
C THR C 9 22.80 -32.97 -22.03
N GLU C 10 23.32 -32.32 -21.00
CA GLU C 10 23.17 -32.81 -19.60
C GLU C 10 21.73 -32.68 -19.10
N ASP C 11 21.10 -31.54 -19.40
CA ASP C 11 19.67 -31.34 -19.11
C ASP C 11 18.79 -32.28 -19.95
N HIS C 12 19.17 -32.48 -21.21
CA HIS C 12 18.51 -33.40 -22.13
C HIS C 12 18.62 -34.87 -21.66
N LEU C 13 19.81 -35.26 -21.19
CA LEU C 13 20.05 -36.62 -20.67
C LEU C 13 19.16 -36.98 -19.49
N GLU C 14 19.01 -36.06 -18.54
CA GLU C 14 18.21 -36.33 -17.34
C GLU C 14 16.75 -36.57 -17.69
N SER C 15 16.17 -35.71 -18.53
CA SER C 15 14.76 -35.84 -18.93
C SER C 15 14.49 -37.07 -19.80
N LEU C 16 15.48 -37.49 -20.60
CA LEU C 16 15.35 -38.72 -21.41
C LEU C 16 15.31 -40.00 -20.55
N ILE C 17 16.20 -40.06 -19.56
CA ILE C 17 16.24 -41.19 -18.61
C ILE C 17 14.99 -41.18 -17.73
N CYS C 18 14.55 -40.00 -17.29
CA CYS C 18 13.33 -39.89 -16.47
C CYS C 18 12.04 -40.23 -17.24
N LYS C 19 11.96 -39.86 -18.52
CA LYS C 19 10.70 -40.01 -19.27
C LYS C 19 10.39 -41.43 -19.74
N VAL C 20 11.42 -42.25 -19.97
CA VAL C 20 11.20 -43.66 -20.32
C VAL C 20 10.41 -44.38 -19.21
N GLY C 21 9.44 -45.19 -19.60
CA GLY C 21 8.54 -45.85 -18.66
C GLY C 21 7.19 -45.16 -18.46
N GLU C 22 7.12 -43.87 -18.79
CA GLU C 22 5.88 -43.09 -18.69
C GLU C 22 5.00 -43.32 -19.92
N LYS C 23 3.84 -42.65 -19.95
CA LYS C 23 2.96 -42.57 -21.13
C LYS C 23 3.77 -42.35 -22.42
N SER C 24 3.44 -43.08 -23.49
CA SER C 24 4.16 -42.95 -24.75
C SER C 24 3.35 -43.44 -25.94
N ALA C 25 3.62 -42.88 -27.11
CA ALA C 25 3.05 -43.35 -28.37
C ALA C 25 3.55 -44.76 -28.66
N CYS C 26 4.87 -44.93 -28.62
CA CYS C 26 5.51 -46.23 -28.82
C CYS C 26 5.34 -47.12 -27.59
N SER C 27 5.78 -48.38 -27.72
CA SER C 27 5.81 -49.32 -26.60
C SER C 27 7.02 -49.04 -25.70
N LEU C 28 7.02 -49.70 -24.54
CA LEU C 28 8.13 -49.63 -23.58
C LEU C 28 9.42 -50.22 -24.14
N GLU C 29 9.28 -51.35 -24.84
CA GLU C 29 10.42 -52.04 -25.46
C GLU C 29 11.10 -51.16 -26.51
N SER C 30 10.31 -50.45 -27.30
CA SER C 30 10.82 -49.52 -28.31
C SER C 30 11.64 -48.39 -27.68
N ASN C 31 11.12 -47.79 -26.62
CA ASN C 31 11.78 -46.66 -25.95
C ASN C 31 13.11 -47.04 -25.29
N LEU C 32 13.15 -48.21 -24.64
CA LEU C 32 14.38 -48.74 -24.03
C LEU C 32 15.45 -49.01 -25.08
N GLU C 33 15.05 -49.68 -26.16
CA GLU C 33 15.91 -49.92 -27.34
C GLU C 33 16.49 -48.61 -27.86
N GLY C 34 15.62 -47.62 -28.05
CA GLY C 34 16.02 -46.29 -28.52
C GLY C 34 16.93 -45.56 -27.55
N LEU C 35 16.58 -45.58 -26.27
CA LEU C 35 17.35 -44.91 -25.22
C LEU C 35 18.72 -45.55 -25.03
N ALA C 36 18.75 -46.88 -24.94
CA ALA C 36 20.00 -47.64 -24.85
C ALA C 36 20.97 -47.27 -25.97
N GLY C 37 20.44 -47.07 -27.18
CA GLY C 37 21.22 -46.60 -28.31
C GLY C 37 21.76 -45.18 -28.14
N VAL C 38 20.89 -44.26 -27.71
CA VAL C 38 21.27 -42.86 -27.51
C VAL C 38 22.30 -42.73 -26.38
N LEU C 39 22.13 -43.51 -25.32
CA LEU C 39 23.08 -43.49 -24.20
C LEU C 39 24.44 -44.07 -24.56
N GLU C 40 24.49 -45.13 -25.38
CA GLU C 40 25.76 -45.69 -25.86
C GLU C 40 26.54 -44.69 -26.72
N ALA C 41 25.82 -43.90 -27.52
CA ALA C 41 26.42 -42.81 -28.30
C ALA C 41 27.06 -41.73 -27.43
N ASP C 42 26.44 -41.43 -26.28
CA ASP C 42 26.97 -40.43 -25.33
C ASP C 42 28.07 -40.95 -24.36
N LEU C 43 28.36 -42.26 -24.38
CA LEU C 43 29.38 -42.85 -23.48
C LEU C 43 30.81 -42.30 -23.64
N PRO C 44 31.30 -42.10 -24.89
CA PRO C 44 32.61 -41.47 -25.11
C PRO C 44 32.98 -40.31 -24.17
N ASN C 45 32.08 -39.33 -24.01
CA ASN C 45 32.37 -38.11 -23.22
C ASN C 45 31.30 -37.67 -22.16
N TYR C 46 30.32 -38.54 -21.87
CA TYR C 46 29.38 -38.33 -20.75
C TYR C 46 29.19 -39.59 -19.88
N LYS C 47 30.18 -40.48 -19.86
CA LYS C 47 30.11 -41.72 -19.08
C LYS C 47 29.89 -41.45 -17.60
N SER C 48 30.52 -40.39 -17.10
CA SER C 48 30.41 -39.98 -15.70
C SER C 48 28.99 -39.53 -15.33
N LYS C 49 28.39 -38.67 -16.16
CA LYS C 49 26.99 -38.23 -15.96
C LYS C 49 26.01 -39.39 -15.92
N ILE C 50 26.12 -40.28 -16.90
CA ILE C 50 25.16 -41.37 -17.10
C ILE C 50 25.22 -42.41 -15.97
N LEU C 51 26.43 -42.69 -15.47
CA LEU C 51 26.58 -43.56 -14.31
C LEU C 51 25.90 -42.97 -13.07
N ARG C 52 26.07 -41.67 -12.87
CA ARG C 52 25.51 -40.99 -11.70
C ARG C 52 23.99 -40.85 -11.79
N LEU C 53 23.48 -40.53 -12.99
CA LEU C 53 22.04 -40.41 -13.22
C LEU C 53 21.31 -41.73 -13.10
N LEU C 54 21.93 -42.83 -13.54
CA LEU C 54 21.34 -44.16 -13.39
C LEU C 54 21.40 -44.66 -11.95
N CYS C 55 22.43 -44.26 -11.20
CA CYS C 55 22.48 -44.54 -9.76
C CYS C 55 21.38 -43.79 -8.98
N THR C 56 21.10 -42.57 -9.42
CA THR C 56 20.08 -41.74 -8.78
C THR C 56 18.66 -42.31 -8.97
N VAL C 57 18.33 -42.73 -10.19
CA VAL C 57 17.02 -43.36 -10.44
C VAL C 57 16.89 -44.73 -9.77
N ALA C 58 18.02 -45.43 -9.60
CA ALA C 58 18.04 -46.70 -8.85
C ALA C 58 17.69 -46.51 -7.38
N ARG C 59 18.10 -45.36 -6.84
CA ARG C 59 17.89 -45.00 -5.44
C ARG C 59 16.54 -44.31 -5.18
N LEU C 60 16.11 -43.44 -6.10
CA LEU C 60 14.94 -42.56 -5.91
C LEU C 60 13.63 -42.99 -6.60
N LEU C 61 13.72 -43.88 -7.59
CA LEU C 61 12.54 -44.35 -8.35
C LEU C 61 12.40 -45.87 -8.35
N PRO C 62 12.23 -46.48 -7.16
CA PRO C 62 12.06 -47.93 -7.07
C PRO C 62 10.75 -48.43 -7.68
N GLU C 63 9.73 -47.58 -7.75
CA GLU C 63 8.48 -47.91 -8.46
C GLU C 63 8.70 -48.28 -9.94
N LYS C 64 9.77 -47.73 -10.55
CA LYS C 64 10.17 -48.03 -11.92
C LYS C 64 11.44 -48.91 -11.98
N LEU C 65 11.62 -49.79 -11.01
CA LEU C 65 12.81 -50.65 -10.86
C LEU C 65 13.16 -51.44 -12.13
N THR C 66 12.22 -52.27 -12.60
CA THR C 66 12.48 -53.20 -13.70
C THR C 66 12.67 -52.51 -15.06
N ILE C 67 12.14 -51.30 -15.19
CA ILE C 67 12.38 -50.49 -16.38
C ILE C 67 13.87 -50.13 -16.46
N TYR C 68 14.46 -49.72 -15.34
CA TYR C 68 15.85 -49.23 -15.34
C TYR C 68 16.88 -50.34 -15.26
N THR C 69 16.58 -51.46 -14.60
CA THR C 69 17.47 -52.62 -14.64
C THR C 69 17.59 -53.16 -16.06
N THR C 70 16.46 -53.23 -16.76
CA THR C 70 16.44 -53.58 -18.18
C THR C 70 17.33 -52.63 -18.97
N LEU C 71 17.17 -51.32 -18.78
CA LEU C 71 18.00 -50.33 -19.47
C LEU C 71 19.49 -50.57 -19.24
N VAL C 72 19.86 -50.91 -18.01
CA VAL C 72 21.25 -51.24 -17.67
C VAL C 72 21.67 -52.54 -18.35
N GLY C 73 20.78 -53.53 -18.38
CA GLY C 73 21.01 -54.79 -19.09
C GLY C 73 21.41 -54.61 -20.56
N LEU C 74 20.69 -53.74 -21.25
CA LEU C 74 20.93 -53.45 -22.66
C LEU C 74 22.24 -52.70 -22.87
N LEU C 75 22.57 -51.79 -21.96
CA LEU C 75 23.85 -51.07 -22.00
C LEU C 75 25.05 -51.97 -21.69
N ASN C 76 24.87 -52.91 -20.77
CA ASN C 76 25.88 -53.92 -20.43
C ASN C 76 26.21 -54.81 -21.64
N ALA C 77 25.17 -55.21 -22.38
CA ALA C 77 25.32 -56.05 -23.57
C ALA C 77 26.10 -55.37 -24.70
N ARG C 78 25.88 -54.07 -24.90
CA ARG C 78 26.61 -53.28 -25.91
C ARG C 78 27.99 -52.83 -25.44
N ASN C 79 28.17 -52.68 -24.13
CA ASN C 79 29.41 -52.17 -23.54
C ASN C 79 29.61 -52.81 -22.18
N TYR C 80 30.45 -53.84 -22.14
CA TYR C 80 30.75 -54.58 -20.92
C TYR C 80 31.36 -53.71 -19.81
N ASN C 81 32.27 -52.82 -20.18
CA ASN C 81 33.00 -51.99 -19.20
C ASN C 81 32.11 -50.97 -18.48
N PHE C 82 31.05 -50.52 -19.15
CA PHE C 82 30.04 -49.66 -18.52
C PHE C 82 29.31 -50.41 -17.40
N GLY C 83 28.84 -51.61 -17.70
CA GLY C 83 28.22 -52.50 -16.71
C GLY C 83 29.10 -52.81 -15.50
N GLY C 84 30.41 -52.89 -15.73
CA GLY C 84 31.38 -53.06 -14.65
C GLY C 84 31.47 -51.84 -13.76
N GLU C 85 31.61 -50.67 -14.38
CA GLU C 85 31.68 -49.40 -13.64
C GLU C 85 30.39 -49.03 -12.93
N PHE C 86 29.25 -49.49 -13.46
CA PHE C 86 27.95 -49.26 -12.82
C PHE C 86 27.80 -50.06 -11.53
N VAL C 87 28.11 -51.36 -11.58
CA VAL C 87 28.02 -52.22 -10.40
C VAL C 87 28.98 -51.74 -9.30
N GLU C 88 30.14 -51.20 -9.70
CA GLU C 88 31.05 -50.52 -8.76
C GLU C 88 30.39 -49.30 -8.12
N ALA C 89 29.82 -48.44 -8.96
CA ALA C 89 29.13 -47.21 -8.51
C ALA C 89 27.97 -47.49 -7.55
N MET C 90 27.18 -48.52 -7.84
CA MET C 90 26.09 -48.95 -6.97
C MET C 90 26.56 -49.44 -5.61
N ILE C 91 27.65 -50.19 -5.60
CA ILE C 91 28.23 -50.67 -4.33
C ILE C 91 28.76 -49.48 -3.50
N ARG C 92 29.37 -48.51 -4.16
CA ARG C 92 29.78 -47.26 -3.47
C ARG C 92 28.58 -46.54 -2.88
N GLN C 93 27.54 -46.39 -3.68
CA GLN C 93 26.31 -45.72 -3.25
C GLN C 93 25.59 -46.46 -2.12
N LEU C 94 25.67 -47.79 -2.12
CA LEU C 94 25.05 -48.62 -1.09
C LEU C 94 25.74 -48.41 0.25
N LYS C 95 27.07 -48.44 0.23
CA LYS C 95 27.88 -48.23 1.44
C LYS C 95 27.72 -46.77 1.94
N GLU C 96 27.65 -45.83 1.01
CA GLU C 96 27.36 -44.42 1.33
C GLU C 96 26.03 -44.26 2.06
N SER C 97 25.00 -44.94 1.56
CA SER C 97 23.65 -44.85 2.14
C SER C 97 23.56 -45.52 3.51
N LEU C 98 24.26 -46.63 3.69
CA LEU C 98 24.25 -47.35 4.97
C LEU C 98 25.01 -46.58 6.07
N LYS C 99 26.17 -46.03 5.71
CA LYS C 99 26.95 -45.16 6.59
C LYS C 99 26.15 -43.96 7.10
N ALA C 100 25.31 -43.39 6.22
CA ALA C 100 24.47 -42.24 6.55
C ALA C 100 23.10 -42.60 7.17
N ASN C 101 22.92 -43.86 7.58
CA ASN C 101 21.64 -44.37 8.10
C ASN C 101 20.41 -44.17 7.20
N ASN C 102 20.62 -44.23 5.89
CA ASN C 102 19.53 -44.23 4.91
C ASN C 102 19.25 -45.67 4.53
N TYR C 103 18.71 -46.41 5.50
CA TYR C 103 18.42 -47.82 5.32
C TYR C 103 17.25 -48.03 4.38
N ASN C 104 16.33 -47.07 4.32
CA ASN C 104 15.18 -47.19 3.41
C ASN C 104 15.59 -47.04 1.96
N GLU C 105 16.54 -46.14 1.67
CA GLU C 105 17.12 -46.04 0.31
C GLU C 105 17.97 -47.26 -0.04
N ALA C 106 18.69 -47.79 0.95
CA ALA C 106 19.56 -48.96 0.75
C ALA C 106 18.80 -50.18 0.22
N VAL C 107 17.61 -50.44 0.76
CA VAL C 107 16.77 -51.56 0.28
C VAL C 107 16.56 -51.45 -1.23
N TYR C 108 16.22 -50.25 -1.69
CA TYR C 108 15.97 -50.02 -3.12
C TYR C 108 17.22 -50.33 -3.95
N LEU C 109 18.39 -49.98 -3.44
CA LEU C 109 19.66 -50.31 -4.10
C LEU C 109 19.92 -51.83 -4.10
N VAL C 110 19.59 -52.50 -3.00
CA VAL C 110 19.73 -53.96 -2.90
C VAL C 110 18.80 -54.68 -3.89
N ARG C 111 17.53 -54.26 -3.93
CA ARG C 111 16.56 -54.79 -4.90
C ARG C 111 16.98 -54.53 -6.33
N PHE C 112 17.59 -53.39 -6.59
CA PHE C 112 18.12 -53.07 -7.92
C PHE C 112 19.25 -54.02 -8.33
N LEU C 113 20.20 -54.26 -7.43
CA LEU C 113 21.27 -55.21 -7.67
C LEU C 113 20.71 -56.62 -7.85
N SER C 114 19.71 -56.99 -7.04
CA SER C 114 19.02 -58.27 -7.17
C SER C 114 18.45 -58.48 -8.58
N ASP C 115 17.63 -57.55 -9.02
CA ASP C 115 16.97 -57.69 -10.33
C ASP C 115 17.94 -57.53 -11.51
N LEU C 116 19.12 -56.95 -11.30
CA LEU C 116 20.19 -56.93 -12.31
C LEU C 116 20.77 -58.34 -12.64
N VAL C 117 20.52 -59.31 -11.77
CA VAL C 117 20.82 -60.71 -12.07
C VAL C 117 19.89 -61.24 -13.18
N ASN C 118 18.62 -60.86 -13.15
CA ASN C 118 17.66 -61.23 -14.20
C ASN C 118 18.00 -60.62 -15.57
N CYS C 119 18.71 -59.49 -15.59
CA CYS C 119 19.16 -58.86 -16.83
C CYS C 119 20.56 -59.30 -17.31
N HIS C 120 21.11 -60.34 -16.66
CA HIS C 120 22.46 -60.84 -16.96
C HIS C 120 23.52 -59.72 -16.94
N VAL C 121 23.49 -58.95 -15.87
CA VAL C 121 24.53 -57.95 -15.56
C VAL C 121 25.36 -58.40 -14.36
N ILE C 122 24.71 -58.97 -13.35
CA ILE C 122 25.37 -59.49 -12.16
C ILE C 122 25.23 -61.01 -12.15
N ALA C 123 26.30 -61.69 -11.78
CA ALA C 123 26.32 -63.16 -11.70
C ALA C 123 25.56 -63.62 -10.46
N ALA C 124 24.71 -64.63 -10.61
CA ALA C 124 23.87 -65.15 -9.52
C ALA C 124 24.62 -65.59 -8.26
N PRO C 125 25.79 -66.24 -8.41
CA PRO C 125 26.59 -66.59 -7.21
C PRO C 125 27.03 -65.38 -6.35
N SER C 126 27.24 -64.22 -6.97
CA SER C 126 27.63 -63.00 -6.24
C SER C 126 26.52 -62.48 -5.33
N MET C 127 25.28 -62.50 -5.82
CA MET C 127 24.12 -62.11 -5.00
C MET C 127 23.84 -63.10 -3.87
N VAL C 128 24.10 -64.39 -4.10
CA VAL C 128 23.93 -65.38 -3.05
C VAL C 128 25.02 -65.17 -1.98
N ALA C 129 26.23 -64.81 -2.41
CA ALA C 129 27.34 -64.48 -1.50
C ALA C 129 27.04 -63.22 -0.67
N MET C 130 26.50 -62.19 -1.32
CA MET C 130 26.07 -60.97 -0.63
C MET C 130 24.96 -61.26 0.37
N PHE C 131 23.94 -62.01 -0.05
CA PHE C 131 22.85 -62.39 0.86
C PHE C 131 23.26 -63.35 1.99
N GLU C 132 24.30 -64.15 1.76
CA GLU C 132 24.93 -64.93 2.85
C GLU C 132 25.43 -63.96 3.95
N ASN C 133 26.17 -62.95 3.53
CA ASN C 133 26.70 -61.92 4.43
C ASN C 133 25.62 -61.07 5.13
N PHE C 134 24.51 -60.80 4.42
CA PHE C 134 23.38 -60.08 5.01
C PHE C 134 22.78 -60.87 6.16
N VAL C 135 22.39 -62.11 5.88
CA VAL C 135 21.72 -62.93 6.88
C VAL C 135 22.66 -63.29 8.04
N SER C 136 23.96 -63.32 7.79
CA SER C 136 24.96 -63.51 8.86
C SER C 136 24.93 -62.42 9.96
N VAL C 137 24.33 -61.27 9.68
CA VAL C 137 24.09 -60.23 10.69
C VAL C 137 23.15 -60.72 11.82
N THR C 138 22.31 -61.72 11.54
CA THR C 138 21.50 -62.35 12.58
C THR C 138 22.32 -63.14 13.61
N GLN C 139 23.56 -63.52 13.25
CA GLN C 139 24.50 -64.22 14.14
C GLN C 139 25.22 -63.26 15.11
N GLU C 140 25.48 -62.01 14.67
CA GLU C 140 26.16 -60.99 15.49
C GLU C 140 25.52 -60.84 16.86
N GLU C 141 26.34 -60.68 17.89
CA GLU C 141 25.86 -60.47 19.26
C GLU C 141 26.19 -59.07 19.74
N ASP C 142 25.48 -58.65 20.80
CA ASP C 142 25.53 -57.28 21.35
C ASP C 142 25.14 -56.21 20.30
N VAL C 143 24.07 -56.48 19.55
CA VAL C 143 23.52 -55.55 18.56
C VAL C 143 21.99 -55.57 18.62
N PRO C 144 21.33 -54.46 18.25
CA PRO C 144 19.87 -54.41 18.40
C PRO C 144 19.11 -55.22 17.35
N GLN C 145 17.91 -55.69 17.73
CA GLN C 145 17.04 -56.46 16.86
C GLN C 145 16.77 -55.75 15.54
N VAL C 146 16.48 -54.45 15.61
CA VAL C 146 16.18 -53.65 14.43
C VAL C 146 17.28 -53.65 13.35
N ARG C 147 18.54 -53.80 13.76
CA ARG C 147 19.65 -53.97 12.82
C ARG C 147 19.51 -55.30 12.08
N ARG C 148 19.28 -56.36 12.85
CA ARG C 148 19.14 -57.70 12.29
C ARG C 148 17.92 -57.77 11.39
N ASP C 149 16.78 -57.31 11.91
CA ASP C 149 15.53 -57.16 11.15
C ASP C 149 15.71 -56.56 9.77
N TRP C 150 16.46 -55.46 9.69
CA TRP C 150 16.64 -54.79 8.42
C TRP C 150 17.38 -55.66 7.41
N TYR C 151 18.47 -56.27 7.85
CA TYR C 151 19.32 -57.06 6.95
C TYR C 151 18.57 -58.28 6.40
N VAL C 152 17.72 -58.90 7.21
CA VAL C 152 16.77 -59.91 6.77
C VAL C 152 15.76 -59.30 5.77
N TYR C 153 15.15 -58.18 6.14
CA TYR C 153 14.15 -57.52 5.30
C TYR C 153 14.68 -57.19 3.90
N ALA C 154 15.89 -56.66 3.81
CA ALA C 154 16.51 -56.35 2.51
C ALA C 154 16.68 -57.60 1.63
N PHE C 155 16.98 -58.72 2.28
CA PHE C 155 17.09 -60.03 1.60
C PHE C 155 15.71 -60.52 1.16
N LEU C 156 14.81 -60.73 2.12
CA LEU C 156 13.47 -61.26 1.84
C LEU C 156 12.70 -60.43 0.81
N SER C 157 12.76 -59.10 0.95
CA SER C 157 12.04 -58.20 0.03
C SER C 157 12.66 -58.10 -1.36
N SER C 158 13.87 -58.63 -1.56
CA SER C 158 14.44 -58.75 -2.91
C SER C 158 13.98 -60.00 -3.66
N LEU C 159 13.44 -60.99 -2.95
CA LEU C 159 13.14 -62.29 -3.54
C LEU C 159 11.99 -62.32 -4.54
N PRO C 160 10.99 -61.45 -4.41
CA PRO C 160 9.98 -61.42 -5.49
C PRO C 160 10.57 -61.13 -6.87
N TRP C 161 11.66 -60.39 -6.93
CA TRP C 161 12.32 -60.06 -8.20
C TRP C 161 13.33 -61.12 -8.63
N VAL C 162 14.15 -61.59 -7.69
CA VAL C 162 15.29 -62.46 -8.01
C VAL C 162 15.22 -63.88 -7.39
N GLY C 163 14.17 -64.19 -6.64
CA GLY C 163 14.07 -65.47 -5.91
C GLY C 163 14.10 -66.72 -6.78
N LYS C 164 13.56 -66.64 -7.99
CA LYS C 164 13.59 -67.74 -8.93
C LYS C 164 15.01 -67.99 -9.43
N GLU C 165 15.63 -66.95 -9.99
CA GLU C 165 16.98 -67.04 -10.58
C GLU C 165 18.06 -67.52 -9.62
N LEU C 166 17.97 -67.14 -8.34
CA LEU C 166 18.94 -67.58 -7.32
C LEU C 166 18.73 -69.03 -6.92
N TYR C 167 17.47 -69.44 -6.78
CA TYR C 167 17.15 -70.80 -6.33
C TYR C 167 17.46 -71.86 -7.40
N GLU C 168 17.43 -71.48 -8.68
CA GLU C 168 17.82 -72.40 -9.77
C GLU C 168 19.33 -72.52 -9.96
N LYS C 169 20.08 -71.47 -9.66
CA LYS C 169 21.55 -71.50 -9.79
C LYS C 169 22.28 -72.09 -8.57
N LYS C 170 21.76 -71.87 -7.36
CA LYS C 170 22.44 -72.28 -6.12
C LYS C 170 21.45 -72.67 -5.01
N ASP C 171 20.58 -73.64 -5.26
CA ASP C 171 19.55 -74.03 -4.25
C ASP C 171 20.13 -74.56 -2.92
N ALA C 172 21.29 -75.21 -3.00
CA ALA C 172 21.99 -75.68 -1.80
C ALA C 172 22.33 -74.53 -0.86
N GLU C 173 23.00 -73.53 -1.42
CA GLU C 173 23.40 -72.32 -0.68
C GLU C 173 22.20 -71.54 -0.15
N MET C 174 21.12 -71.48 -0.94
CA MET C 174 19.91 -70.75 -0.55
C MET C 174 19.11 -71.45 0.55
N ASP C 175 19.10 -72.78 0.57
CA ASP C 175 18.46 -73.51 1.68
C ASP C 175 19.08 -73.21 3.05
N ARG C 176 20.39 -72.99 3.10
CA ARG C 176 21.08 -72.58 4.34
C ARG C 176 20.63 -71.21 4.81
N ILE C 177 20.45 -70.29 3.87
CA ILE C 177 19.99 -68.92 4.17
C ILE C 177 18.58 -68.97 4.75
N PHE C 178 17.70 -69.76 4.14
CA PHE C 178 16.33 -69.93 4.64
C PHE C 178 16.25 -70.64 5.99
N ALA C 179 17.22 -71.50 6.28
CA ALA C 179 17.33 -72.16 7.59
C ALA C 179 17.77 -71.18 8.69
N ASN C 180 18.84 -70.42 8.40
CA ASN C 180 19.34 -69.37 9.30
C ASN C 180 18.32 -68.23 9.49
N THR C 181 17.67 -67.82 8.39
CA THR C 181 16.60 -66.83 8.44
C THR C 181 15.42 -67.31 9.29
N GLU C 182 14.95 -68.52 9.00
CA GLU C 182 13.81 -69.09 9.74
C GLU C 182 14.09 -69.24 11.23
N SER C 183 15.30 -69.65 11.59
CA SER C 183 15.69 -69.76 13.01
C SER C 183 15.66 -68.41 13.71
N TYR C 184 16.16 -67.36 13.02
CA TYR C 184 16.15 -66.00 13.57
C TYR C 184 14.72 -65.48 13.81
N LEU C 185 13.84 -65.65 12.82
CA LEU C 185 12.46 -65.16 12.91
C LEU C 185 11.65 -65.84 14.04
N LYS C 186 12.00 -67.08 14.36
CA LYS C 186 11.39 -67.82 15.49
C LYS C 186 11.72 -67.18 16.83
N ARG C 187 12.99 -66.79 17.00
CA ARG C 187 13.50 -66.25 18.28
C ARG C 187 13.47 -64.71 18.40
N ARG C 188 12.94 -64.01 17.40
CA ARG C 188 12.72 -62.56 17.48
C ARG C 188 11.71 -62.21 18.57
N GLN C 189 11.93 -61.05 19.20
CA GLN C 189 10.96 -60.47 20.13
C GLN C 189 9.80 -59.88 19.33
N LYS C 190 8.60 -59.93 19.90
CA LYS C 190 7.39 -59.36 19.30
C LYS C 190 6.71 -58.38 20.28
N THR C 191 7.50 -57.73 21.12
CA THR C 191 6.99 -56.88 22.21
C THR C 191 6.29 -55.63 21.67
N HIS C 192 6.84 -55.12 20.56
CA HIS C 192 6.32 -53.94 19.86
C HIS C 192 4.91 -54.05 19.25
N VAL C 193 4.49 -55.26 18.90
CA VAL C 193 3.30 -55.43 18.05
C VAL C 193 1.99 -54.79 18.59
N PRO C 194 1.68 -54.93 19.88
CA PRO C 194 0.47 -54.27 20.41
C PRO C 194 0.47 -52.74 20.35
N MET C 195 1.66 -52.14 20.28
CA MET C 195 1.83 -50.69 20.12
C MET C 195 1.60 -50.19 18.69
N LEU C 196 1.90 -51.02 17.70
CA LEU C 196 1.86 -50.63 16.29
C LEU C 196 0.61 -51.08 15.51
N GLN C 197 -0.19 -51.96 16.10
CA GLN C 197 -1.41 -52.45 15.42
C GLN C 197 -2.46 -51.36 15.42
N VAL C 198 -3.12 -51.20 14.27
CA VAL C 198 -4.23 -50.25 14.16
C VAL C 198 -5.45 -50.84 14.86
N TRP C 199 -5.64 -52.15 14.73
CA TRP C 199 -6.70 -52.91 15.40
C TRP C 199 -6.09 -54.08 16.17
N THR C 200 -6.44 -54.20 17.46
CA THR C 200 -6.01 -55.33 18.31
C THR C 200 -6.69 -56.65 17.88
N ALA C 201 -7.94 -56.57 17.41
CA ALA C 201 -8.68 -57.72 16.91
C ALA C 201 -7.99 -58.36 15.71
N ASP C 202 -8.15 -59.67 15.56
CA ASP C 202 -7.61 -60.40 14.38
C ASP C 202 -8.72 -60.92 13.46
N LYS C 203 -9.93 -60.42 13.66
CA LYS C 203 -11.07 -60.67 12.78
C LYS C 203 -11.66 -59.31 12.44
N PRO C 204 -11.91 -58.98 11.16
CA PRO C 204 -11.75 -59.87 9.99
C PRO C 204 -10.33 -60.09 9.46
N HIS C 205 -9.36 -59.26 9.87
CA HIS C 205 -7.99 -59.38 9.38
C HIS C 205 -6.98 -59.23 10.50
N PRO C 206 -6.07 -60.23 10.65
CA PRO C 206 -4.98 -60.02 11.60
C PRO C 206 -4.01 -58.94 11.09
N GLN C 207 -3.72 -57.95 11.93
CA GLN C 207 -2.71 -56.96 11.64
C GLN C 207 -1.34 -57.57 11.96
N GLU C 208 -0.73 -58.17 10.94
CA GLU C 208 0.48 -58.99 11.10
C GLU C 208 1.75 -58.19 11.23
N GLU C 209 2.73 -58.75 11.95
CA GLU C 209 4.03 -58.12 12.11
C GLU C 209 4.78 -58.25 10.77
N TYR C 210 5.45 -57.17 10.37
CA TYR C 210 5.92 -57.02 8.99
C TYR C 210 6.89 -58.09 8.46
N LEU C 211 7.70 -58.67 9.33
CA LEU C 211 8.64 -59.73 8.90
C LEU C 211 7.97 -61.11 8.90
N ASP C 212 7.03 -61.33 9.84
CA ASP C 212 6.21 -62.54 9.82
C ASP C 212 5.42 -62.63 8.52
N CYS C 213 4.79 -61.51 8.15
CA CYS C 213 3.97 -61.43 6.95
C CYS C 213 4.80 -61.60 5.67
N LEU C 214 5.94 -60.93 5.57
CA LEU C 214 6.81 -61.09 4.40
C LEU C 214 7.30 -62.54 4.30
N TRP C 215 7.62 -63.16 5.45
CA TRP C 215 8.03 -64.57 5.50
C TRP C 215 6.95 -65.46 4.88
N ALA C 216 5.73 -65.39 5.43
CA ALA C 216 4.58 -66.10 4.89
C ALA C 216 4.47 -65.93 3.36
N GLN C 217 4.62 -64.70 2.89
CA GLN C 217 4.56 -64.39 1.45
C GLN C 217 5.70 -65.04 0.68
N ILE C 218 6.91 -65.03 1.23
CA ILE C 218 8.06 -65.66 0.56
C ILE C 218 7.95 -67.19 0.59
N GLN C 219 7.31 -67.74 1.62
CA GLN C 219 7.08 -69.19 1.67
C GLN C 219 6.09 -69.64 0.59
N LYS C 220 4.98 -68.94 0.46
CA LYS C 220 3.99 -69.24 -0.60
C LYS C 220 4.55 -69.05 -2.01
N LEU C 221 5.45 -68.09 -2.18
CA LEU C 221 6.15 -67.90 -3.45
C LEU C 221 7.06 -69.08 -3.77
N LYS C 222 7.80 -69.56 -2.78
CA LYS C 222 8.67 -70.73 -2.94
C LYS C 222 7.86 -71.99 -3.26
N LYS C 223 6.77 -72.19 -2.52
CA LYS C 223 5.85 -73.31 -2.75
C LYS C 223 5.23 -73.31 -4.16
N ASP C 224 5.07 -72.12 -4.76
CA ASP C 224 4.59 -71.98 -6.14
C ASP C 224 5.73 -71.84 -7.17
N ARG C 225 6.86 -72.50 -6.90
CA ARG C 225 8.03 -72.56 -7.81
C ARG C 225 8.58 -71.19 -8.25
N TRP C 226 8.47 -70.18 -7.39
CA TRP C 226 8.90 -68.79 -7.69
C TRP C 226 8.18 -68.16 -8.89
N GLN C 227 6.92 -68.55 -9.10
CA GLN C 227 6.07 -67.99 -10.14
C GLN C 227 5.21 -66.91 -9.51
N GLU C 228 5.36 -65.67 -9.99
CA GLU C 228 4.55 -64.55 -9.52
C GLU C 228 3.89 -63.88 -10.71
N ARG C 229 2.73 -63.28 -10.47
CA ARG C 229 1.83 -62.84 -11.54
C ARG C 229 1.70 -61.32 -11.77
N HIS C 230 2.48 -60.50 -11.04
CA HIS C 230 2.31 -59.03 -11.09
C HIS C 230 3.47 -58.22 -11.71
N ILE C 231 4.71 -58.56 -11.39
CA ILE C 231 5.85 -57.71 -11.72
C ILE C 231 6.10 -57.65 -13.22
N LEU C 232 6.00 -56.44 -13.79
CA LEU C 232 6.38 -56.20 -15.18
C LEU C 232 7.88 -56.35 -15.32
N ARG C 233 8.29 -57.16 -16.29
CA ARG C 233 9.70 -57.47 -16.52
C ARG C 233 10.01 -57.21 -18.00
N PRO C 234 10.36 -55.95 -18.33
CA PRO C 234 10.69 -55.62 -19.73
C PRO C 234 11.84 -56.44 -20.33
N TYR C 235 12.81 -56.84 -19.49
CA TYR C 235 13.95 -57.67 -19.93
C TYR C 235 13.59 -59.00 -20.63
N LEU C 236 12.45 -59.61 -20.27
CA LEU C 236 12.01 -60.86 -20.92
C LEU C 236 11.80 -60.70 -22.44
N ALA C 237 11.39 -59.50 -22.86
CA ALA C 237 11.25 -59.18 -24.29
C ALA C 237 12.58 -59.08 -25.04
N PHE C 238 13.67 -58.75 -24.34
CA PHE C 238 15.02 -58.68 -24.93
C PHE C 238 15.85 -59.92 -24.64
N ASP C 239 15.21 -61.09 -24.55
CA ASP C 239 15.89 -62.34 -24.17
C ASP C 239 17.05 -62.73 -25.13
N SER C 240 16.87 -62.49 -26.42
CA SER C 240 17.94 -62.70 -27.42
C SER C 240 19.24 -61.97 -27.08
N ILE C 241 19.11 -60.68 -26.78
CA ILE C 241 20.26 -59.79 -26.55
C ILE C 241 20.92 -60.03 -25.18
N LEU C 242 20.11 -60.37 -24.18
CA LEU C 242 20.59 -60.48 -22.78
C LEU C 242 21.19 -61.84 -22.40
N CYS C 243 20.89 -62.91 -23.16
CA CYS C 243 21.57 -64.20 -23.00
C CYS C 243 23.05 -64.08 -23.30
N GLU C 244 23.36 -63.49 -24.45
CA GLU C 244 24.73 -63.34 -24.92
C GLU C 244 25.57 -62.32 -24.12
N ALA C 245 24.91 -61.46 -23.33
CA ALA C 245 25.60 -60.47 -22.49
C ALA C 245 26.41 -61.14 -21.38
N LEU C 246 27.58 -60.58 -21.11
CA LEU C 246 28.53 -61.15 -20.15
C LEU C 246 28.29 -60.55 -18.77
N GLN C 247 28.36 -61.40 -17.75
CA GLN C 247 28.02 -61.02 -16.36
C GLN C 247 29.22 -60.44 -15.60
N HIS C 248 28.92 -59.84 -14.46
CA HIS C 248 29.92 -59.27 -13.55
C HIS C 248 29.74 -59.86 -12.17
N ASN C 249 30.83 -59.93 -11.42
CA ASN C 249 30.80 -60.36 -10.03
C ASN C 249 30.78 -59.13 -9.13
N LEU C 250 29.80 -59.08 -8.23
CA LEU C 250 29.85 -58.13 -7.12
C LEU C 250 31.07 -58.46 -6.27
N PRO C 251 31.78 -57.42 -5.77
CA PRO C 251 32.81 -57.75 -4.79
C PRO C 251 32.21 -58.39 -3.53
N PRO C 252 33.03 -59.07 -2.72
CA PRO C 252 32.51 -59.58 -1.44
C PRO C 252 32.07 -58.42 -0.56
N PHE C 253 30.96 -58.59 0.14
CA PHE C 253 30.33 -57.49 0.87
C PHE C 253 30.39 -57.70 2.38
N THR C 254 31.10 -56.81 3.07
CA THR C 254 31.14 -56.77 4.52
C THR C 254 30.11 -55.74 4.99
N PRO C 255 29.07 -56.16 5.73
CA PRO C 255 28.08 -55.18 6.19
C PRO C 255 28.69 -54.23 7.21
N PRO C 256 28.60 -52.89 6.97
CA PRO C 256 29.18 -51.93 7.92
C PRO C 256 28.74 -52.23 9.36
N PRO C 257 29.72 -52.28 10.29
CA PRO C 257 29.39 -52.80 11.61
C PRO C 257 28.60 -51.79 12.44
N HIS C 258 27.94 -52.29 13.48
CA HIS C 258 27.13 -51.46 14.37
C HIS C 258 28.02 -50.51 15.18
N THR C 259 27.60 -49.25 15.25
CA THR C 259 28.19 -48.26 16.15
C THR C 259 27.04 -47.63 16.90
N GLU C 260 27.33 -46.81 17.91
CA GLU C 260 26.27 -46.12 18.65
C GLU C 260 25.78 -44.86 17.91
N ASP C 261 26.40 -44.51 16.79
CA ASP C 261 25.83 -43.59 15.80
C ASP C 261 24.73 -44.21 14.90
N SER C 262 24.67 -45.56 14.85
CA SER C 262 23.74 -46.25 13.95
C SER C 262 22.29 -46.11 14.40
N VAL C 263 21.42 -45.85 13.42
CA VAL C 263 19.99 -45.63 13.62
C VAL C 263 19.28 -46.48 12.57
N TYR C 264 18.53 -47.48 13.00
CA TYR C 264 17.85 -48.39 12.09
C TYR C 264 16.33 -48.12 12.05
N PRO C 265 15.65 -48.53 10.98
CA PRO C 265 14.19 -48.33 10.90
C PRO C 265 13.45 -49.05 12.01
N MET C 266 12.38 -48.43 12.51
CA MET C 266 11.51 -49.06 13.49
C MET C 266 10.78 -50.22 12.86
N PRO C 267 10.41 -51.22 13.67
CA PRO C 267 9.53 -52.27 13.13
C PRO C 267 8.16 -51.72 12.73
N ARG C 268 7.47 -52.47 11.87
CA ARG C 268 6.17 -52.10 11.32
C ARG C 268 5.16 -53.24 11.47
N VAL C 269 3.90 -52.90 11.26
CA VAL C 269 2.78 -53.84 11.25
C VAL C 269 1.99 -53.59 9.97
N ILE C 270 1.72 -54.65 9.19
CA ILE C 270 1.07 -54.52 7.90
C ILE C 270 -0.43 -54.18 8.08
N PHE C 271 -0.79 -52.99 7.61
CA PHE C 271 -2.18 -52.56 7.56
C PHE C 271 -2.93 -53.46 6.60
N ARG C 272 -4.18 -53.76 6.95
CA ARG C 272 -4.98 -54.70 6.18
C ARG C 272 -6.45 -54.49 6.47
N MET C 273 -7.21 -54.06 5.46
CA MET C 273 -8.66 -53.96 5.58
C MET C 273 -9.49 -54.63 4.48
N PHE C 274 -8.88 -54.97 3.34
CA PHE C 274 -9.60 -55.60 2.22
C PHE C 274 -9.11 -57.02 1.93
N ASP C 275 -10.04 -57.89 1.54
CA ASP C 275 -9.72 -59.08 0.72
C ASP C 275 -10.65 -59.06 -0.52
N TYR C 276 -10.52 -60.05 -1.40
CA TYR C 276 -11.28 -60.09 -2.65
C TYR C 276 -12.82 -59.98 -2.49
N THR C 277 -13.37 -60.40 -1.35
CA THR C 277 -14.84 -60.37 -1.14
C THR C 277 -15.44 -58.97 -0.93
N ASP C 278 -14.59 -57.96 -0.73
CA ASP C 278 -15.04 -56.57 -0.69
C ASP C 278 -15.22 -55.96 -2.09
N ASP C 279 -14.72 -56.64 -3.12
CA ASP C 279 -14.93 -56.26 -4.52
C ASP C 279 -15.22 -57.53 -5.37
N PRO C 280 -16.46 -58.07 -5.27
CA PRO C 280 -16.80 -59.28 -6.03
C PRO C 280 -16.91 -59.07 -7.54
N GLU C 281 -17.23 -57.84 -7.96
CA GLU C 281 -17.48 -57.52 -9.36
C GLU C 281 -16.18 -57.37 -10.12
N GLY C 282 -15.27 -56.57 -9.58
CA GLY C 282 -13.98 -56.29 -10.21
C GLY C 282 -13.02 -57.45 -10.14
N PRO C 283 -11.77 -57.26 -10.62
CA PRO C 283 -10.76 -58.33 -10.61
C PRO C 283 -10.45 -58.87 -9.21
N VAL C 284 -9.96 -60.09 -9.14
CA VAL C 284 -9.74 -60.76 -7.87
C VAL C 284 -8.50 -60.17 -7.21
N MET C 285 -8.69 -59.65 -5.99
CA MET C 285 -7.62 -59.02 -5.21
C MET C 285 -6.65 -60.07 -4.69
N PRO C 286 -5.33 -59.95 -5.00
CA PRO C 286 -4.33 -60.87 -4.43
C PRO C 286 -4.40 -60.89 -2.91
N GLY C 287 -4.19 -62.06 -2.32
CA GLY C 287 -4.40 -62.26 -0.88
C GLY C 287 -3.29 -61.72 0.00
N SER C 288 -3.61 -61.55 1.27
CA SER C 288 -2.67 -61.05 2.28
C SER C 288 -1.30 -61.70 2.23
N HIS C 289 -1.26 -63.02 2.02
CA HIS C 289 0.00 -63.76 1.99
C HIS C 289 0.53 -64.06 0.59
N SER C 290 0.21 -63.21 -0.39
CA SER C 290 0.80 -63.29 -1.72
C SER C 290 1.82 -62.17 -1.91
N VAL C 291 2.96 -62.48 -2.54
CA VAL C 291 3.96 -61.45 -2.89
C VAL C 291 3.44 -60.41 -3.88
N GLU C 292 2.39 -60.76 -4.62
CA GLU C 292 1.67 -59.80 -5.46
C GLU C 292 1.18 -58.62 -4.60
N ARG C 293 0.51 -58.93 -3.49
CA ARG C 293 -0.04 -57.91 -2.59
C ARG C 293 1.07 -57.04 -2.01
N PHE C 294 2.22 -57.65 -1.68
CA PHE C 294 3.37 -56.92 -1.17
C PHE C 294 3.96 -55.96 -2.21
N VAL C 295 4.14 -56.45 -3.45
CA VAL C 295 4.77 -55.63 -4.50
C VAL C 295 3.84 -54.49 -4.97
N ILE C 296 2.54 -54.73 -4.94
CA ILE C 296 1.56 -53.71 -5.30
C ILE C 296 1.63 -52.59 -4.27
N GLU C 297 1.49 -52.94 -3.00
CA GLU C 297 1.46 -51.94 -1.93
C GLU C 297 2.78 -51.19 -1.80
N GLU C 298 3.89 -51.90 -1.98
CA GLU C 298 5.21 -51.27 -1.95
C GLU C 298 5.34 -50.20 -3.04
N ASN C 299 4.95 -50.53 -4.26
CA ASN C 299 5.04 -49.59 -5.38
C ASN C 299 4.10 -48.39 -5.21
N LEU C 300 2.88 -48.64 -4.77
CA LEU C 300 1.94 -47.55 -4.48
C LEU C 300 2.47 -46.61 -3.39
N HIS C 301 3.06 -47.18 -2.33
CA HIS C 301 3.71 -46.36 -1.31
C HIS C 301 4.84 -45.52 -1.91
N CYS C 302 5.67 -46.13 -2.76
CA CYS C 302 6.78 -45.43 -3.41
C CYS C 302 6.34 -44.31 -4.36
N ILE C 303 5.22 -44.51 -5.04
CA ILE C 303 4.63 -43.46 -5.88
C ILE C 303 4.25 -42.24 -5.03
N ILE C 304 3.64 -42.47 -3.87
CA ILE C 304 3.28 -41.39 -2.99
C ILE C 304 4.54 -40.71 -2.48
N LYS C 305 5.54 -41.50 -2.10
CA LYS C 305 6.84 -40.97 -1.66
C LYS C 305 7.52 -40.10 -2.73
N SER C 306 7.38 -40.46 -4.00
CA SER C 306 7.96 -39.70 -5.10
C SER C 306 7.21 -38.43 -5.44
N HIS C 307 5.90 -38.38 -5.19
CA HIS C 307 5.04 -37.30 -5.68
C HIS C 307 4.16 -36.65 -4.62
N TRP C 308 4.45 -36.85 -3.32
CA TRP C 308 3.56 -36.36 -2.24
C TRP C 308 3.24 -34.88 -2.31
N LYS C 309 4.17 -34.07 -2.82
CA LYS C 309 4.01 -32.61 -2.88
C LYS C 309 3.07 -32.12 -3.98
N GLU C 310 2.86 -32.94 -5.00
CA GLU C 310 2.07 -32.57 -6.18
C GLU C 310 0.80 -33.43 -6.15
N ARG C 311 -0.20 -33.03 -5.39
CA ARG C 311 -1.38 -33.88 -5.17
C ARG C 311 -2.06 -34.37 -6.44
N LYS C 312 -2.15 -33.51 -7.46
CA LYS C 312 -2.81 -33.86 -8.72
C LYS C 312 -1.96 -34.84 -9.52
N THR C 313 -0.66 -34.58 -9.62
CA THR C 313 0.30 -35.54 -10.19
C THR C 313 0.31 -36.86 -9.42
N CYS C 314 0.27 -36.78 -8.10
CA CYS C 314 0.26 -37.98 -7.26
C CYS C 314 -0.95 -38.86 -7.53
N ALA C 315 -2.11 -38.26 -7.74
CA ALA C 315 -3.34 -39.01 -8.06
C ALA C 315 -3.23 -39.67 -9.42
N ALA C 316 -2.77 -38.93 -10.41
CA ALA C 316 -2.59 -39.43 -11.77
C ALA C 316 -1.69 -40.66 -11.82
N GLN C 317 -0.55 -40.60 -11.13
CA GLN C 317 0.41 -41.70 -11.12
C GLN C 317 -0.11 -42.95 -10.46
N LEU C 318 -0.89 -42.78 -9.39
CA LEU C 318 -1.51 -43.91 -8.71
C LEU C 318 -2.53 -44.59 -9.60
N VAL C 319 -3.38 -43.79 -10.25
CA VAL C 319 -4.46 -44.31 -11.09
C VAL C 319 -3.92 -44.98 -12.35
N SER C 320 -2.80 -44.50 -12.87
CA SER C 320 -2.16 -45.10 -14.05
C SER C 320 -1.10 -46.17 -13.73
N TYR C 321 -1.20 -46.82 -12.57
CA TYR C 321 -0.21 -47.84 -12.15
C TYR C 321 -0.30 -49.09 -13.05
N PRO C 322 0.80 -49.45 -13.73
CA PRO C 322 0.80 -50.65 -14.57
C PRO C 322 1.13 -51.93 -13.84
N GLY C 323 0.55 -53.04 -14.29
CA GLY C 323 0.92 -54.40 -13.82
C GLY C 323 0.79 -55.42 -14.94
N LYS C 324 1.38 -56.60 -14.76
CA LYS C 324 1.28 -57.67 -15.74
C LYS C 324 -0.17 -58.17 -15.86
N ASN C 325 -0.87 -58.27 -14.73
CA ASN C 325 -2.27 -58.70 -14.72
C ASN C 325 -3.16 -57.65 -14.06
N LYS C 326 -4.46 -57.75 -14.35
CA LYS C 326 -5.43 -56.78 -13.83
C LYS C 326 -5.75 -57.00 -12.35
N ILE C 327 -5.90 -55.89 -11.63
CA ILE C 327 -6.10 -55.85 -10.18
C ILE C 327 -7.10 -54.74 -9.83
N PRO C 328 -7.81 -54.87 -8.70
CA PRO C 328 -8.80 -53.84 -8.35
C PRO C 328 -8.12 -52.59 -7.78
N LEU C 329 -7.54 -51.81 -8.69
CA LEU C 329 -6.60 -50.72 -8.35
C LEU C 329 -7.17 -49.66 -7.40
N ASN C 330 -8.46 -49.34 -7.53
CA ASN C 330 -9.10 -48.39 -6.60
C ASN C 330 -9.06 -48.87 -5.16
N TYR C 331 -9.21 -50.18 -4.93
CA TYR C 331 -9.20 -50.74 -3.57
C TYR C 331 -7.80 -50.71 -2.99
N HIS C 332 -6.82 -51.13 -3.77
CA HIS C 332 -5.42 -51.03 -3.38
C HIS C 332 -4.98 -49.60 -3.04
N ILE C 333 -5.45 -48.62 -3.81
CA ILE C 333 -5.08 -47.22 -3.60
C ILE C 333 -5.67 -46.70 -2.28
N VAL C 334 -6.96 -46.91 -2.07
CA VAL C 334 -7.60 -46.49 -0.83
C VAL C 334 -6.97 -47.17 0.38
N GLU C 335 -6.59 -48.44 0.24
CA GLU C 335 -5.97 -49.18 1.34
C GLU C 335 -4.59 -48.62 1.68
N VAL C 336 -3.74 -48.50 0.66
CA VAL C 336 -2.41 -47.91 0.79
C VAL C 336 -2.44 -46.49 1.38
N ILE C 337 -3.44 -45.69 1.02
CA ILE C 337 -3.60 -44.37 1.60
C ILE C 337 -3.94 -44.48 3.09
N PHE C 338 -4.97 -45.24 3.45
CA PHE C 338 -5.29 -45.40 4.88
C PHE C 338 -4.18 -46.13 5.65
N ALA C 339 -3.42 -46.99 4.99
CA ALA C 339 -2.26 -47.64 5.61
C ALA C 339 -1.21 -46.64 6.08
N GLU C 340 -1.01 -45.57 5.31
CA GLU C 340 -0.09 -44.50 5.67
C GLU C 340 -0.72 -43.61 6.71
N LEU C 341 -1.94 -43.13 6.46
CA LEU C 341 -2.61 -42.25 7.43
C LEU C 341 -2.65 -42.86 8.82
N PHE C 342 -2.93 -44.15 8.93
CA PHE C 342 -3.01 -44.82 10.24
C PHE C 342 -1.71 -45.49 10.72
N GLN C 343 -0.58 -45.28 10.04
CA GLN C 343 0.66 -45.94 10.42
C GLN C 343 1.11 -45.44 11.80
N LEU C 344 1.69 -46.36 12.58
CA LEU C 344 2.25 -46.06 13.90
C LEU C 344 3.77 -46.30 13.90
N PRO C 345 4.57 -45.42 14.49
CA PRO C 345 4.12 -44.25 15.26
C PRO C 345 3.45 -43.15 14.46
N ALA C 346 3.98 -42.87 13.28
CA ALA C 346 3.52 -41.74 12.47
C ALA C 346 3.33 -42.10 11.00
N PRO C 347 2.51 -41.29 10.28
CA PRO C 347 2.44 -41.47 8.84
C PRO C 347 3.73 -40.99 8.19
N PRO C 348 4.02 -41.45 6.97
CA PRO C 348 5.23 -40.96 6.29
C PRO C 348 5.18 -39.51 5.85
N HIS C 349 3.99 -38.92 5.77
CA HIS C 349 3.81 -37.53 5.33
C HIS C 349 2.72 -36.87 6.17
N ILE C 350 2.68 -35.54 6.14
CA ILE C 350 1.70 -34.80 6.96
C ILE C 350 0.25 -35.29 6.73
N ASP C 351 -0.50 -35.48 7.81
CA ASP C 351 -1.85 -36.09 7.79
C ASP C 351 -2.79 -35.51 6.74
N VAL C 352 -2.78 -34.19 6.60
CA VAL C 352 -3.74 -33.48 5.75
C VAL C 352 -3.57 -33.77 4.25
N MET C 353 -2.34 -34.12 3.84
CA MET C 353 -2.07 -34.52 2.46
C MET C 353 -3.00 -35.64 2.00
N TYR C 354 -3.25 -36.60 2.88
CA TYR C 354 -4.09 -37.78 2.56
C TYR C 354 -5.55 -37.39 2.28
N THR C 355 -6.07 -36.41 3.01
CA THR C 355 -7.42 -35.92 2.78
C THR C 355 -7.55 -35.35 1.38
N THR C 356 -6.57 -34.53 0.99
CA THR C 356 -6.54 -33.91 -0.32
C THR C 356 -6.30 -34.90 -1.45
N LEU C 357 -5.36 -35.82 -1.26
CA LEU C 357 -5.08 -36.85 -2.27
C LEU C 357 -6.33 -37.67 -2.55
N LEU C 358 -7.06 -38.05 -1.51
CA LEU C 358 -8.33 -38.76 -1.70
C LEU C 358 -9.34 -37.94 -2.51
N ILE C 359 -9.42 -36.62 -2.28
CA ILE C 359 -10.28 -35.75 -3.10
C ILE C 359 -9.86 -35.72 -4.57
N GLU C 360 -8.57 -35.49 -4.83
CA GLU C 360 -8.04 -35.51 -6.20
C GLU C 360 -8.26 -36.85 -6.90
N LEU C 361 -8.25 -37.92 -6.13
CA LEU C 361 -8.57 -39.25 -6.66
C LEU C 361 -10.05 -39.40 -7.00
N CYS C 362 -10.95 -38.84 -6.17
CA CYS C 362 -12.37 -38.81 -6.51
C CYS C 362 -12.60 -38.02 -7.79
N LYS C 363 -11.95 -36.87 -7.93
CA LYS C 363 -12.02 -36.07 -9.16
C LYS C 363 -11.58 -36.87 -10.40
N LEU C 364 -10.50 -37.63 -10.27
CA LEU C 364 -9.92 -38.37 -11.39
C LEU C 364 -10.69 -39.64 -11.77
N GLN C 365 -11.47 -40.20 -10.85
CA GLN C 365 -12.23 -41.43 -11.08
C GLN C 365 -13.61 -41.26 -10.44
N PRO C 366 -14.39 -40.27 -10.91
CA PRO C 366 -15.62 -39.93 -10.20
C PRO C 366 -16.72 -40.99 -10.26
N GLY C 367 -16.67 -41.86 -11.26
CA GLY C 367 -17.65 -42.92 -11.40
C GLY C 367 -17.50 -44.09 -10.45
N SER C 368 -16.27 -44.33 -9.96
CA SER C 368 -15.96 -45.53 -9.16
C SER C 368 -15.34 -45.26 -7.78
N LEU C 369 -14.37 -44.35 -7.69
CA LEU C 369 -13.59 -44.12 -6.46
C LEU C 369 -14.43 -43.69 -5.24
N PRO C 370 -15.35 -42.72 -5.40
CA PRO C 370 -16.17 -42.31 -4.25
C PRO C 370 -16.96 -43.44 -3.60
N GLN C 371 -17.41 -44.39 -4.40
CA GLN C 371 -18.11 -45.58 -3.89
C GLN C 371 -17.18 -46.45 -3.06
N VAL C 372 -15.98 -46.71 -3.58
CA VAL C 372 -14.96 -47.48 -2.86
C VAL C 372 -14.57 -46.76 -1.57
N LEU C 373 -14.42 -45.45 -1.65
CA LEU C 373 -14.10 -44.65 -0.48
C LEU C 373 -15.18 -44.75 0.60
N ALA C 374 -16.44 -44.59 0.20
CA ALA C 374 -17.58 -44.68 1.13
C ALA C 374 -17.72 -46.06 1.79
N GLN C 375 -17.47 -47.10 1.00
CA GLN C 375 -17.47 -48.48 1.47
C GLN C 375 -16.40 -48.69 2.53
N ALA C 376 -15.20 -48.17 2.26
CA ALA C 376 -14.09 -48.25 3.21
C ALA C 376 -14.40 -47.49 4.50
N THR C 377 -14.95 -46.28 4.37
CA THR C 377 -15.36 -45.49 5.52
C THR C 377 -16.34 -46.25 6.42
N GLU C 378 -17.29 -46.94 5.79
CA GLU C 378 -18.25 -47.80 6.48
C GLU C 378 -17.54 -48.92 7.24
N MET C 379 -16.60 -49.58 6.57
CA MET C 379 -15.84 -50.68 7.18
C MET C 379 -14.97 -50.21 8.34
N LEU C 380 -14.43 -48.99 8.24
CA LEU C 380 -13.62 -48.42 9.32
C LEU C 380 -14.48 -48.13 10.55
N TYR C 381 -15.68 -47.59 10.31
CA TYR C 381 -16.64 -47.35 11.38
C TYR C 381 -17.04 -48.65 12.07
N MET C 382 -17.36 -49.68 11.30
CA MET C 382 -17.79 -50.98 11.86
C MET C 382 -16.72 -51.65 12.74
N ARG C 383 -15.45 -51.39 12.45
CA ARG C 383 -14.33 -51.98 13.21
C ARG C 383 -13.73 -51.06 14.28
N LEU C 384 -14.43 -49.98 14.62
CA LEU C 384 -13.96 -49.00 15.61
C LEU C 384 -13.67 -49.56 17.01
N ASP C 385 -14.35 -50.64 17.36
CA ASP C 385 -14.30 -51.14 18.75
C ASP C 385 -12.89 -51.54 19.22
N THR C 386 -12.05 -52.05 18.30
CA THR C 386 -10.65 -52.35 18.63
C THR C 386 -9.61 -51.42 17.99
N MET C 387 -10.05 -50.31 17.39
CA MET C 387 -9.13 -49.36 16.75
C MET C 387 -8.38 -48.54 17.80
N ASN C 388 -7.07 -48.43 17.62
CA ASN C 388 -6.20 -47.64 18.50
C ASN C 388 -6.63 -46.17 18.51
N THR C 389 -6.56 -45.54 19.68
CA THR C 389 -7.03 -44.15 19.87
C THR C 389 -6.28 -43.14 19.00
N THR C 390 -4.98 -43.36 18.82
CA THR C 390 -4.16 -42.53 17.94
C THR C 390 -4.74 -42.51 16.52
N CYS C 391 -5.04 -43.69 15.98
CA CYS C 391 -5.68 -43.84 14.68
C CYS C 391 -7.10 -43.28 14.61
N VAL C 392 -7.88 -43.44 15.68
CA VAL C 392 -9.25 -42.92 15.72
C VAL C 392 -9.27 -41.40 15.61
N ASP C 393 -8.32 -40.73 16.24
CA ASP C 393 -8.19 -39.27 16.09
C ASP C 393 -7.94 -38.85 14.64
N ARG C 394 -7.08 -39.60 13.95
CA ARG C 394 -6.77 -39.32 12.56
C ARG C 394 -7.99 -39.55 11.64
N PHE C 395 -8.73 -40.61 11.95
CA PHE C 395 -9.98 -40.96 11.25
C PHE C 395 -11.02 -39.83 11.44
N ILE C 396 -11.22 -39.40 12.69
CA ILE C 396 -12.10 -38.27 13.00
C ILE C 396 -11.70 -37.02 12.23
N ASN C 397 -10.42 -36.66 12.28
CA ASN C 397 -9.91 -35.47 11.59
C ASN C 397 -10.02 -35.57 10.10
N TRP C 398 -9.75 -36.74 9.53
CA TRP C 398 -9.86 -36.95 8.10
C TRP C 398 -11.32 -36.87 7.63
N PHE C 399 -12.17 -37.63 8.29
CA PHE C 399 -13.57 -37.75 7.90
C PHE C 399 -14.31 -36.42 8.04
N SER C 400 -14.11 -35.71 9.14
CA SER C 400 -14.75 -34.39 9.32
C SER C 400 -14.29 -33.37 8.26
N HIS C 401 -13.00 -33.38 7.95
CA HIS C 401 -12.44 -32.48 6.94
C HIS C 401 -12.86 -32.86 5.52
N HIS C 402 -12.99 -34.18 5.27
CA HIS C 402 -13.55 -34.67 4.01
C HIS C 402 -14.99 -34.18 3.86
N LEU C 403 -15.85 -34.52 4.80
CA LEU C 403 -17.26 -34.06 4.78
C LEU C 403 -17.39 -32.55 4.53
N SER C 404 -16.53 -31.75 5.17
CA SER C 404 -16.57 -30.29 4.96
C SER C 404 -16.34 -29.87 3.51
N ASN C 405 -15.69 -30.72 2.71
CA ASN C 405 -15.51 -30.49 1.26
C ASN C 405 -16.64 -31.00 0.34
N PHE C 406 -17.62 -31.71 0.89
CA PHE C 406 -18.76 -32.19 0.12
C PHE C 406 -20.05 -31.94 0.87
N GLN C 407 -20.21 -30.68 1.33
CA GLN C 407 -21.45 -30.17 1.90
C GLN C 407 -22.03 -31.01 3.07
N PHE C 408 -21.14 -31.64 3.82
CA PHE C 408 -21.50 -32.52 4.94
C PHE C 408 -22.53 -33.60 4.58
N ARG C 409 -22.48 -34.05 3.33
CA ARG C 409 -23.36 -35.11 2.85
C ARG C 409 -22.89 -36.44 3.40
N TRP C 410 -23.72 -37.09 4.21
CA TRP C 410 -23.44 -38.44 4.68
C TRP C 410 -24.71 -39.14 5.16
N SER C 411 -24.84 -40.43 4.82
CA SER C 411 -25.97 -41.26 5.26
C SER C 411 -25.83 -41.60 6.75
N TRP C 412 -26.21 -40.66 7.61
CA TRP C 412 -26.00 -40.79 9.07
C TRP C 412 -26.78 -41.95 9.70
N GLU C 413 -28.00 -42.17 9.21
CA GLU C 413 -28.83 -43.32 9.64
C GLU C 413 -28.18 -44.72 9.46
N ASP C 414 -27.22 -44.87 8.55
CA ASP C 414 -26.41 -46.10 8.44
C ASP C 414 -25.70 -46.46 9.75
N TRP C 415 -25.46 -45.45 10.59
CA TRP C 415 -24.80 -45.60 11.88
C TRP C 415 -25.75 -45.42 13.08
N SER C 416 -27.03 -45.80 12.94
CA SER C 416 -28.02 -45.65 14.02
C SER C 416 -27.77 -46.55 15.24
N ASP C 417 -27.11 -47.70 15.01
CA ASP C 417 -26.67 -48.62 16.09
C ASP C 417 -25.89 -47.98 17.25
N CYS C 418 -25.21 -46.86 17.00
CA CYS C 418 -24.49 -46.11 18.05
C CYS C 418 -25.41 -45.47 19.11
N LEU C 419 -26.64 -45.12 18.71
CA LEU C 419 -27.57 -44.42 19.61
C LEU C 419 -28.04 -45.25 20.81
N SER C 420 -28.13 -46.57 20.64
CA SER C 420 -28.51 -47.50 21.72
C SER C 420 -27.33 -47.99 22.60
N GLN C 421 -26.10 -47.81 22.12
CA GLN C 421 -24.89 -48.19 22.88
C GLN C 421 -24.53 -47.15 23.95
N ASP C 422 -23.63 -47.56 24.86
CA ASP C 422 -23.08 -46.69 25.90
C ASP C 422 -22.32 -45.51 25.28
N PRO C 423 -22.68 -44.24 25.61
CA PRO C 423 -21.98 -43.05 25.08
C PRO C 423 -20.44 -43.06 25.12
N GLU C 424 -19.84 -43.73 26.09
CA GLU C 424 -18.37 -43.85 26.15
C GLU C 424 -17.78 -44.80 25.09
N SER C 425 -18.60 -45.72 24.55
CA SER C 425 -18.11 -46.72 23.58
C SER C 425 -17.57 -46.08 22.29
N PRO C 426 -16.66 -46.77 21.58
CA PRO C 426 -15.96 -46.19 20.43
C PRO C 426 -16.84 -45.57 19.33
N LYS C 427 -17.95 -46.23 19.00
CA LYS C 427 -18.81 -45.79 17.89
C LYS C 427 -19.58 -44.49 18.15
N PRO C 428 -20.35 -44.39 19.25
CA PRO C 428 -21.02 -43.10 19.52
C PRO C 428 -20.07 -41.97 19.87
N LYS C 429 -18.93 -42.32 20.51
CA LYS C 429 -17.88 -41.35 20.81
C LYS C 429 -17.19 -40.85 19.54
N PHE C 430 -17.01 -41.75 18.57
CA PHE C 430 -16.55 -41.37 17.24
C PHE C 430 -17.49 -40.33 16.63
N VAL C 431 -18.79 -40.62 16.64
CA VAL C 431 -19.76 -39.74 15.99
C VAL C 431 -19.86 -38.38 16.69
N ARG C 432 -19.82 -38.37 18.03
CA ARG C 432 -19.85 -37.10 18.78
C ARG C 432 -18.71 -36.18 18.40
N GLU C 433 -17.50 -36.75 18.39
CA GLU C 433 -16.27 -36.00 18.09
C GLU C 433 -16.22 -35.52 16.63
N VAL C 434 -16.70 -36.36 15.72
CA VAL C 434 -16.79 -36.02 14.29
C VAL C 434 -17.67 -34.78 14.12
N LEU C 435 -18.82 -34.80 14.77
CA LEU C 435 -19.78 -33.70 14.69
C LEU C 435 -19.24 -32.43 15.37
N GLU C 436 -18.54 -32.61 16.49
CA GLU C 436 -17.82 -31.51 17.15
C GLU C 436 -16.78 -30.90 16.22
N LYS C 437 -16.06 -31.75 15.50
CA LYS C 437 -15.06 -31.31 14.51
C LYS C 437 -15.69 -30.65 13.29
N CYS C 438 -16.84 -31.16 12.86
CA CYS C 438 -17.61 -30.53 11.78
C CYS C 438 -18.04 -29.12 12.15
N MET C 439 -18.53 -28.94 13.38
CA MET C 439 -18.95 -27.62 13.89
C MET C 439 -17.87 -26.57 13.79
N ARG C 440 -16.63 -26.96 14.10
CA ARG C 440 -15.49 -26.03 14.04
C ARG C 440 -15.21 -25.51 12.64
N LEU C 441 -15.37 -26.39 11.65
CA LEU C 441 -15.24 -26.03 10.23
C LEU C 441 -16.45 -25.30 9.67
N SER C 442 -17.57 -25.38 10.37
CA SER C 442 -18.85 -24.82 9.97
C SER C 442 -19.37 -23.86 11.07
N TYR C 443 -20.62 -24.04 11.51
CA TYR C 443 -21.18 -23.36 12.69
C TYR C 443 -22.27 -24.24 13.33
N HIS C 444 -22.63 -23.95 14.59
CA HIS C 444 -23.54 -24.81 15.39
C HIS C 444 -24.82 -25.21 14.65
N GLN C 445 -25.50 -24.22 14.06
CA GLN C 445 -26.81 -24.46 13.43
C GLN C 445 -26.73 -25.38 12.20
N ARG C 446 -25.65 -25.26 11.42
CA ARG C 446 -25.49 -26.05 10.19
C ARG C 446 -25.33 -27.54 10.49
N ILE C 447 -24.77 -27.88 11.65
CA ILE C 447 -24.59 -29.27 12.07
C ILE C 447 -25.91 -29.89 12.54
N LEU C 448 -26.73 -29.10 13.25
CA LEU C 448 -28.09 -29.50 13.62
C LEU C 448 -28.96 -29.88 12.42
N ASP C 449 -28.79 -29.13 11.32
CA ASP C 449 -29.55 -29.36 10.08
C ASP C 449 -29.16 -30.68 9.40
N ILE C 450 -27.86 -30.84 9.14
CA ILE C 450 -27.36 -31.98 8.33
C ILE C 450 -27.47 -33.38 8.95
N VAL C 451 -27.80 -33.46 10.24
CA VAL C 451 -28.05 -34.76 10.88
C VAL C 451 -29.55 -35.01 11.07
N PRO C 452 -29.97 -36.28 11.06
CA PRO C 452 -31.33 -36.65 11.50
C PRO C 452 -31.67 -36.14 12.92
N PRO C 453 -32.98 -35.91 13.21
CA PRO C 453 -33.35 -35.54 14.59
C PRO C 453 -33.03 -36.57 15.70
N THR C 454 -32.88 -37.84 15.34
CA THR C 454 -32.41 -38.86 16.31
C THR C 454 -30.93 -38.69 16.73
N PHE C 455 -30.13 -38.03 15.88
CA PHE C 455 -28.69 -37.78 16.12
C PHE C 455 -28.35 -36.49 16.89
N SER C 456 -29.30 -35.57 17.06
CA SER C 456 -29.03 -34.29 17.76
C SER C 456 -28.76 -34.42 19.27
N ALA C 457 -28.97 -35.60 19.85
CA ALA C 457 -28.41 -35.95 21.16
C ALA C 457 -26.89 -35.97 21.12
N LEU C 458 -26.33 -36.57 20.06
CA LEU C 458 -24.86 -36.64 19.87
C LEU C 458 -24.22 -35.35 19.33
N CYS C 459 -25.02 -34.36 18.94
CA CYS C 459 -24.48 -33.06 18.49
C CYS C 459 -23.81 -32.29 19.62
N PRO C 460 -22.86 -31.40 19.26
CA PRO C 460 -22.10 -30.54 20.17
C PRO C 460 -22.91 -29.34 20.62
N VAL C 461 -22.70 -28.92 21.86
CA VAL C 461 -23.42 -27.78 22.41
C VAL C 461 -22.97 -26.44 21.85
N ASN C 462 -23.87 -25.47 21.88
CA ASN C 462 -23.57 -24.13 21.38
C ASN C 462 -22.36 -23.59 22.11
N PRO C 463 -21.39 -23.06 21.36
CA PRO C 463 -20.15 -22.56 21.95
C PRO C 463 -20.29 -21.13 22.52
N THR C 464 -20.80 -21.03 23.74
CA THR C 464 -21.07 -19.73 24.39
C THR C 464 -20.36 -19.56 25.72
N CYS C 465 -20.13 -18.30 26.05
CA CYS C 465 -19.47 -17.88 27.29
C CYS C 465 -20.40 -18.14 28.48
N ILE C 466 -19.85 -18.68 29.57
CA ILE C 466 -20.55 -18.79 30.86
C ILE C 466 -19.94 -17.75 31.81
N TYR C 467 -20.63 -16.62 31.95
CA TYR C 467 -20.21 -15.53 32.84
C TYR C 467 -20.89 -15.66 34.21
N LYS C 468 -20.11 -15.43 35.27
CA LYS C 468 -20.61 -15.61 36.65
C LYS C 468 -21.18 -14.32 37.24
N TYR C 469 -20.59 -13.18 36.95
CA TYR C 469 -20.97 -11.93 37.63
C TYR C 469 -21.93 -11.04 36.82
N GLY C 470 -23.05 -11.61 36.39
CA GLY C 470 -24.03 -10.91 35.54
C GLY C 470 -25.48 -11.35 35.70
N ASP C 471 -25.93 -12.23 34.81
CA ASP C 471 -27.37 -12.56 34.66
C ASP C 471 -28.01 -13.28 35.87
N GLU C 472 -27.82 -14.60 35.98
CA GLU C 472 -28.55 -15.41 36.98
C GLU C 472 -28.00 -15.31 38.41
N SER C 473 -26.85 -14.66 38.61
CA SER C 473 -26.16 -14.68 39.90
C SER C 473 -26.83 -13.86 41.00
N SER C 474 -26.90 -14.46 42.20
CA SER C 474 -27.32 -13.75 43.41
C SER C 474 -26.17 -12.85 43.88
N ASN C 475 -26.50 -11.65 44.34
CA ASN C 475 -25.48 -10.63 44.67
C ASN C 475 -24.66 -10.91 45.94
N SER C 476 -25.07 -11.90 46.73
CA SER C 476 -24.29 -12.38 47.89
C SER C 476 -23.16 -13.37 47.55
N LEU C 477 -22.92 -13.64 46.27
CA LEU C 477 -21.69 -14.32 45.82
C LEU C 477 -20.51 -13.38 46.08
N PRO C 478 -19.52 -13.81 46.89
CA PRO C 478 -18.39 -12.92 47.21
C PRO C 478 -17.78 -12.29 45.97
N GLY C 479 -17.51 -10.99 46.07
CA GLY C 479 -17.00 -10.22 44.97
C GLY C 479 -17.97 -9.94 43.85
N HIS C 480 -19.27 -9.81 44.16
CA HIS C 480 -20.29 -9.45 43.15
C HIS C 480 -20.14 -8.01 42.68
N SER C 481 -19.99 -7.08 43.63
CA SER C 481 -19.79 -5.66 43.33
C SER C 481 -18.42 -5.33 42.72
N VAL C 482 -17.43 -6.19 42.95
CA VAL C 482 -16.06 -5.96 42.46
C VAL C 482 -15.99 -6.19 40.96
N ALA C 483 -16.66 -7.24 40.49
CA ALA C 483 -16.79 -7.54 39.06
C ALA C 483 -17.54 -6.45 38.28
N LEU C 484 -18.51 -5.79 38.93
CA LEU C 484 -19.22 -4.64 38.35
C LEU C 484 -18.30 -3.42 38.17
N CYS C 485 -17.37 -3.22 39.12
CA CYS C 485 -16.37 -2.14 39.03
C CYS C 485 -15.39 -2.35 37.87
N LEU C 486 -14.82 -3.56 37.79
CA LEU C 486 -13.93 -3.94 36.69
C LEU C 486 -14.60 -3.82 35.32
N ALA C 487 -15.85 -4.25 35.24
CA ALA C 487 -16.66 -4.12 34.02
C ALA C 487 -16.64 -2.69 33.48
N VAL C 488 -16.86 -1.73 34.38
CA VAL C 488 -16.84 -0.29 34.02
C VAL C 488 -15.44 0.17 33.58
N ALA C 489 -14.40 -0.29 34.29
CA ALA C 489 -13.01 0.10 34.03
C ALA C 489 -12.48 -0.38 32.67
N PHE C 490 -12.80 -1.62 32.30
CA PHE C 490 -12.44 -2.17 30.98
C PHE C 490 -13.13 -1.39 29.87
N LYS C 491 -14.46 -1.24 30.00
CA LYS C 491 -15.28 -0.46 29.06
C LYS C 491 -14.78 0.97 28.84
N SER C 492 -14.33 1.61 29.93
CA SER C 492 -13.84 3.00 29.90
C SER C 492 -12.38 3.17 29.44
N LYS C 493 -11.74 2.12 28.94
CA LYS C 493 -10.38 2.17 28.39
C LYS C 493 -9.35 2.55 29.48
N ALA C 494 -9.37 1.81 30.58
CA ALA C 494 -8.50 2.06 31.73
C ALA C 494 -7.12 1.41 31.55
N THR C 495 -6.17 1.91 32.33
CA THR C 495 -4.79 1.39 32.33
C THR C 495 -4.63 0.20 33.30
N ASN C 496 -3.48 -0.49 33.20
CA ASN C 496 -3.17 -1.65 34.07
C ASN C 496 -3.13 -1.27 35.56
N ASP C 497 -2.59 -0.08 35.85
CA ASP C 497 -2.51 0.48 37.22
C ASP C 497 -3.88 0.56 37.90
N GLU C 498 -4.87 1.01 37.14
CA GLU C 498 -6.24 1.20 37.64
C GLU C 498 -6.96 -0.13 37.89
N ILE C 499 -6.80 -1.09 36.97
CA ILE C 499 -7.39 -2.43 37.14
C ILE C 499 -6.77 -3.17 38.33
N PHE C 500 -5.44 -3.07 38.48
CA PHE C 500 -4.74 -3.64 39.63
C PHE C 500 -5.20 -3.01 40.95
N SER C 501 -5.45 -1.70 40.91
CA SER C 501 -5.95 -0.94 42.08
C SER C 501 -7.36 -1.39 42.51
N ILE C 502 -8.24 -1.63 41.54
CA ILE C 502 -9.61 -2.10 41.79
C ILE C 502 -9.64 -3.50 42.45
N LEU C 503 -8.65 -4.34 42.12
CA LEU C 503 -8.56 -5.70 42.69
C LEU C 503 -8.11 -5.76 44.16
N LYS C 504 -7.77 -4.61 44.77
CA LYS C 504 -7.43 -4.54 46.20
C LYS C 504 -8.63 -4.93 47.08
N ASP C 505 -9.82 -4.46 46.70
CA ASP C 505 -11.07 -4.70 47.47
C ASP C 505 -11.70 -6.07 47.18
N VAL C 506 -11.08 -7.14 47.69
CA VAL C 506 -11.58 -8.51 47.48
C VAL C 506 -11.39 -9.36 48.74
N PRO C 507 -12.48 -9.96 49.26
CA PRO C 507 -12.36 -10.80 50.47
C PRO C 507 -11.70 -12.17 50.22
N ASN C 508 -10.75 -12.55 51.06
CA ASN C 508 -10.00 -13.80 50.95
C ASN C 508 -10.60 -14.90 51.87
N PRO C 509 -11.03 -16.05 51.29
CA PRO C 509 -11.41 -17.20 52.12
C PRO C 509 -10.21 -18.10 52.44
N ASN C 522 -4.67 -15.40 47.04
CA ASN C 522 -6.06 -15.00 46.90
C ASN C 522 -6.70 -15.52 45.58
N PRO C 523 -7.45 -16.64 45.65
CA PRO C 523 -8.06 -17.20 44.43
C PRO C 523 -9.26 -16.43 43.86
N LEU C 524 -9.88 -15.57 44.66
CA LEU C 524 -11.04 -14.79 44.21
C LEU C 524 -10.63 -13.55 43.41
N LYS C 525 -9.40 -13.06 43.57
CA LYS C 525 -8.87 -11.96 42.72
C LYS C 525 -8.79 -12.38 41.26
N ILE C 526 -8.26 -13.59 41.04
CA ILE C 526 -8.14 -14.17 39.70
C ILE C 526 -9.54 -14.45 39.12
N GLU C 527 -10.40 -15.05 39.94
CA GLU C 527 -11.76 -15.41 39.53
C GLU C 527 -12.55 -14.21 38.97
N VAL C 528 -12.59 -13.11 39.71
CA VAL C 528 -13.29 -11.89 39.25
C VAL C 528 -12.59 -11.18 38.09
N PHE C 529 -11.27 -11.30 37.99
CA PHE C 529 -10.52 -10.69 36.88
C PHE C 529 -10.69 -11.46 35.57
N VAL C 530 -10.50 -12.77 35.62
CA VAL C 530 -10.54 -13.61 34.41
C VAL C 530 -11.97 -13.65 33.84
N GLN C 531 -12.95 -13.96 34.69
CA GLN C 531 -14.38 -13.99 34.30
C GLN C 531 -14.83 -12.74 33.54
N THR C 532 -14.43 -11.58 34.05
CA THR C 532 -14.84 -10.28 33.51
C THR C 532 -14.14 -9.92 32.20
N LEU C 533 -12.83 -10.17 32.14
CA LEU C 533 -12.04 -9.84 30.96
C LEU C 533 -12.39 -10.73 29.76
N LEU C 534 -12.59 -12.03 30.02
CA LEU C 534 -12.98 -12.98 28.96
C LEU C 534 -14.43 -12.80 28.49
N HIS C 535 -15.33 -12.46 29.40
CA HIS C 535 -16.72 -12.12 29.05
C HIS C 535 -16.79 -10.91 28.11
N LEU C 536 -16.05 -9.86 28.42
CA LEU C 536 -16.04 -8.64 27.61
C LEU C 536 -15.25 -8.76 26.30
N ALA C 537 -14.41 -9.80 26.18
CA ALA C 537 -13.69 -10.09 24.94
C ALA C 537 -14.14 -11.41 24.28
N ALA C 538 -15.37 -11.84 24.57
CA ALA C 538 -15.90 -13.13 24.09
C ALA C 538 -16.40 -13.13 22.64
N LYS C 539 -16.28 -11.99 21.96
CA LYS C 539 -16.85 -11.81 20.62
C LYS C 539 -16.10 -12.63 19.56
N SER C 540 -14.77 -12.67 19.66
CA SER C 540 -13.93 -13.45 18.74
C SER C 540 -12.61 -13.87 19.37
N PHE C 541 -11.81 -14.60 18.61
CA PHE C 541 -10.44 -14.95 19.01
C PHE C 541 -9.53 -13.72 19.03
N SER C 542 -9.67 -12.82 18.06
CA SER C 542 -8.87 -11.58 18.01
C SER C 542 -9.12 -10.65 19.19
N HIS C 543 -10.38 -10.55 19.64
CA HIS C 543 -10.73 -9.74 20.81
C HIS C 543 -10.16 -10.35 22.09
N SER C 544 -10.36 -11.66 22.28
CA SER C 544 -9.77 -12.37 23.42
C SER C 544 -8.23 -12.32 23.43
N PHE C 545 -7.60 -12.36 22.26
CA PHE C 545 -6.14 -12.20 22.15
C PHE C 545 -5.68 -10.78 22.44
N SER C 546 -6.48 -9.78 22.04
CA SER C 546 -6.19 -8.38 22.35
C SER C 546 -6.32 -8.11 23.87
N ALA C 547 -7.27 -8.78 24.53
CA ALA C 547 -7.45 -8.66 25.97
C ALA C 547 -6.26 -9.18 26.78
N LEU C 548 -5.75 -10.37 26.44
CA LEU C 548 -4.57 -10.94 27.09
C LEU C 548 -3.33 -10.06 26.91
N ALA C 549 -3.17 -9.50 25.72
CA ALA C 549 -2.03 -8.62 25.41
C ALA C 549 -2.11 -7.28 26.15
N LYS C 550 -3.29 -6.69 26.21
CA LYS C 550 -3.48 -5.36 26.81
C LYS C 550 -3.27 -5.40 28.33
N PHE C 551 -3.83 -6.41 29.00
CA PHE C 551 -3.68 -6.60 30.45
C PHE C 551 -2.76 -7.79 30.79
N HIS C 552 -1.66 -7.86 30.05
CA HIS C 552 -0.63 -8.90 30.20
C HIS C 552 0.03 -8.83 31.57
N GLU C 553 0.33 -7.61 32.00
CA GLU C 553 1.00 -7.35 33.27
C GLU C 553 0.12 -7.70 34.48
N VAL C 554 -1.18 -7.51 34.37
CA VAL C 554 -2.11 -7.91 35.44
C VAL C 554 -2.17 -9.44 35.56
N PHE C 555 -2.16 -10.12 34.42
CA PHE C 555 -2.11 -11.59 34.39
C PHE C 555 -0.84 -12.15 35.02
N LYS C 556 0.31 -11.61 34.60
CA LYS C 556 1.62 -12.06 35.13
C LYS C 556 1.76 -11.89 36.63
N THR C 557 1.21 -10.80 37.18
CA THR C 557 1.25 -10.54 38.63
C THR C 557 0.33 -11.51 39.36
N LEU C 558 -0.89 -11.70 38.84
CA LEU C 558 -1.85 -12.62 39.47
C LEU C 558 -1.46 -14.10 39.42
N ALA C 559 -0.65 -14.49 38.42
CA ALA C 559 -0.30 -15.90 38.21
C ALA C 559 1.20 -16.15 38.10
N GLU C 560 1.98 -15.50 38.95
CA GLU C 560 3.41 -15.81 39.06
C GLU C 560 3.63 -17.00 39.98
N SER C 561 2.72 -17.17 40.95
CA SER C 561 2.64 -18.39 41.76
C SER C 561 2.28 -19.61 40.89
N ASP C 562 2.80 -20.79 41.24
CA ASP C 562 2.42 -22.04 40.57
C ASP C 562 0.94 -22.35 40.76
N GLU C 563 0.44 -22.19 41.98
CA GLU C 563 -1.00 -22.37 42.26
C GLU C 563 -1.86 -21.23 41.71
N GLY C 564 -1.25 -20.08 41.44
CA GLY C 564 -1.89 -19.00 40.69
C GLY C 564 -2.09 -19.31 39.21
N LYS C 565 -1.12 -19.99 38.60
CA LYS C 565 -1.26 -20.46 37.22
C LYS C 565 -2.40 -21.48 37.11
N LEU C 566 -2.36 -22.51 37.96
CA LEU C 566 -3.40 -23.54 38.02
C LEU C 566 -4.81 -22.98 38.15
N HIS C 567 -4.95 -21.88 38.88
CA HIS C 567 -6.27 -21.25 39.11
C HIS C 567 -6.73 -20.43 37.89
N VAL C 568 -5.80 -19.78 37.18
CA VAL C 568 -6.13 -19.07 35.93
C VAL C 568 -6.70 -20.05 34.90
N LEU C 569 -6.10 -21.24 34.80
CA LEU C 569 -6.61 -22.30 33.91
C LEU C 569 -7.95 -22.85 34.38
N ARG C 570 -8.11 -23.06 35.68
CA ARG C 570 -9.39 -23.53 36.25
C ARG C 570 -10.55 -22.56 35.99
N VAL C 571 -10.31 -21.26 36.15
CA VAL C 571 -11.35 -20.23 35.91
C VAL C 571 -11.67 -20.12 34.43
N MET C 572 -10.62 -19.95 33.62
CA MET C 572 -10.73 -19.89 32.16
C MET C 572 -11.49 -21.07 31.56
N PHE C 573 -11.34 -22.26 32.14
CA PHE C 573 -12.15 -23.43 31.77
C PHE C 573 -13.63 -23.22 32.08
N GLU C 574 -13.93 -22.79 33.31
CA GLU C 574 -15.32 -22.56 33.75
C GLU C 574 -16.06 -21.49 32.94
N VAL C 575 -15.32 -20.54 32.38
CA VAL C 575 -15.89 -19.56 31.44
C VAL C 575 -16.20 -20.20 30.09
N TRP C 576 -15.24 -20.97 29.57
CA TRP C 576 -15.29 -21.46 28.18
C TRP C 576 -15.45 -22.97 28.01
N ARG C 577 -15.97 -23.67 29.02
CA ARG C 577 -16.14 -25.12 28.91
C ARG C 577 -17.08 -25.59 27.79
N ASN C 578 -17.92 -24.69 27.28
CA ASN C 578 -18.75 -24.96 26.10
C ASN C 578 -18.01 -24.75 24.76
N HIS C 579 -16.88 -24.05 24.77
CA HIS C 579 -16.13 -23.74 23.53
C HIS C 579 -14.69 -24.27 23.56
N PRO C 580 -14.52 -25.62 23.54
CA PRO C 580 -13.22 -26.28 23.50
C PRO C 580 -12.14 -25.64 22.62
N GLN C 581 -12.52 -25.12 21.45
CA GLN C 581 -11.56 -24.48 20.56
C GLN C 581 -10.96 -23.21 21.19
N MET C 582 -11.79 -22.42 21.88
CA MET C 582 -11.34 -21.20 22.56
C MET C 582 -10.40 -21.54 23.72
N ILE C 583 -10.72 -22.59 24.48
CA ILE C 583 -9.83 -23.08 25.54
C ILE C 583 -8.44 -23.31 24.95
N ALA C 584 -8.39 -24.08 23.86
CA ALA C 584 -7.15 -24.48 23.23
C ALA C 584 -6.31 -23.31 22.75
N VAL C 585 -6.93 -22.35 22.06
CA VAL C 585 -6.20 -21.18 21.56
C VAL C 585 -5.81 -20.19 22.66
N LEU C 586 -6.53 -20.20 23.79
CA LEU C 586 -6.18 -19.36 24.93
C LEU C 586 -4.99 -19.95 25.69
N VAL C 587 -5.10 -21.23 26.05
CA VAL C 587 -4.01 -21.98 26.69
C VAL C 587 -2.71 -21.80 25.89
N ASP C 588 -2.83 -21.83 24.56
CA ASP C 588 -1.70 -21.60 23.67
C ASP C 588 -1.08 -20.21 23.85
N LYS C 589 -1.92 -19.17 23.86
CA LYS C 589 -1.44 -17.80 24.00
C LYS C 589 -0.88 -17.57 25.40
N MET C 590 -1.52 -18.16 26.41
CA MET C 590 -1.05 -18.04 27.78
C MET C 590 0.33 -18.66 27.98
N ILE C 591 0.61 -19.78 27.30
CA ILE C 591 1.94 -20.39 27.33
C ILE C 591 2.96 -19.55 26.56
N ARG C 592 2.56 -19.02 25.41
CA ARG C 592 3.46 -18.24 24.56
C ARG C 592 3.90 -16.90 25.19
N THR C 593 3.02 -16.28 25.96
CA THR C 593 3.31 -15.01 26.64
C THR C 593 3.69 -15.19 28.12
N GLN C 594 3.87 -16.45 28.54
CA GLN C 594 4.32 -16.83 29.88
C GLN C 594 3.37 -16.50 31.03
N ILE C 595 2.07 -16.34 30.72
CA ILE C 595 1.04 -16.23 31.77
C ILE C 595 1.09 -17.51 32.60
N VAL C 596 1.09 -18.65 31.90
CA VAL C 596 1.33 -19.96 32.51
C VAL C 596 2.54 -20.63 31.85
N ASP C 597 2.93 -21.78 32.39
CA ASP C 597 3.97 -22.62 31.81
C ASP C 597 3.44 -24.01 31.50
N CYS C 598 4.21 -24.76 30.73
CA CYS C 598 3.79 -26.10 30.28
C CYS C 598 3.46 -27.03 31.44
N ALA C 599 4.23 -26.94 32.53
CA ALA C 599 3.99 -27.77 33.71
C ALA C 599 2.63 -27.52 34.35
N ALA C 600 2.21 -26.26 34.43
CA ALA C 600 0.89 -25.90 34.93
C ALA C 600 -0.20 -26.56 34.10
N VAL C 601 -0.08 -26.43 32.77
CA VAL C 601 -1.05 -26.98 31.83
C VAL C 601 -1.10 -28.52 31.90
N ALA C 602 0.05 -29.15 32.12
CA ALA C 602 0.11 -30.59 32.27
C ALA C 602 -0.69 -31.06 33.48
N ASN C 603 -0.44 -30.45 34.65
CA ASN C 603 -1.17 -30.78 35.89
C ASN C 603 -2.67 -30.50 35.76
N TRP C 604 -2.98 -29.33 35.19
CA TRP C 604 -4.36 -28.92 34.91
C TRP C 604 -5.17 -29.94 34.10
N ILE C 605 -4.51 -30.60 33.14
CA ILE C 605 -5.16 -31.62 32.28
C ILE C 605 -5.50 -32.90 33.06
N PHE C 606 -4.61 -33.32 33.94
CA PHE C 606 -4.88 -34.50 34.77
C PHE C 606 -5.64 -34.19 36.07
N SER C 607 -5.97 -32.91 36.31
CA SER C 607 -6.74 -32.51 37.49
C SER C 607 -8.19 -33.00 37.43
N SER C 608 -8.89 -32.86 38.55
CA SER C 608 -10.27 -33.32 38.68
C SER C 608 -11.31 -32.46 37.93
N GLU C 609 -10.98 -31.19 37.65
CA GLU C 609 -11.88 -30.28 36.91
C GLU C 609 -12.14 -30.73 35.47
N LEU C 610 -11.15 -31.40 34.87
CA LEU C 610 -11.26 -31.99 33.52
C LEU C 610 -11.44 -33.51 33.58
N SER C 611 -11.97 -34.03 34.70
CA SER C 611 -12.14 -35.46 34.90
C SER C 611 -13.29 -36.01 34.05
N ARG C 612 -14.36 -35.24 33.95
CA ARG C 612 -15.52 -35.56 33.10
C ARG C 612 -15.19 -35.51 31.61
N ASP C 613 -14.32 -34.58 31.22
CA ASP C 613 -13.95 -34.33 29.82
C ASP C 613 -12.60 -34.99 29.40
N PHE C 614 -12.09 -35.90 30.22
CA PHE C 614 -10.76 -36.48 30.06
C PHE C 614 -10.62 -37.35 28.79
N THR C 615 -11.70 -38.06 28.45
CA THR C 615 -11.74 -38.90 27.25
C THR C 615 -11.98 -38.12 25.95
N ARG C 616 -12.42 -36.86 26.06
CA ARG C 616 -12.65 -36.02 24.89
C ARG C 616 -11.34 -35.60 24.22
N LEU C 617 -11.40 -35.35 22.91
CA LEU C 617 -10.21 -35.08 22.10
C LEU C 617 -9.50 -33.79 22.48
N PHE C 618 -10.24 -32.70 22.66
CA PHE C 618 -9.64 -31.37 22.86
C PHE C 618 -8.60 -31.32 23.99
N VAL C 619 -8.82 -32.13 25.05
CA VAL C 619 -7.85 -32.27 26.14
C VAL C 619 -6.48 -32.63 25.58
N TRP C 620 -6.46 -33.65 24.74
CA TRP C 620 -5.21 -34.19 24.20
C TRP C 620 -4.64 -33.34 23.07
N GLU C 621 -5.49 -32.60 22.36
CA GLU C 621 -5.01 -31.55 21.47
C GLU C 621 -4.20 -30.53 22.25
N ILE C 622 -4.72 -30.12 23.40
CA ILE C 622 -4.07 -29.11 24.24
C ILE C 622 -2.78 -29.65 24.83
N LEU C 623 -2.79 -30.89 25.31
CA LEU C 623 -1.57 -31.50 25.84
C LEU C 623 -0.49 -31.57 24.77
N HIS C 624 -0.83 -32.10 23.60
CA HIS C 624 0.16 -32.30 22.53
C HIS C 624 0.65 -30.97 21.98
N SER C 625 -0.24 -30.00 21.87
CA SER C 625 0.13 -28.66 21.43
C SER C 625 1.15 -28.09 22.42
N THR C 626 0.83 -28.24 23.70
CA THR C 626 1.71 -27.82 24.78
C THR C 626 3.09 -28.49 24.69
N ILE C 627 3.10 -29.82 24.53
CA ILE C 627 4.36 -30.57 24.37
C ILE C 627 5.15 -30.07 23.14
N ARG C 628 4.46 -29.78 22.04
CA ARG C 628 5.11 -29.27 20.82
C ARG C 628 5.79 -27.92 21.02
N LYS C 629 5.11 -26.99 21.71
CA LYS C 629 5.69 -25.67 22.04
C LYS C 629 6.98 -25.85 22.85
N MET C 630 6.95 -26.77 23.81
CA MET C 630 8.11 -27.12 24.61
C MET C 630 9.24 -27.65 23.74
N ASN C 631 8.93 -28.59 22.86
CA ASN C 631 9.96 -29.20 22.01
C ASN C 631 10.58 -28.19 21.02
N LYS C 632 9.76 -27.27 20.52
CA LYS C 632 10.22 -26.23 19.59
C LYS C 632 11.05 -25.17 20.30
N HIS C 633 10.66 -24.83 21.52
CA HIS C 633 11.43 -23.92 22.37
C HIS C 633 12.86 -24.42 22.59
N VAL C 634 13.02 -25.72 22.85
CA VAL C 634 14.34 -26.33 22.99
C VAL C 634 15.10 -26.24 21.67
N LEU C 635 14.42 -26.57 20.57
CA LEU C 635 15.04 -26.57 19.25
C LEU C 635 15.56 -25.20 18.84
N LYS C 636 14.76 -24.17 19.10
CA LYS C 636 15.13 -22.78 18.76
C LYS C 636 16.37 -22.33 19.54
N ILE C 637 16.40 -22.62 20.84
CA ILE C 637 17.56 -22.31 21.69
C ILE C 637 18.77 -23.12 21.19
N GLN C 638 18.55 -24.37 20.78
CA GLN C 638 19.64 -25.21 20.25
C GLN C 638 20.23 -24.70 18.94
N LYS C 639 19.42 -24.08 18.09
CA LYS C 639 19.90 -23.54 16.81
C LYS C 639 20.51 -22.15 16.93
N GLU C 640 20.07 -21.36 17.90
CA GLU C 640 20.78 -20.12 18.27
C GLU C 640 22.20 -20.42 18.77
N LEU C 641 22.38 -21.59 19.39
CA LEU C 641 23.70 -22.05 19.83
C LEU C 641 24.62 -22.40 18.66
N GLU C 642 24.15 -23.20 17.70
CA GLU C 642 24.99 -23.56 16.54
C GLU C 642 25.20 -22.42 15.54
N GLU C 643 24.24 -21.51 15.44
CA GLU C 643 24.41 -20.27 14.65
C GLU C 643 25.43 -19.31 15.27
N ALA C 644 25.66 -19.42 16.58
CA ALA C 644 26.72 -18.67 17.25
C ALA C 644 28.09 -19.36 17.13
N LYS C 645 28.12 -20.70 17.23
CA LYS C 645 29.36 -21.48 17.07
C LYS C 645 29.92 -21.47 15.64
N GLU C 646 29.03 -21.50 14.65
CA GLU C 646 29.42 -21.34 13.24
C GLU C 646 29.91 -19.91 12.94
N LYS C 647 29.33 -18.91 13.61
CA LYS C 647 29.83 -17.52 13.52
C LYS C 647 31.23 -17.37 14.15
N LEU C 648 31.52 -18.17 15.17
CA LEU C 648 32.88 -18.23 15.75
C LEU C 648 33.90 -18.88 14.80
N ALA C 649 33.49 -19.95 14.11
CA ALA C 649 34.37 -20.67 13.17
C ALA C 649 34.73 -19.85 11.93
N ARG C 650 33.78 -19.07 11.40
CA ARG C 650 34.02 -18.15 10.28
C ARG C 650 35.00 -17.03 10.63
N GLN C 651 34.87 -16.49 11.84
CA GLN C 651 35.73 -15.41 12.33
C GLN C 651 37.17 -15.89 12.61
N HIS C 652 37.32 -17.17 12.96
CA HIS C 652 38.64 -17.83 13.07
C HIS C 652 39.02 -18.50 11.74
N ARG C 665 39.30 -9.12 20.56
CA ARG C 665 38.43 -8.21 21.33
C ARG C 665 36.95 -8.56 21.17
N LYS C 666 36.51 -8.71 19.92
CA LYS C 666 35.13 -9.17 19.61
C LYS C 666 34.92 -10.68 19.80
N ASP C 667 35.97 -11.49 19.60
CA ASP C 667 35.89 -12.95 19.81
C ASP C 667 35.80 -13.37 21.29
N GLY C 668 36.32 -12.53 22.18
CA GLY C 668 36.17 -12.73 23.62
C GLY C 668 34.77 -12.50 24.16
N VAL C 669 33.96 -11.71 23.44
CA VAL C 669 32.56 -11.43 23.80
C VAL C 669 31.64 -12.51 23.23
N LEU C 670 31.86 -12.88 21.96
CA LEU C 670 31.04 -13.91 21.28
C LEU C 670 31.19 -15.28 21.92
N GLU C 671 32.37 -15.61 22.41
CA GLU C 671 32.62 -16.90 23.08
C GLU C 671 31.93 -16.99 24.46
N GLU C 672 31.71 -15.83 25.09
CA GLU C 672 30.94 -15.74 26.34
C GLU C 672 29.42 -15.78 26.11
N GLN C 673 28.95 -15.40 24.92
CA GLN C 673 27.55 -15.63 24.51
C GLN C 673 27.26 -17.12 24.31
N ILE C 674 28.25 -17.88 23.84
CA ILE C 674 28.16 -19.34 23.69
C ILE C 674 28.03 -20.04 25.05
N GLU C 675 28.79 -19.57 26.04
CA GLU C 675 28.65 -20.10 27.40
C GLU C 675 27.25 -19.83 27.99
N ARG C 676 26.67 -18.68 27.65
CA ARG C 676 25.29 -18.39 28.07
C ARG C 676 24.24 -19.26 27.40
N LEU C 677 24.38 -19.46 26.08
CA LEU C 677 23.42 -20.30 25.32
C LEU C 677 23.48 -21.78 25.71
N GLN C 678 24.68 -22.32 25.99
CA GLN C 678 24.80 -23.69 26.51
C GLN C 678 24.10 -23.87 27.86
N GLU C 679 24.05 -22.80 28.66
CA GLU C 679 23.30 -22.79 29.92
C GLU C 679 21.77 -22.75 29.66
N LYS C 680 21.33 -21.93 28.70
CA LYS C 680 19.92 -21.83 28.35
C LYS C 680 19.37 -23.13 27.74
N VAL C 681 20.17 -23.78 26.91
CA VAL C 681 19.86 -25.10 26.35
C VAL C 681 19.59 -26.10 27.48
N GLU C 682 20.52 -26.14 28.44
CA GLU C 682 20.44 -27.10 29.54
C GLU C 682 19.26 -26.83 30.45
N SER C 683 18.94 -25.56 30.67
CA SER C 683 17.76 -25.20 31.47
C SER C 683 16.48 -25.54 30.70
N ALA C 684 16.49 -25.31 29.39
CA ALA C 684 15.35 -25.65 28.51
C ALA C 684 15.13 -27.15 28.41
N GLN C 685 16.21 -27.90 28.16
CA GLN C 685 16.17 -29.36 28.14
C GLN C 685 15.73 -29.94 29.48
N SER C 686 16.09 -29.26 30.57
CA SER C 686 15.65 -29.65 31.89
C SER C 686 14.15 -29.45 32.05
N GLU C 687 13.66 -28.29 31.63
CA GLU C 687 12.23 -27.99 31.64
C GLU C 687 11.43 -28.99 30.80
N GLN C 688 11.98 -29.32 29.63
CA GLN C 688 11.41 -30.32 28.71
C GLN C 688 11.29 -31.68 29.38
N LYS C 689 12.39 -32.14 29.97
CA LYS C 689 12.41 -33.44 30.64
C LYS C 689 11.36 -33.52 31.75
N ASN C 690 11.26 -32.45 32.51
CA ASN C 690 10.33 -32.41 33.64
C ASN C 690 8.88 -32.44 33.20
N LEU C 691 8.59 -31.84 32.04
CA LEU C 691 7.25 -31.88 31.47
C LEU C 691 6.80 -33.29 31.14
N PHE C 692 7.72 -34.10 30.62
CA PHE C 692 7.43 -35.50 30.35
C PHE C 692 7.32 -36.32 31.62
N LEU C 693 8.22 -36.07 32.58
CA LEU C 693 8.20 -36.78 33.87
C LEU C 693 6.92 -36.47 34.64
N VAL C 694 6.47 -35.21 34.62
CA VAL C 694 5.17 -34.85 35.18
C VAL C 694 4.10 -35.69 34.50
N ILE C 695 4.02 -35.62 33.18
CA ILE C 695 2.96 -36.31 32.41
C ILE C 695 2.95 -37.81 32.71
N PHE C 696 4.11 -38.46 32.68
CA PHE C 696 4.16 -39.89 32.93
C PHE C 696 3.73 -40.24 34.35
N GLN C 697 4.18 -39.45 35.33
CA GLN C 697 3.78 -39.65 36.73
C GLN C 697 2.28 -39.65 36.92
N ARG C 698 1.61 -38.71 36.27
CA ARG C 698 0.17 -38.54 36.43
C ARG C 698 -0.56 -39.71 35.75
N PHE C 699 -0.03 -40.18 34.63
CA PHE C 699 -0.56 -41.39 33.97
C PHE C 699 -0.43 -42.61 34.87
N ILE C 700 0.76 -42.82 35.40
CA ILE C 700 1.04 -43.96 36.28
C ILE C 700 0.16 -43.92 37.52
N MET C 701 -0.08 -42.72 38.05
CA MET C 701 -0.93 -42.52 39.22
C MET C 701 -2.38 -42.93 38.91
N ILE C 702 -3.01 -42.29 37.93
CA ILE C 702 -4.44 -42.53 37.64
C ILE C 702 -4.71 -43.91 37.02
N LEU C 703 -3.71 -44.50 36.35
CA LEU C 703 -3.84 -45.87 35.86
C LEU C 703 -3.72 -46.87 37.00
N THR C 704 -2.79 -46.64 37.93
CA THR C 704 -2.65 -47.46 39.14
C THR C 704 -3.92 -47.38 40.00
N GLU C 705 -4.42 -46.17 40.21
CA GLU C 705 -5.67 -45.92 40.95
C GLU C 705 -6.89 -46.68 40.38
N HIS C 706 -6.91 -46.89 39.07
CA HIS C 706 -7.94 -47.69 38.40
C HIS C 706 -7.71 -49.19 38.60
N LEU C 707 -6.48 -49.65 38.36
CA LEU C 707 -6.13 -51.07 38.45
C LEU C 707 -6.24 -51.66 39.86
N VAL C 708 -5.94 -50.84 40.87
CA VAL C 708 -6.11 -51.23 42.28
C VAL C 708 -7.60 -51.36 42.63
N ARG C 709 -8.40 -50.35 42.28
CA ARG C 709 -9.85 -50.38 42.55
C ARG C 709 -10.61 -51.47 41.76
N CYS C 710 -10.05 -51.90 40.62
CA CYS C 710 -10.67 -52.97 39.82
C CYS C 710 -10.53 -54.36 40.46
N GLU C 711 -9.34 -54.68 40.98
CA GLU C 711 -9.16 -55.95 41.69
C GLU C 711 -9.78 -55.93 43.11
N THR C 712 -9.84 -54.76 43.74
CA THR C 712 -10.51 -54.59 45.04
C THR C 712 -12.02 -54.80 44.92
N ASP C 713 -12.65 -54.13 43.95
CA ASP C 713 -14.10 -54.26 43.71
C ASP C 713 -14.49 -55.44 42.81
N GLY C 714 -13.50 -56.17 42.26
CA GLY C 714 -13.76 -57.33 41.39
C GLY C 714 -14.31 -57.03 40.00
N THR C 715 -14.31 -55.76 39.60
CA THR C 715 -14.92 -55.31 38.34
C THR C 715 -14.01 -55.66 37.15
N SER C 716 -14.49 -55.36 35.95
CA SER C 716 -13.70 -55.52 34.73
C SER C 716 -12.64 -54.42 34.63
N VAL C 717 -11.45 -54.82 34.18
CA VAL C 717 -10.32 -53.89 34.00
C VAL C 717 -10.54 -53.05 32.73
N LEU C 718 -10.85 -53.75 31.64
CA LEU C 718 -10.90 -53.16 30.30
C LEU C 718 -12.18 -52.37 30.03
N THR C 719 -12.35 -51.26 30.75
CA THR C 719 -13.50 -50.35 30.56
C THR C 719 -13.24 -49.43 29.37
N PRO C 720 -14.25 -48.63 28.95
CA PRO C 720 -13.99 -47.56 27.97
C PRO C 720 -13.00 -46.48 28.44
N TRP C 721 -13.10 -46.04 29.69
CA TRP C 721 -12.19 -45.04 30.25
C TRP C 721 -10.73 -45.51 30.24
N TYR C 722 -10.51 -46.78 30.61
CA TYR C 722 -9.17 -47.37 30.62
C TYR C 722 -8.56 -47.45 29.22
N LYS C 723 -9.38 -47.85 28.24
CA LYS C 723 -8.94 -47.96 26.84
C LYS C 723 -8.36 -46.63 26.36
N ASN C 724 -9.11 -45.55 26.58
CA ASN C 724 -8.65 -44.20 26.28
C ASN C 724 -7.30 -43.93 26.98
N CYS C 725 -7.31 -44.02 28.30
CA CYS C 725 -6.16 -43.61 29.11
C CYS C 725 -4.86 -44.36 28.79
N ILE C 726 -4.91 -45.70 28.77
CA ILE C 726 -3.72 -46.51 28.45
C ILE C 726 -3.17 -46.22 27.04
N GLU C 727 -4.06 -45.94 26.09
CA GLU C 727 -3.67 -45.64 24.71
C GLU C 727 -3.21 -44.18 24.52
N ARG C 728 -3.71 -43.25 25.34
CA ARG C 728 -3.16 -41.88 25.38
C ARG C 728 -1.76 -41.81 26.00
N LEU C 729 -1.46 -42.71 26.94
CA LEU C 729 -0.09 -42.89 27.43
C LEU C 729 0.78 -43.39 26.28
N GLN C 730 0.34 -44.48 25.66
CA GLN C 730 0.98 -45.05 24.47
C GLN C 730 1.21 -44.00 23.37
N GLN C 731 0.26 -43.07 23.21
CA GLN C 731 0.37 -41.97 22.24
C GLN C 731 1.56 -41.06 22.51
N ILE C 732 1.79 -40.72 23.78
CA ILE C 732 2.89 -39.85 24.18
C ILE C 732 4.21 -40.45 23.69
N PHE C 733 4.41 -41.74 23.95
CA PHE C 733 5.60 -42.47 23.49
C PHE C 733 5.75 -42.46 21.96
N LEU C 734 4.65 -42.68 21.24
CA LEU C 734 4.68 -42.72 19.78
C LEU C 734 5.00 -41.35 19.19
N GLN C 735 4.29 -40.33 19.66
CA GLN C 735 4.50 -38.97 19.15
C GLN C 735 5.91 -38.46 19.36
N HIS C 736 6.55 -38.82 20.47
CA HIS C 736 7.83 -38.21 20.87
C HIS C 736 8.93 -39.23 21.19
N HIS C 737 8.89 -40.40 20.57
CA HIS C 737 9.84 -41.45 20.90
C HIS C 737 11.32 -41.03 20.86
N GLN C 738 11.69 -40.16 19.92
CA GLN C 738 13.11 -39.80 19.79
C GLN C 738 13.60 -38.92 20.94
N ILE C 739 12.74 -38.03 21.41
CA ILE C 739 13.02 -37.23 22.61
C ILE C 739 13.00 -38.07 23.88
N ILE C 740 11.96 -38.89 24.05
CA ILE C 740 11.83 -39.74 25.24
C ILE C 740 12.99 -40.74 25.38
N GLN C 741 13.56 -41.20 24.25
CA GLN C 741 14.80 -42.02 24.27
C GLN C 741 15.95 -41.41 25.08
N GLN C 742 16.04 -40.09 25.14
CA GLN C 742 17.05 -39.42 25.97
C GLN C 742 16.87 -39.67 27.48
N TYR C 743 15.68 -40.07 27.91
CA TYR C 743 15.34 -40.24 29.31
C TYR C 743 15.29 -41.70 29.79
N MET C 744 15.97 -42.62 29.10
CA MET C 744 15.85 -44.07 29.38
C MET C 744 16.27 -44.45 30.79
N VAL C 745 17.40 -43.91 31.21
CA VAL C 745 17.97 -44.22 32.52
C VAL C 745 17.04 -43.74 33.63
N THR C 746 16.61 -42.48 33.57
CA THR C 746 15.66 -41.93 34.55
C THR C 746 14.33 -42.70 34.55
N LEU C 747 13.84 -43.08 33.38
CA LEU C 747 12.55 -43.77 33.28
C LEU C 747 12.60 -45.22 33.77
N GLU C 748 13.71 -45.92 33.51
CA GLU C 748 13.88 -47.31 34.00
C GLU C 748 14.03 -47.36 35.53
N ASN C 749 14.81 -46.43 36.08
CA ASN C 749 15.12 -46.41 37.51
C ASN C 749 13.98 -45.85 38.38
N LEU C 750 13.38 -44.73 37.98
CA LEU C 750 12.48 -43.98 38.86
C LEU C 750 10.98 -44.07 38.58
N LEU C 751 10.57 -44.34 37.34
CA LEU C 751 9.13 -44.33 36.97
C LEU C 751 8.61 -45.67 36.48
N PHE C 752 9.17 -46.16 35.37
CA PHE C 752 8.74 -47.42 34.78
C PHE C 752 9.63 -48.56 35.26
N THR C 753 9.37 -48.97 36.51
CA THR C 753 10.13 -50.00 37.21
C THR C 753 9.35 -51.31 37.28
N ALA C 754 10.03 -52.37 37.71
CA ALA C 754 9.40 -53.70 37.87
C ALA C 754 8.24 -53.73 38.89
N GLU C 755 8.24 -52.80 39.85
CA GLU C 755 7.15 -52.67 40.84
C GLU C 755 5.75 -52.39 40.25
N LEU C 756 5.68 -51.81 39.04
CA LEU C 756 4.41 -51.43 38.43
C LEU C 756 3.61 -52.61 37.91
N ASP C 757 2.28 -52.41 37.86
CA ASP C 757 1.34 -53.36 37.28
C ASP C 757 1.75 -53.61 35.83
N PRO C 758 1.92 -54.90 35.41
CA PRO C 758 2.48 -55.16 34.07
C PRO C 758 1.66 -54.59 32.88
N HIS C 759 0.39 -54.25 33.13
CA HIS C 759 -0.41 -53.45 32.19
C HIS C 759 0.25 -52.10 31.86
N ILE C 760 0.64 -51.35 32.87
CA ILE C 760 1.32 -50.06 32.68
C ILE C 760 2.76 -50.24 32.17
N LEU C 761 3.50 -51.20 32.71
CA LEU C 761 4.88 -51.45 32.29
C LEU C 761 4.99 -51.97 30.85
N ALA C 762 3.95 -52.65 30.35
CA ALA C 762 3.92 -53.14 28.96
C ALA C 762 4.12 -52.02 27.93
N VAL C 763 3.47 -50.88 28.16
CA VAL C 763 3.56 -49.70 27.30
C VAL C 763 5.01 -49.22 27.19
N PHE C 764 5.72 -49.20 28.31
CA PHE C 764 7.12 -48.80 28.35
C PHE C 764 8.05 -49.83 27.68
N GLN C 765 7.80 -51.12 27.92
CA GLN C 765 8.58 -52.17 27.25
C GLN C 765 8.30 -52.22 25.74
N GLN C 766 7.09 -51.84 25.36
CA GLN C 766 6.73 -51.67 23.94
C GLN C 766 7.57 -50.54 23.33
N PHE C 767 7.54 -49.37 23.97
CA PHE C 767 8.38 -48.24 23.56
C PHE C 767 9.87 -48.59 23.46
N CYS C 768 10.40 -49.32 24.44
CA CYS C 768 11.77 -49.88 24.38
C CYS C 768 12.04 -50.61 23.07
N ALA C 769 11.06 -51.41 22.64
CA ALA C 769 11.21 -52.28 21.48
C ALA C 769 11.33 -51.57 20.14
N LEU C 770 10.92 -50.30 20.05
CA LEU C 770 10.98 -49.57 18.78
C LEU C 770 12.41 -49.40 18.25
N GLN C 771 13.37 -49.21 19.13
CA GLN C 771 14.79 -49.08 18.72
C GLN C 771 15.72 -50.14 19.31
N ALA C 772 15.16 -51.08 20.08
CA ALA C 772 15.92 -52.22 20.62
C ALA C 772 16.02 -53.35 19.61
N GLY D 6 22.87 -37.60 -6.15
CA GLY D 6 22.27 -36.25 -6.10
C GLY D 6 20.75 -36.31 -6.14
N LEU D 7 20.13 -35.45 -6.94
CA LEU D 7 18.67 -35.37 -7.07
C LEU D 7 18.23 -35.20 -8.53
N LEU D 8 16.95 -35.46 -8.79
CA LEU D 8 16.33 -35.24 -10.10
C LEU D 8 15.46 -34.00 -10.02
N LYS D 9 15.66 -33.06 -10.95
CA LYS D 9 14.82 -31.85 -11.05
C LYS D 9 13.33 -32.19 -11.15
N ALA D 10 13.01 -33.26 -11.88
CA ALA D 10 11.64 -33.74 -12.05
C ALA D 10 10.94 -34.11 -10.74
N LEU D 11 11.70 -34.68 -9.79
CA LEU D 11 11.15 -35.02 -8.46
C LEU D 11 11.09 -33.82 -7.51
N ARG D 12 12.08 -32.92 -7.61
CA ARG D 12 12.06 -31.67 -6.83
C ARG D 12 10.84 -30.78 -7.14
N SER D 13 10.26 -30.96 -8.33
CA SER D 13 9.03 -30.26 -8.73
C SER D 13 8.06 -30.05 -7.58
N ASP D 14 7.67 -28.79 -7.37
CA ASP D 14 6.78 -28.41 -6.28
C ASP D 14 5.94 -27.22 -6.73
N SER D 15 5.04 -27.50 -7.66
CA SER D 15 4.26 -26.48 -8.36
C SER D 15 3.26 -25.73 -7.49
N TYR D 16 2.75 -26.38 -6.44
CA TYR D 16 1.77 -25.73 -5.55
C TYR D 16 2.39 -24.64 -4.66
N VAL D 17 3.72 -24.63 -4.60
CA VAL D 17 4.50 -23.69 -3.78
C VAL D 17 5.09 -22.53 -4.60
N GLU D 18 5.12 -22.64 -5.93
CA GLU D 18 5.59 -21.54 -6.78
C GLU D 18 4.73 -20.29 -6.63
N LEU D 19 5.30 -19.16 -7.03
CA LEU D 19 4.69 -17.85 -6.82
C LEU D 19 3.57 -17.64 -7.83
N SER D 20 2.48 -17.00 -7.41
CA SER D 20 1.43 -16.60 -8.34
C SER D 20 1.89 -15.37 -9.13
N GLN D 21 1.06 -14.93 -10.07
CA GLN D 21 1.34 -13.71 -10.85
C GLN D 21 1.06 -12.41 -10.06
N TYR D 22 0.33 -12.50 -8.94
CA TYR D 22 0.00 -11.34 -8.12
C TYR D 22 1.24 -10.66 -7.51
N ARG D 23 1.23 -9.33 -7.52
CA ARG D 23 2.13 -8.52 -6.70
C ARG D 23 1.36 -7.40 -6.03
N ASP D 24 1.94 -6.90 -4.94
CA ASP D 24 1.33 -5.87 -4.10
C ASP D 24 1.81 -4.51 -4.59
N GLN D 25 0.86 -3.59 -4.79
CA GLN D 25 1.14 -2.27 -5.36
C GLN D 25 1.64 -1.30 -4.28
N HIS D 26 0.97 -1.28 -3.13
CA HIS D 26 1.44 -0.48 -1.97
C HIS D 26 2.77 -0.97 -1.36
N PHE D 27 3.36 -2.04 -1.92
CA PHE D 27 4.68 -2.51 -1.49
C PHE D 27 5.78 -1.50 -1.82
N ARG D 28 6.33 -0.87 -0.77
CA ARG D 28 7.50 0.02 -0.89
C ARG D 28 8.75 -0.79 -1.28
N GLY D 29 8.91 -1.02 -2.58
CA GLY D 29 10.09 -1.71 -3.08
C GLY D 29 10.00 -2.27 -4.48
N ASP D 30 11.15 -2.71 -4.95
CA ASP D 30 11.34 -3.36 -6.26
C ASP D 30 10.58 -4.70 -6.34
N ASN D 31 10.35 -5.19 -7.55
CA ASN D 31 9.76 -6.52 -7.75
C ASN D 31 10.69 -7.65 -7.29
N GLU D 32 11.96 -7.59 -7.69
CA GLU D 32 12.96 -8.58 -7.27
C GLU D 32 13.22 -8.57 -5.76
N GLU D 33 12.99 -7.42 -5.14
CA GLU D 33 13.04 -7.28 -3.67
C GLU D 33 11.80 -7.89 -2.99
N GLN D 34 10.64 -7.81 -3.67
CA GLN D 34 9.39 -8.46 -3.21
C GLN D 34 9.46 -9.98 -3.33
N GLU D 35 9.91 -10.47 -4.50
CA GLU D 35 10.07 -11.91 -4.76
C GLU D 35 11.00 -12.58 -3.74
N LYS D 36 12.06 -11.87 -3.36
CA LYS D 36 13.00 -12.36 -2.35
C LYS D 36 12.33 -12.54 -0.97
N LEU D 37 11.39 -11.64 -0.64
CA LEU D 37 10.57 -11.78 0.58
C LEU D 37 9.53 -12.90 0.47
N LEU D 38 8.87 -12.99 -0.70
CA LEU D 38 7.88 -14.03 -0.97
C LEU D 38 8.45 -15.46 -0.89
N LYS D 39 9.68 -15.64 -1.32
CA LYS D 39 10.36 -16.95 -1.26
C LYS D 39 10.81 -17.38 0.13
N LYS D 40 10.89 -16.44 1.08
CA LYS D 40 11.23 -16.74 2.47
C LYS D 40 10.06 -16.53 3.44
N SER D 41 8.90 -16.15 2.92
CA SER D 41 7.75 -15.84 3.78
C SER D 41 7.18 -17.07 4.47
N CYS D 42 6.57 -16.83 5.63
CA CYS D 42 5.74 -17.82 6.30
C CYS D 42 4.30 -17.33 6.39
N THR D 43 3.90 -16.46 5.47
CA THR D 43 2.67 -15.71 5.60
C THR D 43 1.86 -15.86 4.32
N LEU D 44 0.58 -16.23 4.47
CA LEU D 44 -0.28 -16.51 3.33
C LEU D 44 -1.48 -15.57 3.25
N TYR D 45 -1.75 -15.04 2.05
CA TYR D 45 -3.05 -14.44 1.74
C TYR D 45 -4.02 -15.58 1.50
N VAL D 46 -5.24 -15.43 2.01
CA VAL D 46 -6.31 -16.40 1.81
C VAL D 46 -7.53 -15.69 1.22
N GLY D 47 -7.79 -15.91 -0.07
CA GLY D 47 -8.91 -15.29 -0.79
C GLY D 47 -10.18 -16.13 -0.88
N ASN D 48 -11.26 -15.46 -1.27
CA ASN D 48 -12.58 -16.06 -1.52
C ASN D 48 -13.31 -16.62 -0.28
N LEU D 49 -13.00 -16.08 0.90
CA LEU D 49 -13.75 -16.43 2.11
C LEU D 49 -15.16 -15.84 2.04
N SER D 50 -16.09 -16.49 2.74
CA SER D 50 -17.37 -15.89 3.05
C SER D 50 -17.13 -14.74 4.02
N PHE D 51 -18.03 -13.76 4.02
CA PHE D 51 -18.04 -12.70 5.04
C PHE D 51 -18.49 -13.26 6.39
N TYR D 52 -19.25 -14.36 6.36
CA TYR D 52 -19.72 -15.04 7.57
C TYR D 52 -18.69 -16.03 8.16
N THR D 53 -17.58 -16.26 7.44
CA THR D 53 -16.53 -17.18 7.89
C THR D 53 -15.77 -16.62 9.10
N THR D 54 -15.88 -17.34 10.22
CA THR D 54 -15.30 -16.94 11.51
C THR D 54 -13.83 -17.41 11.68
N GLU D 55 -13.06 -16.68 12.50
CA GLU D 55 -11.69 -17.08 12.89
C GLU D 55 -11.59 -18.50 13.44
N GLU D 56 -12.64 -18.96 14.14
CA GLU D 56 -12.76 -20.34 14.62
C GLU D 56 -12.55 -21.35 13.49
N GLN D 57 -13.16 -21.07 12.33
CA GLN D 57 -13.07 -21.94 11.16
C GLN D 57 -11.70 -21.87 10.48
N ILE D 58 -11.20 -20.66 10.28
CA ILE D 58 -9.88 -20.47 9.66
C ILE D 58 -8.79 -21.15 10.50
N TYR D 59 -8.89 -21.02 11.83
CA TYR D 59 -7.90 -21.63 12.73
C TYR D 59 -7.96 -23.15 12.66
N GLU D 60 -9.16 -23.74 12.63
CA GLU D 60 -9.30 -25.20 12.59
C GLU D 60 -8.71 -25.81 11.32
N LEU D 61 -9.01 -25.21 10.17
CA LEU D 61 -8.54 -25.72 8.87
C LEU D 61 -7.03 -25.56 8.74
N PHE D 62 -6.56 -24.31 8.85
CA PHE D 62 -5.15 -23.99 8.62
C PHE D 62 -4.20 -24.56 9.69
N SER D 63 -4.74 -24.96 10.84
CA SER D 63 -3.98 -25.73 11.84
C SER D 63 -3.52 -27.11 11.35
N LYS D 64 -4.22 -27.67 10.36
CA LYS D 64 -3.90 -28.99 9.85
C LYS D 64 -2.56 -29.08 9.10
N SER D 65 -2.03 -27.96 8.64
CA SER D 65 -0.71 -27.94 8.01
C SER D 65 0.42 -27.59 8.96
N GLY D 66 0.09 -27.20 10.19
CA GLY D 66 1.09 -26.77 11.18
C GLY D 66 0.56 -25.74 12.18
N ASP D 67 1.37 -25.44 13.20
CA ASP D 67 0.96 -24.53 14.29
C ASP D 67 0.93 -23.07 13.79
N ILE D 68 -0.21 -22.40 14.02
CA ILE D 68 -0.42 -21.03 13.54
C ILE D 68 0.13 -20.00 14.52
N LYS D 69 0.91 -19.05 13.99
CA LYS D 69 1.38 -17.90 14.74
C LYS D 69 0.29 -16.84 14.87
N LYS D 70 -0.25 -16.40 13.73
CA LYS D 70 -1.16 -15.26 13.70
C LYS D 70 -2.16 -15.31 12.53
N ILE D 71 -3.45 -15.13 12.87
CA ILE D 71 -4.51 -14.88 11.89
C ILE D 71 -4.86 -13.40 11.98
N ILE D 72 -4.81 -12.71 10.85
CA ILE D 72 -5.20 -11.31 10.74
C ILE D 72 -6.36 -11.24 9.77
N MET D 73 -7.58 -11.08 10.28
CA MET D 73 -8.78 -11.03 9.42
C MET D 73 -8.77 -9.86 8.46
N GLY D 74 -9.41 -10.06 7.31
CA GLY D 74 -9.50 -9.04 6.26
C GLY D 74 -10.73 -8.20 6.50
N LEU D 75 -10.52 -6.89 6.71
CA LEU D 75 -11.57 -5.98 7.17
C LEU D 75 -11.99 -4.98 6.09
N ASP D 76 -13.26 -4.57 6.15
CA ASP D 76 -13.76 -3.45 5.36
C ASP D 76 -13.14 -2.18 5.94
N LYS D 77 -12.60 -1.30 5.09
CA LYS D 77 -11.88 -0.11 5.56
C LYS D 77 -12.77 0.88 6.33
N MET D 78 -14.04 0.98 5.94
CA MET D 78 -15.00 1.86 6.60
C MET D 78 -15.64 1.13 7.80
N LYS D 79 -16.29 0.00 7.52
CA LYS D 79 -17.12 -0.72 8.52
C LYS D 79 -16.34 -1.53 9.55
N LYS D 80 -15.13 -1.97 9.19
CA LYS D 80 -14.34 -2.94 9.97
C LYS D 80 -15.10 -4.26 10.24
N THR D 81 -15.85 -4.69 9.21
CA THR D 81 -16.48 -6.01 9.14
C THR D 81 -15.63 -6.89 8.24
N ALA D 82 -15.79 -8.21 8.39
CA ALA D 82 -15.10 -9.18 7.54
C ALA D 82 -15.55 -9.03 6.08
N CYS D 83 -14.64 -8.58 5.21
CA CYS D 83 -14.93 -8.38 3.78
C CYS D 83 -14.33 -9.45 2.86
N GLY D 84 -14.09 -10.64 3.39
CA GLY D 84 -13.90 -11.86 2.59
C GLY D 84 -12.51 -12.38 2.33
N PHE D 85 -11.50 -11.91 3.08
CA PHE D 85 -10.16 -12.52 3.02
C PHE D 85 -9.51 -12.52 4.40
N CYS D 86 -8.30 -13.08 4.46
CA CYS D 86 -7.46 -12.97 5.67
C CYS D 86 -6.00 -13.29 5.37
N PHE D 87 -5.15 -13.11 6.38
CA PHE D 87 -3.75 -13.55 6.32
C PHE D 87 -3.51 -14.61 7.38
N VAL D 88 -2.62 -15.55 7.07
CA VAL D 88 -2.27 -16.62 8.00
C VAL D 88 -0.75 -16.72 8.05
N GLU D 89 -0.20 -16.51 9.25
CA GLU D 89 1.24 -16.60 9.48
C GLU D 89 1.56 -17.86 10.27
N TYR D 90 2.59 -18.59 9.81
CA TYR D 90 3.10 -19.79 10.47
C TYR D 90 4.47 -19.49 11.06
N TYR D 91 4.91 -20.33 12.00
CA TYR D 91 6.26 -20.20 12.55
C TYR D 91 7.34 -20.68 11.58
N SER D 92 7.08 -21.76 10.84
CA SER D 92 8.03 -22.23 9.83
C SER D 92 7.50 -22.09 8.40
N ARG D 93 8.44 -21.98 7.47
CA ARG D 93 8.18 -21.99 6.04
C ARG D 93 7.51 -23.31 5.66
N ALA D 94 8.05 -24.43 6.15
CA ALA D 94 7.56 -25.78 5.83
C ALA D 94 6.06 -25.96 6.10
N ASP D 95 5.58 -25.37 7.19
CA ASP D 95 4.16 -25.46 7.54
C ASP D 95 3.31 -24.62 6.59
N ALA D 96 3.81 -23.46 6.20
CA ALA D 96 3.13 -22.62 5.21
C ALA D 96 3.11 -23.30 3.83
N GLU D 97 4.24 -23.89 3.45
CA GLU D 97 4.32 -24.68 2.21
C GLU D 97 3.27 -25.78 2.17
N ASN D 98 3.08 -26.49 3.28
CA ASN D 98 2.06 -27.54 3.35
C ASN D 98 0.63 -27.00 3.22
N ALA D 99 0.35 -25.81 3.73
CA ALA D 99 -0.97 -25.18 3.54
C ALA D 99 -1.24 -24.91 2.06
N MET D 100 -0.23 -24.33 1.40
CA MET D 100 -0.26 -24.08 -0.04
C MET D 100 -0.43 -25.36 -0.88
N ARG D 101 0.11 -26.47 -0.39
CA ARG D 101 0.01 -27.76 -1.07
C ARG D 101 -1.33 -28.45 -0.91
N TYR D 102 -1.92 -28.38 0.28
CA TYR D 102 -3.08 -29.24 0.60
C TYR D 102 -4.35 -28.54 1.05
N ILE D 103 -4.26 -27.27 1.44
CA ILE D 103 -5.45 -26.49 1.82
C ILE D 103 -5.91 -25.59 0.66
N ASN D 104 -4.95 -25.00 -0.04
CA ASN D 104 -5.20 -24.27 -1.28
C ASN D 104 -6.12 -25.06 -2.20
N GLY D 105 -7.19 -24.43 -2.66
CA GLY D 105 -8.12 -25.08 -3.59
C GLY D 105 -9.06 -26.11 -2.97
N THR D 106 -9.21 -26.11 -1.66
CA THR D 106 -10.22 -26.94 -0.98
C THR D 106 -11.26 -26.05 -0.33
N ARG D 107 -12.28 -26.66 0.27
CA ARG D 107 -13.42 -25.90 0.78
C ARG D 107 -13.26 -25.41 2.21
N LEU D 108 -13.67 -24.18 2.44
CA LEU D 108 -13.83 -23.60 3.77
C LEU D 108 -15.16 -22.87 3.81
N ASP D 109 -16.09 -23.40 4.59
CA ASP D 109 -17.46 -22.87 4.67
C ASP D 109 -18.19 -23.05 3.32
N ASP D 110 -17.99 -24.22 2.73
CA ASP D 110 -18.51 -24.61 1.41
C ASP D 110 -18.06 -23.74 0.22
N ARG D 111 -16.93 -23.06 0.35
CA ARG D 111 -16.37 -22.23 -0.74
C ARG D 111 -14.95 -22.66 -1.05
N ILE D 112 -14.63 -22.79 -2.33
CA ILE D 112 -13.26 -23.10 -2.74
C ILE D 112 -12.40 -21.86 -2.50
N ILE D 113 -11.51 -21.95 -1.51
CA ILE D 113 -10.62 -20.86 -1.13
C ILE D 113 -9.27 -20.99 -1.82
N ARG D 114 -8.62 -19.85 -2.04
CA ARG D 114 -7.35 -19.78 -2.73
C ARG D 114 -6.35 -19.17 -1.77
N THR D 115 -5.15 -19.73 -1.75
CA THR D 115 -4.05 -19.18 -0.93
C THR D 115 -2.96 -18.63 -1.83
N ASP D 116 -2.21 -17.67 -1.29
CA ASP D 116 -1.05 -17.14 -1.99
C ASP D 116 0.00 -16.69 -1.00
N TRP D 117 1.27 -16.79 -1.40
CA TRP D 117 2.37 -16.25 -0.61
C TRP D 117 2.23 -14.74 -0.50
N ASP D 118 2.50 -14.20 0.68
CA ASP D 118 2.48 -12.76 0.93
C ASP D 118 3.89 -12.32 1.35
N ALA D 119 4.26 -11.10 0.98
CA ALA D 119 5.59 -10.57 1.29
C ALA D 119 5.78 -10.20 2.77
N GLY D 120 4.66 -10.11 3.49
CA GLY D 120 4.67 -9.91 4.94
C GLY D 120 3.63 -8.86 5.28
N PHE D 121 2.87 -9.13 6.34
CA PHE D 121 1.87 -8.19 6.82
C PHE D 121 2.52 -6.89 7.31
N LYS D 122 1.89 -5.76 6.97
CA LYS D 122 2.16 -4.45 7.57
C LYS D 122 0.82 -3.89 8.03
N GLU D 123 0.86 -2.80 8.79
CA GLU D 123 -0.38 -2.09 9.15
C GLU D 123 -0.98 -1.44 7.90
N GLY D 124 -2.31 -1.51 7.79
CA GLY D 124 -3.04 -1.03 6.61
C GLY D 124 -3.43 -2.10 5.60
N ARG D 125 -2.67 -3.18 5.56
CA ARG D 125 -2.90 -4.26 4.60
C ARG D 125 -4.13 -5.12 4.90
N GLN D 126 -4.58 -5.13 6.15
CA GLN D 126 -5.83 -5.81 6.53
C GLN D 126 -7.10 -5.22 5.88
N TYR D 127 -7.02 -3.96 5.47
CA TYR D 127 -8.20 -3.24 4.95
C TYR D 127 -8.37 -3.45 3.45
N GLY D 128 -9.63 -3.60 3.03
CA GLY D 128 -9.97 -3.73 1.62
C GLY D 128 -9.73 -2.43 0.87
N ARG D 129 -9.03 -2.53 -0.25
CA ARG D 129 -8.66 -1.37 -1.07
C ARG D 129 -9.69 -1.02 -2.15
N GLY D 130 -10.88 -1.63 -2.09
CA GLY D 130 -11.98 -1.23 -2.96
C GLY D 130 -12.50 0.15 -2.61
N ARG D 131 -13.07 0.82 -3.61
CA ARG D 131 -13.58 2.19 -3.46
C ARG D 131 -14.63 2.32 -2.35
N SER D 132 -15.54 1.35 -2.24
CA SER D 132 -16.60 1.36 -1.23
C SER D 132 -16.24 0.65 0.09
N GLY D 133 -14.95 0.33 0.29
CA GLY D 133 -14.45 -0.21 1.57
C GLY D 133 -14.05 -1.67 1.52
N GLY D 134 -14.82 -2.49 0.80
CA GLY D 134 -14.54 -3.92 0.64
C GLY D 134 -13.39 -4.21 -0.30
N GLN D 135 -13.26 -5.47 -0.71
CA GLN D 135 -12.21 -5.87 -1.65
C GLN D 135 -12.51 -5.35 -3.05
N VAL D 136 -11.44 -5.09 -3.80
CA VAL D 136 -11.51 -4.66 -5.21
C VAL D 136 -12.34 -5.64 -6.04
N ARG D 137 -12.19 -6.93 -5.74
CA ARG D 137 -12.92 -8.00 -6.43
C ARG D 137 -14.46 -7.89 -6.32
N ASP D 138 -14.96 -7.29 -5.23
CA ASP D 138 -16.41 -7.13 -4.99
C ASP D 138 -17.09 -5.89 -5.63
N GLU D 139 -16.33 -5.06 -6.34
CA GLU D 139 -16.87 -3.84 -6.95
C GLU D 139 -17.29 -4.05 -8.40
N TYR D 140 -16.38 -4.63 -9.19
CA TYR D 140 -16.64 -4.98 -10.61
C TYR D 140 -17.79 -5.98 -10.79
N ARG D 141 -17.69 -7.12 -10.11
CA ARG D 141 -18.43 -8.35 -10.44
C ARG D 141 -19.94 -8.22 -10.64
N GLN D 142 -20.46 -8.99 -11.60
CA GLN D 142 -21.88 -9.01 -11.97
C GLN D 142 -22.70 -9.98 -11.10
N ASP D 143 -22.16 -11.18 -10.90
CA ASP D 143 -22.85 -12.32 -10.24
C ASP D 143 -23.47 -12.02 -8.87
N TYR D 144 -24.45 -12.84 -8.48
CA TYR D 144 -24.94 -12.88 -7.10
C TYR D 144 -24.10 -13.87 -6.29
N ASP D 145 -23.88 -13.55 -5.02
CA ASP D 145 -23.08 -14.36 -4.11
C ASP D 145 -23.42 -14.02 -2.64
N ALA D 146 -24.28 -14.84 -2.03
CA ALA D 146 -24.83 -14.58 -0.68
C ALA D 146 -23.76 -14.33 0.39
N GLY D 147 -22.74 -15.17 0.40
CA GLY D 147 -21.62 -15.05 1.34
C GLY D 147 -20.73 -13.84 1.12
N ARG D 148 -20.68 -13.32 -0.10
CA ARG D 148 -19.86 -12.15 -0.46
C ARG D 148 -20.62 -10.81 -0.45
N GLY D 149 -21.82 -10.79 0.15
CA GLY D 149 -22.61 -9.54 0.32
C GLY D 149 -23.91 -9.53 -0.45
N GLY D 150 -23.85 -9.91 -1.73
CA GLY D 150 -25.01 -9.94 -2.62
C GLY D 150 -24.58 -9.69 -4.04
N TYR D 151 -25.04 -8.58 -4.63
CA TYR D 151 -24.54 -8.11 -5.94
C TYR D 151 -23.25 -7.33 -5.73
N GLY D 152 -22.66 -6.80 -6.81
CA GLY D 152 -21.47 -5.96 -6.73
C GLY D 152 -21.73 -4.58 -6.13
N LYS D 153 -21.01 -3.57 -6.63
CA LYS D 153 -21.11 -2.19 -6.11
C LYS D 153 -20.64 -1.17 -7.13
N THR E 9 5.50 14.88 70.01
CA THR E 9 6.23 13.72 69.38
C THR E 9 6.36 13.78 67.85
N GLU E 10 5.65 14.69 67.17
CA GLU E 10 5.84 14.92 65.73
C GLU E 10 7.18 15.59 65.42
N ASP E 11 7.55 16.59 66.22
CA ASP E 11 8.87 17.23 66.15
C ASP E 11 9.99 16.24 66.53
N HIS E 12 9.72 15.41 67.55
CA HIS E 12 10.64 14.35 68.00
C HIS E 12 10.84 13.26 66.92
N LEU E 13 9.75 12.87 66.26
CA LEU E 13 9.80 11.86 65.18
C LEU E 13 10.70 12.28 64.01
N GLU E 14 10.58 13.53 63.58
CA GLU E 14 11.35 14.01 62.44
C GLU E 14 12.85 13.99 62.74
N SER E 15 13.25 14.49 63.90
CA SER E 15 14.67 14.52 64.27
C SER E 15 15.26 13.12 64.52
N LEU E 16 14.44 12.18 65.00
CA LEU E 16 14.88 10.78 65.18
C LEU E 16 15.18 10.08 63.85
N ILE E 17 14.27 10.25 62.89
CA ILE E 17 14.45 9.69 61.54
C ILE E 17 15.62 10.37 60.82
N CYS E 18 15.76 11.69 60.98
CA CYS E 18 16.88 12.42 60.37
C CYS E 18 18.24 12.08 60.98
N LYS E 19 18.31 11.86 62.30
CA LYS E 19 19.60 11.67 62.98
C LYS E 19 20.24 10.29 62.79
N VAL E 20 19.44 9.25 62.57
CA VAL E 20 20.00 7.92 62.28
C VAL E 20 20.88 7.98 61.01
N GLY E 21 22.03 7.32 61.07
CA GLY E 21 23.02 7.37 59.98
C GLY E 21 24.15 8.36 60.20
N GLU E 22 23.95 9.34 61.08
CA GLU E 22 24.97 10.34 61.40
C GLU E 22 25.93 9.81 62.46
N LYS E 23 26.92 10.62 62.84
CA LYS E 23 27.81 10.36 64.00
C LYS E 23 27.02 9.81 65.21
N SER E 24 27.56 8.79 65.85
CA SER E 24 26.88 8.17 67.01
C SER E 24 27.84 7.40 67.89
N ALA E 25 27.49 7.29 69.18
CA ALA E 25 28.21 6.45 70.13
C ALA E 25 28.06 4.99 69.73
N CYS E 26 26.82 4.56 69.54
CA CYS E 26 26.50 3.20 69.08
C CYS E 26 26.81 3.02 67.60
N SER E 27 26.69 1.79 67.14
CA SER E 27 26.83 1.47 65.72
C SER E 27 25.55 1.83 64.94
N LEU E 28 25.65 1.77 63.62
CA LEU E 28 24.51 2.01 62.72
C LEU E 28 23.42 0.96 62.89
N GLU E 29 23.84 -0.30 63.03
CA GLU E 29 22.93 -1.44 63.20
C GLU E 29 22.11 -1.29 64.48
N SER E 30 22.76 -0.86 65.56
CA SER E 30 22.09 -0.62 66.84
C SER E 30 21.00 0.45 66.73
N ASN E 31 21.32 1.57 66.08
CA ASN E 31 20.38 2.70 65.95
C ASN E 31 19.15 2.36 65.10
N LEU E 32 19.35 1.62 64.00
CA LEU E 32 18.25 1.16 63.15
C LEU E 32 17.32 0.22 63.90
N GLU E 33 17.92 -0.75 64.60
CA GLU E 33 17.19 -1.68 65.48
C GLU E 33 16.35 -0.91 66.50
N GLY E 34 16.98 0.06 67.16
CA GLY E 34 16.31 0.92 68.15
C GLY E 34 15.21 1.77 67.55
N LEU E 35 15.50 2.40 66.42
CA LEU E 35 14.53 3.28 65.75
C LEU E 35 13.34 2.50 65.20
N ALA E 36 13.61 1.38 64.53
CA ALA E 36 12.56 0.49 64.02
C ALA E 36 11.59 0.10 65.14
N GLY E 37 12.12 -0.16 66.33
CA GLY E 37 11.31 -0.43 67.52
C GLY E 37 10.46 0.75 67.96
N VAL E 38 11.08 1.93 68.03
CA VAL E 38 10.37 3.15 68.46
C VAL E 38 9.28 3.54 67.46
N LEU E 39 9.58 3.38 66.17
CA LEU E 39 8.60 3.68 65.12
C LEU E 39 7.41 2.71 65.11
N GLU E 40 7.66 1.42 65.36
CA GLU E 40 6.57 0.42 65.46
C GLU E 40 5.63 0.73 66.63
N ALA E 41 6.18 1.21 67.74
CA ALA E 41 5.39 1.67 68.90
C ALA E 41 4.48 2.85 68.55
N ASP E 42 4.95 3.77 67.70
CA ASP E 42 4.16 4.94 67.27
C ASP E 42 3.17 4.67 66.11
N LEU E 43 3.18 3.47 65.52
CA LEU E 43 2.28 3.12 64.40
C LEU E 43 0.77 3.20 64.70
N PRO E 44 0.32 2.71 65.88
CA PRO E 44 -1.09 2.86 66.28
C PRO E 44 -1.76 4.20 65.92
N ASN E 45 -1.12 5.32 66.27
CA ASN E 45 -1.71 6.67 66.09
C ASN E 45 -0.83 7.76 65.40
N TYR E 46 0.30 7.35 64.81
CA TYR E 46 1.11 8.25 63.96
C TYR E 46 1.55 7.59 62.64
N LYS E 47 0.79 6.59 62.16
CA LYS E 47 1.12 5.88 60.92
C LYS E 47 1.19 6.83 59.74
N SER E 48 0.30 7.82 59.71
CA SER E 48 0.25 8.82 58.65
C SER E 48 1.51 9.69 58.59
N LYS E 49 1.92 10.21 59.75
CA LYS E 49 3.18 11.01 59.86
C LYS E 49 4.39 10.24 59.37
N ILE E 50 4.54 9.01 59.85
CA ILE E 50 5.75 8.20 59.60
C ILE E 50 5.86 7.78 58.12
N LEU E 51 4.74 7.48 57.48
CA LEU E 51 4.72 7.20 56.04
C LEU E 51 5.19 8.41 55.23
N ARG E 52 4.71 9.59 55.61
CA ARG E 52 5.04 10.83 54.91
C ARG E 52 6.49 11.27 55.14
N LEU E 53 6.97 11.12 56.38
CA LEU E 53 8.35 11.46 56.73
C LEU E 53 9.36 10.53 56.07
N LEU E 54 9.03 9.24 55.95
CA LEU E 54 9.91 8.29 55.27
C LEU E 54 9.89 8.49 53.75
N CYS E 55 8.76 8.93 53.19
CA CYS E 55 8.71 9.31 51.78
C CYS E 55 9.55 10.56 51.48
N THR E 56 9.57 11.49 52.43
CA THR E 56 10.34 12.72 52.29
C THR E 56 11.85 12.47 52.29
N VAL E 57 12.34 11.64 53.21
CA VAL E 57 13.76 11.28 53.23
C VAL E 57 14.17 10.43 52.03
N ALA E 58 13.23 9.64 51.49
CA ALA E 58 13.46 8.87 50.27
C ALA E 58 13.70 9.77 49.06
N ARG E 59 13.00 10.91 49.05
CA ARG E 59 13.04 11.90 47.98
C ARG E 59 14.19 12.91 48.13
N LEU E 60 14.45 13.35 49.37
CA LEU E 60 15.37 14.47 49.66
C LEU E 60 16.78 14.10 50.17
N LEU E 61 16.96 12.86 50.65
CA LEU E 61 18.25 12.39 51.19
C LEU E 61 18.73 11.11 50.50
N PRO E 62 18.96 11.15 49.18
CA PRO E 62 19.45 9.96 48.47
C PRO E 62 20.88 9.55 48.86
N GLU E 63 21.68 10.48 49.34
CA GLU E 63 22.99 10.17 49.90
C GLU E 63 22.94 9.14 51.06
N LYS E 64 21.82 9.10 51.77
CA LYS E 64 21.58 8.13 52.85
C LYS E 64 20.53 7.07 52.45
N LEU E 65 20.51 6.70 51.18
CA LEU E 65 19.55 5.74 50.61
C LEU E 65 19.45 4.39 51.38
N THR E 66 20.57 3.69 51.48
CA THR E 66 20.61 2.34 52.05
C THR E 66 20.33 2.29 53.55
N ILE E 67 20.58 3.39 54.23
CA ILE E 67 20.22 3.51 55.64
C ILE E 67 18.69 3.46 55.80
N TYR E 68 17.96 4.18 54.94
CA TYR E 68 16.51 4.28 55.08
C TYR E 68 15.74 3.11 54.46
N THR E 69 16.26 2.52 53.39
CA THR E 69 15.66 1.29 52.85
C THR E 69 15.74 0.15 53.88
N THR E 70 16.90 0.05 54.53
CA THR E 70 17.07 -0.89 55.65
C THR E 70 16.02 -0.62 56.72
N LEU E 71 15.87 0.64 57.14
CA LEU E 71 14.88 1.00 58.16
C LEU E 71 13.47 0.54 57.76
N VAL E 72 13.11 0.73 56.49
CA VAL E 72 11.83 0.28 55.97
C VAL E 72 11.75 -1.25 55.98
N GLY E 73 12.84 -1.92 55.60
CA GLY E 73 12.94 -3.38 55.68
C GLY E 73 12.59 -3.97 57.03
N LEU E 74 13.13 -3.36 58.09
CA LEU E 74 12.89 -3.79 59.46
C LEU E 74 11.47 -3.53 59.91
N LEU E 75 10.89 -2.41 59.48
CA LEU E 75 9.49 -2.09 59.77
C LEU E 75 8.51 -3.02 59.03
N ASN E 76 8.84 -3.37 57.80
CA ASN E 76 8.08 -4.32 56.99
C ASN E 76 8.02 -5.72 57.65
N ALA E 77 9.16 -6.15 58.19
CA ALA E 77 9.28 -7.44 58.87
C ALA E 77 8.43 -7.54 60.14
N ARG E 78 8.35 -6.45 60.91
CA ARG E 78 7.52 -6.39 62.13
C ARG E 78 6.03 -6.11 61.83
N ASN E 79 5.76 -5.44 60.72
CA ASN E 79 4.41 -5.01 60.35
C ASN E 79 4.28 -5.00 58.83
N TYR E 80 3.70 -6.07 58.30
CA TYR E 80 3.52 -6.24 56.86
C TYR E 80 2.67 -5.13 56.22
N ASN E 81 1.59 -4.72 56.90
CA ASN E 81 0.66 -3.73 56.35
C ASN E 81 1.25 -2.32 56.21
N PHE E 82 2.21 -1.99 57.07
CA PHE E 82 2.97 -0.74 56.94
C PHE E 82 3.79 -0.73 55.64
N GLY E 83 4.54 -1.80 55.41
CA GLY E 83 5.29 -1.99 54.16
C GLY E 83 4.44 -1.91 52.90
N GLY E 84 3.20 -2.38 52.98
CA GLY E 84 2.24 -2.28 51.90
C GLY E 84 1.82 -0.84 51.64
N GLU E 85 1.45 -0.13 52.70
CA GLU E 85 1.06 1.28 52.58
C GLU E 85 2.20 2.22 52.19
N PHE E 86 3.43 1.83 52.51
CA PHE E 86 4.61 2.62 52.13
C PHE E 86 4.87 2.53 50.63
N VAL E 87 4.87 1.31 50.09
CA VAL E 87 5.10 1.10 48.66
C VAL E 87 4.00 1.79 47.82
N GLU E 88 2.78 1.82 48.34
CA GLU E 88 1.69 2.61 47.75
C GLU E 88 2.02 4.10 47.76
N ALA E 89 2.41 4.61 48.93
CA ALA E 89 2.76 6.04 49.11
C ALA E 89 3.91 6.48 48.20
N MET E 90 4.93 5.63 48.05
CA MET E 90 6.05 5.91 47.15
C MET E 90 5.63 5.96 45.68
N ILE E 91 4.74 5.08 45.27
CA ILE E 91 4.22 5.10 43.90
C ILE E 91 3.39 6.36 43.64
N ARG E 92 2.60 6.78 44.63
CA ARG E 92 1.88 8.06 44.54
C ARG E 92 2.85 9.23 44.40
N GLN E 93 3.87 9.25 45.25
CA GLN E 93 4.89 10.30 45.22
C GLN E 93 5.69 10.31 43.91
N LEU E 94 5.92 9.15 43.32
CA LEU E 94 6.65 9.03 42.06
C LEU E 94 5.86 9.64 40.92
N LYS E 95 4.57 9.30 40.85
CA LYS E 95 3.67 9.85 39.83
C LYS E 95 3.47 11.35 40.02
N GLU E 96 3.37 11.78 41.28
CA GLU E 96 3.31 13.20 41.64
C GLU E 96 4.53 13.97 41.12
N SER E 97 5.72 13.40 41.33
CA SER E 97 6.97 14.03 40.92
C SER E 97 7.14 14.09 39.40
N LEU E 98 6.71 13.04 38.70
CA LEU E 98 6.80 12.98 37.24
C LEU E 98 5.84 13.96 36.56
N LYS E 99 4.61 14.02 37.06
CA LYS E 99 3.59 14.97 36.60
C LYS E 99 4.07 16.42 36.72
N ALA E 100 4.80 16.73 37.80
CA ALA E 100 5.33 18.07 38.06
C ALA E 100 6.70 18.34 37.44
N ASN E 101 7.16 17.48 36.52
CA ASN E 101 8.49 17.56 35.90
C ASN E 101 9.69 17.62 36.87
N ASN E 102 9.57 16.94 38.01
CA ASN E 102 10.68 16.76 38.95
C ASN E 102 11.31 15.41 38.65
N TYR E 103 11.95 15.33 37.50
CA TYR E 103 12.57 14.10 37.04
C TYR E 103 13.82 13.77 37.86
N ASN E 104 14.49 14.79 38.39
CA ASN E 104 15.69 14.55 39.21
C ASN E 104 15.33 13.95 40.57
N GLU E 105 14.22 14.37 41.17
CA GLU E 105 13.70 13.72 42.39
C GLU E 105 13.18 12.31 42.12
N ALA E 106 12.54 12.13 40.96
CA ALA E 106 11.98 10.82 40.58
C ALA E 106 13.02 9.71 40.55
N VAL E 107 14.22 9.99 40.02
CA VAL E 107 15.32 9.00 40.01
C VAL E 107 15.58 8.47 41.42
N TYR E 108 15.66 9.39 42.38
CA TYR E 108 15.91 9.02 43.78
C TYR E 108 14.82 8.09 44.32
N LEU E 109 13.57 8.35 43.94
CA LEU E 109 12.46 7.49 44.31
C LEU E 109 12.55 6.12 43.64
N VAL E 110 12.96 6.09 42.38
CA VAL E 110 13.16 4.84 41.63
C VAL E 110 14.27 3.99 42.25
N ARG E 111 15.42 4.62 42.54
CA ARG E 111 16.53 3.94 43.24
C ARG E 111 16.14 3.44 44.60
N PHE E 112 15.30 4.20 45.31
CA PHE E 112 14.79 3.76 46.61
C PHE E 112 13.93 2.48 46.49
N LEU E 113 13.01 2.48 45.53
CA LEU E 113 12.19 1.29 45.25
C LEU E 113 13.06 0.11 44.83
N SER E 114 14.08 0.39 44.00
CA SER E 114 15.05 -0.63 43.58
C SER E 114 15.71 -1.31 44.78
N ASP E 115 16.34 -0.52 45.63
CA ASP E 115 17.07 -1.06 46.77
C ASP E 115 16.16 -1.68 47.86
N LEU E 116 14.86 -1.34 47.85
CA LEU E 116 13.88 -2.02 48.71
C LEU E 116 13.64 -3.51 48.35
N VAL E 117 14.06 -3.92 47.15
CA VAL E 117 14.11 -5.34 46.77
C VAL E 117 15.19 -6.07 47.59
N ASN E 118 16.34 -5.44 47.80
CA ASN E 118 17.41 -6.01 48.62
C ASN E 118 17.01 -6.18 50.10
N CYS E 119 16.06 -5.37 50.57
CA CYS E 119 15.54 -5.48 51.95
C CYS E 119 14.32 -6.38 52.10
N HIS E 120 13.98 -7.12 51.03
CA HIS E 120 12.80 -8.00 50.99
C HIS E 120 11.52 -7.27 51.42
N VAL E 121 11.30 -6.10 50.80
CA VAL E 121 10.06 -5.34 50.91
C VAL E 121 9.29 -5.38 49.60
N ILE E 122 10.00 -5.28 48.48
CA ILE E 122 9.41 -5.35 47.15
C ILE E 122 9.89 -6.63 46.47
N ALA E 123 8.98 -7.31 45.78
CA ALA E 123 9.29 -8.53 45.06
C ALA E 123 10.05 -8.22 43.78
N ALA E 124 11.14 -8.96 43.53
CA ALA E 124 12.01 -8.73 42.37
C ALA E 124 11.31 -8.72 40.99
N PRO E 125 10.33 -9.62 40.78
CA PRO E 125 9.57 -9.57 39.51
C PRO E 125 8.82 -8.25 39.25
N SER E 126 8.39 -7.55 40.30
CA SER E 126 7.70 -6.27 40.17
C SER E 126 8.61 -5.17 39.65
N MET E 127 9.85 -5.12 40.16
CA MET E 127 10.84 -4.15 39.65
C MET E 127 11.28 -4.44 38.22
N VAL E 128 11.33 -5.71 37.84
CA VAL E 128 11.66 -6.08 36.47
C VAL E 128 10.51 -5.67 35.55
N ALA E 129 9.27 -5.83 36.02
CA ALA E 129 8.07 -5.38 35.28
C ALA E 129 8.03 -3.86 35.12
N MET E 130 8.36 -3.13 36.19
CA MET E 130 8.46 -1.66 36.14
C MET E 130 9.56 -1.22 35.17
N PHE E 131 10.74 -1.83 35.27
CA PHE E 131 11.83 -1.51 34.36
C PHE E 131 11.60 -1.94 32.91
N GLU E 132 10.78 -2.97 32.68
CA GLU E 132 10.30 -3.30 31.33
C GLU E 132 9.54 -2.10 30.75
N ASN E 133 8.61 -1.56 31.53
CA ASN E 133 7.80 -0.39 31.14
C ASN E 133 8.62 0.89 30.96
N PHE E 134 9.68 1.06 31.77
CA PHE E 134 10.59 2.22 31.63
C PHE E 134 11.29 2.17 30.28
N VAL E 135 11.96 1.06 30.01
CA VAL E 135 12.76 0.94 28.78
C VAL E 135 11.87 0.93 27.54
N SER E 136 10.62 0.49 27.67
CA SER E 136 9.64 0.57 26.57
C SER E 136 9.35 2.00 26.07
N VAL E 137 9.69 3.01 26.86
CA VAL E 137 9.64 4.42 26.44
C VAL E 137 10.59 4.71 25.26
N THR E 138 11.66 3.92 25.12
CA THR E 138 12.53 4.02 23.94
C THR E 138 11.85 3.60 22.62
N GLN E 139 10.76 2.83 22.72
CA GLN E 139 9.96 2.39 21.55
C GLN E 139 8.98 3.49 21.08
N GLU E 140 8.48 4.32 22.00
CA GLU E 140 7.52 5.41 21.68
C GLU E 140 8.04 6.30 20.57
N GLU E 141 7.15 6.70 19.66
CA GLU E 141 7.50 7.59 18.55
C GLU E 141 6.84 8.96 18.73
N ASP E 142 7.39 9.94 18.01
CA ASP E 142 6.99 11.36 18.11
C ASP E 142 7.17 11.93 19.54
N VAL E 143 8.30 11.58 20.16
CA VAL E 143 8.69 12.10 21.50
C VAL E 143 10.18 12.45 21.51
N PRO E 144 10.58 13.41 22.37
CA PRO E 144 11.97 13.85 22.33
C PRO E 144 12.96 12.86 22.95
N GLN E 145 14.21 12.90 22.48
CA GLN E 145 15.28 12.04 22.97
C GLN E 145 15.46 12.14 24.49
N VAL E 146 15.44 13.37 25.00
CA VAL E 146 15.61 13.61 26.44
C VAL E 146 14.58 12.87 27.33
N ARG E 147 13.38 12.62 26.83
CA ARG E 147 12.38 11.80 27.54
C ARG E 147 12.88 10.36 27.63
N ARG E 148 13.30 9.84 26.48
CA ARG E 148 13.77 8.46 26.40
C ARG E 148 15.03 8.28 27.24
N ASP E 149 15.99 9.17 27.04
CA ASP E 149 17.22 9.25 27.85
C ASP E 149 16.98 9.12 29.35
N TRP E 150 16.00 9.86 29.85
CA TRP E 150 15.74 9.85 31.29
C TRP E 150 15.28 8.48 31.77
N TYR E 151 14.33 7.90 31.04
CA TYR E 151 13.74 6.61 31.45
C TYR E 151 14.78 5.48 31.45
N VAL E 152 15.70 5.51 30.49
CA VAL E 152 16.88 4.64 30.50
C VAL E 152 17.78 4.96 31.70
N TYR E 153 18.09 6.24 31.90
CA TYR E 153 18.97 6.66 33.01
C TYR E 153 18.45 6.20 34.38
N ALA E 154 17.15 6.34 34.63
CA ALA E 154 16.54 5.90 35.89
C ALA E 154 16.70 4.40 36.12
N PHE E 155 16.63 3.64 35.03
CA PHE E 155 16.86 2.18 35.05
C PHE E 155 18.34 1.88 35.31
N LEU E 156 19.22 2.32 34.41
CA LEU E 156 20.65 2.04 34.51
C LEU E 156 21.26 2.48 35.83
N SER E 157 20.90 3.68 36.30
CA SER E 157 21.44 4.22 37.55
C SER E 157 20.89 3.55 38.82
N SER E 158 19.84 2.73 38.69
CA SER E 158 19.38 1.90 39.81
C SER E 158 20.16 0.58 39.95
N LEU E 159 20.86 0.16 38.91
CA LEU E 159 21.48 -1.17 38.88
C LEU E 159 22.66 -1.38 39.82
N PRO E 160 23.43 -0.33 40.15
CA PRO E 160 24.45 -0.55 41.18
C PRO E 160 23.90 -1.05 42.51
N TRP E 161 22.66 -0.69 42.84
CA TRP E 161 22.01 -1.11 44.09
C TRP E 161 21.30 -2.45 43.95
N VAL E 162 20.56 -2.63 42.85
CA VAL E 162 19.67 -3.79 42.69
C VAL E 162 20.02 -4.72 41.51
N GLY E 163 21.07 -4.41 40.76
CA GLY E 163 21.41 -5.19 39.56
C GLY E 163 21.70 -6.66 39.75
N LYS E 164 22.29 -7.00 40.91
CA LYS E 164 22.56 -8.39 41.26
C LYS E 164 21.26 -9.15 41.53
N GLU E 165 20.45 -8.63 42.45
CA GLU E 165 19.20 -9.28 42.88
C GLU E 165 18.19 -9.52 41.74
N LEU E 166 18.13 -8.60 40.77
CA LEU E 166 17.23 -8.74 39.61
C LEU E 166 17.75 -9.78 38.62
N TYR E 167 19.06 -9.79 38.38
CA TYR E 167 19.65 -10.70 37.40
C TYR E 167 19.64 -12.16 37.88
N GLU E 168 19.66 -12.39 39.19
CA GLU E 168 19.54 -13.75 39.74
C GLU E 168 18.10 -14.29 39.76
N LYS E 169 17.12 -13.42 39.92
CA LYS E 169 15.70 -13.83 39.95
C LYS E 169 15.07 -13.96 38.55
N LYS E 170 15.46 -13.11 37.60
CA LYS E 170 14.82 -13.07 36.27
C LYS E 170 15.82 -12.70 35.16
N ASP E 171 16.90 -13.45 35.00
CA ASP E 171 17.93 -13.13 33.97
C ASP E 171 17.42 -13.12 32.53
N ALA E 172 16.43 -13.97 32.25
CA ALA E 172 15.80 -14.03 30.92
C ALA E 172 15.18 -12.69 30.58
N GLU E 173 14.32 -12.21 31.47
CA GLU E 173 13.62 -10.92 31.33
C GLU E 173 14.60 -9.74 31.25
N MET E 174 15.66 -9.79 32.05
CA MET E 174 16.67 -8.73 32.09
C MET E 174 17.54 -8.66 30.84
N ASP E 175 17.85 -9.80 30.23
CA ASP E 175 18.59 -9.80 28.96
C ASP E 175 17.84 -9.08 27.82
N ARG E 176 16.51 -9.16 27.81
CA ARG E 176 15.68 -8.41 26.84
C ARG E 176 15.79 -6.90 27.05
N ILE E 177 15.81 -6.48 28.32
CA ILE E 177 15.94 -5.07 28.67
C ILE E 177 17.29 -4.52 28.21
N PHE E 178 18.35 -5.29 28.46
CA PHE E 178 19.70 -4.91 28.01
C PHE E 178 19.87 -4.90 26.48
N ALA E 179 19.10 -5.75 25.79
CA ALA E 179 19.08 -5.75 24.31
C ALA E 179 18.37 -4.52 23.76
N ASN E 180 17.19 -4.23 24.28
CA ASN E 180 16.41 -3.03 23.91
C ASN E 180 17.12 -1.74 24.30
N THR E 181 17.72 -1.72 25.49
CA THR E 181 18.52 -0.59 25.97
C THR E 181 19.74 -0.36 25.05
N GLU E 182 20.49 -1.43 24.80
CA GLU E 182 21.69 -1.34 23.96
C GLU E 182 21.38 -0.87 22.53
N SER E 183 20.27 -1.35 21.96
CA SER E 183 19.86 -0.91 20.62
C SER E 183 19.53 0.59 20.60
N TYR E 184 18.85 1.07 21.64
CA TYR E 184 18.51 2.51 21.75
C TYR E 184 19.78 3.39 21.85
N LEU E 185 20.72 3.01 22.71
CA LEU E 185 21.94 3.79 22.92
C LEU E 185 22.82 3.88 21.67
N LYS E 186 22.76 2.86 20.81
CA LYS E 186 23.47 2.87 19.52
C LYS E 186 22.93 3.94 18.58
N ARG E 187 21.60 4.05 18.51
CA ARG E 187 20.92 4.98 17.57
C ARG E 187 20.60 6.38 18.14
N ARG E 188 21.01 6.67 19.38
CA ARG E 188 20.87 8.02 19.95
C ARG E 188 21.70 9.04 19.19
N GLN E 189 21.18 10.27 19.11
CA GLN E 189 21.91 11.42 18.59
C GLN E 189 22.95 11.86 19.63
N LYS E 190 24.10 12.35 19.16
CA LYS E 190 25.17 12.87 20.02
C LYS E 190 25.55 14.31 19.64
N THR E 191 24.58 15.06 19.13
CA THR E 191 24.83 16.40 18.56
C THR E 191 25.22 17.41 19.64
N HIS E 192 24.64 17.23 20.83
CA HIS E 192 24.91 18.06 22.01
C HIS E 192 26.32 18.03 22.59
N VAL E 193 27.05 16.93 22.39
CA VAL E 193 28.29 16.68 23.15
C VAL E 193 29.36 17.79 23.03
N PRO E 194 29.63 18.31 21.83
CA PRO E 194 30.63 19.40 21.70
C PRO E 194 30.26 20.69 22.44
N MET E 195 28.98 20.90 22.71
CA MET E 195 28.50 22.05 23.48
C MET E 195 28.66 21.91 24.99
N LEU E 196 28.63 20.68 25.49
CA LEU E 196 28.66 20.41 26.94
C LEU E 196 30.02 19.96 27.50
N GLN E 197 30.97 19.64 26.63
CA GLN E 197 32.30 19.21 27.08
C GLN E 197 33.07 20.39 27.63
N VAL E 198 33.74 20.18 28.76
CA VAL E 198 34.60 21.19 29.35
C VAL E 198 35.88 21.31 28.51
N TRP E 199 36.37 20.14 28.06
CA TRP E 199 37.53 20.04 27.17
C TRP E 199 37.18 19.23 25.93
N THR E 200 37.48 19.78 24.75
CA THR E 200 37.28 19.08 23.46
C THR E 200 38.25 17.91 23.28
N ALA E 201 39.48 18.05 23.82
CA ALA E 201 40.50 17.00 23.78
C ALA E 201 40.04 15.74 24.51
N ASP E 202 40.50 14.58 24.07
CA ASP E 202 40.21 13.30 24.76
C ASP E 202 41.45 12.69 25.43
N LYS E 203 42.51 13.50 25.53
CA LYS E 203 43.72 13.14 26.26
C LYS E 203 44.00 14.31 27.23
N PRO E 204 44.23 14.07 28.53
CA PRO E 204 44.35 12.73 29.15
C PRO E 204 43.05 11.98 29.45
N HIS E 205 41.90 12.66 29.40
CA HIS E 205 40.63 12.03 29.71
C HIS E 205 39.54 12.42 28.73
N PRO E 206 38.89 11.43 28.09
CA PRO E 206 37.73 11.78 27.29
C PRO E 206 36.57 12.26 28.17
N GLN E 207 36.01 13.42 27.84
CA GLN E 207 34.82 13.92 28.50
C GLN E 207 33.61 13.21 27.87
N GLU E 208 33.22 12.10 28.49
CA GLU E 208 32.25 11.17 27.91
C GLU E 208 30.80 11.63 28.08
N GLU E 209 29.95 11.21 27.14
CA GLU E 209 28.53 11.50 27.20
C GLU E 209 27.92 10.64 28.29
N TYR E 210 27.03 11.23 29.10
CA TYR E 210 26.62 10.65 30.38
C TYR E 210 25.97 9.26 30.32
N LEU E 211 25.25 8.94 29.24
CA LEU E 211 24.62 7.63 29.10
C LEU E 211 25.58 6.60 28.53
N ASP E 212 26.49 7.02 27.65
CA ASP E 212 27.56 6.15 27.16
C ASP E 212 28.42 5.69 28.34
N CYS E 213 28.79 6.64 29.18
CA CYS E 213 29.63 6.36 30.35
C CYS E 213 28.94 5.45 31.36
N LEU E 214 27.68 5.73 31.70
CA LEU E 214 26.93 4.87 32.62
C LEU E 214 26.78 3.46 32.04
N TRP E 215 26.55 3.36 30.73
CA TRP E 215 26.48 2.07 30.04
C TRP E 215 27.77 1.26 30.25
N ALA E 216 28.90 1.85 29.87
CA ALA E 216 30.22 1.25 30.10
C ALA E 216 30.37 0.74 31.54
N GLN E 217 29.96 1.57 32.50
CA GLN E 217 30.02 1.21 33.93
C GLN E 217 29.10 0.04 34.27
N ILE E 218 27.90 0.02 33.71
CA ILE E 218 26.96 -1.07 33.97
C ILE E 218 27.40 -2.36 33.27
N GLN E 219 28.10 -2.24 32.13
CA GLN E 219 28.66 -3.42 31.47
C GLN E 219 29.76 -4.07 32.29
N LYS E 220 30.71 -3.27 32.78
CA LYS E 220 31.78 -3.77 33.65
C LYS E 220 31.26 -4.37 34.96
N LEU E 221 30.17 -3.82 35.49
CA LEU E 221 29.53 -4.37 36.68
C LEU E 221 28.93 -5.74 36.40
N LYS E 222 28.26 -5.87 35.25
CA LYS E 222 27.68 -7.16 34.83
C LYS E 222 28.77 -8.22 34.60
N LYS E 223 29.84 -7.82 33.91
CA LYS E 223 31.00 -8.68 33.67
C LYS E 223 31.68 -9.16 34.96
N ASP E 224 31.60 -8.36 36.03
CA ASP E 224 32.12 -8.74 37.36
C ASP E 224 31.04 -9.34 38.27
N ARG E 225 30.07 -10.05 37.69
CA ARG E 225 28.99 -10.77 38.41
C ARG E 225 28.18 -9.92 39.40
N TRP E 226 28.01 -8.62 39.07
CA TRP E 226 27.29 -7.66 39.92
C TRP E 226 27.91 -7.48 41.31
N GLN E 227 29.23 -7.61 41.40
CA GLN E 227 30.00 -7.39 42.63
C GLN E 227 30.54 -5.98 42.56
N GLU E 228 30.16 -5.15 43.54
CA GLU E 228 30.67 -3.78 43.65
C GLU E 228 31.22 -3.59 45.06
N ARG E 229 32.19 -2.69 45.17
CA ARG E 229 33.05 -2.59 46.36
C ARG E 229 32.83 -1.34 47.26
N HIS E 230 31.84 -0.49 46.95
CA HIS E 230 31.66 0.80 47.65
C HIS E 230 30.40 0.96 48.50
N ILE E 231 29.25 0.51 48.00
CA ILE E 231 27.96 0.83 48.62
C ILE E 231 27.80 0.16 49.97
N LEU E 232 27.65 0.97 51.03
CA LEU E 232 27.32 0.47 52.36
C LEU E 232 25.89 -0.06 52.34
N ARG E 233 25.72 -1.28 52.82
CA ARG E 233 24.44 -1.98 52.81
C ARG E 233 24.14 -2.48 54.23
N PRO E 234 23.53 -1.63 55.07
CA PRO E 234 23.21 -2.03 56.45
C PRO E 234 22.30 -3.27 56.56
N TYR E 235 21.42 -3.46 55.57
CA TYR E 235 20.52 -4.63 55.54
C TYR E 235 21.20 -6.01 55.59
N LEU E 236 22.43 -6.13 55.06
CA LEU E 236 23.18 -7.39 55.12
C LEU E 236 23.43 -7.88 56.56
N ALA E 237 23.57 -6.94 57.49
CA ALA E 237 23.71 -7.28 58.93
C ALA E 237 22.43 -7.84 59.56
N PHE E 238 21.26 -7.48 59.01
CA PHE E 238 19.97 -7.98 59.49
C PHE E 238 19.41 -9.13 58.63
N ASP E 239 20.30 -9.95 58.06
CA ASP E 239 19.91 -11.00 57.13
C ASP E 239 18.93 -12.03 57.72
N SER E 240 19.10 -12.38 58.99
CA SER E 240 18.18 -13.25 59.73
C SER E 240 16.73 -12.77 59.68
N ILE E 241 16.54 -11.49 60.01
CA ILE E 241 15.20 -10.89 60.14
C ILE E 241 14.55 -10.63 58.78
N LEU E 242 15.35 -10.27 57.78
CA LEU E 242 14.84 -9.86 56.46
C LEU E 242 14.54 -11.00 55.47
N CYS E 243 15.13 -12.18 55.67
CA CYS E 243 14.76 -13.37 54.91
C CYS E 243 13.31 -13.76 55.13
N GLU E 244 12.94 -13.85 56.40
CA GLU E 244 11.59 -14.25 56.82
C GLU E 244 10.50 -13.20 56.53
N ALA E 245 10.90 -11.95 56.26
CA ALA E 245 9.95 -10.88 55.92
C ALA E 245 9.26 -11.13 54.59
N LEU E 246 7.97 -10.81 54.54
CA LEU E 246 7.13 -11.07 53.37
C LEU E 246 7.15 -9.88 52.43
N GLN E 247 7.22 -10.17 51.13
CA GLN E 247 7.39 -9.15 50.09
C GLN E 247 6.06 -8.60 49.58
N HIS E 248 6.15 -7.48 48.86
CA HIS E 248 5.00 -6.82 48.24
C HIS E 248 5.24 -6.66 46.75
N ASN E 249 4.15 -6.64 45.99
CA ASN E 249 4.21 -6.40 44.56
C ASN E 249 3.90 -4.93 44.29
N LEU E 250 4.79 -4.26 43.56
CA LEU E 250 4.47 -2.96 42.99
C LEU E 250 3.32 -3.15 42.00
N PRO E 251 2.37 -2.20 41.96
CA PRO E 251 1.40 -2.29 40.88
C PRO E 251 2.08 -2.15 39.51
N PRO E 252 1.41 -2.59 38.43
CA PRO E 252 1.98 -2.34 37.10
C PRO E 252 2.08 -0.85 36.84
N PHE E 253 3.17 -0.41 36.20
CA PHE E 253 3.48 1.01 36.09
C PHE E 253 3.40 1.50 34.64
N THR E 254 2.46 2.41 34.37
CA THR E 254 2.35 3.07 33.09
C THR E 254 3.08 4.42 33.20
N PRO E 255 4.16 4.62 32.42
CA PRO E 255 4.85 5.90 32.49
C PRO E 255 3.97 7.04 31.97
N PRO E 256 3.75 8.11 32.77
CA PRO E 256 2.95 9.23 32.31
C PRO E 256 3.35 9.71 30.92
N PRO E 257 2.37 9.85 30.00
CA PRO E 257 2.74 10.06 28.61
C PRO E 257 3.21 11.48 28.35
N HIS E 258 3.91 11.65 27.23
CA HIS E 258 4.46 12.95 26.84
C HIS E 258 3.34 13.93 26.50
N THR E 259 3.45 15.15 27.01
CA THR E 259 2.61 16.27 26.60
C THR E 259 3.55 17.41 26.27
N GLU E 260 3.02 18.49 25.71
CA GLU E 260 3.87 19.66 25.42
C GLU E 260 4.09 20.54 26.65
N ASP E 261 3.45 20.21 27.78
CA ASP E 261 3.85 20.71 29.11
C ASP E 261 5.09 20.02 29.70
N SER E 262 5.47 18.85 29.17
CA SER E 262 6.58 18.05 29.72
C SER E 262 7.94 18.70 29.46
N VAL E 263 8.77 18.69 30.51
CA VAL E 263 10.09 19.32 30.51
C VAL E 263 11.03 18.26 31.11
N TYR E 264 11.96 17.77 30.30
CA TYR E 264 12.89 16.73 30.75
C TYR E 264 14.29 17.31 31.00
N PRO E 265 15.11 16.63 31.83
CA PRO E 265 16.49 17.09 32.06
C PRO E 265 17.31 17.14 30.79
N MET E 266 18.17 18.15 30.67
CA MET E 266 19.10 18.24 29.56
C MET E 266 20.12 17.12 29.66
N PRO E 267 20.68 16.70 28.50
CA PRO E 267 21.79 15.75 28.57
C PRO E 267 23.02 16.37 29.25
N ARG E 268 23.90 15.50 29.73
CA ARG E 268 25.11 15.89 30.46
C ARG E 268 26.34 15.20 29.89
N VAL E 269 27.50 15.73 30.28
CA VAL E 269 28.80 15.17 29.95
C VAL E 269 29.59 15.00 31.25
N ILE E 270 30.12 13.79 31.48
CA ILE E 270 30.81 13.48 32.73
C ILE E 270 32.16 14.20 32.81
N PHE E 271 32.27 15.12 33.78
CA PHE E 271 33.53 15.79 34.09
C PHE E 271 34.52 14.76 34.57
N ARG E 272 35.78 14.92 34.19
CA ARG E 272 36.82 13.95 34.50
C ARG E 272 38.18 14.59 34.41
N MET E 273 38.87 14.69 35.55
CA MET E 273 40.26 15.17 35.56
C MET E 273 41.28 14.28 36.29
N PHE E 274 40.83 13.33 37.12
CA PHE E 274 41.73 12.46 37.88
C PHE E 274 41.59 10.98 37.49
N ASP E 275 42.71 10.26 37.48
CA ASP E 275 42.72 8.80 37.67
C ASP E 275 43.68 8.47 38.82
N TYR E 276 43.84 7.19 39.15
CA TYR E 276 44.66 6.77 40.30
C TYR E 276 46.12 7.29 40.29
N THR E 277 46.69 7.55 39.11
CA THR E 277 48.09 8.02 39.01
C THR E 277 48.34 9.45 39.47
N ASP E 278 47.28 10.22 39.69
CA ASP E 278 47.41 11.56 40.30
C ASP E 278 47.53 11.51 41.84
N ASP E 279 47.26 10.34 42.43
CA ASP E 279 47.46 10.08 43.87
C ASP E 279 48.08 8.68 44.07
N PRO E 280 49.40 8.53 43.80
CA PRO E 280 50.05 7.22 43.94
C PRO E 280 50.20 6.76 45.40
N GLU E 281 50.24 7.70 46.34
CA GLU E 281 50.51 7.40 47.75
C GLU E 281 49.24 6.90 48.43
N GLY E 282 48.14 7.64 48.26
CA GLY E 282 46.86 7.30 48.87
C GLY E 282 46.19 6.11 48.24
N PRO E 283 44.95 5.78 48.68
CA PRO E 283 44.21 4.62 48.15
C PRO E 283 43.97 4.70 46.65
N VAL E 284 43.74 3.55 46.04
CA VAL E 284 43.61 3.49 44.58
C VAL E 284 42.23 4.02 44.19
N MET E 285 42.24 5.05 43.35
CA MET E 285 41.01 5.70 42.87
C MET E 285 40.27 4.81 41.90
N PRO E 286 38.98 4.48 42.17
CA PRO E 286 38.19 3.72 41.20
C PRO E 286 38.17 4.38 39.83
N GLY E 287 38.20 3.58 38.77
CA GLY E 287 38.37 4.11 37.41
C GLY E 287 37.11 4.71 36.81
N SER E 288 37.31 5.50 35.76
CA SER E 288 36.22 6.16 35.04
C SER E 288 35.05 5.25 34.71
N HIS E 289 35.32 4.01 34.32
CA HIS E 289 34.28 3.06 33.94
C HIS E 289 33.92 2.05 35.04
N SER E 290 34.09 2.44 36.30
CA SER E 290 33.60 1.64 37.42
C SER E 290 32.36 2.28 38.04
N VAL E 291 31.37 1.46 38.41
CA VAL E 291 30.18 1.98 39.13
C VAL E 291 30.50 2.56 40.51
N GLU E 292 31.64 2.17 41.06
CA GLU E 292 32.16 2.80 42.28
C GLU E 292 32.33 4.31 42.06
N ARG E 293 32.98 4.70 40.96
CA ARG E 293 33.23 6.10 40.65
C ARG E 293 31.92 6.87 40.45
N PHE E 294 30.93 6.22 39.83
CA PHE E 294 29.61 6.81 39.63
C PHE E 294 28.89 7.04 40.97
N VAL E 295 28.88 6.02 41.84
CA VAL E 295 28.15 6.12 43.11
C VAL E 295 28.81 7.11 44.09
N ILE E 296 30.13 7.22 44.03
CA ILE E 296 30.87 8.17 44.85
C ILE E 296 30.50 9.57 44.43
N GLU E 297 30.64 9.87 43.14
CA GLU E 297 30.38 11.23 42.64
C GLU E 297 28.93 11.63 42.79
N GLU E 298 28.01 10.69 42.57
CA GLU E 298 26.59 10.94 42.76
C GLU E 298 26.28 11.35 44.20
N ASN E 299 26.81 10.60 45.17
CA ASN E 299 26.56 10.90 46.59
C ASN E 299 27.20 12.23 47.02
N LEU E 300 28.42 12.49 46.58
CA LEU E 300 29.07 13.76 46.86
C LEU E 300 28.28 14.95 46.28
N HIS E 301 27.77 14.81 45.06
CA HIS E 301 26.89 15.83 44.47
C HIS E 301 25.64 16.01 45.33
N CYS E 302 25.03 14.92 45.77
CA CYS E 302 23.83 14.97 46.60
C CYS E 302 24.04 15.61 47.97
N ILE E 303 25.23 15.40 48.54
CA ILE E 303 25.61 16.06 49.81
C ILE E 303 25.65 17.58 49.63
N ILE E 304 26.24 18.03 48.51
CA ILE E 304 26.29 19.46 48.23
C ILE E 304 24.88 19.99 48.02
N LYS E 305 24.06 19.25 47.27
CA LYS E 305 22.65 19.60 47.06
C LYS E 305 21.86 19.73 48.36
N SER E 306 22.15 18.87 49.34
CA SER E 306 21.47 18.90 50.64
C SER E 306 21.95 20.01 51.56
N HIS E 307 23.20 20.46 51.42
CA HIS E 307 23.82 21.37 52.38
C HIS E 307 24.46 22.61 51.78
N TRP E 308 24.14 22.95 50.52
CA TRP E 308 24.83 24.07 49.82
C TRP E 308 24.79 25.40 50.58
N LYS E 309 23.74 25.64 51.35
CA LYS E 309 23.56 26.91 52.08
C LYS E 309 24.44 27.06 53.32
N GLU E 310 24.90 25.94 53.87
CA GLU E 310 25.67 25.92 55.11
C GLU E 310 27.09 25.48 54.75
N ARG E 311 27.92 26.41 54.31
CA ARG E 311 29.25 26.04 53.79
C ARG E 311 30.11 25.20 54.74
N LYS E 312 30.05 25.50 56.04
CA LYS E 312 30.85 24.80 57.04
C LYS E 312 30.30 23.39 57.26
N THR E 313 28.97 23.28 57.39
CA THR E 313 28.29 21.97 57.44
C THR E 313 28.54 21.17 56.16
N CYS E 314 28.48 21.85 55.02
CA CYS E 314 28.71 21.18 53.73
C CYS E 314 30.11 20.57 53.63
N ALA E 315 31.12 21.27 54.14
CA ALA E 315 32.50 20.76 54.16
C ALA E 315 32.62 19.54 55.06
N ALA E 316 32.07 19.64 56.26
CA ALA E 316 32.09 18.55 57.23
C ALA E 316 31.48 17.27 56.68
N GLN E 317 30.33 17.38 56.04
CA GLN E 317 29.63 16.20 55.50
C GLN E 317 30.38 15.54 54.36
N LEU E 318 31.04 16.35 53.53
CA LEU E 318 31.86 15.82 52.44
C LEU E 318 33.05 15.07 52.99
N VAL E 319 33.73 15.66 53.95
CA VAL E 319 34.96 15.08 54.52
C VAL E 319 34.66 13.80 55.32
N SER E 320 33.49 13.73 55.94
CA SER E 320 33.08 12.54 56.69
C SER E 320 32.25 11.52 55.86
N TYR E 321 32.44 11.49 54.54
CA TYR E 321 31.69 10.59 53.67
C TYR E 321 32.10 9.13 53.90
N PRO E 322 31.15 8.27 54.29
CA PRO E 322 31.45 6.85 54.52
C PRO E 322 31.39 5.99 53.26
N GLY E 323 32.23 4.96 53.22
CA GLY E 323 32.15 3.90 52.21
C GLY E 323 32.57 2.55 52.76
N LYS E 324 32.26 1.48 52.03
CA LYS E 324 32.67 0.13 52.44
C LYS E 324 34.20 -0.02 52.41
N ASN E 325 34.83 0.56 51.39
CA ASN E 325 36.29 0.52 51.24
C ASN E 325 36.88 1.91 51.17
N LYS E 326 38.19 2.00 51.44
CA LYS E 326 38.89 3.29 51.45
C LYS E 326 39.14 3.83 50.04
N ILE E 327 39.01 5.15 49.92
CA ILE E 327 39.09 5.89 48.65
C ILE E 327 39.79 7.22 48.89
N PRO E 328 40.45 7.78 47.86
CA PRO E 328 41.16 9.05 48.05
C PRO E 328 40.19 10.24 48.07
N LEU E 329 39.50 10.38 49.20
CA LEU E 329 38.34 11.25 49.33
C LEU E 329 38.59 12.72 48.98
N ASN E 330 39.77 13.24 49.30
CA ASN E 330 40.12 14.62 48.95
C ASN E 330 40.12 14.84 47.44
N TYR E 331 40.55 13.85 46.66
CA TYR E 331 40.58 13.98 45.19
C TYR E 331 39.17 13.95 44.62
N HIS E 332 38.36 13.00 45.07
CA HIS E 332 36.96 12.95 44.69
C HIS E 332 36.18 14.24 45.01
N ILE E 333 36.47 14.84 46.16
CA ILE E 333 35.77 16.07 46.58
C ILE E 333 36.14 17.24 45.68
N VAL E 334 37.44 17.44 45.46
CA VAL E 334 37.90 18.52 44.58
C VAL E 334 37.37 18.33 43.15
N GLU E 335 37.29 17.08 42.69
CA GLU E 335 36.79 16.79 41.35
C GLU E 335 35.31 17.12 41.23
N VAL E 336 34.51 16.57 42.15
CA VAL E 336 33.07 16.83 42.23
C VAL E 336 32.75 18.32 42.34
N ILE E 337 33.56 19.07 43.07
CA ILE E 337 33.38 20.52 43.16
C ILE E 337 33.64 21.17 41.80
N PHE E 338 34.79 20.92 41.19
CA PHE E 338 35.06 21.49 39.85
C PHE E 338 34.10 20.95 38.77
N ALA E 339 33.60 19.73 38.95
CA ALA E 339 32.59 19.18 38.04
C ALA E 339 31.30 20.03 38.03
N GLU E 340 30.91 20.55 39.18
CA GLU E 340 29.76 21.44 39.30
C GLU E 340 30.11 22.82 38.80
N LEU E 341 31.20 23.40 39.29
CA LEU E 341 31.60 24.74 38.86
C LEU E 341 31.69 24.86 37.35
N PHE E 342 32.25 23.85 36.69
CA PHE E 342 32.40 23.87 35.22
C PHE E 342 31.27 23.20 34.44
N GLN E 343 30.16 22.83 35.08
CA GLN E 343 29.08 22.15 34.37
C GLN E 343 28.45 23.07 33.34
N LEU E 344 28.07 22.49 32.20
CA LEU E 344 27.38 23.21 31.13
C LEU E 344 25.96 22.63 30.95
N PRO E 345 24.95 23.48 30.76
CA PRO E 345 25.07 24.93 30.60
C PRO E 345 25.50 25.68 31.85
N ALA E 346 24.99 25.29 33.02
CA ALA E 346 25.23 26.02 34.27
C ALA E 346 25.59 25.11 35.44
N PRO E 347 26.23 25.68 36.48
CA PRO E 347 26.43 24.92 37.69
C PRO E 347 25.12 24.75 38.44
N PRO E 348 25.01 23.73 39.30
CA PRO E 348 23.76 23.58 40.06
C PRO E 348 23.50 24.64 41.11
N HIS E 349 24.52 25.38 41.50
CA HIS E 349 24.41 26.42 42.54
C HIS E 349 25.26 27.62 42.16
N ILE E 350 25.00 28.77 42.78
CA ILE E 350 25.72 30.00 42.45
C ILE E 350 27.26 29.81 42.52
N ASP E 351 27.97 30.31 41.50
CA ASP E 351 29.43 30.09 41.33
C ASP E 351 30.26 30.33 42.57
N VAL E 352 29.96 31.41 43.29
CA VAL E 352 30.78 31.84 44.42
C VAL E 352 30.77 30.88 45.60
N MET E 353 29.69 30.11 45.75
CA MET E 353 29.61 29.08 46.78
C MET E 353 30.79 28.12 46.74
N TYR E 354 31.20 27.75 45.52
CA TYR E 354 32.29 26.78 45.32
C TYR E 354 33.64 27.32 45.82
N THR E 355 33.89 28.61 45.64
CA THR E 355 35.10 29.24 46.14
C THR E 355 35.19 29.13 47.65
N THR E 356 34.08 29.44 48.30
CA THR E 356 33.98 29.38 49.76
C THR E 356 34.03 27.96 50.31
N LEU E 357 33.33 27.04 49.67
CA LEU E 357 33.36 25.62 50.09
C LEU E 357 34.76 25.07 50.04
N LEU E 358 35.51 25.39 48.97
CA LEU E 358 36.91 24.98 48.88
C LEU E 358 37.76 25.56 50.02
N ILE E 359 37.51 26.82 50.43
CA ILE E 359 38.20 27.40 51.60
C ILE E 359 37.87 26.67 52.89
N GLU E 360 36.59 26.44 53.16
CA GLU E 360 36.15 25.69 54.34
C GLU E 360 36.71 24.27 54.37
N LEU E 361 36.91 23.69 53.20
CA LEU E 361 37.57 22.39 53.09
C LEU E 361 39.06 22.45 53.40
N CYS E 362 39.74 23.50 52.97
CA CYS E 362 41.14 23.71 53.35
C CYS E 362 41.26 23.87 54.86
N LYS E 363 40.37 24.64 55.47
CA LYS E 363 40.32 24.79 56.93
C LYS E 363 40.15 23.46 57.66
N LEU E 364 39.27 22.60 57.14
CA LEU E 364 38.94 21.33 57.78
C LEU E 364 40.01 20.24 57.58
N GLN E 365 40.83 20.35 56.54
CA GLN E 365 41.87 19.36 56.24
C GLN E 365 43.14 20.10 55.82
N PRO E 366 43.69 20.93 56.72
CA PRO E 366 44.78 21.82 56.30
C PRO E 366 46.08 21.13 55.94
N GLY E 367 46.30 19.92 56.44
CA GLY E 367 47.50 19.16 56.13
C GLY E 367 47.56 18.54 54.75
N SER E 368 46.40 18.27 54.14
CA SER E 368 46.31 17.52 52.87
C SER E 368 45.57 18.23 51.73
N LEU E 369 44.41 18.84 52.02
CA LEU E 369 43.53 19.40 50.98
C LEU E 369 44.18 20.52 50.14
N PRO E 370 44.86 21.49 50.76
CA PRO E 370 45.50 22.55 49.96
C PRO E 370 46.48 22.05 48.92
N GLN E 371 47.18 20.96 49.23
CA GLN E 371 48.10 20.33 48.27
C GLN E 371 47.34 19.72 47.09
N VAL E 372 46.27 19.00 47.38
CA VAL E 372 45.40 18.43 46.33
C VAL E 372 44.78 19.53 45.49
N LEU E 373 44.33 20.60 46.14
CA LEU E 373 43.78 21.74 45.44
C LEU E 373 44.80 22.38 44.49
N ALA E 374 46.00 22.63 44.98
CA ALA E 374 47.07 23.24 44.16
C ALA E 374 47.48 22.37 42.98
N GLN E 375 47.53 21.05 43.19
CA GLN E 375 47.81 20.07 42.15
C GLN E 375 46.75 20.13 41.05
N ALA E 376 45.48 20.17 41.46
CA ALA E 376 44.36 20.27 40.53
C ALA E 376 44.40 21.58 39.75
N THR E 377 44.68 22.69 40.43
CA THR E 377 44.82 24.00 39.78
C THR E 377 45.89 23.96 38.68
N GLU E 378 47.01 23.31 38.99
CA GLU E 378 48.10 23.10 38.03
C GLU E 378 47.62 22.30 36.82
N MET E 379 46.90 21.22 37.06
CA MET E 379 46.38 20.37 35.99
C MET E 379 45.35 21.10 35.12
N LEU E 380 44.55 21.98 35.73
CA LEU E 380 43.57 22.78 34.99
C LEU E 380 44.26 23.77 34.06
N TYR E 381 45.31 24.41 34.58
CA TYR E 381 46.13 25.32 33.79
C TYR E 381 46.79 24.61 32.61
N MET E 382 47.38 23.44 32.85
CA MET E 382 48.06 22.68 31.78
C MET E 382 47.13 22.24 30.65
N ARG E 383 45.84 22.04 30.95
CA ARG E 383 44.85 21.61 29.96
C ARG E 383 43.99 22.74 29.38
N LEU E 384 44.41 24.00 29.60
CA LEU E 384 43.67 25.18 29.13
C LEU E 384 43.44 25.26 27.62
N ASP E 385 44.34 24.64 26.85
CA ASP E 385 44.32 24.82 25.39
C ASP E 385 43.01 24.36 24.73
N THR E 386 42.37 23.32 25.26
CA THR E 386 41.06 22.87 24.76
C THR E 386 39.88 23.15 25.70
N MET E 387 40.08 23.95 26.75
CA MET E 387 39.00 24.27 27.70
C MET E 387 38.03 25.28 27.08
N ASN E 388 36.73 24.99 27.22
CA ASN E 388 35.66 25.87 26.75
C ASN E 388 35.75 27.24 27.42
N THR E 389 35.46 28.30 26.67
CA THR E 389 35.59 29.68 27.16
C THR E 389 34.67 29.99 28.35
N THR E 390 33.47 29.42 28.33
CA THR E 390 32.53 29.55 29.44
C THR E 390 33.17 29.06 30.75
N CYS E 391 33.76 27.87 30.71
CA CYS E 391 34.50 27.31 31.84
C CYS E 391 35.76 28.09 32.23
N VAL E 392 36.49 28.61 31.25
CA VAL E 392 37.69 29.40 31.52
C VAL E 392 37.35 30.66 32.31
N ASP E 393 36.24 31.31 31.99
CA ASP E 393 35.79 32.47 32.78
C ASP E 393 35.54 32.12 34.25
N ARG E 394 34.93 30.97 34.49
CA ARG E 394 34.65 30.51 35.84
C ARG E 394 35.92 30.17 36.61
N PHE E 395 36.88 29.57 35.90
CA PHE E 395 38.21 29.26 36.43
C PHE E 395 38.94 30.55 36.83
N ILE E 396 38.97 31.52 35.92
CA ILE E 396 39.54 32.85 36.19
C ILE E 396 38.91 33.48 37.42
N ASN E 397 37.58 33.50 37.48
CA ASN E 397 36.86 34.12 38.59
C ASN E 397 37.10 33.38 39.90
N TRP E 398 37.12 32.05 39.84
CA TRP E 398 37.38 31.25 41.05
C TRP E 398 38.80 31.45 41.57
N PHE E 399 39.76 31.29 40.68
CA PHE E 399 41.17 31.34 41.04
C PHE E 399 41.58 32.72 41.56
N SER E 400 41.15 33.79 40.90
CA SER E 400 41.46 35.15 41.35
C SER E 400 40.86 35.45 42.74
N HIS E 401 39.63 34.99 42.95
CA HIS E 401 38.93 35.20 44.22
C HIS E 401 39.51 34.32 45.33
N HIS E 402 39.94 33.12 44.98
CA HIS E 402 40.68 32.25 45.90
C HIS E 402 41.97 32.93 46.34
N LEU E 403 42.84 33.28 45.38
CA LEU E 403 44.10 33.98 45.67
C LEU E 403 43.89 35.20 46.58
N SER E 404 42.84 35.99 46.33
CA SER E 404 42.57 37.16 47.17
C SER E 404 42.32 36.83 48.65
N ASN E 405 41.94 35.57 48.95
CA ASN E 405 41.79 35.08 50.33
C ASN E 405 43.06 34.49 50.99
N PHE E 406 44.14 34.36 50.22
CA PHE E 406 45.41 33.86 50.76
C PHE E 406 46.57 34.72 50.27
N GLN E 407 46.39 36.04 50.43
CA GLN E 407 47.45 37.04 50.20
C GLN E 407 48.14 36.95 48.82
N PHE E 408 47.36 36.54 47.82
CA PHE E 408 47.85 36.37 46.44
C PHE E 408 49.11 35.50 46.32
N ARG E 409 49.25 34.54 47.23
CA ARG E 409 50.39 33.63 47.24
C ARG E 409 50.21 32.61 46.14
N TRP E 410 51.11 32.61 45.16
CA TRP E 410 51.12 31.58 44.12
C TRP E 410 52.48 31.49 43.43
N SER E 411 52.91 30.25 43.17
CA SER E 411 54.17 30.01 42.45
C SER E 411 54.03 30.34 40.97
N TRP E 412 54.14 31.63 40.63
CA TRP E 412 53.87 32.12 39.27
C TRP E 412 54.84 31.57 38.23
N GLU E 413 56.10 31.46 38.61
CA GLU E 413 57.16 30.84 37.76
C GLU E 413 56.86 29.41 37.26
N ASP E 414 56.01 28.66 37.97
CA ASP E 414 55.52 27.35 37.46
C ASP E 414 54.83 27.47 36.09
N TRP E 415 54.31 28.65 35.80
CA TRP E 415 53.63 28.95 34.54
C TRP E 415 54.44 29.87 33.60
N SER E 416 55.77 29.77 33.62
CA SER E 416 56.63 30.61 32.76
C SER E 416 56.52 30.31 31.27
N ASP E 417 56.16 29.06 30.93
CA ASP E 417 55.88 28.64 29.53
C ASP E 417 54.90 29.53 28.73
N CYS E 418 54.01 30.24 29.43
CA CYS E 418 53.07 31.18 28.79
C CYS E 418 53.75 32.41 28.17
N LEU E 419 54.89 32.83 28.74
CA LEU E 419 55.58 34.05 28.30
C LEU E 419 56.17 33.97 26.88
N SER E 420 56.57 32.77 26.45
CA SER E 420 57.09 32.54 25.10
C SER E 420 56.02 32.23 24.03
N GLN E 421 54.80 31.89 24.47
CA GLN E 421 53.67 31.64 23.55
C GLN E 421 53.02 32.93 23.05
N ASP E 422 52.17 32.79 22.03
CA ASP E 422 51.37 33.89 21.47
C ASP E 422 50.41 34.45 22.52
N PRO E 423 50.47 35.78 22.81
CA PRO E 423 49.55 36.41 23.79
C PRO E 423 48.05 36.07 23.69
N GLU E 424 47.56 35.79 22.48
CA GLU E 424 46.16 35.39 22.29
C GLU E 424 45.87 33.96 22.77
N SER E 425 46.88 33.10 22.88
CA SER E 425 46.70 31.70 23.28
C SER E 425 46.09 31.55 24.68
N PRO E 426 45.40 30.42 24.95
CA PRO E 426 44.66 30.24 26.21
C PRO E 426 45.44 30.48 27.51
N LYS E 427 46.69 30.02 27.57
CA LYS E 427 47.49 30.10 28.80
C LYS E 427 47.93 31.53 29.20
N PRO E 428 48.59 32.28 28.30
CA PRO E 428 48.92 33.66 28.67
C PRO E 428 47.70 34.58 28.81
N LYS E 429 46.66 34.30 28.04
CA LYS E 429 45.39 35.04 28.14
C LYS E 429 44.68 34.73 29.46
N PHE E 430 44.77 33.48 29.91
CA PHE E 430 44.31 33.11 31.26
C PHE E 430 45.01 33.94 32.31
N VAL E 431 46.34 34.02 32.23
CA VAL E 431 47.13 34.70 33.26
C VAL E 431 46.87 36.21 33.25
N ARG E 432 46.73 36.82 32.06
CA ARG E 432 46.43 38.25 31.96
C ARG E 432 45.12 38.61 32.66
N GLU E 433 44.09 37.83 32.35
CA GLU E 433 42.74 38.06 32.89
C GLU E 433 42.67 37.80 34.40
N VAL E 434 43.38 36.78 34.87
CA VAL E 434 43.47 36.47 36.30
C VAL E 434 44.05 37.66 37.05
N LEU E 435 45.14 38.20 36.51
CA LEU E 435 45.81 39.34 37.13
C LEU E 435 44.95 40.61 37.07
N GLU E 436 44.24 40.80 35.95
CA GLU E 436 43.25 41.87 35.82
C GLU E 436 42.15 41.74 36.88
N LYS E 437 41.69 40.50 37.10
CA LYS E 437 40.69 40.21 38.13
C LYS E 437 41.22 40.38 39.55
N CYS E 438 42.49 40.01 39.77
CA CYS E 438 43.14 40.26 41.05
C CYS E 438 43.22 41.74 41.37
N MET E 439 43.57 42.56 40.38
CA MET E 439 43.66 44.02 40.54
C MET E 439 42.36 44.63 41.05
N ARG E 440 41.23 44.15 40.54
CA ARG E 440 39.92 44.66 40.96
C ARG E 440 39.61 44.42 42.43
N LEU E 441 40.03 43.25 42.92
CA LEU E 441 39.89 42.90 44.34
C LEU E 441 40.95 43.56 45.23
N SER E 442 42.03 44.06 44.62
CA SER E 442 43.16 44.66 45.30
C SER E 442 43.37 46.10 44.79
N TYR E 443 44.59 46.44 44.38
CA TYR E 443 44.91 47.68 43.66
C TYR E 443 46.12 47.46 42.73
N HIS E 444 46.33 48.37 41.77
CA HIS E 444 47.34 48.20 40.71
C HIS E 444 48.73 47.82 41.24
N GLN E 445 49.20 48.57 42.24
CA GLN E 445 50.57 48.38 42.75
C GLN E 445 50.80 47.02 43.41
N ARG E 446 49.78 46.51 44.11
CA ARG E 446 49.89 45.24 44.85
C ARG E 446 50.05 44.05 43.91
N ILE E 447 49.51 44.16 42.68
CA ILE E 447 49.63 43.09 41.67
C ILE E 447 51.01 43.09 41.03
N LEU E 448 51.57 44.28 40.80
CA LEU E 448 52.97 44.42 40.33
C LEU E 448 53.98 43.77 41.29
N ASP E 449 53.72 43.87 42.59
CA ASP E 449 54.59 43.30 43.63
C ASP E 449 54.56 41.77 43.63
N ILE E 450 53.36 41.20 43.74
CA ILE E 450 53.19 39.74 43.93
C ILE E 450 53.58 38.84 42.75
N VAL E 451 53.83 39.41 41.58
CA VAL E 451 54.33 38.63 40.43
C VAL E 451 55.83 38.86 40.23
N PRO E 452 56.54 37.85 39.69
CA PRO E 452 57.92 38.04 39.20
C PRO E 452 58.05 39.20 38.18
N PRO E 453 59.24 39.83 38.08
CA PRO E 453 59.42 40.86 37.03
C PRO E 453 59.28 40.38 35.57
N THR E 454 59.45 39.09 35.31
CA THR E 454 59.17 38.53 33.96
C THR E 454 57.66 38.51 33.59
N PHE E 455 56.78 38.52 34.61
CA PHE E 455 55.32 38.51 34.43
C PHE E 455 54.64 39.89 34.32
N SER E 456 55.35 40.99 34.62
CA SER E 456 54.74 42.34 34.58
C SER E 456 54.41 42.86 33.17
N ALA E 457 54.85 42.15 32.12
CA ALA E 457 54.31 42.31 30.77
C ALA E 457 52.83 41.93 30.72
N LEU E 458 52.49 40.81 31.36
CA LEU E 458 51.10 40.31 31.45
C LEU E 458 50.21 41.04 32.47
N CYS E 459 50.79 41.92 33.30
CA CYS E 459 49.99 42.72 34.25
C CYS E 459 49.08 43.74 33.56
N PRO E 460 47.94 44.05 34.19
CA PRO E 460 47.00 45.01 33.63
C PRO E 460 47.54 46.41 33.81
N VAL E 461 47.02 47.36 33.04
CA VAL E 461 47.47 48.74 33.12
C VAL E 461 46.81 49.45 34.28
N ASN E 462 47.32 50.63 34.62
CA ASN E 462 46.73 51.39 35.71
C ASN E 462 45.39 51.89 35.20
N PRO E 463 44.37 51.88 36.07
CA PRO E 463 43.02 52.33 35.74
C PRO E 463 42.80 53.84 35.91
N THR E 464 43.17 54.60 34.88
CA THR E 464 43.10 56.07 34.91
C THR E 464 42.23 56.67 33.80
N CYS E 465 41.69 57.85 34.09
CA CYS E 465 40.85 58.62 33.18
C CYS E 465 41.70 59.19 32.05
N ILE E 466 41.21 59.09 30.81
CA ILE E 466 41.81 59.78 29.66
C ILE E 466 40.91 60.95 29.27
N TYR E 467 41.29 62.16 29.71
CA TYR E 467 40.54 63.39 29.38
C TYR E 467 41.13 64.06 28.14
N LYS E 468 40.25 64.54 27.26
CA LYS E 468 40.64 65.22 26.02
C LYS E 468 40.74 66.73 26.21
N GLY E 479 35.88 72.53 19.53
CA GLY E 479 35.18 72.78 20.80
C GLY E 479 36.10 72.74 22.01
N HIS E 480 37.28 73.34 21.87
CA HIS E 480 38.27 73.43 22.96
C HIS E 480 37.80 74.39 24.05
N SER E 481 37.35 75.57 23.65
CA SER E 481 36.84 76.59 24.57
C SER E 481 35.48 76.24 25.19
N VAL E 482 34.72 75.36 24.55
CA VAL E 482 33.37 74.97 25.02
C VAL E 482 33.49 74.08 26.25
N ALA E 483 34.43 73.13 26.19
CA ALA E 483 34.76 72.25 27.33
C ALA E 483 35.27 73.02 28.55
N LEU E 484 35.98 74.12 28.33
CA LEU E 484 36.43 75.01 29.41
C LEU E 484 35.26 75.74 30.10
N CYS E 485 34.25 76.11 29.31
CA CYS E 485 33.02 76.73 29.85
C CYS E 485 32.22 75.77 30.74
N LEU E 486 31.97 74.57 30.22
CA LEU E 486 31.28 73.50 30.98
C LEU E 486 32.01 73.16 32.28
N ALA E 487 33.34 73.06 32.20
CA ALA E 487 34.18 72.82 33.38
C ALA E 487 33.87 73.79 34.52
N VAL E 488 33.76 75.07 34.18
CA VAL E 488 33.42 76.12 35.17
C VAL E 488 31.99 75.97 35.69
N ALA E 489 31.05 75.64 34.81
CA ALA E 489 29.62 75.50 35.16
C ALA E 489 29.34 74.33 36.11
N PHE E 490 29.98 73.19 35.88
CA PHE E 490 29.87 72.03 36.79
C PHE E 490 30.43 72.35 38.16
N LYS E 491 31.67 72.88 38.18
CA LYS E 491 32.36 73.31 39.41
C LYS E 491 31.53 74.31 40.23
N SER E 492 30.86 75.24 39.55
CA SER E 492 30.06 76.28 40.20
C SER E 492 28.63 75.86 40.63
N LYS E 493 28.31 74.56 40.55
CA LYS E 493 27.02 74.02 41.00
C LYS E 493 25.84 74.58 40.17
N ALA E 494 25.97 74.46 38.85
CA ALA E 494 24.97 74.98 37.92
C ALA E 494 23.81 74.01 37.71
N THR E 495 22.69 74.57 37.21
CA THR E 495 21.48 73.78 36.92
C THR E 495 21.54 73.17 35.50
N ASN E 496 20.59 72.27 35.21
CA ASN E 496 20.50 71.61 33.90
C ASN E 496 20.26 72.60 32.74
N ASP E 497 19.43 73.61 33.01
CA ASP E 497 19.12 74.70 32.06
C ASP E 497 20.38 75.41 31.56
N GLU E 498 21.30 75.69 32.48
CA GLU E 498 22.54 76.42 32.18
C GLU E 498 23.53 75.57 31.38
N ILE E 499 23.67 74.29 31.74
CA ILE E 499 24.55 73.36 31.01
C ILE E 499 24.03 73.13 29.58
N PHE E 500 22.72 72.96 29.44
CA PHE E 500 22.08 72.83 28.11
C PHE E 500 22.26 74.10 27.26
N SER E 501 22.20 75.27 27.92
CA SER E 501 22.42 76.56 27.26
C SER E 501 23.85 76.73 26.73
N ILE E 502 24.84 76.28 27.51
CA ILE E 502 26.25 76.34 27.13
C ILE E 502 26.57 75.46 25.89
N LEU E 503 25.83 74.35 25.74
CA LEU E 503 26.03 73.43 24.61
C LEU E 503 25.48 73.94 23.26
N LYS E 504 24.83 75.12 23.25
CA LYS E 504 24.37 75.74 22.00
C LYS E 504 25.57 76.12 21.10
N ASP E 505 26.64 76.64 21.70
CA ASP E 505 27.84 77.10 20.98
C ASP E 505 28.80 75.95 20.61
N VAL E 506 28.43 75.12 19.64
CA VAL E 506 29.25 73.98 19.22
C VAL E 506 29.15 73.79 17.68
N PRO E 507 30.30 73.79 16.98
CA PRO E 507 30.27 73.59 15.51
C PRO E 507 29.99 72.14 15.09
N ASN E 508 29.08 71.97 14.13
CA ASN E 508 28.67 70.65 13.62
C ASN E 508 29.43 70.28 12.34
N PRO E 509 30.17 69.14 12.33
CA PRO E 509 30.72 68.61 11.08
C PRO E 509 29.75 67.69 10.34
N ASN E 522 24.32 66.10 16.16
CA ASN E 522 25.58 66.76 16.52
C ASN E 522 26.44 65.88 17.46
N PRO E 523 27.44 65.16 16.91
CA PRO E 523 28.28 64.27 17.75
C PRO E 523 29.29 64.99 18.66
N LEU E 524 29.61 66.25 18.37
CA LEU E 524 30.57 67.01 19.17
C LEU E 524 29.95 67.59 20.45
N LYS E 525 28.62 67.76 20.48
CA LYS E 525 27.92 68.17 21.71
C LYS E 525 28.05 67.13 22.82
N ILE E 526 27.88 65.87 22.44
CA ILE E 526 28.00 64.73 23.34
C ILE E 526 29.46 64.56 23.78
N GLU E 527 30.38 64.65 22.82
CA GLU E 527 31.81 64.49 23.07
C GLU E 527 32.33 65.45 24.15
N VAL E 528 32.04 66.74 24.01
CA VAL E 528 32.47 67.74 25.01
C VAL E 528 31.70 67.65 26.34
N PHE E 529 30.46 67.16 26.31
CA PHE E 529 29.67 66.99 27.55
C PHE E 529 30.12 65.77 28.36
N VAL E 530 30.24 64.62 27.69
CA VAL E 530 30.59 63.36 28.37
C VAL E 530 32.02 63.43 28.92
N GLN E 531 32.98 63.80 28.08
CA GLN E 531 34.40 63.94 28.47
C GLN E 531 34.58 64.78 29.74
N THR E 532 33.88 65.91 29.81
CA THR E 532 34.00 66.87 30.90
C THR E 532 33.33 66.39 32.19
N LEU E 533 32.13 65.83 32.07
CA LEU E 533 31.37 65.38 33.24
C LEU E 533 32.01 64.15 33.91
N LEU E 534 32.51 63.22 33.10
CA LEU E 534 33.19 62.02 33.61
C LEU E 534 34.59 62.31 34.17
N HIS E 535 35.31 63.25 33.56
CA HIS E 535 36.61 63.71 34.10
C HIS E 535 36.44 64.34 35.50
N LEU E 536 35.43 65.20 35.67
CA LEU E 536 35.20 65.86 36.95
C LEU E 536 34.55 64.97 38.01
N ALA E 537 34.00 63.82 37.61
CA ALA E 537 33.47 62.82 38.53
C ALA E 537 34.27 61.51 38.52
N ALA E 538 35.54 61.58 38.13
CA ALA E 538 36.41 60.38 37.98
C ALA E 538 37.00 59.86 39.30
N LYS E 539 36.65 60.49 40.42
CA LYS E 539 37.27 60.18 41.72
C LYS E 539 36.81 58.82 42.25
N SER E 540 35.53 58.49 42.07
CA SER E 540 34.98 57.19 42.50
C SER E 540 33.75 56.80 41.68
N PHE E 541 33.22 55.62 41.98
CA PHE E 541 31.94 55.16 41.41
C PHE E 541 30.77 56.01 41.91
N SER E 542 30.75 56.36 43.19
CA SER E 542 29.68 57.19 43.76
C SER E 542 29.61 58.61 43.15
N HIS E 543 30.78 59.20 42.87
CA HIS E 543 30.82 60.51 42.20
C HIS E 543 30.33 60.43 40.77
N SER E 544 30.82 59.44 40.02
CA SER E 544 30.35 59.21 38.65
C SER E 544 28.84 58.88 38.59
N PHE E 545 28.32 58.15 39.58
CA PHE E 545 26.87 57.88 39.68
C PHE E 545 26.06 59.12 40.05
N SER E 546 26.63 59.98 40.90
CA SER E 546 25.99 61.24 41.24
C SER E 546 25.92 62.19 40.04
N ALA E 547 26.96 62.16 39.20
CA ALA E 547 27.00 62.96 37.97
C ALA E 547 25.90 62.60 36.96
N LEU E 548 25.73 61.30 36.70
CA LEU E 548 24.68 60.82 35.79
C LEU E 548 23.29 61.17 36.31
N ALA E 549 23.08 61.07 37.62
CA ALA E 549 21.79 61.39 38.23
C ALA E 549 21.48 62.88 38.20
N LYS E 550 22.48 63.72 38.48
CA LYS E 550 22.29 65.17 38.56
C LYS E 550 21.98 65.79 37.18
N PHE E 551 22.72 65.36 36.16
CA PHE E 551 22.51 65.83 34.78
C PHE E 551 21.88 64.75 33.89
N HIS E 552 20.88 64.06 34.45
CA HIS E 552 20.14 62.99 33.79
C HIS E 552 19.38 63.53 32.57
N GLU E 553 18.75 64.69 32.75
CA GLU E 553 17.96 65.31 31.70
C GLU E 553 18.79 65.78 30.50
N VAL E 554 20.03 66.22 30.76
CA VAL E 554 20.94 66.62 29.67
C VAL E 554 21.37 65.38 28.86
N PHE E 555 21.61 64.26 29.56
CA PHE E 555 21.92 62.99 28.90
C PHE E 555 20.79 62.48 28.03
N LYS E 556 19.57 62.46 28.58
CA LYS E 556 18.38 61.99 27.85
C LYS E 556 18.09 62.78 26.57
N THR E 557 18.31 64.10 26.62
CA THR E 557 18.12 64.97 25.47
C THR E 557 19.20 64.71 24.41
N LEU E 558 20.46 64.63 24.84
CA LEU E 558 21.56 64.37 23.92
C LEU E 558 21.56 62.99 23.26
N ALA E 559 20.94 62.01 23.91
CA ALA E 559 20.99 60.62 23.43
C ALA E 559 19.59 59.97 23.33
N GLU E 560 18.62 60.73 22.84
CA GLU E 560 17.31 60.16 22.51
C GLU E 560 17.34 59.52 21.13
N SER E 561 18.19 60.04 20.24
CA SER E 561 18.51 59.40 18.98
C SER E 561 19.22 58.06 19.20
N ASP E 562 18.99 57.09 18.31
CA ASP E 562 19.71 55.80 18.34
C ASP E 562 21.21 55.99 18.11
N GLU E 563 21.57 56.82 17.13
CA GLU E 563 22.98 57.14 16.89
C GLU E 563 23.57 58.07 17.97
N GLY E 564 22.72 58.78 18.69
CA GLY E 564 23.12 59.51 19.89
C GLY E 564 23.49 58.61 21.07
N LYS E 565 22.76 57.51 21.24
CA LYS E 565 23.10 56.51 22.25
C LYS E 565 24.45 55.87 21.93
N LEU E 566 24.61 55.38 20.70
CA LEU E 566 25.87 54.78 20.23
C LEU E 566 27.09 55.67 20.45
N HIS E 567 26.91 56.98 20.32
CA HIS E 567 28.01 57.94 20.48
C HIS E 567 28.34 58.20 21.95
N VAL E 568 27.33 58.19 22.84
CA VAL E 568 27.58 58.30 24.29
C VAL E 568 28.44 57.13 24.79
N LEU E 569 28.17 55.93 24.29
CA LEU E 569 28.97 54.74 24.61
C LEU E 569 30.37 54.82 24.02
N ARG E 570 30.47 55.28 22.76
CA ARG E 570 31.78 55.45 22.11
C ARG E 570 32.70 56.46 22.84
N VAL E 571 32.13 57.58 23.30
CA VAL E 571 32.91 58.60 24.03
C VAL E 571 33.29 58.09 25.42
N MET E 572 32.30 57.61 26.16
CA MET E 572 32.48 57.02 27.48
C MET E 572 33.56 55.93 27.51
N PHE E 573 33.66 55.14 26.43
CA PHE E 573 34.75 54.17 26.26
C PHE E 573 36.11 54.86 26.16
N GLU E 574 36.21 55.86 25.29
CA GLU E 574 37.47 56.60 25.08
C GLU E 574 37.98 57.33 26.34
N VAL E 575 37.07 57.70 27.23
CA VAL E 575 37.45 58.24 28.55
C VAL E 575 38.00 57.14 29.45
N TRP E 576 37.30 56.02 29.52
CA TRP E 576 37.55 54.97 30.52
C TRP E 576 38.08 53.65 29.98
N ARG E 577 38.69 53.65 28.79
CA ARG E 577 39.21 52.39 28.21
C ARG E 577 40.29 51.69 29.04
N ASN E 578 40.94 52.43 29.95
CA ASN E 578 41.89 51.85 30.90
C ASN E 578 41.23 51.24 32.15
N HIS E 579 39.97 51.57 32.42
CA HIS E 579 39.26 51.10 33.62
C HIS E 579 37.98 50.30 33.28
N PRO E 580 38.14 49.10 32.68
CA PRO E 580 37.04 48.20 32.36
C PRO E 580 35.90 48.09 33.38
N GLN E 581 36.23 48.09 34.66
CA GLN E 581 35.21 48.00 35.71
C GLN E 581 34.28 49.23 35.70
N MET E 582 34.86 50.41 35.50
CA MET E 582 34.09 51.66 35.42
C MET E 582 33.16 51.67 34.19
N ILE E 583 33.67 51.19 33.06
CA ILE E 583 32.85 51.05 31.85
C ILE E 583 31.61 50.23 32.19
N ALA E 584 31.83 49.07 32.80
CA ALA E 584 30.75 48.13 33.12
C ALA E 584 29.70 48.71 34.04
N VAL E 585 30.12 49.36 35.12
CA VAL E 585 29.16 49.96 36.06
C VAL E 585 28.46 51.22 35.52
N LEU E 586 29.08 51.89 34.55
CA LEU E 586 28.46 53.05 33.89
C LEU E 586 27.40 52.60 32.90
N VAL E 587 27.79 51.69 32.00
CA VAL E 587 26.87 51.07 31.04
C VAL E 587 25.63 50.54 31.75
N ASP E 588 25.84 49.94 32.92
CA ASP E 588 24.75 49.45 33.76
C ASP E 588 23.80 50.57 34.20
N LYS E 589 24.36 51.67 34.72
CA LYS E 589 23.55 52.78 35.20
C LYS E 589 22.85 53.48 34.04
N MET E 590 23.55 53.59 32.91
CA MET E 590 22.97 54.21 31.72
C MET E 590 21.77 53.42 31.18
N ILE E 591 21.82 52.09 31.25
CA ILE E 591 20.69 51.25 30.87
C ILE E 591 19.55 51.36 31.90
N ARG E 592 19.89 51.38 33.18
CA ARG E 592 18.88 51.43 34.24
C ARG E 592 18.08 52.74 34.28
N THR E 593 18.74 53.85 33.92
CA THR E 593 18.09 55.16 33.90
C THR E 593 17.66 55.59 32.48
N GLN E 594 17.77 54.68 31.52
CA GLN E 594 17.32 54.85 30.13
C GLN E 594 18.09 55.89 29.31
N ILE E 595 19.31 56.22 29.72
CA ILE E 595 20.20 57.05 28.90
C ILE E 595 20.40 56.32 27.57
N VAL E 596 20.74 55.03 27.67
CA VAL E 596 20.80 54.14 26.50
C VAL E 596 19.85 52.95 26.71
N ASP E 597 19.72 52.13 25.66
CA ASP E 597 18.95 50.90 25.74
C ASP E 597 19.85 49.70 25.39
N CYS E 598 19.33 48.51 25.69
CA CYS E 598 20.09 47.27 25.49
C CYS E 598 20.57 47.09 24.07
N ALA E 599 19.74 47.47 23.10
CA ALA E 599 20.09 47.36 21.68
C ALA E 599 21.32 48.20 21.31
N ALA E 600 21.39 49.42 21.84
CA ALA E 600 22.54 50.29 21.63
C ALA E 600 23.82 49.62 22.13
N VAL E 601 23.75 49.09 23.36
CA VAL E 601 24.90 48.42 24.00
C VAL E 601 25.31 47.15 23.24
N ALA E 602 24.35 46.43 22.70
CA ALA E 602 24.63 45.25 21.90
C ALA E 602 25.44 45.59 20.64
N ASN E 603 24.97 46.59 19.88
CA ASN E 603 25.68 47.04 18.67
C ASN E 603 27.07 47.59 19.00
N TRP E 604 27.12 48.42 20.04
CA TRP E 604 28.38 48.98 20.55
C TRP E 604 29.47 47.93 20.86
N ILE E 605 29.05 46.77 21.37
CA ILE E 605 29.98 45.67 21.71
C ILE E 605 30.57 45.01 20.47
N PHE E 606 29.76 44.81 19.44
CA PHE E 606 30.25 44.25 18.18
C PHE E 606 30.83 45.30 17.21
N SER E 607 30.84 46.58 17.60
CA SER E 607 31.40 47.65 16.77
C SER E 607 32.93 47.56 16.68
N SER E 608 33.50 48.35 15.78
CA SER E 608 34.95 48.35 15.53
C SER E 608 35.78 48.99 16.65
N GLU E 609 35.18 49.88 17.45
CA GLU E 609 35.89 50.54 18.56
C GLU E 609 36.33 49.56 19.66
N LEU E 610 35.57 48.48 19.84
CA LEU E 610 35.89 47.39 20.79
C LEU E 610 36.44 46.15 20.05
N SER E 611 37.00 46.34 18.85
CA SER E 611 37.49 45.24 18.03
C SER E 611 38.80 44.67 18.58
N ARG E 612 39.65 45.56 19.09
CA ARG E 612 40.91 45.18 19.76
C ARG E 612 40.68 44.45 21.09
N ASP E 613 39.63 44.85 21.81
CA ASP E 613 39.31 44.33 23.14
C ASP E 613 38.19 43.26 23.14
N PHE E 614 37.86 42.73 21.97
CA PHE E 614 36.73 41.82 21.78
C PHE E 614 36.89 40.47 22.49
N THR E 615 38.12 39.97 22.54
CA THR E 615 38.44 38.71 23.22
C THR E 615 38.57 38.86 24.75
N ARG E 616 38.68 40.09 25.25
CA ARG E 616 38.78 40.34 26.68
C ARG E 616 37.45 40.07 27.40
N LEU E 617 37.54 39.70 28.68
CA LEU E 617 36.37 39.28 29.46
C LEU E 617 35.34 40.38 29.67
N PHE E 618 35.78 41.57 30.04
CA PHE E 618 34.86 42.66 30.44
C PHE E 618 33.78 42.97 29.39
N VAL E 619 34.12 42.81 28.11
CA VAL E 619 33.15 42.95 27.01
C VAL E 619 31.95 42.05 27.27
N TRP E 620 32.23 40.78 27.56
CA TRP E 620 31.18 39.77 27.72
C TRP E 620 30.49 39.86 29.07
N GLU E 621 31.17 40.39 30.09
CA GLU E 621 30.52 40.76 31.34
C GLU E 621 29.43 41.79 31.07
N ILE E 622 29.77 42.80 30.25
CA ILE E 622 28.84 43.89 29.94
C ILE E 622 27.68 43.39 29.09
N LEU E 623 27.97 42.53 28.11
CA LEU E 623 26.89 41.96 27.29
C LEU E 623 25.94 41.15 28.14
N HIS E 624 26.46 40.25 28.97
CA HIS E 624 25.63 39.35 29.76
C HIS E 624 24.86 40.11 30.83
N SER E 625 25.50 41.11 31.42
CA SER E 625 24.83 41.97 32.40
C SER E 625 23.65 42.67 31.73
N THR E 626 23.92 43.19 30.53
CA THR E 626 22.89 43.84 29.72
C THR E 626 21.72 42.88 29.43
N ILE E 627 22.05 41.67 28.95
CA ILE E 627 21.02 40.66 28.67
C ILE E 627 20.21 40.34 29.94
N ARG E 628 20.87 40.23 31.09
CA ARG E 628 20.20 39.95 32.37
C ARG E 628 19.19 41.03 32.78
N LYS E 629 19.59 42.30 32.64
CA LYS E 629 18.67 43.43 32.92
C LYS E 629 17.42 43.33 32.05
N MET E 630 17.62 43.01 30.78
CA MET E 630 16.53 42.79 29.84
C MET E 630 15.61 41.66 30.29
N ASN E 631 16.21 40.53 30.67
CA ASN E 631 15.42 39.36 31.05
C ASN E 631 14.65 39.60 32.36
N LYS E 632 15.24 40.35 33.28
CA LYS E 632 14.59 40.68 34.57
C LYS E 632 13.47 41.69 34.39
N HIS E 633 13.68 42.65 33.49
CA HIS E 633 12.65 43.61 33.11
C HIS E 633 11.38 42.92 32.60
N VAL E 634 11.55 41.91 31.75
CA VAL E 634 10.42 41.11 31.24
C VAL E 634 9.76 40.37 32.40
N LEU E 635 10.56 39.76 33.26
CA LEU E 635 10.05 38.97 34.38
C LEU E 635 9.22 39.80 35.35
N LYS E 636 9.70 41.02 35.66
CA LYS E 636 8.99 41.92 36.57
C LYS E 636 7.62 42.33 36.00
N ILE E 637 7.59 42.69 34.72
CA ILE E 637 6.35 43.03 34.04
C ILE E 637 5.43 41.80 34.01
N GLN E 638 5.99 40.60 33.80
CA GLN E 638 5.20 39.36 33.80
C GLN E 638 4.59 39.02 35.16
N LYS E 639 5.27 39.35 36.24
CA LYS E 639 4.74 39.08 37.59
C LYS E 639 3.76 40.13 38.09
N GLU E 640 3.90 41.38 37.64
CA GLU E 640 2.86 42.40 37.84
C GLU E 640 1.55 41.99 37.15
N LEU E 641 1.65 41.25 36.04
CA LEU E 641 0.49 40.71 35.34
C LEU E 641 -0.22 39.61 36.13
N GLU E 642 0.52 38.62 36.63
CA GLU E 642 -0.11 37.53 37.41
C GLU E 642 -0.56 37.93 38.81
N GLU E 643 0.11 38.93 39.41
CA GLU E 643 -0.36 39.53 40.67
C GLU E 643 -1.64 40.35 40.50
N ALA E 644 -1.92 40.81 39.28
CA ALA E 644 -3.19 41.45 38.96
C ALA E 644 -4.30 40.43 38.64
N LYS E 645 -3.95 39.36 37.91
CA LYS E 645 -4.91 38.28 37.57
C LYS E 645 -5.35 37.44 38.78
N GLU E 646 -4.43 37.20 39.70
CA GLU E 646 -4.75 36.54 40.98
C GLU E 646 -5.60 37.46 41.89
N LYS E 647 -5.38 38.77 41.83
CA LYS E 647 -6.24 39.74 42.52
C LYS E 647 -7.67 39.78 41.93
N LEU E 648 -7.79 39.51 40.64
CA LEU E 648 -9.11 39.37 39.99
C LEU E 648 -9.83 38.08 40.43
N ALA E 649 -9.09 36.98 40.55
CA ALA E 649 -9.66 35.68 40.96
C ALA E 649 -10.15 35.66 42.42
N ARG E 650 -9.42 36.33 43.32
CA ARG E 650 -9.85 36.49 44.73
C ARG E 650 -11.13 37.31 44.87
N GLN E 651 -11.24 38.38 44.09
CA GLN E 651 -12.40 39.27 44.10
C GLN E 651 -13.66 38.59 43.51
N HIS E 652 -13.47 37.65 42.57
CA HIS E 652 -14.54 36.79 42.06
C HIS E 652 -14.62 35.49 42.88
N ARG E 665 -18.24 47.75 39.79
CA ARG E 665 -17.58 49.03 39.57
C ARG E 665 -16.06 48.90 39.56
N LYS E 666 -15.50 48.29 40.60
CA LYS E 666 -14.04 48.13 40.76
C LYS E 666 -13.44 47.02 39.87
N ASP E 667 -14.21 45.97 39.58
CA ASP E 667 -13.74 44.87 38.71
C ASP E 667 -13.63 45.26 37.23
N GLY E 668 -14.42 46.24 36.79
CA GLY E 668 -14.32 46.81 35.45
C GLY E 668 -13.07 47.64 35.21
N VAL E 669 -12.48 48.18 36.27
CA VAL E 669 -11.24 48.97 36.19
C VAL E 669 -10.01 48.05 36.26
N LEU E 670 -10.03 47.07 37.18
CA LEU E 670 -8.92 46.14 37.35
C LEU E 670 -8.71 45.24 36.12
N GLU E 671 -9.80 44.87 35.45
CA GLU E 671 -9.71 44.05 34.24
C GLU E 671 -9.13 44.81 33.04
N GLU E 672 -9.28 46.15 33.05
CA GLU E 672 -8.65 47.03 32.05
C GLU E 672 -7.17 47.31 32.35
N GLN E 673 -6.75 47.20 33.61
CA GLN E 673 -5.32 47.19 33.96
C GLN E 673 -4.61 45.93 33.45
N ILE E 674 -5.31 44.80 33.44
CA ILE E 674 -4.80 43.54 32.89
C ILE E 674 -4.58 43.63 31.37
N GLU E 675 -5.50 44.28 30.66
CA GLU E 675 -5.32 44.53 29.23
C GLU E 675 -4.09 45.42 28.95
N ARG E 676 -3.82 46.38 29.83
CA ARG E 676 -2.61 47.20 29.70
C ARG E 676 -1.33 46.44 29.96
N LEU E 677 -1.31 45.61 31.01
CA LEU E 677 -0.12 44.81 31.35
C LEU E 677 0.21 43.75 30.31
N GLN E 678 -0.81 43.10 29.73
CA GLN E 678 -0.58 42.15 28.62
C GLN E 678 0.04 42.84 27.40
N GLU E 679 -0.25 44.12 27.20
CA GLU E 679 0.38 44.93 26.16
C GLU E 679 1.85 45.27 26.51
N LYS E 680 2.12 45.61 27.77
CA LYS E 680 3.48 45.91 28.23
C LYS E 680 4.39 44.69 28.18
N VAL E 681 3.85 43.52 28.57
CA VAL E 681 4.55 42.23 28.45
C VAL E 681 4.99 41.99 27.01
N GLU E 682 4.05 42.17 26.07
CA GLU E 682 4.31 41.89 24.66
C GLU E 682 5.32 42.86 24.07
N SER E 683 5.27 44.13 24.49
CA SER E 683 6.25 45.11 24.05
C SER E 683 7.63 44.80 24.66
N ALA E 684 7.64 44.37 25.92
CA ALA E 684 8.88 43.99 26.61
C ALA E 684 9.50 42.73 26.01
N GLN E 685 8.68 41.70 25.82
CA GLN E 685 9.10 40.46 25.15
C GLN E 685 9.58 40.72 23.72
N SER E 686 8.99 41.70 23.06
CA SER E 686 9.43 42.11 21.73
C SER E 686 10.82 42.73 21.79
N GLU E 687 11.02 43.65 22.73
CA GLU E 687 12.32 44.27 22.95
C GLU E 687 13.39 43.23 23.28
N GLN E 688 13.03 42.27 24.13
CA GLN E 688 13.88 41.14 24.50
C GLN E 688 14.30 40.31 23.29
N LYS E 689 13.33 39.92 22.48
CA LYS E 689 13.59 39.13 21.28
C LYS E 689 14.53 39.82 20.34
N ASN E 690 14.32 41.12 20.16
CA ASN E 690 15.14 41.90 19.23
C ASN E 690 16.59 42.00 19.69
N LEU E 691 16.79 42.07 21.01
CA LEU E 691 18.13 42.09 21.58
C LEU E 691 18.92 40.83 21.24
N PHE E 692 18.26 39.68 21.29
CA PHE E 692 18.89 38.43 20.91
C PHE E 692 19.12 38.34 19.40
N LEU E 693 18.13 38.76 18.61
CA LEU E 693 18.25 38.75 17.15
C LEU E 693 19.38 39.68 16.68
N VAL E 694 19.50 40.84 17.30
CA VAL E 694 20.65 41.72 17.05
C VAL E 694 21.92 40.94 17.32
N ILE E 695 22.07 40.42 18.54
CA ILE E 695 23.30 39.73 18.97
C ILE E 695 23.65 38.59 18.02
N PHE E 696 22.68 37.74 17.69
CA PHE E 696 22.96 36.61 16.81
C PHE E 696 23.38 37.06 15.41
N GLN E 697 22.70 38.08 14.87
CA GLN E 697 23.05 38.63 13.55
C GLN E 697 24.50 39.07 13.48
N ARG E 698 24.96 39.76 14.52
CA ARG E 698 26.30 40.31 14.55
C ARG E 698 27.33 39.17 14.66
N PHE E 699 27.00 38.13 15.42
CA PHE E 699 27.83 36.92 15.49
C PHE E 699 27.95 36.26 14.12
N ILE E 700 26.81 36.02 13.48
CA ILE E 700 26.78 35.38 12.17
C ILE E 700 27.54 36.19 11.12
N MET E 701 27.45 37.52 11.22
CA MET E 701 28.17 38.42 10.32
C MET E 701 29.68 38.27 10.49
N ILE E 702 30.19 38.53 11.70
CA ILE E 702 31.65 38.53 11.93
C ILE E 702 32.29 37.13 11.87
N LEU E 703 31.51 36.09 12.14
CA LEU E 703 31.97 34.70 11.95
C LEU E 703 32.04 34.34 10.48
N THR E 704 31.02 34.74 9.70
CA THR E 704 31.01 34.55 8.24
C THR E 704 32.18 35.31 7.58
N GLU E 705 32.35 36.57 7.98
CA GLU E 705 33.46 37.43 7.51
C GLU E 705 34.86 36.81 7.75
N HIS E 706 35.01 36.02 8.82
CA HIS E 706 36.24 35.28 9.10
C HIS E 706 36.35 34.04 8.23
N LEU E 707 35.28 33.24 8.16
CA LEU E 707 35.29 31.97 7.42
C LEU E 707 35.45 32.16 5.89
N VAL E 708 34.90 33.25 5.35
CA VAL E 708 35.08 33.59 3.94
C VAL E 708 36.54 33.99 3.66
N ARG E 709 37.10 34.89 4.47
CA ARG E 709 38.50 35.33 4.31
C ARG E 709 39.53 34.22 4.56
N CYS E 710 39.17 33.20 5.34
CA CYS E 710 40.06 32.06 5.60
C CYS E 710 40.21 31.12 4.38
N GLU E 711 39.12 30.82 3.70
CA GLU E 711 39.20 30.01 2.48
C GLU E 711 39.72 30.82 1.27
N THR E 712 39.45 32.13 1.25
CA THR E 712 39.99 33.03 0.21
C THR E 712 41.52 33.15 0.32
N ASP E 713 42.02 33.43 1.52
CA ASP E 713 43.47 33.55 1.77
C ASP E 713 44.18 32.20 2.05
N GLY E 714 43.43 31.10 2.13
CA GLY E 714 44.00 29.77 2.39
C GLY E 714 44.55 29.52 3.78
N THR E 715 44.26 30.42 4.73
CA THR E 715 44.82 30.36 6.10
C THR E 715 44.07 29.31 6.94
N SER E 716 44.54 29.11 8.16
CA SER E 716 43.87 28.23 9.13
C SER E 716 42.58 28.88 9.65
N VAL E 717 41.55 28.07 9.80
CA VAL E 717 40.25 28.51 10.31
C VAL E 717 40.34 28.70 11.83
N LEU E 718 40.87 27.67 12.51
CA LEU E 718 40.84 27.57 13.96
C LEU E 718 41.91 28.43 14.64
N THR E 719 41.78 29.75 14.52
CA THR E 719 42.69 30.71 15.17
C THR E 719 42.28 30.91 16.64
N PRO E 720 43.10 31.63 17.43
CA PRO E 720 42.67 32.05 18.76
C PRO E 720 41.44 32.98 18.78
N TRP E 721 41.36 33.94 17.87
CA TRP E 721 40.21 34.84 17.78
C TRP E 721 38.91 34.09 17.49
N TYR E 722 38.96 33.13 16.58
CA TYR E 722 37.80 32.31 16.23
C TYR E 722 37.31 31.45 17.41
N LYS E 723 38.25 30.86 18.15
CA LYS E 723 37.92 30.03 19.32
C LYS E 723 37.10 30.83 20.32
N ASN E 724 37.55 32.03 20.65
CA ASN E 724 36.81 32.96 21.50
C ASN E 724 35.40 33.18 20.94
N CYS E 725 35.34 33.71 19.71
CA CYS E 725 34.08 34.15 19.10
C CYS E 725 33.02 33.05 18.99
N ILE E 726 33.38 31.90 18.41
CA ILE E 726 32.43 30.78 18.25
C ILE E 726 31.92 30.25 19.60
N GLU E 727 32.77 30.28 20.62
CA GLU E 727 32.41 29.82 21.97
C GLU E 727 31.63 30.88 22.78
N ARG E 728 31.84 32.16 22.49
CA ARG E 728 30.98 33.23 23.04
C ARG E 728 29.58 33.22 22.44
N LEU E 729 29.44 32.81 21.18
CA LEU E 729 28.13 32.55 20.60
C LEU E 729 27.47 31.39 21.33
N GLN E 730 28.19 30.28 21.42
CA GLN E 730 27.79 29.09 22.18
C GLN E 730 27.37 29.45 23.62
N GLN E 731 28.07 30.40 24.24
CA GLN E 731 27.77 30.88 25.59
C GLN E 731 26.37 31.49 25.70
N ILE E 732 26.01 32.30 24.70
CA ILE E 732 24.69 32.97 24.68
C ILE E 732 23.59 31.91 24.77
N PHE E 733 23.70 30.88 23.93
CA PHE E 733 22.75 29.76 23.94
C PHE E 733 22.67 29.04 25.29
N LEU E 734 23.83 28.79 25.89
CA LEU E 734 23.90 28.08 27.19
C LEU E 734 23.30 28.92 28.31
N GLN E 735 23.71 30.18 28.40
CA GLN E 735 23.21 31.06 29.46
C GLN E 735 21.71 31.26 29.41
N HIS E 736 21.12 31.29 28.21
CA HIS E 736 19.72 31.69 28.05
C HIS E 736 18.87 30.72 27.24
N HIS E 737 19.22 29.44 27.27
CA HIS E 737 18.54 28.44 26.43
C HIS E 737 17.01 28.45 26.59
N GLN E 738 16.49 28.67 27.78
CA GLN E 738 15.04 28.57 27.98
C GLN E 738 14.28 29.72 27.33
N ILE E 739 14.88 30.91 27.36
CA ILE E 739 14.34 32.07 26.64
C ILE E 739 14.50 31.94 25.13
N ILE E 740 15.69 31.55 24.67
CA ILE E 740 15.96 31.41 23.24
C ILE E 740 15.07 30.33 22.58
N GLN E 741 14.69 29.29 23.34
CA GLN E 741 13.69 28.30 22.87
C GLN E 741 12.38 28.91 22.35
N GLN E 742 11.97 30.06 22.90
CA GLN E 742 10.79 30.76 22.40
C GLN E 742 10.93 31.29 20.95
N TYR E 743 12.16 31.43 20.47
CA TYR E 743 12.45 32.01 19.16
C TYR E 743 12.82 30.98 18.07
N MET E 744 12.42 29.72 18.23
CA MET E 744 12.86 28.64 17.31
C MET E 744 12.46 28.85 15.86
N VAL E 745 11.22 29.25 15.66
CA VAL E 745 10.68 29.46 14.32
C VAL E 745 11.41 30.60 13.62
N THR E 746 11.53 31.74 14.27
CA THR E 746 12.26 32.88 13.71
C THR E 746 13.74 32.53 13.45
N LEU E 747 14.36 31.79 14.35
CA LEU E 747 15.78 31.45 14.21
C LEU E 747 16.05 30.42 13.10
N GLU E 748 15.17 29.44 12.94
CA GLU E 748 15.29 28.43 11.87
C GLU E 748 15.08 29.04 10.48
N ASN E 749 14.07 29.91 10.36
CA ASN E 749 13.70 30.52 9.08
C ASN E 749 14.63 31.66 8.63
N LEU E 750 14.97 32.57 9.54
CA LEU E 750 15.62 33.83 9.15
C LEU E 750 17.11 33.99 9.44
N LEU E 751 17.63 33.28 10.46
CA LEU E 751 19.04 33.46 10.89
C LEU E 751 19.88 32.19 10.75
N PHE E 752 19.52 31.14 11.48
CA PHE E 752 20.27 29.89 11.47
C PHE E 752 19.64 28.92 10.46
N THR E 753 19.93 29.19 9.19
CA THR E 753 19.40 28.46 8.05
C THR E 753 20.46 27.53 7.44
N ALA E 754 20.03 26.66 6.54
CA ALA E 754 20.94 25.74 5.84
C ALA E 754 22.02 26.45 4.98
N GLU E 755 21.74 27.69 4.55
CA GLU E 755 22.72 28.50 3.80
C GLU E 755 24.03 28.82 4.52
N LEU E 756 24.03 28.77 5.86
CA LEU E 756 25.20 29.12 6.66
C LEU E 756 26.28 28.06 6.65
N ASP E 757 27.52 28.52 6.85
CA ASP E 757 28.69 27.65 7.01
C ASP E 757 28.42 26.69 8.16
N PRO E 758 28.58 25.36 7.94
CA PRO E 758 28.18 24.39 8.99
C PRO E 758 28.92 24.54 10.34
N HIS E 759 30.05 25.23 10.35
CA HIS E 759 30.69 25.69 11.59
C HIS E 759 29.74 26.53 12.47
N ILE E 760 29.13 27.55 11.88
CA ILE E 760 28.18 28.42 12.59
C ILE E 760 26.85 27.69 12.89
N LEU E 761 26.34 26.94 11.92
CA LEU E 761 25.07 26.19 12.11
C LEU E 761 25.18 25.06 13.15
N ALA E 762 26.37 24.50 13.35
CA ALA E 762 26.59 23.46 14.36
C ALA E 762 26.19 23.89 15.78
N VAL E 763 26.54 25.15 16.12
CA VAL E 763 26.23 25.75 17.42
C VAL E 763 24.71 25.77 17.65
N PHE E 764 23.96 26.12 16.62
CA PHE E 764 22.50 26.16 16.67
C PHE E 764 21.88 24.76 16.75
N GLN E 765 22.41 23.82 15.98
CA GLN E 765 21.94 22.42 16.03
C GLN E 765 22.30 21.75 17.38
N GLN E 766 23.41 22.19 17.97
CA GLN E 766 23.78 21.79 19.32
C GLN E 766 22.75 22.28 20.32
N PHE E 767 22.45 23.58 20.28
CA PHE E 767 21.41 24.18 21.11
C PHE E 767 20.04 23.48 20.96
N CYS E 768 19.65 23.17 19.72
CA CYS E 768 18.45 22.34 19.44
C CYS E 768 18.44 21.05 20.27
N ALA E 769 19.60 20.40 20.35
CA ALA E 769 19.73 19.10 20.98
C ALA E 769 19.51 19.09 22.50
N LEU E 770 19.62 20.23 23.17
CA LEU E 770 19.48 20.27 24.63
C LEU E 770 18.07 19.86 25.11
N GLN E 771 17.04 20.20 24.34
CA GLN E 771 15.67 19.80 24.68
C GLN E 771 14.97 18.92 23.64
N ALA E 772 15.69 18.57 22.58
CA ALA E 772 15.19 17.65 21.54
C ALA E 772 15.41 16.19 21.95
N GLY F 6 6.69 16.81 51.56
CA GLY F 6 6.99 18.13 52.18
C GLY F 6 8.48 18.36 52.31
N LEU F 7 8.91 18.87 53.46
CA LEU F 7 10.31 19.24 53.70
C LEU F 7 10.78 18.82 55.11
N LEU F 8 12.09 18.76 55.27
CA LEU F 8 12.74 18.44 56.55
C LEU F 8 13.32 19.73 57.13
N LYS F 9 12.98 20.03 58.39
CA LYS F 9 13.49 21.22 59.09
C LYS F 9 15.03 21.26 59.09
N ALA F 10 15.66 20.08 59.24
CA ALA F 10 17.12 19.95 59.22
C ALA F 10 17.78 20.43 57.91
N LEU F 11 17.11 20.21 56.79
CA LEU F 11 17.61 20.68 55.48
C LEU F 11 17.30 22.14 55.22
N ARG F 12 16.14 22.61 55.68
CA ARG F 12 15.80 24.05 55.59
C ARG F 12 16.77 24.95 56.34
N SER F 13 17.48 24.40 57.32
CA SER F 13 18.52 25.11 58.07
C SER F 13 19.32 26.09 57.20
N ASP F 14 19.37 27.35 57.64
CA ASP F 14 20.05 28.40 56.90
C ASP F 14 20.60 29.41 57.90
N SER F 15 21.61 28.96 58.64
CA SER F 15 22.16 29.70 59.77
C SER F 15 22.91 30.97 59.38
N TYR F 16 23.49 31.02 58.19
CA TYR F 16 24.24 32.20 57.74
C TYR F 16 23.33 33.39 57.41
N VAL F 17 22.03 33.13 57.28
CA VAL F 17 21.01 34.12 56.93
C VAL F 17 20.21 34.61 58.16
N GLU F 18 20.29 33.90 59.30
CA GLU F 18 19.61 34.35 60.52
C GLU F 18 20.15 35.70 61.00
N LEU F 19 19.34 36.37 61.83
CA LEU F 19 19.63 37.74 62.26
C LEU F 19 20.71 37.72 63.33
N SER F 20 21.59 38.72 63.30
CA SER F 20 22.57 38.89 64.37
C SER F 20 21.88 39.49 65.61
N GLN F 21 22.63 39.63 66.70
CA GLN F 21 22.13 40.28 67.91
C GLN F 21 22.06 41.81 67.82
N TYR F 22 22.74 42.40 66.83
CA TYR F 22 22.75 43.85 66.63
C TYR F 22 21.36 44.43 66.32
N ARG F 23 21.07 45.58 66.93
CA ARG F 23 19.97 46.44 66.51
C ARG F 23 20.42 47.88 66.46
N ASP F 24 19.69 48.67 65.68
CA ASP F 24 19.99 50.07 65.45
C ASP F 24 19.23 50.91 66.48
N GLN F 25 19.95 51.83 67.13
CA GLN F 25 19.41 52.65 68.22
C GLN F 25 18.65 53.86 67.66
N HIS F 26 19.24 54.55 66.69
CA HIS F 26 18.55 55.65 65.98
C HIS F 26 17.34 55.21 65.14
N PHE F 27 17.02 53.91 65.12
CA PHE F 27 15.83 53.39 64.45
C PHE F 27 14.55 53.87 65.13
N ARG F 28 13.81 54.75 64.45
CA ARG F 28 12.48 55.21 64.88
C ARG F 28 11.47 54.05 64.81
N GLY F 29 11.44 53.22 65.85
CA GLY F 29 10.47 52.14 65.92
C GLY F 29 10.76 51.04 66.93
N ASP F 30 9.76 50.19 67.07
CA ASP F 30 9.79 49.01 67.94
C ASP F 30 10.85 47.98 67.44
N ASN F 31 11.26 47.06 68.32
CA ASN F 31 12.15 45.96 67.94
C ASN F 31 11.47 44.98 66.97
N GLU F 32 10.24 44.57 67.29
CA GLU F 32 9.47 43.67 66.42
C GLU F 32 9.14 44.30 65.05
N GLU F 33 9.07 45.62 65.02
CA GLU F 33 8.90 46.38 63.77
C GLU F 33 10.22 46.45 62.97
N GLN F 34 11.36 46.48 63.67
CA GLN F 34 12.69 46.41 63.04
C GLN F 34 12.99 45.02 62.46
N GLU F 35 12.73 43.98 63.25
CA GLU F 35 12.91 42.58 62.84
C GLU F 35 12.10 42.24 61.58
N LYS F 36 10.89 42.78 61.50
CA LYS F 36 10.03 42.60 60.33
C LYS F 36 10.65 43.21 59.06
N LEU F 37 11.34 44.35 59.20
CA LEU F 37 12.10 44.95 58.09
C LEU F 37 13.38 44.18 57.77
N LEU F 38 14.09 43.73 58.80
CA LEU F 38 15.32 42.93 58.63
C LEU F 38 15.09 41.60 57.89
N LYS F 39 13.94 40.97 58.13
CA LYS F 39 13.60 39.71 57.45
C LYS F 39 13.18 39.86 55.98
N LYS F 40 12.83 41.08 55.56
CA LYS F 40 12.49 41.36 54.16
C LYS F 40 13.52 42.25 53.47
N SER F 41 14.60 42.61 54.15
CA SER F 41 15.59 43.53 53.59
C SER F 41 16.38 42.91 52.46
N CYS F 42 16.86 43.78 51.57
CA CYS F 42 17.85 43.44 50.56
C CYS F 42 19.12 44.23 50.77
N THR F 43 19.37 44.64 52.02
CA THR F 43 20.40 45.63 52.30
C THR F 43 21.29 45.12 53.41
N LEU F 44 22.61 45.16 53.18
CA LEU F 44 23.58 44.59 54.12
C LEU F 44 24.52 45.65 54.68
N TYR F 45 24.74 45.62 56.00
CA TYR F 45 25.89 46.30 56.61
C TYR F 45 27.10 45.44 56.36
N VAL F 46 28.22 46.07 56.04
CA VAL F 46 29.50 45.39 55.82
C VAL F 46 30.55 46.02 56.74
N GLY F 47 30.93 45.30 57.80
CA GLY F 47 31.92 45.76 58.78
C GLY F 47 33.35 45.28 58.56
N ASN F 48 34.28 45.93 59.27
CA ASN F 48 35.72 45.61 59.29
C ASN F 48 36.47 45.85 57.98
N LEU F 49 35.98 46.77 57.15
CA LEU F 49 36.73 47.19 55.96
C LEU F 49 37.96 47.98 56.36
N SER F 50 38.97 47.96 55.50
CA SER F 50 40.07 48.91 55.56
C SER F 50 39.51 50.29 55.21
N PHE F 51 40.17 51.33 55.69
CA PHE F 51 39.87 52.71 55.27
C PHE F 51 40.36 52.95 53.85
N TYR F 52 41.35 52.16 53.42
CA TYR F 52 41.90 52.22 52.06
C TYR F 52 41.09 51.41 51.03
N THR F 53 40.10 50.63 51.49
CA THR F 53 39.26 49.80 50.62
C THR F 53 38.34 50.67 49.76
N THR F 54 38.54 50.57 48.44
CA THR F 54 37.81 51.38 47.44
C THR F 54 36.48 50.72 47.01
N GLU F 55 35.51 51.53 46.57
CA GLU F 55 34.25 51.05 45.97
C GLU F 55 34.44 50.05 44.82
N GLU F 56 35.51 50.23 44.05
CA GLU F 56 35.92 49.28 43.00
C GLU F 56 36.02 47.85 43.54
N GLN F 57 36.61 47.70 44.72
CA GLN F 57 36.80 46.40 45.36
C GLN F 57 35.49 45.84 45.92
N ILE F 58 34.73 46.68 46.63
CA ILE F 58 33.45 46.25 47.20
C ILE F 58 32.50 45.80 46.09
N TYR F 59 32.48 46.54 44.97
CA TYR F 59 31.60 46.20 43.85
C TYR F 59 32.01 44.86 43.21
N GLU F 60 33.31 44.62 43.03
CA GLU F 60 33.79 43.38 42.41
C GLU F 60 33.43 42.13 43.22
N LEU F 61 33.65 42.19 44.54
CA LEU F 61 33.39 41.07 45.44
C LEU F 61 31.89 40.80 45.55
N PHE F 62 31.14 41.82 46.00
CA PHE F 62 29.71 41.67 46.27
C PHE F 62 28.85 41.45 45.02
N SER F 63 29.40 41.75 43.83
CA SER F 63 28.77 41.37 42.56
C SER F 63 28.67 39.86 42.35
N LYS F 64 29.53 39.08 43.01
CA LYS F 64 29.56 37.63 42.84
C LYS F 64 28.33 36.91 43.40
N SER F 65 27.57 37.56 44.29
CA SER F 65 26.33 36.97 44.80
C SER F 65 25.09 37.45 44.05
N GLY F 66 25.25 38.42 43.15
CA GLY F 66 24.12 39.02 42.41
C GLY F 66 24.35 40.47 42.01
N ASP F 67 23.43 41.00 41.20
CA ASP F 67 23.55 42.38 40.67
C ASP F 67 23.28 43.41 41.77
N ILE F 68 24.22 44.36 41.93
CA ILE F 68 24.14 45.36 42.99
C ILE F 68 23.31 46.56 42.56
N LYS F 69 22.38 46.96 43.42
CA LYS F 69 21.61 48.20 43.25
C LYS F 69 22.43 49.41 43.68
N LYS F 70 22.92 49.39 44.92
CA LYS F 70 23.54 50.58 45.52
C LYS F 70 24.59 50.23 46.57
N ILE F 71 25.78 50.82 46.43
CA ILE F 71 26.81 50.85 47.46
C ILE F 71 26.81 52.24 48.08
N ILE F 72 26.67 52.32 49.39
CA ILE F 72 26.74 53.57 50.13
C ILE F 72 27.91 53.45 51.11
N MET F 73 29.03 54.10 50.79
CA MET F 73 30.24 54.02 51.63
C MET F 73 30.02 54.59 53.02
N GLY F 74 30.75 54.04 53.99
CA GLY F 74 30.66 54.47 55.39
C GLY F 74 31.66 55.59 55.61
N LEU F 75 31.14 56.76 56.01
CA LEU F 75 31.93 57.99 56.07
C LEU F 75 32.18 58.46 57.50
N ASP F 76 33.31 59.13 57.71
CA ASP F 76 33.58 59.85 58.95
C ASP F 76 32.66 61.07 58.97
N LYS F 77 31.98 61.31 60.09
CA LYS F 77 30.99 62.40 60.18
C LYS F 77 31.59 63.80 59.99
N MET F 78 32.82 63.99 60.45
CA MET F 78 33.52 65.26 60.31
C MET F 78 34.25 65.32 58.95
N LYS F 79 35.14 64.37 58.71
CA LYS F 79 36.05 64.40 57.57
C LYS F 79 35.42 63.98 56.22
N LYS F 80 34.36 63.17 56.28
CA LYS F 80 33.78 62.50 55.10
C LYS F 80 34.81 61.66 54.30
N THR F 81 35.68 60.99 55.06
CA THR F 81 36.60 59.98 54.56
C THR F 81 36.02 58.60 54.92
N ALA F 82 36.47 57.58 54.20
CA ALA F 82 36.07 56.21 54.48
C ALA F 82 36.56 55.77 55.87
N CYS F 83 35.62 55.55 56.80
CA CYS F 83 35.94 55.16 58.18
C CYS F 83 35.64 53.68 58.48
N GLY F 84 35.66 52.83 57.45
CA GLY F 84 35.80 51.38 57.61
C GLY F 84 34.57 50.50 57.53
N PHE F 85 33.45 51.01 57.03
CA PHE F 85 32.29 50.15 56.73
C PHE F 85 31.57 50.63 55.46
N CYS F 86 30.52 49.90 55.09
CA CYS F 86 29.61 50.35 54.02
C CYS F 86 28.28 49.61 54.07
N PHE F 87 27.35 50.03 53.21
CA PHE F 87 26.10 49.31 52.99
C PHE F 87 26.04 48.81 51.55
N VAL F 88 25.42 47.65 51.35
CA VAL F 88 25.26 47.08 50.01
C VAL F 88 23.81 46.67 49.84
N GLU F 89 23.15 47.25 48.85
CA GLU F 89 21.76 46.96 48.52
C GLU F 89 21.69 46.15 47.24
N TYR F 90 20.89 45.09 47.26
CA TYR F 90 20.62 44.24 46.10
C TYR F 90 19.19 44.44 45.64
N TYR F 91 18.89 44.05 44.41
CA TYR F 91 17.53 44.10 43.89
C TYR F 91 16.63 43.01 44.48
N SER F 92 17.18 41.80 44.67
CA SER F 92 16.41 40.71 45.31
C SER F 92 16.99 40.31 46.68
N ARG F 93 16.10 39.77 47.50
CA ARG F 93 16.45 39.17 48.78
C ARG F 93 17.43 38.01 48.56
N ALA F 94 17.12 37.15 47.59
CA ALA F 94 17.92 35.96 47.29
C ALA F 94 19.40 36.26 47.04
N ASP F 95 19.67 37.37 46.37
CA ASP F 95 21.05 37.78 46.08
C ASP F 95 21.75 38.26 47.36
N ALA F 96 21.02 38.98 48.20
CA ALA F 96 21.54 39.41 49.49
C ALA F 96 21.79 38.20 50.42
N GLU F 97 20.85 37.26 50.44
CA GLU F 97 21.04 36.00 51.17
C GLU F 97 22.32 35.28 50.76
N ASN F 98 22.59 35.21 49.45
CA ASN F 98 23.82 34.57 48.97
C ASN F 98 25.10 35.30 49.40
N ALA F 99 25.06 36.63 49.50
CA ALA F 99 26.21 37.39 50.03
C ALA F 99 26.50 37.01 51.48
N MET F 100 25.43 36.98 52.27
CA MET F 100 25.48 36.55 53.67
C MET F 100 26.00 35.11 53.85
N ARG F 101 25.69 34.26 52.88
CA ARG F 101 26.12 32.87 52.92
C ARG F 101 27.57 32.64 52.52
N TYR F 102 28.07 33.38 51.52
CA TYR F 102 29.36 33.06 50.91
C TYR F 102 30.41 34.14 50.90
N ILE F 103 30.02 35.39 51.13
CA ILE F 103 30.97 36.50 51.20
C ILE F 103 31.28 36.87 52.66
N ASN F 104 30.25 36.85 53.50
CA ASN F 104 30.40 36.98 54.95
C ASN F 104 31.52 36.09 55.45
N GLY F 105 32.45 36.66 56.21
CA GLY F 105 33.56 35.89 56.79
C GLY F 105 34.66 35.48 55.85
N THR F 106 34.74 36.13 54.67
CA THR F 106 35.87 35.93 53.74
C THR F 106 36.65 37.24 53.62
N ARG F 107 37.74 37.23 52.88
CA ARG F 107 38.64 38.37 52.83
C ARG F 107 38.28 39.40 51.77
N LEU F 108 38.40 40.67 52.15
CA LEU F 108 38.33 41.80 51.23
C LEU F 108 39.47 42.74 51.60
N ASP F 109 40.45 42.85 50.71
CA ASP F 109 41.65 43.66 50.96
C ASP F 109 42.47 43.07 52.12
N ASP F 110 42.59 41.74 52.11
CA ASP F 110 43.26 40.92 53.13
C ASP F 110 42.69 41.05 54.56
N ARG F 111 41.43 41.42 54.69
CA ARG F 111 40.77 41.52 56.00
C ARG F 111 39.50 40.68 56.00
N ILE F 112 39.28 39.92 57.08
CA ILE F 112 38.05 39.15 57.23
C ILE F 112 36.91 40.13 57.52
N ILE F 113 36.02 40.29 56.56
CA ILE F 113 34.88 41.20 56.66
C ILE F 113 33.63 40.47 57.16
N ARG F 114 32.77 41.21 57.82
CA ARG F 114 31.55 40.67 58.40
C ARG F 114 30.38 41.40 57.76
N THR F 115 29.33 40.66 57.42
CA THR F 115 28.11 41.25 56.89
C THR F 115 26.96 41.07 57.88
N ASP F 116 25.98 41.96 57.80
CA ASP F 116 24.78 41.84 58.62
C ASP F 116 23.59 42.43 57.88
N TRP F 117 22.41 41.87 58.11
CA TRP F 117 21.17 42.44 57.60
C TRP F 117 20.96 43.82 58.21
N ASP F 118 20.51 44.76 57.36
CA ASP F 118 20.17 46.12 57.79
C ASP F 118 18.68 46.36 57.54
N ALA F 119 18.05 47.16 58.41
CA ALA F 119 16.61 47.45 58.29
C ALA F 119 16.28 48.39 57.12
N GLY F 120 17.29 49.05 56.58
CA GLY F 120 17.16 49.88 55.40
C GLY F 120 17.90 51.18 55.62
N PHE F 121 18.65 51.62 54.60
CA PHE F 121 19.37 52.87 54.65
C PHE F 121 18.42 54.06 54.78
N LYS F 122 18.80 55.02 55.62
CA LYS F 122 18.20 56.36 55.67
C LYS F 122 19.35 57.35 55.61
N GLU F 123 19.02 58.63 55.42
CA GLU F 123 20.04 59.69 55.49
C GLU F 123 20.55 59.82 56.93
N GLY F 124 21.87 60.01 57.07
CA GLY F 124 22.53 60.06 58.37
C GLY F 124 23.22 58.77 58.80
N ARG F 125 22.74 57.64 58.30
CA ARG F 125 23.26 56.34 58.68
C ARG F 125 24.63 56.00 58.09
N GLN F 126 25.01 56.68 57.00
CA GLN F 126 26.34 56.54 56.42
C GLN F 126 27.48 57.04 57.32
N TYR F 127 27.15 57.93 58.26
CA TYR F 127 28.15 58.58 59.11
C TYR F 127 28.46 57.76 60.35
N GLY F 128 29.74 57.72 60.73
CA GLY F 128 30.18 57.06 61.95
C GLY F 128 29.69 57.78 63.19
N ARG F 129 29.09 57.03 64.11
CA ARG F 129 28.52 57.58 65.33
C ARG F 129 29.50 57.63 66.51
N GLY F 130 30.80 57.41 66.24
CA GLY F 130 31.83 57.61 67.26
C GLY F 130 31.98 59.09 67.60
N ARG F 131 32.43 59.35 68.82
CA ARG F 131 32.61 60.72 69.33
C ARG F 131 33.54 61.57 68.46
N SER F 132 34.63 60.98 67.98
CA SER F 132 35.62 61.69 67.14
C SER F 132 35.35 61.58 65.62
N GLY F 133 34.17 61.10 65.23
CA GLY F 133 33.73 61.09 63.82
C GLY F 133 33.67 59.71 63.18
N GLY F 134 34.65 58.86 63.49
CA GLY F 134 34.72 57.49 62.97
C GLY F 134 33.71 56.55 63.62
N GLN F 135 33.90 55.25 63.41
CA GLN F 135 33.01 54.25 64.01
C GLN F 135 33.26 54.13 65.51
N VAL F 136 32.21 53.76 66.24
CA VAL F 136 32.27 53.53 67.69
C VAL F 136 33.35 52.49 68.03
N ARG F 137 33.48 51.49 67.18
CA ARG F 137 34.46 50.41 67.35
C ARG F 137 35.93 50.91 67.38
N ASP F 138 36.22 52.04 66.70
CA ASP F 138 37.58 52.62 66.65
C ASP F 138 37.99 53.55 67.81
N GLU F 139 37.11 53.77 68.78
CA GLU F 139 37.38 54.69 69.89
C GLU F 139 37.91 53.95 71.12
N TYR F 140 37.21 52.88 71.52
CA TYR F 140 37.62 52.00 72.62
C TYR F 140 38.99 51.33 72.40
N ARG F 141 39.12 50.64 71.27
CA ARG F 141 40.14 49.61 71.05
C ARG F 141 41.59 49.97 71.38
N GLN F 142 42.33 49.00 71.91
CA GLN F 142 43.73 49.14 72.31
C GLN F 142 44.70 48.89 71.15
N ASP F 143 44.44 47.81 70.39
CA ASP F 143 45.34 47.29 69.34
C ASP F 143 45.79 48.30 68.28
N TYR F 144 46.91 48.00 67.62
CA TYR F 144 47.32 48.69 66.41
C TYR F 144 46.67 48.00 65.19
N ASP F 145 46.31 48.80 64.18
CA ASP F 145 45.67 48.31 62.96
C ASP F 145 45.84 49.35 61.82
N ALA F 146 46.83 49.11 60.96
CA ALA F 146 47.22 50.06 59.90
C ALA F 146 46.07 50.52 59.00
N GLY F 147 45.27 49.56 58.55
CA GLY F 147 44.09 49.83 57.72
C GLY F 147 42.96 50.57 58.41
N ARG F 148 42.87 50.46 59.73
CA ARG F 148 41.82 51.12 60.51
C ARG F 148 42.26 52.46 61.16
N GLY F 149 43.39 53.02 60.71
CA GLY F 149 43.85 54.35 61.14
C GLY F 149 45.17 54.31 61.90
N GLY F 150 45.26 53.40 62.88
CA GLY F 150 46.45 53.24 63.71
C GLY F 150 46.06 52.73 65.08
N TYR F 151 46.27 53.53 66.12
CA TYR F 151 45.76 53.23 67.47
C TYR F 151 44.31 53.70 67.56
N GLY F 152 43.69 53.54 68.74
CA GLY F 152 42.32 54.03 68.98
C GLY F 152 42.22 55.54 69.09
N LYS F 153 41.32 56.02 69.96
CA LYS F 153 41.08 57.45 70.13
C LYS F 153 40.46 57.78 71.48
N THR G 9 65.55 -77.48 -47.84
CA THR G 9 64.74 -76.42 -47.17
C THR G 9 63.34 -76.21 -47.76
N GLU G 10 63.03 -76.79 -48.92
CA GLU G 10 61.65 -76.76 -49.47
C GLU G 10 60.69 -77.63 -48.65
N ASP G 11 61.14 -78.82 -48.27
CA ASP G 11 60.40 -79.70 -47.36
C ASP G 11 60.25 -79.08 -45.97
N HIS G 12 61.34 -78.43 -45.51
CA HIS G 12 61.36 -77.71 -44.23
C HIS G 12 60.40 -76.50 -44.22
N LEU G 13 60.38 -75.75 -45.33
CA LEU G 13 59.47 -74.59 -45.48
C LEU G 13 58.00 -74.95 -45.35
N GLU G 14 57.59 -76.04 -46.00
CA GLU G 14 56.19 -76.45 -46.00
C GLU G 14 55.72 -76.80 -44.59
N SER G 15 56.51 -77.61 -43.88
CA SER G 15 56.15 -78.02 -42.51
C SER G 15 56.19 -76.87 -41.50
N LEU G 16 57.06 -75.88 -41.72
CA LEU G 16 57.11 -74.68 -40.85
C LEU G 16 55.85 -73.80 -40.99
N ILE G 17 55.42 -73.59 -42.24
CA ILE G 17 54.20 -72.82 -42.53
C ILE G 17 52.96 -73.59 -42.05
N CYS G 18 52.95 -74.90 -42.24
CA CYS G 18 51.83 -75.74 -41.78
C CYS G 18 51.73 -75.84 -40.25
N LYS G 19 52.85 -75.89 -39.55
CA LYS G 19 52.84 -76.14 -38.10
C LYS G 19 52.46 -74.93 -37.24
N VAL G 20 52.73 -73.72 -37.70
CA VAL G 20 52.29 -72.51 -36.98
C VAL G 20 50.77 -72.52 -36.81
N GLY G 21 50.30 -72.15 -35.61
CA GLY G 21 48.87 -72.21 -35.27
C GLY G 21 48.48 -73.44 -34.47
N GLU G 22 49.27 -74.51 -34.56
CA GLU G 22 49.00 -75.76 -33.85
C GLU G 22 49.54 -75.68 -32.41
N LYS G 23 49.37 -76.77 -31.65
CA LYS G 23 49.97 -76.95 -30.32
C LYS G 23 51.43 -76.46 -30.28
N SER G 24 51.80 -75.73 -29.23
CA SER G 24 53.16 -75.21 -29.10
C SER G 24 53.51 -74.84 -27.66
N ALA G 25 54.80 -74.91 -27.35
CA ALA G 25 55.32 -74.44 -26.06
C ALA G 25 55.13 -72.93 -25.95
N CYS G 26 55.59 -72.21 -26.96
CA CYS G 26 55.43 -70.76 -27.05
C CYS G 26 54.00 -70.38 -27.41
N SER G 27 53.73 -69.07 -27.37
CA SER G 27 52.44 -68.53 -27.81
C SER G 27 52.37 -68.45 -29.33
N LEU G 28 51.17 -68.14 -29.83
CA LEU G 28 50.92 -67.96 -31.26
C LEU G 28 51.67 -66.73 -31.81
N GLU G 29 51.66 -65.64 -31.03
CA GLU G 29 52.33 -64.39 -31.40
C GLU G 29 53.84 -64.60 -31.56
N SER G 30 54.43 -65.37 -30.66
CA SER G 30 55.85 -65.70 -30.72
C SER G 30 56.21 -66.47 -32.00
N ASN G 31 55.42 -67.48 -32.34
CA ASN G 31 55.67 -68.33 -33.52
C ASN G 31 55.55 -67.56 -34.85
N LEU G 32 54.55 -66.69 -34.95
CA LEU G 32 54.36 -65.83 -36.13
C LEU G 32 55.54 -64.87 -36.31
N GLU G 33 55.93 -64.21 -35.21
CA GLU G 33 57.11 -63.35 -35.17
C GLU G 33 58.35 -64.10 -35.65
N GLY G 34 58.56 -65.30 -35.11
CA GLY G 34 59.68 -66.16 -35.47
C GLY G 34 59.63 -66.61 -36.91
N LEU G 35 58.46 -67.05 -37.36
CA LEU G 35 58.28 -67.55 -38.73
C LEU G 35 58.43 -66.43 -39.76
N ALA G 36 57.80 -65.29 -39.50
CA ALA G 36 57.92 -64.11 -40.36
C ALA G 36 59.39 -63.73 -40.57
N GLY G 37 60.19 -63.85 -39.51
CA GLY G 37 61.64 -63.65 -39.60
C GLY G 37 62.35 -64.67 -40.46
N VAL G 38 62.04 -65.95 -40.25
CA VAL G 38 62.67 -67.05 -41.01
C VAL G 38 62.28 -66.97 -42.48
N LEU G 39 61.03 -66.62 -42.77
CA LEU G 39 60.56 -66.48 -44.15
C LEU G 39 61.20 -65.29 -44.88
N GLU G 40 61.39 -64.16 -44.18
CA GLU G 40 62.07 -62.99 -44.77
C GLU G 40 63.54 -63.31 -45.14
N ALA G 41 64.20 -64.12 -44.31
CA ALA G 41 65.55 -64.62 -44.61
C ALA G 41 65.61 -65.48 -45.88
N ASP G 42 64.57 -66.28 -46.11
CA ASP G 42 64.48 -67.13 -47.32
C ASP G 42 63.98 -66.42 -48.60
N LEU G 43 63.54 -65.16 -48.51
CA LEU G 43 63.03 -64.40 -49.67
C LEU G 43 64.02 -64.21 -50.83
N PRO G 44 65.30 -63.88 -50.55
CA PRO G 44 66.31 -63.79 -51.60
C PRO G 44 66.23 -64.85 -52.72
N ASN G 45 66.15 -66.14 -52.35
CA ASN G 45 66.18 -67.25 -53.33
C ASN G 45 65.08 -68.34 -53.19
N TYR G 46 64.04 -68.10 -52.38
CA TYR G 46 62.84 -68.96 -52.34
C TYR G 46 61.53 -68.16 -52.37
N LYS G 47 61.56 -66.96 -52.93
CA LYS G 47 60.36 -66.10 -53.00
C LYS G 47 59.21 -66.78 -53.75
N SER G 48 59.56 -67.53 -54.79
CA SER G 48 58.58 -68.27 -55.60
C SER G 48 57.88 -69.37 -54.81
N LYS G 49 58.64 -70.19 -54.08
CA LYS G 49 58.08 -71.24 -53.21
C LYS G 49 57.11 -70.68 -52.16
N ILE G 50 57.55 -69.63 -51.48
CA ILE G 50 56.80 -69.08 -50.34
C ILE G 50 55.49 -68.42 -50.78
N LEU G 51 55.50 -67.75 -51.93
CA LEU G 51 54.26 -67.21 -52.51
C LEU G 51 53.24 -68.31 -52.81
N ARG G 52 53.73 -69.41 -53.38
CA ARG G 52 52.88 -70.53 -53.78
C ARG G 52 52.35 -71.30 -52.56
N LEU G 53 53.21 -71.51 -51.56
CA LEU G 53 52.82 -72.21 -50.34
C LEU G 53 51.83 -71.41 -49.50
N LEU G 54 51.97 -70.09 -49.47
CA LEU G 54 51.01 -69.23 -48.76
C LEU G 54 49.68 -69.12 -49.50
N CYS G 55 49.71 -69.18 -50.84
CA CYS G 55 48.47 -69.27 -51.63
C CYS G 55 47.72 -70.59 -51.40
N THR G 56 48.47 -71.67 -51.23
CA THR G 56 47.91 -72.99 -50.99
C THR G 56 47.18 -73.08 -49.63
N VAL G 57 47.81 -72.57 -48.56
CA VAL G 57 47.17 -72.55 -47.25
C VAL G 57 45.98 -71.58 -47.19
N ALA G 58 46.02 -70.53 -48.00
CA ALA G 58 44.90 -69.59 -48.14
C ALA G 58 43.66 -70.27 -48.74
N ARG G 59 43.92 -71.21 -49.66
CA ARG G 59 42.89 -71.95 -50.38
C ARG G 59 42.40 -73.20 -49.63
N LEU G 60 43.33 -73.93 -48.99
CA LEU G 60 43.06 -75.25 -48.38
C LEU G 60 42.85 -75.29 -46.86
N LEU G 61 43.28 -74.25 -46.14
CA LEU G 61 43.15 -74.18 -44.68
C LEU G 61 42.41 -72.93 -44.21
N PRO G 62 41.14 -72.77 -44.61
CA PRO G 62 40.36 -71.60 -44.17
C PRO G 62 40.04 -71.59 -42.67
N GLU G 63 40.02 -72.75 -42.04
CA GLU G 63 39.89 -72.84 -40.58
C GLU G 63 41.00 -72.08 -39.82
N LYS G 64 42.18 -71.94 -40.44
CA LYS G 64 43.29 -71.18 -39.90
C LYS G 64 43.52 -69.85 -40.65
N LEU G 65 42.44 -69.24 -41.14
CA LEU G 65 42.47 -67.99 -41.94
C LEU G 65 43.27 -66.85 -41.29
N THR G 66 42.87 -66.45 -40.09
CA THR G 66 43.44 -65.27 -39.43
C THR G 66 44.88 -65.45 -38.98
N ILE G 67 45.29 -66.71 -38.77
CA ILE G 67 46.69 -67.01 -38.49
C ILE G 67 47.56 -66.65 -39.70
N TYR G 68 47.12 -67.02 -40.91
CA TYR G 68 47.93 -66.82 -42.10
C TYR G 68 47.84 -65.42 -42.69
N THR G 69 46.69 -64.75 -42.56
CA THR G 69 46.60 -63.33 -42.96
C THR G 69 47.53 -62.48 -42.10
N THR G 70 47.55 -62.74 -40.80
CA THR G 70 48.51 -62.12 -39.89
C THR G 70 49.94 -62.36 -40.38
N LEU G 71 50.29 -63.61 -40.68
CA LEU G 71 51.63 -63.94 -41.18
C LEU G 71 52.00 -63.12 -42.42
N VAL G 72 51.04 -62.95 -43.34
CA VAL G 72 51.23 -62.14 -44.53
C VAL G 72 51.38 -60.66 -44.16
N GLY G 73 50.58 -60.19 -43.20
CA GLY G 73 50.69 -58.82 -42.67
C GLY G 73 52.09 -58.47 -42.20
N LEU G 74 52.72 -59.37 -41.44
CA LEU G 74 54.06 -59.18 -40.90
C LEU G 74 55.12 -59.20 -42.00
N LEU G 75 54.95 -60.06 -43.00
CA LEU G 75 55.85 -60.11 -44.15
C LEU G 75 55.73 -58.87 -45.04
N ASN G 76 54.51 -58.35 -45.21
CA ASN G 76 54.25 -57.11 -45.94
C ASN G 76 54.95 -55.92 -45.30
N ALA G 77 54.90 -55.85 -43.97
CA ALA G 77 55.53 -54.77 -43.20
C ALA G 77 57.06 -54.74 -43.32
N ARG G 78 57.69 -55.92 -43.36
CA ARG G 78 59.15 -56.03 -43.54
C ARG G 78 59.59 -55.92 -45.01
N ASN G 79 58.69 -56.28 -45.93
CA ASN G 79 58.99 -56.32 -47.36
C ASN G 79 57.73 -56.00 -48.15
N TYR G 80 57.61 -54.75 -48.57
CA TYR G 80 56.45 -54.26 -49.32
C TYR G 80 56.22 -55.02 -50.64
N ASN G 81 57.31 -55.29 -51.37
CA ASN G 81 57.21 -55.92 -52.70
C ASN G 81 56.72 -57.37 -52.66
N PHE G 82 56.97 -58.07 -51.55
CA PHE G 82 56.42 -59.40 -51.33
C PHE G 82 54.90 -59.35 -51.22
N GLY G 83 54.39 -58.44 -50.38
CA GLY G 83 52.96 -58.19 -50.24
C GLY G 83 52.26 -57.82 -51.55
N GLY G 84 52.97 -57.11 -52.42
CA GLY G 84 52.46 -56.79 -53.76
C GLY G 84 52.34 -58.02 -54.64
N GLU G 85 53.41 -58.83 -54.68
CA GLU G 85 53.41 -60.07 -55.47
C GLU G 85 52.45 -61.14 -54.94
N PHE G 86 52.16 -61.11 -53.64
CA PHE G 86 51.21 -62.04 -53.04
C PHE G 86 49.78 -61.72 -53.46
N VAL G 87 49.38 -60.45 -53.35
CA VAL G 87 48.04 -60.03 -53.75
C VAL G 87 47.80 -60.28 -55.25
N GLU G 88 48.84 -60.14 -56.06
CA GLU G 88 48.80 -60.55 -57.48
C GLU G 88 48.55 -62.05 -57.61
N ALA G 89 49.35 -62.85 -56.90
CA ALA G 89 49.23 -64.31 -56.92
C ALA G 89 47.85 -64.82 -56.49
N MET G 90 47.28 -64.20 -55.46
CA MET G 90 45.94 -64.54 -54.98
C MET G 90 44.86 -64.23 -56.00
N ILE G 91 44.99 -63.10 -56.70
CA ILE G 91 44.03 -62.73 -57.75
C ILE G 91 44.13 -63.71 -58.93
N ARG G 92 45.34 -64.14 -59.27
CA ARG G 92 45.53 -65.19 -60.29
C ARG G 92 44.87 -66.49 -59.86
N GLN G 93 45.11 -66.89 -58.62
CA GLN G 93 44.53 -68.12 -58.07
C GLN G 93 43.00 -68.06 -57.96
N LEU G 94 42.46 -66.87 -57.70
CA LEU G 94 41.00 -66.68 -57.62
C LEU G 94 40.35 -66.87 -58.98
N LYS G 95 40.94 -66.26 -60.00
CA LYS G 95 40.43 -66.39 -61.37
C LYS G 95 40.60 -67.82 -61.88
N GLU G 96 41.72 -68.46 -61.52
CA GLU G 96 41.97 -69.88 -61.81
C GLU G 96 40.88 -70.76 -61.23
N SER G 97 40.52 -70.52 -59.97
CA SER G 97 39.51 -71.32 -59.26
C SER G 97 38.11 -71.11 -59.81
N LEU G 98 37.78 -69.88 -60.20
CA LEU G 98 36.46 -69.56 -60.76
C LEU G 98 36.27 -70.17 -62.16
N LYS G 99 37.30 -70.05 -63.00
CA LYS G 99 37.33 -70.67 -64.33
C LYS G 99 37.11 -72.18 -64.27
N ALA G 100 37.68 -72.83 -63.26
CA ALA G 100 37.56 -74.28 -63.06
C ALA G 100 36.31 -74.72 -62.25
N ASN G 101 35.37 -73.80 -62.04
CA ASN G 101 34.17 -74.04 -61.21
C ASN G 101 34.42 -74.55 -59.78
N ASN G 102 35.52 -74.10 -59.17
CA ASN G 102 35.81 -74.35 -57.77
C ASN G 102 35.35 -73.13 -56.98
N TYR G 103 34.03 -72.96 -56.94
CA TYR G 103 33.43 -71.82 -56.26
C TYR G 103 33.56 -71.93 -54.75
N ASN G 104 33.63 -73.15 -54.22
CA ASN G 104 33.78 -73.34 -52.78
C ASN G 104 35.18 -72.94 -52.31
N GLU G 105 36.22 -73.23 -53.10
CA GLU G 105 37.57 -72.74 -52.81
C GLU G 105 37.69 -71.23 -52.98
N ALA G 106 37.00 -70.69 -53.98
CA ALA G 106 37.03 -69.25 -54.27
C ALA G 106 36.58 -68.40 -53.08
N VAL G 107 35.52 -68.82 -52.38
CA VAL G 107 35.04 -68.12 -51.18
C VAL G 107 36.18 -67.94 -50.18
N TYR G 108 36.92 -69.02 -49.93
CA TYR G 108 38.03 -68.99 -48.99
C TYR G 108 39.10 -67.97 -49.41
N LEU G 109 39.35 -67.89 -50.71
CA LEU G 109 40.28 -66.88 -51.24
C LEU G 109 39.73 -65.45 -51.08
N VAL G 110 38.44 -65.27 -51.30
CA VAL G 110 37.77 -63.97 -51.11
C VAL G 110 37.84 -63.53 -49.64
N ARG G 111 37.49 -64.43 -48.72
CA ARG G 111 37.60 -64.18 -47.27
C ARG G 111 39.02 -63.87 -46.85
N PHE G 112 39.99 -64.54 -47.46
CA PHE G 112 41.41 -64.27 -47.18
C PHE G 112 41.80 -62.84 -47.60
N LEU G 113 41.41 -62.44 -48.81
CA LEU G 113 41.64 -61.08 -49.29
C LEU G 113 40.92 -60.06 -48.40
N SER G 114 39.69 -60.38 -47.99
CA SER G 114 38.92 -59.54 -47.06
C SER G 114 39.70 -59.27 -45.76
N ASP G 115 40.09 -60.33 -45.08
CA ASP G 115 40.77 -60.20 -43.80
C ASP G 115 42.20 -59.63 -43.91
N LEU G 116 42.79 -59.66 -45.11
CA LEU G 116 44.06 -58.96 -45.36
C LEU G 116 43.96 -57.41 -45.30
N VAL G 117 42.74 -56.88 -45.37
CA VAL G 117 42.49 -55.46 -45.09
C VAL G 117 42.74 -55.15 -43.60
N ASN G 118 42.32 -56.06 -42.71
CA ASN G 118 42.55 -55.90 -41.27
C ASN G 118 44.05 -55.96 -40.90
N CYS G 119 44.86 -56.61 -41.72
CA CYS G 119 46.32 -56.67 -41.52
C CYS G 119 47.11 -55.55 -42.24
N HIS G 120 46.40 -54.57 -42.79
CA HIS G 120 47.00 -53.47 -43.55
C HIS G 120 47.92 -53.97 -44.66
N VAL G 121 47.40 -54.91 -45.44
CA VAL G 121 48.05 -55.39 -46.68
C VAL G 121 47.28 -54.92 -47.90
N ILE G 122 45.95 -54.96 -47.82
CA ILE G 122 45.08 -54.49 -48.90
C ILE G 122 44.34 -53.25 -48.42
N ALA G 123 44.22 -52.26 -49.31
CA ALA G 123 43.52 -51.01 -49.02
C ALA G 123 42.01 -51.23 -49.02
N ALA G 124 41.32 -50.71 -48.01
CA ALA G 124 39.86 -50.89 -47.85
C ALA G 124 39.01 -50.48 -49.06
N PRO G 125 39.34 -49.35 -49.73
CA PRO G 125 38.61 -48.99 -50.95
C PRO G 125 38.66 -50.04 -52.08
N SER G 126 39.74 -50.81 -52.18
CA SER G 126 39.88 -51.86 -53.20
C SER G 126 38.91 -53.01 -52.97
N MET G 127 38.74 -53.44 -51.72
CA MET G 127 37.76 -54.48 -51.37
C MET G 127 36.32 -54.01 -51.57
N VAL G 128 36.05 -52.74 -51.33
CA VAL G 128 34.70 -52.20 -51.56
C VAL G 128 34.44 -52.16 -53.07
N ALA G 129 35.46 -51.82 -53.86
CA ALA G 129 35.37 -51.84 -55.33
C ALA G 129 35.15 -53.25 -55.88
N MET G 130 35.87 -54.23 -55.32
CA MET G 130 35.69 -55.65 -55.69
C MET G 130 34.29 -56.12 -55.32
N PHE G 131 33.84 -55.81 -54.10
CA PHE G 131 32.48 -56.19 -53.67
C PHE G 131 31.36 -55.45 -54.40
N GLU G 132 31.63 -54.23 -54.90
CA GLU G 132 30.71 -53.55 -55.83
C GLU G 132 30.50 -54.43 -57.07
N ASN G 133 31.60 -54.89 -57.66
CA ASN G 133 31.57 -55.75 -58.85
C ASN G 133 30.92 -57.13 -58.60
N PHE G 134 31.11 -57.68 -57.39
CA PHE G 134 30.47 -58.95 -57.02
C PHE G 134 28.97 -58.80 -57.02
N VAL G 135 28.46 -57.83 -56.25
CA VAL G 135 27.02 -57.65 -56.09
C VAL G 135 26.36 -57.21 -57.41
N SER G 136 27.12 -56.54 -58.28
CA SER G 136 26.63 -56.19 -59.62
C SER G 136 26.23 -57.40 -60.50
N VAL G 137 26.69 -58.60 -60.14
CA VAL G 137 26.25 -59.85 -60.78
C VAL G 137 24.75 -60.11 -60.58
N THR G 138 24.16 -59.56 -59.51
CA THR G 138 22.70 -59.61 -59.33
C THR G 138 21.91 -58.81 -60.38
N GLN G 139 22.56 -57.86 -61.04
CA GLN G 139 21.97 -57.05 -62.11
C GLN G 139 21.95 -57.78 -63.47
N GLU G 140 22.95 -58.64 -63.72
CA GLU G 140 23.06 -59.41 -64.97
C GLU G 140 21.77 -60.17 -65.29
N GLU G 141 21.39 -60.17 -66.56
CA GLU G 141 20.19 -60.89 -67.02
C GLU G 141 20.57 -62.09 -67.89
N ASP G 142 19.62 -63.01 -68.03
CA ASP G 142 19.81 -64.30 -68.71
C ASP G 142 20.92 -65.16 -68.08
N VAL G 143 20.93 -65.20 -66.75
CA VAL G 143 21.88 -66.03 -65.97
C VAL G 143 21.14 -66.69 -64.80
N PRO G 144 21.64 -67.87 -64.33
CA PRO G 144 20.91 -68.59 -63.29
C PRO G 144 21.04 -67.97 -61.90
N GLN G 145 20.01 -68.18 -61.07
CA GLN G 145 19.98 -67.69 -59.69
C GLN G 145 21.22 -68.11 -58.90
N VAL G 146 21.59 -69.38 -59.02
CA VAL G 146 22.75 -69.92 -58.30
C VAL G 146 24.08 -69.17 -58.56
N ARG G 147 24.24 -68.58 -59.74
CA ARG G 147 25.39 -67.72 -60.03
C ARG G 147 25.33 -66.46 -59.18
N ARG G 148 24.16 -65.82 -59.19
CA ARG G 148 23.95 -64.60 -58.44
C ARG G 148 24.09 -64.85 -56.94
N ASP G 149 23.39 -65.88 -56.46
CA ASP G 149 23.50 -66.38 -55.08
C ASP G 149 24.93 -66.49 -54.57
N TRP G 150 25.80 -67.08 -55.39
CA TRP G 150 27.17 -67.29 -54.97
C TRP G 150 27.91 -65.99 -54.76
N TYR G 151 27.77 -65.08 -55.72
CA TYR G 151 28.50 -63.80 -55.67
C TYR G 151 28.08 -62.95 -54.47
N VAL G 152 26.79 -62.98 -54.13
CA VAL G 152 26.29 -62.41 -52.87
C VAL G 152 26.88 -63.14 -51.66
N TYR G 153 26.82 -64.48 -51.68
CA TYR G 153 27.33 -65.29 -50.56
C TYR G 153 28.82 -65.01 -50.25
N ALA G 154 29.64 -64.91 -51.29
CA ALA G 154 31.07 -64.59 -51.11
C ALA G 154 31.29 -63.24 -50.44
N PHE G 155 30.42 -62.28 -50.77
CA PHE G 155 30.42 -60.95 -50.14
C PHE G 155 29.95 -61.03 -48.69
N LEU G 156 28.71 -61.47 -48.49
CA LEU G 156 28.11 -61.53 -47.14
C LEU G 156 28.96 -62.34 -46.16
N SER G 157 29.46 -63.50 -46.60
CA SER G 157 30.25 -64.38 -45.74
C SER G 157 31.67 -63.87 -45.45
N SER G 158 32.11 -62.82 -46.15
CA SER G 158 33.37 -62.15 -45.81
C SER G 158 33.21 -61.09 -44.70
N LEU G 159 31.98 -60.64 -44.46
CA LEU G 159 31.75 -59.50 -43.57
C LEU G 159 32.02 -59.74 -42.08
N PRO G 160 31.86 -60.97 -41.58
CA PRO G 160 32.27 -61.18 -40.18
C PRO G 160 33.74 -60.85 -39.92
N TRP G 161 34.60 -60.99 -40.93
CA TRP G 161 36.03 -60.69 -40.79
C TRP G 161 36.34 -59.22 -41.08
N VAL G 162 35.76 -58.67 -42.14
CA VAL G 162 36.11 -57.34 -42.65
C VAL G 162 34.99 -56.30 -42.61
N GLY G 163 33.80 -56.67 -42.14
CA GLY G 163 32.62 -55.77 -42.17
C GLY G 163 32.75 -54.47 -41.41
N LYS G 164 33.51 -54.50 -40.31
CA LYS G 164 33.78 -53.29 -39.52
C LYS G 164 34.69 -52.34 -40.30
N GLU G 165 35.86 -52.83 -40.71
CA GLU G 165 36.88 -52.02 -41.40
C GLU G 165 36.37 -51.36 -42.70
N LEU G 166 35.50 -52.04 -43.44
CA LEU G 166 34.92 -51.48 -44.67
C LEU G 166 33.88 -50.40 -44.39
N TYR G 167 33.04 -50.64 -43.39
CA TYR G 167 31.96 -49.71 -43.06
C TYR G 167 32.48 -48.40 -42.44
N GLU G 168 33.63 -48.44 -41.77
CA GLU G 168 34.24 -47.21 -41.23
C GLU G 168 35.00 -46.39 -42.28
N LYS G 169 35.56 -47.04 -43.30
CA LYS G 169 36.29 -46.34 -44.36
C LYS G 169 35.39 -45.80 -45.49
N LYS G 170 34.32 -46.51 -45.83
CA LYS G 170 33.47 -46.15 -46.97
C LYS G 170 31.99 -46.52 -46.75
N ASP G 171 31.37 -46.00 -45.68
CA ASP G 171 29.96 -46.35 -45.36
C ASP G 171 28.94 -45.95 -46.44
N ALA G 172 29.22 -44.86 -47.16
CA ALA G 172 28.39 -44.42 -48.27
C ALA G 172 28.29 -45.50 -49.35
N GLU G 173 29.47 -45.94 -49.80
CA GLU G 173 29.59 -46.98 -50.83
C GLU G 173 28.97 -48.31 -50.38
N MET G 174 29.17 -48.66 -49.10
CA MET G 174 28.65 -49.91 -48.54
C MET G 174 27.12 -49.92 -48.38
N ASP G 175 26.52 -48.77 -48.07
CA ASP G 175 25.05 -48.69 -48.01
C ASP G 175 24.37 -48.99 -49.35
N ARG G 176 25.01 -48.62 -50.47
CA ARG G 176 24.52 -48.96 -51.81
C ARG G 176 24.54 -50.47 -52.06
N ILE G 177 25.61 -51.13 -51.60
CA ILE G 177 25.77 -52.57 -51.73
C ILE G 177 24.68 -53.30 -50.95
N PHE G 178 24.42 -52.85 -49.74
CA PHE G 178 23.37 -53.43 -48.89
C PHE G 178 21.96 -53.17 -49.44
N ALA G 179 21.77 -52.06 -50.16
CA ALA G 179 20.50 -51.75 -50.83
C ALA G 179 20.27 -52.68 -52.04
N ASN G 180 21.29 -52.80 -52.90
CA ASN G 180 21.26 -53.70 -54.05
C ASN G 180 21.17 -55.17 -53.64
N THR G 181 21.92 -55.55 -52.61
CA THR G 181 21.86 -56.89 -52.03
C THR G 181 20.47 -57.19 -51.47
N GLU G 182 19.95 -56.30 -50.66
CA GLU G 182 18.62 -56.48 -50.03
C GLU G 182 17.51 -56.59 -51.08
N SER G 183 17.57 -55.77 -52.13
CA SER G 183 16.58 -55.85 -53.22
C SER G 183 16.62 -57.20 -53.93
N TYR G 184 17.83 -57.71 -54.18
CA TYR G 184 17.99 -59.03 -54.80
C TYR G 184 17.40 -60.17 -53.95
N LEU G 185 17.72 -60.17 -52.66
CA LEU G 185 17.25 -61.24 -51.75
C LEU G 185 15.73 -61.25 -51.58
N LYS G 186 15.08 -60.10 -51.74
CA LYS G 186 13.61 -60.01 -51.72
C LYS G 186 12.98 -60.74 -52.91
N ARG G 187 13.57 -60.55 -54.09
CA ARG G 187 13.02 -61.10 -55.35
C ARG G 187 13.58 -62.48 -55.76
N ARG G 188 14.44 -63.09 -54.94
CA ARG G 188 14.91 -64.45 -55.18
C ARG G 188 13.78 -65.46 -55.11
N GLN G 189 13.88 -66.51 -55.92
CA GLN G 189 13.00 -67.67 -55.85
C GLN G 189 13.37 -68.51 -54.62
N LYS G 190 12.38 -69.14 -53.99
CA LYS G 190 12.57 -70.03 -52.84
C LYS G 190 11.95 -71.40 -53.10
N THR G 191 11.93 -71.83 -54.37
CA THR G 191 11.22 -73.05 -54.79
C THR G 191 11.89 -74.30 -54.24
N HIS G 192 13.23 -74.24 -54.16
CA HIS G 192 14.07 -75.32 -53.64
C HIS G 192 13.89 -75.70 -52.16
N VAL G 193 13.44 -74.76 -51.33
CA VAL G 193 13.52 -74.93 -49.87
C VAL G 193 12.82 -76.19 -49.32
N PRO G 194 11.60 -76.52 -49.77
CA PRO G 194 10.94 -77.74 -49.28
C PRO G 194 11.66 -79.06 -49.62
N MET G 195 12.51 -79.03 -50.65
CA MET G 195 13.34 -80.17 -51.03
C MET G 195 14.58 -80.38 -50.16
N LEU G 196 15.12 -79.27 -49.63
CA LEU G 196 16.38 -79.30 -48.88
C LEU G 196 16.25 -79.26 -47.36
N GLN G 197 15.06 -78.99 -46.84
CA GLN G 197 14.83 -78.96 -45.41
C GLN G 197 14.85 -80.35 -44.82
N VAL G 198 15.53 -80.51 -43.69
CA VAL G 198 15.55 -81.77 -42.97
C VAL G 198 14.19 -81.99 -42.29
N TRP G 199 13.64 -80.90 -41.76
CA TRP G 199 12.32 -80.87 -41.14
C TRP G 199 11.47 -79.77 -41.78
N THR G 200 10.25 -80.12 -42.21
CA THR G 200 9.28 -79.16 -42.76
C THR G 200 8.73 -78.21 -41.67
N ALA G 201 8.60 -78.71 -40.44
CA ALA G 201 8.15 -77.92 -39.29
C ALA G 201 9.12 -76.77 -39.01
N ASP G 202 8.58 -75.66 -38.48
CA ASP G 202 9.42 -74.51 -38.06
C ASP G 202 9.44 -74.32 -36.53
N LYS G 203 8.96 -75.35 -35.81
CA LYS G 203 9.03 -75.40 -34.36
C LYS G 203 9.66 -76.77 -34.01
N PRO G 204 10.68 -76.84 -33.16
CA PRO G 204 11.26 -75.71 -32.41
C PRO G 204 12.22 -74.79 -33.18
N HIS G 205 12.68 -75.18 -34.35
CA HIS G 205 13.62 -74.37 -35.12
C HIS G 205 13.26 -74.32 -36.60
N PRO G 206 13.09 -73.10 -37.16
CA PRO G 206 12.93 -73.03 -38.61
C PRO G 206 14.23 -73.43 -39.33
N GLN G 207 14.12 -74.35 -40.28
CA GLN G 207 15.24 -74.70 -41.14
C GLN G 207 15.32 -73.65 -42.24
N GLU G 208 16.13 -72.62 -42.00
CA GLU G 208 16.16 -71.42 -42.83
C GLU G 208 16.97 -71.59 -44.10
N GLU G 209 16.58 -70.84 -45.13
CA GLU G 209 17.31 -70.84 -46.41
C GLU G 209 18.63 -70.09 -46.19
N TYR G 210 19.71 -70.63 -46.75
CA TYR G 210 21.06 -70.23 -46.36
C TYR G 210 21.43 -68.75 -46.55
N LEU G 211 20.85 -68.09 -47.55
CA LEU G 211 21.13 -66.66 -47.77
C LEU G 211 20.23 -65.77 -46.92
N ASP G 212 19.00 -66.20 -46.68
CA ASP G 212 18.11 -65.51 -45.73
C ASP G 212 18.75 -65.48 -44.34
N CYS G 213 19.25 -66.63 -43.91
CA CYS G 213 19.88 -66.77 -42.60
C CYS G 213 21.16 -65.96 -42.48
N LEU G 214 22.04 -66.02 -43.47
CA LEU G 214 23.26 -65.21 -43.45
C LEU G 214 22.92 -63.72 -43.44
N TRP G 215 21.90 -63.32 -44.19
CA TRP G 215 21.42 -61.94 -44.20
C TRP G 215 21.03 -61.49 -42.79
N ALA G 216 20.11 -62.22 -42.16
CA ALA G 216 19.71 -61.97 -40.77
C ALA G 216 20.93 -61.80 -39.85
N GLN G 217 21.92 -62.69 -40.01
CA GLN G 217 23.16 -62.63 -39.22
C GLN G 217 23.97 -61.39 -39.51
N ILE G 218 24.07 -61.00 -40.77
CA ILE G 218 24.82 -59.79 -41.14
C ILE G 218 24.08 -58.52 -40.69
N GLN G 219 22.75 -58.57 -40.65
CA GLN G 219 21.97 -57.43 -40.16
C GLN G 219 22.19 -57.21 -38.66
N LYS G 220 22.12 -58.29 -37.86
CA LYS G 220 22.38 -58.21 -36.42
C LYS G 220 23.82 -57.79 -36.10
N LEU G 221 24.76 -58.17 -36.94
CA LEU G 221 26.16 -57.73 -36.80
C LEU G 221 26.29 -56.24 -37.04
N LYS G 222 25.62 -55.73 -38.08
CA LYS G 222 25.61 -54.30 -38.39
C LYS G 222 24.96 -53.49 -37.27
N LYS G 223 23.81 -53.97 -36.79
CA LYS G 223 23.10 -53.35 -35.66
C LYS G 223 23.93 -53.29 -34.38
N ASP G 224 24.85 -54.25 -34.19
CA ASP G 224 25.78 -54.25 -33.05
C ASP G 224 27.14 -53.63 -33.39
N ARG G 225 27.15 -52.61 -34.28
CA ARG G 225 28.35 -51.84 -34.65
C ARG G 225 29.54 -52.67 -35.15
N TRP G 226 29.26 -53.80 -35.81
CA TRP G 226 30.29 -54.74 -36.30
C TRP G 226 31.19 -55.31 -35.21
N GLN G 227 30.63 -55.49 -34.01
CA GLN G 227 31.33 -56.10 -32.87
C GLN G 227 30.94 -57.56 -32.83
N GLU G 228 31.92 -58.45 -32.96
CA GLU G 228 31.69 -59.88 -32.88
C GLU G 228 32.65 -60.48 -31.85
N ARG G 229 32.22 -61.57 -31.21
CA ARG G 229 32.84 -62.07 -29.99
C ARG G 229 33.63 -63.40 -30.13
N HIS G 230 33.76 -63.93 -31.35
CA HIS G 230 34.38 -65.28 -31.55
C HIS G 230 35.72 -65.33 -32.29
N ILE G 231 35.86 -64.56 -33.36
CA ILE G 231 37.00 -64.71 -34.27
C ILE G 231 38.31 -64.32 -33.63
N LEU G 232 39.24 -65.28 -33.52
CA LEU G 232 40.59 -64.98 -33.08
C LEU G 232 41.30 -64.17 -34.15
N ARG G 233 41.89 -63.06 -33.73
CA ARG G 233 42.56 -62.11 -34.62
C ARG G 233 43.98 -61.87 -34.08
N PRO G 234 44.95 -62.71 -34.46
CA PRO G 234 46.33 -62.54 -34.01
C PRO G 234 46.95 -61.17 -34.37
N TYR G 235 46.54 -60.60 -35.49
CA TYR G 235 47.01 -59.28 -35.94
C TYR G 235 46.83 -58.12 -34.94
N LEU G 236 45.79 -58.17 -34.11
CA LEU G 236 45.57 -57.14 -33.07
C LEU G 236 46.74 -57.02 -32.08
N ALA G 237 47.42 -58.13 -31.81
CA ALA G 237 48.62 -58.14 -30.96
C ALA G 237 49.83 -57.45 -31.61
N PHE G 238 49.90 -57.42 -32.94
CA PHE G 238 50.98 -56.75 -33.68
C PHE G 238 50.57 -55.36 -34.19
N ASP G 239 49.72 -54.66 -33.45
CA ASP G 239 49.16 -53.37 -33.89
C ASP G 239 50.24 -52.30 -34.17
N SER G 240 51.30 -52.27 -33.35
CA SER G 240 52.45 -51.37 -33.58
C SER G 240 53.06 -51.51 -34.97
N ILE G 241 53.34 -52.76 -35.36
CA ILE G 241 54.05 -53.06 -36.61
C ILE G 241 53.14 -52.89 -37.84
N LEU G 242 51.85 -53.21 -37.71
CA LEU G 242 50.92 -53.24 -38.84
C LEU G 242 50.28 -51.87 -39.19
N CYS G 243 50.26 -50.93 -38.26
CA CYS G 243 49.85 -49.54 -38.57
C CYS G 243 50.78 -48.91 -39.60
N GLU G 244 52.08 -49.01 -39.33
CA GLU G 244 53.13 -48.42 -40.18
C GLU G 244 53.30 -49.12 -41.54
N ALA G 245 52.78 -50.33 -41.68
CA ALA G 245 52.85 -51.08 -42.94
C ALA G 245 52.04 -50.43 -44.05
N LEU G 246 52.60 -50.43 -45.27
CA LEU G 246 51.99 -49.76 -46.41
C LEU G 246 51.07 -50.73 -47.15
N GLN G 247 49.92 -50.20 -47.59
CA GLN G 247 48.86 -51.00 -48.21
C GLN G 247 49.04 -51.15 -49.71
N HIS G 248 48.27 -52.08 -50.28
CA HIS G 248 48.24 -52.34 -51.72
C HIS G 248 46.82 -52.23 -52.22
N ASN G 249 46.68 -51.87 -53.50
CA ASN G 249 45.38 -51.84 -54.16
C ASN G 249 45.21 -53.12 -54.96
N LEU G 250 44.10 -53.82 -54.72
CA LEU G 250 43.67 -54.88 -55.63
C LEU G 250 43.38 -54.26 -56.98
N PRO G 251 43.75 -54.94 -58.08
CA PRO G 251 43.27 -54.43 -59.37
C PRO G 251 41.74 -54.46 -59.44
N PRO G 252 41.14 -53.67 -60.36
CA PRO G 252 39.70 -53.79 -60.54
C PRO G 252 39.33 -55.19 -61.02
N PHE G 253 38.23 -55.74 -60.51
CA PHE G 253 37.88 -57.13 -60.70
C PHE G 253 36.63 -57.30 -61.56
N THR G 254 36.79 -57.91 -62.74
CA THR G 254 35.68 -58.27 -63.61
C THR G 254 35.34 -59.74 -63.32
N PRO G 255 34.11 -60.01 -62.82
CA PRO G 255 33.75 -61.41 -62.55
C PRO G 255 33.64 -62.20 -63.85
N PRO G 256 34.37 -63.33 -63.97
CA PRO G 256 34.30 -64.15 -65.18
C PRO G 256 32.85 -64.43 -65.60
N PRO G 257 32.52 -64.17 -66.89
CA PRO G 257 31.11 -64.18 -67.26
C PRO G 257 30.56 -65.60 -67.36
N HIS G 258 29.24 -65.70 -67.33
CA HIS G 258 28.54 -66.98 -67.40
C HIS G 258 28.72 -67.62 -68.77
N THR G 259 29.03 -68.90 -68.78
CA THR G 259 29.00 -69.71 -70.01
C THR G 259 28.18 -70.95 -69.68
N GLU G 260 27.87 -71.76 -70.68
CA GLU G 260 27.12 -73.00 -70.41
C GLU G 260 28.03 -74.14 -69.92
N ASP G 261 29.35 -73.90 -69.87
CA ASP G 261 30.27 -74.73 -69.08
C ASP G 261 30.24 -74.44 -67.56
N SER G 262 29.68 -73.29 -67.14
CA SER G 262 29.67 -72.89 -65.74
C SER G 262 28.75 -73.76 -64.89
N VAL G 263 29.26 -74.13 -63.72
CA VAL G 263 28.57 -75.00 -62.76
C VAL G 263 28.72 -74.31 -61.40
N TYR G 264 27.61 -73.88 -60.82
CA TYR G 264 27.62 -73.17 -59.54
C TYR G 264 27.11 -74.07 -58.41
N PRO G 265 27.49 -73.76 -57.15
CA PRO G 265 26.99 -74.54 -56.01
C PRO G 265 25.48 -74.53 -55.90
N MET G 266 24.90 -75.66 -55.50
CA MET G 266 23.48 -75.74 -55.22
C MET G 266 23.14 -74.90 -54.01
N PRO G 267 21.90 -74.39 -53.93
CA PRO G 267 21.49 -73.74 -52.69
C PRO G 267 21.44 -74.71 -51.52
N ARG G 268 21.49 -74.17 -50.31
CA ARG G 268 21.51 -74.94 -49.06
C ARG G 268 20.45 -74.44 -48.09
N VAL G 269 20.20 -75.24 -47.07
CA VAL G 269 19.32 -74.91 -45.95
C VAL G 269 20.09 -75.16 -44.66
N ILE G 270 20.12 -74.16 -43.77
CA ILE G 270 20.91 -74.27 -42.54
C ILE G 270 20.26 -75.24 -41.55
N PHE G 271 20.98 -76.33 -41.27
CA PHE G 271 20.60 -77.31 -40.26
C PHE G 271 20.62 -76.62 -38.92
N ARG G 272 19.67 -76.98 -38.06
CA ARG G 272 19.51 -76.33 -36.78
C ARG G 272 18.73 -77.22 -35.83
N MET G 273 19.37 -77.68 -34.77
CA MET G 273 18.68 -78.44 -33.71
C MET G 273 18.88 -77.94 -32.27
N PHE G 274 19.90 -77.11 -32.02
CA PHE G 274 20.18 -76.61 -30.67
C PHE G 274 20.01 -75.09 -30.54
N ASP G 275 19.53 -74.65 -29.39
CA ASP G 275 19.79 -73.28 -28.89
C ASP G 275 20.35 -73.39 -27.46
N TYR G 276 20.65 -72.27 -26.83
CA TYR G 276 21.28 -72.26 -25.49
C TYR G 276 20.53 -73.08 -24.41
N THR G 277 19.21 -73.21 -24.53
CA THR G 277 18.41 -73.93 -23.51
C THR G 277 18.61 -75.45 -23.49
N ASP G 278 19.26 -76.02 -24.51
CA ASP G 278 19.63 -77.43 -24.50
C ASP G 278 20.92 -77.71 -23.70
N ASP G 279 21.65 -76.64 -23.34
CA ASP G 279 22.82 -76.72 -22.46
C ASP G 279 22.81 -75.55 -21.44
N PRO G 280 21.95 -75.64 -20.40
CA PRO G 280 21.86 -74.55 -19.41
C PRO G 280 23.09 -74.43 -18.51
N GLU G 281 23.81 -75.53 -18.32
CA GLU G 281 24.93 -75.58 -17.37
C GLU G 281 26.18 -74.96 -17.99
N GLY G 282 26.50 -75.40 -19.21
CA GLY G 282 27.69 -74.92 -19.93
C GLY G 282 27.55 -73.50 -20.45
N PRO G 283 28.56 -73.02 -21.20
CA PRO G 283 28.52 -71.65 -21.74
C PRO G 283 27.33 -71.39 -22.66
N VAL G 284 26.97 -70.12 -22.79
CA VAL G 284 25.76 -69.76 -23.54
C VAL G 284 26.05 -69.89 -25.04
N MET G 285 25.24 -70.71 -25.70
CA MET G 285 25.37 -70.99 -27.13
C MET G 285 24.95 -69.78 -27.95
N PRO G 286 25.83 -69.25 -28.83
CA PRO G 286 25.42 -68.16 -29.72
C PRO G 286 24.19 -68.53 -30.54
N GLY G 287 23.30 -67.57 -30.77
CA GLY G 287 22.00 -67.84 -31.37
C GLY G 287 22.03 -68.03 -32.87
N SER G 288 20.96 -68.62 -33.39
CA SER G 288 20.80 -68.89 -34.83
C SER G 288 21.15 -67.71 -35.72
N HIS G 289 20.78 -66.51 -35.31
CA HIS G 289 21.01 -65.30 -36.11
C HIS G 289 22.21 -64.48 -35.64
N SER G 290 23.21 -65.13 -35.05
CA SER G 290 24.48 -64.47 -34.73
C SER G 290 25.57 -64.96 -35.69
N VAL G 291 26.43 -64.04 -36.14
CA VAL G 291 27.59 -64.41 -36.97
C VAL G 291 28.60 -65.30 -36.24
N GLU G 292 28.57 -65.28 -34.91
CA GLU G 292 29.34 -66.23 -34.10
C GLU G 292 28.96 -67.66 -34.49
N ARG G 293 27.66 -67.96 -34.53
CA ARG G 293 27.17 -69.30 -34.86
C ARG G 293 27.58 -69.71 -36.27
N PHE G 294 27.55 -68.76 -37.20
CA PHE G 294 27.98 -69.00 -38.58
C PHE G 294 29.48 -69.33 -38.67
N VAL G 295 30.31 -68.53 -38.01
CA VAL G 295 31.77 -68.71 -38.08
C VAL G 295 32.24 -69.99 -37.36
N ILE G 296 31.54 -70.37 -36.29
CA ILE G 296 31.83 -71.59 -35.56
C ILE G 296 31.54 -72.77 -36.47
N GLU G 297 30.34 -72.83 -37.02
CA GLU G 297 29.92 -73.98 -37.84
C GLU G 297 30.73 -74.08 -39.13
N GLU G 298 31.06 -72.94 -39.72
CA GLU G 298 31.88 -72.91 -40.92
C GLU G 298 33.25 -73.52 -40.67
N ASN G 299 33.90 -73.11 -39.58
CA ASN G 299 35.23 -73.62 -39.24
C ASN G 299 35.22 -75.11 -38.89
N LEU G 300 34.22 -75.54 -38.11
CA LEU G 300 34.06 -76.96 -37.80
C LEU G 300 33.85 -77.80 -39.06
N HIS G 301 33.03 -77.31 -39.99
CA HIS G 301 32.87 -77.98 -41.29
C HIS G 301 34.21 -78.08 -42.02
N CYS G 302 34.97 -76.99 -42.04
CA CYS G 302 36.27 -76.94 -42.72
C CYS G 302 37.32 -77.87 -42.09
N ILE G 303 37.27 -78.04 -40.77
CA ILE G 303 38.14 -78.99 -40.07
C ILE G 303 37.84 -80.42 -40.54
N ILE G 304 36.56 -80.76 -40.67
CA ILE G 304 36.18 -82.09 -41.16
C ILE G 304 36.64 -82.25 -42.60
N LYS G 305 36.43 -81.22 -43.41
CA LYS G 305 36.90 -81.22 -44.81
C LYS G 305 38.41 -81.42 -44.94
N SER G 306 39.18 -80.86 -44.01
CA SER G 306 40.64 -81.01 -44.03
C SER G 306 41.14 -82.35 -43.53
N HIS G 307 40.38 -83.02 -42.65
CA HIS G 307 40.86 -84.21 -41.96
C HIS G 307 39.93 -85.42 -42.02
N TRP G 308 38.95 -85.43 -42.94
CA TRP G 308 37.93 -86.50 -42.98
C TRP G 308 38.49 -87.91 -43.04
N LYS G 309 39.65 -88.09 -43.67
CA LYS G 309 40.27 -89.42 -43.84
C LYS G 309 40.92 -89.99 -42.59
N GLU G 310 41.28 -89.12 -41.64
CA GLU G 310 41.99 -89.51 -40.43
C GLU G 310 41.03 -89.32 -39.25
N ARG G 311 40.17 -90.29 -39.00
CA ARG G 311 39.10 -90.11 -38.00
C ARG G 311 39.59 -89.67 -36.62
N LYS G 312 40.73 -90.21 -36.18
CA LYS G 312 41.27 -89.90 -34.85
C LYS G 312 41.85 -88.47 -34.83
N THR G 313 42.61 -88.12 -35.87
CA THR G 313 43.07 -86.74 -36.07
C THR G 313 41.89 -85.77 -36.20
N CYS G 314 40.87 -86.17 -36.95
CA CYS G 314 39.68 -85.33 -37.14
C CYS G 314 38.97 -85.01 -35.82
N ALA G 315 38.88 -86.00 -34.93
CA ALA G 315 38.27 -85.80 -33.61
C ALA G 315 39.10 -84.84 -32.76
N ALA G 316 40.41 -85.07 -32.73
CA ALA G 316 41.33 -84.22 -31.98
C ALA G 316 41.23 -82.75 -32.36
N GLN G 317 41.22 -82.48 -33.67
CA GLN G 317 41.16 -81.11 -34.16
C GLN G 317 39.86 -80.40 -33.84
N LEU G 318 38.76 -81.14 -33.88
CA LEU G 318 37.45 -80.60 -33.51
C LEU G 318 37.40 -80.24 -32.05
N VAL G 319 37.88 -81.15 -31.20
CA VAL G 319 37.83 -80.97 -29.74
C VAL G 319 38.76 -79.84 -29.29
N SER G 320 39.88 -79.65 -29.98
CA SER G 320 40.81 -78.56 -29.66
C SER G 320 40.57 -77.26 -30.44
N TYR G 321 39.32 -77.00 -30.87
CA TYR G 321 38.99 -75.81 -31.64
C TYR G 321 39.11 -74.55 -30.77
N PRO G 322 39.97 -73.59 -31.16
CA PRO G 322 40.11 -72.35 -30.38
C PRO G 322 39.11 -71.27 -30.75
N GLY G 323 38.73 -70.45 -29.76
CA GLY G 323 37.93 -69.24 -29.99
C GLY G 323 38.30 -68.14 -29.00
N LYS G 324 37.90 -66.91 -29.30
CA LYS G 324 38.16 -65.78 -28.39
C LYS G 324 37.41 -65.94 -27.07
N ASN G 325 36.18 -66.43 -27.12
CA ASN G 325 35.36 -66.67 -25.92
C ASN G 325 34.91 -68.12 -25.85
N LYS G 326 34.48 -68.53 -24.66
CA LYS G 326 34.07 -69.91 -24.41
C LYS G 326 32.68 -70.20 -24.99
N ILE G 327 32.55 -71.42 -25.54
CA ILE G 327 31.34 -71.88 -26.24
C ILE G 327 31.11 -73.36 -25.91
N PRO G 328 29.86 -73.83 -25.96
CA PRO G 328 29.59 -75.23 -25.65
C PRO G 328 30.01 -76.15 -26.81
N LEU G 329 31.31 -76.36 -26.94
CA LEU G 329 31.93 -76.97 -28.11
C LEU G 329 31.40 -78.37 -28.47
N ASN G 330 31.08 -79.17 -27.46
CA ASN G 330 30.49 -80.49 -27.71
C ASN G 330 29.15 -80.42 -28.45
N TYR G 331 28.35 -79.41 -28.14
CA TYR G 331 27.04 -79.24 -28.80
C TYR G 331 27.21 -78.81 -30.26
N HIS G 332 28.07 -77.83 -30.47
CA HIS G 332 28.42 -77.40 -31.82
C HIS G 332 28.98 -78.53 -32.70
N ILE G 333 29.80 -79.40 -32.11
CA ILE G 333 30.41 -80.50 -32.85
C ILE G 333 29.35 -81.52 -33.28
N VAL G 334 28.53 -81.95 -32.33
CA VAL G 334 27.46 -82.90 -32.63
C VAL G 334 26.49 -82.33 -33.67
N GLU G 335 26.21 -81.02 -33.59
CA GLU G 335 25.30 -80.38 -34.54
C GLU G 335 25.89 -80.35 -35.94
N VAL G 336 27.11 -79.83 -36.06
CA VAL G 336 27.86 -79.79 -37.32
C VAL G 336 27.99 -81.18 -37.96
N ILE G 337 28.19 -82.22 -37.14
CA ILE G 337 28.25 -83.58 -37.68
C ILE G 337 26.89 -83.99 -38.24
N PHE G 338 25.82 -83.87 -37.47
CA PHE G 338 24.49 -84.20 -37.99
C PHE G 338 24.04 -83.27 -39.13
N ALA G 339 24.54 -82.04 -39.15
CA ALA G 339 24.26 -81.13 -40.26
C ALA G 339 24.81 -81.65 -41.60
N GLU G 340 25.97 -82.30 -41.56
CA GLU G 340 26.56 -82.93 -42.73
C GLU G 340 25.86 -84.23 -43.05
N LEU G 341 25.71 -85.11 -42.07
CA LEU G 341 25.05 -86.39 -42.29
C LEU G 341 23.67 -86.23 -42.92
N PHE G 342 22.90 -85.25 -42.46
CA PHE G 342 21.55 -85.03 -42.99
C PHE G 342 21.45 -83.98 -44.12
N GLN G 343 22.58 -83.52 -44.67
CA GLN G 343 22.53 -82.49 -45.71
C GLN G 343 21.87 -83.04 -46.97
N LEU G 344 21.11 -82.18 -47.64
CA LEU G 344 20.46 -82.52 -48.90
C LEU G 344 21.02 -81.64 -50.04
N PRO G 345 21.29 -82.18 -51.22
CA PRO G 345 21.00 -83.58 -51.59
C PRO G 345 21.81 -84.64 -50.87
N ALA G 346 23.10 -84.38 -50.68
CA ALA G 346 24.03 -85.37 -50.12
C ALA G 346 24.94 -84.81 -49.04
N PRO G 347 25.49 -85.69 -48.19
CA PRO G 347 26.51 -85.23 -47.25
C PRO G 347 27.80 -84.93 -48.00
N PRO G 348 28.68 -84.11 -47.42
CA PRO G 348 29.96 -83.85 -48.10
C PRO G 348 30.92 -85.02 -48.16
N HIS G 349 30.72 -86.04 -47.31
CA HIS G 349 31.60 -87.21 -47.24
C HIS G 349 30.76 -88.46 -47.02
N ILE G 350 31.34 -89.63 -47.28
CA ILE G 350 30.60 -90.90 -47.15
C ILE G 350 29.94 -91.05 -45.77
N ASP G 351 28.67 -91.48 -45.75
CA ASP G 351 27.83 -91.52 -44.53
C ASP G 351 28.48 -92.17 -43.33
N VAL G 352 29.18 -93.28 -43.56
CA VAL G 352 29.72 -94.10 -42.49
C VAL G 352 30.84 -93.41 -41.70
N MET G 353 31.56 -92.48 -42.34
CA MET G 353 32.58 -91.69 -41.66
C MET G 353 32.04 -91.00 -40.42
N TYR G 354 30.82 -90.49 -40.50
CA TYR G 354 30.19 -89.76 -39.39
C TYR G 354 29.93 -90.64 -38.17
N THR G 355 29.55 -91.90 -38.41
CA THR G 355 29.35 -92.85 -37.32
C THR G 355 30.65 -93.07 -36.54
N THR G 356 31.74 -93.27 -37.28
CA THR G 356 33.05 -93.48 -36.70
C THR G 356 33.61 -92.23 -36.01
N LEU G 357 33.46 -91.08 -36.64
CA LEU G 357 33.92 -89.81 -36.04
C LEU G 357 33.24 -89.57 -34.71
N LEU G 358 31.94 -89.82 -34.65
CA LEU G 358 31.21 -89.71 -33.38
C LEU G 358 31.75 -90.66 -32.30
N ILE G 359 32.13 -91.88 -32.68
CA ILE G 359 32.76 -92.82 -31.73
C ILE G 359 34.12 -92.30 -31.23
N GLU G 360 34.98 -91.88 -32.15
CA GLU G 360 36.28 -91.32 -31.78
C GLU G 360 36.15 -90.07 -30.89
N LEU G 361 35.08 -89.32 -31.09
CA LEU G 361 34.77 -88.18 -30.22
C LEU G 361 34.31 -88.61 -28.84
N CYS G 362 33.52 -89.67 -28.73
CA CYS G 362 33.16 -90.24 -27.43
C CYS G 362 34.41 -90.71 -26.70
N LYS G 363 35.32 -91.39 -27.40
CA LYS G 363 36.59 -91.82 -26.82
C LYS G 363 37.42 -90.64 -26.27
N LEU G 364 37.45 -89.55 -27.01
CA LEU G 364 38.26 -88.37 -26.66
C LEU G 364 37.66 -87.51 -25.54
N GLN G 365 36.35 -87.59 -25.33
CA GLN G 365 35.65 -86.79 -24.31
C GLN G 365 34.62 -87.68 -23.62
N PRO G 366 35.08 -88.76 -22.97
CA PRO G 366 34.13 -89.78 -22.49
C PRO G 366 33.24 -89.32 -21.34
N GLY G 367 33.66 -88.30 -20.60
CA GLY G 367 32.87 -87.77 -19.50
C GLY G 367 31.67 -86.92 -19.90
N SER G 368 31.73 -86.29 -21.08
CA SER G 368 30.71 -85.32 -21.51
C SER G 368 30.01 -85.62 -22.85
N LEU G 369 30.78 -86.01 -23.88
CA LEU G 369 30.25 -86.17 -25.25
C LEU G 369 29.12 -87.21 -25.39
N PRO G 370 29.27 -88.41 -24.80
CA PRO G 370 28.19 -89.41 -24.91
C PRO G 370 26.84 -88.93 -24.40
N GLN G 371 26.85 -88.09 -23.37
CA GLN G 371 25.62 -87.50 -22.83
C GLN G 371 25.00 -86.53 -23.84
N VAL G 372 25.81 -85.66 -24.42
CA VAL G 372 25.35 -84.73 -25.45
C VAL G 372 24.83 -85.50 -26.68
N LEU G 373 25.55 -86.55 -27.06
CA LEU G 373 25.13 -87.39 -28.16
C LEU G 373 23.76 -88.03 -27.90
N ALA G 374 23.59 -88.62 -26.72
CA ALA G 374 22.32 -89.27 -26.35
C ALA G 374 21.14 -88.29 -26.29
N GLN G 375 21.41 -87.09 -25.79
CA GLN G 375 20.42 -86.01 -25.74
C GLN G 375 19.97 -85.63 -27.14
N ALA G 376 20.94 -85.48 -28.05
CA ALA G 376 20.65 -85.16 -29.45
C ALA G 376 19.85 -86.27 -30.13
N THR G 377 20.24 -87.52 -29.90
CA THR G 377 19.50 -88.67 -30.43
C THR G 377 18.03 -88.65 -29.99
N GLU G 378 17.81 -88.32 -28.72
CA GLU G 378 16.47 -88.16 -28.16
C GLU G 378 15.69 -87.07 -28.90
N MET G 379 16.34 -85.92 -29.09
CA MET G 379 15.72 -84.79 -29.78
C MET G 379 15.39 -85.11 -31.25
N LEU G 380 16.24 -85.89 -31.91
CA LEU G 380 16.01 -86.31 -33.29
C LEU G 380 14.80 -87.22 -33.39
N TYR G 381 14.70 -88.15 -32.45
CA TYR G 381 13.54 -89.04 -32.36
C TYR G 381 12.24 -88.27 -32.13
N MET G 382 12.26 -87.32 -31.19
CA MET G 382 11.06 -86.53 -30.87
C MET G 382 10.54 -85.69 -32.05
N ARG G 383 11.44 -85.28 -32.95
CA ARG G 383 11.08 -84.46 -34.12
C ARG G 383 10.91 -85.26 -35.43
N LEU G 384 10.81 -86.59 -35.33
CA LEU G 384 10.67 -87.48 -36.50
C LEU G 384 9.46 -87.21 -37.38
N ASP G 385 8.39 -86.64 -36.80
CA ASP G 385 7.13 -86.52 -37.52
C ASP G 385 7.21 -85.68 -38.80
N THR G 386 8.06 -84.64 -38.82
CA THR G 386 8.30 -83.84 -40.02
C THR G 386 9.66 -84.05 -40.69
N MET G 387 10.42 -85.07 -40.26
CA MET G 387 11.76 -85.34 -40.84
C MET G 387 11.62 -85.97 -42.23
N ASN G 388 12.38 -85.44 -43.19
CA ASN G 388 12.42 -85.97 -44.56
C ASN G 388 12.87 -87.43 -44.57
N THR G 389 12.28 -88.22 -45.45
CA THR G 389 12.54 -89.68 -45.51
C THR G 389 14.00 -90.01 -45.84
N THR G 390 14.60 -89.21 -46.71
CA THR G 390 16.02 -89.35 -47.05
C THR G 390 16.89 -89.27 -45.78
N CYS G 391 16.65 -88.25 -44.97
CA CYS G 391 17.33 -88.09 -43.67
C CYS G 391 17.00 -89.19 -42.65
N VAL G 392 15.76 -89.65 -42.62
CA VAL G 392 15.34 -90.71 -41.69
C VAL G 392 16.10 -92.00 -41.97
N ASP G 393 16.32 -92.32 -43.24
CA ASP G 393 17.14 -93.48 -43.60
C ASP G 393 18.56 -93.40 -43.05
N ARG G 394 19.15 -92.21 -43.16
CA ARG G 394 20.50 -91.97 -42.66
C ARG G 394 20.58 -92.08 -41.14
N PHE G 395 19.54 -91.57 -40.47
CA PHE G 395 19.38 -91.65 -39.02
C PHE G 395 19.29 -93.11 -38.57
N ILE G 396 18.40 -93.87 -39.23
CA ILE G 396 18.27 -95.31 -39.00
C ILE G 396 19.60 -96.04 -39.15
N ASN G 397 20.28 -95.79 -40.27
CA ASN G 397 21.57 -96.45 -40.55
C ASN G 397 22.65 -96.03 -39.57
N TRP G 398 22.69 -94.75 -39.20
CA TRP G 398 23.67 -94.28 -38.23
C TRP G 398 23.43 -94.87 -36.83
N PHE G 399 22.19 -94.76 -36.37
CA PHE G 399 21.83 -95.16 -35.03
C PHE G 399 21.98 -96.67 -34.83
N SER G 400 21.53 -97.48 -35.79
CA SER G 400 21.69 -98.94 -35.71
C SER G 400 23.16 -99.36 -35.68
N HIS G 401 23.97 -98.71 -36.50
CA HIS G 401 25.41 -99.00 -36.58
C HIS G 401 26.16 -98.51 -35.34
N HIS G 402 25.72 -97.38 -34.80
CA HIS G 402 26.24 -96.88 -33.52
C HIS G 402 25.94 -97.89 -32.41
N LEU G 403 24.66 -98.21 -32.20
CA LEU G 403 24.27 -99.21 -31.21
C LEU G 403 25.07 -100.50 -31.31
N SER G 404 25.31 -100.99 -32.53
CA SER G 404 26.09 -102.22 -32.71
C SER G 404 27.53 -102.13 -32.17
N ASN G 405 28.06 -100.91 -32.02
CA ASN G 405 29.37 -100.67 -31.38
C ASN G 405 29.37 -100.50 -29.85
N PHE G 406 28.19 -100.44 -29.23
CA PHE G 406 28.08 -100.34 -27.78
C PHE G 406 27.03 -101.32 -27.26
N GLN G 407 27.17 -102.58 -27.70
CA GLN G 407 26.40 -103.72 -27.17
C GLN G 407 24.87 -103.52 -27.19
N PHE G 408 24.39 -102.77 -28.17
CA PHE G 408 22.96 -102.45 -28.32
C PHE G 408 22.31 -101.86 -27.06
N ARG G 409 23.11 -101.15 -26.26
CA ARG G 409 22.64 -100.51 -25.04
C ARG G 409 21.83 -99.27 -25.41
N TRP G 410 20.53 -99.28 -25.08
CA TRP G 410 19.70 -98.10 -25.26
C TRP G 410 18.45 -98.16 -24.38
N SER G 411 18.08 -97.03 -23.79
CA SER G 411 16.87 -96.92 -22.96
C SER G 411 15.62 -96.91 -23.84
N TRP G 412 15.20 -98.11 -24.27
CA TRP G 412 14.10 -98.26 -25.23
C TRP G 412 12.75 -97.75 -24.72
N GLU G 413 12.48 -97.98 -23.44
CA GLU G 413 11.29 -97.44 -22.76
C GLU G 413 11.09 -95.91 -22.83
N ASP G 414 12.16 -95.14 -23.02
CA ASP G 414 12.05 -93.69 -23.31
C ASP G 414 11.18 -93.39 -24.54
N TRP G 415 11.09 -94.36 -25.45
CA TRP G 415 10.31 -94.26 -26.67
C TRP G 415 9.03 -95.13 -26.66
N SER G 416 8.41 -95.32 -25.49
CA SER G 416 7.19 -96.15 -25.38
C SER G 416 5.95 -95.54 -26.07
N ASP G 417 5.91 -94.21 -26.18
CA ASP G 417 4.86 -93.48 -26.91
C ASP G 417 4.57 -93.97 -28.35
N CYS G 418 5.56 -94.59 -29.00
CA CYS G 418 5.39 -95.17 -30.34
C CYS G 418 4.44 -96.38 -30.38
N LEU G 419 4.36 -97.12 -29.28
CA LEU G 419 3.56 -98.36 -29.24
C LEU G 419 2.04 -98.13 -29.36
N SER G 420 1.55 -96.99 -28.87
CA SER G 420 0.13 -96.61 -28.98
C SER G 420 -0.24 -95.88 -30.29
N GLN G 421 0.75 -95.38 -31.03
CA GLN G 421 0.52 -94.72 -32.33
C GLN G 421 0.31 -95.72 -33.46
N ASP G 422 -0.17 -95.19 -34.60
CA ASP G 422 -0.37 -95.97 -35.84
C ASP G 422 0.98 -96.49 -36.34
N PRO G 423 1.12 -97.84 -36.54
CA PRO G 423 2.37 -98.43 -37.06
C PRO G 423 3.03 -97.77 -38.29
N GLU G 424 2.23 -97.16 -39.17
CA GLU G 424 2.77 -96.43 -40.33
C GLU G 424 3.45 -95.09 -39.96
N SER G 425 3.10 -94.52 -38.80
CA SER G 425 3.63 -93.21 -38.38
C SER G 425 5.15 -93.21 -38.22
N PRO G 426 5.81 -92.04 -38.36
CA PRO G 426 7.28 -91.95 -38.38
C PRO G 426 8.02 -92.61 -37.20
N LYS G 427 7.49 -92.44 -35.98
CA LYS G 427 8.18 -92.93 -34.77
C LYS G 427 8.21 -94.46 -34.63
N PRO G 428 7.05 -95.15 -34.68
CA PRO G 428 7.12 -96.62 -34.62
C PRO G 428 7.77 -97.27 -35.84
N LYS G 429 7.61 -96.62 -37.00
CA LYS G 429 8.27 -97.08 -38.24
C LYS G 429 9.78 -96.90 -38.16
N PHE G 430 10.23 -95.80 -37.54
CA PHE G 430 11.64 -95.62 -37.21
C PHE G 430 12.16 -96.77 -36.38
N VAL G 431 11.46 -97.10 -35.30
CA VAL G 431 11.92 -98.13 -34.36
C VAL G 431 11.93 -99.52 -35.02
N ARG G 432 10.91 -99.83 -35.82
CA ARG G 432 10.87 -101.13 -36.52
C ARG G 432 12.08 -101.33 -37.42
N GLU G 433 12.37 -100.31 -38.23
CA GLU G 433 13.48 -100.34 -39.19
C GLU G 433 14.84 -100.37 -38.51
N VAL G 434 14.98 -99.64 -37.41
CA VAL G 434 16.20 -99.64 -36.60
C VAL G 434 16.50 -101.05 -36.10
N LEU G 435 15.47 -101.69 -35.58
CA LEU G 435 15.61 -103.05 -35.05
C LEU G 435 15.87 -104.07 -36.15
N GLU G 436 15.23 -103.88 -37.31
CA GLU G 436 15.51 -104.68 -38.51
C GLU G 436 16.97 -104.52 -38.93
N LYS G 437 17.48 -103.29 -38.88
CA LYS G 437 18.88 -103.00 -39.19
C LYS G 437 19.85 -103.55 -38.15
N CYS G 438 19.46 -103.50 -36.88
CA CYS G 438 20.25 -104.13 -35.81
C CYS G 438 20.39 -105.63 -36.02
N MET G 439 19.29 -106.30 -36.39
CA MET G 439 19.29 -107.75 -36.65
C MET G 439 20.32 -108.15 -37.70
N ARG G 440 20.45 -107.35 -38.75
CA ARG G 440 21.41 -107.64 -39.83
C ARG G 440 22.86 -107.62 -39.37
N LEU G 441 23.17 -106.70 -38.47
CA LEU G 441 24.49 -106.61 -37.84
C LEU G 441 24.73 -107.63 -36.74
N SER G 442 23.63 -108.23 -36.24
CA SER G 442 23.65 -109.17 -35.13
C SER G 442 22.99 -110.49 -35.58
N TYR G 443 22.01 -110.99 -34.81
CA TYR G 443 21.15 -112.12 -35.21
C TYR G 443 19.77 -111.99 -34.53
N HIS G 444 18.77 -112.71 -35.03
CA HIS G 444 17.36 -112.55 -34.59
C HIS G 444 17.19 -112.59 -33.06
N GLN G 445 17.78 -113.60 -32.42
CA GLN G 445 17.59 -113.82 -30.98
C GLN G 445 18.17 -112.69 -30.12
N ARG G 446 19.31 -112.13 -30.53
CA ARG G 446 20.00 -111.07 -29.77
C ARG G 446 19.17 -109.78 -29.71
N ILE G 447 18.36 -109.53 -30.74
CA ILE G 447 17.50 -108.34 -30.80
C ILE G 447 16.27 -108.50 -29.90
N LEU G 448 15.72 -109.72 -29.86
CA LEU G 448 14.63 -110.05 -28.92
C LEU G 448 15.02 -109.83 -27.45
N ASP G 449 16.28 -110.12 -27.12
CA ASP G 449 16.81 -109.95 -25.76
C ASP G 449 16.92 -108.49 -25.37
N ILE G 450 17.63 -107.71 -26.18
CA ILE G 450 17.98 -106.31 -25.84
C ILE G 450 16.83 -105.29 -25.78
N VAL G 451 15.64 -105.68 -26.24
CA VAL G 451 14.45 -104.82 -26.12
C VAL G 451 13.53 -105.32 -25.00
N PRO G 452 12.78 -104.40 -24.36
CA PRO G 452 11.69 -104.78 -23.46
C PRO G 452 10.64 -105.72 -24.14
N PRO G 453 9.95 -106.56 -23.35
CA PRO G 453 8.87 -107.39 -23.95
C PRO G 453 7.70 -106.62 -24.58
N THR G 454 7.48 -105.36 -24.20
CA THR G 454 6.48 -104.51 -24.88
C THR G 454 6.88 -104.10 -26.32
N PHE G 455 8.19 -104.12 -26.61
CA PHE G 455 8.74 -103.76 -27.94
C PHE G 455 8.88 -104.91 -28.95
N SER G 456 8.73 -106.17 -28.53
CA SER G 456 8.88 -107.33 -29.42
C SER G 456 7.77 -107.48 -30.48
N ALA G 457 6.69 -106.69 -30.37
CA ALA G 457 5.75 -106.46 -31.47
C ALA G 457 6.45 -105.77 -32.66
N LEU G 458 7.25 -104.75 -32.34
CA LEU G 458 8.02 -103.99 -33.34
C LEU G 458 9.29 -104.71 -33.85
N CYS G 459 9.69 -105.82 -33.24
CA CYS G 459 10.85 -106.60 -33.71
C CYS G 459 10.61 -107.24 -35.08
N PRO G 460 11.70 -107.53 -35.81
CA PRO G 460 11.67 -108.18 -37.13
C PRO G 460 11.47 -109.68 -37.04
N VAL G 461 10.80 -110.26 -38.03
CA VAL G 461 10.54 -111.69 -38.08
C VAL G 461 11.80 -112.48 -38.36
N ASN G 462 11.81 -113.77 -37.97
CA ASN G 462 12.96 -114.62 -38.21
C ASN G 462 13.20 -114.77 -39.71
N PRO G 463 14.44 -114.60 -40.15
CA PRO G 463 14.75 -114.64 -41.58
C PRO G 463 14.90 -116.08 -42.12
N THR G 464 13.75 -116.69 -42.45
CA THR G 464 13.70 -118.08 -42.92
C THR G 464 13.08 -118.25 -44.30
N CYS G 465 13.49 -119.32 -44.97
CA CYS G 465 13.02 -119.68 -46.30
C CYS G 465 11.57 -120.17 -46.22
N ILE G 466 10.73 -119.72 -47.15
CA ILE G 466 9.37 -120.25 -47.32
C ILE G 466 9.36 -121.12 -48.60
N TYR G 467 9.45 -122.43 -48.40
CA TYR G 467 9.45 -123.38 -49.53
C TYR G 467 8.04 -123.92 -49.77
N LYS G 468 7.66 -124.04 -51.04
CA LYS G 468 6.38 -124.59 -51.48
C LYS G 468 6.48 -126.10 -51.72
N GLY G 479 2.34 -129.16 -60.18
CA GLY G 479 3.75 -129.54 -60.30
C GLY G 479 4.38 -129.94 -58.98
N HIS G 480 3.65 -130.72 -58.19
CA HIS G 480 4.13 -131.23 -56.90
C HIS G 480 5.22 -132.28 -57.08
N SER G 481 4.98 -133.24 -57.97
CA SER G 481 5.93 -134.31 -58.28
C SER G 481 7.17 -133.83 -59.06
N VAL G 482 7.04 -132.70 -59.76
CA VAL G 482 8.12 -132.17 -60.61
C VAL G 482 9.22 -131.57 -59.73
N ALA G 483 8.80 -130.84 -58.69
CA ALA G 483 9.71 -130.29 -57.68
C ALA G 483 10.49 -131.37 -56.91
N LEU G 484 9.85 -132.52 -56.70
CA LEU G 484 10.52 -133.68 -56.06
C LEU G 484 11.61 -134.28 -56.96
N CYS G 485 11.38 -134.28 -58.28
CA CYS G 485 12.37 -134.74 -59.26
C CYS G 485 13.60 -133.84 -59.31
N LEU G 486 13.38 -132.53 -59.42
CA LEU G 486 14.45 -131.53 -59.40
C LEU G 486 15.28 -131.59 -58.12
N ALA G 487 14.59 -131.76 -56.98
CA ALA G 487 15.25 -131.92 -55.68
C ALA G 487 16.32 -133.02 -55.71
N VAL G 488 15.96 -134.17 -56.30
CA VAL G 488 16.89 -135.31 -56.44
C VAL G 488 18.05 -134.98 -57.39
N ALA G 489 17.75 -134.30 -58.51
CA ALA G 489 18.75 -133.95 -59.53
C ALA G 489 19.82 -132.97 -59.05
N PHE G 490 19.40 -131.95 -58.29
CA PHE G 490 20.34 -130.98 -57.69
C PHE G 490 21.25 -131.68 -56.68
N LYS G 491 20.64 -132.43 -55.76
CA LYS G 491 21.36 -133.23 -54.75
C LYS G 491 22.40 -134.18 -55.36
N SER G 492 22.03 -134.81 -56.49
CA SER G 492 22.89 -135.78 -57.17
C SER G 492 23.98 -135.19 -58.09
N LYS G 493 24.17 -133.86 -58.05
CA LYS G 493 25.22 -133.16 -58.82
C LYS G 493 25.01 -133.31 -60.34
N ALA G 494 23.80 -132.94 -60.78
CA ALA G 494 23.40 -133.06 -62.19
C ALA G 494 23.85 -131.85 -63.00
N THR G 495 23.90 -132.04 -64.33
CA THR G 495 24.28 -131.00 -65.28
C THR G 495 23.07 -130.13 -65.69
N ASN G 496 23.34 -129.02 -66.37
CA ASN G 496 22.28 -128.10 -66.85
C ASN G 496 21.30 -128.77 -67.82
N ASP G 497 21.84 -129.63 -68.69
CA ASP G 497 21.07 -130.42 -69.67
C ASP G 497 19.97 -131.26 -69.01
N GLU G 498 20.33 -131.90 -67.90
CA GLU G 498 19.41 -132.79 -67.17
C GLU G 498 18.31 -132.02 -66.43
N ILE G 499 18.67 -130.90 -65.81
CA ILE G 499 17.68 -130.04 -65.12
C ILE G 499 16.70 -129.43 -66.12
N PHE G 500 17.20 -128.97 -67.27
CA PHE G 500 16.36 -128.45 -68.35
C PHE G 500 15.42 -129.53 -68.91
N SER G 501 15.92 -130.76 -69.00
CA SER G 501 15.13 -131.92 -69.45
C SER G 501 13.98 -132.27 -68.50
N ILE G 502 14.24 -132.20 -67.19
CA ILE G 502 13.22 -132.47 -66.15
C ILE G 502 12.07 -131.44 -66.18
N LEU G 503 12.38 -130.20 -66.57
CA LEU G 503 11.36 -129.13 -66.66
C LEU G 503 10.40 -129.24 -67.85
N LYS G 504 10.60 -130.24 -68.74
CA LYS G 504 9.66 -130.50 -69.84
C LYS G 504 8.28 -130.92 -69.30
N ASP G 505 8.25 -131.76 -68.26
CA ASP G 505 7.00 -132.29 -67.68
C ASP G 505 6.33 -131.31 -66.71
N VAL G 506 5.73 -130.24 -67.24
CA VAL G 506 5.06 -129.22 -66.42
C VAL G 506 3.79 -128.72 -67.11
N PRO G 507 2.62 -128.80 -66.43
CA PRO G 507 1.36 -128.32 -67.05
C PRO G 507 1.24 -126.79 -67.10
N ASN G 508 0.85 -126.26 -68.26
CA ASN G 508 0.70 -124.81 -68.48
C ASN G 508 -0.78 -124.38 -68.32
N PRO G 509 -1.07 -123.45 -67.38
CA PRO G 509 -2.41 -122.83 -67.33
C PRO G 509 -2.53 -121.61 -68.24
N ASN G 522 5.39 -120.09 -69.92
CA ASN G 522 5.04 -121.03 -68.85
C ASN G 522 5.54 -120.55 -67.47
N PRO G 523 4.65 -119.93 -66.66
CA PRO G 523 5.06 -119.41 -65.33
C PRO G 523 5.32 -120.47 -64.26
N LEU G 524 4.81 -121.70 -64.45
CA LEU G 524 4.99 -122.77 -63.47
C LEU G 524 6.35 -123.47 -63.60
N LYS G 525 6.99 -123.37 -64.77
CA LYS G 525 8.38 -123.88 -64.95
C LYS G 525 9.37 -123.13 -64.07
N ILE G 526 9.22 -121.79 -64.06
CA ILE G 526 10.05 -120.91 -63.24
C ILE G 526 9.76 -121.13 -61.76
N GLU G 527 8.48 -121.20 -61.42
CA GLU G 527 8.03 -121.39 -60.02
C GLU G 527 8.65 -122.63 -59.37
N VAL G 528 8.56 -123.79 -60.03
CA VAL G 528 9.15 -125.04 -59.49
C VAL G 528 10.69 -125.05 -59.54
N PHE G 529 11.30 -124.33 -60.48
CA PHE G 529 12.76 -124.26 -60.57
C PHE G 529 13.36 -123.35 -59.50
N VAL G 530 12.81 -122.14 -59.37
CA VAL G 530 13.35 -121.13 -58.44
C VAL G 530 13.14 -121.59 -56.98
N GLN G 531 11.92 -121.98 -56.64
CA GLN G 531 11.58 -122.48 -55.29
C GLN G 531 12.54 -123.57 -54.80
N THR G 532 12.84 -124.52 -55.68
CA THR G 532 13.66 -125.69 -55.35
C THR G 532 15.15 -125.36 -55.23
N LEU G 533 15.66 -124.55 -56.16
CA LEU G 533 17.08 -124.19 -56.16
C LEU G 533 17.45 -123.29 -54.99
N LEU G 534 16.59 -122.32 -54.67
CA LEU G 534 16.80 -121.42 -53.54
C LEU G 534 16.61 -122.09 -52.17
N HIS G 535 15.65 -123.02 -52.08
CA HIS G 535 15.46 -123.83 -50.87
C HIS G 535 16.71 -124.68 -50.55
N LEU G 536 17.27 -125.33 -51.57
CA LEU G 536 18.46 -126.17 -51.39
C LEU G 536 19.77 -125.39 -51.22
N ALA G 537 19.76 -124.11 -51.56
CA ALA G 537 20.92 -123.22 -51.34
C ALA G 537 20.63 -122.13 -50.30
N ALA G 538 19.67 -122.37 -49.41
CA ALA G 538 19.23 -121.37 -48.41
C ALA G 538 20.14 -121.26 -47.18
N LYS G 539 21.24 -122.01 -47.15
CA LYS G 539 22.10 -122.09 -45.96
C LYS G 539 22.89 -120.79 -45.75
N SER G 540 23.38 -120.19 -46.84
CA SER G 540 24.12 -118.92 -46.77
C SER G 540 24.02 -118.14 -48.08
N PHE G 541 24.63 -116.95 -48.08
CA PHE G 541 24.77 -116.15 -49.29
C PHE G 541 25.70 -116.81 -50.31
N SER G 542 26.81 -117.41 -49.85
CA SER G 542 27.75 -118.11 -50.74
C SER G 542 27.14 -119.32 -51.45
N HIS G 543 26.28 -120.07 -50.75
CA HIS G 543 25.58 -121.21 -51.36
C HIS G 543 24.56 -120.74 -52.39
N SER G 544 23.75 -119.75 -52.03
CA SER G 544 22.80 -119.15 -52.98
C SER G 544 23.49 -118.52 -54.21
N PHE G 545 24.66 -117.91 -54.01
CA PHE G 545 25.45 -117.37 -55.13
C PHE G 545 26.07 -118.47 -55.99
N SER G 546 26.47 -119.58 -55.37
CA SER G 546 26.98 -120.73 -56.12
C SER G 546 25.88 -121.39 -56.95
N ALA G 547 24.65 -121.41 -56.43
CA ALA G 547 23.50 -121.95 -57.16
C ALA G 547 23.16 -121.17 -58.44
N LEU G 548 23.12 -119.84 -58.34
CA LEU G 548 22.86 -118.98 -59.52
C LEU G 548 23.94 -119.14 -60.58
N ALA G 549 25.20 -119.26 -60.15
CA ALA G 549 26.32 -119.42 -61.07
C ALA G 549 26.32 -120.79 -61.76
N LYS G 550 26.02 -121.85 -61.01
CA LYS G 550 26.07 -123.22 -61.53
C LYS G 550 24.96 -123.48 -62.57
N PHE G 551 23.74 -123.02 -62.27
CA PHE G 551 22.59 -123.15 -63.18
C PHE G 551 22.20 -121.80 -63.82
N HIS G 552 23.23 -121.06 -64.24
CA HIS G 552 23.09 -119.75 -64.88
C HIS G 552 22.35 -119.87 -66.21
N GLU G 553 22.70 -120.90 -66.97
CA GLU G 553 22.11 -121.12 -68.29
C GLU G 553 20.63 -121.50 -68.22
N VAL G 554 20.23 -122.23 -67.18
CA VAL G 554 18.81 -122.56 -66.98
C VAL G 554 18.00 -121.31 -66.64
N PHE G 555 18.58 -120.42 -65.83
CA PHE G 555 17.97 -119.13 -65.50
C PHE G 555 17.78 -118.24 -66.72
N LYS G 556 18.85 -118.08 -67.51
CA LYS G 556 18.82 -117.25 -68.73
C LYS G 556 17.78 -117.70 -69.75
N THR G 557 17.62 -119.02 -69.89
CA THR G 557 16.62 -119.58 -70.81
C THR G 557 15.21 -119.34 -70.29
N LEU G 558 14.99 -119.59 -69.00
CA LEU G 558 13.67 -119.39 -68.39
C LEU G 558 13.22 -117.94 -68.32
N ALA G 559 14.16 -116.99 -68.28
CA ALA G 559 13.83 -115.56 -68.09
C ALA G 559 14.47 -114.66 -69.14
N GLU G 560 14.43 -115.09 -70.41
CA GLU G 560 14.83 -114.21 -71.52
C GLU G 560 13.66 -113.31 -71.92
N SER G 561 12.43 -113.82 -71.73
CA SER G 561 11.22 -113.00 -71.83
C SER G 561 11.20 -111.90 -70.76
N ASP G 562 10.61 -110.74 -71.09
CA ASP G 562 10.40 -109.66 -70.11
C ASP G 562 9.47 -110.09 -68.98
N GLU G 563 8.37 -110.76 -69.34
CA GLU G 563 7.44 -111.32 -68.33
C GLU G 563 8.03 -112.55 -67.60
N GLY G 564 9.01 -113.20 -68.21
CA GLY G 564 9.81 -114.23 -67.53
C GLY G 564 10.73 -113.67 -66.44
N LYS G 565 11.32 -112.51 -66.68
CA LYS G 565 12.13 -111.82 -65.68
C LYS G 565 11.26 -111.42 -64.48
N LEU G 566 10.15 -110.73 -64.76
CA LEU G 566 9.18 -110.32 -63.73
C LEU G 566 8.72 -111.46 -62.84
N HIS G 567 8.58 -112.66 -63.41
CA HIS G 567 8.11 -113.83 -62.65
C HIS G 567 9.22 -114.44 -61.80
N VAL G 568 10.48 -114.40 -62.26
CA VAL G 568 11.62 -114.85 -61.44
C VAL G 568 11.74 -114.01 -60.17
N LEU G 569 11.53 -112.70 -60.30
CA LEU G 569 11.53 -111.79 -59.15
C LEU G 569 10.33 -112.03 -58.22
N ARG G 570 9.15 -112.23 -58.81
CA ARG G 570 7.94 -112.53 -58.03
C ARG G 570 8.06 -113.82 -57.21
N VAL G 571 8.63 -114.88 -57.79
CA VAL G 571 8.82 -116.16 -57.08
C VAL G 571 9.88 -116.03 -56.00
N MET G 572 11.04 -115.52 -56.39
CA MET G 572 12.17 -115.27 -55.49
C MET G 572 11.77 -114.43 -54.25
N PHE G 573 10.85 -113.48 -54.44
CA PHE G 573 10.25 -112.74 -53.31
C PHE G 573 9.46 -113.66 -52.38
N GLU G 574 8.57 -114.46 -52.96
CA GLU G 574 7.71 -115.38 -52.18
C GLU G 574 8.50 -116.44 -51.38
N VAL G 575 9.69 -116.80 -51.86
CA VAL G 575 10.61 -117.67 -51.12
C VAL G 575 11.23 -116.90 -49.94
N TRP G 576 11.72 -115.70 -50.20
CA TRP G 576 12.56 -114.96 -49.25
C TRP G 576 11.94 -113.69 -48.67
N ARG G 577 10.61 -113.57 -48.68
CA ARG G 577 9.97 -112.36 -48.13
C ARG G 577 10.22 -112.10 -46.64
N ASN G 578 10.66 -113.12 -45.91
CA ASN G 578 11.09 -112.96 -44.51
C ASN G 578 12.54 -112.48 -44.36
N HIS G 579 13.35 -112.58 -45.42
CA HIS G 579 14.78 -112.22 -45.36
C HIS G 579 15.15 -111.12 -46.38
N PRO G 580 14.64 -109.89 -46.18
CA PRO G 580 14.96 -108.74 -47.03
C PRO G 580 16.40 -108.60 -47.51
N GLN G 581 17.36 -108.92 -46.66
CA GLN G 581 18.79 -108.83 -47.04
C GLN G 581 19.11 -109.82 -48.18
N MET G 582 18.57 -111.03 -48.11
CA MET G 582 18.77 -112.05 -49.15
C MET G 582 18.13 -111.63 -50.47
N ILE G 583 16.93 -111.05 -50.41
CA ILE G 583 16.29 -110.50 -51.61
C ILE G 583 17.24 -109.54 -52.30
N ALA G 584 17.77 -108.59 -51.52
CA ALA G 584 18.64 -107.53 -52.04
C ALA G 584 19.90 -108.06 -52.69
N VAL G 585 20.59 -108.98 -52.03
CA VAL G 585 21.82 -109.55 -52.60
C VAL G 585 21.58 -110.49 -53.78
N LEU G 586 20.38 -111.07 -53.87
CA LEU G 586 20.02 -111.94 -55.00
C LEU G 586 19.68 -111.09 -56.23
N VAL G 587 18.79 -110.12 -56.04
CA VAL G 587 18.43 -109.15 -57.09
C VAL G 587 19.70 -108.52 -57.68
N ASP G 588 20.67 -108.23 -56.82
CA ASP G 588 21.96 -107.71 -57.25
C ASP G 588 22.71 -108.67 -58.16
N LYS G 589 22.80 -109.93 -57.75
CA LYS G 589 23.53 -110.95 -58.53
C LYS G 589 22.80 -111.24 -59.84
N MET G 590 21.46 -111.25 -59.79
CA MET G 590 20.65 -111.50 -60.97
C MET G 590 20.82 -110.39 -62.01
N ILE G 591 20.97 -109.14 -61.58
CA ILE G 591 21.26 -108.02 -62.48
C ILE G 591 22.69 -108.10 -63.03
N ARG G 592 23.64 -108.45 -62.17
CA ARG G 592 25.05 -108.51 -62.58
C ARG G 592 25.35 -109.61 -63.60
N THR G 593 24.64 -110.73 -63.51
CA THR G 593 24.82 -111.86 -64.44
C THR G 593 23.75 -111.89 -65.54
N GLN G 594 22.94 -110.84 -65.63
CA GLN G 594 21.92 -110.64 -66.67
C GLN G 594 20.76 -111.63 -66.67
N ILE G 595 20.50 -112.28 -65.53
CA ILE G 595 19.28 -113.09 -65.35
C ILE G 595 18.09 -112.17 -65.57
N VAL G 596 18.11 -111.02 -64.89
CA VAL G 596 17.15 -109.94 -65.12
C VAL G 596 17.88 -108.65 -65.51
N ASP G 597 17.10 -107.63 -65.86
CA ASP G 597 17.64 -106.30 -66.13
C ASP G 597 17.02 -105.26 -65.21
N CYS G 598 17.62 -104.07 -65.18
CA CYS G 598 17.18 -103.00 -64.29
C CYS G 598 15.72 -102.63 -64.48
N ALA G 599 15.25 -102.65 -65.71
CA ALA G 599 13.84 -102.33 -66.02
C ALA G 599 12.87 -103.30 -65.38
N ALA G 600 13.20 -104.59 -65.40
CA ALA G 600 12.39 -105.61 -64.74
C ALA G 600 12.26 -105.32 -63.25
N VAL G 601 13.41 -105.05 -62.62
CA VAL G 601 13.48 -104.77 -61.17
C VAL G 601 12.71 -103.49 -60.81
N ALA G 602 12.76 -102.49 -61.69
CA ALA G 602 12.01 -101.25 -61.47
C ALA G 602 10.51 -101.50 -61.44
N ASN G 603 9.99 -102.20 -62.45
CA ASN G 603 8.55 -102.55 -62.52
C ASN G 603 8.14 -103.42 -61.34
N TRP G 604 8.95 -104.43 -61.05
CA TRP G 604 8.75 -105.32 -59.90
C TRP G 604 8.57 -104.60 -58.55
N ILE G 605 9.30 -103.51 -58.36
CA ILE G 605 9.24 -102.71 -57.12
C ILE G 605 7.92 -101.95 -56.99
N PHE G 606 7.43 -101.39 -58.10
CA PHE G 606 6.14 -100.70 -58.08
C PHE G 606 4.94 -101.63 -58.31
N SER G 607 5.18 -102.93 -58.49
CA SER G 607 4.10 -103.91 -58.66
C SER G 607 3.28 -104.12 -57.38
N SER G 608 2.17 -104.83 -57.52
CA SER G 608 1.26 -105.08 -56.40
C SER G 608 1.78 -106.10 -55.36
N GLU G 609 2.70 -106.97 -55.76
CA GLU G 609 3.29 -107.98 -54.84
C GLU G 609 4.10 -107.36 -53.71
N LEU G 610 4.71 -106.19 -53.98
CA LEU G 610 5.45 -105.41 -52.98
C LEU G 610 4.63 -104.18 -52.50
N SER G 611 3.31 -104.25 -52.61
CA SER G 611 2.43 -103.13 -52.25
C SER G 611 2.34 -102.95 -50.74
N ARG G 612 2.31 -104.08 -50.02
CA ARG G 612 2.31 -104.11 -48.56
C ARG G 612 3.64 -103.62 -47.96
N ASP G 613 4.74 -103.94 -48.64
CA ASP G 613 6.10 -103.64 -48.18
C ASP G 613 6.72 -102.39 -48.84
N PHE G 614 5.90 -101.57 -49.50
CA PHE G 614 6.35 -100.44 -50.30
C PHE G 614 7.00 -99.32 -49.47
N THR G 615 6.47 -99.10 -48.27
CA THR G 615 7.03 -98.11 -47.34
C THR G 615 8.29 -98.57 -46.59
N ARG G 616 8.57 -99.86 -46.62
CA ARG G 616 9.76 -100.42 -45.94
C ARG G 616 11.04 -100.03 -46.68
N LEU G 617 12.15 -99.96 -45.94
CA LEU G 617 13.42 -99.46 -46.48
C LEU G 617 14.02 -100.34 -47.55
N PHE G 618 14.04 -101.66 -47.34
CA PHE G 618 14.75 -102.59 -48.24
C PHE G 618 14.32 -102.46 -49.72
N VAL G 619 13.06 -102.13 -49.96
CA VAL G 619 12.57 -101.84 -51.32
C VAL G 619 13.43 -100.78 -51.98
N TRP G 620 13.65 -99.68 -51.27
CA TRP G 620 14.37 -98.53 -51.81
C TRP G 620 15.88 -98.73 -51.81
N GLU G 621 16.39 -99.59 -50.92
CA GLU G 621 17.77 -100.06 -51.02
C GLU G 621 17.98 -100.77 -52.35
N ILE G 622 17.03 -101.64 -52.71
CA ILE G 622 17.12 -102.44 -53.94
C ILE G 622 16.97 -101.54 -55.16
N LEU G 623 16.05 -100.59 -55.12
CA LEU G 623 15.89 -99.65 -56.24
C LEU G 623 17.16 -98.85 -56.45
N HIS G 624 17.70 -98.27 -55.38
CA HIS G 624 18.87 -97.39 -55.51
C HIS G 624 20.10 -98.18 -55.89
N SER G 625 20.23 -99.39 -55.35
CA SER G 625 21.34 -100.27 -55.72
C SER G 625 21.26 -100.57 -57.21
N THR G 626 20.06 -100.88 -57.67
CA THR G 626 19.78 -101.12 -59.08
C THR G 626 20.17 -99.91 -59.94
N ILE G 627 19.70 -98.72 -59.55
CA ILE G 627 20.04 -97.47 -60.26
C ILE G 627 21.57 -97.27 -60.29
N ARG G 628 22.26 -97.54 -59.19
CA ARG G 628 23.73 -97.41 -59.12
C ARG G 628 24.46 -98.32 -60.09
N LYS G 629 24.04 -99.59 -60.18
CA LYS G 629 24.63 -100.54 -61.14
C LYS G 629 24.47 -100.03 -62.56
N MET G 630 23.30 -99.48 -62.86
CA MET G 630 23.02 -98.85 -64.16
C MET G 630 23.97 -97.69 -64.42
N ASN G 631 24.11 -96.80 -63.44
CA ASN G 631 24.94 -95.60 -63.61
C ASN G 631 26.44 -95.97 -63.77
N LYS G 632 26.88 -97.01 -63.05
CA LYS G 632 28.27 -97.47 -63.13
C LYS G 632 28.55 -98.19 -64.43
N HIS G 633 27.58 -98.96 -64.91
CA HIS G 633 27.66 -99.61 -66.22
C HIS G 633 27.89 -98.61 -67.35
N VAL G 634 27.17 -97.48 -67.31
CA VAL G 634 27.37 -96.40 -68.29
C VAL G 634 28.78 -95.83 -68.15
N LEU G 635 29.20 -95.58 -66.91
CA LEU G 635 30.50 -94.98 -66.64
C LEU G 635 31.66 -95.84 -67.13
N LYS G 636 31.56 -97.15 -66.90
CA LYS G 636 32.59 -98.09 -67.34
C LYS G 636 32.72 -98.13 -68.86
N ILE G 637 31.59 -98.19 -69.55
CA ILE G 637 31.57 -98.14 -71.02
C ILE G 637 32.12 -96.79 -71.50
N GLN G 638 31.80 -95.71 -70.80
CA GLN G 638 32.32 -94.36 -71.14
C GLN G 638 33.83 -94.23 -70.99
N LYS G 639 34.41 -94.92 -70.01
CA LYS G 639 35.86 -94.86 -69.78
C LYS G 639 36.66 -95.82 -70.66
N GLU G 640 36.05 -96.94 -71.06
CA GLU G 640 36.62 -97.79 -72.13
C GLU G 640 36.71 -97.03 -73.46
N LEU G 641 35.78 -96.09 -73.67
CA LEU G 641 35.81 -95.22 -74.85
C LEU G 641 36.97 -94.22 -74.82
N GLU G 642 37.16 -93.51 -73.71
CA GLU G 642 38.28 -92.53 -73.62
C GLU G 642 39.66 -93.19 -73.49
N GLU G 643 39.73 -94.38 -72.89
CA GLU G 643 40.97 -95.16 -72.88
C GLU G 643 41.35 -95.70 -74.26
N ALA G 644 40.38 -95.83 -75.15
CA ALA G 644 40.64 -96.17 -76.56
C ALA G 644 41.02 -94.95 -77.40
N LYS G 645 40.37 -93.80 -77.15
CA LYS G 645 40.68 -92.53 -77.86
C LYS G 645 42.04 -91.95 -77.49
N GLU G 646 42.42 -92.07 -76.22
CA GLU G 646 43.76 -91.68 -75.76
C GLU G 646 44.85 -92.62 -76.30
N LYS G 647 44.52 -93.90 -76.46
CA LYS G 647 45.43 -94.86 -77.14
C LYS G 647 45.61 -94.54 -78.63
N LEU G 648 44.58 -93.97 -79.27
CA LEU G 648 44.68 -93.48 -80.64
C LEU G 648 45.58 -92.23 -80.75
N ALA G 649 45.46 -91.31 -79.79
CA ALA G 649 46.25 -90.07 -79.78
C ALA G 649 47.76 -90.32 -79.55
N ARG G 650 48.09 -91.27 -78.68
CA ARG G 650 49.49 -91.68 -78.45
C ARG G 650 50.14 -92.30 -79.69
N GLN G 651 49.38 -93.14 -80.39
CA GLN G 651 49.85 -93.82 -81.60
C GLN G 651 50.05 -92.84 -82.78
N HIS G 652 49.26 -91.75 -82.81
CA HIS G 652 49.45 -90.64 -83.76
C HIS G 652 50.35 -89.57 -83.15
N ARG G 665 47.92 -99.95 -90.60
CA ARG G 665 47.30 -101.26 -90.49
C ARG G 665 46.57 -101.45 -89.16
N LYS G 666 47.28 -101.19 -88.06
CA LYS G 666 46.70 -101.31 -86.70
C LYS G 666 45.79 -100.13 -86.31
N ASP G 667 46.05 -98.93 -86.83
CA ASP G 667 45.21 -97.75 -86.56
C ASP G 667 43.83 -97.80 -87.24
N GLY G 668 43.72 -98.52 -88.35
CA GLY G 668 42.44 -98.77 -89.02
C GLY G 668 41.50 -99.70 -88.27
N VAL G 669 42.06 -100.56 -87.41
CA VAL G 669 41.28 -101.49 -86.58
C VAL G 669 40.85 -100.82 -85.28
N LEU G 670 41.78 -100.10 -84.64
CA LEU G 670 41.50 -99.41 -83.36
C LEU G 670 40.45 -98.29 -83.52
N GLU G 671 40.45 -97.62 -84.67
CA GLU G 671 39.46 -96.56 -84.93
C GLU G 671 38.05 -97.12 -85.16
N GLU G 672 37.96 -98.37 -85.62
CA GLU G 672 36.69 -99.09 -85.75
C GLU G 672 36.17 -99.66 -84.41
N GLN G 673 37.08 -99.91 -83.46
CA GLN G 673 36.68 -100.22 -82.07
C GLN G 673 36.05 -99.00 -81.38
N ILE G 674 36.52 -97.81 -81.72
CA ILE G 674 35.95 -96.55 -81.20
C ILE G 674 34.52 -96.33 -81.71
N GLU G 675 34.27 -96.64 -82.99
CA GLU G 675 32.91 -96.59 -83.53
C GLU G 675 31.96 -97.57 -82.84
N ARG G 676 32.48 -98.73 -82.46
CA ARG G 676 31.68 -99.71 -81.69
C ARG G 676 31.36 -99.24 -80.27
N LEU G 677 32.36 -98.68 -79.58
CA LEU G 677 32.16 -98.20 -78.21
C LEU G 677 31.23 -96.97 -78.12
N GLN G 678 31.30 -96.06 -79.08
CA GLN G 678 30.35 -94.94 -79.16
C GLN G 678 28.90 -95.42 -79.33
N GLU G 679 28.72 -96.56 -80.01
CA GLU G 679 27.41 -97.21 -80.13
C GLU G 679 26.96 -97.85 -78.80
N LYS G 680 27.89 -98.52 -78.11
CA LYS G 680 27.59 -99.14 -76.81
C LYS G 680 27.26 -98.11 -75.74
N VAL G 681 27.98 -96.99 -75.73
CA VAL G 681 27.69 -95.84 -74.85
C VAL G 681 26.25 -95.37 -75.05
N GLU G 682 25.88 -95.16 -76.31
CA GLU G 682 24.56 -94.63 -76.65
C GLU G 682 23.45 -95.60 -76.31
N SER G 683 23.69 -96.89 -76.49
CA SER G 683 22.72 -97.91 -76.10
C SER G 683 22.61 -98.00 -74.58
N ALA G 684 23.75 -97.87 -73.89
CA ALA G 684 23.78 -97.87 -72.42
C ALA G 684 23.10 -96.65 -71.83
N GLN G 685 23.45 -95.47 -72.34
CA GLN G 685 22.80 -94.21 -71.96
C GLN G 685 21.30 -94.23 -72.24
N SER G 686 20.92 -94.92 -73.31
CA SER G 686 19.50 -95.08 -73.63
C SER G 686 18.81 -95.95 -72.59
N GLU G 687 19.44 -97.07 -72.25
CA GLU G 687 18.93 -97.97 -71.19
C GLU G 687 18.80 -97.25 -69.86
N GLN G 688 19.82 -96.45 -69.53
CA GLN G 688 19.84 -95.61 -68.33
C GLN G 688 18.68 -94.64 -68.29
N LYS G 689 18.48 -93.91 -69.38
CA LYS G 689 17.39 -92.94 -69.46
C LYS G 689 16.04 -93.59 -69.26
N ASN G 690 15.86 -94.76 -69.89
CA ASN G 690 14.59 -95.47 -69.82
C ASN G 690 14.28 -95.98 -68.42
N LEU G 691 15.32 -96.35 -67.69
CA LEU G 691 15.16 -96.79 -66.29
C LEU G 691 14.61 -95.67 -65.42
N PHE G 692 15.06 -94.44 -65.64
CA PHE G 692 14.52 -93.29 -64.92
C PHE G 692 13.11 -92.95 -65.37
N LEU G 693 12.88 -92.98 -66.68
CA LEU G 693 11.54 -92.70 -67.23
C LEU G 693 10.51 -93.72 -66.76
N VAL G 694 10.89 -94.99 -66.70
CA VAL G 694 10.05 -96.01 -66.09
C VAL G 694 9.72 -95.60 -64.67
N ILE G 695 10.75 -95.38 -63.85
CA ILE G 695 10.58 -95.07 -62.43
C ILE G 695 9.69 -93.86 -62.23
N PHE G 696 9.94 -92.77 -62.96
CA PHE G 696 9.13 -91.57 -62.81
C PHE G 696 7.67 -91.80 -63.19
N GLN G 697 7.45 -92.51 -64.30
CA GLN G 697 6.09 -92.87 -64.76
C GLN G 697 5.28 -93.57 -63.69
N ARG G 698 5.92 -94.54 -63.03
CA ARG G 698 5.24 -95.35 -62.02
C ARG G 698 4.92 -94.49 -60.78
N PHE G 699 5.82 -93.58 -60.43
CA PHE G 699 5.57 -92.61 -59.35
C PHE G 699 4.38 -91.73 -59.69
N ILE G 700 4.40 -91.13 -60.87
CA ILE G 700 3.34 -90.24 -61.32
C ILE G 700 1.99 -90.97 -61.36
N MET G 701 2.00 -92.23 -61.76
CA MET G 701 0.81 -93.06 -61.81
C MET G 701 0.23 -93.28 -60.41
N ILE G 702 1.01 -93.88 -59.51
CA ILE G 702 0.50 -94.23 -58.16
C ILE G 702 0.25 -93.02 -57.26
N LEU G 703 0.95 -91.91 -57.51
CA LEU G 703 0.66 -90.65 -56.80
C LEU G 703 -0.62 -90.02 -57.31
N THR G 704 -0.83 -90.03 -58.63
CA THR G 704 -2.08 -89.54 -59.25
C THR G 704 -3.28 -90.38 -58.77
N GLU G 705 -3.12 -91.71 -58.81
CA GLU G 705 -4.13 -92.66 -58.31
C GLU G 705 -4.56 -92.42 -56.85
N HIS G 706 -3.65 -91.92 -56.02
CA HIS G 706 -3.94 -91.52 -54.64
C HIS G 706 -4.66 -90.18 -54.58
N LEU G 707 -4.13 -89.18 -55.28
CA LEU G 707 -4.68 -87.82 -55.26
C LEU G 707 -6.10 -87.71 -55.85
N VAL G 708 -6.39 -88.52 -56.87
CA VAL G 708 -7.73 -88.59 -57.46
C VAL G 708 -8.71 -89.23 -56.46
N ARG G 709 -8.35 -90.38 -55.89
CA ARG G 709 -9.22 -91.06 -54.90
C ARG G 709 -9.41 -90.27 -53.60
N CYS G 710 -8.47 -89.38 -53.26
CA CYS G 710 -8.60 -88.54 -52.05
C CYS G 710 -9.65 -87.43 -52.20
N GLU G 711 -9.68 -86.75 -53.35
CA GLU G 711 -10.72 -85.75 -53.59
C GLU G 711 -12.09 -86.38 -53.93
N THR G 712 -12.08 -87.56 -54.55
CA THR G 712 -13.32 -88.32 -54.82
C THR G 712 -13.99 -88.79 -53.52
N ASP G 713 -13.21 -89.42 -52.64
CA ASP G 713 -13.72 -89.89 -51.33
C ASP G 713 -13.71 -88.83 -50.21
N GLY G 714 -13.18 -87.63 -50.49
CA GLY G 714 -13.13 -86.53 -49.51
C GLY G 714 -12.16 -86.71 -48.34
N THR G 715 -11.27 -87.71 -48.42
CA THR G 715 -10.36 -88.06 -47.33
C THR G 715 -9.19 -87.08 -47.27
N SER G 716 -8.33 -87.26 -46.27
CA SER G 716 -7.09 -86.49 -46.14
C SER G 716 -6.07 -86.92 -47.18
N VAL G 717 -5.38 -85.95 -47.76
CA VAL G 717 -4.33 -86.18 -48.76
C VAL G 717 -3.06 -86.68 -48.06
N LEU G 718 -2.67 -85.96 -47.02
CA LEU G 718 -1.36 -86.14 -46.36
C LEU G 718 -1.35 -87.32 -45.39
N THR G 719 -1.49 -88.54 -45.93
CA THR G 719 -1.44 -89.77 -45.14
C THR G 719 0.02 -90.17 -44.87
N PRO G 720 0.25 -91.20 -44.03
CA PRO G 720 1.60 -91.77 -43.93
C PRO G 720 2.16 -92.39 -45.22
N TRP G 721 1.32 -93.11 -45.97
CA TRP G 721 1.74 -93.71 -47.25
C TRP G 721 2.18 -92.66 -48.26
N TYR G 722 1.42 -91.56 -48.35
CA TYR G 722 1.74 -90.46 -49.26
C TYR G 722 3.07 -89.78 -48.91
N LYS G 723 3.30 -89.55 -47.61
CA LYS G 723 4.55 -88.93 -47.12
C LYS G 723 5.75 -89.71 -47.61
N ASN G 724 5.73 -91.03 -47.41
CA ASN G 724 6.77 -91.92 -47.93
C ASN G 724 6.93 -91.73 -49.44
N CYS G 725 5.86 -91.97 -50.18
CA CYS G 725 5.91 -92.01 -51.64
C CYS G 725 6.40 -90.71 -52.29
N ILE G 726 5.81 -89.57 -51.92
CA ILE G 726 6.22 -88.27 -52.48
C ILE G 726 7.69 -87.93 -52.17
N GLU G 727 8.16 -88.34 -50.99
CA GLU G 727 9.55 -88.10 -50.58
C GLU G 727 10.55 -89.11 -51.17
N ARG G 728 10.09 -90.33 -51.47
CA ARG G 728 10.91 -91.28 -52.25
C ARG G 728 11.07 -90.87 -53.72
N LEU G 729 10.08 -90.19 -54.28
CA LEU G 729 10.22 -89.55 -55.59
C LEU G 729 11.28 -88.45 -55.49
N GLN G 730 11.08 -87.55 -54.54
CA GLN G 730 12.04 -86.49 -54.21
C GLN G 730 13.47 -87.03 -54.01
N GLN G 731 13.58 -88.21 -53.40
CA GLN G 731 14.87 -88.87 -53.19
C GLN G 731 15.60 -89.20 -54.49
N ILE G 732 14.86 -89.70 -55.48
CA ILE G 732 15.42 -90.06 -56.78
C ILE G 732 16.12 -88.84 -57.39
N PHE G 733 15.41 -87.70 -57.38
CA PHE G 733 15.98 -86.43 -57.87
C PHE G 733 17.25 -86.00 -57.12
N LEU G 734 17.23 -86.13 -55.80
CA LEU G 734 18.38 -85.73 -54.97
C LEU G 734 19.58 -86.63 -55.20
N GLN G 735 19.36 -87.95 -55.16
CA GLN G 735 20.45 -88.90 -55.35
C GLN G 735 21.13 -88.77 -56.70
N HIS G 736 20.37 -88.45 -57.75
CA HIS G 736 20.89 -88.50 -59.12
C HIS G 736 20.67 -87.23 -59.93
N HIS G 737 20.64 -86.08 -59.27
CA HIS G 737 20.33 -84.82 -59.95
C HIS G 737 21.20 -84.54 -61.17
N GLN G 738 22.49 -84.90 -61.12
CA GLN G 738 23.38 -84.55 -62.24
C GLN G 738 23.09 -85.37 -63.49
N ILE G 739 22.72 -86.63 -63.31
CA ILE G 739 22.27 -87.48 -64.42
C ILE G 739 20.88 -87.07 -64.92
N ILE G 740 19.94 -86.85 -64.02
CA ILE G 740 18.57 -86.46 -64.40
C ILE G 740 18.54 -85.11 -65.14
N GLN G 741 19.47 -84.21 -64.84
CA GLN G 741 19.64 -82.95 -65.61
C GLN G 741 19.79 -83.16 -67.11
N GLN G 742 20.36 -84.28 -67.54
CA GLN G 742 20.46 -84.61 -68.96
C GLN G 742 19.09 -84.83 -69.64
N TYR G 743 18.04 -85.11 -68.85
CA TYR G 743 16.72 -85.45 -69.37
C TYR G 743 15.68 -84.31 -69.26
N MET G 744 16.12 -83.05 -69.16
CA MET G 744 15.21 -81.92 -68.87
C MET G 744 14.13 -81.72 -69.91
N VAL G 745 14.54 -81.80 -71.18
CA VAL G 745 13.62 -81.59 -72.30
C VAL G 745 12.55 -82.69 -72.33
N THR G 746 12.97 -83.94 -72.26
CA THR G 746 12.01 -85.06 -72.23
C THR G 746 11.10 -84.98 -71.00
N LEU G 747 11.63 -84.60 -69.85
CA LEU G 747 10.84 -84.56 -68.61
C LEU G 747 9.83 -83.40 -68.57
N GLU G 748 10.22 -82.23 -69.12
CA GLU G 748 9.30 -81.07 -69.19
C GLU G 748 8.15 -81.32 -70.18
N ASN G 749 8.47 -81.90 -71.33
CA ASN G 749 7.51 -82.12 -72.41
C ASN G 749 6.56 -83.30 -72.16
N LEU G 750 7.10 -84.45 -71.74
CA LEU G 750 6.35 -85.71 -71.75
C LEU G 750 5.86 -86.24 -70.39
N LEU G 751 6.53 -85.90 -69.30
CA LEU G 751 6.19 -86.47 -67.97
C LEU G 751 5.74 -85.43 -66.94
N PHE G 752 6.63 -84.50 -66.62
CA PHE G 752 6.35 -83.47 -65.63
C PHE G 752 5.86 -82.21 -66.32
N THR G 753 4.59 -82.25 -66.74
CA THR G 753 3.93 -81.19 -67.48
C THR G 753 2.97 -80.42 -66.59
N ALA G 754 2.47 -79.29 -67.10
CA ALA G 754 1.48 -78.47 -66.37
C ALA G 754 0.15 -79.20 -66.05
N GLU G 755 -0.19 -80.21 -66.84
CA GLU G 755 -1.39 -81.05 -66.61
C GLU G 755 -1.43 -81.80 -65.27
N LEU G 756 -0.26 -82.04 -64.66
CA LEU G 756 -0.18 -82.80 -63.40
C LEU G 756 -0.65 -82.02 -62.19
N ASP G 757 -1.10 -82.77 -61.19
CA ASP G 757 -1.49 -82.23 -59.88
C ASP G 757 -0.28 -81.48 -59.29
N PRO G 758 -0.45 -80.21 -58.88
CA PRO G 758 0.73 -79.40 -58.47
C PRO G 758 1.53 -79.97 -57.29
N HIS G 759 0.94 -80.88 -56.52
CA HIS G 759 1.68 -81.70 -55.54
C HIS G 759 2.83 -82.49 -56.20
N ILE G 760 2.53 -83.22 -57.27
CA ILE G 760 3.57 -83.98 -58.00
C ILE G 760 4.52 -83.07 -58.79
N LEU G 761 3.98 -82.04 -59.45
CA LEU G 761 4.82 -81.10 -60.22
C LEU G 761 5.77 -80.26 -59.34
N ALA G 762 5.39 -80.02 -58.08
CA ALA G 762 6.25 -79.27 -57.15
C ALA G 762 7.64 -79.90 -56.97
N VAL G 763 7.68 -81.24 -56.87
CA VAL G 763 8.91 -82.01 -56.74
C VAL G 763 9.85 -81.76 -57.92
N PHE G 764 9.28 -81.73 -59.12
CA PHE G 764 10.05 -81.46 -60.34
C PHE G 764 10.53 -80.01 -60.43
N GLN G 765 9.67 -79.06 -60.07
CA GLN G 765 10.05 -77.63 -60.03
C GLN G 765 11.10 -77.36 -58.95
N GLN G 766 11.04 -78.12 -57.85
CA GLN G 766 12.06 -78.10 -56.82
C GLN G 766 13.41 -78.55 -57.39
N PHE G 767 13.42 -79.72 -58.02
CA PHE G 767 14.61 -80.24 -58.71
C PHE G 767 15.18 -79.25 -59.74
N CYS G 768 14.31 -78.63 -60.54
CA CYS G 768 14.71 -77.52 -61.45
C CYS G 768 15.53 -76.45 -60.73
N ALA G 769 15.09 -76.10 -59.52
CA ALA G 769 15.68 -74.99 -58.77
C ALA G 769 17.10 -75.22 -58.27
N LEU G 770 17.55 -76.48 -58.20
CA LEU G 770 18.89 -76.78 -57.70
C LEU G 770 20.01 -76.18 -58.56
N GLN G 771 19.81 -76.13 -59.88
CA GLN G 771 20.81 -75.51 -60.77
C GLN G 771 20.28 -74.33 -61.59
N ALA G 772 19.02 -73.94 -61.36
CA ALA G 772 18.42 -72.76 -61.99
C ALA G 772 18.76 -71.49 -61.22
N GLY H 6 49.03 -76.02 -55.53
CA GLY H 6 49.30 -77.48 -55.44
C GLY H 6 48.61 -78.10 -54.24
N LEU H 7 49.35 -78.94 -53.49
CA LEU H 7 48.81 -79.61 -52.29
C LEU H 7 49.82 -79.59 -51.14
N LEU H 8 49.31 -79.84 -49.93
CA LEU H 8 50.11 -79.93 -48.71
C LEU H 8 50.22 -81.40 -48.32
N LYS H 9 51.45 -81.87 -48.11
CA LYS H 9 51.71 -83.27 -47.68
C LYS H 9 50.94 -83.61 -46.39
N ALA H 10 50.84 -82.64 -45.48
CA ALA H 10 50.13 -82.80 -44.21
C ALA H 10 48.63 -83.12 -44.38
N LEU H 11 48.00 -82.53 -45.41
CA LEU H 11 46.59 -82.83 -45.70
C LEU H 11 46.40 -84.12 -46.49
N ARG H 12 47.33 -84.44 -47.38
CA ARG H 12 47.31 -85.72 -48.11
C ARG H 12 47.39 -86.94 -47.19
N SER H 13 47.94 -86.75 -45.99
CA SER H 13 48.02 -87.79 -44.96
C SER H 13 46.80 -88.70 -44.93
N ASP H 14 47.03 -90.00 -45.03
CA ASP H 14 45.97 -91.00 -45.08
C ASP H 14 46.49 -92.28 -44.43
N SER H 15 46.68 -92.20 -43.11
CA SER H 15 47.35 -93.24 -42.35
C SER H 15 46.57 -94.55 -42.23
N TYR H 16 45.24 -94.48 -42.29
CA TYR H 16 44.40 -95.70 -42.19
C TYR H 16 44.48 -96.57 -43.45
N VAL H 17 45.02 -96.02 -44.53
CA VAL H 17 45.15 -96.69 -45.82
C VAL H 17 46.58 -97.22 -46.09
N GLU H 18 47.57 -96.76 -45.31
CA GLU H 18 48.94 -97.28 -45.46
C GLU H 18 49.03 -98.78 -45.18
N LEU H 19 50.10 -99.39 -45.68
CA LEU H 19 50.28 -100.83 -45.62
C LEU H 19 50.68 -101.25 -44.22
N SER H 20 50.17 -102.40 -43.76
CA SER H 20 50.61 -102.96 -42.49
C SER H 20 51.99 -103.61 -42.68
N GLN H 21 52.57 -104.11 -41.58
CA GLN H 21 53.84 -104.83 -41.64
C GLN H 21 53.70 -106.28 -42.18
N TYR H 22 52.47 -106.81 -42.21
CA TYR H 22 52.21 -108.17 -42.71
C TYR H 22 52.59 -108.36 -44.19
N ARG H 23 53.19 -109.51 -44.48
CA ARG H 23 53.31 -110.01 -45.84
C ARG H 23 52.96 -111.49 -45.88
N ASP H 24 52.58 -111.93 -47.08
CA ASP H 24 52.15 -113.30 -47.32
C ASP H 24 53.36 -114.14 -47.73
N GLN H 25 53.51 -115.30 -47.09
CA GLN H 25 54.68 -116.17 -47.29
C GLN H 25 54.48 -117.06 -48.53
N HIS H 26 53.30 -117.67 -48.67
CA HIS H 26 52.94 -118.43 -49.88
C HIS H 26 52.83 -117.58 -51.16
N PHE H 27 53.05 -116.26 -51.07
CA PHE H 27 53.07 -115.39 -52.24
C PHE H 27 54.27 -115.69 -53.15
N ARG H 28 53.98 -116.25 -54.33
CA ARG H 28 54.99 -116.46 -55.37
C ARG H 28 55.48 -115.12 -55.94
N GLY H 29 56.45 -114.52 -55.26
CA GLY H 29 57.05 -113.28 -55.74
C GLY H 29 57.84 -112.48 -54.74
N ASP H 30 58.51 -111.48 -55.27
CA ASP H 30 59.32 -110.51 -54.53
C ASP H 30 58.43 -109.66 -53.58
N ASN H 31 59.07 -109.03 -52.59
CA ASN H 31 58.36 -108.09 -51.70
C ASN H 31 57.90 -106.83 -52.45
N GLU H 32 58.78 -106.23 -53.22
CA GLU H 32 58.45 -105.04 -54.03
C GLU H 32 57.38 -105.32 -55.09
N GLU H 33 57.31 -106.58 -55.53
CA GLU H 33 56.26 -107.06 -56.44
C GLU H 33 54.92 -107.25 -55.71
N GLN H 34 54.98 -107.65 -54.43
CA GLN H 34 53.78 -107.75 -53.57
C GLN H 34 53.22 -106.38 -53.19
N GLU H 35 54.10 -105.47 -52.77
CA GLU H 35 53.72 -104.09 -52.43
C GLU H 35 53.02 -103.37 -53.57
N LYS H 36 53.49 -103.61 -54.79
CA LYS H 36 52.91 -103.04 -56.00
C LYS H 36 51.46 -103.54 -56.21
N LEU H 37 51.19 -104.80 -55.87
CA LEU H 37 49.83 -105.35 -55.90
C LEU H 37 48.97 -104.83 -54.74
N LEU H 38 49.55 -104.74 -53.55
CA LEU H 38 48.86 -104.21 -52.36
C LEU H 38 48.39 -102.76 -52.52
N LYS H 39 49.18 -101.94 -53.21
CA LYS H 39 48.82 -100.53 -53.47
C LYS H 39 47.73 -100.33 -54.53
N LYS H 40 47.46 -101.34 -55.34
CA LYS H 40 46.39 -101.28 -56.35
C LYS H 40 45.23 -102.24 -56.02
N SER H 41 45.30 -102.93 -54.89
CA SER H 41 44.28 -103.93 -54.56
C SER H 41 42.93 -103.29 -54.24
N CYS H 42 41.87 -104.06 -54.47
CA CYS H 42 40.53 -103.74 -53.98
C CYS H 42 40.06 -104.82 -53.01
N THR H 43 40.99 -105.51 -52.38
CA THR H 43 40.69 -106.73 -51.65
C THR H 43 41.26 -106.63 -50.24
N LEU H 44 40.43 -106.91 -49.23
CA LEU H 44 40.81 -106.75 -47.84
C LEU H 44 40.77 -108.06 -47.07
N TYR H 45 41.83 -108.33 -46.29
CA TYR H 45 41.78 -109.34 -45.23
C TYR H 45 41.02 -108.71 -44.06
N VAL H 46 40.16 -109.51 -43.43
CA VAL H 46 39.40 -109.09 -42.26
C VAL H 46 39.66 -110.09 -41.12
N GLY H 47 40.45 -109.68 -40.13
CA GLY H 47 40.80 -110.51 -38.98
C GLY H 47 39.93 -110.33 -37.73
N ASN H 48 40.07 -111.27 -36.80
CA ASN H 48 39.41 -111.26 -35.49
C ASN H 48 37.88 -111.42 -35.51
N LEU H 49 37.33 -112.05 -36.55
CA LEU H 49 35.91 -112.39 -36.57
C LEU H 49 35.62 -113.50 -35.56
N SER H 50 34.38 -113.52 -35.09
CA SER H 50 33.84 -114.67 -34.39
C SER H 50 33.72 -115.82 -35.41
N PHE H 51 33.77 -117.06 -34.91
CA PHE H 51 33.47 -118.23 -35.74
C PHE H 51 31.96 -118.30 -36.02
N TYR H 52 31.16 -117.68 -35.17
CA TYR H 52 29.70 -117.61 -35.33
C TYR H 52 29.24 -116.47 -36.26
N THR H 53 30.18 -115.59 -36.68
CA THR H 53 29.86 -114.45 -37.54
C THR H 53 29.50 -114.91 -38.96
N THR H 54 28.26 -114.63 -39.36
CA THR H 54 27.69 -115.06 -40.64
C THR H 54 27.99 -114.05 -41.78
N GLU H 55 28.03 -114.55 -43.02
CA GLU H 55 28.14 -113.70 -44.24
C GLU H 55 27.11 -112.57 -44.32
N GLU H 56 25.90 -112.83 -43.81
CA GLU H 56 24.85 -111.80 -43.66
C GLU H 56 25.35 -110.56 -42.93
N GLN H 57 26.11 -110.77 -41.86
CA GLN H 57 26.66 -109.68 -41.05
C GLN H 57 27.81 -108.97 -41.76
N ILE H 58 28.75 -109.74 -42.30
CA ILE H 58 29.89 -109.15 -43.02
C ILE H 58 29.40 -108.31 -44.21
N TYR H 59 28.40 -108.80 -44.92
CA TYR H 59 27.85 -108.08 -46.08
C TYR H 59 27.18 -106.78 -45.65
N GLU H 60 26.41 -106.79 -44.56
CA GLU H 60 25.71 -105.58 -44.08
C GLU H 60 26.68 -104.46 -43.67
N LEU H 61 27.71 -104.82 -42.91
CA LEU H 61 28.70 -103.85 -42.43
C LEU H 61 29.53 -103.29 -43.57
N PHE H 62 30.21 -104.19 -44.28
CA PHE H 62 31.16 -103.77 -45.34
C PHE H 62 30.49 -103.15 -46.57
N SER H 63 29.18 -103.33 -46.72
CA SER H 63 28.39 -102.60 -47.71
C SER H 63 28.34 -101.09 -47.48
N LYS H 64 28.55 -100.65 -46.22
CA LYS H 64 28.48 -99.24 -45.88
C LYS H 64 29.62 -98.40 -46.47
N SER H 65 30.72 -99.01 -46.90
CA SER H 65 31.80 -98.28 -47.57
C SER H 65 31.71 -98.33 -49.09
N GLY H 66 30.79 -99.13 -49.63
CA GLY H 66 30.66 -99.32 -51.08
C GLY H 66 30.11 -100.69 -51.48
N ASP H 67 29.80 -100.85 -52.76
CA ASP H 67 29.20 -102.10 -53.27
C ASP H 67 30.23 -103.24 -53.29
N ILE H 68 29.86 -104.37 -52.69
CA ILE H 68 30.77 -105.52 -52.56
C ILE H 68 30.71 -106.42 -53.79
N LYS H 69 31.89 -106.76 -54.31
CA LYS H 69 32.03 -107.75 -55.38
C LYS H 69 31.93 -109.17 -54.83
N LYS H 70 32.78 -109.49 -53.86
CA LYS H 70 32.93 -110.87 -53.38
C LYS H 70 33.37 -110.96 -51.92
N ILE H 71 32.64 -111.78 -51.15
CA ILE H 71 33.05 -112.20 -49.81
C ILE H 71 33.49 -113.65 -49.92
N ILE H 72 34.72 -113.93 -49.46
CA ILE H 72 35.26 -115.29 -49.43
C ILE H 72 35.56 -115.61 -47.96
N MET H 73 34.70 -116.42 -47.34
CA MET H 73 34.86 -116.76 -45.92
C MET H 73 36.15 -117.51 -45.63
N GLY H 74 36.68 -117.32 -44.43
CA GLY H 74 37.92 -117.97 -43.98
C GLY H 74 37.57 -119.30 -43.35
N LEU H 75 38.09 -120.38 -43.93
CA LEU H 75 37.70 -121.74 -43.58
C LEU H 75 38.81 -122.51 -42.86
N ASP H 76 38.40 -123.44 -41.98
CA ASP H 76 39.31 -124.41 -41.39
C ASP H 76 39.71 -125.38 -42.51
N LYS H 77 41.00 -125.68 -42.64
CA LYS H 77 41.49 -126.51 -43.76
C LYS H 77 40.95 -127.95 -43.73
N MET H 78 40.75 -128.50 -42.54
CA MET H 78 40.20 -129.84 -42.37
C MET H 78 38.68 -129.81 -42.38
N LYS H 79 38.11 -129.05 -41.45
CA LYS H 79 36.64 -129.07 -41.20
C LYS H 79 35.81 -128.28 -42.21
N LYS H 80 36.41 -127.28 -42.85
CA LYS H 80 35.69 -126.29 -43.70
C LYS H 80 34.56 -125.57 -42.95
N THR H 81 34.84 -125.26 -41.68
CA THR H 81 34.03 -124.39 -40.83
C THR H 81 34.69 -123.02 -40.78
N ALA H 82 33.89 -122.01 -40.45
CA ALA H 82 34.42 -120.64 -40.29
C ALA H 82 35.42 -120.59 -39.13
N CYS H 83 36.70 -120.34 -39.44
CA CYS H 83 37.76 -120.27 -38.44
C CYS H 83 38.26 -118.85 -38.15
N GLY H 84 37.40 -117.86 -38.36
CA GLY H 84 37.55 -116.52 -37.77
C GLY H 84 38.13 -115.40 -38.60
N PHE H 85 38.21 -115.55 -39.92
CA PHE H 85 38.55 -114.43 -40.81
C PHE H 85 37.78 -114.50 -42.11
N CYS H 86 37.98 -113.50 -42.97
CA CYS H 86 37.46 -113.55 -44.35
C CYS H 86 38.19 -112.55 -45.25
N PHE H 87 37.87 -112.59 -46.54
CA PHE H 87 38.32 -111.59 -47.51
C PHE H 87 37.12 -110.84 -48.06
N VAL H 88 37.32 -109.55 -48.37
CA VAL H 88 36.27 -108.72 -48.93
C VAL H 88 36.84 -107.98 -50.14
N GLU H 89 36.24 -108.22 -51.30
CA GLU H 89 36.65 -107.59 -52.54
C GLU H 89 35.61 -106.55 -52.95
N TYR H 90 36.08 -105.36 -53.34
CA TYR H 90 35.24 -104.28 -53.83
C TYR H 90 35.52 -104.08 -55.33
N TYR H 91 34.60 -103.40 -56.01
CA TYR H 91 34.80 -103.06 -57.42
C TYR H 91 35.81 -101.92 -57.61
N SER H 92 35.80 -100.93 -56.72
CA SER H 92 36.79 -99.84 -56.78
C SER H 92 37.73 -99.84 -55.58
N ARG H 93 38.92 -99.28 -55.81
CA ARG H 93 39.91 -99.02 -54.77
C ARG H 93 39.32 -98.08 -53.72
N ALA H 94 38.67 -97.01 -54.18
CA ALA H 94 38.10 -95.98 -53.30
C ALA H 94 37.14 -96.54 -52.24
N ASP H 95 36.36 -97.53 -52.62
CA ASP H 95 35.42 -98.16 -51.69
C ASP H 95 36.16 -99.02 -50.66
N ALA H 96 37.21 -99.71 -51.10
CA ALA H 96 38.06 -100.48 -50.19
C ALA H 96 38.82 -99.55 -49.24
N GLU H 97 39.35 -98.44 -49.75
CA GLU H 97 39.98 -97.42 -48.93
C GLU H 97 39.05 -96.92 -47.82
N ASN H 98 37.79 -96.67 -48.15
CA ASN H 98 36.81 -96.23 -47.15
C ASN H 98 36.52 -97.28 -46.07
N ALA H 99 36.54 -98.57 -46.43
CA ALA H 99 36.39 -99.63 -45.43
C ALA H 99 37.55 -99.61 -44.43
N MET H 100 38.76 -99.50 -44.97
CA MET H 100 39.99 -99.36 -44.18
C MET H 100 39.98 -98.13 -43.26
N ARG H 101 39.34 -97.06 -43.72
CA ARG H 101 39.26 -95.82 -42.96
C ARG H 101 38.22 -95.85 -41.84
N TYR H 102 37.08 -96.47 -42.07
CA TYR H 102 35.93 -96.32 -41.15
C TYR H 102 35.34 -97.59 -40.57
N ILE H 103 35.65 -98.74 -41.15
CA ILE H 103 35.18 -100.02 -40.62
C ILE H 103 36.29 -100.71 -39.80
N ASN H 104 37.52 -100.63 -40.29
CA ASN H 104 38.71 -101.05 -39.55
C ASN H 104 38.66 -100.54 -38.12
N GLY H 105 38.84 -101.42 -37.15
CA GLY H 105 38.85 -101.04 -35.75
C GLY H 105 37.51 -100.70 -35.12
N THR H 106 36.41 -101.11 -35.76
CA THR H 106 35.07 -101.01 -35.17
C THR H 106 34.51 -102.41 -34.92
N ARG H 107 33.34 -102.49 -34.32
CA ARG H 107 32.78 -103.76 -33.89
C ARG H 107 31.95 -104.47 -34.96
N LEU H 108 32.15 -105.79 -35.05
CA LEU H 108 31.31 -106.68 -35.83
C LEU H 108 31.03 -107.90 -34.97
N ASP H 109 29.77 -108.06 -34.57
CA ASP H 109 29.36 -109.12 -33.65
C ASP H 109 30.01 -108.95 -32.27
N ASP H 110 30.02 -107.70 -31.81
CA ASP H 110 30.65 -107.25 -30.56
C ASP H 110 32.16 -107.51 -30.43
N ARG H 111 32.87 -107.63 -31.55
CA ARG H 111 34.33 -107.83 -31.55
C ARG H 111 34.99 -106.75 -32.39
N ILE H 112 36.08 -106.17 -31.88
CA ILE H 112 36.85 -105.21 -32.64
C ILE H 112 37.60 -105.95 -33.74
N ILE H 113 37.19 -105.73 -34.98
CA ILE H 113 37.77 -106.38 -36.15
C ILE H 113 38.86 -105.51 -36.78
N ARG H 114 39.81 -106.15 -37.43
CA ARG H 114 40.94 -105.48 -38.05
C ARG H 114 40.90 -105.81 -39.52
N THR H 115 41.17 -104.82 -40.37
CA THR H 115 41.26 -105.01 -41.81
C THR H 115 42.68 -104.78 -42.28
N ASP H 116 43.03 -105.41 -43.40
CA ASP H 116 44.33 -105.19 -44.03
C ASP H 116 44.23 -105.37 -45.53
N TRP H 117 45.03 -104.62 -46.27
CA TRP H 117 45.15 -104.81 -47.71
C TRP H 117 45.68 -106.21 -48.01
N ASP H 118 45.13 -106.84 -49.03
CA ASP H 118 45.58 -108.14 -49.51
C ASP H 118 46.07 -108.01 -50.94
N ALA H 119 47.08 -108.81 -51.31
CA ALA H 119 47.67 -108.75 -52.66
C ALA H 119 46.77 -109.36 -53.73
N GLY H 120 45.77 -110.12 -53.30
CA GLY H 120 44.75 -110.67 -54.18
C GLY H 120 44.48 -112.11 -53.81
N PHE H 121 43.21 -112.48 -53.76
CA PHE H 121 42.83 -113.86 -53.45
C PHE H 121 43.31 -114.82 -54.54
N LYS H 122 43.81 -115.98 -54.11
CA LYS H 122 44.06 -117.14 -54.97
C LYS H 122 43.39 -118.33 -54.30
N GLU H 123 43.30 -119.45 -55.01
CA GLU H 123 42.81 -120.70 -54.41
C GLU H 123 43.81 -121.19 -53.36
N GLY H 124 43.30 -121.69 -52.24
CA GLY H 124 44.11 -122.12 -51.10
C GLY H 124 44.23 -121.12 -49.97
N ARG H 125 44.10 -119.83 -50.29
CA ARG H 125 44.26 -118.75 -49.31
C ARG H 125 43.09 -118.63 -48.32
N GLN H 126 41.93 -119.16 -48.68
CA GLN H 126 40.78 -119.20 -47.76
C GLN H 126 40.99 -120.09 -46.53
N TYR H 127 41.92 -121.05 -46.64
CA TYR H 127 42.13 -122.04 -45.59
C TYR H 127 43.13 -121.55 -44.54
N GLY H 128 42.84 -121.86 -43.28
CA GLY H 128 43.74 -121.54 -42.16
C GLY H 128 45.01 -122.36 -42.23
N ARG H 129 46.15 -121.68 -42.12
CA ARG H 129 47.48 -122.32 -42.20
C ARG H 129 48.03 -122.76 -40.85
N GLY H 130 47.19 -122.78 -39.81
CA GLY H 130 47.56 -123.38 -38.53
C GLY H 130 47.69 -124.89 -38.65
N ARG H 131 48.53 -125.45 -37.78
CA ARG H 131 48.82 -126.90 -37.77
C ARG H 131 47.56 -127.77 -37.61
N SER H 132 46.64 -127.35 -36.74
CA SER H 132 45.40 -128.10 -36.49
C SER H 132 44.21 -127.68 -37.38
N GLY H 133 44.46 -126.88 -38.42
CA GLY H 133 43.44 -126.52 -39.42
C GLY H 133 42.98 -125.07 -39.38
N GLY H 134 42.83 -124.53 -38.17
CA GLY H 134 42.42 -123.14 -37.98
C GLY H 134 43.52 -122.13 -38.27
N GLN H 135 43.31 -120.89 -37.83
CA GLN H 135 44.32 -119.84 -38.04
C GLN H 135 45.52 -120.05 -37.12
N VAL H 136 46.68 -119.60 -37.58
CA VAL H 136 47.94 -119.64 -36.81
C VAL H 136 47.78 -118.95 -35.46
N ARG H 137 47.01 -117.85 -35.45
CA ARG H 137 46.76 -117.08 -34.25
C ARG H 137 46.05 -117.88 -33.13
N ASP H 138 45.25 -118.88 -33.51
CA ASP H 138 44.51 -119.73 -32.53
C ASP H 138 45.27 -120.93 -31.91
N GLU H 139 46.54 -121.13 -32.29
CA GLU H 139 47.32 -122.26 -31.80
C GLU H 139 48.19 -121.89 -30.59
N TYR H 140 48.93 -120.79 -30.72
CA TYR H 140 49.75 -120.24 -29.62
C TYR H 140 48.93 -119.84 -28.37
N ARG H 141 47.92 -119.00 -28.59
CA ARG H 141 47.30 -118.18 -27.53
C ARG H 141 46.85 -118.92 -26.25
N GLN H 142 47.02 -118.25 -25.12
CA GLN H 142 46.67 -118.77 -23.80
C GLN H 142 45.20 -118.52 -23.43
N ASP H 143 44.74 -117.29 -23.67
CA ASP H 143 43.42 -116.79 -23.25
C ASP H 143 42.21 -117.66 -23.63
N TYR H 144 41.12 -117.48 -22.89
CA TYR H 144 39.81 -118.02 -23.29
C TYR H 144 39.10 -116.99 -24.19
N ASP H 145 38.35 -117.50 -25.17
CA ASP H 145 37.62 -116.66 -26.14
C ASP H 145 36.49 -117.48 -26.79
N ALA H 146 35.27 -117.31 -26.27
CA ALA H 146 34.10 -118.12 -26.69
C ALA H 146 33.84 -118.14 -28.20
N GLY H 147 33.90 -116.96 -28.82
CA GLY H 147 33.71 -116.82 -30.25
C GLY H 147 34.83 -117.42 -31.11
N ARG H 148 36.03 -117.53 -30.55
CA ARG H 148 37.19 -118.08 -31.28
C ARG H 148 37.46 -119.58 -30.99
N GLY H 149 36.49 -120.28 -30.39
CA GLY H 149 36.56 -121.73 -30.17
C GLY H 149 36.59 -122.12 -28.69
N GLY H 150 37.45 -121.44 -27.93
CA GLY H 150 37.62 -121.70 -26.49
C GLY H 150 39.03 -121.37 -26.07
N TYR H 151 39.79 -122.38 -25.64
CA TYR H 151 41.23 -122.24 -25.38
C TYR H 151 41.99 -122.39 -26.70
N GLY H 152 43.33 -122.32 -26.66
CA GLY H 152 44.16 -122.53 -27.85
C GLY H 152 44.23 -123.98 -28.30
N LYS H 153 45.39 -124.40 -28.80
CA LYS H 153 45.58 -125.75 -29.34
C LYS H 153 47.04 -126.17 -29.34
N THR I 9 -95.01 96.02 1.04
CA THR I 9 -94.59 97.45 1.04
C THR I 9 -93.28 97.75 1.81
N GLU I 10 -92.75 96.79 2.58
CA GLU I 10 -91.43 96.94 3.22
C GLU I 10 -90.28 96.90 2.18
N ASP I 11 -90.38 95.98 1.24
CA ASP I 11 -89.45 95.90 0.10
C ASP I 11 -89.58 97.14 -0.80
N HIS I 12 -90.82 97.59 -1.01
CA HIS I 12 -91.13 98.81 -1.77
C HIS I 12 -90.58 100.07 -1.09
N LEU I 13 -90.72 100.16 0.23
CA LEU I 13 -90.22 101.30 1.03
C LEU I 13 -88.70 101.49 0.89
N GLU I 14 -87.95 100.39 0.98
CA GLU I 14 -86.49 100.46 0.93
C GLU I 14 -86.02 100.99 -0.43
N SER I 15 -86.56 100.46 -1.51
CA SER I 15 -86.17 100.90 -2.86
C SER I 15 -86.60 102.33 -3.19
N LEU I 16 -87.73 102.79 -2.62
CA LEU I 16 -88.17 104.19 -2.79
C LEU I 16 -87.23 105.20 -2.12
N ILE I 17 -86.83 104.89 -0.88
CA ILE I 17 -85.88 105.72 -0.13
C ILE I 17 -84.49 105.68 -0.78
N CYS I 18 -84.07 104.51 -1.25
CA CYS I 18 -82.79 104.38 -1.94
C CYS I 18 -82.73 105.08 -3.30
N LYS I 19 -83.83 105.05 -4.06
CA LYS I 19 -83.81 105.56 -5.44
C LYS I 19 -83.85 107.08 -5.57
N VAL I 20 -84.45 107.78 -4.60
CA VAL I 20 -84.44 109.25 -4.60
C VAL I 20 -82.99 109.77 -4.58
N GLY I 21 -82.71 110.79 -5.39
CA GLY I 21 -81.36 111.32 -5.56
C GLY I 21 -80.61 110.81 -6.78
N GLU I 22 -81.05 109.67 -7.32
CA GLU I 22 -80.45 109.07 -8.52
C GLU I 22 -81.03 109.71 -9.79
N LYS I 23 -80.58 109.25 -10.95
CA LYS I 23 -81.16 109.58 -12.26
C LYS I 23 -82.70 109.59 -12.22
N SER I 24 -83.33 110.60 -12.82
CA SER I 24 -84.78 110.69 -12.82
C SER I 24 -85.30 111.60 -13.94
N ALA I 25 -86.53 111.31 -14.39
CA ALA I 25 -87.23 112.18 -15.34
C ALA I 25 -87.52 113.53 -14.69
N CYS I 26 -88.14 113.48 -13.51
CA CYS I 26 -88.42 114.69 -12.72
C CYS I 26 -87.16 115.25 -12.07
N SER I 27 -87.30 116.41 -11.45
CA SER I 27 -86.22 117.02 -10.66
C SER I 27 -86.11 116.36 -9.29
N LEU I 28 -85.03 116.70 -8.59
CA LEU I 28 -84.78 116.23 -7.23
C LEU I 28 -85.83 116.75 -6.24
N GLU I 29 -86.19 118.02 -6.38
CA GLU I 29 -87.19 118.68 -5.54
C GLU I 29 -88.55 118.00 -5.66
N SER I 30 -88.93 117.63 -6.88
CA SER I 30 -90.18 116.92 -7.14
C SER I 30 -90.24 115.57 -6.43
N ASN I 31 -89.15 114.79 -6.53
CA ASN I 31 -89.09 113.45 -5.95
C ASN I 31 -89.13 113.46 -4.41
N LEU I 32 -88.43 114.41 -3.80
CA LEU I 32 -88.45 114.59 -2.33
C LEU I 32 -89.85 114.95 -1.84
N GLU I 33 -90.48 115.92 -2.52
CA GLU I 33 -91.87 116.32 -2.27
C GLU I 33 -92.80 115.10 -2.35
N GLY I 34 -92.67 114.33 -3.42
CA GLY I 34 -93.46 113.11 -3.63
C GLY I 34 -93.20 112.05 -2.59
N LEU I 35 -91.93 111.80 -2.30
CA LEU I 35 -91.53 110.77 -1.32
C LEU I 35 -91.96 111.14 0.10
N ALA I 36 -91.71 112.39 0.49
CA ALA I 36 -92.15 112.90 1.80
C ALA I 36 -93.65 112.69 2.00
N GLY I 37 -94.43 112.89 0.95
CA GLY I 37 -95.86 112.60 0.96
C GLY I 37 -96.20 111.12 1.14
N VAL I 38 -95.52 110.26 0.37
CA VAL I 38 -95.75 108.82 0.43
C VAL I 38 -95.33 108.26 1.80
N LEU I 39 -94.23 108.77 2.35
CA LEU I 39 -93.76 108.34 3.67
C LEU I 39 -94.68 108.78 4.81
N GLU I 40 -95.24 109.99 4.72
CA GLU I 40 -96.21 110.46 5.73
C GLU I 40 -97.49 109.60 5.74
N ALA I 41 -97.92 109.15 4.56
CA ALA I 41 -99.05 108.22 4.43
C ALA I 41 -98.78 106.87 5.11
N ASP I 42 -97.54 106.39 5.06
CA ASP I 42 -97.14 105.11 5.69
C ASP I 42 -96.80 105.22 7.20
N LEU I 43 -96.77 106.43 7.76
CA LEU I 43 -96.45 106.63 9.20
C LEU I 43 -97.39 105.92 10.20
N PRO I 44 -98.73 105.97 9.98
CA PRO I 44 -99.66 105.23 10.83
C PRO I 44 -99.22 103.83 11.29
N ASN I 45 -98.77 102.98 10.36
CA ASN I 45 -98.41 101.58 10.67
C ASN I 45 -97.04 101.06 10.15
N TYR I 46 -96.17 101.96 9.67
CA TYR I 46 -94.77 101.61 9.33
C TYR I 46 -93.76 102.63 9.89
N LYS I 47 -94.12 103.34 10.97
CA LYS I 47 -93.23 104.34 11.57
C LYS I 47 -91.90 103.73 12.00
N SER I 48 -91.95 102.51 12.51
CA SER I 48 -90.75 101.78 12.96
C SER I 48 -89.79 101.48 11.81
N LYS I 49 -90.31 100.93 10.70
CA LYS I 49 -89.51 100.67 9.50
C LYS I 49 -88.81 101.91 8.97
N ILE I 50 -89.57 102.99 8.83
CA ILE I 50 -89.09 104.22 8.19
C ILE I 50 -88.01 104.92 9.03
N LEU I 51 -88.16 104.90 10.35
CA LEU I 51 -87.12 105.42 11.25
C LEU I 51 -85.81 104.66 11.08
N ARG I 52 -85.91 103.33 11.01
CA ARG I 52 -84.73 102.47 10.90
C ARG I 52 -84.06 102.58 9.52
N LEU I 53 -84.86 102.63 8.47
CA LEU I 53 -84.35 102.79 7.10
C LEU I 53 -83.69 104.14 6.86
N LEU I 54 -84.22 105.20 7.46
CA LEU I 54 -83.60 106.53 7.36
C LEU I 54 -82.33 106.64 8.20
N CYS I 55 -82.27 105.92 9.32
CA CYS I 55 -81.03 105.82 10.11
C CYS I 55 -79.94 105.06 9.35
N THR I 56 -80.33 104.04 8.60
CA THR I 56 -79.40 103.24 7.81
C THR I 56 -78.77 104.04 6.67
N VAL I 57 -79.56 104.79 5.92
CA VAL I 57 -79.02 105.64 4.85
C VAL I 57 -78.19 106.81 5.39
N ALA I 58 -78.51 107.27 6.61
CA ALA I 58 -77.70 108.30 7.28
C ALA I 58 -76.30 107.80 7.62
N ARG I 59 -76.21 106.51 7.93
CA ARG I 59 -74.98 105.82 8.32
C ARG I 59 -74.17 105.30 7.12
N LEU I 60 -74.87 104.77 6.11
CA LEU I 60 -74.25 104.05 4.97
C LEU I 60 -74.10 104.83 3.66
N LEU I 61 -74.85 105.91 3.49
CA LEU I 61 -74.83 106.72 2.26
C LEU I 61 -74.54 108.20 2.52
N PRO I 62 -73.35 108.51 3.08
CA PRO I 62 -72.99 109.90 3.33
C PRO I 62 -72.77 110.74 2.07
N GLU I 63 -72.43 110.08 0.95
CA GLU I 63 -72.35 110.75 -0.36
C GLU I 63 -73.68 111.44 -0.75
N LYS I 64 -74.81 110.91 -0.27
CA LYS I 64 -76.13 111.50 -0.49
C LYS I 64 -76.71 112.15 0.79
N LEU I 65 -75.83 112.73 1.61
CA LEU I 65 -76.20 113.35 2.90
C LEU I 65 -77.33 114.38 2.82
N THR I 66 -77.13 115.42 2.01
CA THR I 66 -78.07 116.54 1.94
C THR I 66 -79.42 116.19 1.32
N ILE I 67 -79.44 115.15 0.50
CA ILE I 67 -80.69 114.63 -0.05
C ILE I 67 -81.56 114.09 1.08
N TYR I 68 -80.97 113.33 2.00
CA TYR I 68 -81.74 112.66 3.05
C TYR I 68 -82.04 113.57 4.25
N THR I 69 -81.16 114.51 4.58
CA THR I 69 -81.47 115.49 5.62
C THR I 69 -82.67 116.35 5.19
N THR I 70 -82.67 116.77 3.92
CA THR I 70 -83.82 117.45 3.33
C THR I 70 -85.09 116.62 3.49
N LEU I 71 -85.02 115.33 3.12
CA LEU I 71 -86.18 114.44 3.25
C LEU I 71 -86.71 114.40 4.69
N VAL I 72 -85.80 114.36 5.66
CA VAL I 72 -86.17 114.39 7.07
C VAL I 72 -86.77 115.75 7.45
N GLY I 73 -86.19 116.83 6.92
CA GLY I 73 -86.74 118.19 7.10
C GLY I 73 -88.21 118.31 6.72
N LEU I 74 -88.56 117.76 5.56
CA LEU I 74 -89.93 117.80 5.05
C LEU I 74 -90.88 116.95 5.88
N LEU I 75 -90.40 115.79 6.34
CA LEU I 75 -91.18 114.93 7.24
C LEU I 75 -91.41 115.55 8.62
N ASN I 76 -90.39 116.23 9.13
CA ASN I 76 -90.47 116.97 10.40
C ASN I 76 -91.53 118.07 10.34
N ALA I 77 -91.57 118.80 9.23
CA ALA I 77 -92.54 119.88 9.01
C ALA I 77 -94.00 119.39 8.98
N ARG I 78 -94.24 118.24 8.37
CA ARG I 78 -95.58 117.63 8.32
C ARG I 78 -95.96 116.88 9.60
N ASN I 79 -94.95 116.39 10.32
CA ASN I 79 -95.15 115.56 11.52
C ASN I 79 -94.00 115.80 12.49
N TYR I 80 -94.25 116.67 13.47
CA TYR I 80 -93.25 117.03 14.49
C TYR I 80 -92.74 115.82 15.29
N ASN I 81 -93.65 114.92 15.68
CA ASN I 81 -93.30 113.77 16.54
C ASN I 81 -92.40 112.75 15.87
N PHE I 82 -92.49 112.65 14.53
CA PHE I 82 -91.57 111.81 13.75
C PHE I 82 -90.14 112.36 13.84
N GLY I 83 -89.98 113.65 13.61
CA GLY I 83 -88.69 114.34 13.76
C GLY I 83 -88.06 114.21 15.14
N GLY I 84 -88.91 114.15 16.17
CA GLY I 84 -88.46 113.91 17.54
C GLY I 84 -87.93 112.50 17.73
N GLU I 85 -88.69 111.51 17.26
CA GLU I 85 -88.29 110.10 17.35
C GLU I 85 -87.09 109.75 16.47
N PHE I 86 -86.89 110.49 15.39
CA PHE I 86 -85.72 110.30 14.52
C PHE I 86 -84.44 110.77 15.19
N VAL I 87 -84.45 111.98 15.75
CA VAL I 87 -83.28 112.51 16.45
C VAL I 87 -82.90 111.64 17.65
N GLU I 88 -83.89 111.06 18.32
CA GLU I 88 -83.66 110.04 19.35
C GLU I 88 -82.95 108.81 18.77
N ALA I 89 -83.51 108.26 17.68
CA ALA I 89 -82.95 107.08 17.01
C ALA I 89 -81.51 107.29 16.53
N MET I 90 -81.21 108.47 15.98
CA MET I 90 -79.86 108.81 15.56
C MET I 90 -78.87 108.87 16.71
N ILE I 91 -79.30 109.43 17.85
CA ILE I 91 -78.44 109.48 19.03
C ILE I 91 -78.17 108.06 19.57
N ARG I 92 -79.19 107.19 19.55
CA ARG I 92 -79.00 105.78 19.91
C ARG I 92 -77.99 105.11 18.97
N GLN I 93 -78.17 105.32 17.66
CA GLN I 93 -77.28 104.75 16.66
C GLN I 93 -75.84 105.28 16.76
N LEU I 94 -75.70 106.55 17.16
CA LEU I 94 -74.37 107.16 17.32
C LEU I 94 -73.62 106.53 18.49
N LYS I 95 -74.31 106.37 19.61
CA LYS I 95 -73.72 105.74 20.79
C LYS I 95 -73.41 104.25 20.54
N GLU I 96 -74.31 103.59 19.80
CA GLU I 96 -74.11 102.21 19.35
C GLU I 96 -72.83 102.07 18.52
N SER I 97 -72.64 102.98 17.58
CA SER I 97 -71.48 102.96 16.68
C SER I 97 -70.17 103.26 17.41
N LEU I 98 -70.20 104.19 18.36
CA LEU I 98 -69.01 104.55 19.14
C LEU I 98 -68.57 103.43 20.08
N LYS I 99 -69.54 102.83 20.77
CA LYS I 99 -69.32 101.65 21.64
C LYS I 99 -68.65 100.50 20.88
N ALA I 100 -69.05 100.30 19.63
CA ALA I 100 -68.51 99.23 18.77
C ALA I 100 -67.25 99.62 17.98
N ASN I 101 -66.62 100.75 18.33
CA ASN I 101 -65.45 101.30 17.61
C ASN I 101 -65.63 101.50 16.10
N ASN I 102 -66.85 101.87 15.68
CA ASN I 102 -67.12 102.27 14.31
C ASN I 102 -67.09 103.78 14.25
N TYR I 103 -65.89 104.33 14.44
CA TYR I 103 -65.68 105.76 14.46
C TYR I 103 -65.86 106.37 13.07
N ASN I 104 -65.59 105.60 12.02
CA ASN I 104 -65.75 106.10 10.66
C ASN I 104 -67.23 106.27 10.30
N GLU I 105 -68.09 105.35 10.74
CA GLU I 105 -69.55 105.51 10.59
C GLU I 105 -70.10 106.64 11.45
N ALA I 106 -69.55 106.79 12.65
CA ALA I 106 -69.99 107.82 13.59
C ALA I 106 -69.87 109.25 13.01
N VAL I 107 -68.77 109.54 12.31
CA VAL I 107 -68.59 110.84 11.66
C VAL I 107 -69.78 111.15 10.75
N TYR I 108 -70.18 110.17 9.94
CA TYR I 108 -71.31 110.34 9.02
C TYR I 108 -72.60 110.66 9.77
N LEU I 109 -72.81 110.03 10.92
CA LEU I 109 -73.96 110.33 11.77
C LEU I 109 -73.87 111.74 12.37
N VAL I 110 -72.67 112.16 12.77
CA VAL I 110 -72.44 113.51 13.30
C VAL I 110 -72.71 114.57 12.23
N ARG I 111 -72.15 114.38 11.02
CA ARG I 111 -72.43 115.27 9.89
C ARG I 111 -73.89 115.32 9.52
N PHE I 112 -74.57 114.20 9.63
CA PHE I 112 -76.03 114.15 9.38
C PHE I 112 -76.81 115.00 10.39
N LEU I 113 -76.49 114.85 11.67
CA LEU I 113 -77.09 115.68 12.71
C LEU I 113 -76.76 117.15 12.51
N SER I 114 -75.51 117.44 12.12
CA SER I 114 -75.08 118.81 11.80
C SER I 114 -75.97 119.44 10.73
N ASP I 115 -76.06 118.79 9.57
CA ASP I 115 -76.82 119.33 8.45
C ASP I 115 -78.34 119.35 8.68
N LEU I 116 -78.83 118.56 9.65
CA LEU I 116 -80.24 118.65 10.08
C LEU I 116 -80.61 119.99 10.76
N VAL I 117 -79.60 120.74 11.21
CA VAL I 117 -79.80 122.11 11.68
C VAL I 117 -80.21 123.03 10.50
N ASN I 118 -79.59 122.84 9.34
CA ASN I 118 -79.93 123.60 8.14
C ASN I 118 -81.37 123.31 7.63
N CYS I 119 -81.89 122.13 7.95
CA CYS I 119 -83.29 121.77 7.60
C CYS I 119 -84.33 122.11 8.68
N HIS I 120 -83.91 122.86 9.70
CA HIS I 120 -84.77 123.22 10.84
C HIS I 120 -85.45 122.00 11.47
N VAL I 121 -84.64 120.99 11.75
CA VAL I 121 -85.04 119.81 12.52
C VAL I 121 -84.39 119.81 13.89
N ILE I 122 -83.11 120.20 13.94
CA ILE I 122 -82.36 120.31 15.19
C ILE I 122 -82.06 121.78 15.46
N ALA I 123 -82.20 122.18 16.72
CA ALA I 123 -81.92 123.56 17.13
C ALA I 123 -80.41 123.80 17.18
N ALA I 124 -79.97 124.93 16.64
CA ALA I 124 -78.54 125.28 16.56
C ALA I 124 -77.78 125.27 17.89
N PRO I 125 -78.41 125.77 18.99
CA PRO I 125 -77.74 125.68 20.30
C PRO I 125 -77.41 124.24 20.77
N SER I 126 -78.21 123.25 20.37
CA SER I 126 -77.96 121.85 20.73
C SER I 126 -76.71 121.29 20.08
N MET I 127 -76.50 121.61 18.81
CA MET I 127 -75.26 121.20 18.11
C MET I 127 -74.03 121.90 18.64
N VAL I 128 -74.16 123.15 19.08
CA VAL I 128 -73.03 123.86 19.67
C VAL I 128 -72.70 123.24 21.04
N ALA I 129 -73.74 122.84 21.78
CA ALA I 129 -73.57 122.12 23.06
C ALA I 129 -72.90 120.76 22.88
N MET I 130 -73.32 120.01 21.85
CA MET I 130 -72.71 118.72 21.50
C MET I 130 -71.25 118.92 21.10
N PHE I 131 -70.98 119.89 20.22
CA PHE I 131 -69.60 120.18 19.81
C PHE I 131 -68.71 120.76 20.92
N GLU I 132 -69.31 121.43 21.91
CA GLU I 132 -68.59 121.81 23.14
C GLU I 132 -68.05 120.54 23.82
N ASN I 133 -68.93 119.56 24.00
CA ASN I 133 -68.58 118.27 24.63
C ASN I 133 -67.57 117.44 23.81
N PHE I 134 -67.65 117.53 22.47
CA PHE I 134 -66.68 116.85 21.60
C PHE I 134 -65.29 117.41 21.82
N VAL I 135 -65.14 118.72 21.67
CA VAL I 135 -63.83 119.36 21.77
C VAL I 135 -63.27 119.27 23.19
N SER I 136 -64.14 119.18 24.20
CA SER I 136 -63.70 118.95 25.59
C SER I 136 -62.92 117.63 25.80
N VAL I 137 -63.01 116.69 24.86
CA VAL I 137 -62.19 115.47 24.86
C VAL I 137 -60.69 115.79 24.71
N THR I 138 -60.36 116.93 24.12
CA THR I 138 -58.96 117.40 24.08
C THR I 138 -58.38 117.78 25.45
N GLN I 139 -59.27 118.04 26.43
CA GLN I 139 -58.88 118.36 27.82
C GLN I 139 -58.57 117.09 28.64
N GLU I 140 -59.25 115.98 28.34
CA GLU I 140 -59.06 114.70 29.05
C GLU I 140 -57.58 114.30 29.09
N GLU I 141 -57.15 113.76 30.23
CA GLU I 141 -55.77 113.29 30.41
C GLU I 141 -55.73 111.77 30.56
N ASP I 142 -54.54 111.21 30.34
CA ASP I 142 -54.30 109.76 30.30
C ASP I 142 -55.13 109.05 29.22
N VAL I 143 -55.20 109.67 28.02
CA VAL I 143 -55.90 109.10 26.86
C VAL I 143 -55.06 109.33 25.59
N PRO I 144 -55.20 108.46 24.57
CA PRO I 144 -54.34 108.58 23.40
C PRO I 144 -54.73 109.74 22.47
N GLN I 145 -53.74 110.26 21.74
CA GLN I 145 -53.93 111.34 20.79
C GLN I 145 -55.02 111.04 19.77
N VAL I 146 -54.99 109.82 19.23
CA VAL I 146 -55.97 109.39 18.23
C VAL I 146 -57.44 109.50 18.67
N ARG I 147 -57.70 109.36 19.97
CA ARG I 147 -59.05 109.60 20.52
C ARG I 147 -59.41 111.07 20.39
N ARG I 148 -58.49 111.93 20.82
CA ARG I 148 -58.70 113.37 20.78
C ARG I 148 -58.83 113.85 19.34
N ASP I 149 -57.88 113.43 18.49
CA ASP I 149 -57.92 113.67 17.04
C ASP I 149 -59.27 113.41 16.40
N TRP I 150 -59.87 112.28 16.74
CA TRP I 150 -61.14 111.92 16.13
C TRP I 150 -62.24 112.89 16.50
N TYR I 151 -62.34 113.21 17.79
CA TYR I 151 -63.42 114.07 18.30
C TYR I 151 -63.33 115.49 17.70
N VAL I 152 -62.11 115.99 17.52
CA VAL I 152 -61.86 117.21 16.75
C VAL I 152 -62.28 117.03 15.28
N TYR I 153 -61.83 115.95 14.66
CA TYR I 153 -62.13 115.67 13.24
C TYR I 153 -63.65 115.64 12.96
N ALA I 154 -64.41 114.97 13.82
CA ALA I 154 -65.87 114.91 13.67
C ALA I 154 -66.53 116.30 13.72
N PHE I 155 -65.96 117.17 14.56
CA PHE I 155 -66.40 118.57 14.66
C PHE I 155 -66.00 119.36 13.40
N LEU I 156 -64.70 119.44 13.13
CA LEU I 156 -64.18 120.22 12.00
C LEU I 156 -64.79 119.79 10.66
N SER I 157 -64.90 118.47 10.44
CA SER I 157 -65.44 117.96 9.18
C SER I 157 -66.96 118.11 9.04
N SER I 158 -67.65 118.49 10.10
CA SER I 158 -69.07 118.86 10.00
C SER I 158 -69.29 120.32 9.57
N LEU I 159 -68.27 121.17 9.69
CA LEU I 159 -68.43 122.61 9.48
C LEU I 159 -68.70 123.05 8.06
N PRO I 160 -68.20 122.33 7.03
CA PRO I 160 -68.61 122.72 5.68
C PRO I 160 -70.13 122.71 5.46
N TRP I 161 -70.85 121.85 6.18
CA TRP I 161 -72.30 121.76 6.07
C TRP I 161 -73.03 122.73 6.99
N VAL I 162 -72.58 122.83 8.25
CA VAL I 162 -73.30 123.58 9.29
C VAL I 162 -72.52 124.78 9.87
N GLY I 163 -71.32 125.04 9.41
CA GLY I 163 -70.46 126.10 9.97
C GLY I 163 -71.02 127.51 9.91
N LYS I 164 -71.79 127.81 8.87
CA LYS I 164 -72.46 129.11 8.74
C LYS I 164 -73.56 129.26 9.78
N GLU I 165 -74.50 128.31 9.79
CA GLU I 165 -75.68 128.34 10.67
C GLU I 165 -75.33 128.41 12.17
N LEU I 166 -74.25 127.74 12.58
CA LEU I 166 -73.81 127.77 13.99
C LEU I 166 -73.15 129.09 14.36
N TYR I 167 -72.34 129.63 13.46
CA TYR I 167 -71.61 130.86 13.73
C TYR I 167 -72.52 132.09 13.77
N GLU I 168 -73.64 132.06 13.06
CA GLU I 168 -74.63 133.15 13.10
C GLU I 168 -75.53 133.10 14.34
N LYS I 169 -75.82 131.91 14.85
CA LYS I 169 -76.67 131.76 16.04
C LYS I 169 -75.92 131.92 17.38
N LYS I 170 -74.66 131.47 17.44
CA LYS I 170 -73.89 131.45 18.69
C LYS I 170 -72.38 131.70 18.47
N ASP I 171 -72.01 132.82 17.85
CA ASP I 171 -70.58 133.08 17.55
C ASP I 171 -69.68 133.17 18.79
N ALA I 172 -70.23 133.64 19.90
CA ALA I 172 -69.50 133.71 21.18
C ALA I 172 -69.04 132.31 21.60
N GLU I 173 -70.00 131.39 21.67
CA GLU I 173 -69.75 129.99 22.05
C GLU I 173 -68.79 129.30 21.07
N MET I 174 -68.94 129.58 19.78
CA MET I 174 -68.10 128.97 18.74
C MET I 174 -66.65 129.47 18.76
N ASP I 175 -66.43 130.74 19.09
CA ASP I 175 -65.07 131.26 19.23
C ASP I 175 -64.25 130.54 20.33
N ARG I 176 -64.91 130.12 21.41
CA ARG I 176 -64.28 129.33 22.47
C ARG I 176 -63.83 127.95 21.96
N ILE I 177 -64.68 127.34 21.13
CA ILE I 177 -64.39 126.03 20.54
C ILE I 177 -63.18 126.12 19.62
N PHE I 178 -63.14 127.16 18.80
CA PHE I 178 -62.00 127.41 17.90
C PHE I 178 -60.70 127.76 18.64
N ALA I 179 -60.82 128.36 19.82
CA ALA I 179 -59.66 128.65 20.68
C ALA I 179 -59.10 127.37 21.31
N ASN I 180 -59.99 126.57 21.89
CA ASN I 180 -59.64 125.26 22.47
C ASN I 180 -59.12 124.27 21.41
N THR I 181 -59.79 124.25 20.25
CA THR I 181 -59.36 123.44 19.11
C THR I 181 -57.98 123.86 18.62
N GLU I 182 -57.79 125.16 18.40
CA GLU I 182 -56.51 125.68 17.90
C GLU I 182 -55.35 125.41 18.87
N SER I 183 -55.61 125.54 20.18
CA SER I 183 -54.58 125.24 21.18
C SER I 183 -54.17 123.77 21.15
N TYR I 184 -55.16 122.87 21.00
CA TYR I 184 -54.89 121.43 20.89
C TYR I 184 -54.03 121.08 19.66
N LEU I 185 -54.40 121.62 18.50
CA LEU I 185 -53.70 121.33 17.24
C LEU I 185 -52.24 121.82 17.24
N LYS I 186 -51.96 122.87 18.00
CA LYS I 186 -50.58 123.38 18.19
C LYS I 186 -49.70 122.38 18.93
N ARG I 187 -50.25 121.79 20.00
CA ARG I 187 -49.51 120.88 20.89
C ARG I 187 -49.60 119.38 20.53
N ARG I 188 -50.29 119.04 19.43
CA ARG I 188 -50.32 117.66 18.93
C ARG I 188 -48.94 117.19 18.48
N GLN I 189 -48.68 115.90 18.67
CA GLN I 189 -47.49 115.25 18.14
C GLN I 189 -47.67 115.04 16.64
N LYS I 190 -46.57 115.13 15.89
CA LYS I 190 -46.55 114.90 14.43
C LYS I 190 -45.51 113.82 14.07
N THR I 191 -45.30 112.86 14.98
CA THR I 191 -44.23 111.87 14.82
C THR I 191 -44.52 110.90 13.67
N HIS I 192 -45.81 110.61 13.49
CA HIS I 192 -46.31 109.74 12.42
C HIS I 192 -46.11 110.21 10.99
N VAL I 193 -46.01 111.51 10.75
CA VAL I 193 -46.10 112.06 9.39
C VAL I 193 -45.08 111.50 8.38
N PRO I 194 -43.80 111.35 8.74
CA PRO I 194 -42.84 110.77 7.79
C PRO I 194 -43.12 109.31 7.38
N MET I 195 -43.87 108.58 8.21
CA MET I 195 -44.30 107.22 7.91
C MET I 195 -45.46 107.12 6.94
N LEU I 196 -46.34 108.12 6.94
CA LEU I 196 -47.57 108.11 6.15
C LEU I 196 -47.53 108.92 4.84
N GLN I 197 -46.51 109.73 4.65
CA GLN I 197 -46.40 110.53 3.43
C GLN I 197 -46.03 109.66 2.26
N VAL I 198 -46.69 109.88 1.13
CA VAL I 198 -46.37 109.18 -0.10
C VAL I 198 -45.07 109.73 -0.67
N TRP I 199 -44.89 111.04 -0.56
CA TRP I 199 -43.67 111.75 -0.96
C TRP I 199 -43.15 112.58 0.21
N THR I 200 -41.86 112.43 0.52
CA THR I 200 -41.19 113.24 1.56
C THR I 200 -41.02 114.71 1.12
N ALA I 201 -40.81 114.93 -0.18
CA ALA I 201 -40.68 116.27 -0.75
C ALA I 201 -41.96 117.08 -0.56
N ASP I 202 -41.82 118.40 -0.44
CA ASP I 202 -42.97 119.31 -0.33
C ASP I 202 -43.14 120.20 -1.58
N LYS I 203 -42.42 119.85 -2.64
CA LYS I 203 -42.55 120.48 -3.96
C LYS I 203 -42.75 119.34 -4.96
N PRO I 204 -43.76 119.39 -5.84
CA PRO I 204 -44.70 120.51 -6.01
C PRO I 204 -45.83 120.64 -5.00
N HIS I 205 -46.09 119.60 -4.21
CA HIS I 205 -47.19 119.64 -3.24
C HIS I 205 -46.78 119.08 -1.88
N PRO I 206 -46.95 119.86 -0.80
CA PRO I 206 -46.73 119.26 0.51
C PRO I 206 -47.81 118.22 0.83
N GLN I 207 -47.38 117.02 1.22
CA GLN I 207 -48.30 115.99 1.71
C GLN I 207 -48.62 116.30 3.16
N GLU I 208 -49.71 117.04 3.36
CA GLU I 208 -50.06 117.61 4.67
C GLU I 208 -50.71 116.62 5.62
N GLU I 209 -50.52 116.84 6.92
CA GLU I 209 -51.14 116.02 7.95
C GLU I 209 -52.63 116.35 7.99
N TYR I 210 -53.47 115.34 8.11
CA TYR I 210 -54.90 115.46 7.83
C TYR I 210 -55.68 116.48 8.68
N LEU I 211 -55.27 116.71 9.92
CA LEU I 211 -55.96 117.68 10.78
C LEU I 211 -55.42 119.10 10.56
N ASP I 212 -54.13 119.22 10.24
CA ASP I 212 -53.55 120.50 9.85
C ASP I 212 -54.24 121.02 8.58
N CYS I 213 -54.38 120.13 7.60
CA CYS I 213 -55.01 120.47 6.33
C CYS I 213 -56.48 120.85 6.49
N LEU I 214 -57.25 120.06 7.23
CA LEU I 214 -58.66 120.38 7.49
C LEU I 214 -58.78 121.72 8.21
N TRP I 215 -57.89 121.97 9.17
CA TRP I 215 -57.85 123.25 9.89
C TRP I 215 -57.69 124.42 8.91
N ALA I 216 -56.61 124.39 8.12
CA ALA I 216 -56.39 125.38 7.06
C ALA I 216 -57.64 125.61 6.22
N GLN I 217 -58.31 124.54 5.82
CA GLN I 217 -59.55 124.60 5.04
C GLN I 217 -60.70 125.26 5.80
N ILE I 218 -60.83 124.93 7.09
CA ILE I 218 -61.88 125.53 7.90
C ILE I 218 -61.59 127.00 8.21
N GLN I 219 -60.30 127.37 8.28
CA GLN I 219 -59.93 128.78 8.47
C GLN I 219 -60.29 129.63 7.25
N LYS I 220 -59.94 129.15 6.05
CA LYS I 220 -60.29 129.84 4.80
C LYS I 220 -61.80 129.94 4.59
N LEU I 221 -62.55 128.93 5.03
CA LEU I 221 -64.01 128.96 4.98
C LEU I 221 -64.57 130.05 5.91
N LYS I 222 -64.03 130.14 7.11
CA LYS I 222 -64.43 131.17 8.08
C LYS I 222 -64.11 132.58 7.56
N LYS I 223 -62.90 132.75 7.02
CA LYS I 223 -62.47 134.01 6.41
C LYS I 223 -63.36 134.44 5.24
N ASP I 224 -63.96 133.48 4.52
CA ASP I 224 -64.90 133.78 3.44
C ASP I 224 -66.38 133.73 3.90
N ARG I 225 -66.63 134.14 5.15
CA ARG I 225 -67.98 134.24 5.73
C ARG I 225 -68.84 132.96 5.65
N TRP I 226 -68.20 131.79 5.71
CA TRP I 226 -68.86 130.49 5.59
C TRP I 226 -69.62 130.29 4.26
N GLN I 227 -69.09 130.89 3.19
CA GLN I 227 -69.64 130.73 1.84
C GLN I 227 -68.82 129.67 1.14
N GLU I 228 -69.48 128.59 0.73
CA GLU I 228 -68.84 127.52 -0.02
C GLU I 228 -69.62 127.26 -1.30
N ARG I 229 -68.92 126.79 -2.33
CA ARG I 229 -69.43 126.78 -3.70
C ARG I 229 -69.79 125.40 -4.29
N HIS I 230 -69.68 124.31 -3.51
CA HIS I 230 -69.85 122.94 -4.04
C HIS I 230 -71.08 122.15 -3.54
N ILE I 231 -71.39 122.23 -2.25
CA ILE I 231 -72.37 121.34 -1.64
C ILE I 231 -73.78 121.61 -2.15
N LEU I 232 -74.38 120.62 -2.80
CA LEU I 232 -75.79 120.68 -3.18
C LEU I 232 -76.65 120.64 -1.93
N ARG I 233 -77.57 121.59 -1.82
CA ARG I 233 -78.43 121.74 -0.66
C ARG I 233 -79.89 121.82 -1.13
N PRO I 234 -80.53 120.65 -1.31
CA PRO I 234 -81.93 120.63 -1.76
C PRO I 234 -82.90 121.39 -0.85
N TYR I 235 -82.62 121.43 0.45
CA TYR I 235 -83.45 122.16 1.43
C TYR I 235 -83.67 123.67 1.14
N LEU I 236 -82.71 124.33 0.50
CA LEU I 236 -82.86 125.74 0.12
C LEU I 236 -84.05 126.01 -0.80
N ALA I 237 -84.39 125.03 -1.65
CA ALA I 237 -85.57 125.10 -2.50
C ALA I 237 -86.91 125.01 -1.74
N PHE I 238 -86.90 124.35 -0.58
CA PHE I 238 -88.10 124.23 0.28
C PHE I 238 -88.09 125.24 1.44
N ASP I 239 -87.52 126.42 1.23
CA ASP I 239 -87.36 127.42 2.29
C ASP I 239 -88.69 127.86 2.93
N SER I 240 -89.75 127.98 2.12
CA SER I 240 -91.11 128.28 2.62
C SER I 240 -91.58 127.30 3.70
N ILE I 241 -91.45 126.01 3.40
CA ILE I 241 -91.97 124.94 4.27
C ILE I 241 -91.10 124.74 5.52
N LEU I 242 -89.78 124.92 5.39
CA LEU I 242 -88.83 124.61 6.47
C LEU I 242 -88.61 125.74 7.49
N CYS I 243 -88.95 126.99 7.14
CA CYS I 243 -88.97 128.09 8.12
C CYS I 243 -89.98 127.83 9.22
N GLU I 244 -91.20 127.51 8.80
CA GLU I 244 -92.33 127.27 9.71
C GLU I 244 -92.22 125.98 10.53
N ALA I 245 -91.34 125.06 10.13
CA ALA I 245 -91.12 123.80 10.85
C ALA I 245 -90.49 124.05 12.23
N LEU I 246 -90.95 123.28 13.21
CA LEU I 246 -90.51 123.44 14.60
C LEU I 246 -89.31 122.55 14.88
N GLN I 247 -88.35 123.09 15.62
CA GLN I 247 -87.07 122.44 15.89
C GLN I 247 -87.10 121.53 17.11
N HIS I 248 -86.06 120.69 17.23
CA HIS I 248 -85.89 119.78 18.36
C HIS I 248 -84.53 120.03 19.00
N ASN I 249 -84.44 119.74 20.29
CA ASN I 249 -83.17 119.82 21.02
C ASN I 249 -82.57 118.42 21.11
N LEU I 250 -81.32 118.28 20.68
CA LEU I 250 -80.55 117.09 21.01
C LEU I 250 -80.39 117.02 22.51
N PRO I 251 -80.48 115.80 23.09
CA PRO I 251 -80.12 115.72 24.51
C PRO I 251 -78.65 116.10 24.74
N PRO I 252 -78.27 116.44 25.97
CA PRO I 252 -76.86 116.67 26.26
C PRO I 252 -76.05 115.40 25.99
N PHE I 253 -74.86 115.55 25.42
CA PHE I 253 -74.09 114.40 24.94
C PHE I 253 -72.81 114.21 25.74
N THR I 254 -72.71 113.08 26.45
CA THR I 254 -71.50 112.68 27.13
C THR I 254 -70.74 111.72 26.22
N PRO I 255 -69.52 112.10 25.77
CA PRO I 255 -68.77 111.18 24.90
C PRO I 255 -68.36 109.92 25.65
N PRO I 256 -68.71 108.71 25.14
CA PRO I 256 -68.33 107.48 25.82
C PRO I 256 -66.84 107.46 26.20
N PRO I 257 -66.54 107.13 27.47
CA PRO I 257 -65.17 107.35 27.92
C PRO I 257 -64.22 106.29 27.39
N HIS I 258 -62.93 106.60 27.44
CA HIS I 258 -61.88 105.71 26.96
C HIS I 258 -61.79 104.47 27.85
N THR I 259 -61.69 103.30 27.21
CA THR I 259 -61.37 102.05 27.88
C THR I 259 -60.23 101.42 27.09
N GLU I 260 -59.64 100.35 27.61
CA GLU I 260 -58.58 99.66 26.87
C GLU I 260 -59.13 98.71 25.79
N ASP I 261 -60.46 98.56 25.72
CA ASP I 261 -61.14 98.01 24.54
C ASP I 261 -61.26 98.99 23.35
N SER I 262 -61.08 100.30 23.60
CA SER I 262 -61.27 101.33 22.58
C SER I 262 -60.18 101.30 21.50
N VAL I 263 -60.61 101.41 20.25
CA VAL I 263 -59.75 101.36 19.08
C VAL I 263 -60.17 102.54 18.21
N TYR I 264 -59.27 103.51 18.02
CA TYR I 264 -59.57 104.71 17.24
C TYR I 264 -58.86 104.67 15.88
N PRO I 265 -59.38 105.44 14.89
CA PRO I 265 -58.73 105.48 13.58
C PRO I 265 -57.31 105.99 13.63
N MET I 266 -56.44 105.42 12.80
CA MET I 266 -55.07 105.90 12.67
C MET I 266 -55.06 107.29 12.04
N PRO I 267 -54.04 108.09 12.34
CA PRO I 267 -53.90 109.36 11.62
C PRO I 267 -53.63 109.13 10.12
N ARG I 268 -53.90 110.17 9.34
CA ARG I 268 -53.77 110.14 7.89
C ARG I 268 -52.97 111.33 7.38
N VAL I 269 -52.55 111.24 6.12
CA VAL I 269 -51.86 112.31 5.41
C VAL I 269 -52.58 112.50 4.08
N ILE I 270 -52.95 113.75 3.76
CA ILE I 270 -53.74 114.05 2.56
C ILE I 270 -52.88 113.89 1.30
N PHE I 271 -53.27 112.92 0.47
CA PHE I 271 -52.67 112.72 -0.85
C PHE I 271 -52.97 113.94 -1.70
N ARG I 272 -52.00 114.33 -2.52
CA ARG I 272 -52.12 115.52 -3.32
C ARG I 272 -51.15 115.48 -4.49
N MET I 273 -51.69 115.43 -5.71
CA MET I 273 -50.87 115.51 -6.92
C MET I 273 -51.29 116.55 -7.97
N PHE I 274 -52.51 117.06 -7.89
CA PHE I 274 -53.01 118.04 -8.86
C PHE I 274 -53.30 119.41 -8.22
N ASP I 275 -53.03 120.48 -8.99
CA ASP I 275 -53.72 121.77 -8.80
C ASP I 275 -54.30 122.19 -10.16
N TYR I 276 -54.97 123.35 -10.21
CA TYR I 276 -55.64 123.80 -11.43
C TYR I 276 -54.75 123.88 -12.70
N THR I 277 -53.44 124.08 -12.54
CA THR I 277 -52.52 124.21 -13.69
C THR I 277 -52.25 122.90 -14.45
N ASP I 278 -52.64 121.77 -13.89
CA ASP I 278 -52.58 120.49 -14.60
C ASP I 278 -53.77 120.28 -15.56
N ASP I 279 -54.80 121.11 -15.43
CA ASP I 279 -55.94 121.14 -16.36
C ASP I 279 -56.33 122.60 -16.69
N PRO I 280 -55.54 123.28 -17.56
CA PRO I 280 -55.84 124.68 -17.90
C PRO I 280 -57.10 124.87 -18.75
N GLU I 281 -57.47 123.84 -19.52
CA GLU I 281 -58.58 123.92 -20.46
C GLU I 281 -59.91 123.78 -19.75
N GLY I 282 -60.03 122.74 -18.92
CA GLY I 282 -61.25 122.45 -18.18
C GLY I 282 -61.50 123.42 -17.04
N PRO I 283 -62.57 123.17 -16.23
CA PRO I 283 -62.91 124.05 -15.11
C PRO I 283 -61.80 124.17 -14.07
N VAL I 284 -61.81 125.26 -13.31
CA VAL I 284 -60.74 125.54 -12.37
C VAL I 284 -60.91 124.63 -11.15
N MET I 285 -59.86 123.86 -10.88
CA MET I 285 -59.83 122.90 -9.77
C MET I 285 -59.72 123.64 -8.43
N PRO I 286 -60.67 123.41 -7.50
CA PRO I 286 -60.56 123.99 -6.15
C PRO I 286 -59.24 123.65 -5.49
N GLY I 287 -58.66 124.59 -4.75
CA GLY I 287 -57.31 124.44 -4.21
C GLY I 287 -57.20 123.55 -2.99
N SER I 288 -55.98 123.11 -2.71
CA SER I 288 -55.67 122.24 -1.58
C SER I 288 -56.31 122.69 -0.27
N HIS I 289 -56.32 124.00 -0.01
CA HIS I 289 -56.87 124.53 1.24
C HIS I 289 -58.29 125.09 1.11
N SER I 290 -59.07 124.57 0.18
CA SER I 290 -60.50 124.89 0.09
C SER I 290 -61.33 123.72 0.59
N VAL I 291 -62.40 124.01 1.33
CA VAL I 291 -63.35 122.97 1.76
C VAL I 291 -64.09 122.30 0.60
N GLU I 292 -64.13 122.97 -0.54
CA GLU I 292 -64.62 122.36 -1.78
C GLU I 292 -63.82 121.09 -2.10
N ARG I 293 -62.49 121.21 -2.07
CA ARG I 293 -61.60 120.08 -2.37
C ARG I 293 -61.79 118.94 -1.38
N PHE I 294 -62.00 119.28 -0.11
CA PHE I 294 -62.26 118.28 0.93
C PHE I 294 -63.59 117.54 0.70
N VAL I 295 -64.65 118.29 0.42
CA VAL I 295 -65.98 117.69 0.25
C VAL I 295 -66.09 116.85 -1.04
N ILE I 296 -65.37 117.26 -2.07
CA ILE I 296 -65.32 116.51 -3.33
C ILE I 296 -64.65 115.18 -3.07
N GLU I 297 -63.44 115.21 -2.51
CA GLU I 297 -62.67 113.99 -2.30
C GLU I 297 -63.34 113.05 -1.30
N GLU I 298 -63.96 113.60 -0.26
CA GLU I 298 -64.69 112.81 0.72
C GLU I 298 -65.82 112.04 0.06
N ASN I 299 -66.63 112.72 -0.75
CA ASN I 299 -67.76 112.08 -1.43
C ASN I 299 -67.31 111.03 -2.45
N LEU I 300 -66.28 111.34 -3.23
CA LEU I 300 -65.71 110.35 -4.16
C LEU I 300 -65.19 109.11 -3.44
N HIS I 301 -64.52 109.29 -2.31
CA HIS I 301 -64.09 108.16 -1.48
C HIS I 301 -65.30 107.35 -1.02
N CYS I 302 -66.34 108.03 -0.55
CA CYS I 302 -67.57 107.36 -0.07
C CYS I 302 -68.32 106.59 -1.16
N ILE I 303 -68.29 107.11 -2.39
CA ILE I 303 -68.87 106.40 -3.54
C ILE I 303 -68.14 105.08 -3.78
N ILE I 304 -66.80 105.10 -3.70
CA ILE I 304 -66.02 103.88 -3.87
C ILE I 304 -66.34 102.93 -2.72
N LYS I 305 -66.40 103.45 -1.50
CA LYS I 305 -66.77 102.63 -0.33
C LYS I 305 -68.14 101.98 -0.46
N SER I 306 -69.09 102.67 -1.07
CA SER I 306 -70.44 102.11 -1.27
C SER I 306 -70.55 101.10 -2.40
N HIS I 307 -69.67 101.19 -3.40
CA HIS I 307 -69.81 100.39 -4.63
C HIS I 307 -68.55 99.63 -5.05
N TRP I 308 -67.58 99.45 -4.15
CA TRP I 308 -66.27 98.84 -4.53
C TRP I 308 -66.38 97.48 -5.20
N LYS I 309 -67.41 96.70 -4.84
CA LYS I 309 -67.60 95.35 -5.38
C LYS I 309 -68.12 95.30 -6.82
N GLU I 310 -68.77 96.36 -7.27
CA GLU I 310 -69.41 96.43 -8.58
C GLU I 310 -68.63 97.43 -9.42
N ARG I 311 -67.53 96.99 -10.02
CA ARG I 311 -66.62 97.93 -10.70
C ARG I 311 -67.29 98.81 -11.76
N LYS I 312 -68.23 98.27 -12.52
CA LYS I 312 -68.92 99.01 -13.57
C LYS I 312 -69.89 100.03 -12.97
N THR I 313 -70.66 99.61 -11.97
CA THR I 313 -71.49 100.53 -11.18
C THR I 313 -70.66 101.59 -10.49
N CYS I 314 -69.53 101.19 -9.93
CA CYS I 314 -68.63 102.14 -9.25
C CYS I 314 -68.12 103.23 -10.18
N ALA I 315 -67.80 102.87 -11.42
CA ALA I 315 -67.34 103.85 -12.43
C ALA I 315 -68.45 104.81 -12.80
N ALA I 316 -69.64 104.27 -13.05
CA ALA I 316 -70.82 105.08 -13.40
C ALA I 316 -71.13 106.12 -12.35
N GLN I 317 -71.13 105.73 -11.09
CA GLN I 317 -71.45 106.65 -9.99
C GLN I 317 -70.43 107.75 -9.81
N LEU I 318 -69.17 107.44 -10.02
CA LEU I 318 -68.10 108.44 -9.96
C LEU I 318 -68.25 109.46 -11.07
N VAL I 319 -68.47 108.97 -12.30
CA VAL I 319 -68.57 109.83 -13.47
C VAL I 319 -69.81 110.73 -13.43
N SER I 320 -70.90 110.23 -12.83
CA SER I 320 -72.13 111.01 -12.70
C SER I 320 -72.24 111.80 -11.36
N TYR I 321 -71.11 112.15 -10.76
CA TYR I 321 -71.10 112.87 -9.48
C TYR I 321 -71.63 114.30 -9.65
N PRO I 322 -72.71 114.66 -8.94
CA PRO I 322 -73.27 116.02 -9.03
C PRO I 322 -72.61 117.02 -8.08
N GLY I 323 -72.55 118.28 -8.51
CA GLY I 323 -72.14 119.40 -7.64
C GLY I 323 -72.88 120.68 -8.02
N LYS I 324 -72.84 121.67 -7.14
CA LYS I 324 -73.48 122.97 -7.41
C LYS I 324 -72.77 123.68 -8.57
N ASN I 325 -71.44 123.60 -8.63
CA ASN I 325 -70.66 124.21 -9.69
C ASN I 325 -69.80 123.17 -10.42
N LYS I 326 -69.37 123.52 -11.62
CA LYS I 326 -68.58 122.62 -12.45
C LYS I 326 -67.13 122.50 -11.98
N ILE I 327 -66.61 121.28 -12.06
CA ILE I 327 -65.28 120.89 -11.56
C ILE I 327 -64.65 119.90 -12.53
N PRO I 328 -63.31 119.84 -12.59
CA PRO I 328 -62.66 118.90 -13.51
C PRO I 328 -62.71 117.46 -12.99
N LEU I 329 -63.88 116.85 -13.12
CA LEU I 329 -64.23 115.60 -12.44
C LEU I 329 -63.28 114.43 -12.73
N ASN I 330 -62.79 114.33 -13.97
CA ASN I 330 -61.82 113.29 -14.32
C ASN I 330 -60.53 113.38 -13.51
N TYR I 331 -60.08 114.59 -13.21
CA TYR I 331 -58.85 114.79 -12.43
C TYR I 331 -59.06 114.41 -10.97
N HIS I 332 -60.16 114.88 -10.39
CA HIS I 332 -60.55 114.48 -9.04
C HIS I 332 -60.70 112.96 -8.87
N ILE I 333 -61.26 112.28 -9.87
CA ILE I 333 -61.47 110.84 -9.81
C ILE I 333 -60.13 110.09 -9.82
N VAL I 334 -59.27 110.42 -10.77
CA VAL I 334 -57.95 109.81 -10.85
C VAL I 334 -57.13 110.07 -9.58
N GLU I 335 -57.26 111.26 -9.01
CA GLU I 335 -56.53 111.60 -7.79
C GLU I 335 -57.03 110.78 -6.60
N VAL I 336 -58.35 110.80 -6.38
CA VAL I 336 -58.99 110.01 -5.33
C VAL I 336 -58.68 108.52 -5.44
N ILE I 337 -58.60 107.99 -6.65
CA ILE I 337 -58.21 106.59 -6.85
C ILE I 337 -56.77 106.37 -6.42
N PHE I 338 -55.83 107.15 -6.94
CA PHE I 338 -54.43 107.00 -6.50
C PHE I 338 -54.22 107.35 -5.03
N ALA I 339 -55.05 108.22 -4.47
CA ALA I 339 -55.01 108.52 -3.04
C ALA I 339 -55.28 107.29 -2.18
N GLU I 340 -56.20 106.43 -2.63
CA GLU I 340 -56.51 105.18 -1.96
C GLU I 340 -55.44 104.16 -2.23
N LEU I 341 -55.10 103.95 -3.50
CA LEU I 341 -54.07 102.96 -3.86
C LEU I 341 -52.77 103.19 -3.09
N PHE I 342 -52.35 104.45 -2.94
CA PHE I 342 -51.11 104.77 -2.24
C PHE I 342 -51.26 105.10 -0.75
N GLN I 343 -52.43 104.91 -0.16
CA GLN I 343 -52.63 105.26 1.24
C GLN I 343 -51.77 104.37 2.15
N LEU I 344 -51.26 104.97 3.23
CA LEU I 344 -50.48 104.27 4.23
C LEU I 344 -51.21 104.29 5.58
N PRO I 345 -51.24 103.18 6.32
CA PRO I 345 -50.53 101.94 6.01
C PRO I 345 -51.01 101.18 4.79
N ALA I 346 -52.34 101.11 4.62
CA ALA I 346 -52.96 100.31 3.58
C ALA I 346 -54.06 101.06 2.82
N PRO I 347 -54.38 100.57 1.60
CA PRO I 347 -55.54 101.12 0.91
C PRO I 347 -56.81 100.64 1.57
N PRO I 348 -57.94 101.35 1.38
CA PRO I 348 -59.19 100.88 1.98
C PRO I 348 -59.75 99.60 1.37
N HIS I 349 -59.30 99.23 0.17
CA HIS I 349 -59.79 98.04 -0.53
C HIS I 349 -58.63 97.35 -1.24
N ILE I 350 -58.82 96.09 -1.62
CA ILE I 350 -57.75 95.32 -2.26
C ILE I 350 -57.14 96.05 -3.48
N ASP I 351 -55.81 96.07 -3.57
CA ASP I 351 -55.06 96.86 -4.58
C ASP I 351 -55.55 96.71 -6.01
N VAL I 352 -55.87 95.48 -6.39
CA VAL I 352 -56.22 95.16 -7.78
C VAL I 352 -57.54 95.78 -8.25
N MET I 353 -58.45 96.04 -7.31
CA MET I 353 -59.70 96.73 -7.62
C MET I 353 -59.47 98.05 -8.34
N TYR I 354 -58.45 98.79 -7.91
CA TYR I 354 -58.12 100.11 -8.47
C TYR I 354 -57.68 100.03 -9.93
N THR I 355 -56.93 98.99 -10.30
CA THR I 355 -56.52 98.77 -11.67
C THR I 355 -57.74 98.59 -12.58
N THR I 356 -58.68 97.76 -12.12
CA THR I 356 -59.90 97.48 -12.85
C THR I 356 -60.84 98.68 -12.93
N LEU I 357 -61.01 99.39 -11.81
CA LEU I 357 -61.87 100.59 -11.78
C LEU I 357 -61.36 101.62 -12.77
N LEU I 358 -60.04 101.83 -12.82
CA LEU I 358 -59.45 102.73 -13.80
C LEU I 358 -59.74 102.30 -15.25
N ILE I 359 -59.72 101.00 -15.53
CA ILE I 359 -60.10 100.49 -16.88
C ILE I 359 -61.57 100.76 -17.19
N GLU I 360 -62.47 100.43 -16.27
CA GLU I 360 -63.90 100.71 -16.45
C GLU I 360 -64.20 102.20 -16.62
N LEU I 361 -63.40 103.04 -15.99
CA LEU I 361 -63.48 104.49 -16.18
C LEU I 361 -63.00 104.92 -17.57
N CYS I 362 -61.93 104.31 -18.08
CA CYS I 362 -61.50 104.57 -19.46
C CYS I 362 -62.59 104.17 -20.45
N LYS I 363 -63.22 103.01 -20.23
CA LYS I 363 -64.35 102.56 -21.06
C LYS I 363 -65.50 103.57 -21.07
N LEU I 364 -65.82 104.11 -19.90
CA LEU I 364 -66.96 105.02 -19.73
C LEU I 364 -66.70 106.45 -20.26
N GLN I 365 -65.44 106.86 -20.34
CA GLN I 365 -65.07 108.20 -20.79
C GLN I 365 -63.85 108.08 -21.72
N PRO I 366 -64.00 107.37 -22.84
CA PRO I 366 -62.83 107.03 -23.65
C PRO I 366 -62.17 108.22 -24.34
N GLY I 367 -62.93 109.31 -24.55
CA GLY I 367 -62.39 110.50 -25.19
C GLY I 367 -61.49 111.35 -24.31
N SER I 368 -61.66 111.29 -23.00
CA SER I 368 -60.95 112.18 -22.06
C SER I 368 -60.12 111.49 -20.96
N LEU I 369 -60.68 110.45 -20.32
CA LEU I 369 -60.05 109.83 -19.14
C LEU I 369 -58.66 109.22 -19.41
N PRO I 370 -58.48 108.46 -20.51
CA PRO I 370 -57.13 107.89 -20.78
C PRO I 370 -56.03 108.93 -20.87
N GLN I 371 -56.35 110.12 -21.38
CA GLN I 371 -55.37 111.22 -21.45
C GLN I 371 -55.01 111.72 -20.05
N VAL I 372 -56.03 111.92 -19.21
CA VAL I 372 -55.81 112.33 -17.81
C VAL I 372 -55.02 111.25 -17.06
N LEU I 373 -55.36 110.00 -17.29
CA LEU I 373 -54.64 108.89 -16.68
C LEU I 373 -53.16 108.88 -17.08
N ALA I 374 -52.88 109.01 -18.38
CA ALA I 374 -51.50 109.01 -18.89
C ALA I 374 -50.68 110.20 -18.37
N GLN I 375 -51.32 111.36 -18.26
CA GLN I 375 -50.72 112.56 -17.69
C GLN I 375 -50.33 112.34 -16.24
N ALA I 376 -51.23 111.74 -15.46
CA ALA I 376 -50.98 111.42 -14.06
C ALA I 376 -49.84 110.41 -13.92
N THR I 377 -49.85 109.37 -14.74
CA THR I 377 -48.77 108.38 -14.76
C THR I 377 -47.40 109.03 -14.99
N GLU I 378 -47.37 109.98 -15.92
CA GLU I 378 -46.16 110.77 -16.21
C GLU I 378 -45.71 111.55 -14.97
N MET I 379 -46.66 112.22 -14.32
CA MET I 379 -46.37 113.00 -13.12
C MET I 379 -45.88 112.14 -11.95
N LEU I 380 -46.42 110.92 -11.83
CA LEU I 380 -45.99 109.98 -10.79
C LEU I 380 -44.56 109.52 -11.04
N TYR I 381 -44.24 109.24 -12.29
CA TYR I 381 -42.88 108.88 -12.67
C TYR I 381 -41.89 110.00 -12.38
N MET I 382 -42.24 111.24 -12.76
CA MET I 382 -41.35 112.40 -12.53
C MET I 382 -41.05 112.67 -11.04
N ARG I 383 -41.98 112.30 -10.15
CA ARG I 383 -41.82 112.52 -8.72
C ARG I 383 -41.34 111.28 -7.93
N LEU I 384 -40.85 110.27 -8.65
CA LEU I 384 -40.39 109.01 -8.03
C LEU I 384 -39.27 109.15 -7.01
N ASP I 385 -38.46 110.20 -7.14
CA ASP I 385 -37.25 110.32 -6.33
C ASP I 385 -37.51 110.38 -4.82
N THR I 386 -38.62 110.99 -4.40
CA THR I 386 -39.01 110.99 -2.97
C THR I 386 -40.22 110.10 -2.64
N MET I 387 -40.67 109.25 -3.56
CA MET I 387 -41.81 108.37 -3.31
C MET I 387 -41.43 107.22 -2.39
N ASN I 388 -42.26 106.97 -1.38
CA ASN I 388 -42.06 105.86 -0.44
C ASN I 388 -42.05 104.52 -1.16
N THR I 389 -41.19 103.61 -0.71
CA THR I 389 -40.99 102.31 -1.38
C THR I 389 -42.26 101.45 -1.40
N THR I 390 -43.03 101.51 -0.31
CA THR I 390 -44.32 100.81 -0.23
C THR I 390 -45.23 101.23 -1.39
N CYS I 391 -45.36 102.54 -1.59
CA CYS I 391 -46.13 103.10 -2.71
C CYS I 391 -45.55 102.79 -4.09
N VAL I 392 -44.22 102.80 -4.21
CA VAL I 392 -43.57 102.49 -5.49
C VAL I 392 -43.88 101.06 -5.94
N ASP I 393 -43.92 100.13 -5.01
CA ASP I 393 -44.32 98.74 -5.32
C ASP I 393 -45.74 98.67 -5.90
N ARG I 394 -46.64 99.44 -5.31
CA ARG I 394 -48.04 99.47 -5.75
C ARG I 394 -48.17 100.10 -7.15
N PHE I 395 -47.37 101.14 -7.38
CA PHE I 395 -47.28 101.82 -8.67
C PHE I 395 -46.77 100.85 -9.75
N ILE I 396 -45.66 100.17 -9.46
CA ILE I 396 -45.12 99.12 -10.33
C ILE I 396 -46.16 98.07 -10.67
N ASN I 397 -46.82 97.53 -9.64
CA ASN I 397 -47.82 96.48 -9.84
C ASN I 397 -49.03 96.97 -10.60
N TRP I 398 -49.48 98.19 -10.31
CA TRP I 398 -50.62 98.77 -11.04
C TRP I 398 -50.29 99.03 -12.50
N PHE I 399 -49.18 99.71 -12.74
CA PHE I 399 -48.79 100.12 -14.08
C PHE I 399 -48.49 98.92 -14.99
N SER I 400 -47.76 97.93 -14.48
CA SER I 400 -47.48 96.73 -15.27
C SER I 400 -48.76 95.95 -15.63
N HIS I 401 -49.67 95.85 -14.67
CA HIS I 401 -50.94 95.16 -14.87
C HIS I 401 -51.89 95.94 -15.80
N HIS I 402 -51.84 97.27 -15.69
CA HIS I 402 -52.56 98.13 -16.63
C HIS I 402 -52.04 97.92 -18.05
N LEU I 403 -50.74 98.13 -18.27
CA LEU I 403 -50.12 97.90 -19.58
C LEU I 403 -50.48 96.54 -20.18
N SER I 404 -50.50 95.49 -19.36
CA SER I 404 -50.85 94.15 -19.87
C SER I 404 -52.28 94.07 -20.43
N ASN I 405 -53.16 95.00 -20.04
CA ASN I 405 -54.52 95.12 -20.61
C ASN I 405 -54.65 95.99 -21.88
N PHE I 406 -53.59 96.67 -22.28
CA PHE I 406 -53.59 97.49 -23.48
C PHE I 406 -52.34 97.24 -24.30
N GLN I 407 -52.06 95.96 -24.53
CA GLN I 407 -51.00 95.48 -25.44
C GLN I 407 -49.61 96.09 -25.19
N PHE I 408 -49.33 96.39 -23.93
CA PHE I 408 -48.06 96.99 -23.51
C PHE I 408 -47.69 98.28 -24.26
N ARG I 409 -48.71 99.02 -24.70
CA ARG I 409 -48.52 100.27 -25.41
C ARG I 409 -48.10 101.34 -24.42
N TRP I 410 -46.89 101.87 -24.59
CA TRP I 410 -46.44 103.02 -23.81
C TRP I 410 -45.28 103.75 -24.48
N SER I 411 -45.32 105.09 -24.43
CA SER I 411 -44.26 105.93 -24.97
C SER I 411 -43.01 105.87 -24.08
N TRP I 412 -42.21 104.81 -24.25
CA TRP I 412 -41.07 104.54 -23.36
C TRP I 412 -39.97 105.60 -23.44
N GLU I 413 -39.73 106.11 -24.64
CA GLU I 413 -38.79 107.24 -24.87
C GLU I 413 -39.06 108.52 -24.06
N ASP I 414 -40.30 108.75 -23.62
CA ASP I 414 -40.62 109.84 -22.67
C ASP I 414 -39.81 109.75 -21.37
N TRP I 415 -39.38 108.54 -21.03
CA TRP I 415 -38.58 108.27 -19.84
C TRP I 415 -37.11 107.92 -20.14
N SER I 416 -36.53 108.52 -21.19
CA SER I 416 -35.13 108.24 -21.57
C SER I 416 -34.09 108.78 -20.57
N ASP I 417 -34.45 109.82 -19.83
CA ASP I 417 -33.62 110.38 -18.73
C ASP I 417 -33.11 109.36 -17.68
N CYS I 418 -33.83 108.25 -17.49
CA CYS I 418 -33.41 107.17 -16.59
C CYS I 418 -32.14 106.43 -17.03
N LEU I 419 -31.91 106.37 -18.35
CA LEU I 419 -30.78 105.61 -18.90
C LEU I 419 -29.39 106.17 -18.54
N SER I 420 -29.30 107.49 -18.37
CA SER I 420 -28.06 108.17 -17.96
C SER I 420 -27.84 108.25 -16.43
N GLN I 421 -28.89 108.02 -15.63
CA GLN I 421 -28.80 108.01 -14.17
C GLN I 421 -28.22 106.69 -13.62
N ASP I 422 -27.85 106.73 -12.34
CA ASP I 422 -27.36 105.55 -11.60
C ASP I 422 -28.46 104.47 -11.54
N PRO I 423 -28.17 103.23 -12.01
CA PRO I 423 -29.15 102.12 -11.96
C PRO I 423 -29.90 101.89 -10.64
N GLU I 424 -29.28 102.21 -9.49
CA GLU I 424 -29.94 102.10 -8.19
C GLU I 424 -31.01 103.19 -7.95
N SER I 425 -30.92 104.32 -8.66
CA SER I 425 -31.84 105.45 -8.45
C SER I 425 -33.30 105.07 -8.75
N PRO I 426 -34.28 105.79 -8.13
CA PRO I 426 -35.69 105.41 -8.21
C PRO I 426 -36.27 105.22 -9.62
N LYS I 427 -35.90 106.10 -10.55
CA LYS I 427 -36.47 106.07 -11.91
C LYS I 427 -36.04 104.88 -12.77
N PRO I 428 -34.74 104.62 -12.95
CA PRO I 428 -34.35 103.42 -13.70
C PRO I 428 -34.71 102.11 -13.01
N LYS I 429 -34.69 102.11 -11.67
CA LYS I 429 -35.10 100.95 -10.87
C LYS I 429 -36.60 100.70 -11.00
N PHE I 430 -37.39 101.78 -11.07
CA PHE I 430 -38.82 101.67 -11.39
C PHE I 430 -39.01 100.97 -12.74
N VAL I 431 -38.29 101.43 -13.76
CA VAL I 431 -38.48 100.90 -15.11
C VAL I 431 -38.04 99.44 -15.21
N ARG I 432 -36.92 99.09 -14.56
CA ARG I 432 -36.45 97.69 -14.56
C ARG I 432 -37.49 96.74 -13.98
N GLU I 433 -38.02 97.10 -12.83
CA GLU I 433 -39.01 96.28 -12.11
C GLU I 433 -40.34 96.19 -12.86
N VAL I 434 -40.77 97.30 -13.48
CA VAL I 434 -41.98 97.32 -14.30
C VAL I 434 -41.86 96.32 -15.44
N LEU I 435 -40.72 96.34 -16.11
CA LEU I 435 -40.47 95.44 -17.23
C LEU I 435 -40.34 93.98 -16.78
N GLU I 436 -39.72 93.77 -15.61
CA GLU I 436 -39.67 92.45 -14.98
C GLU I 436 -41.09 91.95 -14.67
N LYS I 437 -41.95 92.85 -14.18
CA LYS I 437 -43.34 92.52 -13.91
C LYS I 437 -44.17 92.28 -15.17
N CYS I 438 -43.88 93.05 -16.22
CA CYS I 438 -44.51 92.82 -17.53
C CYS I 438 -44.17 91.44 -18.08
N MET I 439 -42.90 91.03 -17.97
CA MET I 439 -42.44 89.71 -18.43
C MET I 439 -43.24 88.57 -17.80
N ARG I 440 -43.55 88.68 -16.51
CA ARG I 440 -44.30 87.64 -15.80
C ARG I 440 -45.71 87.45 -16.34
N LEU I 441 -46.35 88.56 -16.72
CA LEU I 441 -47.67 88.55 -17.35
C LEU I 441 -47.63 88.17 -18.83
N SER I 442 -46.45 88.24 -19.44
CA SER I 442 -46.23 87.99 -20.86
C SER I 442 -45.17 86.87 -21.02
N TYR I 443 -44.15 87.12 -21.84
CA TYR I 443 -42.95 86.25 -21.94
C TYR I 443 -41.73 87.09 -22.35
N HIS I 444 -40.52 86.55 -22.16
CA HIS I 444 -39.26 87.30 -22.34
C HIS I 444 -39.19 88.06 -23.67
N GLN I 445 -39.48 87.36 -24.77
CA GLN I 445 -39.32 87.93 -26.12
C GLN I 445 -40.27 89.11 -26.38
N ARG I 446 -41.50 89.04 -25.85
CA ARG I 446 -42.52 90.08 -26.09
C ARG I 446 -42.13 91.41 -25.44
N ILE I 447 -41.37 91.36 -24.35
CA ILE I 447 -40.91 92.57 -23.65
C ILE I 447 -39.75 93.22 -24.40
N LEU I 448 -38.86 92.41 -24.96
CA LEU I 448 -37.78 92.91 -25.86
C LEU I 448 -38.31 93.68 -27.06
N ASP I 449 -39.45 93.23 -27.60
CA ASP I 449 -40.08 93.86 -28.78
C ASP I 449 -40.67 95.24 -28.42
N ILE I 450 -41.52 95.28 -27.39
CA ILE I 450 -42.30 96.49 -27.06
C ILE I 450 -41.51 97.69 -26.51
N VAL I 451 -40.24 97.50 -26.18
CA VAL I 451 -39.37 98.61 -25.77
C VAL I 451 -38.41 99.02 -26.90
N PRO I 452 -38.02 100.31 -26.94
CA PRO I 452 -36.91 100.75 -27.80
C PRO I 452 -35.60 99.95 -27.57
N PRO I 453 -34.73 99.84 -28.60
CA PRO I 453 -33.42 99.19 -28.38
C PRO I 453 -32.51 99.86 -27.34
N THR I 454 -32.69 101.15 -27.04
CA THR I 454 -31.95 101.82 -25.94
C THR I 454 -32.37 101.34 -24.53
N PHE I 455 -33.59 100.79 -24.42
CA PHE I 455 -34.14 100.28 -23.13
C PHE I 455 -33.86 98.81 -22.81
N SER I 456 -33.36 98.02 -23.78
CA SER I 456 -33.10 96.59 -23.54
C SER I 456 -31.93 96.29 -22.58
N ALA I 457 -31.15 97.31 -22.20
CA ALA I 457 -30.27 97.24 -21.03
C ALA I 457 -31.08 97.04 -19.74
N LEU I 458 -32.17 97.80 -19.61
CA LEU I 458 -33.06 97.72 -18.43
C LEU I 458 -34.04 96.52 -18.46
N CYS I 459 -34.10 95.77 -19.57
CA CYS I 459 -34.95 94.56 -19.65
C CYS I 459 -34.44 93.44 -18.74
N PRO I 460 -35.35 92.54 -18.33
CA PRO I 460 -35.06 91.40 -17.47
C PRO I 460 -34.40 90.26 -18.23
N VAL I 461 -33.60 89.46 -17.55
CA VAL I 461 -32.90 88.34 -18.18
C VAL I 461 -33.81 87.16 -18.43
N ASN I 462 -33.46 86.35 -19.43
CA ASN I 462 -34.24 85.17 -19.75
C ASN I 462 -34.32 84.29 -18.53
N PRO I 463 -35.52 83.83 -18.19
CA PRO I 463 -35.72 83.02 -16.98
C PRO I 463 -35.38 81.54 -17.21
N THR I 464 -34.09 81.21 -17.10
CA THR I 464 -33.58 79.85 -17.35
C THR I 464 -32.84 79.26 -16.17
N CYS I 465 -32.85 77.92 -16.14
CA CYS I 465 -32.20 77.13 -15.12
C CYS I 465 -30.68 77.20 -15.27
N ILE I 466 -29.96 77.38 -14.17
CA ILE I 466 -28.49 77.27 -14.14
C ILE I 466 -28.14 75.95 -13.45
N TYR I 467 -27.83 74.92 -14.25
CA TYR I 467 -27.44 73.61 -13.75
C TYR I 467 -25.91 73.49 -13.66
N LYS I 468 -25.44 72.89 -12.57
CA LYS I 468 -23.98 72.80 -12.31
C LYS I 468 -23.38 71.49 -12.85
N TYR I 469 -24.10 70.38 -12.76
CA TYR I 469 -23.50 69.08 -13.08
C TYR I 469 -23.84 68.56 -14.50
N GLY I 470 -23.55 69.39 -15.51
CA GLY I 470 -23.88 69.08 -16.91
C GLY I 470 -22.94 69.70 -17.95
N ASP I 471 -23.34 70.84 -18.52
CA ASP I 471 -22.70 71.42 -19.71
C ASP I 471 -21.23 71.87 -19.53
N GLU I 472 -21.02 73.07 -18.98
CA GLU I 472 -19.69 73.70 -18.93
C GLU I 472 -18.76 73.15 -17.83
N SER I 473 -19.28 72.30 -16.93
CA SER I 473 -18.53 71.89 -15.74
C SER I 473 -17.37 70.93 -16.00
N SER I 474 -16.24 71.21 -15.35
CA SER I 474 -15.09 70.29 -15.32
C SER I 474 -15.40 69.15 -14.36
N ASN I 475 -15.02 67.93 -14.72
CA ASN I 475 -15.40 66.73 -13.95
C ASN I 475 -14.70 66.56 -12.60
N SER I 476 -13.67 67.37 -12.32
CA SER I 476 -13.02 67.42 -11.01
C SER I 476 -13.74 68.29 -9.95
N LEU I 477 -14.92 68.84 -10.28
CA LEU I 477 -15.84 69.42 -9.28
C LEU I 477 -16.35 68.29 -8.40
N PRO I 478 -16.10 68.35 -7.06
CA PRO I 478 -16.52 67.25 -6.19
C PRO I 478 -17.98 66.86 -6.41
N GLY I 479 -18.22 65.56 -6.46
CA GLY I 479 -19.52 65.02 -6.73
C GLY I 479 -20.02 65.17 -8.14
N HIS I 480 -19.12 65.16 -9.14
CA HIS I 480 -19.50 65.21 -10.55
C HIS I 480 -20.20 63.93 -11.01
N SER I 481 -19.60 62.79 -10.67
CA SER I 481 -20.16 61.47 -11.01
C SER I 481 -21.41 61.11 -10.21
N VAL I 482 -21.59 61.73 -9.04
CA VAL I 482 -22.74 61.43 -8.16
C VAL I 482 -24.03 62.01 -8.75
N ALA I 483 -23.92 63.24 -9.27
CA ALA I 483 -25.03 63.90 -9.97
C ALA I 483 -25.47 63.16 -11.25
N LEU I 484 -24.52 62.52 -11.92
CA LEU I 484 -24.83 61.67 -13.09
C LEU I 484 -25.62 60.41 -12.70
N CYS I 485 -25.31 59.83 -11.53
CA CYS I 485 -26.05 58.68 -10.99
C CYS I 485 -27.50 59.02 -10.64
N LEU I 486 -27.68 60.12 -9.90
CA LEU I 486 -29.02 60.63 -9.53
C LEU I 486 -29.86 60.95 -10.78
N ALA I 487 -29.23 61.57 -11.77
CA ALA I 487 -29.88 61.87 -13.06
C ALA I 487 -30.55 60.64 -13.66
N VAL I 488 -29.82 59.52 -13.66
CA VAL I 488 -30.34 58.23 -14.17
C VAL I 488 -31.48 57.69 -13.30
N ALA I 489 -31.34 57.80 -11.98
CA ALA I 489 -32.33 57.29 -11.02
C ALA I 489 -33.68 58.01 -11.07
N PHE I 490 -33.65 59.34 -11.21
CA PHE I 490 -34.88 60.14 -11.38
C PHE I 490 -35.59 59.78 -12.68
N LYS I 491 -34.82 59.79 -13.78
CA LYS I 491 -35.32 59.41 -15.12
C LYS I 491 -35.96 58.02 -15.15
N SER I 492 -35.36 57.07 -14.42
CA SER I 492 -35.84 55.68 -14.38
C SER I 492 -36.99 55.40 -13.40
N LYS I 493 -37.59 56.45 -12.82
CA LYS I 493 -38.76 56.33 -11.92
C LYS I 493 -38.41 55.55 -10.65
N ALA I 494 -37.35 55.99 -9.97
CA ALA I 494 -36.86 55.33 -8.75
C ALA I 494 -37.60 55.80 -7.51
N THR I 495 -37.51 54.99 -6.45
CA THR I 495 -38.13 55.26 -5.15
C THR I 495 -37.22 56.14 -4.27
N ASN I 496 -37.78 56.65 -3.17
CA ASN I 496 -37.03 57.50 -2.21
C ASN I 496 -35.83 56.76 -1.58
N ASP I 497 -36.04 55.47 -1.28
CA ASP I 497 -34.99 54.58 -0.72
C ASP I 497 -33.74 54.54 -1.60
N GLU I 498 -33.94 54.45 -2.91
CA GLU I 498 -32.84 54.35 -3.87
C GLU I 498 -32.08 55.66 -4.04
N ILE I 499 -32.81 56.78 -4.08
CA ILE I 499 -32.18 58.11 -4.17
C ILE I 499 -31.38 58.43 -2.90
N PHE I 500 -31.92 58.09 -1.74
CA PHE I 500 -31.22 58.25 -0.46
C PHE I 500 -29.96 57.38 -0.40
N SER I 501 -30.06 56.17 -0.96
CA SER I 501 -28.92 55.24 -1.03
C SER I 501 -27.77 55.76 -1.91
N ILE I 502 -28.12 56.37 -3.04
CA ILE I 502 -27.14 56.96 -3.97
C ILE I 502 -26.37 58.14 -3.34
N LEU I 503 -27.02 58.88 -2.44
CA LEU I 503 -26.38 60.02 -1.76
C LEU I 503 -25.37 59.64 -0.67
N LYS I 504 -25.19 58.34 -0.39
CA LYS I 504 -24.15 57.87 0.54
C LYS I 504 -22.74 58.20 0.02
N ASP I 505 -22.52 58.02 -1.28
CA ASP I 505 -21.20 58.24 -1.92
C ASP I 505 -20.93 59.72 -2.24
N VAL I 506 -20.66 60.53 -1.21
CA VAL I 506 -20.39 61.96 -1.39
C VAL I 506 -19.29 62.42 -0.42
N PRO I 507 -18.20 63.04 -0.95
CA PRO I 507 -17.12 63.52 -0.05
C PRO I 507 -17.48 64.80 0.72
N ASN I 508 -17.20 64.79 2.02
CA ASN I 508 -17.50 65.92 2.93
C ASN I 508 -16.25 66.82 3.12
N PRO I 509 -16.34 68.13 2.77
CA PRO I 509 -15.28 69.08 3.14
C PRO I 509 -15.49 69.68 4.53
N ASN I 522 -23.30 67.67 6.00
CA ASN I 522 -22.76 67.51 4.66
C ASN I 522 -23.47 68.43 3.64
N PRO I 523 -22.87 69.60 3.31
CA PRO I 523 -23.51 70.53 2.37
C PRO I 523 -23.49 70.10 0.88
N LEU I 524 -22.62 69.17 0.52
CA LEU I 524 -22.53 68.70 -0.86
C LEU I 524 -23.59 67.66 -1.22
N LYS I 525 -24.15 66.97 -0.22
CA LYS I 525 -25.30 66.06 -0.43
C LYS I 525 -26.53 66.81 -0.93
N ILE I 526 -26.80 67.95 -0.30
CA ILE I 526 -27.92 68.82 -0.67
C ILE I 526 -27.66 69.44 -2.04
N GLU I 527 -26.45 69.93 -2.26
CA GLU I 527 -26.05 70.57 -3.51
C GLU I 527 -26.29 69.70 -4.74
N VAL I 528 -25.82 68.46 -4.70
CA VAL I 528 -26.02 67.51 -5.82
C VAL I 528 -27.46 67.01 -5.94
N PHE I 529 -28.20 66.96 -4.83
CA PHE I 529 -29.61 66.54 -4.87
C PHE I 529 -30.53 67.62 -5.43
N VAL I 530 -30.39 68.85 -4.91
CA VAL I 530 -31.27 69.96 -5.29
C VAL I 530 -31.04 70.35 -6.77
N GLN I 531 -29.77 70.58 -7.12
CA GLN I 531 -29.38 70.92 -8.51
C GLN I 531 -29.97 69.97 -9.56
N THR I 532 -29.91 68.67 -9.28
CA THR I 532 -30.34 67.62 -10.20
C THR I 532 -31.87 67.51 -10.30
N LEU I 533 -32.54 67.56 -9.15
CA LEU I 533 -34.00 67.43 -9.12
C LEU I 533 -34.72 68.63 -9.74
N LEU I 534 -34.21 69.83 -9.48
CA LEU I 534 -34.77 71.07 -10.05
C LEU I 534 -34.46 71.23 -11.53
N HIS I 535 -33.28 70.81 -11.97
CA HIS I 535 -32.92 70.78 -13.40
C HIS I 535 -33.86 69.87 -14.20
N LEU I 536 -34.12 68.67 -13.69
CA LEU I 536 -35.00 67.71 -14.36
C LEU I 536 -36.49 68.03 -14.27
N ALA I 537 -36.87 68.93 -13.36
CA ALA I 537 -38.25 69.41 -13.24
C ALA I 537 -38.40 70.90 -13.60
N ALA I 538 -37.46 71.42 -14.40
CA ALA I 538 -37.41 72.86 -14.75
C ALA I 538 -38.39 73.29 -15.86
N LYS I 539 -39.21 72.35 -16.35
CA LYS I 539 -40.07 72.61 -17.50
C LYS I 539 -41.24 73.54 -17.14
N SER I 540 -41.81 73.36 -15.95
CA SER I 540 -42.91 74.21 -15.48
C SER I 540 -42.98 74.26 -13.94
N PHE I 541 -43.93 75.04 -13.44
CA PHE I 541 -44.23 75.08 -12.00
C PHE I 541 -44.84 73.75 -11.52
N SER I 542 -45.73 73.16 -12.32
CA SER I 542 -46.36 71.86 -11.97
C SER I 542 -45.36 70.71 -11.88
N HIS I 543 -44.36 70.70 -12.77
CA HIS I 543 -43.30 69.68 -12.72
C HIS I 543 -42.41 69.85 -11.50
N SER I 544 -41.98 71.09 -11.25
CA SER I 544 -41.20 71.41 -10.04
C SER I 544 -41.97 71.13 -8.74
N PHE I 545 -43.28 71.37 -8.73
CA PHE I 545 -44.13 71.03 -7.57
C PHE I 545 -44.32 69.52 -7.42
N SER I 546 -44.39 68.79 -8.53
CA SER I 546 -44.47 67.34 -8.48
C SER I 546 -43.17 66.71 -7.96
N ALA I 547 -42.03 67.32 -8.30
CA ALA I 547 -40.72 66.89 -7.81
C ALA I 547 -40.56 66.99 -6.29
N LEU I 548 -40.95 68.14 -5.73
CA LEU I 548 -40.90 68.36 -4.27
C LEU I 548 -41.82 67.38 -3.53
N ALA I 549 -42.98 67.11 -4.09
CA ALA I 549 -43.94 66.19 -3.47
C ALA I 549 -43.47 64.73 -3.53
N LYS I 550 -42.91 64.32 -4.67
CA LYS I 550 -42.49 62.93 -4.88
C LYS I 550 -41.31 62.54 -3.99
N PHE I 551 -40.31 63.44 -3.90
CA PHE I 551 -39.12 63.24 -3.06
C PHE I 551 -39.13 64.14 -1.81
N HIS I 552 -40.31 64.24 -1.20
CA HIS I 552 -40.55 65.05 0.01
C HIS I 552 -39.73 64.53 1.18
N GLU I 553 -39.69 63.21 1.32
CA GLU I 553 -38.98 62.56 2.42
C GLU I 553 -37.47 62.72 2.32
N VAL I 554 -36.92 62.76 1.11
CA VAL I 554 -35.49 63.00 0.92
C VAL I 554 -35.13 64.45 1.31
N PHE I 555 -36.01 65.38 0.96
CA PHE I 555 -35.85 66.79 1.35
C PHE I 555 -35.88 66.99 2.87
N LYS I 556 -36.89 66.41 3.52
CA LYS I 556 -37.04 66.50 4.99
C LYS I 556 -35.85 65.95 5.76
N THR I 557 -35.27 64.85 5.27
CA THR I 557 -34.10 64.25 5.90
C THR I 557 -32.87 65.12 5.71
N LEU I 558 -32.67 65.62 4.48
CA LEU I 558 -31.51 66.48 4.18
C LEU I 558 -31.55 67.85 4.87
N ALA I 559 -32.74 68.35 5.19
CA ALA I 559 -32.89 69.70 5.74
C ALA I 559 -33.71 69.75 7.03
N GLU I 560 -33.47 68.79 7.94
CA GLU I 560 -34.05 68.85 9.28
C GLU I 560 -33.20 69.72 10.19
N SER I 561 -31.90 69.78 9.89
CA SER I 561 -31.00 70.76 10.51
C SER I 561 -31.38 72.19 10.11
N ASP I 562 -31.17 73.15 11.02
CA ASP I 562 -31.37 74.59 10.69
C ASP I 562 -30.42 75.06 9.61
N GLU I 563 -29.15 74.67 9.69
CA GLU I 563 -28.16 74.98 8.65
C GLU I 563 -28.37 74.17 7.37
N GLY I 564 -29.06 73.04 7.48
CA GLY I 564 -29.54 72.27 6.32
C GLY I 564 -30.65 72.97 5.55
N LYS I 565 -31.57 73.64 6.25
CA LYS I 565 -32.61 74.45 5.62
C LYS I 565 -31.98 75.62 4.86
N LEU I 566 -31.12 76.38 5.54
CA LEU I 566 -30.40 77.52 4.94
C LEU I 566 -29.65 77.15 3.66
N HIS I 567 -29.11 75.93 3.60
CA HIS I 567 -28.35 75.48 2.44
C HIS I 567 -29.26 75.06 1.27
N VAL I 568 -30.43 74.48 1.57
CA VAL I 568 -31.43 74.16 0.53
C VAL I 568 -31.89 75.43 -0.19
N LEU I 569 -32.09 76.51 0.57
CA LEU I 569 -32.44 77.81 0.00
C LEU I 569 -31.29 78.42 -0.80
N ARG I 570 -30.07 78.32 -0.27
CA ARG I 570 -28.88 78.82 -0.97
C ARG I 570 -28.64 78.13 -2.32
N VAL I 571 -28.82 76.81 -2.37
CA VAL I 571 -28.64 76.03 -3.62
C VAL I 571 -29.76 76.35 -4.61
N MET I 572 -30.99 76.23 -4.14
CA MET I 572 -32.20 76.54 -4.91
C MET I 572 -32.14 77.95 -5.55
N PHE I 573 -31.56 78.92 -4.84
CA PHE I 573 -31.30 80.25 -5.41
C PHE I 573 -30.31 80.19 -6.58
N GLU I 574 -29.18 79.51 -6.37
CA GLU I 574 -28.13 79.39 -7.41
C GLU I 574 -28.60 78.68 -8.69
N VAL I 575 -29.59 77.79 -8.57
CA VAL I 575 -30.24 77.17 -9.72
C VAL I 575 -31.14 78.18 -10.44
N TRP I 576 -31.97 78.90 -9.69
CA TRP I 576 -33.05 79.71 -10.24
C TRP I 576 -32.89 81.23 -10.07
N ARG I 577 -31.67 81.72 -9.88
CA ARG I 577 -31.46 83.17 -9.72
C ARG I 577 -31.88 84.02 -10.92
N ASN I 578 -32.02 83.42 -12.09
CA ASN I 578 -32.56 84.09 -13.27
C ASN I 578 -34.10 84.12 -13.32
N HIS I 579 -34.78 83.28 -12.53
CA HIS I 579 -36.24 83.18 -12.54
C HIS I 579 -36.87 83.48 -11.16
N PRO I 580 -36.79 84.75 -10.70
CA PRO I 580 -37.38 85.20 -9.44
C PRO I 580 -38.76 84.64 -9.09
N GLN I 581 -39.63 84.50 -10.08
CA GLN I 581 -40.97 83.96 -9.84
C GLN I 581 -40.92 82.51 -9.36
N MET I 582 -40.04 81.70 -9.94
CA MET I 582 -39.85 80.30 -9.55
C MET I 582 -39.30 80.19 -8.13
N ILE I 583 -38.34 81.05 -7.79
CA ILE I 583 -37.82 81.12 -6.42
C ILE I 583 -38.98 81.29 -5.44
N ALA I 584 -39.82 82.29 -5.72
CA ALA I 584 -40.94 82.65 -4.85
C ALA I 584 -41.93 81.53 -4.67
N VAL I 585 -42.34 80.88 -5.75
CA VAL I 585 -43.31 79.78 -5.64
C VAL I 585 -42.71 78.49 -5.05
N LEU I 586 -41.40 78.33 -5.14
CA LEU I 586 -40.72 77.18 -4.52
C LEU I 586 -40.59 77.38 -3.02
N VAL I 587 -40.05 78.54 -2.62
CA VAL I 587 -39.95 78.94 -1.21
C VAL I 587 -41.30 78.78 -0.52
N ASP I 588 -42.36 79.15 -1.22
CA ASP I 588 -43.73 78.99 -0.73
C ASP I 588 -44.09 77.53 -0.47
N LYS I 589 -43.81 76.66 -1.44
CA LYS I 589 -44.13 75.24 -1.32
C LYS I 589 -43.27 74.58 -0.25
N MET I 590 -42.00 74.99 -0.18
CA MET I 590 -41.08 74.45 0.82
C MET I 590 -41.52 74.80 2.25
N ILE I 591 -42.08 76.00 2.45
CA ILE I 591 -42.63 76.39 3.75
C ILE I 591 -43.93 75.62 4.05
N ARG I 592 -44.78 75.47 3.04
CA ARG I 592 -46.08 74.80 3.21
C ARG I 592 -45.95 73.30 3.54
N THR I 593 -44.94 72.65 3.00
CA THR I 593 -44.70 71.22 3.23
C THR I 593 -43.61 70.95 4.30
N GLN I 594 -43.16 72.03 4.96
CA GLN I 594 -42.18 71.99 6.06
C GLN I 594 -40.78 71.53 5.70
N ILE I 595 -40.40 71.63 4.41
CA ILE I 595 -39.01 71.42 3.99
C ILE I 595 -38.15 72.43 4.76
N VAL I 596 -38.57 73.70 4.70
CA VAL I 596 -37.98 74.77 5.53
C VAL I 596 -39.05 75.39 6.41
N ASP I 597 -38.62 76.30 7.28
CA ASP I 597 -39.54 77.10 8.11
C ASP I 597 -39.33 78.59 7.86
N CYS I 598 -40.26 79.39 8.35
CA CYS I 598 -40.24 80.83 8.13
C CYS I 598 -38.96 81.49 8.61
N ALA I 599 -38.42 81.01 9.74
CA ALA I 599 -37.18 81.55 10.30
C ALA I 599 -35.98 81.36 9.36
N ALA I 600 -35.90 80.19 8.74
CA ALA I 600 -34.85 79.91 7.75
C ALA I 600 -34.90 80.90 6.61
N VAL I 601 -36.11 81.09 6.07
CA VAL I 601 -36.35 82.01 4.94
C VAL I 601 -36.04 83.46 5.31
N ALA I 602 -36.34 83.84 6.56
CA ALA I 602 -36.04 85.18 7.03
C ALA I 602 -34.52 85.44 7.04
N ASN I 603 -33.77 84.54 7.63
CA ASN I 603 -32.29 84.64 7.67
C ASN I 603 -31.68 84.62 6.27
N TRP I 604 -32.16 83.69 5.45
CA TRP I 604 -31.77 83.57 4.04
C TRP I 604 -31.91 84.88 3.23
N ILE I 605 -32.95 85.66 3.51
CA ILE I 605 -33.21 86.93 2.82
C ILE I 605 -32.20 88.01 3.21
N PHE I 606 -31.83 88.07 4.48
CA PHE I 606 -30.82 89.02 4.94
C PHE I 606 -29.38 88.51 4.81
N SER I 607 -29.20 87.28 4.32
CA SER I 607 -27.85 86.72 4.11
C SER I 607 -27.10 87.41 2.97
N SER I 608 -25.81 87.10 2.86
CA SER I 608 -24.93 87.71 1.86
C SER I 608 -25.18 87.22 0.42
N GLU I 609 -25.76 86.03 0.25
CA GLU I 609 -26.07 85.49 -1.09
C GLU I 609 -27.10 86.30 -1.86
N LEU I 610 -28.02 86.95 -1.13
CA LEU I 610 -29.02 87.87 -1.70
C LEU I 610 -28.66 89.34 -1.45
N SER I 611 -27.37 89.63 -1.25
CA SER I 611 -26.90 90.99 -0.94
C SER I 611 -26.96 91.88 -2.16
N ARG I 612 -26.62 91.32 -3.33
CA ARG I 612 -26.70 92.00 -4.62
C ARG I 612 -28.15 92.29 -5.04
N ASP I 613 -29.05 91.37 -4.71
CA ASP I 613 -30.48 91.43 -5.11
C ASP I 613 -31.41 91.95 -4.00
N PHE I 614 -30.84 92.55 -2.95
CA PHE I 614 -31.57 92.96 -1.74
C PHE I 614 -32.58 94.08 -1.99
N THR I 615 -32.23 95.01 -2.89
CA THR I 615 -33.11 96.11 -3.28
C THR I 615 -34.20 95.72 -4.28
N ARG I 616 -34.08 94.56 -4.91
CA ARG I 616 -35.07 94.08 -5.87
C ARG I 616 -36.36 93.66 -5.17
N LEU I 617 -37.48 93.74 -5.88
CA LEU I 617 -38.81 93.53 -5.32
C LEU I 617 -39.04 92.09 -4.86
N PHE I 618 -38.66 91.11 -5.68
CA PHE I 618 -39.00 89.70 -5.40
C PHE I 618 -38.55 89.22 -4.01
N VAL I 619 -37.44 89.75 -3.51
CA VAL I 619 -36.97 89.48 -2.14
C VAL I 619 -38.10 89.77 -1.15
N TRP I 620 -38.67 90.95 -1.27
CA TRP I 620 -39.69 91.43 -0.31
C TRP I 620 -41.06 90.81 -0.57
N GLU I 621 -41.33 90.39 -1.80
CA GLU I 621 -42.50 89.54 -2.07
C GLU I 621 -42.39 88.26 -1.27
N ILE I 622 -41.20 87.65 -1.29
CA ILE I 622 -40.96 86.37 -0.60
C ILE I 622 -41.03 86.56 0.92
N LEU I 623 -40.44 87.64 1.43
CA LEU I 623 -40.52 87.90 2.86
C LEU I 623 -41.96 88.09 3.31
N HIS I 624 -42.71 88.93 2.61
CA HIS I 624 -44.08 89.24 3.02
C HIS I 624 -44.99 88.05 2.85
N SER I 625 -44.77 87.27 1.79
CA SER I 625 -45.54 86.04 1.57
C SER I 625 -45.28 85.10 2.73
N THR I 626 -44.02 84.98 3.11
CA THR I 626 -43.61 84.17 4.25
C THR I 626 -44.29 84.64 5.55
N ILE I 627 -44.23 85.94 5.82
CA ILE I 627 -44.90 86.52 7.00
C ILE I 627 -46.41 86.23 6.99
N ARG I 628 -47.05 86.33 5.81
CA ARG I 628 -48.48 86.05 5.67
C ARG I 628 -48.85 84.60 6.01
N LYS I 629 -48.06 83.64 5.51
CA LYS I 629 -48.27 82.22 5.83
C LYS I 629 -48.20 82.00 7.34
N MET I 630 -47.23 82.64 7.98
CA MET I 630 -47.09 82.61 9.44
C MET I 630 -48.32 83.16 10.13
N ASN I 631 -48.79 84.33 9.69
CA ASN I 631 -49.93 84.98 10.33
C ASN I 631 -51.23 84.17 10.14
N LYS I 632 -51.37 83.54 8.98
CA LYS I 632 -52.55 82.70 8.69
C LYS I 632 -52.53 81.39 9.45
N HIS I 633 -51.34 80.82 9.61
CA HIS I 633 -51.14 79.62 10.42
C HIS I 633 -51.59 79.83 11.86
N VAL I 634 -51.27 81.00 12.44
CA VAL I 634 -51.72 81.35 13.79
C VAL I 634 -53.25 81.48 13.80
N LEU I 635 -53.79 82.16 12.80
CA LEU I 635 -55.23 82.41 12.72
C LEU I 635 -56.04 81.12 12.61
N LYS I 636 -55.56 80.18 11.81
CA LYS I 636 -56.23 78.88 11.63
C LYS I 636 -56.26 78.08 12.92
N ILE I 637 -55.13 78.04 13.62
CA ILE I 637 -55.04 77.36 14.93
C ILE I 637 -55.95 78.08 15.93
N GLN I 638 -56.01 79.42 15.87
CA GLN I 638 -56.89 80.20 16.75
C GLN I 638 -58.39 79.94 16.53
N LYS I 639 -58.78 79.68 15.29
CA LYS I 639 -60.19 79.42 14.97
C LYS I 639 -60.60 77.96 15.19
N GLU I 640 -59.66 77.02 15.08
CA GLU I 640 -59.89 75.65 15.55
C GLU I 640 -60.14 75.61 17.06
N LEU I 641 -59.53 76.55 17.79
CA LEU I 641 -59.75 76.70 19.23
C LEU I 641 -61.16 77.20 19.56
N GLU I 642 -61.62 78.27 18.92
CA GLU I 642 -62.99 78.79 19.18
C GLU I 642 -64.11 77.92 18.62
N GLU I 643 -63.85 77.20 17.52
CA GLU I 643 -64.79 76.19 17.00
C GLU I 643 -64.92 74.96 17.92
N ALA I 644 -63.90 74.72 18.74
CA ALA I 644 -63.98 73.68 19.78
C ALA I 644 -64.68 74.18 21.06
N LYS I 645 -64.41 75.43 21.46
CA LYS I 645 -65.05 76.05 22.65
C LYS I 645 -66.55 76.32 22.45
N GLU I 646 -66.94 76.72 21.24
CA GLU I 646 -68.36 76.87 20.88
C GLU I 646 -69.07 75.51 20.80
N LYS I 647 -68.36 74.46 20.37
CA LYS I 647 -68.88 73.09 20.42
C LYS I 647 -69.09 72.59 21.86
N LEU I 648 -68.25 73.06 22.78
CA LEU I 648 -68.43 72.77 24.22
C LEU I 648 -69.66 73.50 24.81
N ALA I 649 -69.88 74.75 24.40
CA ALA I 649 -71.01 75.55 24.89
C ALA I 649 -72.38 75.03 24.42
N ARG I 650 -72.45 74.56 23.17
CA ARG I 650 -73.67 73.92 22.63
C ARG I 650 -74.03 72.62 23.35
N GLN I 651 -73.01 71.82 23.66
CA GLN I 651 -73.20 70.53 24.36
C GLN I 651 -73.62 70.73 25.83
N HIS I 652 -73.21 71.85 26.45
CA HIS I 652 -73.69 72.26 27.78
C HIS I 652 -74.91 73.18 27.65
N ARG I 665 -68.96 61.91 29.66
CA ARG I 665 -68.00 60.98 29.04
C ARG I 665 -67.34 61.59 27.80
N LYS I 666 -68.16 62.11 26.88
CA LYS I 666 -67.66 62.81 25.68
C LYS I 666 -67.16 64.24 25.96
N ASP I 667 -67.74 64.91 26.95
CA ASP I 667 -67.31 66.28 27.35
C ASP I 667 -65.94 66.32 28.05
N GLY I 668 -65.57 65.22 28.71
CA GLY I 668 -64.23 65.07 29.30
C GLY I 668 -63.10 64.91 28.30
N VAL I 669 -63.42 64.45 27.08
CA VAL I 669 -62.45 64.29 26.00
C VAL I 669 -62.31 65.59 25.21
N LEU I 670 -63.44 66.23 24.89
CA LEU I 670 -63.45 67.50 24.15
C LEU I 670 -62.78 68.64 24.90
N GLU I 671 -62.91 68.66 26.22
CA GLU I 671 -62.28 69.69 27.06
C GLU I 671 -60.74 69.52 27.14
N GLU I 672 -60.26 68.29 26.94
CA GLU I 672 -58.82 68.00 26.85
C GLU I 672 -58.24 68.31 25.46
N GLN I 673 -59.08 68.31 24.42
CA GLN I 673 -58.69 68.84 23.10
C GLN I 673 -58.49 70.36 23.13
N ILE I 674 -59.28 71.06 23.93
CA ILE I 674 -59.14 72.51 24.15
C ILE I 674 -57.82 72.84 24.84
N GLU I 675 -57.42 72.05 25.83
CA GLU I 675 -56.11 72.23 26.48
C GLU I 675 -54.95 72.02 25.49
N ARG I 676 -55.11 71.09 24.54
CA ARG I 676 -54.11 70.90 23.49
C ARG I 676 -54.03 72.05 22.51
N LEU I 677 -55.17 72.56 22.07
CA LEU I 677 -55.22 73.68 21.12
C LEU I 677 -54.70 74.99 21.71
N GLN I 678 -54.99 75.26 22.98
CA GLN I 678 -54.40 76.44 23.68
C GLN I 678 -52.87 76.36 23.74
N GLU I 679 -52.33 75.15 23.80
CA GLU I 679 -50.88 74.93 23.74
C GLU I 679 -50.32 75.17 22.33
N LYS I 680 -51.04 74.69 21.31
CA LYS I 680 -50.65 74.89 19.91
C LYS I 680 -50.70 76.36 19.49
N VAL I 681 -51.72 77.09 19.95
CA VAL I 681 -51.83 78.54 19.76
C VAL I 681 -50.60 79.24 20.29
N GLU I 682 -50.23 78.92 21.54
CA GLU I 682 -49.12 79.57 22.22
C GLU I 682 -47.79 79.25 21.56
N SER I 683 -47.62 78.02 21.08
CA SER I 683 -46.40 77.66 20.36
C SER I 683 -46.36 78.35 18.99
N ALA I 684 -47.53 78.47 18.34
CA ALA I 684 -47.65 79.16 17.05
C ALA I 684 -47.41 80.66 17.18
N GLN I 685 -48.06 81.28 18.17
CA GLN I 685 -47.83 82.70 18.49
C GLN I 685 -46.39 82.98 18.88
N SER I 686 -45.75 82.00 19.52
CA SER I 686 -44.34 82.12 19.86
C SER I 686 -43.48 82.10 18.59
N GLU I 687 -43.76 81.16 17.70
CA GLU I 687 -43.06 81.08 16.41
C GLU I 687 -43.24 82.38 15.60
N GLN I 688 -44.46 82.90 15.60
CA GLN I 688 -44.81 84.16 14.95
C GLN I 688 -43.99 85.32 15.49
N LYS I 689 -43.96 85.46 16.82
CA LYS I 689 -43.23 86.53 17.46
C LYS I 689 -41.74 86.48 17.11
N ASN I 690 -41.19 85.28 17.11
CA ASN I 690 -39.77 85.09 16.82
C ASN I 690 -39.41 85.45 15.39
N LEU I 691 -40.33 85.19 14.47
CA LEU I 691 -40.13 85.57 13.07
C LEU I 691 -39.99 87.07 12.89
N PHE I 692 -40.78 87.84 13.63
CA PHE I 692 -40.66 89.30 13.60
C PHE I 692 -39.40 89.77 14.31
N LEU I 693 -39.08 89.17 15.46
CA LEU I 693 -37.86 89.52 16.20
C LEU I 693 -36.61 89.23 15.40
N VAL I 694 -36.58 88.10 14.70
CA VAL I 694 -35.50 87.80 13.76
C VAL I 694 -35.41 88.94 12.74
N ILE I 695 -36.52 89.21 12.04
CA ILE I 695 -36.53 90.21 10.97
C ILE I 695 -36.05 91.56 11.46
N PHE I 696 -36.57 92.02 12.59
CA PHE I 696 -36.18 93.33 13.13
C PHE I 696 -34.70 93.37 13.50
N GLN I 697 -34.21 92.31 14.14
CA GLN I 697 -32.78 92.20 14.50
C GLN I 697 -31.86 92.37 13.30
N ARG I 698 -32.21 91.73 12.20
CA ARG I 698 -31.38 91.75 11.01
C ARG I 698 -31.41 93.13 10.37
N PHE I 699 -32.57 93.80 10.42
CA PHE I 699 -32.69 95.19 9.96
C PHE I 699 -31.80 96.11 10.80
N ILE I 700 -31.94 96.00 12.11
CA ILE I 700 -31.15 96.85 13.04
C ILE I 700 -29.65 96.61 12.85
N MET I 701 -29.26 95.37 12.60
CA MET I 701 -27.87 95.01 12.36
C MET I 701 -27.33 95.69 11.09
N ILE I 702 -27.96 95.41 9.94
CA ILE I 702 -27.44 95.92 8.65
C ILE I 702 -27.62 97.44 8.47
N LEU I 703 -28.61 98.03 9.15
CA LEU I 703 -28.76 99.48 9.17
C LEU I 703 -27.70 100.13 10.05
N THR I 704 -27.42 99.54 11.21
CA THR I 704 -26.34 100.01 12.10
C THR I 704 -24.98 99.90 11.40
N GLU I 705 -24.73 98.75 10.77
CA GLU I 705 -23.51 98.50 9.98
C GLU I 705 -23.25 99.56 8.87
N HIS I 706 -24.33 100.09 8.30
CA HIS I 706 -24.25 101.18 7.31
C HIS I 706 -23.99 102.53 7.98
N LEU I 707 -24.74 102.85 9.03
CA LEU I 707 -24.64 104.14 9.71
C LEU I 707 -23.29 104.36 10.43
N VAL I 708 -22.71 103.28 10.95
CA VAL I 708 -21.36 103.32 11.55
C VAL I 708 -20.30 103.57 10.47
N ARG I 709 -20.34 102.80 9.38
CA ARG I 709 -19.37 102.98 8.28
C ARG I 709 -19.51 104.33 7.54
N CYS I 710 -20.68 104.95 7.60
CA CYS I 710 -20.89 106.27 6.98
C CYS I 710 -20.22 107.41 7.74
N GLU I 711 -20.33 107.41 9.06
CA GLU I 711 -19.62 108.42 9.88
C GLU I 711 -18.11 108.13 9.99
N THR I 712 -17.71 106.86 9.94
CA THR I 712 -16.30 106.47 9.93
C THR I 712 -15.61 106.92 8.63
N ASP I 713 -16.21 106.61 7.49
CA ASP I 713 -15.66 107.01 6.18
C ASP I 713 -16.07 108.43 5.72
N GLY I 714 -16.91 109.11 6.49
CA GLY I 714 -17.34 110.48 6.17
C GLY I 714 -18.29 110.63 4.97
N THR I 715 -18.83 109.51 4.47
CA THR I 715 -19.66 109.49 3.26
C THR I 715 -21.08 109.98 3.57
N SER I 716 -21.90 110.08 2.52
CA SER I 716 -23.32 110.42 2.66
C SER I 716 -24.09 109.23 3.25
N VAL I 717 -25.02 109.55 4.15
CA VAL I 717 -25.88 108.56 4.81
C VAL I 717 -26.97 108.10 3.83
N LEU I 718 -27.64 109.09 3.22
CA LEU I 718 -28.85 108.88 2.43
C LEU I 718 -28.54 108.37 1.01
N THR I 719 -28.01 107.15 0.92
CA THR I 719 -27.72 106.50 -0.38
C THR I 719 -29.01 105.87 -0.94
N PRO I 720 -28.97 105.36 -2.19
CA PRO I 720 -30.09 104.55 -2.69
C PRO I 720 -30.35 103.25 -1.91
N TRP I 721 -29.29 102.53 -1.51
CA TRP I 721 -29.43 101.30 -0.74
C TRP I 721 -30.10 101.55 0.62
N TYR I 722 -29.71 102.63 1.30
CA TYR I 722 -30.30 103.00 2.59
C TYR I 722 -31.79 103.34 2.47
N LYS I 723 -32.15 104.09 1.43
CA LYS I 723 -33.54 104.48 1.19
C LYS I 723 -34.44 103.24 1.12
N ASN I 724 -34.03 102.26 0.31
CA ASN I 724 -34.72 100.98 0.23
C ASN I 724 -34.84 100.35 1.62
N CYS I 725 -33.70 100.10 2.26
CA CYS I 725 -33.65 99.34 3.51
C CYS I 725 -34.48 99.96 4.65
N ILE I 726 -34.28 101.25 4.93
CA ILE I 726 -35.03 101.93 6.00
C ILE I 726 -36.55 101.93 5.75
N GLU I 727 -36.94 102.02 4.47
CA GLU I 727 -38.36 102.02 4.10
C GLU I 727 -38.97 100.61 4.03
N ARG I 728 -38.15 99.59 3.77
CA ARG I 728 -38.59 98.19 3.90
C ARG I 728 -38.78 97.77 5.36
N LEU I 729 -38.01 98.35 6.28
CA LEU I 729 -38.26 98.19 7.71
C LEU I 729 -39.61 98.83 8.05
N GLN I 730 -39.75 100.10 7.67
CA GLN I 730 -41.00 100.85 7.79
C GLN I 730 -42.21 100.08 7.22
N GLN I 731 -42.00 99.37 6.11
CA GLN I 731 -43.03 98.56 5.47
C GLN I 731 -43.54 97.44 6.38
N ILE I 732 -42.63 96.77 7.08
CA ILE I 732 -42.97 95.66 7.99
C ILE I 732 -43.97 96.18 9.04
N PHE I 733 -43.66 97.32 9.65
CA PHE I 733 -44.54 97.95 10.62
C PHE I 733 -45.93 98.30 10.06
N LEU I 734 -45.95 98.85 8.84
CA LEU I 734 -47.20 99.25 8.19
C LEU I 734 -48.07 98.04 7.84
N GLN I 735 -47.46 97.04 7.20
CA GLN I 735 -48.20 95.85 6.81
C GLN I 735 -48.81 95.10 7.98
N HIS I 736 -48.12 95.08 9.12
CA HIS I 736 -48.51 94.22 10.24
C HIS I 736 -48.66 94.93 11.58
N HIS I 737 -49.00 96.22 11.56
CA HIS I 737 -49.03 97.01 12.79
C HIS I 737 -49.87 96.39 13.91
N GLN I 738 -51.00 95.75 13.58
CA GLN I 738 -51.88 95.23 14.63
C GLN I 738 -51.27 94.03 15.36
N ILE I 739 -50.56 93.18 14.62
CA ILE I 739 -49.81 92.07 15.22
C ILE I 739 -48.60 92.56 16.00
N ILE I 740 -47.81 93.46 15.40
CA ILE I 740 -46.61 93.99 16.05
C ILE I 740 -46.93 94.75 17.35
N GLN I 741 -48.10 95.38 17.43
CA GLN I 741 -48.59 95.99 18.70
C GLN I 741 -48.57 95.04 19.90
N GLN I 742 -48.76 93.74 19.67
CA GLN I 742 -48.66 92.75 20.76
C GLN I 742 -47.25 92.62 21.36
N TYR I 743 -46.22 93.08 20.64
CA TYR I 743 -44.83 92.94 21.05
C TYR I 743 -44.18 94.23 21.60
N MET I 744 -44.98 95.18 22.08
CA MET I 744 -44.47 96.52 22.47
C MET I 744 -43.43 96.47 23.58
N VAL I 745 -43.72 95.67 24.60
CA VAL I 745 -42.85 95.55 25.76
C VAL I 745 -41.50 94.95 25.36
N THR I 746 -41.53 93.82 24.65
CA THR I 746 -40.29 93.20 24.17
C THR I 746 -39.51 94.12 23.22
N LEU I 747 -40.20 94.86 22.36
CA LEU I 747 -39.54 95.74 21.39
C LEU I 747 -38.93 96.99 22.03
N GLU I 748 -39.61 97.57 23.02
CA GLU I 748 -39.07 98.74 23.75
C GLU I 748 -37.84 98.39 24.60
N ASN I 749 -37.90 97.24 25.28
CA ASN I 749 -36.85 96.81 26.19
C ASN I 749 -35.60 96.23 25.48
N LEU I 750 -35.81 95.36 24.50
CA LEU I 750 -34.72 94.54 23.96
C LEU I 750 -34.19 94.92 22.58
N LEU I 751 -35.00 95.55 21.72
CA LEU I 751 -34.59 95.84 20.33
C LEU I 751 -34.55 97.32 20.00
N PHE I 752 -35.70 97.99 20.09
CA PHE I 752 -35.80 99.41 19.75
C PHE I 752 -35.68 100.24 21.02
N THR I 753 -34.43 100.36 21.47
CA THR I 753 -34.06 101.06 22.70
C THR I 753 -33.43 102.42 22.40
N ALA I 754 -33.25 103.23 23.44
CA ALA I 754 -32.61 104.55 23.31
C ALA I 754 -31.16 104.50 22.81
N GLU I 755 -30.47 103.37 23.02
CA GLU I 755 -29.09 103.16 22.52
C GLU I 755 -28.92 103.23 20.99
N LEU I 756 -30.00 102.99 20.24
CA LEU I 756 -29.93 102.97 18.77
C LEU I 756 -29.80 104.33 18.14
N ASP I 757 -29.20 104.34 16.95
CA ASP I 757 -29.08 105.54 16.11
C ASP I 757 -30.48 106.08 15.84
N PRO I 758 -30.74 107.38 16.12
CA PRO I 758 -32.12 107.90 16.03
C PRO I 758 -32.79 107.77 14.65
N HIS I 759 -32.00 107.57 13.60
CA HIS I 759 -32.51 107.16 12.28
C HIS I 759 -33.33 105.86 12.36
N ILE I 760 -32.77 104.82 12.97
CA ILE I 760 -33.47 103.54 13.13
C ILE I 760 -34.60 103.62 14.17
N LEU I 761 -34.37 104.30 15.29
CA LEU I 761 -35.39 104.44 16.33
C LEU I 761 -36.60 105.29 15.89
N ALA I 762 -36.39 106.22 14.94
CA ALA I 762 -37.49 107.03 14.41
C ALA I 762 -38.64 106.20 13.81
N VAL I 763 -38.27 105.14 13.09
CA VAL I 763 -39.22 104.21 12.47
C VAL I 763 -40.12 103.56 13.52
N PHE I 764 -39.52 103.17 14.64
CA PHE I 764 -40.26 102.57 15.75
C PHE I 764 -41.14 103.58 16.48
N GLN I 765 -40.64 104.79 16.71
CA GLN I 765 -41.44 105.87 17.32
C GLN I 765 -42.58 106.32 16.41
N GLN I 766 -42.34 106.24 15.10
CA GLN I 766 -43.40 106.47 14.10
C GLN I 766 -44.50 105.42 14.25
N PHE I 767 -44.11 104.15 14.24
CA PHE I 767 -45.05 103.05 14.46
C PHE I 767 -45.84 103.19 15.78
N CYS I 768 -45.16 103.57 16.86
CA CYS I 768 -45.82 103.92 18.14
C CYS I 768 -46.97 104.91 17.94
N ALA I 769 -46.72 105.92 17.11
CA ALA I 769 -47.65 107.04 16.92
C ALA I 769 -48.97 106.67 16.23
N LEU I 770 -49.03 105.54 15.52
CA LEU I 770 -50.24 105.15 14.80
C LEU I 770 -51.43 104.91 15.73
N GLN I 771 -51.21 104.38 16.92
CA GLN I 771 -52.29 104.16 17.88
C GLN I 771 -52.09 104.87 19.22
N ALA I 772 -51.03 105.67 19.34
CA ALA I 772 -50.78 106.50 20.52
C ALA I 772 -51.53 107.83 20.42
N GLY J 6 -79.12 98.28 10.38
CA GLY J 6 -78.98 97.03 9.56
C GLY J 6 -78.22 97.28 8.27
N LEU J 7 -78.73 96.75 7.17
CA LEU J 7 -78.11 96.90 5.84
C LEU J 7 -79.16 97.20 4.76
N LEU J 8 -78.68 97.70 3.62
CA LEU J 8 -79.50 97.93 2.42
C LEU J 8 -79.18 96.84 1.40
N LYS J 9 -80.22 96.16 0.90
CA LYS J 9 -80.07 95.16 -0.18
C LYS J 9 -79.33 95.74 -1.39
N ALA J 10 -79.61 97.00 -1.71
CA ALA J 10 -78.97 97.71 -2.83
C ALA J 10 -77.44 97.80 -2.71
N LEU J 11 -76.93 97.98 -1.49
CA LEU J 11 -75.49 98.02 -1.24
C LEU J 11 -74.86 96.64 -1.16
N ARG J 12 -75.58 95.66 -0.62
CA ARG J 12 -75.11 94.26 -0.60
C ARG J 12 -74.89 93.68 -2.00
N SER J 13 -75.56 94.26 -3.01
CA SER J 13 -75.39 93.88 -4.41
C SER J 13 -73.95 93.50 -4.76
N ASP J 14 -73.78 92.31 -5.33
CA ASP J 14 -72.46 91.78 -5.66
C ASP J 14 -72.60 90.88 -6.88
N SER J 15 -72.89 91.53 -8.01
CA SER J 15 -73.25 90.83 -9.24
C SER J 15 -72.11 90.04 -9.89
N TYR J 16 -70.86 90.46 -9.67
CA TYR J 16 -69.71 89.76 -10.25
C TYR J 16 -69.44 88.40 -9.58
N VAL J 17 -70.05 88.18 -8.42
CA VAL J 17 -69.88 86.97 -7.63
C VAL J 17 -71.06 85.98 -7.79
N GLU J 18 -72.19 86.42 -8.36
CA GLU J 18 -73.32 85.51 -8.62
C GLU J 18 -72.93 84.40 -9.59
N LEU J 19 -73.74 83.34 -9.57
CA LEU J 19 -73.43 82.12 -10.33
C LEU J 19 -73.76 82.33 -11.80
N SER J 20 -72.94 81.77 -12.69
CA SER J 20 -73.26 81.77 -14.12
C SER J 20 -74.34 80.73 -14.41
N GLN J 21 -74.78 80.66 -15.66
CA GLN J 21 -75.76 79.65 -16.09
C GLN J 21 -75.14 78.25 -16.28
N TYR J 22 -73.80 78.17 -16.37
CA TYR J 22 -73.11 76.89 -16.55
C TYR J 22 -73.32 75.91 -15.39
N ARG J 23 -73.51 74.64 -15.73
CA ARG J 23 -73.39 73.53 -14.79
C ARG J 23 -72.59 72.40 -15.41
N ASP J 24 -72.03 71.57 -14.54
CA ASP J 24 -71.17 70.46 -14.93
C ASP J 24 -72.03 69.20 -15.09
N GLN J 25 -71.86 68.52 -16.22
CA GLN J 25 -72.68 67.35 -16.58
C GLN J 25 -72.15 66.08 -15.89
N HIS J 26 -70.84 65.87 -15.94
CA HIS J 26 -70.20 64.75 -15.21
C HIS J 26 -70.29 64.87 -13.66
N PHE J 27 -70.91 65.93 -13.15
CA PHE J 27 -71.15 66.09 -11.71
C PHE J 27 -72.13 65.05 -11.18
N ARG J 28 -71.61 64.11 -10.38
CA ARG J 28 -72.45 63.11 -9.68
C ARG J 28 -73.30 63.80 -8.60
N GLY J 29 -74.45 64.34 -9.01
CA GLY J 29 -75.37 64.95 -8.07
C GLY J 29 -76.44 65.85 -8.65
N ASP J 30 -77.35 66.22 -7.77
CA ASP J 30 -78.46 67.14 -8.05
C ASP J 30 -77.94 68.55 -8.40
N ASN J 31 -78.78 69.37 -9.03
CA ASN J 31 -78.45 70.78 -9.30
C ASN J 31 -78.37 71.60 -8.00
N GLU J 32 -79.36 71.46 -7.13
CA GLU J 32 -79.37 72.15 -5.83
C GLU J 32 -78.21 71.73 -4.91
N GLU J 33 -77.73 70.51 -5.11
CA GLU J 33 -76.54 69.99 -4.42
C GLU J 33 -75.24 70.59 -5.02
N GLN J 34 -75.25 70.85 -6.33
CA GLN J 34 -74.12 71.53 -7.01
C GLN J 34 -74.04 73.02 -6.63
N GLU J 35 -75.18 73.70 -6.66
CA GLU J 35 -75.28 75.12 -6.27
C GLU J 35 -74.78 75.37 -4.86
N LYS J 36 -75.10 74.45 -3.95
CA LYS J 36 -74.64 74.52 -2.57
C LYS J 36 -73.11 74.44 -2.46
N LEU J 37 -72.48 73.65 -3.32
CA LEU J 37 -71.01 73.60 -3.42
C LEU J 37 -70.41 74.83 -4.09
N LEU J 38 -71.07 75.31 -5.16
CA LEU J 38 -70.64 76.52 -5.87
C LEU J 38 -70.65 77.78 -4.99
N LYS J 39 -71.61 77.89 -4.08
CA LYS J 39 -71.71 79.02 -3.15
C LYS J 39 -70.69 79.02 -2.02
N LYS J 40 -70.06 77.87 -1.75
CA LYS J 40 -69.00 77.76 -0.73
C LYS J 40 -67.63 77.49 -1.35
N SER J 41 -67.53 77.43 -2.68
CA SER J 41 -66.27 77.08 -3.33
C SER J 41 -65.21 78.16 -3.18
N CYS J 42 -63.95 77.73 -3.22
CA CYS J 42 -62.82 78.63 -3.36
C CYS J 42 -62.08 78.35 -4.67
N THR J 43 -62.80 77.81 -5.66
CA THR J 43 -62.17 77.25 -6.83
C THR J 43 -62.82 77.83 -8.08
N LEU J 44 -62.00 78.32 -9.00
CA LEU J 44 -62.49 79.01 -10.19
C LEU J 44 -62.09 78.30 -11.48
N TYR J 45 -63.04 78.13 -12.40
CA TYR J 45 -62.74 77.82 -13.79
C TYR J 45 -62.28 79.11 -14.45
N VAL J 46 -61.25 79.02 -15.28
CA VAL J 46 -60.74 80.16 -16.04
C VAL J 46 -60.72 79.80 -17.54
N GLY J 47 -61.67 80.37 -18.29
CA GLY J 47 -61.80 80.12 -19.74
C GLY J 47 -61.11 81.14 -20.65
N ASN J 48 -60.99 80.74 -21.91
CA ASN J 48 -60.44 81.57 -23.00
C ASN J 48 -58.94 81.90 -22.90
N LEU J 49 -58.18 81.05 -22.23
CA LEU J 49 -56.71 81.19 -22.23
C LEU J 49 -56.15 80.85 -23.60
N SER J 50 -54.99 81.42 -23.91
CA SER J 50 -54.15 80.96 -25.01
C SER J 50 -53.62 79.58 -24.64
N PHE J 51 -53.31 78.77 -25.65
CA PHE J 51 -52.61 77.50 -25.46
C PHE J 51 -51.14 77.77 -25.08
N TYR J 52 -50.62 78.94 -25.47
CA TYR J 52 -49.26 79.35 -25.12
C TYR J 52 -49.13 79.99 -23.73
N THR J 53 -50.26 80.24 -23.06
CA THR J 53 -50.28 80.86 -21.72
C THR J 53 -49.71 79.90 -20.67
N THR J 54 -48.61 80.33 -20.05
CA THR J 54 -47.86 79.54 -19.07
C THR J 54 -48.39 79.72 -17.62
N GLU J 55 -48.18 78.72 -16.77
CA GLU J 55 -48.49 78.81 -15.33
C GLU J 55 -47.87 80.02 -14.63
N GLU J 56 -46.68 80.41 -15.08
CA GLU J 56 -46.01 81.65 -14.61
C GLU J 56 -46.93 82.87 -14.71
N GLN J 57 -47.65 82.98 -15.83
CA GLN J 57 -48.56 84.09 -16.08
C GLN J 57 -49.84 83.99 -15.25
N ILE J 58 -50.44 82.80 -15.22
CA ILE J 58 -51.66 82.59 -14.43
C ILE J 58 -51.40 82.87 -12.95
N TYR J 59 -50.24 82.42 -12.45
CA TYR J 59 -49.88 82.63 -11.05
C TYR J 59 -49.69 84.13 -10.74
N GLU J 60 -49.02 84.86 -11.62
CA GLU J 60 -48.77 86.30 -11.40
C GLU J 60 -50.07 87.12 -11.34
N LEU J 61 -50.99 86.88 -12.27
CA LEU J 61 -52.25 87.61 -12.35
C LEU J 61 -53.14 87.27 -11.16
N PHE J 62 -53.48 85.99 -11.02
CA PHE J 62 -54.43 85.53 -10.00
C PHE J 62 -53.92 85.68 -8.56
N SER J 63 -52.61 85.84 -8.39
CA SER J 63 -52.04 86.22 -7.09
C SER J 63 -52.48 87.60 -6.58
N LYS J 64 -52.88 88.48 -7.49
CA LYS J 64 -53.28 89.83 -7.14
C LYS J 64 -54.58 89.91 -6.32
N SER J 65 -55.41 88.87 -6.35
CA SER J 65 -56.62 88.82 -5.53
C SER J 65 -56.43 88.09 -4.21
N GLY J 66 -55.27 87.45 -4.02
CA GLY J 66 -55.00 86.64 -2.82
C GLY J 66 -54.04 85.49 -3.07
N ASP J 67 -53.62 84.83 -1.98
CA ASP J 67 -52.63 83.75 -2.05
C ASP J 67 -53.24 82.48 -2.68
N ILE J 68 -52.57 81.94 -3.70
CA ILE J 68 -53.08 80.78 -4.45
C ILE J 68 -52.68 79.47 -3.79
N LYS J 69 -53.65 78.59 -3.60
CA LYS J 69 -53.42 77.22 -3.14
C LYS J 69 -52.92 76.34 -4.28
N LYS J 70 -53.68 76.28 -5.37
CA LYS J 70 -53.41 75.33 -6.45
C LYS J 70 -53.88 75.82 -7.83
N ILE J 71 -52.98 75.75 -8.81
CA ILE J 71 -53.30 75.90 -10.22
C ILE J 71 -53.27 74.52 -10.85
N ILE J 72 -54.36 74.14 -11.51
CA ILE J 72 -54.45 72.88 -12.25
C ILE J 72 -54.71 73.23 -13.71
N MET J 73 -53.68 73.11 -14.54
CA MET J 73 -53.81 73.47 -15.97
C MET J 73 -54.81 72.59 -16.71
N GLY J 74 -55.43 73.15 -17.73
CA GLY J 74 -56.43 72.46 -18.55
C GLY J 74 -55.71 71.76 -19.69
N LEU J 75 -55.83 70.44 -19.74
CA LEU J 75 -55.05 69.60 -20.64
C LEU J 75 -55.89 68.97 -21.76
N ASP J 76 -55.27 68.75 -22.91
CA ASP J 76 -55.85 67.95 -23.98
C ASP J 76 -55.86 66.50 -23.51
N LYS J 77 -56.99 65.80 -23.66
CA LYS J 77 -57.12 64.43 -23.13
C LYS J 77 -56.16 63.42 -23.79
N MET J 78 -55.88 63.61 -25.07
CA MET J 78 -54.95 62.74 -25.81
C MET J 78 -53.50 63.23 -25.61
N LYS J 79 -53.24 64.48 -26.00
CA LYS J 79 -51.88 65.04 -26.08
C LYS J 79 -51.27 65.44 -24.72
N LYS J 80 -52.12 65.77 -23.75
CA LYS J 80 -51.71 66.39 -22.48
C LYS J 80 -50.91 67.69 -22.67
N THR J 81 -51.34 68.47 -23.66
CA THR J 81 -50.88 69.84 -23.90
C THR J 81 -51.95 70.80 -23.37
N ALA J 82 -51.55 72.04 -23.11
CA ALA J 82 -52.48 73.07 -22.68
C ALA J 82 -53.51 73.37 -23.77
N CYS J 83 -54.78 73.03 -23.51
CA CYS J 83 -55.87 73.24 -24.48
C CYS J 83 -56.81 74.40 -24.12
N GLY J 84 -56.30 75.38 -23.36
CA GLY J 84 -56.90 76.72 -23.28
C GLY J 84 -57.75 77.08 -22.08
N PHE J 85 -57.70 76.29 -21.00
CA PHE J 85 -58.33 76.69 -19.73
C PHE J 85 -57.50 76.25 -18.54
N CYS J 86 -57.96 76.60 -17.34
CA CYS J 86 -57.38 76.07 -16.10
C CYS J 86 -58.33 76.24 -14.91
N PHE J 87 -57.93 75.69 -13.77
CA PHE J 87 -58.61 75.92 -12.50
C PHE J 87 -57.69 76.64 -11.54
N VAL J 88 -58.26 77.49 -10.69
CA VAL J 88 -57.49 78.23 -9.69
C VAL J 88 -58.20 78.09 -8.35
N GLU J 89 -57.49 77.51 -7.38
CA GLU J 89 -58.01 77.33 -6.03
C GLU J 89 -57.32 78.29 -5.08
N TYR J 90 -58.12 78.94 -4.23
CA TYR J 90 -57.64 79.85 -3.19
C TYR J 90 -57.88 79.23 -1.83
N TYR J 91 -57.19 79.73 -0.82
CA TYR J 91 -57.41 79.27 0.56
C TYR J 91 -58.71 79.81 1.16
N SER J 92 -59.06 81.07 0.85
CA SER J 92 -60.33 81.64 1.32
C SER J 92 -61.30 81.94 0.18
N ARG J 93 -62.58 81.93 0.51
CA ARG J 93 -63.67 82.34 -0.38
C ARG J 93 -63.45 83.79 -0.80
N ALA J 94 -63.15 84.66 0.18
CA ALA J 94 -62.97 86.10 -0.06
C ALA J 94 -61.96 86.42 -1.15
N ASP J 95 -60.88 85.66 -1.21
CA ASP J 95 -59.86 85.87 -2.22
C ASP J 95 -60.34 85.42 -3.61
N ALA J 96 -61.10 84.34 -3.65
CA ALA J 96 -61.72 83.88 -4.89
C ALA J 96 -62.78 84.88 -5.37
N GLU J 97 -63.60 85.38 -4.45
CA GLU J 97 -64.57 86.43 -4.75
C GLU J 97 -63.90 87.65 -5.40
N ASN J 98 -62.77 88.08 -4.85
CA ASN J 98 -62.04 89.21 -5.43
C ASN J 98 -61.50 88.95 -6.85
N ALA J 99 -61.10 87.70 -7.14
CA ALA J 99 -60.68 87.34 -8.51
C ALA J 99 -61.84 87.50 -9.49
N MET J 100 -63.01 86.97 -9.08
CA MET J 100 -64.25 87.10 -9.84
C MET J 100 -64.69 88.55 -10.05
N ARG J 101 -64.38 89.41 -9.09
CA ARG J 101 -64.72 90.83 -9.16
C ARG J 101 -63.80 91.64 -10.05
N TYR J 102 -62.50 91.36 -10.02
CA TYR J 102 -61.52 92.26 -10.64
C TYR J 102 -60.60 91.68 -11.68
N ILE J 103 -60.49 90.35 -11.75
CA ILE J 103 -59.69 89.69 -12.77
C ILE J 103 -60.57 89.18 -13.93
N ASN J 104 -61.74 88.65 -13.59
CA ASN J 104 -62.78 88.30 -14.56
C ASN J 104 -62.97 89.42 -15.57
N GLY J 105 -62.91 89.09 -16.85
CA GLY J 105 -63.13 90.08 -17.91
C GLY J 105 -61.99 91.05 -18.16
N THR J 106 -60.79 90.74 -17.69
CA THR J 106 -59.58 91.51 -18.01
C THR J 106 -58.63 90.64 -18.83
N ARG J 107 -57.52 91.22 -19.27
CA ARG J 107 -56.62 90.53 -20.19
C ARG J 107 -55.57 89.68 -19.51
N LEU J 108 -55.33 88.50 -20.08
CA LEU J 108 -54.21 87.64 -19.73
C LEU J 108 -53.62 87.13 -21.03
N ASP J 109 -52.40 87.57 -21.34
CA ASP J 109 -51.73 87.25 -22.60
C ASP J 109 -52.48 87.85 -23.80
N ASP J 110 -52.90 89.10 -23.61
CA ASP J 110 -53.71 89.88 -24.57
C ASP J 110 -55.08 89.27 -24.95
N ARG J 111 -55.64 88.43 -24.08
CA ARG J 111 -56.96 87.83 -24.33
C ARG J 111 -57.88 88.12 -23.15
N ILE J 112 -59.12 88.51 -23.44
CA ILE J 112 -60.11 88.71 -22.38
C ILE J 112 -60.53 87.35 -21.85
N ILE J 113 -60.12 87.06 -20.61
CA ILE J 113 -60.41 85.79 -19.95
C ILE J 113 -61.66 85.89 -19.10
N ARG J 114 -62.34 84.76 -18.93
CA ARG J 114 -63.58 84.68 -18.19
C ARG J 114 -63.36 83.71 -17.05
N THR J 115 -63.86 84.06 -15.87
CA THR J 115 -63.80 83.18 -14.70
C THR J 115 -65.20 82.72 -14.32
N ASP J 116 -65.26 81.56 -13.68
CA ASP J 116 -66.53 81.04 -13.15
C ASP J 116 -66.28 80.21 -11.91
N TRP J 117 -67.25 80.24 -10.99
CA TRP J 117 -67.21 79.36 -9.83
C TRP J 117 -67.28 77.91 -10.28
N ASP J 118 -66.48 77.06 -9.63
CA ASP J 118 -66.48 75.62 -9.89
C ASP J 118 -66.89 74.88 -8.62
N ALA J 119 -67.58 73.75 -8.77
CA ALA J 119 -68.07 72.98 -7.63
C ALA J 119 -66.96 72.23 -6.88
N GLY J 120 -65.79 72.12 -7.51
CA GLY J 120 -64.60 71.57 -6.89
C GLY J 120 -63.92 70.62 -7.87
N PHE J 121 -62.61 70.72 -7.96
CA PHE J 121 -61.83 69.85 -8.82
C PHE J 121 -61.92 68.39 -8.38
N LYS J 122 -62.06 67.49 -9.35
CA LYS J 122 -61.88 66.05 -9.16
C LYS J 122 -60.90 65.59 -10.23
N GLU J 123 -60.42 64.35 -10.12
CA GLU J 123 -59.60 63.75 -11.19
C GLU J 123 -60.44 63.53 -12.44
N GLY J 124 -59.86 63.82 -13.61
CA GLY J 124 -60.57 63.76 -14.89
C GLY J 124 -61.07 65.09 -15.42
N ARG J 125 -61.33 66.04 -14.52
CA ARG J 125 -61.87 67.34 -14.90
C ARG J 125 -60.87 68.27 -15.59
N GLN J 126 -59.57 68.01 -15.39
CA GLN J 126 -58.53 68.77 -16.11
C GLN J 126 -58.52 68.55 -17.62
N TYR J 127 -59.09 67.43 -18.08
CA TYR J 127 -59.05 67.04 -19.49
C TYR J 127 -60.20 67.65 -20.28
N GLY J 128 -59.89 68.08 -21.50
CA GLY J 128 -60.91 68.61 -22.42
C GLY J 128 -61.85 67.52 -22.89
N ARG J 129 -63.16 67.79 -22.79
CA ARG J 129 -64.20 66.83 -23.14
C ARG J 129 -64.65 66.93 -24.60
N GLY J 130 -63.91 67.67 -25.44
CA GLY J 130 -64.14 67.66 -26.88
C GLY J 130 -63.79 66.32 -27.50
N ARG J 131 -64.46 66.02 -28.61
CA ARG J 131 -64.27 64.75 -29.32
C ARG J 131 -62.81 64.49 -29.74
N SER J 132 -62.12 65.53 -30.21
CA SER J 132 -60.72 65.42 -30.66
C SER J 132 -59.68 65.71 -29.55
N GLY J 133 -60.11 65.78 -28.29
CA GLY J 133 -59.20 65.90 -27.14
C GLY J 133 -59.23 67.26 -26.44
N GLY J 134 -59.34 68.33 -27.23
CA GLY J 134 -59.40 69.70 -26.71
C GLY J 134 -60.74 70.04 -26.10
N GLN J 135 -60.97 71.34 -25.86
CA GLN J 135 -62.24 71.80 -25.30
C GLN J 135 -63.36 71.70 -26.34
N VAL J 136 -64.58 71.49 -25.84
CA VAL J 136 -65.79 71.44 -26.66
C VAL J 136 -65.94 72.71 -27.51
N ARG J 137 -65.57 73.85 -26.92
CA ARG J 137 -65.64 75.15 -27.58
C ARG J 137 -64.78 75.23 -28.87
N ASP J 138 -63.69 74.47 -28.93
CA ASP J 138 -62.78 74.45 -30.10
C ASP J 138 -63.15 73.53 -31.28
N GLU J 139 -64.27 72.81 -31.18
CA GLU J 139 -64.69 71.87 -32.23
C GLU J 139 -65.68 72.49 -33.20
N TYR J 140 -66.72 73.12 -32.65
CA TYR J 140 -67.74 73.85 -33.44
C TYR J 140 -67.17 75.01 -34.25
N ARG J 141 -66.48 75.91 -33.56
CA ARG J 141 -66.20 77.28 -34.04
C ARG J 141 -65.63 77.43 -35.45
N GLN J 142 -66.07 78.48 -36.15
CA GLN J 142 -65.65 78.80 -37.52
C GLN J 142 -64.36 79.63 -37.58
N ASP J 143 -64.28 80.65 -36.71
CA ASP J 143 -63.21 81.67 -36.72
C ASP J 143 -61.77 81.12 -36.68
N TYR J 144 -60.83 81.95 -37.14
CA TYR J 144 -59.41 81.71 -36.91
C TYR J 144 -58.99 82.34 -35.57
N ASP J 145 -58.07 81.67 -34.87
CA ASP J 145 -57.58 82.12 -33.55
C ASP J 145 -56.22 81.47 -33.26
N ALA J 146 -55.14 82.23 -33.50
CA ALA J 146 -53.75 81.72 -33.40
C ALA J 146 -53.42 81.06 -32.06
N GLY J 147 -53.80 81.72 -30.98
CA GLY J 147 -53.59 81.19 -29.64
C GLY J 147 -54.41 79.96 -29.26
N ARG J 148 -55.55 79.77 -29.93
CA ARG J 148 -56.44 78.62 -29.67
C ARG J 148 -56.24 77.44 -30.66
N GLY J 149 -55.13 77.44 -31.41
CA GLY J 149 -54.77 76.32 -32.31
C GLY J 149 -54.77 76.70 -33.78
N GLY J 150 -55.83 77.37 -34.22
CA GLY J 150 -55.99 77.79 -35.61
C GLY J 150 -57.47 77.85 -35.98
N TYR J 151 -57.88 76.99 -36.91
CA TYR J 151 -59.31 76.81 -37.21
C TYR J 151 -59.91 75.81 -36.20
N GLY J 152 -61.20 75.49 -36.35
CA GLY J 152 -61.87 74.49 -35.50
C GLY J 152 -61.42 73.06 -35.79
N LYS J 153 -62.36 72.12 -35.67
CA LYS J 153 -62.08 70.69 -35.87
C LYS J 153 -63.33 69.89 -36.18
N THR K 9 47.01 49.13 -14.30
CA THR K 9 46.27 50.28 -13.68
C THR K 9 44.89 50.60 -14.29
N GLU K 10 44.54 50.00 -15.44
CA GLU K 10 43.18 50.12 -16.01
C GLU K 10 42.15 49.36 -15.16
N ASP K 11 42.49 48.15 -14.74
CA ASP K 11 41.67 47.37 -13.81
C ASP K 11 41.57 48.05 -12.44
N HIS K 12 42.70 48.62 -11.99
CA HIS K 12 42.77 49.40 -10.74
C HIS K 12 41.91 50.67 -10.79
N LEU K 13 41.95 51.38 -11.92
CA LEU K 13 41.16 52.60 -12.13
C LEU K 13 39.66 52.37 -12.01
N GLU K 14 39.17 51.29 -12.62
CA GLU K 14 37.74 51.00 -12.61
C GLU K 14 37.23 50.74 -11.19
N SER K 15 37.94 49.91 -10.45
CA SER K 15 37.54 49.58 -9.07
C SER K 15 37.66 50.77 -8.10
N LEU K 16 38.62 51.67 -8.34
CA LEU K 16 38.75 52.89 -7.53
C LEU K 16 37.57 53.86 -7.72
N ILE K 17 37.18 54.06 -8.98
CA ILE K 17 36.03 54.92 -9.32
C ILE K 17 34.73 54.27 -8.83
N CYS K 18 34.59 52.96 -8.96
CA CYS K 18 33.42 52.24 -8.47
C CYS K 18 33.29 52.21 -6.94
N LYS K 19 34.41 52.09 -6.23
CA LYS K 19 34.36 51.90 -4.77
C LYS K 19 34.07 53.17 -3.96
N VAL K 20 34.44 54.35 -4.47
CA VAL K 20 34.10 55.61 -3.80
C VAL K 20 32.58 55.73 -3.65
N GLY K 21 32.14 56.19 -2.49
CA GLY K 21 30.71 56.27 -2.16
C GLY K 21 30.17 55.10 -1.35
N GLU K 22 30.89 53.97 -1.36
CA GLU K 22 30.49 52.78 -0.60
C GLU K 22 31.00 52.89 0.85
N LYS K 23 30.71 51.86 1.66
CA LYS K 23 31.29 51.69 3.01
C LYS K 23 32.78 52.03 3.03
N SER K 24 33.21 52.77 4.05
CA SER K 24 34.62 53.17 4.16
C SER K 24 35.01 53.55 5.58
N ALA K 25 36.29 53.39 5.90
CA ALA K 25 36.86 53.84 7.17
C ALA K 25 36.80 55.36 7.23
N CYS K 26 37.33 56.00 6.17
CA CYS K 26 37.30 57.46 6.04
C CYS K 26 35.90 57.96 5.67
N SER K 27 35.74 59.29 5.66
CA SER K 27 34.52 59.92 5.20
C SER K 27 34.46 59.95 3.67
N LEU K 28 33.29 60.33 3.15
CA LEU K 28 33.07 60.48 1.71
C LEU K 28 33.92 61.62 1.12
N GLU K 29 34.00 62.73 1.86
CA GLU K 29 34.78 63.90 1.46
C GLU K 29 36.27 63.57 1.31
N SER K 30 36.78 62.78 2.25
CA SER K 30 38.17 62.33 2.21
C SER K 30 38.47 61.49 0.96
N ASN K 31 37.60 60.54 0.66
CA ASN K 31 37.81 59.63 -0.48
C ASN K 31 37.75 60.35 -1.84
N LEU K 32 36.82 61.30 -1.99
CA LEU K 32 36.71 62.12 -3.20
C LEU K 32 37.97 62.97 -3.41
N GLU K 33 38.41 63.64 -2.34
CA GLU K 33 39.66 64.40 -2.31
C GLU K 33 40.84 63.54 -2.75
N GLY K 34 40.94 62.35 -2.15
CA GLY K 34 41.99 61.39 -2.48
C GLY K 34 41.92 60.88 -3.90
N LEU K 35 40.71 60.52 -4.34
CA LEU K 35 40.51 59.98 -5.69
C LEU K 35 40.76 61.04 -6.77
N ALA K 36 40.21 62.24 -6.56
CA ALA K 36 40.44 63.37 -7.46
C ALA K 36 41.94 63.62 -7.67
N GLY K 37 42.72 63.48 -6.61
CA GLY K 37 44.17 63.56 -6.68
C GLY K 37 44.81 62.45 -7.49
N VAL K 38 44.40 61.21 -7.23
CA VAL K 38 44.94 60.03 -7.93
C VAL K 38 44.58 60.08 -9.42
N LEU K 39 43.36 60.52 -9.74
CA LEU K 39 42.92 60.63 -11.12
C LEU K 39 43.64 61.73 -11.89
N GLU K 40 43.92 62.87 -11.24
CA GLU K 40 44.70 63.96 -11.87
C GLU K 40 46.14 63.51 -12.21
N ALA K 41 46.73 62.68 -11.34
CA ALA K 41 48.04 62.08 -11.60
C ALA K 41 48.04 61.16 -12.83
N ASP K 42 46.94 60.44 -13.05
CA ASP K 42 46.80 59.54 -14.22
C ASP K 42 46.36 60.23 -15.53
N LEU K 43 46.03 61.53 -15.49
CA LEU K 43 45.58 62.27 -16.69
C LEU K 43 46.59 62.34 -17.86
N PRO K 44 47.89 62.58 -17.57
CA PRO K 44 48.93 62.53 -18.62
C PRO K 44 48.76 61.44 -19.68
N ASN K 45 48.57 60.18 -19.27
CA ASN K 45 48.52 59.03 -20.20
C ASN K 45 47.32 58.03 -20.03
N TYR K 46 46.31 58.40 -19.24
CA TYR K 46 45.05 57.63 -19.17
C TYR K 46 43.80 58.54 -19.25
N LYS K 47 43.93 59.72 -19.85
CA LYS K 47 42.81 60.67 -19.98
C LYS K 47 41.62 60.05 -20.70
N SER K 48 41.91 59.23 -21.72
CA SER K 48 40.89 58.56 -22.51
C SER K 48 40.08 57.55 -21.68
N LYS K 49 40.77 56.70 -20.92
CA LYS K 49 40.11 55.73 -20.01
C LYS K 49 39.20 56.41 -19.00
N ILE K 50 39.71 57.45 -18.35
CA ILE K 50 39.00 58.11 -17.24
C ILE K 50 37.75 58.86 -17.72
N LEU K 51 37.83 59.47 -18.90
CA LEU K 51 36.65 60.10 -19.51
C LEU K 51 35.54 59.08 -19.78
N ARG K 52 35.93 57.92 -20.31
CA ARG K 52 34.98 56.86 -20.67
C ARG K 52 34.39 56.18 -19.43
N LEU K 53 35.22 55.93 -18.42
CA LEU K 53 34.77 55.32 -17.16
C LEU K 53 33.84 56.23 -16.37
N LEU K 54 34.10 57.54 -16.39
CA LEU K 54 33.20 58.49 -15.73
C LEU K 54 31.89 58.69 -16.50
N CYS K 55 31.93 58.57 -17.82
CA CYS K 55 30.69 58.57 -18.62
C CYS K 55 29.84 57.33 -18.36
N THR K 56 30.49 56.19 -18.13
CA THR K 56 29.81 54.94 -17.85
C THR K 56 29.07 54.96 -16.51
N VAL K 57 29.74 55.45 -15.45
CA VAL K 57 29.09 55.57 -14.14
C VAL K 57 27.98 56.64 -14.13
N ALA K 58 28.12 57.66 -14.99
CA ALA K 58 27.07 58.68 -15.16
C ALA K 58 25.79 58.08 -15.76
N ARG K 59 25.98 57.10 -16.63
CA ARG K 59 24.89 56.42 -17.34
C ARG K 59 24.30 55.24 -16.55
N LEU K 60 25.16 54.46 -15.87
CA LEU K 60 24.78 53.19 -15.22
C LEU K 60 24.55 53.21 -13.71
N LEU K 61 25.05 54.25 -13.03
CA LEU K 61 24.92 54.37 -11.56
C LEU K 61 24.28 55.70 -11.15
N PRO K 62 23.03 55.96 -11.57
CA PRO K 62 22.35 57.20 -11.18
C PRO K 62 22.01 57.29 -9.68
N GLU K 63 21.89 56.15 -9.02
CA GLU K 63 21.74 56.13 -7.55
C GLU K 63 22.90 56.83 -6.81
N LYS K 64 24.08 56.85 -7.42
CA LYS K 64 25.26 57.54 -6.89
C LYS K 64 25.61 58.81 -7.68
N LEU K 65 24.58 59.49 -8.21
CA LEU K 65 24.74 60.69 -9.04
C LEU K 65 25.63 61.80 -8.44
N THR K 66 25.25 62.28 -7.26
CA THR K 66 25.91 63.43 -6.63
C THR K 66 27.33 63.14 -6.17
N ILE K 67 27.63 61.87 -5.91
CA ILE K 67 28.99 61.46 -5.60
C ILE K 67 29.91 61.70 -6.81
N TYR K 68 29.44 61.33 -8.00
CA TYR K 68 30.28 61.41 -9.20
C TYR K 68 30.31 62.80 -9.84
N THR K 69 29.23 63.56 -9.75
CA THR K 69 29.25 64.96 -10.20
C THR K 69 30.25 65.77 -9.38
N THR K 70 30.24 65.54 -8.06
CA THR K 70 31.24 66.12 -7.17
C THR K 70 32.64 65.76 -7.63
N LEU K 71 32.89 64.47 -7.87
CA LEU K 71 34.20 64.01 -8.34
C LEU K 71 34.65 64.75 -9.61
N VAL K 72 33.72 64.95 -10.54
CA VAL K 72 33.99 65.70 -11.77
C VAL K 72 34.26 67.17 -11.45
N GLY K 73 33.48 67.75 -10.52
CA GLY K 73 33.71 69.11 -10.04
C GLY K 73 35.14 69.38 -9.57
N LEU K 74 35.67 68.46 -8.77
CA LEU K 74 37.01 68.57 -8.22
C LEU K 74 38.08 68.41 -9.29
N LEU K 75 37.84 67.52 -10.25
CA LEU K 75 38.75 67.36 -11.41
C LEU K 75 38.75 68.58 -12.34
N ASN K 76 37.58 69.18 -12.54
CA ASN K 76 37.43 70.41 -13.33
C ASN K 76 38.22 71.57 -12.72
N ALA K 77 38.16 71.69 -11.40
CA ALA K 77 38.87 72.74 -10.66
C ALA K 77 40.40 72.64 -10.77
N ARG K 78 40.93 71.42 -10.74
CA ARG K 78 42.38 71.18 -10.91
C ARG K 78 42.83 71.19 -12.38
N ASN K 79 41.92 70.87 -13.29
CA ASN K 79 42.24 70.75 -14.72
C ASN K 79 41.01 71.14 -15.53
N TYR K 80 41.00 72.39 -16.00
CA TYR K 80 39.90 72.93 -16.78
C TYR K 80 39.63 72.15 -18.08
N ASN K 81 40.68 71.75 -18.78
CA ASN K 81 40.55 71.08 -20.08
C ASN K 81 39.93 69.68 -20.00
N PHE K 82 40.12 69.01 -18.86
CA PHE K 82 39.45 67.73 -18.59
C PHE K 82 37.94 67.92 -18.50
N GLY K 83 37.50 68.90 -17.70
CA GLY K 83 36.09 69.28 -17.60
C GLY K 83 35.43 69.65 -18.92
N GLY K 84 36.20 70.26 -19.81
CA GLY K 84 35.75 70.57 -21.17
C GLY K 84 35.53 69.32 -21.99
N GLU K 85 36.51 68.43 -22.00
CA GLU K 85 36.42 67.17 -22.74
C GLU K 85 35.37 66.20 -22.19
N PHE K 86 35.08 66.31 -20.89
CA PHE K 86 34.04 65.48 -20.26
C PHE K 86 32.65 65.91 -20.71
N VAL K 87 32.37 67.21 -20.66
CA VAL K 87 31.07 67.73 -21.08
C VAL K 87 30.82 67.44 -22.58
N GLU K 88 31.87 67.46 -23.37
CA GLU K 88 31.80 67.02 -24.78
C GLU K 88 31.43 65.54 -24.86
N ALA K 89 32.15 64.69 -24.12
CA ALA K 89 31.91 63.24 -24.09
C ALA K 89 30.49 62.87 -23.65
N MET K 90 29.97 63.57 -22.64
CA MET K 90 28.60 63.37 -22.17
C MET K 90 27.56 63.75 -23.22
N ILE K 91 27.79 64.84 -23.95
CA ILE K 91 26.88 65.23 -25.03
C ILE K 91 26.90 64.21 -26.17
N ARG K 92 28.08 63.67 -26.49
CA ARG K 92 28.18 62.57 -27.47
C ARG K 92 27.40 61.35 -26.99
N GLN K 93 27.59 60.97 -25.73
CA GLN K 93 26.91 59.82 -25.14
C GLN K 93 25.38 60.01 -25.06
N LEU K 94 24.94 61.26 -24.86
CA LEU K 94 23.52 61.58 -24.80
C LEU K 94 22.86 61.39 -26.15
N LYS K 95 23.51 61.92 -27.19
CA LYS K 95 23.00 61.78 -28.57
C LYS K 95 23.06 60.32 -29.02
N GLU K 96 24.12 59.61 -28.63
CA GLU K 96 24.25 58.17 -28.88
C GLU K 96 23.07 57.39 -28.27
N SER K 97 22.73 57.71 -27.02
CA SER K 97 21.66 57.02 -26.31
C SER K 97 20.27 57.32 -26.89
N LEU K 98 20.05 58.57 -27.31
CA LEU K 98 18.76 58.96 -27.89
C LEU K 98 18.54 58.34 -29.27
N LYS K 99 19.58 58.35 -30.11
CA LYS K 99 19.56 57.69 -31.42
C LYS K 99 19.21 56.21 -31.32
N ALA K 100 19.72 55.54 -30.28
CA ALA K 100 19.48 54.12 -30.04
C ALA K 100 18.21 53.81 -29.22
N ASN K 101 17.33 54.80 -29.05
CA ASN K 101 16.11 54.68 -28.23
C ASN K 101 16.32 54.20 -26.77
N ASN K 102 17.44 54.59 -26.18
CA ASN K 102 17.71 54.35 -24.76
C ASN K 102 17.34 55.63 -24.01
N TYR K 103 16.04 55.91 -23.99
CA TYR K 103 15.52 57.11 -23.37
C TYR K 103 15.64 57.03 -21.84
N ASN K 104 15.59 55.82 -21.28
CA ASN K 104 15.73 55.68 -19.83
C ASN K 104 17.14 55.97 -19.35
N GLU K 105 18.15 55.57 -20.12
CA GLU K 105 19.54 55.96 -19.83
C GLU K 105 19.79 57.46 -20.05
N ALA K 106 19.15 58.01 -21.07
CA ALA K 106 19.30 59.44 -21.40
C ALA K 106 18.91 60.36 -20.24
N VAL K 107 17.82 60.06 -19.55
CA VAL K 107 17.39 60.84 -18.38
C VAL K 107 18.53 60.96 -17.37
N TYR K 108 19.18 59.83 -17.07
CA TYR K 108 20.29 59.80 -16.12
C TYR K 108 21.44 60.70 -16.57
N LEU K 109 21.71 60.73 -17.87
CA LEU K 109 22.71 61.64 -18.42
C LEU K 109 22.29 63.10 -18.32
N VAL K 110 21.01 63.38 -18.55
CA VAL K 110 20.46 64.73 -18.41
C VAL K 110 20.55 65.23 -16.96
N ARG K 111 20.13 64.39 -16.02
CA ARG K 111 20.26 64.69 -14.58
C ARG K 111 21.69 64.90 -14.15
N PHE K 112 22.60 64.12 -14.72
CA PHE K 112 24.03 64.30 -14.45
C PHE K 112 24.56 65.66 -14.92
N LEU K 113 24.19 66.05 -16.15
CA LEU K 113 24.56 67.37 -16.67
C LEU K 113 23.92 68.47 -15.83
N SER K 114 22.66 68.28 -15.42
CA SER K 114 21.96 69.21 -14.53
C SER K 114 22.74 69.47 -13.24
N ASP K 115 23.04 68.40 -12.51
CA ASP K 115 23.72 68.52 -11.22
C ASP K 115 25.18 68.97 -11.34
N LEU K 116 25.78 68.84 -12.53
CA LEU K 116 27.12 69.43 -12.80
C LEU K 116 27.14 70.98 -12.79
N VAL K 117 25.97 71.60 -12.89
CA VAL K 117 25.83 73.05 -12.67
C VAL K 117 26.08 73.39 -11.19
N ASN K 118 25.59 72.56 -10.28
CA ASN K 118 25.83 72.74 -8.84
C ASN K 118 27.32 72.59 -8.45
N CYS K 119 28.08 71.84 -9.24
CA CYS K 119 29.53 71.67 -9.03
C CYS K 119 30.41 72.68 -9.78
N HIS K 120 29.79 73.70 -10.37
CA HIS K 120 30.48 74.73 -11.17
C HIS K 120 31.38 74.11 -12.24
N VAL K 121 30.79 73.18 -13.01
CA VAL K 121 31.41 72.60 -14.20
C VAL K 121 30.68 73.08 -15.45
N ILE K 122 29.35 73.16 -15.39
CA ILE K 122 28.54 73.65 -16.49
C ILE K 122 27.90 74.98 -16.07
N ALA K 123 27.88 75.93 -17.01
CA ALA K 123 27.28 77.23 -16.76
C ALA K 123 25.76 77.14 -16.77
N ALA K 124 25.11 77.76 -15.79
CA ALA K 124 23.64 77.70 -15.64
C ALA K 124 22.83 78.15 -16.87
N PRO K 125 23.26 79.21 -17.58
CA PRO K 125 22.56 79.58 -18.82
C PRO K 125 22.54 78.49 -19.92
N SER K 126 23.56 77.63 -19.97
CA SER K 126 23.60 76.53 -20.94
C SER K 126 22.54 75.47 -20.68
N MET K 127 22.33 75.11 -19.42
CA MET K 127 21.26 74.17 -19.05
C MET K 127 19.87 74.75 -19.26
N VAL K 128 19.70 76.06 -19.07
CA VAL K 128 18.41 76.70 -19.33
C VAL K 128 18.16 76.71 -20.84
N ALA K 129 19.21 76.92 -21.64
CA ALA K 129 19.13 76.86 -23.11
C ALA K 129 18.78 75.44 -23.60
N MET K 130 19.42 74.43 -23.01
CA MET K 130 19.12 73.03 -23.32
C MET K 130 17.68 72.69 -22.95
N PHE K 131 17.25 73.07 -21.74
CA PHE K 131 15.87 72.83 -21.31
C PHE K 131 14.81 73.64 -22.08
N GLU K 132 15.20 74.80 -22.62
CA GLU K 132 14.34 75.52 -23.57
C GLU K 132 14.05 74.63 -24.79
N ASN K 133 15.11 74.06 -25.35
CA ASN K 133 15.02 73.16 -26.51
C ASN K 133 14.26 71.85 -26.21
N PHE K 134 14.39 71.32 -24.99
CA PHE K 134 13.64 70.13 -24.57
C PHE K 134 12.15 70.40 -24.59
N VAL K 135 11.74 71.43 -23.86
CA VAL K 135 10.31 71.75 -23.73
C VAL K 135 9.70 72.19 -25.06
N SER K 136 10.51 72.77 -25.94
CA SER K 136 10.06 73.11 -27.31
C SER K 136 9.57 71.90 -28.14
N VAL K 137 9.92 70.68 -27.74
CA VAL K 137 9.38 69.45 -28.34
C VAL K 137 7.86 69.33 -28.14
N THR K 138 7.32 69.97 -27.11
CA THR K 138 5.86 70.04 -26.93
C THR K 138 5.15 70.87 -28.02
N GLN K 139 5.89 71.74 -28.71
CA GLN K 139 5.36 72.56 -29.82
C GLN K 139 5.30 71.78 -31.14
N GLU K 140 6.22 70.83 -31.35
CA GLU K 140 6.27 70.01 -32.57
C GLU K 140 4.92 69.36 -32.88
N GLU K 141 4.55 69.33 -34.17
CA GLU K 141 3.29 68.70 -34.60
C GLU K 141 3.58 67.44 -35.42
N ASP K 142 2.55 66.60 -35.54
CA ASP K 142 2.64 65.28 -36.18
C ASP K 142 3.68 64.35 -35.50
N VAL K 143 3.67 64.36 -34.17
CA VAL K 143 4.54 63.47 -33.35
C VAL K 143 3.75 62.92 -32.17
N PRO K 144 4.15 61.73 -31.67
CA PRO K 144 3.34 61.11 -30.61
C PRO K 144 3.52 61.76 -29.24
N GLN K 145 2.48 61.67 -28.41
CA GLN K 145 2.47 62.21 -27.05
C GLN K 145 3.66 61.71 -26.23
N VAL K 146 3.93 60.40 -26.31
CA VAL K 146 5.03 59.79 -25.57
C VAL K 146 6.42 60.41 -25.82
N ARG K 147 6.64 60.96 -27.03
CA ARG K 147 7.86 61.71 -27.34
C ARG K 147 7.90 62.99 -26.52
N ARG K 148 6.79 63.72 -26.56
CA ARG K 148 6.67 64.99 -25.86
C ARG K 148 6.78 64.77 -24.35
N ASP K 149 5.99 63.83 -23.84
CA ASP K 149 6.05 63.37 -22.45
C ASP K 149 7.47 63.16 -21.93
N TRP K 150 8.28 62.46 -22.71
CA TRP K 150 9.63 62.15 -22.26
C TRP K 150 10.48 63.41 -22.09
N TYR K 151 10.43 64.28 -23.08
CA TYR K 151 11.26 65.50 -23.08
C TYR K 151 10.90 66.43 -21.91
N VAL K 152 9.61 66.51 -21.58
CA VAL K 152 9.14 67.18 -20.35
C VAL K 152 9.67 66.43 -19.12
N TYR K 153 9.50 65.11 -19.08
CA TYR K 153 9.93 64.30 -17.93
C TYR K 153 11.43 64.47 -17.61
N ALA K 154 12.28 64.47 -18.64
CA ALA K 154 13.72 64.66 -18.45
C ALA K 154 14.06 66.02 -17.84
N PHE K 155 13.27 67.04 -18.22
CA PHE K 155 13.39 68.38 -17.64
C PHE K 155 12.90 68.41 -16.19
N LEU K 156 11.63 68.07 -15.98
CA LEU K 156 11.03 68.11 -14.64
C LEU K 156 11.79 67.26 -13.62
N SER K 157 12.19 66.06 -14.01
CA SER K 157 12.90 65.15 -13.11
C SER K 157 14.36 65.55 -12.83
N SER K 158 14.89 66.52 -13.56
CA SER K 158 16.19 67.11 -13.23
C SER K 158 16.12 68.21 -12.17
N LEU K 159 14.93 68.77 -11.95
CA LEU K 159 14.79 69.96 -11.10
C LEU K 159 15.03 69.76 -9.62
N PRO K 160 14.76 68.56 -9.07
CA PRO K 160 15.15 68.36 -7.67
C PRO K 160 16.63 68.58 -7.40
N TRP K 161 17.49 68.33 -8.39
CA TRP K 161 18.93 68.52 -8.25
C TRP K 161 19.37 69.94 -8.59
N VAL K 162 18.84 70.50 -9.69
CA VAL K 162 19.33 71.77 -10.23
C VAL K 162 18.27 72.91 -10.24
N GLY K 163 17.06 72.66 -9.76
CA GLY K 163 15.98 73.64 -9.84
C GLY K 163 16.22 74.96 -9.12
N LYS K 164 16.95 74.91 -8.02
CA LYS K 164 17.32 76.11 -7.27
C LYS K 164 18.31 76.97 -8.07
N GLU K 165 19.43 76.36 -8.45
CA GLU K 165 20.52 77.05 -9.16
C GLU K 165 20.09 77.71 -10.49
N LEU K 166 19.16 77.09 -11.21
CA LEU K 166 18.66 77.65 -12.47
C LEU K 166 17.70 78.81 -12.24
N TYR K 167 16.84 78.69 -11.24
CA TYR K 167 15.84 79.72 -10.95
C TYR K 167 16.46 80.99 -10.37
N GLU K 168 17.60 80.89 -9.70
CA GLU K 168 18.33 82.06 -9.20
C GLU K 168 19.14 82.78 -10.27
N LYS K 169 19.66 82.06 -11.26
CA LYS K 169 20.45 82.65 -12.36
C LYS K 169 19.62 83.22 -13.50
N LYS K 170 18.47 82.59 -13.82
CA LYS K 170 17.67 82.97 -15.00
C LYS K 170 16.16 82.75 -14.75
N ASP K 171 15.58 83.36 -13.71
CA ASP K 171 14.15 83.15 -13.40
C ASP K 171 13.18 83.58 -14.50
N ALA K 172 13.55 84.62 -15.25
CA ALA K 172 12.76 85.09 -16.40
C ALA K 172 12.59 83.98 -17.42
N GLU K 173 13.71 83.42 -17.86
CA GLU K 173 13.75 82.34 -18.84
C GLU K 173 13.03 81.08 -18.34
N MET K 174 13.18 80.77 -17.05
CA MET K 174 12.56 79.59 -16.45
C MET K 174 11.03 79.71 -16.30
N ASP K 175 10.53 80.92 -16.04
CA ASP K 175 9.07 81.13 -15.99
C ASP K 175 8.37 80.83 -17.34
N ARG K 176 9.05 81.11 -18.46
CA ARG K 176 8.54 80.75 -19.80
C ARG K 176 8.43 79.24 -19.98
N ILE K 177 9.44 78.51 -19.49
CA ILE K 177 9.48 77.06 -19.57
C ILE K 177 8.32 76.46 -18.77
N PHE K 178 8.10 76.97 -17.57
CA PHE K 178 6.99 76.52 -16.72
C PHE K 178 5.61 76.87 -17.28
N ALA K 179 5.52 77.97 -18.05
CA ALA K 179 4.29 78.35 -18.74
C ALA K 179 3.98 77.40 -19.91
N ASN K 180 4.99 77.17 -20.75
CA ASN K 180 4.90 76.23 -21.88
C ASN K 180 4.68 74.79 -21.42
N THR K 181 5.39 74.39 -20.37
CA THR K 181 5.22 73.07 -19.74
C THR K 181 3.80 72.90 -19.19
N GLU K 182 3.35 73.88 -18.40
CA GLU K 182 2.02 73.83 -17.80
C GLU K 182 0.90 73.78 -18.84
N SER K 183 1.03 74.53 -19.92
CA SER K 183 0.04 74.51 -21.01
C SER K 183 -0.02 73.14 -21.67
N TYR K 184 1.13 72.50 -21.89
CA TYR K 184 1.20 71.16 -22.48
C TYR K 184 0.50 70.11 -21.59
N LEU K 185 0.82 70.13 -20.29
CA LEU K 185 0.27 69.13 -19.35
C LEU K 185 -1.26 69.24 -19.19
N LYS K 186 -1.81 70.43 -19.40
CA LYS K 186 -3.27 70.66 -19.39
C LYS K 186 -3.95 69.94 -20.55
N ARG K 187 -3.35 70.04 -21.74
CA ARG K 187 -3.94 69.50 -22.99
C ARG K 187 -3.50 68.06 -23.35
N ARG K 188 -2.70 67.41 -22.50
CA ARG K 188 -2.34 66.00 -22.69
C ARG K 188 -3.55 65.08 -22.60
N GLN K 189 -3.53 64.01 -23.38
CA GLN K 189 -4.51 62.93 -23.28
C GLN K 189 -4.22 62.09 -22.02
N LYS K 190 -5.27 61.57 -21.40
CA LYS K 190 -5.14 60.70 -20.22
C LYS K 190 -5.87 59.37 -20.43
N THR K 191 -5.92 58.91 -21.68
CA THR K 191 -6.73 57.74 -22.07
C THR K 191 -6.17 56.45 -21.48
N HIS K 192 -4.84 56.41 -21.38
CA HIS K 192 -4.08 55.28 -20.82
C HIS K 192 -4.30 54.96 -19.34
N VAL K 193 -4.67 55.96 -18.54
CA VAL K 193 -4.62 55.83 -17.07
C VAL K 193 -5.43 54.64 -16.49
N PRO K 194 -6.67 54.40 -16.95
CA PRO K 194 -7.42 53.25 -16.43
C PRO K 194 -6.81 51.87 -16.72
N MET K 195 -5.96 51.79 -17.75
CA MET K 195 -5.22 50.57 -18.09
C MET K 195 -4.01 50.30 -17.21
N LEU K 196 -3.38 51.36 -16.70
CA LEU K 196 -2.14 51.26 -15.93
C LEU K 196 -2.27 51.36 -14.41
N GLN K 197 -3.45 51.73 -13.92
CA GLN K 197 -3.67 51.83 -12.47
C GLN K 197 -3.77 50.46 -11.86
N VAL K 198 -3.11 50.27 -10.72
CA VAL K 198 -3.20 49.04 -9.96
C VAL K 198 -4.57 48.95 -9.29
N TRP K 199 -5.04 50.11 -8.79
CA TRP K 199 -6.36 50.26 -8.19
C TRP K 199 -7.13 51.39 -8.87
N THR K 200 -8.36 51.11 -9.30
CA THR K 200 -9.25 52.13 -9.88
C THR K 200 -9.73 53.17 -8.84
N ALA K 201 -9.91 52.72 -7.60
CA ALA K 201 -10.30 53.58 -6.48
C ALA K 201 -9.26 54.66 -6.21
N ASP K 202 -9.71 55.82 -5.73
CA ASP K 202 -8.79 56.91 -5.34
C ASP K 202 -8.77 57.15 -3.82
N LYS K 203 -9.32 56.20 -3.07
CA LYS K 203 -9.26 56.18 -1.61
C LYS K 203 -8.74 54.78 -1.23
N PRO K 204 -7.73 54.66 -0.37
CA PRO K 204 -7.08 55.75 0.35
C PRO K 204 -6.05 56.58 -0.42
N HIS K 205 -5.61 56.11 -1.59
CA HIS K 205 -4.60 56.84 -2.38
C HIS K 205 -4.95 56.87 -3.85
N PRO K 206 -5.01 58.07 -4.45
CA PRO K 206 -5.16 58.10 -5.90
C PRO K 206 -3.89 57.59 -6.60
N GLN K 207 -4.07 56.64 -7.51
CA GLN K 207 -2.97 56.17 -8.35
C GLN K 207 -2.80 57.19 -9.49
N GLU K 208 -1.91 58.16 -9.26
CA GLU K 208 -1.76 59.33 -10.12
C GLU K 208 -0.97 59.07 -11.39
N GLU K 209 -1.28 59.82 -12.44
CA GLU K 209 -0.55 59.73 -13.70
C GLU K 209 0.83 60.38 -13.50
N TYR K 210 1.87 59.74 -14.03
CA TYR K 210 3.24 60.03 -13.63
C TYR K 210 3.73 61.47 -13.88
N LEU K 211 3.21 62.14 -14.90
CA LEU K 211 3.62 63.53 -15.17
C LEU K 211 2.80 64.53 -14.37
N ASP K 212 1.53 64.21 -14.11
CA ASP K 212 0.69 64.99 -13.20
C ASP K 212 1.32 65.03 -11.81
N CYS K 213 1.72 63.85 -11.33
CA CYS K 213 2.32 63.70 -10.01
C CYS K 213 3.67 64.42 -9.90
N LEU K 214 4.55 64.25 -10.89
CA LEU K 214 5.83 64.95 -10.88
C LEU K 214 5.63 66.47 -10.92
N TRP K 215 4.64 66.93 -11.70
CA TRP K 215 4.28 68.35 -11.76
C TRP K 215 3.92 68.87 -10.37
N ALA K 216 2.93 68.25 -9.73
CA ALA K 216 2.56 68.57 -8.36
C ALA K 216 3.77 68.67 -7.43
N GLN K 217 4.67 67.70 -7.54
CA GLN K 217 5.91 67.68 -6.74
C GLN K 217 6.84 68.84 -7.06
N ILE K 218 6.97 69.18 -8.34
CA ILE K 218 7.82 70.30 -8.74
C ILE K 218 7.20 71.64 -8.36
N GLN K 219 5.87 71.71 -8.33
CA GLN K 219 5.18 72.93 -7.87
C GLN K 219 5.42 73.18 -6.38
N LYS K 220 5.24 72.15 -5.55
CA LYS K 220 5.51 72.26 -4.11
C LYS K 220 6.97 72.58 -3.79
N LEU K 221 7.89 72.08 -4.61
CA LEU K 221 9.31 72.40 -4.47
C LEU K 221 9.58 73.88 -4.77
N LYS K 222 8.96 74.39 -5.83
CA LYS K 222 9.08 75.80 -6.20
C LYS K 222 8.49 76.71 -5.11
N LYS K 223 7.30 76.35 -4.62
CA LYS K 223 6.64 77.07 -3.53
C LYS K 223 7.46 77.11 -2.24
N ASP K 224 8.29 76.08 -2.01
CA ASP K 224 9.21 76.04 -0.86
C ASP K 224 10.63 76.53 -1.21
N ARG K 225 10.72 77.51 -2.12
CA ARG K 225 11.99 78.17 -2.51
C ARG K 225 13.10 77.22 -2.97
N TRP K 226 12.73 76.09 -3.59
CA TRP K 226 13.68 75.06 -4.04
C TRP K 226 14.53 74.45 -2.92
N GLN K 227 13.94 74.36 -1.73
CA GLN K 227 14.57 73.73 -0.57
C GLN K 227 14.04 72.32 -0.48
N GLU K 228 14.94 71.34 -0.57
CA GLU K 228 14.58 69.93 -0.43
C GLU K 228 15.47 69.30 0.64
N ARG K 229 14.94 68.28 1.30
CA ARG K 229 15.51 67.76 2.56
C ARG K 229 16.20 66.37 2.47
N HIS K 230 16.31 65.78 1.27
CA HIS K 230 16.81 64.39 1.13
C HIS K 230 18.16 64.22 0.41
N ILE K 231 18.37 64.93 -0.69
CA ILE K 231 19.50 64.66 -1.59
C ILE K 231 20.84 64.99 -0.92
N LEU K 232 21.68 63.97 -0.77
CA LEU K 232 23.05 64.17 -0.31
C LEU K 232 23.84 64.88 -1.41
N ARG K 233 24.52 65.96 -1.02
CA ARG K 233 25.26 66.82 -1.93
C ARG K 233 26.69 66.98 -1.40
N PRO K 234 27.59 66.04 -1.75
CA PRO K 234 28.98 66.13 -1.28
C PRO K 234 29.71 67.41 -1.69
N TYR K 235 29.35 67.97 -2.85
CA TYR K 235 29.94 69.24 -3.34
C TYR K 235 29.85 70.45 -2.39
N LEU K 236 28.79 70.51 -1.57
CA LEU K 236 28.65 71.60 -0.58
C LEU K 236 29.82 71.66 0.42
N ALA K 237 30.40 70.51 0.74
CA ALA K 237 31.59 70.45 1.60
C ALA K 237 32.86 71.01 0.95
N PHE K 238 32.94 70.98 -0.39
CA PHE K 238 34.07 71.54 -1.14
C PHE K 238 33.78 72.93 -1.72
N ASP K 239 32.97 73.72 -1.02
CA ASP K 239 32.53 75.02 -1.52
C ASP K 239 33.67 76.00 -1.83
N SER K 240 34.72 75.99 -1.00
CA SER K 240 35.94 76.79 -1.24
C SER K 240 36.56 76.55 -2.61
N ILE K 241 36.75 75.27 -2.94
CA ILE K 241 37.45 74.86 -4.16
C ILE K 241 36.59 75.05 -5.42
N LEU K 242 35.27 74.83 -5.29
CA LEU K 242 34.35 74.83 -6.44
C LEU K 242 33.83 76.22 -6.86
N CYS K 243 33.86 77.21 -5.96
CA CYS K 243 33.56 78.60 -6.34
C CYS K 243 34.54 79.12 -7.38
N GLU K 244 35.84 78.94 -7.07
CA GLU K 244 36.92 79.43 -7.92
C GLU K 244 37.08 78.66 -9.25
N ALA K 245 36.47 77.48 -9.35
CA ALA K 245 36.51 76.67 -10.58
C ALA K 245 35.76 77.35 -11.73
N LEU K 246 36.34 77.24 -12.93
CA LEU K 246 35.80 77.89 -14.11
C LEU K 246 34.82 76.99 -14.83
N GLN K 247 33.72 77.58 -15.31
CA GLN K 247 32.60 76.84 -15.89
C GLN K 247 32.77 76.63 -17.39
N HIS K 248 31.93 75.74 -17.93
CA HIS K 248 31.90 75.42 -19.36
C HIS K 248 30.50 75.61 -19.89
N ASN K 249 30.40 75.94 -21.17
CA ASN K 249 29.11 76.07 -21.85
C ASN K 249 28.82 74.78 -22.61
N LEU K 250 27.65 74.18 -22.35
CA LEU K 250 27.14 73.13 -23.22
C LEU K 250 26.91 73.74 -24.60
N PRO K 251 27.23 72.98 -25.67
CA PRO K 251 26.80 73.47 -26.97
C PRO K 251 25.27 73.58 -27.06
N PRO K 252 24.75 74.37 -28.03
CA PRO K 252 23.31 74.39 -28.22
C PRO K 252 22.82 73.00 -28.63
N PHE K 253 21.66 72.59 -28.11
CA PHE K 253 21.20 71.21 -28.26
C PHE K 253 19.94 71.12 -29.12
N THR K 254 20.06 70.44 -30.26
CA THR K 254 18.93 70.14 -31.13
C THR K 254 18.46 68.72 -30.78
N PRO K 255 17.22 68.57 -30.28
CA PRO K 255 16.74 67.22 -29.97
C PRO K 255 16.57 66.39 -31.25
N PRO K 256 17.21 65.20 -31.32
CA PRO K 256 17.07 64.36 -32.52
C PRO K 256 15.60 64.19 -32.95
N PRO K 257 15.30 64.44 -34.24
CA PRO K 257 13.90 64.53 -34.61
C PRO K 257 13.24 63.17 -34.68
N HIS K 258 11.90 63.18 -34.65
CA HIS K 258 11.11 61.95 -34.69
C HIS K 258 11.24 61.27 -36.06
N THR K 259 11.44 59.95 -36.03
CA THR K 259 11.37 59.10 -37.21
C THR K 259 10.45 57.95 -36.85
N GLU K 260 10.08 57.13 -37.83
CA GLU K 260 9.25 55.97 -37.55
C GLU K 260 10.05 54.78 -36.99
N ASP K 261 11.39 54.92 -36.94
CA ASP K 261 12.24 54.05 -36.11
C ASP K 261 12.21 54.38 -34.60
N SER K 262 11.74 55.58 -34.23
CA SER K 262 11.75 56.03 -32.84
C SER K 262 10.76 55.28 -31.96
N VAL K 263 11.23 54.90 -30.78
CA VAL K 263 10.46 54.12 -29.80
C VAL K 263 10.66 54.84 -28.47
N TYR K 264 9.56 55.37 -27.92
CA TYR K 264 9.64 56.11 -26.65
C TYR K 264 9.05 55.30 -25.50
N PRO K 265 9.44 55.61 -24.25
CA PRO K 265 8.87 54.91 -23.09
C PRO K 265 7.37 55.06 -23.00
N MET K 266 6.69 54.01 -22.56
CA MET K 266 5.26 54.06 -22.30
C MET K 266 4.98 54.96 -21.12
N PRO K 267 3.79 55.58 -21.07
CA PRO K 267 3.42 56.30 -19.86
C PRO K 267 3.28 55.36 -18.65
N ARG K 268 3.37 55.95 -17.46
CA ARG K 268 3.33 55.22 -16.20
C ARG K 268 2.32 55.84 -15.24
N VAL K 269 1.99 55.07 -14.20
CA VAL K 269 1.12 55.49 -13.11
C VAL K 269 1.85 55.22 -11.80
N ILE K 270 1.95 56.24 -10.93
CA ILE K 270 2.72 56.12 -9.69
C ILE K 270 2.00 55.22 -8.68
N PHE K 271 2.63 54.09 -8.37
CA PHE K 271 2.16 53.19 -7.32
C PHE K 271 2.22 53.91 -6.00
N ARG K 272 1.24 53.65 -5.15
CA ARG K 272 1.12 54.36 -3.88
C ARG K 272 0.26 53.56 -2.92
N MET K 273 0.86 53.10 -1.83
CA MET K 273 0.11 52.42 -0.76
C MET K 273 0.33 52.94 0.66
N PHE K 274 1.40 53.70 0.91
CA PHE K 274 1.72 54.22 2.24
C PHE K 274 1.67 55.75 2.30
N ASP K 275 1.20 56.28 3.44
CA ASP K 275 1.57 57.63 3.90
C ASP K 275 2.11 57.51 5.33
N TYR K 276 2.51 58.64 5.94
CA TYR K 276 3.12 58.63 7.27
C TYR K 276 2.30 57.92 8.38
N THR K 277 0.97 57.88 8.26
CA THR K 277 0.10 57.26 9.29
C THR K 277 0.17 55.74 9.35
N ASP K 278 0.77 55.10 8.36
CA ASP K 278 1.04 53.65 8.41
C ASP K 278 2.29 53.29 9.25
N ASP K 279 3.11 54.30 9.58
CA ASP K 279 4.26 54.16 10.48
C ASP K 279 4.32 55.36 11.46
N PRO K 280 3.44 55.38 12.48
CA PRO K 280 3.43 56.51 13.43
C PRO K 280 4.66 56.57 14.35
N GLU K 281 5.29 55.42 14.60
CA GLU K 281 6.40 55.30 15.54
C GLU K 281 7.69 55.81 14.90
N GLY K 282 7.99 55.31 13.72
CA GLY K 282 9.22 55.65 13.00
C GLY K 282 9.20 57.07 12.42
N PRO K 283 10.24 57.44 11.66
CA PRO K 283 10.33 58.78 11.08
C PRO K 283 9.16 59.13 10.15
N VAL K 284 8.92 60.41 9.96
CA VAL K 284 7.77 60.85 9.18
C VAL K 284 8.06 60.64 7.69
N MET K 285 7.19 59.87 7.05
CA MET K 285 7.31 59.54 5.64
C MET K 285 6.99 60.75 4.77
N PRO K 286 7.91 61.18 3.88
CA PRO K 286 7.61 62.28 2.95
C PRO K 286 6.36 61.98 2.13
N GLY K 287 5.56 63.00 1.87
CA GLY K 287 4.23 62.81 1.25
C GLY K 287 4.28 62.58 -0.24
N SER K 288 3.16 62.05 -0.76
CA SER K 288 3.00 61.76 -2.19
C SER K 288 3.45 62.88 -3.10
N HIS K 289 3.17 64.12 -2.73
CA HIS K 289 3.51 65.28 -3.57
C HIS K 289 4.77 66.02 -3.11
N SER K 290 5.70 65.32 -2.47
CA SER K 290 7.02 65.87 -2.18
C SER K 290 8.07 65.28 -3.10
N VAL K 291 9.01 66.12 -3.57
CA VAL K 291 10.15 65.61 -4.38
C VAL K 291 11.07 64.67 -3.61
N GLU K 292 11.03 64.73 -2.29
CA GLU K 292 11.70 63.75 -1.44
C GLU K 292 11.21 62.34 -1.78
N ARG K 293 9.90 62.15 -1.83
CA ARG K 293 9.30 60.85 -2.12
C ARG K 293 9.69 60.35 -3.51
N PHE K 294 9.75 61.27 -4.48
CA PHE K 294 10.16 60.95 -5.84
C PHE K 294 11.63 60.50 -5.89
N VAL K 295 12.53 61.26 -5.24
CA VAL K 295 13.96 60.95 -5.30
C VAL K 295 14.31 59.66 -4.53
N ILE K 296 13.58 59.39 -3.46
CA ILE K 296 13.76 58.16 -2.69
C ILE K 296 13.38 56.98 -3.56
N GLU K 297 12.18 57.00 -4.11
CA GLU K 297 11.68 55.85 -4.91
C GLU K 297 12.48 55.65 -6.18
N GLU K 298 12.90 56.74 -6.81
CA GLU K 298 13.74 56.66 -8.00
C GLU K 298 15.06 55.95 -7.70
N ASN K 299 15.73 56.34 -6.62
CA ASN K 299 17.01 55.74 -6.25
C ASN K 299 16.87 54.27 -5.84
N LEU K 300 15.83 53.95 -5.07
CA LEU K 300 15.55 52.55 -4.71
C LEU K 300 15.29 51.69 -5.95
N HIS K 301 14.53 52.22 -6.90
CA HIS K 301 14.33 51.52 -8.18
C HIS K 301 15.67 51.29 -8.89
N CYS K 302 16.51 52.32 -8.94
CA CYS K 302 17.82 52.24 -9.58
C CYS K 302 18.79 51.25 -8.92
N ILE K 303 18.70 51.13 -7.60
CA ILE K 303 19.49 50.13 -6.86
C ILE K 303 19.07 48.72 -7.29
N ILE K 304 17.78 48.48 -7.42
CA ILE K 304 17.30 47.17 -7.87
C ILE K 304 17.76 46.94 -9.30
N LYS K 305 17.64 47.95 -10.16
CA LYS K 305 18.12 47.86 -11.54
C LYS K 305 19.61 47.54 -11.64
N SER K 306 20.42 48.08 -10.72
CA SER K 306 21.86 47.81 -10.72
C SER K 306 22.24 46.45 -10.16
N HIS K 307 21.43 45.87 -9.28
CA HIS K 307 21.80 44.67 -8.54
C HIS K 307 20.78 43.53 -8.59
N TRP K 308 19.82 43.57 -9.52
CA TRP K 308 18.72 42.58 -9.54
C TRP K 308 19.18 41.12 -9.56
N LYS K 309 20.33 40.84 -10.17
CA LYS K 309 20.86 39.48 -10.29
C LYS K 309 21.46 38.90 -9.00
N GLU K 310 21.86 39.76 -8.08
CA GLU K 310 22.52 39.36 -6.84
C GLU K 310 21.57 39.67 -5.69
N ARG K 311 20.63 38.76 -5.42
CA ARG K 311 19.57 39.05 -4.44
C ARG K 311 20.08 39.49 -3.07
N LYS K 312 21.16 38.89 -2.59
CA LYS K 312 21.70 39.20 -1.27
C LYS K 312 22.38 40.56 -1.28
N THR K 313 23.19 40.84 -2.32
CA THR K 313 23.75 42.18 -2.55
C THR K 313 22.66 43.22 -2.73
N CYS K 314 21.61 42.88 -3.48
CA CYS K 314 20.49 43.80 -3.71
C CYS K 314 19.80 44.20 -2.42
N ALA K 315 19.62 43.25 -1.49
CA ALA K 315 19.02 43.54 -0.18
C ALA K 315 19.89 44.45 0.65
N ALA K 316 21.18 44.14 0.71
CA ALA K 316 22.16 44.94 1.45
C ALA K 316 22.18 46.39 1.01
N GLN K 317 22.20 46.62 -0.30
CA GLN K 317 22.26 47.98 -0.85
C GLN K 317 21.01 48.79 -0.57
N LEU K 318 19.86 48.13 -0.60
CA LEU K 318 18.59 48.79 -0.26
C LEU K 318 18.55 49.20 1.20
N VAL K 319 18.96 48.28 2.07
CA VAL K 319 18.91 48.52 3.52
C VAL K 319 19.92 49.58 3.95
N SER K 320 21.05 49.66 3.26
CA SER K 320 22.06 50.68 3.56
C SER K 320 21.93 51.97 2.74
N TYR K 321 20.72 52.31 2.30
CA TYR K 321 20.48 53.51 1.48
C TYR K 321 20.69 54.78 2.30
N PRO K 322 21.63 55.65 1.88
CA PRO K 322 21.88 56.90 2.62
C PRO K 322 20.97 58.05 2.18
N GLY K 323 20.65 58.93 3.14
CA GLY K 323 20.00 60.21 2.86
C GLY K 323 20.44 61.30 3.82
N LYS K 324 20.15 62.55 3.49
CA LYS K 324 20.48 63.68 4.36
C LYS K 324 19.70 63.61 5.67
N ASN K 325 18.43 63.23 5.60
CA ASN K 325 17.58 63.09 6.78
C ASN K 325 17.00 61.68 6.90
N LYS K 326 16.57 61.34 8.11
CA LYS K 326 16.03 60.01 8.40
C LYS K 326 14.63 59.80 7.83
N ILE K 327 14.40 58.59 7.33
CA ILE K 327 13.16 58.19 6.63
C ILE K 327 12.81 56.75 7.01
N PRO K 328 11.52 56.38 6.95
CA PRO K 328 11.14 55.02 7.32
C PRO K 328 11.48 54.02 6.21
N LEU K 329 12.78 53.70 6.11
CA LEU K 329 13.34 53.00 4.96
C LEU K 329 12.71 51.65 4.64
N ASN K 330 12.31 50.90 5.67
CA ASN K 330 11.63 49.61 5.46
C ASN K 330 10.31 49.78 4.69
N TYR K 331 9.58 50.86 4.95
CA TYR K 331 8.29 51.10 4.27
C TYR K 331 8.52 51.47 2.82
N HIS K 332 9.45 52.39 2.57
CA HIS K 332 9.85 52.74 1.21
C HIS K 332 10.33 51.53 0.38
N ILE K 333 11.08 50.63 1.01
CA ILE K 333 11.60 49.46 0.30
C ILE K 333 10.47 48.52 -0.10
N VAL K 334 9.61 48.18 0.84
CA VAL K 334 8.47 47.30 0.56
C VAL K 334 7.55 47.92 -0.51
N GLU K 335 7.37 49.24 -0.47
CA GLU K 335 6.53 49.93 -1.44
C GLU K 335 7.14 49.85 -2.84
N VAL K 336 8.40 50.28 -2.96
CA VAL K 336 9.16 50.21 -4.21
C VAL K 336 9.20 48.80 -4.81
N ILE K 337 9.30 47.78 -3.97
CA ILE K 337 9.25 46.40 -4.44
C ILE K 337 7.88 46.09 -5.02
N PHE K 338 6.80 46.31 -4.26
CA PHE K 338 5.46 46.06 -4.79
C PHE K 338 5.10 46.98 -5.97
N ALA K 339 5.69 48.17 -6.02
CA ALA K 339 5.50 49.07 -7.16
C ALA K 339 6.01 48.45 -8.47
N GLU K 340 7.12 47.72 -8.39
CA GLU K 340 7.66 47.01 -9.54
C GLU K 340 6.88 45.75 -9.83
N LEU K 341 6.65 44.93 -8.82
CA LEU K 341 5.89 43.69 -9.01
C LEU K 341 4.54 43.94 -9.66
N PHE K 342 3.84 45.00 -9.24
CA PHE K 342 2.52 45.31 -9.80
C PHE K 342 2.51 46.31 -10.96
N GLN K 343 3.68 46.68 -11.50
CA GLN K 343 3.72 47.67 -12.57
C GLN K 343 3.03 47.13 -13.82
N LEU K 344 2.34 48.04 -14.53
CA LEU K 344 1.67 47.71 -15.79
C LEU K 344 2.31 48.51 -16.93
N PRO K 345 2.54 47.91 -18.10
CA PRO K 345 2.14 46.54 -18.43
C PRO K 345 2.88 45.44 -17.68
N ALA K 346 4.19 45.61 -17.48
CA ALA K 346 5.02 44.55 -16.88
C ALA K 346 5.96 45.07 -15.80
N PRO K 347 6.45 44.18 -14.92
CA PRO K 347 7.48 44.58 -13.99
C PRO K 347 8.80 44.75 -14.73
N PRO K 348 9.74 45.51 -14.17
CA PRO K 348 11.03 45.66 -14.84
C PRO K 348 11.90 44.42 -14.85
N HIS K 349 11.62 43.45 -13.97
CA HIS K 349 12.40 42.23 -13.84
C HIS K 349 11.47 41.04 -13.60
N ILE K 350 11.97 39.83 -13.82
CA ILE K 350 11.15 38.63 -13.66
C ILE K 350 10.46 38.56 -12.29
N ASP K 351 9.16 38.23 -12.28
CA ASP K 351 8.31 38.28 -11.07
C ASP K 351 8.90 37.62 -9.83
N VAL K 352 9.51 36.46 -10.03
CA VAL K 352 9.99 35.63 -8.92
C VAL K 352 11.14 36.26 -8.13
N MET K 353 11.92 37.12 -8.79
CA MET K 353 13.00 37.86 -8.12
C MET K 353 12.49 38.62 -6.90
N TYR K 354 11.31 39.22 -7.02
CA TYR K 354 10.73 40.03 -5.95
C TYR K 354 10.39 39.20 -4.70
N THR K 355 9.92 37.97 -4.90
CA THR K 355 9.65 37.06 -3.79
C THR K 355 10.91 36.78 -3.00
N THR K 356 11.98 36.47 -3.72
CA THR K 356 13.27 36.18 -3.11
C THR K 356 13.92 37.40 -2.45
N LEU K 357 13.87 38.55 -3.12
CA LEU K 357 14.41 39.78 -2.54
C LEU K 357 13.74 40.12 -1.23
N LEU K 358 12.41 39.97 -1.17
CA LEU K 358 11.69 40.18 0.08
C LEU K 358 12.13 39.22 1.19
N ILE K 359 12.43 37.96 0.85
CA ILE K 359 12.97 37.00 1.83
C ILE K 359 14.37 37.43 2.33
N GLU K 360 15.27 37.76 1.42
CA GLU K 360 16.61 38.25 1.79
C GLU K 360 16.56 39.51 2.63
N LEU K 361 15.55 40.34 2.40
CA LEU K 361 15.32 41.52 3.23
C LEU K 361 14.81 41.17 4.63
N CYS K 362 13.95 40.17 4.75
CA CYS K 362 13.53 39.67 6.07
C CYS K 362 14.74 39.12 6.83
N LYS K 363 15.60 38.35 6.15
CA LYS K 363 16.84 37.86 6.76
C LYS K 363 17.74 38.98 7.28
N LEU K 364 17.86 40.05 6.50
CA LEU K 364 18.76 41.15 6.84
C LEU K 364 18.22 42.09 7.93
N GLN K 365 16.89 42.13 8.12
CA GLN K 365 16.26 43.00 9.12
C GLN K 365 15.15 42.20 9.81
N PRO K 366 15.52 41.10 10.50
CA PRO K 366 14.49 40.19 11.00
C PRO K 366 13.62 40.75 12.12
N GLY K 367 14.11 41.76 12.83
CA GLY K 367 13.36 42.38 13.91
C GLY K 367 12.24 43.32 13.48
N SER K 368 12.36 43.90 12.28
CA SER K 368 11.43 44.95 11.81
C SER K 368 10.72 44.66 10.46
N LEU K 369 11.46 44.17 9.47
CA LEU K 369 10.94 44.02 8.09
C LEU K 369 9.74 43.08 7.97
N PRO K 370 9.78 41.88 8.59
CA PRO K 370 8.62 40.98 8.50
C PRO K 370 7.31 41.59 8.98
N GLN K 371 7.38 42.44 9.99
CA GLN K 371 6.19 43.15 10.49
C GLN K 371 5.66 44.13 9.45
N VAL K 372 6.56 44.92 8.86
CA VAL K 372 6.19 45.85 7.78
C VAL K 372 5.62 45.10 6.58
N LEU K 373 6.25 43.98 6.24
CA LEU K 373 5.77 43.14 5.15
C LEU K 373 4.36 42.63 5.42
N ALA K 374 4.12 42.09 6.61
CA ALA K 374 2.79 41.55 6.99
C ALA K 374 1.71 42.62 7.01
N GLN K 375 2.06 43.81 7.47
CA GLN K 375 1.17 44.98 7.48
C GLN K 375 0.77 45.35 6.05
N ALA K 376 1.75 45.38 5.15
CA ALA K 376 1.50 45.69 3.74
C ALA K 376 0.63 44.63 3.09
N THR K 377 0.91 43.35 3.36
CA THR K 377 0.09 42.25 2.85
C THR K 377 -1.37 42.39 3.26
N GLU K 378 -1.58 42.79 4.52
CA GLU K 378 -2.92 43.06 5.06
C GLU K 378 -3.59 44.20 4.29
N MET K 379 -2.86 45.28 4.06
CA MET K 379 -3.38 46.44 3.33
C MET K 379 -3.71 46.11 1.88
N LEU K 380 -2.92 45.23 1.26
CA LEU K 380 -3.17 44.80 -0.12
C LEU K 380 -4.45 43.98 -0.21
N TYR K 381 -4.64 43.08 0.76
CA TYR K 381 -5.85 42.30 0.87
C TYR K 381 -7.09 43.17 1.05
N MET K 382 -7.01 44.15 1.96
CA MET K 382 -8.15 45.04 2.24
C MET K 382 -8.58 45.88 1.03
N ARG K 383 -7.64 46.18 0.13
CA ARG K 383 -7.92 46.99 -1.06
C ARG K 383 -8.15 46.16 -2.35
N LEU K 384 -8.36 44.85 -2.21
CA LEU K 384 -8.55 43.94 -3.35
C LEU K 384 -9.73 44.28 -4.25
N ASP K 385 -10.75 44.95 -3.71
CA ASP K 385 -11.99 45.14 -4.44
C ASP K 385 -11.85 45.94 -5.75
N THR K 386 -10.92 46.89 -5.78
CA THR K 386 -10.61 47.64 -7.02
C THR K 386 -9.25 47.30 -7.66
N MET K 387 -8.58 46.25 -7.20
CA MET K 387 -7.27 45.85 -7.75
C MET K 387 -7.45 45.19 -9.12
N ASN K 388 -6.64 45.62 -10.08
CA ASN K 388 -6.63 45.05 -11.43
C ASN K 388 -6.29 43.56 -11.40
N THR K 389 -6.94 42.77 -12.25
CA THR K 389 -6.80 41.30 -12.27
C THR K 389 -5.37 40.85 -12.57
N THR K 390 -4.69 41.58 -13.46
CA THR K 390 -3.29 41.31 -13.78
C THR K 390 -2.42 41.36 -12.51
N CYS K 391 -2.58 42.43 -11.72
CA CYS K 391 -1.91 42.57 -10.43
C CYS K 391 -2.33 41.54 -9.38
N VAL K 392 -3.61 41.18 -9.35
CA VAL K 392 -4.11 40.19 -8.39
C VAL K 392 -3.45 38.83 -8.62
N ASP K 393 -3.25 38.45 -9.87
CA ASP K 393 -2.52 37.21 -10.19
C ASP K 393 -1.10 37.21 -9.63
N ARG K 394 -0.42 38.34 -9.75
CA ARG K 394 0.94 38.49 -9.25
C ARG K 394 0.99 38.43 -7.73
N PHE K 395 0.00 39.04 -7.09
CA PHE K 395 -0.17 39.02 -5.64
C PHE K 395 -0.40 37.57 -5.15
N ILE K 396 -1.32 36.87 -5.79
CA ILE K 396 -1.58 35.45 -5.52
C ILE K 396 -0.30 34.62 -5.64
N ASN K 397 0.41 34.77 -6.75
CA ASN K 397 1.64 34.01 -7.00
C ASN K 397 2.74 34.37 -6.01
N TRP K 398 2.87 35.65 -5.68
CA TRP K 398 3.88 36.07 -4.70
C TRP K 398 3.58 35.55 -3.31
N PHE K 399 2.35 35.78 -2.85
CA PHE K 399 1.95 35.44 -1.51
C PHE K 399 1.98 33.93 -1.26
N SER K 400 1.47 33.13 -2.20
CA SER K 400 1.51 31.67 -2.08
C SER K 400 2.95 31.13 -2.01
N HIS K 401 3.81 31.69 -2.85
CA HIS K 401 5.22 31.28 -2.91
C HIS K 401 6.00 31.75 -1.68
N HIS K 402 5.65 32.92 -1.17
CA HIS K 402 6.19 33.42 0.10
C HIS K 402 5.81 32.47 1.23
N LEU K 403 4.51 32.25 1.44
CA LEU K 403 4.03 31.33 2.46
C LEU K 403 4.73 29.97 2.41
N SER K 404 4.94 29.43 1.21
CA SER K 404 5.61 28.13 1.06
C SER K 404 7.04 28.12 1.63
N ASN K 405 7.67 29.30 1.75
CA ASN K 405 8.99 29.45 2.40
C ASN K 405 8.99 29.66 3.92
N PHE K 406 7.81 29.83 4.52
CA PHE K 406 7.70 29.98 5.96
C PHE K 406 6.57 29.11 6.51
N GLN K 407 6.60 27.83 6.10
CA GLN K 407 5.74 26.78 6.64
C GLN K 407 4.23 27.10 6.60
N PHE K 408 3.82 27.85 5.60
CA PHE K 408 2.43 28.29 5.42
C PHE K 408 1.82 28.97 6.65
N ARG K 409 2.66 29.64 7.43
CA ARG K 409 2.22 30.35 8.63
C ARG K 409 1.52 31.63 8.22
N TRP K 410 0.24 31.74 8.53
CA TRP K 410 -0.49 32.98 8.32
C TRP K 410 -1.75 33.04 9.18
N SER K 411 -2.02 34.23 9.74
CA SER K 411 -3.23 34.45 10.55
C SER K 411 -4.47 34.54 9.65
N TRP K 412 -4.99 33.37 9.26
CA TRP K 412 -6.09 33.28 8.28
C TRP K 412 -7.39 33.93 8.76
N GLU K 413 -7.69 33.76 10.05
CA GLU K 413 -8.85 34.41 10.70
C GLU K 413 -8.92 35.95 10.58
N ASP K 414 -7.77 36.62 10.37
CA ASP K 414 -7.77 38.06 10.04
C ASP K 414 -8.60 38.39 8.80
N TRP K 415 -8.77 37.41 7.92
CA TRP K 415 -9.52 37.54 6.69
C TRP K 415 -10.87 36.78 6.70
N SER K 416 -11.51 36.68 7.88
CA SER K 416 -12.80 35.95 8.01
C SER K 416 -13.98 36.64 7.29
N ASP K 417 -13.90 37.97 7.14
CA ASP K 417 -14.89 38.77 6.36
C ASP K 417 -15.20 38.25 4.95
N CYS K 418 -14.25 37.54 4.32
CA CYS K 418 -14.47 36.92 3.00
C CYS K 418 -15.52 35.80 2.98
N LEU K 419 -15.66 35.10 4.10
CA LEU K 419 -16.57 33.94 4.18
C LEU K 419 -18.05 34.28 4.05
N SER K 420 -18.45 35.48 4.49
CA SER K 420 -19.83 35.96 4.36
C SER K 420 -20.15 36.68 3.03
N GLN K 421 -19.11 37.08 2.27
CA GLN K 421 -19.28 37.72 0.96
C GLN K 421 -19.58 36.69 -0.15
N ASP K 422 -19.99 37.21 -1.31
CA ASP K 422 -20.21 36.42 -2.52
C ASP K 422 -18.91 35.76 -2.99
N PRO K 423 -18.89 34.40 -3.14
CA PRO K 423 -17.69 33.68 -3.62
C PRO K 423 -16.98 34.25 -4.87
N GLU K 424 -17.70 34.89 -5.77
CA GLU K 424 -17.11 35.53 -6.95
C GLU K 424 -16.34 36.82 -6.62
N SER K 425 -16.63 37.46 -5.49
CA SER K 425 -16.00 38.73 -5.11
C SER K 425 -14.48 38.61 -4.94
N PRO K 426 -13.74 39.73 -5.12
CA PRO K 426 -12.26 39.70 -5.12
C PRO K 426 -11.59 39.03 -3.91
N LYS K 427 -12.11 39.27 -2.70
CA LYS K 427 -11.47 38.77 -1.48
C LYS K 427 -11.56 37.24 -1.28
N PRO K 428 -12.77 36.65 -1.32
CA PRO K 428 -12.82 35.18 -1.21
C PRO K 428 -12.22 34.45 -2.41
N LYS K 429 -12.31 35.06 -3.59
CA LYS K 429 -11.70 34.51 -4.81
C LYS K 429 -10.17 34.58 -4.73
N PHE K 430 -9.65 35.65 -4.13
CA PHE K 430 -8.21 35.74 -3.80
C PHE K 430 -7.79 34.57 -2.93
N VAL K 431 -8.54 34.34 -1.84
CA VAL K 431 -8.17 33.30 -0.88
C VAL K 431 -8.26 31.90 -1.49
N ARG K 432 -9.29 31.63 -2.29
CA ARG K 432 -9.44 30.33 -2.96
C ARG K 432 -8.24 30.01 -3.85
N GLU K 433 -7.87 30.98 -4.68
CA GLU K 433 -6.75 30.82 -5.62
C GLU K 433 -5.39 30.70 -4.93
N VAL K 434 -5.22 31.47 -3.85
CA VAL K 434 -3.99 31.38 -3.03
C VAL K 434 -3.82 29.97 -2.49
N LEU K 435 -4.90 29.42 -1.95
CA LEU K 435 -4.89 28.08 -1.38
C LEU K 435 -4.69 27.01 -2.46
N GLU K 436 -5.31 27.22 -3.62
CA GLU K 436 -5.08 26.37 -4.80
C GLU K 436 -3.59 26.39 -5.20
N LYS K 437 -2.99 27.59 -5.18
CA LYS K 437 -1.58 27.75 -5.49
C LYS K 437 -0.66 27.15 -4.42
N CYS K 438 -1.06 27.27 -3.15
CA CYS K 438 -0.33 26.62 -2.05
C CYS K 438 -0.32 25.10 -2.22
N MET K 439 -1.46 24.51 -2.58
CA MET K 439 -1.57 23.07 -2.81
C MET K 439 -0.58 22.55 -3.82
N ARG K 440 -0.37 23.30 -4.90
CA ARG K 440 0.57 22.89 -5.95
C ARG K 440 2.01 22.81 -5.47
N LEU K 441 2.39 23.74 -4.60
CA LEU K 441 3.72 23.74 -3.97
C LEU K 441 3.85 22.73 -2.82
N SER K 442 2.71 22.24 -2.31
CA SER K 442 2.63 21.34 -1.18
C SER K 442 1.87 20.06 -1.62
N TYR K 443 0.86 19.66 -0.84
CA TYR K 443 -0.10 18.60 -1.21
C TYR K 443 -1.46 18.87 -0.56
N HIS K 444 -2.52 18.21 -1.05
CA HIS K 444 -3.91 18.49 -0.64
C HIS K 444 -4.11 18.52 0.88
N GLN K 445 -3.60 17.48 1.56
CA GLN K 445 -3.83 17.32 3.01
C GLN K 445 -3.18 18.43 3.85
N ARG K 446 -1.99 18.88 3.43
CA ARG K 446 -1.24 19.90 4.18
C ARG K 446 -1.95 21.27 4.18
N ILE K 447 -2.73 21.54 3.14
CA ILE K 447 -3.48 22.80 3.03
C ILE K 447 -4.74 22.75 3.92
N LEU K 448 -5.39 21.59 3.99
CA LEU K 448 -6.52 21.38 4.93
C LEU K 448 -6.12 21.61 6.40
N ASP K 449 -4.89 21.23 6.75
CA ASP K 449 -4.37 21.38 8.11
C ASP K 449 -4.13 22.85 8.47
N ILE K 450 -3.35 23.54 7.63
CA ILE K 450 -2.89 24.92 7.95
C ILE K 450 -3.95 26.03 7.96
N VAL K 451 -5.17 25.73 7.49
CA VAL K 451 -6.28 26.69 7.59
C VAL K 451 -7.24 26.31 8.71
N PRO K 452 -7.92 27.31 9.32
CA PRO K 452 -9.05 27.05 10.21
C PRO K 452 -10.16 26.18 9.56
N PRO K 453 -10.93 25.43 10.37
CA PRO K 453 -12.07 24.68 9.80
C PRO K 453 -13.17 25.52 9.12
N THR K 454 -13.29 26.81 9.45
CA THR K 454 -14.20 27.72 8.74
C THR K 454 -13.76 28.04 7.29
N PHE K 455 -12.46 27.90 7.02
CA PHE K 455 -11.87 28.17 5.68
C PHE K 455 -11.82 26.98 4.70
N SER K 456 -12.08 25.75 5.18
CA SER K 456 -12.00 24.55 4.30
C SER K 456 -13.13 24.46 3.24
N ALA K 457 -14.13 25.34 3.32
CA ALA K 457 -15.03 25.60 2.19
C ALA K 457 -14.25 26.20 1.00
N LEU K 458 -13.38 27.15 1.28
CA LEU K 458 -12.54 27.82 0.27
C LEU K 458 -11.32 26.98 -0.21
N CYS K 459 -11.04 25.85 0.45
CA CYS K 459 -9.95 24.96 0.01
C CYS K 459 -10.22 24.29 -1.33
N PRO K 460 -9.15 23.99 -2.07
CA PRO K 460 -9.29 23.35 -3.38
C PRO K 460 -9.58 21.87 -3.22
N VAL K 461 -10.22 21.27 -4.21
CA VAL K 461 -10.56 19.86 -4.15
C VAL K 461 -9.35 18.98 -4.42
N ASN K 462 -9.44 17.70 -4.07
CA ASN K 462 -8.35 16.78 -4.30
C ASN K 462 -8.15 16.63 -5.79
N PRO K 463 -6.89 16.56 -6.23
CA PRO K 463 -6.56 16.43 -7.64
C PRO K 463 -6.52 14.98 -8.14
N THR K 464 -7.69 14.45 -8.49
CA THR K 464 -7.84 13.04 -8.91
C THR K 464 -8.44 12.87 -10.31
N CYS K 465 -8.09 11.75 -10.91
CA CYS K 465 -8.56 11.36 -12.24
C CYS K 465 -10.04 10.97 -12.18
N ILE K 466 -10.83 11.45 -13.15
CA ILE K 466 -12.21 11.00 -13.34
C ILE K 466 -12.25 10.10 -14.58
N TYR K 467 -12.26 8.78 -14.35
CA TYR K 467 -12.34 7.80 -15.45
C TYR K 467 -13.79 7.38 -15.69
N LYS K 468 -14.17 7.26 -16.97
CA LYS K 468 -15.52 6.86 -17.37
C LYS K 468 -15.59 5.35 -17.59
N GLY K 479 -19.70 2.23 -26.22
CA GLY K 479 -18.31 1.74 -26.32
C GLY K 479 -17.73 1.33 -24.97
N HIS K 480 -18.54 0.62 -24.18
CA HIS K 480 -18.12 0.12 -22.86
C HIS K 480 -17.09 -1.01 -23.00
N SER K 481 -17.38 -1.96 -23.87
CA SER K 481 -16.49 -3.10 -24.14
C SER K 481 -15.22 -2.72 -24.92
N VAL K 482 -15.26 -1.60 -25.64
CA VAL K 482 -14.11 -1.17 -26.46
C VAL K 482 -13.00 -0.62 -25.57
N ALA K 483 -13.39 0.15 -24.55
CA ALA K 483 -12.46 0.66 -23.53
C ALA K 483 -11.79 -0.46 -22.73
N LEU K 484 -12.50 -1.56 -22.50
CA LEU K 484 -11.94 -2.75 -21.83
C LEU K 484 -10.87 -3.44 -22.70
N CYS K 485 -11.08 -3.45 -24.02
CA CYS K 485 -10.09 -4.00 -24.97
C CYS K 485 -8.79 -3.19 -25.00
N LEU K 486 -8.93 -1.88 -25.15
CA LEU K 486 -7.78 -0.95 -25.12
C LEU K 486 -7.00 -1.05 -23.81
N ALA K 487 -7.72 -1.14 -22.68
CA ALA K 487 -7.10 -1.32 -21.36
C ALA K 487 -6.12 -2.49 -21.35
N VAL K 488 -6.54 -3.62 -21.92
CA VAL K 488 -5.70 -4.83 -22.02
C VAL K 488 -4.49 -4.60 -22.95
N ALA K 489 -4.72 -3.93 -24.09
CA ALA K 489 -3.68 -3.67 -25.09
C ALA K 489 -2.54 -2.75 -24.60
N PHE K 490 -2.90 -1.69 -23.87
CA PHE K 490 -1.91 -0.79 -23.26
C PHE K 490 -1.08 -1.53 -22.23
N LYS K 491 -1.76 -2.22 -21.30
CA LYS K 491 -1.13 -3.04 -20.26
C LYS K 491 -0.15 -4.08 -20.82
N SER K 492 -0.53 -4.70 -21.95
CA SER K 492 0.28 -5.75 -22.59
C SER K 492 1.42 -5.25 -23.51
N LYS K 493 1.70 -3.93 -23.48
CA LYS K 493 2.82 -3.34 -24.23
C LYS K 493 2.64 -3.49 -25.75
N ALA K 494 1.46 -3.06 -26.23
CA ALA K 494 1.10 -3.19 -27.64
C ALA K 494 1.64 -2.04 -28.49
N THR K 495 1.71 -2.27 -29.80
CA THR K 495 2.18 -1.28 -30.78
C THR K 495 1.04 -0.35 -31.23
N ASN K 496 1.41 0.72 -31.94
CA ASN K 496 0.43 1.70 -32.47
C ASN K 496 -0.57 1.07 -33.44
N ASP K 497 -0.08 0.16 -34.27
CA ASP K 497 -0.88 -0.60 -35.26
C ASP K 497 -2.04 -1.34 -34.60
N GLU K 498 -1.77 -1.97 -33.46
CA GLU K 498 -2.76 -2.76 -32.73
C GLU K 498 -3.82 -1.91 -32.04
N ILE K 499 -3.39 -0.78 -31.44
CA ILE K 499 -4.33 0.15 -30.79
C ILE K 499 -5.25 0.81 -31.84
N PHE K 500 -4.68 1.20 -32.98
CA PHE K 500 -5.46 1.75 -34.11
C PHE K 500 -6.47 0.73 -34.65
N SER K 501 -6.05 -0.54 -34.70
CA SER K 501 -6.91 -1.65 -35.14
C SER K 501 -8.11 -1.89 -34.21
N ILE K 502 -7.87 -1.80 -32.90
CA ILE K 502 -8.93 -1.97 -31.88
C ILE K 502 -10.01 -0.86 -31.97
N LEU K 503 -9.60 0.35 -32.38
CA LEU K 503 -10.52 1.49 -32.52
C LEU K 503 -11.47 1.41 -33.72
N LYS K 504 -11.33 0.39 -34.58
CA LYS K 504 -12.26 0.18 -35.70
C LYS K 504 -13.68 -0.13 -35.19
N ASP K 505 -13.79 -0.94 -34.13
CA ASP K 505 -15.08 -1.37 -33.56
C ASP K 505 -15.70 -0.32 -32.63
N VAL K 506 -16.20 0.78 -33.19
CA VAL K 506 -16.83 1.86 -32.40
C VAL K 506 -18.04 2.44 -33.14
N PRO K 507 -19.23 2.45 -32.49
CA PRO K 507 -20.42 3.01 -33.14
C PRO K 507 -20.44 4.54 -33.22
N ASN K 508 -20.76 5.08 -34.39
CA ASN K 508 -20.80 6.53 -34.65
C ASN K 508 -22.23 7.09 -34.50
N PRO K 509 -22.44 8.07 -33.59
CA PRO K 509 -23.71 8.80 -33.56
C PRO K 509 -23.72 10.01 -34.50
N ASN K 522 -15.77 10.87 -36.03
CA ASN K 522 -16.20 9.98 -34.97
C ASN K 522 -15.70 10.46 -33.57
N PRO K 523 -16.57 11.15 -32.80
CA PRO K 523 -16.15 11.66 -31.48
C PRO K 523 -15.99 10.59 -30.38
N LEU K 524 -16.58 9.42 -30.56
CA LEU K 524 -16.51 8.35 -29.56
C LEU K 524 -15.19 7.56 -29.64
N LYS K 525 -14.52 7.58 -30.80
CA LYS K 525 -13.17 6.97 -30.94
C LYS K 525 -12.15 7.67 -30.03
N ILE K 526 -12.20 9.01 -30.05
CA ILE K 526 -11.33 9.85 -29.24
C ILE K 526 -11.67 9.68 -27.76
N GLU K 527 -12.97 9.71 -27.44
CA GLU K 527 -13.45 9.59 -26.06
C GLU K 527 -12.94 8.32 -25.36
N VAL K 528 -13.09 7.16 -26.01
CA VAL K 528 -12.61 5.89 -25.43
C VAL K 528 -11.08 5.76 -25.44
N PHE K 529 -10.41 6.41 -26.39
CA PHE K 529 -8.93 6.38 -26.44
C PHE K 529 -8.29 7.27 -25.39
N VAL K 530 -8.75 8.53 -25.29
CA VAL K 530 -8.16 9.51 -24.37
C VAL K 530 -8.42 9.11 -22.92
N GLN K 531 -9.68 8.82 -22.58
CA GLN K 531 -10.08 8.39 -21.22
C GLN K 531 -9.22 7.23 -20.69
N THR K 532 -8.98 6.24 -21.55
CA THR K 532 -8.24 5.02 -21.17
C THR K 532 -6.74 5.25 -21.04
N LEU K 533 -6.16 5.99 -21.97
CA LEU K 533 -4.71 6.25 -21.96
C LEU K 533 -4.29 7.16 -20.80
N LEU K 534 -5.09 8.18 -20.52
CA LEU K 534 -4.83 9.10 -19.41
C LEU K 534 -5.09 8.48 -18.04
N HIS K 535 -6.12 7.63 -17.94
CA HIS K 535 -6.38 6.87 -16.70
C HIS K 535 -5.20 5.94 -16.35
N LEU K 536 -4.67 5.22 -17.34
CA LEU K 536 -3.56 4.30 -17.12
C LEU K 536 -2.20 4.98 -16.95
N ALA K 537 -2.10 6.26 -17.32
CA ALA K 537 -0.90 7.06 -17.10
C ALA K 537 -1.11 8.20 -16.09
N ALA K 538 -2.10 8.05 -15.20
CA ALA K 538 -2.48 9.11 -14.23
C ALA K 538 -1.60 9.19 -12.99
N LYS K 539 -0.56 8.35 -12.92
CA LYS K 539 0.28 8.24 -11.73
C LYS K 539 1.16 9.48 -11.53
N SER K 540 1.70 10.02 -12.62
CA SER K 540 2.53 11.22 -12.57
C SER K 540 2.53 11.99 -13.89
N PHE K 541 3.23 13.12 -13.91
CA PHE K 541 3.44 13.89 -15.14
C PHE K 541 4.34 13.13 -16.13
N SER K 542 5.39 12.47 -15.63
CA SER K 542 6.29 11.68 -16.49
C SER K 542 5.61 10.49 -17.18
N HIS K 543 4.68 9.83 -16.47
CA HIS K 543 3.90 8.73 -17.06
C HIS K 543 2.94 9.24 -18.14
N SER K 544 2.20 10.30 -17.82
CA SER K 544 1.32 10.95 -18.79
C SER K 544 2.08 11.48 -20.02
N PHE K 545 3.28 12.01 -19.81
CA PHE K 545 4.15 12.46 -20.93
C PHE K 545 4.68 11.29 -21.76
N SER K 546 4.99 10.18 -21.10
CA SER K 546 5.43 8.96 -21.80
C SER K 546 4.29 8.37 -22.65
N ALA K 547 3.06 8.46 -22.16
CA ALA K 547 1.88 8.00 -22.89
C ALA K 547 1.63 8.76 -24.19
N LEU K 548 1.69 10.10 -24.14
CA LEU K 548 1.52 10.94 -25.33
C LEU K 548 2.61 10.67 -26.36
N ALA K 549 3.84 10.47 -25.91
CA ALA K 549 4.96 10.20 -26.81
C ALA K 549 4.87 8.82 -27.46
N LYS K 550 4.48 7.80 -26.68
CA LYS K 550 4.43 6.42 -27.18
C LYS K 550 3.33 6.22 -28.22
N PHE K 551 2.15 6.78 -27.97
CA PHE K 551 1.00 6.72 -28.90
C PHE K 551 0.73 8.06 -29.58
N HIS K 552 1.81 8.72 -29.99
CA HIS K 552 1.79 10.02 -30.66
C HIS K 552 1.05 9.93 -32.01
N GLU K 553 1.35 8.85 -32.75
CA GLU K 553 0.77 8.65 -34.07
C GLU K 553 -0.74 8.37 -34.02
N VAL K 554 -1.21 7.71 -32.96
CA VAL K 554 -2.65 7.48 -32.78
C VAL K 554 -3.37 8.80 -32.49
N PHE K 555 -2.74 9.66 -31.70
CA PHE K 555 -3.27 10.99 -31.40
C PHE K 555 -3.37 11.87 -32.65
N LYS K 556 -2.27 11.93 -33.42
CA LYS K 556 -2.23 12.73 -34.66
C LYS K 556 -3.29 12.32 -35.69
N THR K 557 -3.55 11.02 -35.81
CA THR K 557 -4.56 10.51 -36.72
C THR K 557 -5.97 10.86 -36.23
N LEU K 558 -6.22 10.67 -34.94
CA LEU K 558 -7.53 10.97 -34.35
C LEU K 558 -7.88 12.45 -34.33
N ALA K 559 -6.87 13.33 -34.30
CA ALA K 559 -7.10 14.77 -34.15
C ALA K 559 -6.39 15.62 -35.20
N GLU K 560 -6.43 15.16 -36.46
CA GLU K 560 -5.97 15.97 -37.59
C GLU K 560 -7.05 16.93 -38.04
N SER K 561 -8.31 16.53 -37.85
CA SER K 561 -9.47 17.41 -38.01
C SER K 561 -9.43 18.54 -36.96
N ASP K 562 -9.92 19.73 -37.34
CA ASP K 562 -10.07 20.84 -36.38
C ASP K 562 -11.05 20.51 -35.26
N GLU K 563 -12.18 19.91 -35.61
CA GLU K 563 -13.16 19.45 -34.60
C GLU K 563 -12.68 18.21 -33.84
N GLY K 564 -11.74 17.48 -34.41
CA GLY K 564 -11.02 16.41 -33.69
C GLY K 564 -10.09 16.93 -32.61
N LYS K 565 -9.41 18.04 -32.87
CA LYS K 565 -8.57 18.69 -31.86
C LYS K 565 -9.43 19.20 -30.70
N LEU K 566 -10.48 19.95 -31.01
CA LEU K 566 -11.44 20.46 -30.00
C LEU K 566 -12.00 19.37 -29.09
N HIS K 567 -12.20 18.18 -29.63
CA HIS K 567 -12.77 17.06 -28.86
C HIS K 567 -11.72 16.39 -27.96
N VAL K 568 -10.45 16.33 -28.42
CA VAL K 568 -9.36 15.82 -27.56
C VAL K 568 -9.21 16.69 -26.31
N LEU K 569 -9.32 18.01 -26.47
CA LEU K 569 -9.27 18.94 -25.34
C LEU K 569 -10.50 18.81 -24.44
N ARG K 570 -11.68 18.68 -25.04
CA ARG K 570 -12.92 18.48 -24.27
C ARG K 570 -12.91 17.20 -23.41
N VAL K 571 -12.41 16.10 -23.96
CA VAL K 571 -12.33 14.83 -23.22
C VAL K 571 -11.27 14.91 -22.13
N MET K 572 -10.06 15.32 -22.51
CA MET K 572 -8.93 15.53 -21.59
C MET K 572 -9.29 16.41 -20.40
N PHE K 573 -10.14 17.42 -20.61
CA PHE K 573 -10.70 18.24 -19.51
C PHE K 573 -11.57 17.41 -18.58
N GLU K 574 -12.51 16.65 -19.14
CA GLU K 574 -13.44 15.81 -18.36
C GLU K 574 -12.75 14.73 -17.52
N VAL K 575 -11.57 14.27 -17.97
CA VAL K 575 -10.73 13.36 -17.19
C VAL K 575 -10.07 14.11 -16.02
N TRP K 576 -9.49 15.28 -16.30
CA TRP K 576 -8.62 15.98 -15.36
C TRP K 576 -9.15 17.32 -14.83
N ARG K 577 -10.47 17.53 -14.86
CA ARG K 577 -11.03 18.80 -14.37
C ARG K 577 -10.78 19.10 -12.90
N ASN K 578 -10.44 18.08 -12.11
CA ASN K 578 -10.03 18.26 -10.71
C ASN K 578 -8.55 18.62 -10.55
N HIS K 579 -7.72 18.42 -11.58
CA HIS K 579 -6.28 18.68 -11.51
C HIS K 579 -5.80 19.71 -12.56
N PRO K 580 -6.21 20.99 -12.40
CA PRO K 580 -5.80 22.09 -13.26
C PRO K 580 -4.35 22.10 -13.73
N GLN K 581 -3.41 21.73 -12.86
CA GLN K 581 -2.01 21.71 -13.22
C GLN K 581 -1.72 20.67 -14.32
N MET K 582 -2.36 19.50 -14.22
CA MET K 582 -2.21 18.44 -15.22
C MET K 582 -2.79 18.87 -16.58
N ILE K 583 -3.95 19.53 -16.56
CA ILE K 583 -4.54 20.10 -17.77
C ILE K 583 -3.50 20.97 -18.47
N ALA K 584 -2.92 21.89 -17.72
CA ALA K 584 -1.97 22.87 -18.24
C ALA K 584 -0.74 22.24 -18.86
N VAL K 585 -0.13 21.28 -18.16
CA VAL K 585 1.07 20.62 -18.70
C VAL K 585 0.77 19.65 -19.85
N LEU K 586 -0.46 19.16 -19.94
CA LEU K 586 -0.86 18.29 -21.06
C LEU K 586 -1.12 19.13 -22.31
N VAL K 587 -1.94 20.17 -22.16
CA VAL K 587 -2.21 21.14 -23.24
C VAL K 587 -0.90 21.64 -23.84
N ASP K 588 0.07 21.89 -22.97
CA ASP K 588 1.41 22.32 -23.38
C ASP K 588 2.11 21.28 -24.26
N LYS K 589 2.10 20.01 -23.82
CA LYS K 589 2.76 18.94 -24.57
C LYS K 589 2.03 18.67 -25.87
N MET K 590 0.70 18.74 -25.84
CA MET K 590 -0.11 18.52 -27.03
C MET K 590 0.15 19.60 -28.10
N ILE K 591 0.38 20.84 -27.69
CA ILE K 591 0.76 21.91 -28.63
C ILE K 591 2.18 21.72 -29.15
N ARG K 592 3.11 21.33 -28.27
CA ARG K 592 4.51 21.15 -28.65
C ARG K 592 4.75 20.01 -29.63
N THR K 593 3.96 18.94 -29.53
CA THR K 593 4.06 17.78 -30.41
C THR K 593 3.01 17.79 -31.54
N GLN K 594 2.28 18.89 -31.66
CA GLN K 594 1.29 19.14 -32.73
C GLN K 594 0.07 18.24 -32.72
N ILE K 595 -0.26 17.64 -31.57
CA ILE K 595 -1.53 16.93 -31.40
C ILE K 595 -2.65 17.93 -31.65
N VAL K 596 -2.56 19.09 -31.01
CA VAL K 596 -3.44 20.22 -31.27
C VAL K 596 -2.61 21.44 -31.68
N ASP K 597 -3.31 22.51 -32.07
CA ASP K 597 -2.68 23.79 -32.38
C ASP K 597 -3.25 24.90 -31.49
N CYS K 598 -2.56 26.03 -31.50
CA CYS K 598 -2.93 27.16 -30.63
C CYS K 598 -4.36 27.63 -30.84
N ALA K 599 -4.83 27.61 -32.09
CA ALA K 599 -6.19 28.03 -32.41
C ALA K 599 -7.25 27.14 -31.75
N ALA K 600 -7.01 25.83 -31.75
CA ALA K 600 -7.90 24.88 -31.07
C ALA K 600 -8.02 25.22 -29.60
N VAL K 601 -6.87 25.43 -28.94
CA VAL K 601 -6.80 25.74 -27.52
C VAL K 601 -7.47 27.07 -27.19
N ALA K 602 -7.34 28.05 -28.09
CA ALA K 602 -7.99 29.34 -27.93
C ALA K 602 -9.51 29.20 -27.90
N ASN K 603 -10.07 28.52 -28.90
CA ASN K 603 -11.52 28.28 -28.98
C ASN K 603 -12.03 27.47 -27.78
N TRP K 604 -11.29 26.40 -27.46
CA TRP K 604 -11.57 25.55 -26.29
C TRP K 604 -11.71 26.33 -24.96
N ILE K 605 -10.89 27.38 -24.78
CA ILE K 605 -10.91 28.20 -23.57
C ILE K 605 -12.17 29.06 -23.47
N PHE K 606 -12.61 29.62 -24.59
CA PHE K 606 -13.85 30.41 -24.62
C PHE K 606 -15.12 29.56 -24.83
N SER K 607 -14.97 28.24 -24.96
CA SER K 607 -16.13 27.35 -25.14
C SER K 607 -16.95 27.22 -23.86
N SER K 608 -18.13 26.60 -23.99
CA SER K 608 -19.07 26.45 -22.88
C SER K 608 -18.64 25.43 -21.81
N GLU K 609 -17.76 24.47 -22.17
CA GLU K 609 -17.27 23.46 -21.22
C GLU K 609 -16.42 24.05 -20.09
N LEU K 610 -15.73 25.16 -20.38
CA LEU K 610 -14.94 25.91 -19.39
C LEU K 610 -15.66 27.21 -18.95
N SER K 611 -17.00 27.24 -19.08
CA SER K 611 -17.79 28.43 -18.77
C SER K 611 -17.88 28.65 -17.26
N ARG K 612 -18.02 27.55 -16.52
CA ARG K 612 -18.03 27.57 -15.05
C ARG K 612 -16.68 27.96 -14.45
N ASP K 613 -15.59 27.55 -15.11
CA ASP K 613 -14.22 27.76 -14.63
C ASP K 613 -13.49 28.95 -15.31
N PHE K 614 -14.25 29.80 -16.01
CA PHE K 614 -13.70 30.88 -16.83
C PHE K 614 -12.98 31.97 -16.02
N THR K 615 -13.50 32.26 -14.83
CA THR K 615 -12.88 33.25 -13.92
C THR K 615 -11.67 32.70 -13.15
N ARG K 616 -11.49 31.39 -13.13
CA ARG K 616 -10.35 30.78 -12.44
C ARG K 616 -9.04 31.04 -13.17
N LEU K 617 -7.93 31.05 -12.42
CA LEU K 617 -6.62 31.43 -12.94
C LEU K 617 -6.08 30.49 -14.00
N PHE K 618 -6.16 29.17 -13.74
CA PHE K 618 -5.52 28.18 -14.63
C PHE K 618 -5.91 28.31 -16.11
N VAL K 619 -7.16 28.72 -16.37
CA VAL K 619 -7.61 29.01 -17.73
C VAL K 619 -6.65 29.98 -18.42
N TRP K 620 -6.36 31.08 -17.73
CA TRP K 620 -5.56 32.16 -18.29
C TRP K 620 -4.06 31.83 -18.28
N GLU K 621 -3.63 30.98 -17.35
CA GLU K 621 -2.28 30.40 -17.43
C GLU K 621 -2.12 29.64 -18.73
N ILE K 622 -3.13 28.83 -19.08
CA ILE K 622 -3.08 28.01 -20.28
C ILE K 622 -3.15 28.87 -21.54
N LEU K 623 -4.00 29.88 -21.54
CA LEU K 623 -4.07 30.79 -22.68
C LEU K 623 -2.75 31.49 -22.90
N HIS K 624 -2.18 32.07 -21.84
CA HIS K 624 -0.96 32.86 -21.97
C HIS K 624 0.23 31.98 -22.32
N SER K 625 0.26 30.78 -21.75
CA SER K 625 1.31 29.81 -22.07
C SER K 625 1.24 29.48 -23.56
N THR K 626 0.02 29.23 -24.03
CA THR K 626 -0.26 28.97 -25.44
C THR K 626 0.22 30.14 -26.32
N ILE K 627 -0.16 31.36 -25.97
CA ILE K 627 0.26 32.55 -26.71
C ILE K 627 1.79 32.67 -26.73
N ARG K 628 2.45 32.38 -25.61
CA ARG K 628 3.93 32.43 -25.52
C ARG K 628 4.62 31.44 -26.46
N LYS K 629 4.12 30.19 -26.51
CA LYS K 629 4.66 29.17 -27.43
C LYS K 629 4.57 29.67 -28.87
N MET K 630 3.43 30.27 -29.22
CA MET K 630 3.22 30.87 -30.52
C MET K 630 4.23 31.97 -30.81
N ASN K 631 4.41 32.88 -29.86
CA ASN K 631 5.31 34.01 -30.05
C ASN K 631 6.78 33.58 -30.15
N LYS K 632 7.15 32.53 -29.41
CA LYS K 632 8.53 32.00 -29.45
C LYS K 632 8.79 31.23 -30.74
N HIS K 633 7.78 30.51 -31.22
CA HIS K 633 7.85 29.83 -32.51
C HIS K 633 8.15 30.81 -33.66
N VAL K 634 7.49 31.97 -33.65
CA VAL K 634 7.75 33.02 -34.64
C VAL K 634 9.18 33.53 -34.49
N LEU K 635 9.59 33.79 -33.25
CA LEU K 635 10.91 34.34 -32.98
C LEU K 635 12.03 33.43 -33.42
N LYS K 636 11.89 32.12 -33.19
CA LYS K 636 12.89 31.13 -33.59
C LYS K 636 13.04 31.08 -35.12
N ILE K 637 11.91 31.06 -35.83
CA ILE K 637 11.91 31.07 -37.29
C ILE K 637 12.52 32.40 -37.79
N GLN K 638 12.24 33.51 -37.09
CA GLN K 638 12.81 34.82 -37.45
C GLN K 638 14.32 34.90 -37.27
N LYS K 639 14.86 34.21 -36.28
CA LYS K 639 16.31 34.22 -36.02
C LYS K 639 17.08 33.22 -36.90
N GLU K 640 16.44 32.12 -37.30
CA GLU K 640 17.00 31.25 -38.34
C GLU K 640 17.13 32.00 -39.67
N LEU K 641 16.24 32.97 -39.91
CA LEU K 641 16.31 33.83 -41.09
C LEU K 641 17.50 34.79 -41.06
N GLU K 642 17.70 35.51 -39.94
CA GLU K 642 18.84 36.45 -39.85
C GLU K 642 20.20 35.75 -39.68
N GLU K 643 20.22 34.57 -39.09
CA GLU K 643 21.44 33.74 -39.05
C GLU K 643 21.83 33.18 -40.43
N ALA K 644 20.86 33.08 -41.34
CA ALA K 644 21.14 32.74 -42.74
C ALA K 644 21.57 33.95 -43.57
N LYS K 645 20.94 35.11 -43.34
CA LYS K 645 21.29 36.36 -44.05
C LYS K 645 22.67 36.92 -43.66
N GLU K 646 23.03 36.79 -42.38
CA GLU K 646 24.38 37.14 -41.90
C GLU K 646 25.44 36.17 -42.44
N LYS K 647 25.08 34.89 -42.61
CA LYS K 647 25.96 33.90 -43.27
C LYS K 647 26.17 34.22 -44.75
N LEU K 648 25.17 34.82 -45.40
CA LEU K 648 25.30 35.31 -46.78
C LEU K 648 26.23 36.53 -46.88
N ALA K 649 26.13 37.45 -45.92
CA ALA K 649 26.96 38.66 -45.90
C ALA K 649 28.45 38.39 -45.64
N ARG K 650 28.75 37.42 -44.77
CA ARG K 650 30.14 36.98 -44.52
C ARG K 650 30.79 36.33 -45.75
N GLN K 651 30.00 35.52 -46.47
CA GLN K 651 30.47 34.83 -47.68
C GLN K 651 30.71 35.81 -48.85
N HIS K 652 29.95 36.91 -48.89
CA HIS K 652 30.19 38.02 -49.83
C HIS K 652 31.12 39.08 -49.21
N ARG K 665 28.55 28.53 -56.77
CA ARG K 665 27.81 27.29 -56.60
C ARG K 665 27.04 27.26 -55.28
N LYS K 666 27.74 27.52 -54.18
CA LYS K 666 27.15 27.43 -52.82
C LYS K 666 26.27 28.62 -52.43
N ASP K 667 26.58 29.81 -52.97
CA ASP K 667 25.77 31.03 -52.70
C ASP K 667 24.39 31.00 -53.39
N GLY K 668 24.27 30.29 -54.51
CA GLY K 668 22.99 30.08 -55.18
C GLY K 668 22.02 29.17 -54.43
N VAL K 669 22.55 28.30 -53.56
CA VAL K 669 21.74 27.39 -52.75
C VAL K 669 21.31 28.07 -51.44
N LEU K 670 22.26 28.77 -50.80
CA LEU K 670 21.98 29.48 -49.53
C LEU K 670 20.97 30.61 -49.70
N GLU K 671 20.99 31.29 -50.85
CA GLU K 671 20.04 32.37 -51.13
C GLU K 671 18.61 31.85 -51.37
N GLU K 672 18.50 30.60 -51.82
CA GLU K 672 17.20 29.92 -51.97
C GLU K 672 16.67 29.35 -50.64
N GLN K 673 17.55 29.09 -49.68
CA GLN K 673 17.14 28.80 -48.28
C GLN K 673 16.53 30.03 -47.60
N ILE K 674 17.04 31.21 -47.93
CA ILE K 674 16.49 32.49 -47.44
C ILE K 674 15.08 32.75 -47.98
N GLU K 675 14.83 32.43 -49.24
CA GLU K 675 13.49 32.53 -49.81
C GLU K 675 12.50 31.57 -49.12
N ARG K 676 12.98 30.39 -48.71
CA ARG K 676 12.15 29.45 -47.96
C ARG K 676 11.83 29.94 -46.55
N LEU K 677 12.83 30.46 -45.85
CA LEU K 677 12.64 30.97 -44.48
C LEU K 677 11.74 32.21 -44.41
N GLN K 678 11.84 33.11 -45.38
CA GLN K 678 10.92 34.26 -45.49
C GLN K 678 9.47 33.82 -45.67
N GLU K 679 9.26 32.68 -46.34
CA GLU K 679 7.94 32.07 -46.48
C GLU K 679 7.44 31.45 -45.16
N LYS K 680 8.34 30.77 -44.43
CA LYS K 680 8.00 30.18 -43.13
C LYS K 680 7.68 31.23 -42.08
N VAL K 681 8.45 32.33 -42.08
CA VAL K 681 8.18 33.49 -41.22
C VAL K 681 6.77 34.01 -41.45
N GLU K 682 6.42 34.22 -42.71
CA GLU K 682 5.13 34.80 -43.08
C GLU K 682 3.97 33.86 -42.74
N SER K 683 4.17 32.55 -42.91
CA SER K 683 3.16 31.58 -42.52
C SER K 683 3.02 31.53 -40.98
N ALA K 684 4.16 31.62 -40.28
CA ALA K 684 4.17 31.64 -38.82
C ALA K 684 3.53 32.91 -38.25
N GLN K 685 3.93 34.06 -38.79
CA GLN K 685 3.33 35.35 -38.44
C GLN K 685 1.84 35.40 -38.75
N SER K 686 1.42 34.70 -39.80
CA SER K 686 0.02 34.58 -40.14
C SER K 686 -0.73 33.78 -39.09
N GLU K 687 -0.15 32.64 -38.72
CA GLU K 687 -0.72 31.79 -37.66
C GLU K 687 -0.84 32.57 -36.34
N GLN K 688 0.21 33.31 -36.01
CA GLN K 688 0.25 34.18 -34.83
C GLN K 688 -0.86 35.22 -34.83
N LYS K 689 -1.00 35.93 -35.94
CA LYS K 689 -2.03 36.97 -36.07
C LYS K 689 -3.41 36.40 -35.88
N ASN K 690 -3.65 35.23 -36.47
CA ASN K 690 -4.97 34.60 -36.39
C ASN K 690 -5.32 34.17 -34.97
N LEU K 691 -4.31 33.75 -34.21
CA LEU K 691 -4.51 33.39 -32.81
C LEU K 691 -5.01 34.57 -31.98
N PHE K 692 -4.47 35.75 -32.23
CA PHE K 692 -4.93 36.96 -31.56
C PHE K 692 -6.31 37.38 -32.03
N LEU K 693 -6.55 37.32 -33.34
CA LEU K 693 -7.84 37.67 -33.92
C LEU K 693 -8.95 36.76 -33.42
N VAL K 694 -8.66 35.46 -33.31
CA VAL K 694 -9.58 34.51 -32.68
C VAL K 694 -9.88 35.02 -31.27
N ILE K 695 -8.84 35.18 -30.45
CA ILE K 695 -9.00 35.55 -29.03
C ILE K 695 -9.82 36.83 -28.89
N PHE K 696 -9.48 37.86 -29.65
CA PHE K 696 -10.20 39.13 -29.54
C PHE K 696 -11.68 38.99 -29.93
N GLN K 697 -11.94 38.25 -31.03
CA GLN K 697 -13.32 38.00 -31.47
C GLN K 697 -14.18 37.38 -30.39
N ARG K 698 -13.62 36.39 -29.69
CA ARG K 698 -14.36 35.66 -28.67
C ARG K 698 -14.61 36.57 -27.46
N PHE K 699 -13.65 37.44 -27.13
CA PHE K 699 -13.85 38.45 -26.08
C PHE K 699 -14.97 39.41 -26.45
N ILE K 700 -14.90 39.96 -27.66
CA ILE K 700 -15.91 40.91 -28.12
C ILE K 700 -17.30 40.28 -28.16
N MET K 701 -17.37 39.00 -28.52
CA MET K 701 -18.63 38.26 -28.56
C MET K 701 -19.22 38.13 -27.16
N ILE K 702 -18.49 37.51 -26.23
CA ILE K 702 -19.04 37.24 -24.88
C ILE K 702 -19.19 38.49 -24.02
N LEU K 703 -18.42 39.54 -24.30
CA LEU K 703 -18.62 40.84 -23.65
C LEU K 703 -19.86 41.55 -24.17
N THR K 704 -20.05 41.51 -25.49
CA THR K 704 -21.27 42.06 -26.13
C THR K 704 -22.53 41.33 -25.64
N GLU K 705 -22.46 39.99 -25.62
CA GLU K 705 -23.54 39.13 -25.11
C GLU K 705 -23.97 39.46 -23.66
N HIS K 706 -23.02 39.93 -22.85
CA HIS K 706 -23.29 40.38 -21.48
C HIS K 706 -23.92 41.78 -21.47
N LEU K 707 -23.30 42.71 -22.20
CA LEU K 707 -23.76 44.10 -22.24
C LEU K 707 -25.16 44.29 -22.84
N VAL K 708 -25.50 43.47 -23.84
CA VAL K 708 -26.85 43.46 -24.42
C VAL K 708 -27.88 42.93 -23.42
N ARG K 709 -27.59 41.78 -22.79
CA ARG K 709 -28.51 41.20 -21.80
C ARG K 709 -28.66 42.05 -20.52
N CYS K 710 -27.67 42.88 -20.21
CA CYS K 710 -27.74 43.78 -19.03
C CYS K 710 -28.71 44.94 -19.24
N GLU K 711 -28.68 45.59 -20.41
CA GLU K 711 -29.65 46.64 -20.70
C GLU K 711 -31.05 46.09 -21.02
N THR K 712 -31.13 44.89 -21.59
CA THR K 712 -32.42 44.21 -21.84
C THR K 712 -33.12 43.84 -20.52
N ASP K 713 -32.39 43.20 -19.61
CA ASP K 713 -32.93 42.81 -18.29
C ASP K 713 -32.86 43.91 -17.22
N GLY K 714 -32.24 45.06 -17.54
CA GLY K 714 -32.13 46.18 -16.61
C GLY K 714 -31.17 45.99 -15.43
N THR K 715 -30.36 44.94 -15.46
CA THR K 715 -29.48 44.56 -14.34
C THR K 715 -28.23 45.47 -14.32
N SER K 716 -27.39 45.27 -13.31
CA SER K 716 -26.11 45.96 -13.20
C SER K 716 -25.11 45.41 -14.21
N VAL K 717 -24.34 46.31 -14.83
CA VAL K 717 -23.32 45.96 -15.81
C VAL K 717 -22.09 45.39 -15.07
N LEU K 718 -21.64 46.12 -14.05
CA LEU K 718 -20.36 45.86 -13.38
C LEU K 718 -20.45 44.71 -12.36
N THR K 719 -20.68 43.49 -12.87
CA THR K 719 -20.73 42.28 -12.03
C THR K 719 -19.30 41.79 -11.76
N PRO K 720 -19.15 40.77 -10.87
CA PRO K 720 -17.86 40.10 -10.73
C PRO K 720 -17.34 39.39 -12.01
N TRP K 721 -18.23 38.71 -12.73
CA TRP K 721 -17.84 38.03 -13.98
C TRP K 721 -17.32 39.02 -15.03
N TYR K 722 -17.99 40.17 -15.16
CA TYR K 722 -17.58 41.21 -16.11
C TYR K 722 -16.21 41.80 -15.76
N LYS K 723 -15.97 42.05 -14.47
CA LYS K 723 -14.68 42.59 -13.99
C LYS K 723 -13.53 41.71 -14.45
N ASN K 724 -13.66 40.40 -14.20
CA ASN K 724 -12.69 39.41 -14.68
C ASN K 724 -12.49 39.56 -16.19
N CYS K 725 -13.58 39.36 -16.94
CA CYS K 725 -13.52 39.27 -18.40
C CYS K 725 -12.92 40.51 -19.07
N ILE K 726 -13.43 41.71 -18.75
CA ILE K 726 -12.92 42.96 -19.35
C ILE K 726 -11.44 43.20 -19.03
N GLU K 727 -11.00 42.79 -17.84
CA GLU K 727 -9.61 42.95 -17.42
C GLU K 727 -8.69 41.85 -17.96
N ARG K 728 -9.23 40.66 -18.24
CA ARG K 728 -8.48 39.62 -18.97
C ARG K 728 -8.27 39.99 -20.46
N LEU K 729 -9.21 40.72 -21.05
CA LEU K 729 -9.01 41.30 -22.37
C LEU K 729 -7.88 42.33 -22.30
N GLN K 730 -8.03 43.26 -21.37
CA GLN K 730 -6.98 44.26 -21.06
C GLN K 730 -5.60 43.62 -20.84
N GLN K 731 -5.58 42.46 -20.18
CA GLN K 731 -4.34 41.71 -19.94
C GLN K 731 -3.63 41.30 -21.23
N ILE K 732 -4.41 40.82 -22.22
CA ILE K 732 -3.87 40.38 -23.51
C ILE K 732 -3.08 41.53 -24.14
N PHE K 733 -3.70 42.71 -24.18
CA PHE K 733 -3.04 43.92 -24.70
C PHE K 733 -1.76 44.28 -23.96
N LEU K 734 -1.79 44.20 -22.63
CA LEU K 734 -0.63 44.54 -21.80
C LEU K 734 0.52 43.55 -22.00
N GLN K 735 0.20 42.26 -21.92
CA GLN K 735 1.22 41.22 -22.08
C GLN K 735 1.92 41.26 -23.43
N HIS K 736 1.19 41.61 -24.50
CA HIS K 736 1.70 41.48 -25.86
C HIS K 736 1.59 42.74 -26.71
N HIS K 737 1.63 43.91 -26.08
CA HIS K 737 1.40 45.16 -26.80
C HIS K 737 2.30 45.35 -28.03
N GLN K 738 3.55 44.91 -27.98
CA GLN K 738 4.46 45.17 -29.09
C GLN K 738 4.12 44.34 -30.32
N ILE K 739 3.67 43.11 -30.11
CA ILE K 739 3.16 42.25 -31.19
C ILE K 739 1.82 42.75 -31.71
N ILE K 740 0.88 43.05 -30.81
CA ILE K 740 -0.45 43.51 -31.22
C ILE K 740 -0.40 44.83 -32.00
N GLN K 741 0.59 45.69 -31.72
CA GLN K 741 0.84 46.90 -32.53
C GLN K 741 0.98 46.65 -34.04
N GLN K 742 1.47 45.48 -34.41
CA GLN K 742 1.56 45.10 -35.83
C GLN K 742 0.18 44.94 -36.51
N TYR K 743 -0.88 44.75 -35.73
CA TYR K 743 -2.22 44.47 -36.24
C TYR K 743 -3.19 45.67 -36.17
N MET K 744 -2.68 46.91 -36.11
CA MET K 744 -3.51 48.10 -35.88
C MET K 744 -4.57 48.32 -36.96
N VAL K 745 -4.18 48.17 -38.21
CA VAL K 745 -5.07 48.40 -39.33
C VAL K 745 -6.21 47.37 -39.33
N THR K 746 -5.87 46.09 -39.22
CA THR K 746 -6.88 45.03 -39.14
C THR K 746 -7.81 45.21 -37.92
N LEU K 747 -7.25 45.60 -36.79
CA LEU K 747 -8.04 45.76 -35.56
C LEU K 747 -8.97 46.98 -35.58
N GLU K 748 -8.51 48.08 -36.16
CA GLU K 748 -9.34 49.30 -36.30
C GLU K 748 -10.51 49.09 -37.28
N ASN K 749 -10.22 48.44 -38.40
CA ASN K 749 -11.21 48.23 -39.46
C ASN K 749 -12.23 47.12 -39.17
N LEU K 750 -11.76 45.96 -38.69
CA LEU K 750 -12.60 44.76 -38.63
C LEU K 750 -13.12 44.34 -37.26
N LEU K 751 -12.42 44.67 -36.17
CA LEU K 751 -12.81 44.20 -34.83
C LEU K 751 -13.16 45.32 -33.86
N PHE K 752 -12.21 46.20 -33.57
CA PHE K 752 -12.41 47.29 -32.62
C PHE K 752 -12.81 48.55 -33.37
N THR K 753 -14.08 48.57 -33.78
CA THR K 753 -14.68 49.65 -34.58
C THR K 753 -15.59 50.52 -33.71
N ALA K 754 -16.02 51.65 -34.28
CA ALA K 754 -16.94 52.57 -33.60
C ALA K 754 -18.31 51.94 -33.26
N GLU K 755 -18.73 50.91 -34.00
CA GLU K 755 -19.98 50.18 -33.72
C GLU K 755 -20.06 49.50 -32.34
N LEU K 756 -18.91 49.21 -31.72
CA LEU K 756 -18.88 48.50 -30.44
C LEU K 756 -19.29 49.37 -29.26
N ASP K 757 -19.80 48.70 -28.24
CA ASP K 757 -20.14 49.31 -26.96
C ASP K 757 -18.88 49.99 -26.39
N PRO K 758 -18.95 51.29 -26.03
CA PRO K 758 -17.72 52.02 -25.64
C PRO K 758 -16.97 51.44 -24.43
N HIS K 759 -17.64 50.60 -23.62
CA HIS K 759 -16.96 49.75 -22.63
C HIS K 759 -15.87 48.87 -23.24
N ILE K 760 -16.20 48.12 -24.30
CA ILE K 760 -15.24 47.26 -24.99
C ILE K 760 -14.22 48.08 -25.80
N LEU K 761 -14.67 49.11 -26.49
CA LEU K 761 -13.77 49.96 -27.29
C LEU K 761 -12.76 50.76 -26.44
N ALA K 762 -13.12 51.07 -25.20
CA ALA K 762 -12.22 51.80 -24.28
C ALA K 762 -10.88 51.07 -24.07
N VAL K 763 -10.94 49.74 -23.93
CA VAL K 763 -9.76 48.88 -23.75
C VAL K 763 -8.81 49.03 -24.94
N PHE K 764 -9.36 49.06 -26.15
CA PHE K 764 -8.57 49.22 -27.37
C PHE K 764 -7.98 50.63 -27.50
N GLN K 765 -8.78 51.66 -27.18
CA GLN K 765 -8.29 53.05 -27.19
C GLN K 765 -7.23 53.30 -26.10
N GLN K 766 -7.35 52.57 -25.00
CA GLN K 766 -6.33 52.55 -23.95
C GLN K 766 -5.03 51.98 -24.49
N PHE K 767 -5.10 50.79 -25.08
CA PHE K 767 -3.96 50.16 -25.75
C PHE K 767 -3.30 51.07 -26.81
N CYS K 768 -4.11 51.73 -27.63
CA CYS K 768 -3.62 52.76 -28.56
C CYS K 768 -2.71 53.80 -27.87
N ALA K 769 -3.14 54.23 -26.69
CA ALA K 769 -2.48 55.30 -25.95
C ALA K 769 -1.07 54.97 -25.44
N LEU K 770 -0.73 53.69 -25.32
CA LEU K 770 0.59 53.31 -24.78
C LEU K 770 1.75 53.78 -25.65
N GLN K 771 1.58 53.80 -26.97
CA GLN K 771 2.63 54.30 -27.88
C GLN K 771 2.22 55.50 -28.73
N ALA K 772 0.99 56.00 -28.53
CA ALA K 772 0.50 57.21 -29.21
C ALA K 772 0.95 58.46 -28.47
N GLY L 6 30.49 51.71 -22.32
CA GLY L 6 30.64 50.23 -22.14
C GLY L 6 29.95 49.74 -20.88
N LEU L 7 30.63 48.90 -20.10
CA LEU L 7 30.07 48.31 -18.88
C LEU L 7 31.08 48.31 -17.73
N LEU L 8 30.57 48.15 -16.51
CA LEU L 8 31.36 48.05 -15.29
C LEU L 8 31.38 46.59 -14.83
N LYS L 9 32.58 46.05 -14.60
CA LYS L 9 32.74 44.67 -14.12
C LYS L 9 31.94 44.40 -12.83
N ALA L 10 31.91 45.40 -11.95
CA ALA L 10 31.18 45.32 -10.68
C ALA L 10 29.67 45.08 -10.86
N LEU L 11 29.08 45.68 -11.89
CA LEU L 11 27.65 45.48 -12.19
C LEU L 11 27.38 44.19 -12.95
N ARG L 12 28.30 43.79 -13.84
CA ARG L 12 28.19 42.50 -14.54
C ARG L 12 28.19 41.29 -13.59
N SER L 13 28.75 41.48 -12.38
CA SER L 13 28.74 40.46 -11.32
C SER L 13 27.46 39.62 -11.31
N ASP L 14 27.64 38.30 -11.38
CA ASP L 14 26.52 37.37 -11.42
C ASP L 14 26.93 36.08 -10.74
N SER L 15 27.13 36.17 -9.42
CA SER L 15 27.70 35.10 -8.62
C SER L 15 26.81 33.87 -8.48
N TYR L 16 25.48 34.04 -8.56
CA TYR L 16 24.56 32.92 -8.43
C TYR L 16 24.58 31.99 -9.65
N VAL L 17 25.16 32.46 -10.75
CA VAL L 17 25.24 31.74 -12.02
C VAL L 17 26.62 31.08 -12.25
N GLU L 18 27.64 31.46 -11.48
CA GLU L 18 28.96 30.83 -11.60
C GLU L 18 28.90 29.33 -11.27
N LEU L 19 29.92 28.61 -11.73
CA LEU L 19 29.95 27.15 -11.63
C LEU L 19 30.31 26.74 -10.21
N SER L 20 29.69 25.66 -9.72
CA SER L 20 30.09 25.09 -8.43
C SER L 20 31.40 24.30 -8.61
N GLN L 21 31.92 23.79 -7.50
CA GLN L 21 33.11 22.93 -7.52
C GLN L 21 32.84 21.50 -8.01
N TYR L 22 31.57 21.08 -8.04
CA TYR L 22 31.18 19.74 -8.50
C TYR L 22 31.55 19.47 -9.96
N ARG L 23 32.04 18.26 -10.21
CA ARG L 23 32.12 17.70 -11.56
C ARG L 23 31.63 16.26 -11.55
N ASP L 24 31.23 15.82 -12.74
CA ASP L 24 30.67 14.49 -12.94
C ASP L 24 31.80 13.52 -13.31
N GLN L 25 31.85 12.39 -12.63
CA GLN L 25 32.93 11.41 -12.80
C GLN L 25 32.67 10.50 -14.01
N HIS L 26 31.43 10.00 -14.14
CA HIS L 26 31.02 9.22 -15.33
C HIS L 26 30.98 10.04 -16.64
N PHE L 27 31.32 11.33 -16.58
CA PHE L 27 31.41 12.17 -17.78
C PHE L 27 32.58 11.73 -18.68
N ARG L 28 32.24 11.17 -19.84
CA ARG L 28 33.21 10.82 -20.89
C ARG L 28 33.83 12.08 -21.49
N GLY L 29 34.86 12.62 -20.82
CA GLY L 29 35.56 13.78 -21.34
C GLY L 29 36.43 14.52 -20.36
N ASP L 30 37.20 15.46 -20.93
CA ASP L 30 38.09 16.37 -20.20
C ASP L 30 37.29 17.31 -19.27
N ASN L 31 37.96 17.91 -18.30
CA ASN L 31 37.35 18.93 -17.43
C ASN L 31 37.01 20.22 -18.21
N GLU L 32 37.96 20.71 -19.01
CA GLU L 32 37.74 21.90 -19.84
C GLU L 32 36.66 21.69 -20.91
N GLU L 33 36.46 20.44 -21.32
CA GLU L 33 35.38 20.05 -22.22
C GLU L 33 34.02 19.99 -21.49
N GLN L 34 34.04 19.63 -20.20
CA GLN L 34 32.84 19.66 -19.35
C GLN L 34 32.40 21.09 -19.01
N GLU L 35 33.37 21.93 -18.61
CA GLU L 35 33.12 23.35 -18.31
C GLU L 35 32.50 24.10 -19.48
N LYS L 36 32.96 23.78 -20.69
CA LYS L 36 32.43 24.36 -21.92
C LYS L 36 30.95 24.01 -22.12
N LEU L 37 30.56 22.79 -21.75
CA LEU L 37 29.14 22.37 -21.77
C LEU L 37 28.33 23.01 -20.64
N LEU L 38 28.92 23.08 -19.44
CA LEU L 38 28.27 23.71 -18.28
C LEU L 38 27.94 25.20 -18.49
N LYS L 39 28.82 25.91 -19.19
CA LYS L 39 28.61 27.34 -19.49
C LYS L 39 27.55 27.61 -20.57
N LYS L 40 27.18 26.61 -21.35
CA LYS L 40 26.12 26.73 -22.37
C LYS L 40 24.88 25.91 -22.03
N SER L 41 24.87 25.24 -20.88
CA SER L 41 23.76 24.36 -20.53
C SER L 41 22.48 25.12 -20.23
N CYS L 42 21.35 24.44 -20.46
CA CYS L 42 20.04 24.89 -19.99
C CYS L 42 19.47 23.88 -19.00
N THR L 43 20.34 23.14 -18.32
CA THR L 43 19.92 21.97 -17.57
C THR L 43 20.49 22.06 -16.16
N LEU L 44 19.63 21.89 -15.16
CA LEU L 44 20.02 22.05 -13.76
C LEU L 44 19.86 20.76 -12.95
N TYR L 45 20.87 20.42 -12.16
CA TYR L 45 20.72 19.46 -11.07
C TYR L 45 20.02 20.18 -9.93
N VAL L 46 19.08 19.48 -9.28
CA VAL L 46 18.36 20.00 -8.13
C VAL L 46 18.51 19.02 -6.96
N GLY L 47 19.33 19.39 -5.97
CA GLY L 47 19.59 18.55 -4.79
C GLY L 47 18.75 18.86 -3.56
N ASN L 48 18.80 17.92 -2.61
CA ASN L 48 18.14 18.02 -1.30
C ASN L 48 16.60 18.00 -1.32
N LEU L 49 16.01 17.39 -2.35
CA LEU L 49 14.56 17.19 -2.38
C LEU L 49 14.16 16.14 -1.33
N SER L 50 12.92 16.25 -0.87
CA SER L 50 12.28 15.17 -0.15
C SER L 50 12.07 14.02 -1.12
N PHE L 51 11.99 12.79 -0.60
CA PHE L 51 11.58 11.62 -1.39
C PHE L 51 10.09 11.68 -1.69
N TYR L 52 9.34 12.41 -0.85
CA TYR L 52 7.89 12.61 -1.03
C TYR L 52 7.54 13.76 -1.99
N THR L 53 8.55 14.53 -2.43
CA THR L 53 8.36 15.66 -3.34
C THR L 53 7.96 15.18 -4.74
N THR L 54 6.76 15.58 -5.16
CA THR L 54 6.16 15.17 -6.44
C THR L 54 6.57 16.10 -7.61
N GLU L 55 6.55 15.56 -8.83
CA GLU L 55 6.75 16.37 -10.07
C GLU L 55 5.82 17.58 -10.17
N GLU L 56 4.59 17.45 -9.67
CA GLU L 56 3.64 18.57 -9.58
C GLU L 56 4.25 19.79 -8.87
N GLN L 57 4.99 19.53 -7.79
CA GLN L 57 5.63 20.60 -7.01
C GLN L 57 6.85 21.18 -7.72
N ILE L 58 7.71 20.32 -8.25
CA ILE L 58 8.89 20.76 -8.97
C ILE L 58 8.49 21.61 -10.18
N TYR L 59 7.45 21.19 -10.90
CA TYR L 59 6.98 21.93 -12.08
C TYR L 59 6.43 23.31 -11.69
N GLU L 60 5.66 23.38 -10.61
CA GLU L 60 5.08 24.67 -10.18
C GLU L 60 6.14 25.70 -9.80
N LEU L 61 7.13 25.29 -9.01
CA LEU L 61 8.20 26.17 -8.54
C LEU L 61 9.09 26.62 -9.70
N PHE L 62 9.69 25.64 -10.38
CA PHE L 62 10.66 25.92 -11.44
C PHE L 62 10.07 26.58 -12.70
N SER L 63 8.75 26.51 -12.85
CA SER L 63 8.03 27.29 -13.88
C SER L 63 8.13 28.80 -13.68
N LYS L 64 8.37 29.25 -12.44
CA LYS L 64 8.42 30.67 -12.14
C LYS L 64 9.62 31.40 -12.75
N SER L 65 10.67 30.67 -13.14
CA SER L 65 11.81 31.28 -13.83
C SER L 65 11.73 31.20 -15.35
N GLY L 66 10.74 30.47 -15.87
CA GLY L 66 10.60 30.25 -17.31
C GLY L 66 9.93 28.92 -17.68
N ASP L 67 9.63 28.75 -18.96
CA ASP L 67 8.91 27.56 -19.45
C ASP L 67 9.82 26.32 -19.43
N ILE L 68 9.36 25.25 -18.79
CA ILE L 68 10.16 24.02 -18.61
C ILE L 68 10.02 23.10 -19.82
N LYS L 69 11.18 22.64 -20.32
CA LYS L 69 11.24 21.61 -21.36
C LYS L 69 11.01 20.22 -20.77
N LYS L 70 11.82 19.86 -19.78
CA LYS L 70 11.84 18.48 -19.26
C LYS L 70 12.26 18.40 -17.79
N ILE L 71 11.45 17.69 -17.00
CA ILE L 71 11.80 17.26 -15.65
C ILE L 71 12.12 15.78 -15.71
N ILE L 72 13.30 15.40 -15.24
CA ILE L 72 13.72 14.00 -15.15
C ILE L 72 13.96 13.70 -13.68
N MET L 73 13.04 13.00 -13.04
CA MET L 73 13.16 12.68 -11.61
C MET L 73 14.37 11.83 -11.29
N GLY L 74 14.90 12.00 -10.08
CA GLY L 74 16.07 11.25 -9.60
C GLY L 74 15.60 9.98 -8.94
N LEU L 75 16.03 8.84 -9.49
CA LEU L 75 15.50 7.53 -9.10
C LEU L 75 16.52 6.68 -8.35
N ASP L 76 16.02 5.82 -7.45
CA ASP L 76 16.83 4.78 -6.83
C ASP L 76 17.15 3.75 -7.91
N LYS L 77 18.40 3.33 -8.03
CA LYS L 77 18.82 2.41 -9.11
C LYS L 77 18.15 1.04 -9.03
N MET L 78 17.90 0.56 -7.82
CA MET L 78 17.23 -0.73 -7.62
C MET L 78 15.71 -0.55 -7.65
N LYS L 79 15.20 0.29 -6.75
CA LYS L 79 13.76 0.42 -6.51
C LYS L 79 12.99 1.24 -7.56
N LYS L 80 13.69 2.16 -8.23
CA LYS L 80 13.08 3.19 -9.10
C LYS L 80 12.01 4.04 -8.40
N THR L 81 12.30 4.36 -7.13
CA THR L 81 11.58 5.32 -6.32
C THR L 81 12.36 6.63 -6.30
N ALA L 82 11.68 7.73 -6.01
CA ALA L 82 12.32 9.03 -5.87
C ALA L 82 13.31 9.02 -4.70
N CYS L 83 14.61 9.14 -5.02
CA CYS L 83 15.68 9.12 -4.01
C CYS L 83 16.30 10.51 -3.74
N GLY L 84 15.53 11.58 -4.00
CA GLY L 84 15.82 12.90 -3.43
C GLY L 84 16.50 13.95 -4.31
N PHE L 85 16.56 13.75 -5.62
CA PHE L 85 17.02 14.81 -6.53
C PHE L 85 16.24 14.78 -7.84
N CYS L 86 16.55 15.72 -8.73
CA CYS L 86 16.04 15.69 -10.11
C CYS L 86 16.86 16.58 -11.04
N PHE L 87 16.55 16.53 -12.32
CA PHE L 87 17.09 17.46 -13.32
C PHE L 87 15.97 18.31 -13.90
N VAL L 88 16.28 19.55 -14.24
CA VAL L 88 15.32 20.46 -14.84
C VAL L 88 15.96 21.11 -16.05
N GLU L 89 15.35 20.89 -17.22
CA GLU L 89 15.83 21.45 -18.48
C GLU L 89 14.89 22.56 -18.94
N TYR L 90 15.46 23.68 -19.35
CA TYR L 90 14.73 24.83 -19.88
C TYR L 90 15.05 24.96 -21.38
N TYR L 91 14.21 25.69 -22.10
CA TYR L 91 14.45 25.96 -23.51
C TYR L 91 15.56 27.00 -23.72
N SER L 92 15.63 28.02 -22.88
CA SER L 92 16.71 29.01 -22.96
C SER L 92 17.64 28.98 -21.74
N ARG L 93 18.87 29.42 -21.97
CA ARG L 93 19.87 29.61 -20.93
C ARG L 93 19.37 30.63 -19.91
N ALA L 94 18.81 31.74 -20.41
CA ALA L 94 18.33 32.85 -19.56
C ALA L 94 17.32 32.41 -18.50
N ASP L 95 16.45 31.47 -18.86
CA ASP L 95 15.45 30.95 -17.92
C ASP L 95 16.11 30.07 -16.86
N ALA L 96 17.09 29.28 -17.28
CA ALA L 96 17.87 28.47 -16.33
C ALA L 96 18.70 29.35 -15.40
N GLU L 97 19.33 30.39 -15.95
CA GLU L 97 20.05 31.38 -15.14
C GLU L 97 19.15 31.99 -14.06
N ASN L 98 17.91 32.35 -14.41
CA ASN L 98 16.97 32.90 -13.43
C ASN L 98 16.59 31.90 -12.33
N ALA L 99 16.50 30.61 -12.65
CA ALA L 99 16.25 29.59 -11.61
C ALA L 99 17.39 29.55 -10.60
N MET L 100 18.62 29.53 -11.13
CA MET L 100 19.85 29.59 -10.33
C MET L 100 19.94 30.84 -9.45
N ARG L 101 19.39 31.96 -9.95
CA ARG L 101 19.41 33.22 -9.23
C ARG L 101 18.37 33.31 -8.11
N TYR L 102 17.17 32.79 -8.35
CA TYR L 102 16.03 33.06 -7.45
C TYR L 102 15.35 31.87 -6.83
N ILE L 103 15.55 30.68 -7.37
CA ILE L 103 14.98 29.46 -6.80
C ILE L 103 16.01 28.70 -5.95
N ASN L 104 17.25 28.67 -6.43
CA ASN L 104 18.39 28.14 -5.68
C ASN L 104 18.38 28.70 -4.26
N GLY L 105 18.47 27.83 -3.27
CA GLY L 105 18.52 28.25 -1.86
C GLY L 105 17.21 28.73 -1.25
N THR L 106 16.08 28.40 -1.89
CA THR L 106 14.74 28.64 -1.31
C THR L 106 14.07 27.31 -1.03
N ARG L 107 12.88 27.36 -0.45
CA ARG L 107 12.21 26.14 0.02
C ARG L 107 11.34 25.47 -1.04
N LEU L 108 11.42 24.15 -1.08
CA LEU L 108 10.51 23.30 -1.84
C LEU L 108 10.12 22.14 -0.95
N ASP L 109 8.86 22.11 -0.55
CA ASP L 109 8.34 21.11 0.39
C ASP L 109 9.00 21.26 1.78
N ASP L 110 9.12 22.52 2.19
CA ASP L 110 9.76 22.94 3.44
C ASP L 110 11.25 22.56 3.59
N ARG L 111 11.95 22.34 2.48
CA ARG L 111 13.38 22.02 2.49
C ARG L 111 14.14 23.01 1.64
N ILE L 112 15.28 23.50 2.13
CA ILE L 112 16.14 24.38 1.35
C ILE L 112 16.82 23.53 0.28
N ILE L 113 16.43 23.75 -0.98
CA ILE L 113 16.97 23.01 -2.12
C ILE L 113 18.11 23.78 -2.77
N ARG L 114 19.01 23.03 -3.38
CA ARG L 114 20.20 23.58 -4.02
C ARG L 114 20.14 23.21 -5.48
N THR L 115 20.50 24.15 -6.35
CA THR L 115 20.58 23.90 -7.78
C THR L 115 22.02 24.00 -8.26
N ASP L 116 22.33 23.31 -9.35
CA ASP L 116 23.64 23.39 -9.97
C ASP L 116 23.52 23.18 -11.46
N TRP L 117 24.40 23.83 -12.22
CA TRP L 117 24.50 23.60 -13.65
C TRP L 117 24.93 22.15 -13.90
N ASP L 118 24.31 21.53 -14.91
CA ASP L 118 24.65 20.17 -15.34
C ASP L 118 25.15 20.21 -16.78
N ALA L 119 26.08 19.32 -17.11
CA ALA L 119 26.67 19.29 -18.46
C ALA L 119 25.71 18.72 -19.52
N GLY L 120 24.64 18.07 -19.07
CA GLY L 120 23.58 17.59 -19.94
C GLY L 120 23.20 16.19 -19.54
N PHE L 121 21.90 15.93 -19.48
CA PHE L 121 21.39 14.60 -19.15
C PHE L 121 21.80 13.57 -20.21
N LYS L 122 22.19 12.38 -19.73
CA LYS L 122 22.34 11.18 -20.55
C LYS L 122 21.55 10.08 -19.86
N GLU L 123 21.37 8.95 -20.54
CA GLU L 123 20.76 7.77 -19.90
C GLU L 123 21.71 7.21 -18.84
N GLY L 124 21.14 6.80 -17.70
CA GLY L 124 21.90 6.32 -16.54
C GLY L 124 22.10 7.35 -15.44
N ARG L 125 22.09 8.63 -15.80
CA ARG L 125 22.33 9.71 -14.84
C ARG L 125 21.19 9.98 -13.89
N GLN L 126 19.98 9.56 -14.24
CA GLN L 126 18.82 9.64 -13.33
C GLN L 126 18.95 8.77 -12.07
N TYR L 127 19.78 7.73 -12.13
CA TYR L 127 19.90 6.75 -11.06
C TYR L 127 20.93 7.18 -10.02
N GLY L 128 20.60 6.93 -8.75
CA GLY L 128 21.52 7.20 -7.64
C GLY L 128 22.70 6.27 -7.66
N ARG L 129 23.90 6.83 -7.56
CA ARG L 129 25.16 6.08 -7.61
C ARG L 129 25.65 5.61 -6.25
N GLY L 130 24.81 5.70 -5.22
CA GLY L 130 25.13 5.10 -3.93
C GLY L 130 25.11 3.58 -4.00
N ARG L 131 25.89 2.96 -3.11
CA ARG L 131 26.04 1.50 -3.06
C ARG L 131 24.70 0.76 -2.89
N SER L 132 23.82 1.29 -2.04
CA SER L 132 22.51 0.67 -1.77
C SER L 132 21.37 1.19 -2.68
N GLY L 133 21.70 1.93 -3.74
CA GLY L 133 20.73 2.36 -4.75
C GLY L 133 20.41 3.84 -4.77
N GLY L 134 20.30 4.44 -3.57
CA GLY L 134 20.04 5.86 -3.42
C GLY L 134 21.23 6.74 -3.73
N GLN L 135 21.14 8.02 -3.34
CA GLN L 135 22.24 8.96 -3.57
C GLN L 135 23.41 8.66 -2.64
N VAL L 136 24.62 8.98 -3.09
CA VAL L 136 25.85 8.84 -2.32
C VAL L 136 25.76 9.58 -0.99
N ARG L 137 25.11 10.74 -1.02
CA ARG L 137 24.92 11.59 0.17
C ARG L 137 24.12 10.88 1.31
N ASP L 138 23.24 9.94 0.95
CA ASP L 138 22.42 9.20 1.94
C ASP L 138 23.06 7.95 2.59
N GLU L 139 24.31 7.63 2.24
CA GLU L 139 24.98 6.42 2.76
C GLU L 139 25.86 6.75 3.96
N TYR L 140 26.72 7.78 3.81
CA TYR L 140 27.58 8.29 4.90
C TYR L 140 26.80 8.78 6.13
N ARG L 141 25.88 9.71 5.89
CA ARG L 141 25.32 10.61 6.92
C ARG L 141 24.81 9.95 8.21
N GLN L 142 25.04 10.66 9.32
CA GLN L 142 24.63 10.21 10.67
C GLN L 142 23.19 10.61 11.02
N ASP L 143 22.85 11.86 10.72
CA ASP L 143 21.57 12.49 11.12
C ASP L 143 20.29 11.73 10.76
N TYR L 144 19.22 12.03 11.49
CA TYR L 144 17.88 11.60 11.10
C TYR L 144 17.26 12.66 10.16
N ASP L 145 16.46 12.20 9.19
CA ASP L 145 15.83 13.08 8.19
C ASP L 145 14.63 12.35 7.56
N ALA L 146 13.42 12.65 8.05
CA ALA L 146 12.19 11.94 7.67
C ALA L 146 11.93 11.90 6.15
N GLY L 147 12.10 13.05 5.50
CA GLY L 147 11.94 13.16 4.06
C GLY L 147 12.99 12.44 3.22
N ARG L 148 14.18 12.24 3.79
CA ARG L 148 15.28 11.55 3.09
C ARG L 148 15.41 10.05 3.42
N GLY L 149 14.38 9.46 4.03
CA GLY L 149 14.33 8.01 4.30
C GLY L 149 14.31 7.66 5.78
N GLY L 150 15.22 8.28 6.53
CA GLY L 150 15.35 8.05 7.98
C GLY L 150 16.79 8.26 8.41
N TYR L 151 17.45 7.19 8.87
CA TYR L 151 18.90 7.21 9.13
C TYR L 151 19.65 6.95 7.82
N GLY L 152 20.98 6.90 7.88
CA GLY L 152 21.81 6.57 6.71
C GLY L 152 21.73 5.11 6.29
N LYS L 153 22.85 4.57 5.81
CA LYS L 153 22.90 3.19 5.32
C LYS L 153 24.33 2.63 5.33
N THR M 9 25.06 -117.84 34.89
CA THR M 9 25.89 -118.90 34.25
C THR M 9 26.07 -118.75 32.72
N GLU M 10 25.32 -117.85 32.07
CA GLU M 10 25.54 -117.54 30.64
C GLU M 10 26.85 -116.78 30.41
N ASP M 11 27.12 -115.80 31.26
CA ASP M 11 28.40 -115.07 31.27
C ASP M 11 29.57 -116.00 31.64
N HIS M 12 29.33 -116.89 32.61
CA HIS M 12 30.29 -117.92 33.04
C HIS M 12 30.59 -118.93 31.93
N LEU M 13 29.56 -119.37 31.21
CA LEU M 13 29.71 -120.30 30.08
C LEU M 13 30.62 -119.78 28.97
N GLU M 14 30.44 -118.52 28.60
CA GLU M 14 31.20 -117.93 27.50
C GLU M 14 32.69 -117.87 27.85
N SER M 15 33.02 -117.40 29.05
CA SER M 15 34.42 -117.29 29.47
C SER M 15 35.10 -118.66 29.68
N LEU M 16 34.34 -119.67 30.08
CA LEU M 16 34.87 -121.05 30.23
C LEU M 16 35.25 -121.66 28.87
N ILE M 17 34.37 -121.51 27.88
CA ILE M 17 34.63 -121.99 26.51
C ILE M 17 35.78 -121.19 25.87
N CYS M 18 35.81 -119.88 26.09
CA CYS M 18 36.89 -119.04 25.57
C CYS M 18 38.26 -119.31 26.21
N LYS M 19 38.30 -119.60 27.51
CA LYS M 19 39.57 -119.71 28.22
C LYS M 19 40.32 -121.02 28.01
N VAL M 20 39.61 -122.12 27.72
CA VAL M 20 40.28 -123.38 27.37
C VAL M 20 41.20 -123.21 26.15
N GLY M 21 42.38 -123.78 26.22
CA GLY M 21 43.40 -123.61 25.17
C GLY M 21 44.47 -122.56 25.51
N GLU M 22 44.14 -121.63 26.40
CA GLU M 22 45.07 -120.58 26.83
C GLU M 22 46.00 -121.10 27.93
N LYS M 23 46.89 -120.21 28.40
CA LYS M 23 47.76 -120.47 29.58
C LYS M 23 46.98 -121.15 30.72
N SER M 24 47.58 -122.17 31.33
CA SER M 24 46.93 -122.90 32.42
C SER M 24 47.93 -123.66 33.28
N ALA M 25 47.54 -123.86 34.55
CA ALA M 25 48.31 -124.70 35.47
C ALA M 25 48.29 -126.15 34.99
N CYS M 26 47.07 -126.66 34.73
CA CYS M 26 46.88 -128.00 34.19
C CYS M 26 47.23 -128.08 32.71
N SER M 27 47.21 -129.29 32.17
CA SER M 27 47.42 -129.52 30.75
C SER M 27 46.14 -129.21 29.96
N LEU M 28 46.29 -129.20 28.63
CA LEU M 28 45.17 -128.99 27.72
C LEU M 28 44.15 -130.14 27.79
N GLU M 29 44.65 -131.37 27.87
CA GLU M 29 43.81 -132.57 27.97
C GLU M 29 42.94 -132.55 29.22
N SER M 30 43.53 -132.12 30.33
CA SER M 30 42.80 -131.99 31.60
C SER M 30 41.65 -130.99 31.51
N ASN M 31 41.91 -129.82 30.92
CA ASN M 31 40.89 -128.75 30.81
C ASN M 31 39.71 -129.14 29.90
N LEU M 32 40.01 -129.80 28.78
CA LEU M 32 38.98 -130.31 27.85
C LEU M 32 38.09 -131.34 28.53
N GLU M 33 38.72 -132.30 29.21
CA GLU M 33 38.04 -133.32 30.03
C GLU M 33 37.11 -132.65 31.04
N GLY M 34 37.65 -131.67 31.77
CA GLY M 34 36.90 -130.92 32.77
C GLY M 34 35.75 -130.12 32.18
N LEU M 35 36.03 -129.41 31.08
CA LEU M 35 35.03 -128.57 30.41
C LEU M 35 33.92 -129.40 29.79
N ALA M 36 34.29 -130.48 29.08
CA ALA M 36 33.32 -131.41 28.50
C ALA M 36 32.34 -131.93 29.57
N GLY M 37 32.86 -132.19 30.76
CA GLY M 37 32.03 -132.58 31.90
C GLY M 37 31.08 -131.49 32.36
N VAL M 38 31.61 -130.26 32.52
CA VAL M 38 30.81 -129.12 32.97
C VAL M 38 29.73 -128.76 31.94
N LEU M 39 30.07 -128.84 30.65
CA LEU M 39 29.12 -128.57 29.58
C LEU M 39 28.00 -129.62 29.50
N GLU M 40 28.33 -130.90 29.69
CA GLU M 40 27.31 -131.97 29.71
C GLU M 40 26.31 -131.78 30.87
N ALA M 41 26.79 -131.32 32.01
CA ALA M 41 25.94 -130.96 33.15
C ALA M 41 24.94 -129.83 32.84
N ASP M 42 25.38 -128.86 32.04
CA ASP M 42 24.53 -127.72 31.63
C ASP M 42 23.59 -128.00 30.43
N LEU M 43 23.71 -129.17 29.78
CA LEU M 43 22.87 -129.53 28.62
C LEU M 43 21.35 -129.56 28.87
N PRO M 44 20.90 -130.15 30.00
CA PRO M 44 19.48 -130.11 30.37
C PRO M 44 18.72 -128.80 30.05
N ASN M 45 19.27 -127.66 30.46
CA ASN M 45 18.59 -126.35 30.32
C ASN M 45 19.41 -125.17 29.72
N TYR M 46 20.58 -125.46 29.14
CA TYR M 46 21.36 -124.47 28.37
C TYR M 46 21.88 -125.04 27.03
N LYS M 47 21.21 -126.06 26.49
CA LYS M 47 21.63 -126.69 25.22
C LYS M 47 21.68 -125.67 24.08
N SER M 48 20.73 -124.74 24.08
CA SER M 48 20.64 -123.69 23.06
C SER M 48 21.83 -122.73 23.10
N LYS M 49 22.18 -122.25 24.29
CA LYS M 49 23.36 -121.38 24.48
C LYS M 49 24.65 -122.04 24.00
N ILE M 50 24.87 -123.28 24.42
CA ILE M 50 26.12 -123.99 24.18
C ILE M 50 26.33 -124.32 22.69
N LEU M 51 25.24 -124.67 22.00
CA LEU M 51 25.29 -124.87 20.55
C LEU M 51 25.72 -123.58 19.82
N ARG M 52 25.14 -122.46 20.24
CA ARG M 52 25.40 -121.17 19.60
C ARG M 52 26.81 -120.65 19.92
N LEU M 53 27.26 -120.82 21.16
CA LEU M 53 28.60 -120.42 21.57
C LEU M 53 29.70 -121.25 20.92
N LEU M 54 29.46 -122.54 20.72
CA LEU M 54 30.42 -123.39 20.02
C LEU M 54 30.44 -123.12 18.51
N CYS M 55 29.30 -122.74 17.94
CA CYS M 55 29.26 -122.27 16.54
C CYS M 55 30.03 -120.96 16.34
N THR M 56 29.95 -120.08 17.33
CA THR M 56 30.65 -118.79 17.28
C THR M 56 32.18 -118.94 17.33
N VAL M 57 32.68 -119.79 18.23
CA VAL M 57 34.13 -120.04 18.28
C VAL M 57 34.64 -120.81 17.06
N ALA M 58 33.77 -121.63 16.45
CA ALA M 58 34.10 -122.32 15.20
C ALA M 58 34.30 -121.34 14.04
N ARG M 59 33.53 -120.26 14.06
CA ARG M 59 33.55 -119.21 13.04
C ARG M 59 34.61 -118.13 13.29
N LEU M 60 34.80 -117.74 14.56
CA LEU M 60 35.64 -116.58 14.94
C LEU M 60 37.05 -116.89 15.47
N LEU M 61 37.29 -118.13 15.90
CA LEU M 61 38.58 -118.54 16.46
C LEU M 61 39.18 -119.76 15.74
N PRO M 62 39.46 -119.63 14.43
CA PRO M 62 40.06 -120.74 13.68
C PRO M 62 41.49 -121.08 14.10
N GLU M 63 42.20 -120.11 14.67
CA GLU M 63 43.54 -120.38 15.25
C GLU M 63 43.50 -121.46 16.35
N LYS M 64 42.36 -121.61 17.03
CA LYS M 64 42.14 -122.64 18.04
C LYS M 64 41.18 -123.75 17.55
N LEU M 65 41.24 -124.06 16.26
CA LEU M 65 40.37 -125.05 15.61
C LEU M 65 40.33 -126.43 16.29
N THR M 66 41.50 -127.05 16.41
CA THR M 66 41.61 -128.44 16.90
C THR M 66 41.28 -128.57 18.39
N ILE M 67 41.43 -127.49 19.14
CA ILE M 67 41.01 -127.46 20.54
C ILE M 67 39.49 -127.64 20.62
N TYR M 68 38.74 -126.93 19.79
CA TYR M 68 37.28 -126.93 19.87
C TYR M 68 36.62 -128.11 19.17
N THR M 69 37.22 -128.62 18.09
CA THR M 69 36.71 -129.86 17.47
C THR M 69 36.85 -131.03 18.44
N THR M 70 37.99 -131.10 19.14
CA THR M 70 38.18 -132.06 20.22
C THR M 70 37.08 -131.92 21.27
N LEU M 71 36.83 -130.70 21.74
CA LEU M 71 35.78 -130.46 22.73
C LEU M 71 34.42 -130.98 22.26
N VAL M 72 34.10 -130.77 20.99
CA VAL M 72 32.87 -131.28 20.39
C VAL M 72 32.89 -132.81 20.32
N GLY M 73 34.04 -133.39 19.96
CA GLY M 73 34.24 -134.84 19.97
C GLY M 73 33.88 -135.50 21.29
N LEU M 74 34.34 -134.92 22.38
CA LEU M 74 34.09 -135.43 23.73
C LEU M 74 32.63 -135.29 24.13
N LEU M 75 31.99 -134.19 23.74
CA LEU M 75 30.56 -133.98 23.98
C LEU M 75 29.68 -134.93 23.16
N ASN M 76 30.08 -135.20 21.92
CA ASN M 76 29.41 -136.17 21.04
C ASN M 76 29.43 -137.58 21.64
N ALA M 77 30.57 -137.97 22.19
CA ALA M 77 30.75 -139.29 22.83
C ALA M 77 29.86 -139.51 24.05
N ARG M 78 29.68 -138.46 24.87
CA ARG M 78 28.81 -138.52 26.05
C ARG M 78 27.33 -138.32 25.72
N ASN M 79 27.05 -137.61 24.62
CA ASN M 79 25.69 -137.26 24.22
C ASN M 79 25.61 -137.19 22.70
N TYR M 80 25.13 -138.26 22.09
CA TYR M 80 25.00 -138.37 20.64
C TYR M 80 24.11 -137.29 20.03
N ASN M 81 22.98 -137.00 20.68
CA ASN M 81 21.99 -136.03 20.14
C ASN M 81 22.49 -134.60 20.09
N PHE M 82 23.40 -134.25 21.01
CA PHE M 82 24.06 -132.94 20.97
C PHE M 82 24.92 -132.80 19.72
N GLY M 83 25.75 -133.81 19.45
CA GLY M 83 26.56 -133.87 18.22
C GLY M 83 25.76 -133.80 16.94
N GLY M 84 24.55 -134.35 16.95
CA GLY M 84 23.61 -134.26 15.84
C GLY M 84 23.11 -132.84 15.63
N GLU M 85 22.66 -132.21 16.71
CA GLU M 85 22.16 -130.82 16.66
C GLU M 85 23.25 -129.79 16.35
N PHE M 86 24.50 -130.11 16.71
CA PHE M 86 25.63 -129.24 16.40
C PHE M 86 25.95 -129.23 14.91
N VAL M 87 26.05 -130.41 14.32
CA VAL M 87 26.33 -130.53 12.87
C VAL M 87 25.22 -129.86 12.04
N GLU M 88 23.98 -129.95 12.52
CA GLU M 88 22.86 -129.20 11.94
C GLU M 88 23.09 -127.69 12.03
N ALA M 89 23.41 -127.22 13.24
CA ALA M 89 23.66 -125.79 13.50
C ALA M 89 24.81 -125.22 12.65
N MET M 90 25.88 -125.99 12.50
CA MET M 90 27.02 -125.59 11.64
C MET M 90 26.64 -125.48 10.18
N ILE M 91 25.82 -126.41 9.69
CA ILE M 91 25.35 -126.35 8.30
C ILE M 91 24.44 -125.13 8.07
N ARG M 92 23.60 -124.81 9.06
CA ARG M 92 22.79 -123.59 9.01
C ARG M 92 23.69 -122.35 8.97
N GLN M 93 24.69 -122.31 9.85
CA GLN M 93 25.63 -121.19 9.92
C GLN M 93 26.47 -121.05 8.65
N LEU M 94 26.79 -122.17 8.01
CA LEU M 94 27.57 -122.17 6.77
C LEU M 94 26.78 -121.55 5.63
N LYS M 95 25.53 -121.97 5.49
CA LYS M 95 24.63 -121.43 4.47
C LYS M 95 24.32 -119.94 4.73
N GLU M 96 24.15 -119.59 6.01
CA GLU M 96 23.99 -118.20 6.44
C GLU M 96 25.16 -117.33 6.01
N SER M 97 26.38 -117.83 6.23
CA SER M 97 27.61 -117.09 5.90
C SER M 97 27.82 -116.96 4.40
N LEU M 98 27.48 -118.00 3.64
CA LEU M 98 27.63 -117.95 2.16
C LEU M 98 26.63 -117.01 1.51
N LYS M 99 25.37 -117.06 1.97
CA LYS M 99 24.31 -116.14 1.53
C LYS M 99 24.70 -114.67 1.74
N ALA M 100 25.36 -114.39 2.86
CA ALA M 100 25.81 -113.03 3.21
C ALA M 100 27.18 -112.64 2.64
N ASN M 101 27.71 -113.42 1.71
CA ASN M 101 29.06 -113.23 1.13
C ASN M 101 30.22 -113.14 2.15
N ASN M 102 30.11 -113.89 3.24
CA ASN M 102 31.20 -114.05 4.21
C ASN M 102 31.91 -115.34 3.87
N TYR M 103 32.60 -115.32 2.73
CA TYR M 103 33.31 -116.50 2.23
C TYR M 103 34.54 -116.79 3.09
N ASN M 104 35.14 -115.75 3.68
CA ASN M 104 36.31 -115.96 4.53
C ASN M 104 35.95 -116.67 5.85
N GLU M 105 34.79 -116.34 6.43
CA GLU M 105 34.28 -117.08 7.59
C GLU M 105 33.85 -118.50 7.23
N ALA M 106 33.27 -118.67 6.05
CA ALA M 106 32.81 -119.98 5.58
C ALA M 106 33.93 -121.02 5.53
N VAL M 107 35.12 -120.64 5.06
CA VAL M 107 36.27 -121.55 5.04
C VAL M 107 36.53 -122.12 6.43
N TYR M 108 36.51 -121.26 7.44
CA TYR M 108 36.76 -121.70 8.82
C TYR M 108 35.71 -122.71 9.27
N LEU M 109 34.46 -122.51 8.86
CA LEU M 109 33.39 -123.48 9.15
C LEU M 109 33.60 -124.79 8.41
N VAL M 110 34.05 -124.72 7.15
CA VAL M 110 34.35 -125.92 6.35
C VAL M 110 35.51 -126.73 6.98
N ARG M 111 36.59 -126.04 7.33
CA ARG M 111 37.72 -126.67 8.04
C ARG M 111 37.33 -127.27 9.36
N PHE M 112 36.41 -126.61 10.07
CA PHE M 112 35.89 -127.16 11.34
C PHE M 112 35.12 -128.47 11.13
N LEU M 113 34.24 -128.50 10.12
CA LEU M 113 33.52 -129.72 9.76
C LEU M 113 34.49 -130.81 9.31
N SER M 114 35.51 -130.43 8.53
CA SER M 114 36.57 -131.35 8.10
C SER M 114 37.23 -132.05 9.28
N ASP M 115 37.78 -131.25 10.21
CA ASP M 115 38.50 -131.80 11.34
C ASP M 115 37.59 -132.54 12.36
N LEU M 116 36.28 -132.29 12.32
CA LEU M 116 35.31 -133.08 13.10
C LEU M 116 35.20 -134.55 12.66
N VAL M 117 35.68 -134.87 11.46
CA VAL M 117 35.84 -136.26 11.01
C VAL M 117 36.94 -136.97 11.84
N ASN M 118 38.03 -136.26 12.12
CA ASN M 118 39.12 -136.81 12.95
C ASN M 118 38.69 -137.07 14.41
N CYS M 119 37.67 -136.35 14.89
CA CYS M 119 37.11 -136.56 16.23
C CYS M 119 35.94 -137.56 16.30
N HIS M 120 35.69 -138.26 15.19
CA HIS M 120 34.58 -139.21 15.07
C HIS M 120 33.23 -138.58 15.48
N VAL M 121 32.96 -137.41 14.90
CA VAL M 121 31.67 -136.74 15.01
C VAL M 121 30.95 -136.77 13.66
N ILE M 122 31.69 -136.56 12.57
CA ILE M 122 31.15 -136.61 11.22
C ILE M 122 31.74 -137.82 10.50
N ALA M 123 30.90 -138.52 9.74
CA ALA M 123 31.33 -139.69 8.97
C ALA M 123 32.12 -139.25 7.73
N ALA M 124 33.24 -139.91 7.48
CA ALA M 124 34.15 -139.56 6.37
C ALA M 124 33.49 -139.53 4.97
N PRO M 125 32.59 -140.49 4.67
CA PRO M 125 31.87 -140.42 3.38
C PRO M 125 31.03 -139.14 3.17
N SER M 126 30.52 -138.53 4.24
CA SER M 126 29.74 -137.29 4.14
C SER M 126 30.59 -136.10 3.71
N MET M 127 31.80 -135.99 4.25
CA MET M 127 32.74 -134.94 3.84
C MET M 127 33.24 -135.12 2.41
N VAL M 128 33.40 -136.37 1.97
CA VAL M 128 33.79 -136.63 0.59
C VAL M 128 32.64 -136.25 -0.35
N ALA M 129 31.40 -136.52 0.08
CA ALA M 129 30.20 -136.13 -0.67
C ALA M 129 30.05 -134.60 -0.76
N MET M 130 30.30 -133.91 0.35
CA MET M 130 30.29 -132.44 0.37
C MET M 130 31.39 -131.87 -0.53
N PHE M 131 32.61 -132.40 -0.42
CA PHE M 131 33.71 -131.96 -1.28
C PHE M 131 33.54 -132.33 -2.76
N GLU M 132 32.81 -133.40 -3.06
CA GLU M 132 32.38 -133.69 -4.44
C GLU M 132 31.57 -132.51 -4.99
N ASN M 133 30.57 -132.08 -4.21
CA ASN M 133 29.70 -130.94 -4.57
C ASN M 133 30.44 -129.61 -4.66
N PHE M 134 31.45 -129.40 -3.80
CA PHE M 134 32.29 -128.19 -3.85
C PHE M 134 33.02 -128.11 -5.17
N VAL M 135 33.79 -129.15 -5.47
CA VAL M 135 34.63 -129.16 -6.68
C VAL M 135 33.78 -129.15 -7.96
N SER M 136 32.56 -129.69 -7.89
CA SER M 136 31.61 -129.61 -9.02
C SER M 136 31.24 -128.18 -9.45
N VAL M 137 31.49 -127.18 -8.60
CA VAL M 137 31.34 -125.76 -8.95
C VAL M 137 32.32 -125.35 -10.07
N THR M 138 33.45 -126.06 -10.22
CA THR M 138 34.34 -125.84 -11.36
C THR M 138 33.74 -126.22 -12.72
N GLN M 139 32.69 -127.07 -12.70
CA GLN M 139 31.97 -127.49 -13.92
C GLN M 139 30.93 -126.45 -14.37
N GLU M 140 30.35 -125.70 -13.42
CA GLU M 140 29.33 -124.66 -13.71
C GLU M 140 29.82 -123.68 -14.78
N GLU M 141 28.93 -123.29 -15.68
CA GLU M 141 29.26 -122.32 -16.73
C GLU M 141 28.50 -121.01 -16.51
N ASP M 142 29.00 -119.95 -17.16
CA ASP M 142 28.51 -118.57 -16.99
C ASP M 142 28.61 -118.08 -15.54
N VAL M 143 29.75 -118.37 -14.89
CA VAL M 143 30.05 -117.91 -13.53
C VAL M 143 31.52 -117.47 -13.44
N PRO M 144 31.84 -116.53 -12.52
CA PRO M 144 33.20 -116.00 -12.48
C PRO M 144 34.22 -116.96 -11.87
N GLN M 145 35.47 -116.82 -12.31
CA GLN M 145 36.59 -117.63 -11.82
C GLN M 145 36.71 -117.61 -10.30
N VAL M 146 36.59 -116.42 -9.72
CA VAL M 146 36.70 -116.25 -8.27
C VAL M 146 35.70 -117.09 -7.45
N ARG M 147 34.53 -117.37 -8.01
CA ARG M 147 33.58 -118.29 -7.38
C ARG M 147 34.14 -119.70 -7.35
N ARG M 148 34.64 -120.14 -8.50
CA ARG M 148 35.20 -121.48 -8.64
C ARG M 148 36.44 -121.63 -7.77
N ASP M 149 37.36 -120.67 -7.89
CA ASP M 149 38.54 -120.55 -7.03
C ASP M 149 38.26 -120.78 -5.55
N TRP M 150 37.23 -120.12 -5.03
CA TRP M 150 36.92 -120.23 -3.62
C TRP M 150 36.53 -121.65 -3.23
N TYR M 151 35.65 -122.26 -4.01
CA TYR M 151 35.14 -123.60 -3.70
C TYR M 151 36.25 -124.66 -3.71
N VAL M 152 37.19 -124.52 -4.64
CA VAL M 152 38.42 -125.30 -4.64
C VAL M 152 39.26 -125.00 -3.38
N TYR M 153 39.48 -123.71 -3.11
CA TYR M 153 40.29 -123.28 -1.95
C TYR M 153 39.76 -123.84 -0.61
N ALA M 154 38.45 -123.80 -0.42
CA ALA M 154 37.83 -124.35 0.81
C ALA M 154 38.10 -125.85 0.96
N PHE M 155 38.11 -126.56 -0.17
CA PHE M 155 38.44 -127.99 -0.22
C PHE M 155 39.93 -128.21 0.08
N LEU M 156 40.80 -127.67 -0.77
CA LEU M 156 42.25 -127.85 -0.64
C LEU M 156 42.78 -127.44 0.73
N SER M 157 42.32 -126.30 1.24
CA SER M 157 42.78 -125.79 2.55
C SER M 157 42.23 -126.56 3.75
N SER M 158 41.26 -127.44 3.55
CA SER M 158 40.82 -128.36 4.61
C SER M 158 41.68 -129.62 4.72
N LEU M 159 42.45 -129.94 3.67
CA LEU M 159 43.16 -131.22 3.60
C LEU M 159 44.30 -131.40 4.57
N PRO M 160 45.00 -130.33 4.98
CA PRO M 160 46.00 -130.54 6.02
C PRO M 160 45.44 -131.14 7.32
N TRP M 161 44.16 -130.87 7.62
CA TRP M 161 43.52 -131.40 8.82
C TRP M 161 42.90 -132.78 8.59
N VAL M 162 42.21 -132.95 7.46
CA VAL M 162 41.41 -134.16 7.20
C VAL M 162 41.86 -134.99 5.99
N GLY M 163 42.91 -134.59 5.29
CA GLY M 163 43.35 -135.25 4.06
C GLY M 163 43.75 -136.71 4.20
N LYS M 164 44.30 -137.08 5.34
CA LYS M 164 44.66 -138.47 5.65
C LYS M 164 43.40 -139.32 5.81
N GLU M 165 42.53 -138.91 6.74
CA GLU M 165 41.31 -139.66 7.08
C GLU M 165 40.37 -139.91 5.90
N LEU M 166 40.27 -138.94 4.97
CA LEU M 166 39.43 -139.08 3.78
C LEU M 166 40.04 -140.02 2.75
N TYR M 167 41.35 -139.94 2.56
CA TYR M 167 42.04 -140.75 1.56
C TYR M 167 42.12 -142.23 1.96
N GLU M 168 42.11 -142.53 3.25
CA GLU M 168 42.08 -143.92 3.73
C GLU M 168 40.68 -144.55 3.68
N LYS M 169 39.63 -143.76 3.84
CA LYS M 169 38.25 -144.27 3.79
C LYS M 169 37.67 -144.38 2.37
N LYS M 170 38.03 -143.45 1.48
CA LYS M 170 37.43 -143.38 0.14
C LYS M 170 38.44 -142.88 -0.93
N ASP M 171 39.58 -143.56 -1.08
CA ASP M 171 40.61 -143.10 -2.04
C ASP M 171 40.15 -143.06 -3.51
N ALA M 172 39.23 -143.97 -3.88
CA ALA M 172 38.65 -143.99 -5.22
C ALA M 172 37.93 -142.67 -5.52
N GLU M 173 37.03 -142.30 -4.63
CA GLU M 173 36.24 -141.06 -4.73
C GLU M 173 37.13 -139.82 -4.72
N MET M 174 38.17 -139.83 -3.88
CA MET M 174 39.09 -138.70 -3.75
C MET M 174 40.00 -138.51 -4.97
N ASP M 175 40.41 -139.60 -5.62
CA ASP M 175 41.19 -139.48 -6.86
C ASP M 175 40.43 -138.76 -7.99
N ARG M 176 39.10 -138.92 -8.05
CA ARG M 176 38.26 -138.19 -9.01
C ARG M 176 38.25 -136.69 -8.72
N ILE M 177 38.20 -136.33 -7.43
CA ILE M 177 38.22 -134.93 -7.01
C ILE M 177 39.54 -134.27 -7.39
N PHE M 178 40.64 -134.97 -7.15
CA PHE M 178 41.98 -134.49 -7.52
C PHE M 178 42.19 -134.39 -9.03
N ALA M 179 41.51 -135.24 -9.80
CA ALA M 179 41.53 -135.18 -11.28
C ALA M 179 40.75 -133.96 -11.80
N ASN M 180 39.53 -133.78 -11.29
CA ASN M 180 38.68 -132.62 -11.63
C ASN M 180 39.31 -131.30 -11.16
N THR M 181 39.86 -131.30 -9.94
CA THR M 181 40.58 -130.15 -9.39
C THR M 181 41.79 -129.80 -10.24
N GLU M 182 42.63 -130.80 -10.53
CA GLU M 182 43.84 -130.58 -11.32
C GLU M 182 43.54 -130.06 -12.73
N SER M 183 42.49 -130.58 -13.36
CA SER M 183 42.08 -130.10 -14.69
C SER M 183 41.66 -128.63 -14.64
N TYR M 184 40.91 -128.25 -13.60
CA TYR M 184 40.48 -126.86 -13.42
C TYR M 184 41.67 -125.89 -13.25
N LEU M 185 42.62 -126.26 -12.37
CA LEU M 185 43.78 -125.41 -12.08
C LEU M 185 44.70 -125.20 -13.30
N LYS M 186 44.72 -126.18 -14.21
CA LYS M 186 45.46 -126.06 -15.48
C LYS M 186 44.88 -124.97 -16.38
N ARG M 187 43.55 -124.93 -16.48
CA ARG M 187 42.84 -124.02 -17.39
C ARG M 187 42.40 -122.67 -16.77
N ARG M 188 42.76 -122.43 -15.50
CA ARG M 188 42.51 -121.13 -14.87
C ARG M 188 43.30 -120.00 -15.54
N GLN M 189 42.71 -118.82 -15.56
CA GLN M 189 43.40 -117.60 -15.99
C GLN M 189 44.36 -117.16 -14.90
N LYS M 190 45.50 -116.57 -15.30
CA LYS M 190 46.50 -116.04 -14.38
C LYS M 190 46.79 -114.56 -14.68
N THR M 191 45.79 -113.84 -15.18
CA THR M 191 45.97 -112.46 -15.67
C THR M 191 46.27 -111.49 -14.53
N HIS M 192 45.67 -111.77 -13.37
CA HIS M 192 45.84 -110.98 -12.15
C HIS M 192 47.24 -110.97 -11.52
N VAL M 193 48.03 -112.01 -11.75
CA VAL M 193 49.27 -112.22 -10.97
C VAL M 193 50.28 -111.06 -11.00
N PRO M 194 50.55 -110.45 -12.16
CA PRO M 194 51.49 -109.31 -12.19
C PRO M 194 51.02 -108.07 -11.40
N MET M 195 49.71 -107.95 -11.17
CA MET M 195 49.13 -106.89 -10.35
C MET M 195 49.27 -107.10 -8.83
N LEU M 196 49.29 -108.36 -8.40
CA LEU M 196 49.28 -108.70 -6.99
C LEU M 196 50.65 -109.10 -6.40
N GLN M 197 51.65 -109.32 -7.24
CA GLN M 197 52.99 -109.68 -6.77
C GLN M 197 53.67 -108.49 -6.15
N VAL M 198 54.31 -108.72 -5.00
CA VAL M 198 55.09 -107.68 -4.35
C VAL M 198 56.38 -107.47 -5.12
N TRP M 199 56.96 -108.55 -5.62
CA TRP M 199 58.15 -108.55 -6.46
C TRP M 199 57.89 -109.31 -7.76
N THR M 200 58.19 -108.68 -8.91
CA THR M 200 58.08 -109.33 -10.22
C THR M 200 59.14 -110.43 -10.43
N ALA M 201 60.32 -110.23 -9.85
CA ALA M 201 61.41 -111.22 -9.90
C ALA M 201 61.00 -112.53 -9.23
N ASP M 202 61.56 -113.64 -9.72
CA ASP M 202 61.33 -114.96 -9.10
C ASP M 202 62.59 -115.53 -8.42
N LYS M 203 63.58 -114.67 -8.24
CA LYS M 203 64.80 -114.99 -7.49
C LYS M 203 64.97 -113.85 -6.46
N PRO M 204 65.18 -114.15 -5.17
CA PRO M 204 65.36 -115.50 -4.62
C PRO M 204 64.10 -116.34 -4.38
N HIS M 205 62.92 -115.72 -4.44
CA HIS M 205 61.67 -116.45 -4.20
C HIS M 205 60.59 -116.08 -5.21
N PRO M 206 60.03 -117.08 -5.91
CA PRO M 206 58.86 -116.76 -6.74
C PRO M 206 57.65 -116.40 -5.86
N GLN M 207 57.03 -115.26 -6.16
CA GLN M 207 55.78 -114.87 -5.52
C GLN M 207 54.65 -115.62 -6.23
N GLU M 208 54.31 -116.78 -5.69
CA GLU M 208 53.40 -117.73 -6.35
C GLU M 208 51.93 -117.37 -6.20
N GLU M 209 51.15 -117.77 -7.19
CA GLU M 209 49.70 -117.56 -7.16
C GLU M 209 49.10 -118.52 -6.13
N TYR M 210 48.16 -118.03 -5.34
CA TYR M 210 47.75 -118.70 -4.10
C TYR M 210 47.19 -120.12 -4.25
N LEU M 211 46.53 -120.42 -5.37
CA LEU M 211 45.99 -121.77 -5.59
C LEU M 211 47.04 -122.71 -6.20
N ASP M 212 47.94 -122.18 -7.02
CA ASP M 212 49.08 -122.94 -7.50
C ASP M 212 49.95 -123.41 -6.32
N CYS M 213 50.23 -122.48 -5.42
CA CYS M 213 51.04 -122.78 -4.24
C CYS M 213 50.39 -123.77 -3.30
N LEU M 214 49.11 -123.59 -2.99
CA LEU M 214 48.38 -124.55 -2.15
C LEU M 214 48.34 -125.94 -2.79
N TRP M 215 48.16 -125.97 -4.12
CA TRP M 215 48.20 -127.23 -4.88
C TRP M 215 49.53 -127.96 -4.67
N ALA M 216 50.63 -127.28 -4.98
CA ALA M 216 51.98 -127.81 -4.74
C ALA M 216 52.12 -128.37 -3.31
N GLN M 217 51.63 -127.63 -2.33
CA GLN M 217 51.66 -128.06 -0.92
C GLN M 217 50.81 -129.30 -0.67
N ILE M 218 49.63 -129.37 -1.27
CA ILE M 218 48.77 -130.54 -1.10
C ILE M 218 49.33 -131.76 -1.85
N GLN M 219 50.04 -131.54 -2.95
CA GLN M 219 50.70 -132.63 -3.66
C GLN M 219 51.83 -133.25 -2.83
N LYS M 220 52.70 -132.41 -2.27
CA LYS M 220 53.78 -132.88 -1.39
C LYS M 220 53.26 -133.58 -0.14
N LEU M 221 52.13 -133.13 0.39
CA LEU M 221 51.48 -133.79 1.52
C LEU M 221 50.98 -135.18 1.15
N LYS M 222 50.37 -135.30 -0.02
CA LYS M 222 49.90 -136.60 -0.54
C LYS M 222 51.06 -137.56 -0.78
N LYS M 223 52.13 -137.06 -1.40
CA LYS M 223 53.35 -137.83 -1.65
C LYS M 223 54.01 -138.33 -0.36
N ASP M 224 53.85 -137.59 0.75
CA ASP M 224 54.34 -138.01 2.07
C ASP M 224 53.27 -138.72 2.91
N ARG M 225 52.37 -139.47 2.26
CA ARG M 225 51.33 -140.29 2.91
C ARG M 225 50.42 -139.54 3.90
N TRP M 226 50.17 -138.26 3.63
CA TRP M 226 49.37 -137.38 4.52
C TRP M 226 49.93 -137.24 5.94
N GLN M 227 51.26 -137.29 6.06
CA GLN M 227 51.96 -137.09 7.33
C GLN M 227 52.41 -135.65 7.38
N GLU M 228 51.92 -134.91 8.38
CA GLU M 228 52.32 -133.52 8.59
C GLU M 228 52.81 -133.36 10.03
N ARG M 229 53.72 -132.41 10.22
CA ARG M 229 54.52 -132.32 11.44
C ARG M 229 54.19 -131.14 12.38
N HIS M 230 53.17 -130.33 12.08
CA HIS M 230 52.88 -129.09 12.84
C HIS M 230 51.57 -129.05 13.65
N ILE M 231 50.48 -129.55 13.08
CA ILE M 231 49.15 -129.33 13.66
C ILE M 231 48.97 -130.07 14.98
N LEU M 232 48.75 -129.30 16.05
CA LEU M 232 48.39 -129.90 17.34
C LEU M 232 47.01 -130.50 17.25
N ARG M 233 46.90 -131.76 17.68
CA ARG M 233 45.67 -132.54 17.59
C ARG M 233 45.37 -133.12 18.98
N PRO M 234 44.69 -132.34 19.83
CA PRO M 234 44.35 -132.83 21.18
C PRO M 234 43.53 -134.12 21.21
N TYR M 235 42.70 -134.33 20.19
CA TYR M 235 41.88 -135.56 20.06
C TYR M 235 42.66 -136.89 20.08
N LEU M 236 43.90 -136.91 19.59
CA LEU M 236 44.74 -138.11 19.62
C LEU M 236 44.98 -138.66 21.05
N ALA M 237 45.02 -137.75 22.04
CA ALA M 237 45.14 -138.13 23.45
C ALA M 237 43.88 -138.80 24.01
N PHE M 238 42.71 -138.50 23.44
CA PHE M 238 41.43 -139.12 23.85
C PHE M 238 41.00 -140.25 22.92
N ASP M 239 41.96 -140.99 22.36
CA ASP M 239 41.68 -142.04 21.36
C ASP M 239 40.74 -143.14 21.89
N SER M 240 40.89 -143.53 23.16
CA SER M 240 39.98 -144.50 23.81
C SER M 240 38.51 -144.11 23.72
N ILE M 241 38.22 -142.86 24.09
CA ILE M 241 36.85 -142.36 24.19
C ILE M 241 36.23 -142.08 22.80
N LEU M 242 37.05 -141.63 21.84
CA LEU M 242 36.56 -141.18 20.53
C LEU M 242 36.38 -142.30 19.49
N CYS M 243 37.04 -143.44 19.67
CA CYS M 243 36.79 -144.64 18.84
C CYS M 243 35.35 -145.12 18.99
N GLU M 244 34.93 -145.28 20.24
CA GLU M 244 33.60 -145.77 20.58
C GLU M 244 32.45 -144.79 20.29
N ALA M 245 32.78 -143.51 20.07
CA ALA M 245 31.78 -142.49 19.75
C ALA M 245 31.15 -142.73 18.36
N LEU M 246 29.84 -142.49 18.28
CA LEU M 246 29.08 -142.75 17.06
C LEU M 246 29.05 -141.52 16.18
N GLN M 247 29.18 -141.75 14.87
CA GLN M 247 29.32 -140.67 13.89
C GLN M 247 27.96 -140.18 13.37
N HIS M 248 28.00 -139.03 12.69
CA HIS M 248 26.83 -138.41 12.06
C HIS M 248 27.10 -138.18 10.60
N ASN M 249 26.04 -138.19 9.80
CA ASN M 249 26.13 -137.87 8.39
C ASN M 249 25.73 -136.42 8.18
N LEU M 250 26.59 -135.65 7.51
CA LEU M 250 26.19 -134.34 7.00
C LEU M 250 25.10 -134.57 5.97
N PRO M 251 24.07 -133.69 5.94
CA PRO M 251 23.15 -133.80 4.81
C PRO M 251 23.88 -133.53 3.48
N PRO M 252 23.29 -133.96 2.34
CA PRO M 252 23.89 -133.59 1.06
C PRO M 252 23.86 -132.07 0.89
N PHE M 253 24.93 -131.51 0.33
CA PHE M 253 25.13 -130.07 0.29
C PHE M 253 25.07 -129.52 -1.13
N THR M 254 24.07 -128.67 -1.37
CA THR M 254 23.94 -127.93 -2.63
C THR M 254 24.58 -126.56 -2.43
N PRO M 255 25.66 -126.25 -3.18
CA PRO M 255 26.28 -124.92 -3.00
C PRO M 255 25.35 -123.82 -3.50
N PRO M 256 25.04 -122.81 -2.64
CA PRO M 256 24.18 -121.71 -3.07
C PRO M 256 24.59 -121.13 -4.43
N PRO M 257 23.63 -121.00 -5.35
CA PRO M 257 24.02 -120.70 -6.72
C PRO M 257 24.42 -119.23 -6.89
N HIS M 258 25.14 -118.96 -7.97
CA HIS M 258 25.62 -117.61 -8.28
C HIS M 258 24.45 -116.69 -8.61
N THR M 259 24.46 -115.49 -8.03
CA THR M 259 23.56 -114.40 -8.40
C THR M 259 24.44 -113.18 -8.65
N GLU M 260 23.86 -112.11 -9.17
CA GLU M 260 24.64 -110.88 -9.37
C GLU M 260 24.77 -110.04 -8.08
N ASP M 261 24.11 -110.48 -7.00
CA ASP M 261 24.44 -110.03 -5.63
C ASP M 261 25.70 -110.68 -5.04
N SER M 262 26.17 -111.79 -5.61
CA SER M 262 27.32 -112.54 -5.08
C SER M 262 28.63 -111.79 -5.25
N VAL M 263 29.42 -111.80 -4.18
CA VAL M 263 30.72 -111.12 -4.10
C VAL M 263 31.68 -112.14 -3.53
N TYR M 264 32.68 -112.53 -4.31
CA TYR M 264 33.66 -113.53 -3.87
C TYR M 264 35.01 -112.87 -3.55
N PRO M 265 35.84 -113.54 -2.73
CA PRO M 265 37.18 -113.01 -2.43
C PRO M 265 38.04 -112.83 -3.67
N MET M 266 38.83 -111.77 -3.69
CA MET M 266 39.80 -111.56 -4.77
C MET M 266 40.87 -112.62 -4.71
N PRO M 267 41.50 -112.95 -5.85
CA PRO M 267 42.67 -113.81 -5.79
C PRO M 267 43.83 -113.16 -5.05
N ARG M 268 44.75 -114.01 -4.58
CA ARG M 268 45.91 -113.58 -3.79
C ARG M 268 47.20 -114.15 -4.37
N VAL M 269 48.31 -113.60 -3.91
CA VAL M 269 49.65 -114.07 -4.24
C VAL M 269 50.41 -114.27 -2.91
N ILE M 270 51.00 -115.44 -2.72
CA ILE M 270 51.67 -115.77 -1.46
C ILE M 270 52.97 -114.98 -1.31
N PHE M 271 53.00 -114.11 -0.29
CA PHE M 271 54.19 -113.38 0.10
C PHE M 271 55.23 -114.38 0.57
N ARG M 272 56.49 -114.11 0.23
CA ARG M 272 57.56 -115.03 0.54
C ARG M 272 58.90 -114.30 0.53
N MET M 273 59.55 -114.22 1.68
CA MET M 273 60.90 -113.66 1.78
C MET M 273 61.95 -114.52 2.49
N PHE M 274 61.53 -115.53 3.26
CA PHE M 274 62.46 -116.38 4.01
C PHE M 274 62.43 -117.84 3.53
N ASP M 275 63.59 -118.49 3.54
CA ASP M 275 63.69 -119.96 3.65
C ASP M 275 64.63 -120.28 4.83
N TYR M 276 64.86 -121.57 5.09
CA TYR M 276 65.67 -122.01 6.24
C TYR M 276 67.08 -121.39 6.31
N THR M 277 67.68 -121.03 5.17
CA THR M 277 69.05 -120.47 5.14
C THR M 277 69.20 -119.05 5.70
N ASP M 278 68.08 -118.36 5.92
CA ASP M 278 68.10 -117.06 6.60
C ASP M 278 68.17 -117.19 8.14
N ASP M 279 67.95 -118.41 8.65
CA ASP M 279 68.12 -118.72 10.08
C ASP M 279 68.82 -120.10 10.23
N PRO M 280 70.15 -120.14 10.01
CA PRO M 280 70.88 -121.42 10.12
C PRO M 280 71.01 -121.95 11.55
N GLU M 281 70.97 -121.05 12.53
CA GLU M 281 71.20 -121.40 13.94
C GLU M 281 69.96 -122.02 14.55
N GLY M 282 68.82 -121.34 14.38
CA GLY M 282 67.55 -121.78 14.94
C GLY M 282 66.97 -122.99 14.23
N PRO M 283 65.76 -123.42 14.62
CA PRO M 283 65.10 -124.58 13.99
C PRO M 283 64.89 -124.43 12.49
N VAL M 284 64.78 -125.56 11.79
CA VAL M 284 64.70 -125.54 10.34
C VAL M 284 63.30 -125.08 9.92
N MET M 285 63.27 -124.01 9.13
CA MET M 285 62.02 -123.40 8.66
C MET M 285 61.37 -124.29 7.60
N PRO M 286 60.10 -124.70 7.82
CA PRO M 286 59.38 -125.47 6.78
C PRO M 286 59.37 -124.74 5.45
N GLY M 287 59.49 -125.47 4.35
CA GLY M 287 59.67 -124.87 3.03
C GLY M 287 58.40 -124.32 2.41
N SER M 288 58.59 -123.46 1.41
CA SER M 288 57.48 -122.83 0.68
C SER M 288 56.38 -123.78 0.27
N HIS M 289 56.75 -124.98 -0.18
CA HIS M 289 55.78 -125.97 -0.65
C HIS M 289 55.44 -127.05 0.39
N SER M 290 55.54 -126.72 1.68
CA SER M 290 55.05 -127.62 2.74
C SER M 290 53.77 -127.07 3.34
N VAL M 291 52.82 -127.96 3.64
CA VAL M 291 51.58 -127.56 4.33
C VAL M 291 51.82 -127.05 5.75
N GLU M 292 52.96 -127.39 6.34
CA GLU M 292 53.39 -126.79 7.60
C GLU M 292 53.47 -125.27 7.46
N ARG M 293 54.13 -124.79 6.41
CA ARG M 293 54.30 -123.35 6.17
C ARG M 293 52.95 -122.66 5.97
N PHE M 294 52.03 -123.34 5.28
CA PHE M 294 50.68 -122.82 5.07
C PHE M 294 49.89 -122.70 6.39
N VAL M 295 49.92 -123.76 7.20
CA VAL M 295 49.14 -123.78 8.45
C VAL M 295 49.71 -122.80 9.51
N ILE M 296 51.03 -122.61 9.50
CA ILE M 296 51.67 -121.67 10.39
C ILE M 296 51.22 -120.26 10.02
N GLU M 297 51.38 -119.89 8.76
CA GLU M 297 51.06 -118.53 8.32
C GLU M 297 49.57 -118.23 8.43
N GLU M 298 48.73 -119.21 8.14
CA GLU M 298 47.28 -119.07 8.28
C GLU M 298 46.90 -118.74 9.73
N ASN M 299 47.44 -119.50 10.68
CA ASN M 299 47.13 -119.29 12.10
C ASN M 299 47.66 -117.96 12.62
N LEU M 300 48.88 -117.59 12.24
CA LEU M 300 49.44 -116.30 12.60
C LEU M 300 48.60 -115.13 12.05
N HIS M 301 48.13 -115.26 10.80
CA HIS M 301 47.21 -114.26 10.23
C HIS M 301 45.93 -114.18 11.06
N CYS M 302 45.37 -115.33 11.42
CA CYS M 302 44.14 -115.40 12.21
C CYS M 302 44.27 -114.80 13.62
N ILE M 303 45.44 -114.98 14.23
CA ILE M 303 45.73 -114.37 15.53
C ILE M 303 45.69 -112.84 15.42
N ILE M 304 46.27 -112.29 14.36
CA ILE M 304 46.26 -110.85 14.14
C ILE M 304 44.82 -110.40 13.90
N LYS M 305 44.08 -111.15 13.09
CA LYS M 305 42.66 -110.87 12.84
C LYS M 305 41.82 -110.86 14.12
N SER M 306 42.13 -111.75 15.07
CA SER M 306 41.40 -111.81 16.33
C SER M 306 41.78 -110.72 17.33
N HIS M 307 43.00 -110.19 17.25
CA HIS M 307 43.52 -109.29 18.28
C HIS M 307 44.12 -107.99 17.76
N TRP M 308 43.83 -107.60 16.51
CA TRP M 308 44.47 -106.42 15.90
C TRP M 308 44.34 -105.13 16.71
N LYS M 309 43.24 -104.98 17.45
CA LYS M 309 42.96 -103.76 18.22
C LYS M 309 43.79 -103.62 19.50
N GLU M 310 44.29 -104.75 20.03
CA GLU M 310 45.00 -104.78 21.29
C GLU M 310 46.47 -105.12 20.98
N ARG M 311 47.27 -104.13 20.61
CA ARG M 311 48.62 -104.39 20.12
C ARG M 311 49.49 -105.23 21.06
N LYS M 312 49.38 -104.99 22.37
CA LYS M 312 50.18 -105.71 23.36
C LYS M 312 49.70 -107.16 23.50
N THR M 313 48.39 -107.35 23.57
CA THR M 313 47.78 -108.69 23.54
C THR M 313 48.11 -109.41 22.22
N CYS M 314 48.06 -108.68 21.12
CA CYS M 314 48.37 -109.26 19.80
C CYS M 314 49.80 -109.79 19.73
N ALA M 315 50.75 -109.06 20.32
CA ALA M 315 52.15 -109.50 20.36
C ALA M 315 52.33 -110.74 21.21
N ALA M 316 51.72 -110.74 22.39
CA ALA M 316 51.77 -111.87 23.31
C ALA M 316 51.28 -113.16 22.68
N GLN M 317 50.13 -113.09 22.00
CA GLN M 317 49.53 -114.27 21.37
C GLN M 317 50.36 -114.83 20.23
N LEU M 318 51.00 -113.95 19.46
CA LEU M 318 51.88 -114.37 18.39
C LEU M 318 53.10 -115.07 18.93
N VAL M 319 53.72 -114.49 19.95
CA VAL M 319 54.95 -115.03 20.54
C VAL M 319 54.70 -116.36 21.26
N SER M 320 53.52 -116.53 21.84
CA SER M 320 53.17 -117.78 22.51
C SER M 320 52.43 -118.80 21.61
N TYR M 321 52.67 -118.75 20.30
CA TYR M 321 52.00 -119.66 19.36
C TYR M 321 52.50 -121.09 19.54
N PRO M 322 51.59 -122.05 19.85
CA PRO M 322 51.99 -123.44 20.02
C PRO M 322 52.02 -124.25 18.72
N GLY M 323 52.93 -125.21 18.66
CA GLY M 323 52.98 -126.20 17.57
C GLY M 323 53.48 -127.55 18.08
N LYS M 324 53.25 -128.61 17.29
CA LYS M 324 53.72 -129.94 17.65
C LYS M 324 55.25 -130.00 17.67
N ASN M 325 55.89 -129.35 16.71
CA ASN M 325 57.35 -129.29 16.63
C ASN M 325 57.86 -127.86 16.64
N LYS M 326 59.15 -127.70 16.94
CA LYS M 326 59.77 -126.38 17.04
C LYS M 326 60.02 -125.75 15.67
N ILE M 327 59.80 -124.44 15.60
CA ILE M 327 59.89 -123.65 14.37
C ILE M 327 60.50 -122.29 14.69
N PRO M 328 61.15 -121.64 13.72
CA PRO M 328 61.76 -120.33 14.00
C PRO M 328 60.70 -119.22 14.03
N LEU M 329 59.96 -119.19 15.13
CA LEU M 329 58.73 -118.40 15.27
C LEU M 329 58.91 -116.89 15.00
N ASN M 330 60.04 -116.33 15.40
CA ASN M 330 60.33 -114.91 15.11
C ASN M 330 60.36 -114.60 13.61
N TYR M 331 60.88 -115.53 12.81
CA TYR M 331 60.96 -115.34 11.35
C TYR M 331 59.58 -115.42 10.72
N HIS M 332 58.81 -116.42 11.11
CA HIS M 332 57.42 -116.54 10.68
C HIS M 332 56.56 -115.32 11.04
N ILE M 333 56.77 -114.76 12.22
CA ILE M 333 55.99 -113.60 12.67
C ILE M 333 56.31 -112.36 11.83
N VAL M 334 57.60 -112.07 11.68
CA VAL M 334 58.02 -110.94 10.86
C VAL M 334 57.55 -111.08 9.41
N GLU M 335 57.57 -112.31 8.88
CA GLU M 335 57.13 -112.56 7.51
C GLU M 335 55.64 -112.31 7.35
N VAL M 336 54.85 -112.96 8.21
CA VAL M 336 53.39 -112.79 8.25
C VAL M 336 52.97 -111.33 8.43
N ILE M 337 53.71 -110.56 9.23
CA ILE M 337 53.44 -109.14 9.37
C ILE M 337 53.70 -108.41 8.05
N PHE M 338 54.89 -108.55 7.47
CA PHE M 338 55.16 -107.91 6.18
C PHE M 338 54.28 -108.45 5.04
N ALA M 339 53.83 -109.70 5.14
CA ALA M 339 52.90 -110.26 4.17
C ALA M 339 51.56 -109.49 4.15
N GLU M 340 51.11 -109.05 5.32
CA GLU M 340 49.89 -108.25 5.43
C GLU M 340 50.17 -106.81 5.02
N LEU M 341 51.21 -106.20 5.57
CA LEU M 341 51.54 -104.82 5.21
C LEU M 341 51.68 -104.62 3.72
N PHE M 342 52.31 -105.56 3.02
CA PHE M 342 52.51 -105.46 1.57
C PHE M 342 51.46 -106.15 0.71
N GLN M 343 50.35 -106.63 1.29
CA GLN M 343 49.34 -107.34 0.52
C GLN M 343 48.69 -106.40 -0.49
N LEU M 344 48.38 -106.94 -1.67
CA LEU M 344 47.69 -106.21 -2.72
C LEU M 344 46.31 -106.86 -2.98
N PRO M 345 45.25 -106.08 -3.16
CA PRO M 345 45.28 -104.61 -3.23
C PRO M 345 45.63 -103.89 -1.94
N ALA M 346 45.10 -104.38 -0.82
CA ALA M 346 45.25 -103.69 0.47
C ALA M 346 45.64 -104.64 1.60
N PRO M 347 46.20 -104.08 2.69
CA PRO M 347 46.42 -104.90 3.88
C PRO M 347 45.09 -105.18 4.56
N PRO M 348 45.00 -106.24 5.37
CA PRO M 348 43.75 -106.51 6.08
C PRO M 348 43.38 -105.51 7.16
N HIS M 349 44.35 -104.72 7.64
CA HIS M 349 44.15 -103.74 8.70
C HIS M 349 44.95 -102.48 8.41
N ILE M 350 44.59 -101.38 9.06
CA ILE M 350 45.27 -100.09 8.82
C ILE M 350 46.80 -100.20 8.93
N ASP M 351 47.52 -99.62 7.96
CA ASP M 351 48.98 -99.76 7.83
C ASP M 351 49.78 -99.53 9.11
N VAL M 352 49.38 -98.51 9.86
CA VAL M 352 50.14 -98.08 11.04
C VAL M 352 50.14 -99.10 12.19
N MET M 353 49.09 -99.93 12.26
CA MET M 353 49.03 -101.01 13.24
C MET M 353 50.27 -101.90 13.19
N TYR M 354 50.74 -102.19 11.99
CA TYR M 354 51.89 -103.08 11.78
C TYR M 354 53.20 -102.50 12.34
N THR M 355 53.37 -101.18 12.23
CA THR M 355 54.53 -100.51 12.81
C THR M 355 54.57 -100.69 14.32
N THR M 356 53.41 -100.48 14.95
CA THR M 356 53.27 -100.61 16.39
C THR M 356 53.40 -102.05 16.87
N LEU M 357 52.77 -102.99 16.17
CA LEU M 357 52.86 -104.41 16.52
C LEU M 357 54.30 -104.89 16.50
N LEU M 358 55.05 -104.47 15.48
CA LEU M 358 56.48 -104.79 15.41
C LEU M 358 57.26 -104.22 16.61
N ILE M 359 56.93 -103.01 17.07
CA ILE M 359 57.55 -102.45 18.28
C ILE M 359 57.22 -103.25 19.54
N GLU M 360 55.94 -103.57 19.73
CA GLU M 360 55.52 -104.39 20.88
C GLU M 360 56.16 -105.78 20.86
N LEU M 361 56.41 -106.30 19.67
CA LEU M 361 57.15 -107.56 19.52
C LEU M 361 58.62 -107.43 19.87
N CYS M 362 59.26 -106.32 19.52
CA CYS M 362 60.64 -106.05 19.96
C CYS M 362 60.71 -105.97 21.48
N LYS M 363 59.74 -105.28 22.09
CA LYS M 363 59.66 -105.20 23.56
C LYS M 363 59.53 -106.58 24.21
N LEU M 364 58.72 -107.44 23.63
CA LEU M 364 58.44 -108.77 24.18
C LEU M 364 59.57 -109.80 23.97
N GLN M 365 60.42 -109.59 22.97
CA GLN M 365 61.53 -110.50 22.65
C GLN M 365 62.76 -109.66 22.31
N PRO M 366 63.24 -108.86 23.28
CA PRO M 366 64.28 -107.88 22.95
C PRO M 366 65.64 -108.48 22.60
N GLY M 367 65.91 -109.70 23.04
CA GLY M 367 67.17 -110.36 22.74
C GLY M 367 67.31 -110.91 21.33
N SER M 368 66.19 -111.21 20.68
CA SER M 368 66.18 -111.88 19.36
C SER M 368 65.44 -111.16 18.23
N LEU M 369 64.24 -110.64 18.50
CA LEU M 369 63.37 -110.07 17.46
C LEU M 369 63.97 -108.88 16.69
N PRO M 370 64.56 -107.89 17.41
CA PRO M 370 65.17 -106.75 16.69
C PRO M 370 66.21 -107.15 15.65
N GLN M 371 66.96 -108.21 15.92
CA GLN M 371 67.96 -108.72 14.97
C GLN M 371 67.28 -109.30 13.73
N VAL M 372 66.24 -110.11 13.95
CA VAL M 372 65.46 -110.68 12.84
C VAL M 372 64.79 -109.56 12.03
N LEU M 373 64.26 -108.56 12.72
CA LEU M 373 63.65 -107.42 12.06
C LEU M 373 64.66 -106.67 11.18
N ALA M 374 65.84 -106.38 11.73
CA ALA M 374 66.89 -105.66 10.99
C ALA M 374 67.40 -106.44 9.77
N GLN M 375 67.51 -107.76 9.93
CA GLN M 375 67.90 -108.66 8.84
C GLN M 375 66.87 -108.61 7.72
N ALA M 376 65.59 -108.65 8.08
CA ALA M 376 64.50 -108.58 7.10
C ALA M 376 64.50 -107.22 6.39
N THR M 377 64.67 -106.14 7.14
CA THR M 377 64.76 -104.80 6.56
C THR M 377 65.87 -104.71 5.51
N GLU M 378 67.02 -105.31 5.82
CA GLU M 378 68.15 -105.40 4.89
C GLU M 378 67.76 -106.16 3.62
N MET M 379 67.09 -107.30 3.79
CA MET M 379 66.66 -108.11 2.66
C MET M 379 65.63 -107.41 1.78
N LEU M 380 64.75 -106.61 2.41
CA LEU M 380 63.76 -105.83 1.67
C LEU M 380 64.41 -104.76 0.83
N TYR M 381 65.40 -104.09 1.41
CA TYR M 381 66.19 -103.09 0.69
C TYR M 381 66.93 -103.69 -0.50
N MET M 382 67.58 -104.84 -0.29
CA MET M 382 68.34 -105.50 -1.36
C MET M 382 67.47 -105.94 -2.56
N ARG M 383 66.19 -106.23 -2.31
CA ARG M 383 65.26 -106.67 -3.36
C ARG M 383 64.36 -105.56 -3.91
N LEU M 384 64.69 -104.29 -3.62
CA LEU M 384 63.89 -103.13 -4.05
C LEU M 384 63.71 -102.99 -5.56
N ASP M 385 64.66 -103.52 -6.34
CA ASP M 385 64.67 -103.27 -7.78
C ASP M 385 63.43 -103.77 -8.51
N THR M 386 62.84 -104.88 -8.06
CA THR M 386 61.57 -105.38 -8.62
C THR M 386 60.35 -105.22 -7.72
N MET M 387 60.46 -104.47 -6.62
CA MET M 387 59.34 -104.26 -5.68
C MET M 387 58.33 -103.29 -6.28
N ASN M 388 57.05 -103.66 -6.21
CA ASN M 388 55.93 -102.82 -6.68
C ASN M 388 55.90 -101.50 -5.93
N THR M 389 55.57 -100.42 -6.65
CA THR M 389 55.60 -99.05 -6.10
C THR M 389 54.64 -98.87 -4.93
N THR M 390 53.47 -99.51 -5.01
CA THR M 390 52.49 -99.50 -3.92
C THR M 390 53.11 -100.00 -2.62
N CYS M 391 53.78 -101.15 -2.70
CA CYS M 391 54.52 -101.72 -1.57
C CYS M 391 55.71 -100.89 -1.10
N VAL M 392 56.44 -100.27 -2.03
CA VAL M 392 57.58 -99.43 -1.68
C VAL M 392 57.15 -98.23 -0.84
N ASP M 393 56.01 -97.64 -1.16
CA ASP M 393 55.45 -96.56 -0.34
C ASP M 393 55.18 -96.99 1.09
N ARG M 394 54.63 -98.18 1.26
CA ARG M 394 54.33 -98.72 2.57
C ARG M 394 55.60 -99.02 3.37
N PHE M 395 56.62 -99.52 2.66
CA PHE M 395 57.94 -99.79 3.23
C PHE M 395 58.59 -98.48 3.71
N ILE M 396 58.58 -97.46 2.86
CA ILE M 396 59.06 -96.11 3.21
C ILE M 396 58.36 -95.58 4.46
N ASN M 397 57.03 -95.64 4.46
CA ASN M 397 56.23 -95.13 5.58
C ASN M 397 56.46 -95.92 6.85
N TRP M 398 56.57 -97.24 6.73
CA TRP M 398 56.83 -98.08 7.91
C TRP M 398 58.22 -97.84 8.49
N PHE M 399 59.23 -97.89 7.62
CA PHE M 399 60.61 -97.77 8.04
C PHE M 399 60.92 -96.39 8.64
N SER M 400 60.44 -95.33 8.02
CA SER M 400 60.66 -93.98 8.55
C SER M 400 60.00 -93.79 9.92
N HIS M 401 58.78 -94.32 10.07
CA HIS M 401 58.04 -94.23 11.32
C HIS M 401 58.63 -95.12 12.41
N HIS M 402 59.16 -96.28 12.01
CA HIS M 402 59.90 -97.15 12.91
C HIS M 402 61.15 -96.42 13.44
N LEU M 403 62.01 -95.99 12.53
CA LEU M 403 63.21 -95.22 12.90
C LEU M 403 62.91 -94.06 13.86
N SER M 404 61.82 -93.34 13.62
CA SER M 404 61.45 -92.22 14.51
C SER M 404 61.17 -92.66 15.96
N ASN M 405 60.86 -93.94 16.17
CA ASN M 405 60.69 -94.52 17.52
C ASN M 405 61.98 -95.07 18.18
N PHE M 406 63.09 -95.10 17.46
CA PHE M 406 64.36 -95.55 18.00
C PHE M 406 65.47 -94.59 17.61
N GLN M 407 65.22 -93.29 17.84
CA GLN M 407 66.22 -92.23 17.71
C GLN M 407 66.95 -92.19 16.35
N PHE M 408 66.25 -92.59 15.30
CA PHE M 408 66.79 -92.65 13.94
C PHE M 408 68.12 -93.43 13.83
N ARG M 409 68.28 -94.42 14.68
CA ARG M 409 69.47 -95.27 14.69
C ARG M 409 69.37 -96.24 13.51
N TRP M 410 70.31 -96.14 12.58
CA TRP M 410 70.42 -97.09 11.49
C TRP M 410 71.81 -97.06 10.84
N SER M 411 72.33 -98.24 10.53
CA SER M 411 73.62 -98.38 9.85
C SER M 411 73.50 -97.97 8.37
N TRP M 412 73.54 -96.66 8.11
CA TRP M 412 73.29 -96.12 6.77
C TRP M 412 74.32 -96.55 5.73
N GLU M 413 75.59 -96.61 6.15
CA GLU M 413 76.70 -97.10 5.31
C GLU M 413 76.52 -98.53 4.73
N ASP M 414 75.70 -99.37 5.36
CA ASP M 414 75.30 -100.67 4.77
C ASP M 414 74.66 -100.52 3.39
N TRP M 415 74.07 -99.36 3.14
CA TRP M 415 73.41 -99.04 1.88
C TRP M 415 74.19 -98.02 1.02
N SER M 416 75.52 -98.04 1.08
CA SER M 416 76.36 -97.09 0.30
C SER M 416 76.31 -97.32 -1.22
N ASP M 417 76.04 -98.56 -1.64
CA ASP M 417 75.85 -98.92 -3.06
C ASP M 417 74.84 -98.05 -3.85
N CYS M 418 73.87 -97.44 -3.15
CA CYS M 418 72.91 -96.52 -3.77
C CYS M 418 73.52 -95.22 -4.30
N LEU M 419 74.61 -94.77 -3.67
CA LEU M 419 75.23 -93.48 -4.02
C LEU M 419 75.87 -93.45 -5.42
N SER M 420 76.36 -94.58 -5.90
CA SER M 420 76.93 -94.72 -7.25
C SER M 420 75.91 -95.03 -8.36
N GLN M 421 74.70 -95.47 -7.99
CA GLN M 421 73.62 -95.76 -8.95
C GLN M 421 72.90 -94.49 -9.40
N ASP M 422 72.10 -94.63 -10.47
CA ASP M 422 71.25 -93.56 -11.01
C ASP M 422 70.22 -93.11 -9.96
N PRO M 423 70.18 -91.80 -9.61
CA PRO M 423 69.19 -91.28 -8.63
C PRO M 423 67.71 -91.70 -8.81
N GLU M 424 67.29 -91.96 -10.05
CA GLU M 424 65.92 -92.44 -10.30
C GLU M 424 65.70 -93.90 -9.90
N SER M 425 66.77 -94.70 -9.79
CA SER M 425 66.67 -96.14 -9.48
C SER M 425 66.04 -96.40 -8.11
N PRO M 426 65.42 -97.58 -7.92
CA PRO M 426 64.65 -97.87 -6.69
C PRO M 426 65.38 -97.65 -5.36
N LYS M 427 66.65 -98.04 -5.28
CA LYS M 427 67.40 -97.97 -4.02
C LYS M 427 67.73 -96.55 -3.53
N PRO M 428 68.38 -95.71 -4.38
CA PRO M 428 68.61 -94.32 -3.92
C PRO M 428 67.34 -93.49 -3.78
N LYS M 429 66.32 -93.79 -4.59
CA LYS M 429 65.01 -93.14 -4.49
C LYS M 429 64.29 -93.57 -3.22
N PHE M 430 64.44 -94.83 -2.83
CA PHE M 430 63.96 -95.31 -1.53
C PHE M 430 64.59 -94.48 -0.40
N VAL M 431 65.91 -94.33 -0.43
CA VAL M 431 66.61 -93.65 0.65
C VAL M 431 66.26 -92.16 0.72
N ARG M 432 66.13 -91.50 -0.44
CA ARG M 432 65.75 -90.08 -0.48
C ARG M 432 64.40 -89.84 0.18
N GLU M 433 63.42 -90.67 -0.20
CA GLU M 433 62.04 -90.54 0.30
C GLU M 433 61.94 -90.89 1.80
N VAL M 434 62.70 -91.90 2.23
CA VAL M 434 62.76 -92.26 3.64
C VAL M 434 63.24 -91.09 4.48
N LEU M 435 64.31 -90.45 4.01
CA LEU M 435 64.89 -89.31 4.71
C LEU M 435 63.96 -88.10 4.69
N GLU M 436 63.28 -87.89 3.55
CA GLU M 436 62.23 -86.87 3.44
C GLU M 436 61.10 -87.13 4.45
N LYS M 437 60.72 -88.40 4.59
CA LYS M 437 59.70 -88.80 5.57
C LYS M 437 60.17 -88.68 7.02
N CYS M 438 61.45 -88.98 7.25
CA CYS M 438 62.05 -88.77 8.57
C CYS M 438 62.01 -87.30 8.99
N MET M 439 62.36 -86.40 8.04
CA MET M 439 62.34 -84.96 8.29
C MET M 439 60.99 -84.46 8.78
N ARG M 440 59.91 -84.97 8.20
CA ARG M 440 58.55 -84.56 8.58
C ARG M 440 58.21 -84.91 10.03
N LEU M 441 58.68 -86.07 10.48
CA LEU M 441 58.52 -86.51 11.88
C LEU M 441 59.50 -85.83 12.84
N SER M 442 60.56 -85.24 12.29
CA SER M 442 61.63 -84.60 13.05
C SER M 442 61.77 -83.13 12.61
N TYR M 443 62.99 -82.70 12.27
CA TYR M 443 63.25 -81.40 11.63
C TYR M 443 64.51 -81.50 10.75
N HIS M 444 64.69 -80.53 9.84
CA HIS M 444 65.77 -80.58 8.82
C HIS M 444 67.16 -80.91 9.38
N GLN M 445 67.54 -80.19 10.44
CA GLN M 445 68.89 -80.31 11.00
C GLN M 445 69.18 -81.70 11.60
N ARG M 446 68.16 -82.29 12.24
CA ARG M 446 68.31 -83.59 12.91
C ARG M 446 68.59 -84.73 11.91
N ILE M 447 68.09 -84.59 10.69
CA ILE M 447 68.30 -85.58 9.63
C ILE M 447 69.72 -85.47 9.04
N LEU M 448 70.20 -84.24 8.90
CA LEU M 448 71.60 -83.99 8.49
C LEU M 448 72.62 -84.63 9.45
N ASP M 449 72.31 -84.63 10.75
CA ASP M 449 73.18 -85.20 11.79
C ASP M 449 73.24 -86.72 11.69
N ILE M 450 72.07 -87.37 11.72
CA ILE M 450 71.98 -88.85 11.82
C ILE M 450 72.46 -89.66 10.61
N VAL M 451 72.73 -88.99 9.48
CA VAL M 451 73.31 -89.66 8.31
C VAL M 451 74.80 -89.35 8.18
N PRO M 452 75.59 -90.27 7.60
CA PRO M 452 76.96 -89.96 7.18
C PRO M 452 77.05 -88.76 6.22
N PRO M 453 78.20 -88.04 6.20
CA PRO M 453 78.35 -86.95 5.23
C PRO M 453 78.30 -87.34 3.74
N THR M 454 78.55 -88.62 3.40
CA THR M 454 78.35 -89.11 2.03
C THR M 454 76.86 -89.20 1.60
N PHE M 455 75.96 -89.30 2.59
CA PHE M 455 74.50 -89.40 2.35
C PHE M 455 73.73 -88.06 2.29
N SER M 456 74.36 -86.94 2.67
CA SER M 456 73.68 -85.63 2.69
C SER M 456 73.37 -85.05 1.28
N ALA M 457 73.89 -85.68 0.22
CA ALA M 457 73.40 -85.48 -1.14
C ALA M 457 71.94 -85.94 -1.27
N LEU M 458 71.65 -87.12 -0.70
CA LEU M 458 70.31 -87.71 -0.71
C LEU M 458 69.33 -87.10 0.31
N CYS M 459 69.81 -86.23 1.22
CA CYS M 459 68.94 -85.54 2.18
C CYS M 459 67.99 -84.54 1.52
N PRO M 460 66.84 -84.28 2.15
CA PRO M 460 65.86 -83.32 1.63
C PRO M 460 66.41 -81.91 1.68
N VAL M 461 65.63 -80.96 1.18
CA VAL M 461 66.01 -79.56 1.15
C VAL M 461 65.27 -78.85 2.27
N ASN M 462 65.87 -77.81 2.85
CA ASN M 462 65.22 -77.06 3.92
C ASN M 462 63.84 -76.58 3.45
N PRO M 463 62.81 -76.81 4.27
CA PRO M 463 61.45 -76.45 3.89
C PRO M 463 61.12 -74.97 4.13
N THR M 464 61.50 -74.13 3.15
CA THR M 464 61.33 -72.67 3.24
C THR M 464 60.50 -72.08 2.11
N CYS M 465 59.88 -70.95 2.42
CA CYS M 465 59.04 -70.20 1.49
C CYS M 465 59.91 -69.53 0.42
N ILE M 466 59.47 -69.61 -0.84
CA ILE M 466 60.09 -68.85 -1.94
C ILE M 466 59.14 -67.71 -2.32
N TYR M 467 59.45 -66.51 -1.82
CA TYR M 467 58.65 -65.32 -2.10
C TYR M 467 59.23 -64.54 -3.29
N LYS M 468 58.36 -64.06 -4.16
CA LYS M 468 58.69 -63.23 -5.31
C LYS M 468 58.66 -61.74 -4.94
N GLY M 479 54.02 -56.09 -11.64
CA GLY M 479 53.25 -55.89 -10.40
C GLY M 479 54.11 -55.93 -9.15
N HIS M 480 55.28 -55.27 -9.21
CA HIS M 480 56.20 -55.19 -8.08
C HIS M 480 55.64 -54.29 -6.97
N SER M 481 55.14 -53.12 -7.35
CA SER M 481 54.56 -52.16 -6.40
C SER M 481 53.20 -52.60 -5.84
N VAL M 482 52.50 -53.49 -6.57
CA VAL M 482 51.16 -53.95 -6.16
C VAL M 482 51.27 -54.90 -4.97
N ALA M 483 52.26 -55.80 -5.03
CA ALA M 483 52.58 -56.71 -3.92
C ALA M 483 52.99 -55.99 -2.64
N LEU M 484 53.67 -54.84 -2.79
CA LEU M 484 54.03 -53.98 -1.65
C LEU M 484 52.80 -53.34 -0.99
N CYS M 485 51.80 -52.98 -1.79
CA CYS M 485 50.52 -52.44 -1.28
C CYS M 485 49.74 -53.47 -0.48
N LEU M 486 49.56 -54.66 -1.06
CA LEU M 486 48.89 -55.79 -0.38
C LEU M 486 49.57 -56.16 0.93
N ALA M 487 50.91 -56.19 0.91
CA ALA M 487 51.71 -56.46 2.12
C ALA M 487 51.30 -55.56 3.28
N VAL M 488 51.15 -54.27 3.00
CA VAL M 488 50.72 -53.28 4.01
C VAL M 488 49.27 -53.52 4.47
N ALA M 489 48.39 -53.85 3.53
CA ALA M 489 46.96 -54.06 3.82
C ALA M 489 46.68 -55.29 4.70
N PHE M 490 47.39 -56.40 4.45
CA PHE M 490 47.29 -57.60 5.28
C PHE M 490 47.78 -57.32 6.70
N LYS M 491 48.99 -56.74 6.79
CA LYS M 491 49.60 -56.34 8.07
C LYS M 491 48.70 -55.42 8.90
N SER M 492 48.01 -54.49 8.23
CA SER M 492 47.14 -53.51 8.90
C SER M 492 45.71 -54.02 9.24
N LYS M 493 45.45 -55.32 9.09
CA LYS M 493 44.17 -55.94 9.45
C LYS M 493 43.02 -55.39 8.60
N ALA M 494 43.20 -55.45 7.28
CA ALA M 494 42.22 -54.93 6.32
C ALA M 494 41.12 -55.95 6.02
N THR M 495 40.00 -55.44 5.49
CA THR M 495 38.84 -56.26 5.11
C THR M 495 38.99 -56.82 3.68
N ASN M 496 38.11 -57.75 3.31
CA ASN M 496 38.11 -58.35 1.95
C ASN M 496 37.88 -57.32 0.84
N ASP M 497 36.98 -56.36 1.11
CA ASP M 497 36.65 -55.26 0.20
C ASP M 497 37.89 -54.46 -0.21
N GLU M 498 38.75 -54.17 0.76
CA GLU M 498 39.96 -53.37 0.55
C GLU M 498 41.04 -54.12 -0.23
N ILE M 499 41.22 -55.41 0.06
CA ILE M 499 42.18 -56.25 -0.67
C ILE M 499 41.73 -56.44 -2.12
N PHE M 500 40.44 -56.67 -2.33
CA PHE M 500 39.87 -56.78 -3.69
C PHE M 500 40.03 -55.47 -4.47
N SER M 501 39.87 -54.35 -3.78
CA SER M 501 40.06 -53.00 -4.37
C SER M 501 41.50 -52.75 -4.81
N ILE M 502 42.47 -53.17 -4.01
CA ILE M 502 43.90 -53.03 -4.33
C ILE M 502 44.32 -53.84 -5.57
N LEU M 503 43.65 -54.97 -5.81
CA LEU M 503 43.93 -55.82 -6.98
C LEU M 503 43.43 -55.27 -8.32
N LYS M 504 42.73 -54.13 -8.31
CA LYS M 504 42.29 -53.46 -9.56
C LYS M 504 43.49 -53.00 -10.38
N ASP M 505 44.52 -52.45 -9.70
CA ASP M 505 45.73 -51.91 -10.36
C ASP M 505 46.76 -52.99 -10.73
N VAL M 506 46.45 -53.79 -11.75
CA VAL M 506 47.35 -54.87 -12.20
C VAL M 506 47.33 -54.99 -13.73
N PRO M 507 48.51 -54.91 -14.39
CA PRO M 507 48.54 -55.03 -15.86
C PRO M 507 48.34 -56.47 -16.38
N ASN M 508 47.48 -56.63 -17.37
CA ASN M 508 47.16 -57.93 -17.96
C ASN M 508 47.99 -58.18 -19.26
N PRO M 509 48.78 -59.27 -19.30
CA PRO M 509 49.42 -59.69 -20.56
C PRO M 509 48.53 -60.61 -21.40
N ASN M 522 42.89 -62.78 -15.83
CA ASN M 522 44.10 -62.10 -15.39
C ASN M 522 44.96 -62.98 -14.46
N PRO M 523 46.01 -63.65 -14.99
CA PRO M 523 46.85 -64.53 -14.16
C PRO M 523 47.79 -63.81 -13.17
N LEU M 524 48.06 -62.53 -13.39
CA LEU M 524 48.95 -61.77 -12.51
C LEU M 524 48.26 -61.27 -11.23
N LYS M 525 46.92 -61.16 -11.26
CA LYS M 525 46.14 -60.83 -10.04
C LYS M 525 46.28 -61.92 -8.98
N ILE M 526 46.18 -63.17 -9.43
CA ILE M 526 46.32 -64.35 -8.57
C ILE M 526 47.76 -64.46 -8.07
N GLU M 527 48.71 -64.29 -8.99
CA GLU M 527 50.14 -64.39 -8.68
C GLU M 527 50.57 -63.46 -7.54
N VAL M 528 50.22 -62.18 -7.63
CA VAL M 528 50.56 -61.20 -6.57
C VAL M 528 49.75 -61.40 -5.27
N PHE M 529 48.53 -61.94 -5.38
CA PHE M 529 47.71 -62.21 -4.20
C PHE M 529 48.18 -63.44 -3.42
N VAL M 530 48.39 -64.55 -4.13
CA VAL M 530 48.76 -65.82 -3.49
C VAL M 530 50.17 -65.71 -2.87
N GLN M 531 51.15 -65.26 -3.66
CA GLN M 531 52.53 -65.06 -3.19
C GLN M 531 52.62 -64.27 -1.88
N THR M 532 51.86 -63.19 -1.79
CA THR M 532 51.89 -62.27 -0.64
C THR M 532 51.20 -62.85 0.59
N LEU M 533 50.03 -63.46 0.39
CA LEU M 533 49.25 -64.00 1.51
C LEU M 533 49.93 -65.23 2.15
N LEU M 534 50.50 -66.10 1.31
CA LEU M 534 51.23 -67.28 1.79
C LEU M 534 52.58 -66.95 2.42
N HIS M 535 53.28 -65.95 1.89
CA HIS M 535 54.52 -65.44 2.50
C HIS M 535 54.27 -64.90 3.92
N LEU M 536 53.22 -64.09 4.08
CA LEU M 536 52.89 -63.51 5.39
C LEU M 536 52.26 -64.49 6.39
N ALA M 537 51.79 -65.64 5.90
CA ALA M 537 51.27 -66.70 6.75
C ALA M 537 52.14 -67.97 6.72
N ALA M 538 53.41 -67.83 6.39
CA ALA M 538 54.35 -68.96 6.22
C ALA M 538 54.92 -69.52 7.54
N LYS M 539 54.49 -68.96 8.67
CA LYS M 539 55.07 -69.30 9.96
C LYS M 539 54.67 -70.72 10.42
N SER M 540 53.42 -71.09 10.18
CA SER M 540 52.91 -72.43 10.52
C SER M 540 51.74 -72.85 9.64
N PHE M 541 51.26 -74.07 9.86
CA PHE M 541 50.04 -74.55 9.20
C PHE M 541 48.79 -73.80 9.69
N SER M 542 48.71 -73.52 10.99
CA SER M 542 47.57 -72.76 11.56
C SER M 542 47.46 -71.33 11.01
N HIS M 543 48.59 -70.66 10.80
CA HIS M 543 48.60 -69.32 10.20
C HIS M 543 48.17 -69.36 8.74
N SER M 544 48.74 -70.28 7.97
CA SER M 544 48.34 -70.48 6.57
C SER M 544 46.85 -70.87 6.43
N PHE M 545 46.34 -71.67 7.37
CA PHE M 545 44.90 -72.03 7.39
C PHE M 545 44.01 -70.86 7.78
N SER M 546 44.50 -70.00 8.69
CA SER M 546 43.78 -68.79 9.08
C SER M 546 43.72 -67.79 7.91
N ALA M 547 44.78 -67.72 7.11
CA ALA M 547 44.83 -66.85 5.93
C ALA M 547 43.81 -67.23 4.86
N LEU M 548 43.72 -68.52 4.53
CA LEU M 548 42.72 -69.01 3.55
C LEU M 548 41.29 -68.75 4.02
N ALA M 549 41.04 -68.91 5.31
CA ALA M 549 39.71 -68.69 5.88
C ALA M 549 39.32 -67.21 5.90
N LYS M 550 40.26 -66.35 6.28
CA LYS M 550 40.00 -64.91 6.41
C LYS M 550 39.72 -64.24 5.06
N PHE M 551 40.52 -64.58 4.04
CA PHE M 551 40.35 -64.06 2.68
C PHE M 551 39.81 -65.13 1.71
N HIS M 552 38.83 -65.89 2.21
CA HIS M 552 38.16 -66.96 1.45
C HIS M 552 37.44 -66.41 0.24
N GLU M 553 36.74 -65.29 0.44
CA GLU M 553 35.95 -64.65 -0.61
C GLU M 553 36.81 -64.09 -1.75
N VAL M 554 38.01 -63.59 -1.42
CA VAL M 554 38.95 -63.11 -2.45
C VAL M 554 39.46 -64.29 -3.30
N PHE M 555 39.73 -65.42 -2.64
CA PHE M 555 40.14 -66.65 -3.35
C PHE M 555 39.06 -67.17 -4.28
N LYS M 556 37.82 -67.28 -3.78
CA LYS M 556 36.69 -67.77 -4.58
C LYS M 556 36.41 -66.92 -5.83
N THR M 557 36.56 -65.60 -5.71
CA THR M 557 36.37 -64.69 -6.83
C THR M 557 37.49 -64.84 -7.86
N LEU M 558 38.73 -64.89 -7.38
CA LEU M 558 39.90 -65.04 -8.27
C LEU M 558 39.97 -66.39 -8.98
N ALA M 559 39.39 -67.45 -8.41
CA ALA M 559 39.52 -68.80 -8.96
C ALA M 559 38.17 -69.50 -9.14
N GLU M 560 37.18 -68.77 -9.64
CA GLU M 560 35.90 -69.39 -10.03
C GLU M 560 36.02 -69.98 -11.44
N SER M 561 36.87 -69.37 -12.26
CA SER M 561 37.27 -69.93 -13.55
C SER M 561 38.04 -71.25 -13.36
N ASP M 562 37.89 -72.19 -14.30
CA ASP M 562 38.68 -73.44 -14.29
C ASP M 562 40.17 -73.16 -14.46
N GLU M 563 40.52 -72.27 -15.38
CA GLU M 563 41.94 -71.86 -15.55
C GLU M 563 42.43 -70.96 -14.43
N GLY M 564 41.51 -70.33 -13.70
CA GLY M 564 41.82 -69.64 -12.44
C GLY M 564 42.21 -70.57 -11.31
N LYS M 565 41.53 -71.71 -11.21
CA LYS M 565 41.89 -72.75 -10.23
C LYS M 565 43.28 -73.30 -10.52
N LEU M 566 43.50 -73.73 -11.77
CA LEU M 566 44.81 -74.24 -12.22
C LEU M 566 45.98 -73.30 -11.91
N HIS M 567 45.73 -71.99 -11.98
CA HIS M 567 46.77 -70.99 -11.74
C HIS M 567 47.04 -70.78 -10.23
N VAL M 568 46.00 -70.89 -9.40
CA VAL M 568 46.17 -70.82 -7.93
C VAL M 568 47.08 -71.97 -7.45
N LEU M 569 46.88 -73.17 -8.02
CA LEU M 569 47.73 -74.32 -7.72
C LEU M 569 49.15 -74.15 -8.25
N ARG M 570 49.29 -73.63 -9.47
CA ARG M 570 50.61 -73.36 -10.06
C ARG M 570 51.43 -72.34 -9.24
N VAL M 571 50.79 -71.27 -8.77
CA VAL M 571 51.49 -70.26 -7.96
C VAL M 571 51.85 -70.81 -6.59
N MET M 572 50.86 -71.37 -5.91
CA MET M 572 51.02 -72.00 -4.59
C MET M 572 52.15 -73.05 -4.59
N PHE M 573 52.33 -73.78 -5.68
CA PHE M 573 53.48 -74.68 -5.85
C PHE M 573 54.80 -73.93 -5.87
N GLU M 574 54.88 -72.87 -6.68
CA GLU M 574 56.10 -72.07 -6.81
C GLU M 574 56.53 -71.37 -5.52
N VAL M 575 55.57 -71.07 -4.64
CA VAL M 575 55.87 -70.56 -3.30
C VAL M 575 56.45 -71.68 -2.41
N TRP M 576 55.80 -72.84 -2.42
CA TRP M 576 56.08 -73.91 -1.45
C TRP M 576 56.70 -75.19 -2.04
N ARG M 577 57.36 -75.11 -3.19
CA ARG M 577 57.97 -76.30 -3.79
C ARG M 577 59.07 -76.95 -2.94
N ASN M 578 59.62 -76.22 -1.98
CA ASN M 578 60.56 -76.79 -1.01
C ASN M 578 59.89 -77.50 0.18
N HIS M 579 58.60 -77.25 0.40
CA HIS M 579 57.86 -77.82 1.55
C HIS M 579 56.66 -78.68 1.12
N PRO M 580 56.91 -79.84 0.46
CA PRO M 580 55.86 -80.77 0.05
C PRO M 580 54.70 -81.00 1.02
N GLN M 581 54.98 -81.05 2.31
CA GLN M 581 53.92 -81.25 3.31
C GLN M 581 52.92 -80.07 3.32
N MET M 582 53.44 -78.84 3.19
CA MET M 582 52.61 -77.63 3.14
C MET M 582 51.74 -77.61 1.87
N ILE M 583 52.31 -78.00 0.74
CA ILE M 583 51.55 -78.14 -0.51
C ILE M 583 50.33 -79.03 -0.25
N ALA M 584 50.60 -80.21 0.32
CA ALA M 584 49.57 -81.22 0.54
C ALA M 584 48.44 -80.74 1.44
N VAL M 585 48.79 -80.12 2.58
CA VAL M 585 47.76 -79.62 3.49
C VAL M 585 47.02 -78.37 2.98
N LEU M 586 47.64 -77.62 2.07
CA LEU M 586 46.98 -76.47 1.46
C LEU M 586 45.99 -76.92 0.39
N VAL M 587 46.46 -77.76 -0.52
CA VAL M 587 45.61 -78.39 -1.56
C VAL M 587 44.37 -79.01 -0.91
N ASP M 588 44.57 -79.65 0.23
CA ASP M 588 43.48 -80.24 1.01
C ASP M 588 42.46 -79.20 1.47
N LYS M 589 42.94 -78.10 2.04
CA LYS M 589 42.05 -77.05 2.55
C LYS M 589 41.37 -76.34 1.40
N MET M 590 42.09 -76.14 0.30
CA MET M 590 41.53 -75.48 -0.88
C MET M 590 40.39 -76.31 -1.50
N ILE M 591 40.51 -77.64 -1.48
CA ILE M 591 39.44 -78.52 -1.94
C ILE M 591 38.26 -78.51 -0.96
N ARG M 592 38.54 -78.53 0.33
CA ARG M 592 37.50 -78.57 1.36
C ARG M 592 36.63 -77.31 1.41
N THR M 593 37.23 -76.16 1.14
CA THR M 593 36.52 -74.87 1.14
C THR M 593 36.13 -74.40 -0.27
N GLN M 594 36.32 -75.27 -1.27
CA GLN M 594 35.92 -75.06 -2.66
C GLN M 594 36.66 -73.93 -3.40
N ILE M 595 37.85 -73.57 -2.93
CA ILE M 595 38.73 -72.66 -3.68
C ILE M 595 39.02 -73.32 -5.02
N VAL M 596 39.42 -74.59 -4.98
CA VAL M 596 39.56 -75.42 -6.18
C VAL M 596 38.66 -76.66 -6.06
N ASP M 597 38.61 -77.44 -7.14
CA ASP M 597 37.91 -78.72 -7.13
C ASP M 597 38.86 -79.86 -7.50
N CYS M 598 38.41 -81.08 -7.28
CA CYS M 598 39.24 -82.28 -7.50
C CYS M 598 39.75 -82.37 -8.91
N ALA M 599 38.95 -81.98 -9.90
CA ALA M 599 39.35 -82.01 -11.31
C ALA M 599 40.54 -81.09 -11.60
N ALA M 600 40.54 -79.89 -11.00
CA ALA M 600 41.66 -78.97 -11.13
C ALA M 600 42.93 -79.59 -10.62
N VAL M 601 42.86 -80.18 -9.42
CA VAL M 601 44.01 -80.82 -8.76
C VAL M 601 44.52 -82.02 -9.57
N ALA M 602 43.61 -82.77 -10.18
CA ALA M 602 43.98 -83.90 -11.03
C ALA M 602 44.81 -83.45 -12.23
N ASN M 603 44.32 -82.45 -12.96
CA ASN M 603 45.04 -81.90 -14.12
C ASN M 603 46.38 -81.29 -13.72
N TRP M 604 46.36 -80.52 -12.64
CA TRP M 604 47.56 -79.91 -12.05
C TRP M 604 48.69 -80.92 -11.76
N ILE M 605 48.33 -82.12 -11.32
CA ILE M 605 49.30 -83.19 -11.00
C ILE M 605 49.96 -83.75 -12.26
N PHE M 606 49.20 -83.94 -13.32
CA PHE M 606 49.76 -84.41 -14.59
C PHE M 606 50.31 -83.29 -15.49
N SER M 607 50.23 -82.03 -15.04
CA SER M 607 50.77 -80.89 -15.79
C SER M 607 52.29 -80.90 -15.84
N SER M 608 52.85 -80.02 -16.67
CA SER M 608 54.30 -79.92 -16.86
C SER M 608 55.06 -79.29 -15.68
N GLU M 609 54.38 -78.49 -14.86
CA GLU M 609 55.00 -77.84 -13.69
C GLU M 609 55.47 -78.84 -12.62
N LEU M 610 54.77 -79.98 -12.53
CA LEU M 610 55.13 -81.08 -11.64
C LEU M 610 55.77 -82.26 -12.41
N SER M 611 56.36 -81.97 -13.57
CA SER M 611 56.95 -83.00 -14.44
C SER M 611 58.25 -83.53 -13.85
N ARG M 612 59.04 -82.63 -13.28
CA ARG M 612 60.29 -82.97 -12.58
C ARG M 612 60.05 -83.78 -11.30
N ASP M 613 58.96 -83.46 -10.60
CA ASP M 613 58.62 -84.07 -9.30
C ASP M 613 57.56 -85.20 -9.40
N PHE M 614 57.31 -85.69 -10.61
CA PHE M 614 56.23 -86.64 -10.88
C PHE M 614 56.44 -88.01 -10.23
N THR M 615 57.69 -88.45 -10.17
CA THR M 615 58.07 -89.72 -9.53
C THR M 615 58.13 -89.64 -8.00
N ARG M 616 58.16 -88.43 -7.43
CA ARG M 616 58.20 -88.25 -5.98
C ARG M 616 56.87 -88.63 -5.32
N LEU M 617 56.93 -89.05 -4.06
CA LEU M 617 55.76 -89.58 -3.34
C LEU M 617 54.67 -88.54 -3.12
N PHE M 618 55.04 -87.34 -2.67
CA PHE M 618 54.05 -86.33 -2.25
C PHE M 618 52.99 -86.02 -3.32
N VAL M 619 53.38 -86.09 -4.59
CA VAL M 619 52.44 -85.95 -5.71
C VAL M 619 51.27 -86.93 -5.54
N TRP M 620 51.61 -88.19 -5.31
CA TRP M 620 50.62 -89.27 -5.24
C TRP M 620 49.88 -89.29 -3.90
N GLU M 621 50.50 -88.78 -2.84
CA GLU M 621 49.79 -88.50 -1.59
C GLU M 621 48.66 -87.52 -1.85
N ILE M 622 48.96 -86.46 -2.61
CA ILE M 622 47.99 -85.40 -2.90
C ILE M 622 46.88 -85.93 -3.82
N LEU M 623 47.25 -86.72 -4.83
CA LEU M 623 46.25 -87.31 -5.71
C LEU M 623 45.30 -88.21 -4.93
N HIS M 624 45.86 -89.12 -4.13
CA HIS M 624 45.04 -90.10 -3.41
C HIS M 624 44.20 -89.43 -2.33
N SER M 625 44.77 -88.42 -1.67
CA SER M 625 44.03 -87.64 -0.68
C SER M 625 42.84 -86.98 -1.36
N THR M 626 43.10 -86.39 -2.52
CA THR M 626 42.07 -85.77 -3.33
C THR M 626 40.97 -86.77 -3.72
N ILE M 627 41.37 -87.93 -4.23
CA ILE M 627 40.41 -89.00 -4.58
C ILE M 627 39.58 -89.42 -3.36
N ARG M 628 40.22 -89.53 -2.19
CA ARG M 628 39.52 -89.89 -0.94
C ARG M 628 38.45 -88.88 -0.53
N LYS M 629 38.77 -87.59 -0.61
CA LYS M 629 37.80 -86.52 -0.31
C LYS M 629 36.59 -86.64 -1.24
N MET M 630 36.85 -86.91 -2.52
CA MET M 630 35.79 -87.15 -3.50
C MET M 630 34.92 -88.33 -3.11
N ASN M 631 35.56 -89.46 -2.76
CA ASN M 631 34.81 -90.67 -2.43
C ASN M 631 33.99 -90.51 -1.14
N LYS M 632 34.52 -89.76 -0.18
CA LYS M 632 33.81 -89.50 1.09
C LYS M 632 32.67 -88.52 0.90
N HIS M 633 32.86 -87.53 0.05
CA HIS M 633 31.81 -86.59 -0.33
C HIS M 633 30.59 -87.29 -0.90
N VAL M 634 30.82 -88.28 -1.78
CA VAL M 634 29.72 -89.10 -2.34
C VAL M 634 29.05 -89.89 -1.22
N LEU M 635 29.86 -90.51 -0.35
CA LEU M 635 29.34 -91.33 0.73
C LEU M 635 28.47 -90.56 1.71
N LYS M 636 28.89 -89.35 2.06
CA LYS M 636 28.14 -88.48 2.98
C LYS M 636 26.79 -88.09 2.39
N ILE M 637 26.77 -87.69 1.12
CA ILE M 637 25.53 -87.36 0.42
C ILE M 637 24.65 -88.61 0.32
N GLN M 638 25.24 -89.79 0.10
CA GLN M 638 24.50 -91.05 0.05
C GLN M 638 23.84 -91.44 1.37
N LYS M 639 24.50 -91.11 2.50
CA LYS M 639 23.94 -91.44 3.83
C LYS M 639 22.94 -90.41 4.33
N GLU M 640 23.07 -89.15 3.91
CA GLU M 640 22.00 -88.16 4.12
C GLU M 640 20.71 -88.57 3.39
N LEU M 641 20.85 -89.28 2.27
CA LEU M 641 19.71 -89.81 1.53
C LEU M 641 18.99 -90.95 2.28
N GLU M 642 19.74 -91.93 2.78
CA GLU M 642 19.11 -93.05 3.52
C GLU M 642 18.62 -92.66 4.93
N GLU M 643 19.28 -91.68 5.55
CA GLU M 643 18.79 -91.11 6.81
C GLU M 643 17.50 -90.29 6.65
N ALA M 644 17.24 -89.81 5.44
CA ALA M 644 15.97 -89.16 5.10
C ALA M 644 14.87 -90.18 4.74
N LYS M 645 15.24 -91.25 4.00
CA LYS M 645 14.29 -92.32 3.62
C LYS M 645 13.83 -93.17 4.82
N GLU M 646 14.74 -93.43 5.75
CA GLU M 646 14.41 -94.11 7.01
C GLU M 646 13.54 -93.23 7.92
N LYS M 647 13.76 -91.91 7.89
CA LYS M 647 12.88 -90.94 8.58
C LYS M 647 11.46 -90.91 7.99
N LEU M 648 11.35 -91.15 6.68
CA LEU M 648 10.05 -91.29 6.00
C LEU M 648 9.33 -92.57 6.42
N ALA M 649 10.07 -93.68 6.53
CA ALA M 649 9.49 -94.98 6.91
C ALA M 649 8.97 -95.03 8.35
N ARG M 650 9.69 -94.38 9.28
CA ARG M 650 9.25 -94.24 10.68
C ARG M 650 7.97 -93.43 10.82
N GLN M 651 7.87 -92.35 10.05
CA GLN M 651 6.70 -91.46 10.07
C GLN M 651 5.45 -92.13 9.45
N HIS M 652 5.66 -93.04 8.50
CA HIS M 652 4.58 -93.90 7.96
C HIS M 652 4.50 -95.21 8.75
N VAL M 669 6.65 -82.48 2.38
CA VAL M 669 7.87 -81.67 2.35
C VAL M 669 9.11 -82.57 2.42
N LEU M 670 9.09 -83.56 3.31
CA LEU M 670 10.21 -84.49 3.49
C LEU M 670 10.45 -85.36 2.25
N GLU M 671 9.38 -85.73 1.55
CA GLU M 671 9.50 -86.53 0.32
C GLU M 671 10.09 -85.73 -0.85
N GLU M 672 9.93 -84.40 -0.82
CA GLU M 672 10.56 -83.50 -1.79
C GLU M 672 12.04 -83.21 -1.47
N GLN M 673 12.44 -83.33 -0.20
CA GLN M 673 13.86 -83.34 0.18
C GLN M 673 14.59 -84.58 -0.34
N ILE M 674 13.89 -85.71 -0.38
CA ILE M 674 14.43 -86.95 -0.96
C ILE M 674 14.68 -86.83 -2.46
N GLU M 675 13.77 -86.18 -3.18
CA GLU M 675 13.98 -85.90 -4.61
C GLU M 675 15.19 -84.99 -4.84
N ARG M 676 15.44 -84.05 -3.93
CA ARG M 676 16.63 -83.19 -4.02
C ARG M 676 17.93 -83.97 -3.75
N LEU M 677 17.94 -84.81 -2.72
CA LEU M 677 19.12 -85.59 -2.38
C LEU M 677 19.50 -86.65 -3.43
N GLN M 678 18.50 -87.29 -4.05
CA GLN M 678 18.75 -88.20 -5.18
C GLN M 678 19.41 -87.49 -6.37
N GLU M 679 19.09 -86.20 -6.54
CA GLU M 679 19.75 -85.37 -7.56
C GLU M 679 21.19 -85.01 -7.17
N LYS M 680 21.42 -84.69 -5.90
CA LYS M 680 22.77 -84.38 -5.39
C LYS M 680 23.70 -85.58 -5.43
N VAL M 681 23.17 -86.76 -5.10
CA VAL M 681 23.91 -88.04 -5.23
C VAL M 681 24.39 -88.22 -6.67
N GLU M 682 23.48 -88.05 -7.61
CA GLU M 682 23.77 -88.29 -9.03
C GLU M 682 24.77 -87.28 -9.58
N SER M 683 24.67 -86.03 -9.12
CA SER M 683 25.64 -85.02 -9.52
C SER M 683 27.01 -85.29 -8.88
N ALA M 684 27.00 -85.76 -7.63
CA ALA M 684 28.24 -86.13 -6.92
C ALA M 684 28.91 -87.35 -7.53
N GLN M 685 28.12 -88.40 -7.77
CA GLN M 685 28.60 -89.61 -8.46
C GLN M 685 29.12 -89.30 -9.87
N SER M 686 28.50 -88.31 -10.52
CA SER M 686 28.96 -87.86 -11.82
C SER M 686 30.33 -87.19 -11.70
N GLU M 687 30.46 -86.29 -10.73
CA GLU M 687 31.74 -85.62 -10.46
C GLU M 687 32.84 -86.63 -10.12
N GLN M 688 32.49 -87.63 -9.31
CA GLN M 688 33.38 -88.73 -8.95
C GLN M 688 33.87 -89.50 -10.17
N LYS M 689 32.93 -89.90 -11.03
CA LYS M 689 33.27 -90.64 -12.23
C LYS M 689 34.22 -89.86 -13.13
N ASN M 690 33.95 -88.58 -13.28
CA ASN M 690 34.74 -87.72 -14.14
C ASN M 690 36.16 -87.54 -13.63
N LEU M 691 36.32 -87.52 -12.30
CA LEU M 691 37.65 -87.44 -11.69
C LEU M 691 38.51 -88.63 -12.05
N PHE M 692 37.91 -89.82 -12.07
CA PHE M 692 38.63 -91.03 -12.48
C PHE M 692 38.91 -91.02 -13.98
N LEU M 693 37.92 -90.63 -14.78
CA LEU M 693 38.08 -90.56 -16.24
C LEU M 693 39.15 -89.57 -16.64
N VAL M 694 39.20 -88.42 -15.97
CA VAL M 694 40.30 -87.46 -16.15
C VAL M 694 41.61 -88.18 -15.88
N ILE M 695 41.75 -88.74 -14.67
CA ILE M 695 43.01 -89.37 -14.24
C ILE M 695 43.45 -90.45 -15.22
N PHE M 696 42.54 -91.34 -15.60
CA PHE M 696 42.91 -92.41 -16.52
C PHE M 696 43.34 -91.87 -17.89
N GLN M 697 42.62 -90.89 -18.40
CA GLN M 697 42.97 -90.24 -19.69
C GLN M 697 44.39 -89.70 -19.70
N ARG M 698 44.77 -89.05 -18.61
CA ARG M 698 46.09 -88.42 -18.51
C ARG M 698 47.17 -89.50 -18.43
N PHE M 699 46.88 -90.60 -17.73
CA PHE M 699 47.79 -91.76 -17.69
C PHE M 699 47.98 -92.35 -19.08
N ILE M 700 46.88 -92.63 -19.76
CA ILE M 700 46.90 -93.21 -21.09
C ILE M 700 47.67 -92.30 -22.08
N MET M 701 47.49 -90.99 -21.93
CA MET M 701 48.17 -90.01 -22.77
C MET M 701 49.68 -90.07 -22.56
N ILE M 702 50.14 -89.84 -21.32
CA ILE M 702 51.60 -89.76 -21.05
C ILE M 702 52.32 -91.11 -21.14
N LEU M 703 51.59 -92.21 -20.94
CA LEU M 703 52.15 -93.55 -21.17
C LEU M 703 52.29 -93.84 -22.67
N THR M 704 51.26 -93.48 -23.45
CA THR M 704 51.31 -93.60 -24.92
C THR M 704 52.44 -92.74 -25.51
N GLU M 705 52.52 -91.48 -25.06
CA GLU M 705 53.59 -90.55 -25.45
C GLU M 705 55.02 -91.08 -25.20
N HIS M 706 55.18 -91.90 -24.16
CA HIS M 706 56.46 -92.58 -23.86
C HIS M 706 56.67 -93.77 -24.79
N LEU M 707 55.66 -94.63 -24.92
CA LEU M 707 55.76 -95.86 -25.72
C LEU M 707 55.97 -95.61 -27.22
N VAL M 708 55.37 -94.53 -27.74
CA VAL M 708 55.55 -94.11 -29.13
C VAL M 708 56.99 -93.60 -29.34
N ARG M 709 57.47 -92.71 -28.47
CA ARG M 709 58.83 -92.17 -28.58
C ARG M 709 59.93 -93.22 -28.34
N CYS M 710 59.62 -94.29 -27.62
CA CYS M 710 60.59 -95.38 -27.38
C CYS M 710 60.84 -96.25 -28.62
N GLU M 711 59.78 -96.61 -29.35
CA GLU M 711 59.96 -97.35 -30.60
C GLU M 711 60.44 -96.46 -31.76
N THR M 712 60.09 -95.17 -31.73
CA THR M 712 60.60 -94.20 -32.72
C THR M 712 62.10 -93.97 -32.56
N ASP M 713 62.56 -93.71 -31.34
CA ASP M 713 63.99 -93.51 -31.04
C ASP M 713 64.77 -94.81 -30.79
N GLY M 714 64.10 -95.96 -30.77
CA GLY M 714 64.75 -97.26 -30.55
C GLY M 714 65.28 -97.53 -29.14
N THR M 715 64.91 -96.69 -28.17
CA THR M 715 65.43 -96.75 -26.80
C THR M 715 64.74 -97.89 -26.02
N SER M 716 65.19 -98.10 -24.79
CA SER M 716 64.56 -99.05 -23.88
C SER M 716 63.21 -98.52 -23.38
N VAL M 717 62.23 -99.43 -23.30
CA VAL M 717 60.88 -99.10 -22.81
C VAL M 717 60.90 -98.99 -21.30
N LEU M 718 61.48 -99.99 -20.65
CA LEU M 718 61.40 -100.19 -19.20
C LEU M 718 62.40 -99.29 -18.45
N THR M 719 62.18 -97.98 -18.51
CA THR M 719 63.02 -97.00 -17.78
C THR M 719 62.56 -96.89 -16.32
N PRO M 720 63.31 -96.15 -15.47
CA PRO M 720 62.79 -95.83 -14.13
C PRO M 720 61.51 -95.00 -14.10
N TRP M 721 61.39 -94.00 -14.98
CA TRP M 721 60.19 -93.17 -15.07
C TRP M 721 58.95 -93.99 -15.43
N TYR M 722 59.09 -94.90 -16.39
CA TYR M 722 57.99 -95.78 -16.81
C TYR M 722 57.53 -96.72 -15.69
N LYS M 723 58.49 -97.29 -14.95
CA LYS M 723 58.18 -98.19 -13.83
C LYS M 723 57.26 -97.50 -12.83
N ASN M 724 57.64 -96.28 -12.42
CA ASN M 724 56.80 -95.45 -11.56
C ASN M 724 55.40 -95.28 -12.17
N CYS M 725 55.36 -94.71 -13.36
CA CYS M 725 54.09 -94.31 -13.99
C CYS M 725 53.10 -95.47 -14.20
N ILE M 726 53.55 -96.56 -14.81
CA ILE M 726 52.68 -97.73 -15.05
C ILE M 726 52.15 -98.34 -13.74
N GLU M 727 52.97 -98.31 -12.69
CA GLU M 727 52.59 -98.85 -11.38
C GLU M 727 51.72 -97.88 -10.56
N ARG M 728 51.86 -96.58 -10.78
CA ARG M 728 50.93 -95.59 -10.20
C ARG M 728 49.55 -95.65 -10.85
N LEU M 729 49.48 -96.02 -12.12
CA LEU M 729 48.19 -96.32 -12.76
C LEU M 729 47.58 -97.55 -12.10
N GLN M 730 48.37 -98.62 -12.05
CA GLN M 730 48.01 -99.86 -11.34
C GLN M 730 47.53 -99.60 -9.90
N GLN M 731 48.17 -98.64 -9.23
CA GLN M 731 47.79 -98.25 -7.86
C GLN M 731 46.37 -97.72 -7.77
N ILE M 732 45.97 -96.88 -8.74
CA ILE M 732 44.63 -96.29 -8.78
C ILE M 732 43.59 -97.41 -8.76
N PHE M 733 43.78 -98.41 -9.64
CA PHE M 733 42.89 -99.57 -9.71
C PHE M 733 42.82 -100.35 -8.39
N LEU M 734 43.98 -100.57 -7.76
CA LEU M 734 44.05 -101.32 -6.51
C LEU M 734 43.38 -100.58 -5.36
N GLN M 735 43.71 -99.30 -5.20
CA GLN M 735 43.14 -98.50 -4.13
C GLN M 735 41.63 -98.38 -4.20
N HIS M 736 41.07 -98.32 -5.41
CA HIS M 736 39.65 -98.00 -5.60
C HIS M 736 38.88 -98.98 -6.47
N HIS M 737 39.31 -100.25 -6.47
CA HIS M 737 38.70 -101.24 -7.37
C HIS M 737 37.18 -101.32 -7.27
N GLN M 738 36.61 -101.18 -6.07
CA GLN M 738 35.16 -101.36 -5.91
C GLN M 738 34.36 -100.22 -6.54
N ILE M 739 34.89 -99.01 -6.44
CA ILE M 739 34.30 -97.85 -7.12
C ILE M 739 34.51 -97.91 -8.64
N ILE M 740 35.73 -98.21 -9.08
CA ILE M 740 36.03 -98.29 -10.52
C ILE M 740 35.23 -99.39 -11.23
N GLN M 741 34.89 -100.47 -10.53
CA GLN M 741 33.96 -101.50 -11.05
C GLN M 741 32.63 -100.94 -11.57
N GLN M 742 32.14 -99.84 -11.00
CA GLN M 742 30.93 -99.19 -11.49
C GLN M 742 31.08 -98.61 -12.92
N TYR M 743 32.32 -98.38 -13.37
CA TYR M 743 32.61 -97.74 -14.65
C TYR M 743 33.06 -98.71 -15.76
N MET M 744 32.74 -100.00 -15.66
CA MET M 744 33.29 -101.02 -16.58
C MET M 744 32.90 -100.78 -18.03
N VAL M 745 31.63 -100.46 -18.26
CA VAL M 745 31.12 -100.25 -19.59
C VAL M 745 31.80 -99.04 -20.25
N THR M 746 31.82 -97.91 -19.55
CA THR M 746 32.48 -96.71 -20.06
C THR M 746 33.99 -96.96 -20.30
N LEU M 747 34.64 -97.69 -19.40
CA LEU M 747 36.09 -97.92 -19.52
C LEU M 747 36.45 -98.90 -20.65
N GLU M 748 35.64 -99.93 -20.87
CA GLU M 748 35.86 -100.89 -21.96
C GLU M 748 35.64 -100.24 -23.34
N ASN M 749 34.58 -99.45 -23.46
CA ASN M 749 34.19 -98.83 -24.73
C ASN M 749 35.04 -97.62 -25.11
N LEU M 750 35.30 -96.70 -24.18
CA LEU M 750 35.85 -95.38 -24.51
C LEU M 750 37.33 -95.14 -24.15
N LEU M 751 37.88 -95.84 -23.16
CA LEU M 751 39.26 -95.58 -22.70
C LEU M 751 40.20 -96.76 -22.85
N PHE M 752 39.88 -97.87 -22.19
CA PHE M 752 40.74 -99.06 -22.23
C PHE M 752 40.21 -100.02 -23.28
N THR M 753 40.50 -99.68 -24.53
CA THR M 753 40.04 -100.43 -25.71
C THR M 753 41.18 -101.24 -26.32
N ALA M 754 40.84 -102.12 -27.26
CA ALA M 754 41.84 -102.95 -27.96
C ALA M 754 42.89 -102.13 -28.76
N GLU M 755 42.54 -100.92 -29.17
CA GLU M 755 43.46 -99.99 -29.87
C GLU M 755 44.73 -99.61 -29.10
N LEU M 756 44.69 -99.69 -27.77
CA LEU M 756 45.83 -99.30 -26.92
C LEU M 756 46.99 -100.28 -26.95
N ASP M 757 48.18 -99.75 -26.68
CA ASP M 757 49.40 -100.54 -26.54
C ASP M 757 49.18 -101.56 -25.43
N PRO M 758 49.43 -102.87 -25.70
CA PRO M 758 49.07 -103.92 -24.71
C PRO M 758 49.75 -103.79 -23.34
N HIS M 759 50.84 -103.01 -23.26
CA HIS M 759 51.42 -102.58 -21.98
C HIS M 759 50.39 -101.84 -21.10
N ILE M 760 49.73 -100.83 -21.66
CA ILE M 760 48.70 -100.06 -20.94
C ILE M 760 47.42 -100.88 -20.72
N LEU M 761 46.98 -101.62 -21.74
CA LEU M 761 45.77 -102.45 -21.62
C LEU M 761 45.91 -103.62 -20.62
N ALA M 762 47.14 -104.11 -20.42
CA ALA M 762 47.39 -105.18 -19.44
C ALA M 762 46.93 -104.82 -18.02
N VAL M 763 47.18 -103.57 -17.61
CA VAL M 763 46.78 -103.05 -16.30
C VAL M 763 45.27 -103.14 -16.11
N PHE M 764 44.53 -102.78 -17.16
CA PHE M 764 43.07 -102.85 -17.13
C PHE M 764 42.54 -104.28 -17.14
N GLN M 765 43.15 -105.15 -17.94
CA GLN M 765 42.77 -106.58 -17.95
C GLN M 765 43.13 -107.28 -16.62
N GLN M 766 44.20 -106.80 -15.99
CA GLN M 766 44.56 -107.23 -14.63
C GLN M 766 43.46 -106.85 -13.65
N PHE M 767 43.09 -105.58 -13.64
CA PHE M 767 41.98 -105.08 -12.82
C PHE M 767 40.66 -105.85 -13.05
N CYS M 768 40.33 -106.13 -14.31
CA CYS M 768 39.19 -107.02 -14.68
C CYS M 768 39.24 -108.34 -13.90
N ALA M 769 40.43 -108.92 -13.82
CA ALA M 769 40.62 -110.25 -13.25
C ALA M 769 40.36 -110.35 -11.74
N LEU M 770 40.37 -109.24 -11.02
CA LEU M 770 40.17 -109.28 -9.56
C LEU M 770 38.79 -109.80 -9.16
N GLN M 771 37.75 -109.49 -9.95
CA GLN M 771 36.40 -109.99 -9.67
C GLN M 771 35.80 -110.85 -10.80
N ALA M 772 36.57 -111.09 -11.85
CA ALA M 772 36.17 -111.97 -12.95
C ALA M 772 36.47 -113.43 -12.62
N GLY N 6 26.75 -114.96 16.75
CA GLY N 6 26.89 -113.64 17.41
C GLY N 6 28.33 -113.23 17.57
N LEU N 7 28.70 -112.73 18.75
CA LEU N 7 30.06 -112.28 19.05
C LEU N 7 30.52 -112.74 20.45
N LEU N 8 31.83 -112.72 20.65
CA LEU N 8 32.46 -113.03 21.94
C LEU N 8 32.93 -111.74 22.59
N LYS N 9 32.52 -111.50 23.84
CA LYS N 9 32.96 -110.31 24.60
C LYS N 9 34.49 -110.20 24.65
N ALA N 10 35.17 -111.35 24.78
CA ALA N 10 36.63 -111.42 24.81
C ALA N 10 37.31 -110.86 23.56
N LEU N 11 36.70 -111.08 22.39
CA LEU N 11 37.22 -110.52 21.13
C LEU N 11 36.85 -109.06 20.91
N ARG N 12 35.66 -108.66 21.35
CA ARG N 12 35.24 -107.25 21.30
C ARG N 12 36.15 -106.33 22.12
N SER N 13 36.85 -106.88 23.11
CA SER N 13 37.83 -106.16 23.92
C SER N 13 38.62 -105.13 23.12
N ASP N 14 38.61 -103.89 23.60
CA ASP N 14 39.27 -102.77 22.93
C ASP N 14 39.74 -101.79 23.99
N SER N 15 40.74 -102.21 24.74
CA SER N 15 41.21 -101.50 25.93
C SER N 15 41.90 -100.17 25.64
N TYR N 16 42.51 -100.02 24.47
CA TYR N 16 43.20 -98.77 24.11
C TYR N 16 42.22 -97.62 23.81
N VAL N 17 40.94 -97.96 23.62
CA VAL N 17 39.87 -97.02 23.30
C VAL N 17 39.00 -96.66 24.52
N GLU N 18 39.09 -97.42 25.62
CA GLU N 18 38.35 -97.10 26.84
C GLU N 18 38.75 -95.74 27.41
N LEU N 19 37.88 -95.19 28.25
CA LEU N 19 38.06 -93.85 28.79
C LEU N 19 39.12 -93.86 29.88
N SER N 20 39.92 -92.80 29.95
CA SER N 20 40.86 -92.64 31.06
C SER N 20 40.11 -92.18 32.31
N GLN N 21 40.82 -92.05 33.42
CA GLN N 21 40.23 -91.53 34.66
C GLN N 21 40.06 -89.98 34.65
N TYR N 22 40.72 -89.29 33.72
CA TYR N 22 40.63 -87.84 33.61
C TYR N 22 39.21 -87.33 33.29
N ARG N 23 38.81 -86.25 33.96
CA ARG N 23 37.67 -85.45 33.55
C ARG N 23 38.03 -83.97 33.60
N ASP N 24 37.26 -83.19 32.84
CA ASP N 24 37.47 -81.77 32.70
C ASP N 24 36.63 -81.03 33.75
N GLN N 25 37.27 -80.11 34.47
CA GLN N 25 36.63 -79.39 35.58
C GLN N 25 35.81 -78.21 35.07
N HIS N 26 36.37 -77.42 34.15
CA HIS N 26 35.63 -76.33 33.49
C HIS N 26 34.47 -76.81 32.58
N PHE N 27 34.25 -78.12 32.48
CA PHE N 27 33.12 -78.68 31.75
C PHE N 27 31.78 -78.34 32.42
N ARG N 28 31.00 -77.48 31.76
CA ARG N 28 29.63 -77.15 32.20
C ARG N 28 28.71 -78.36 32.02
N GLY N 29 28.72 -79.25 33.01
CA GLY N 29 27.82 -80.40 32.98
C GLY N 29 28.16 -81.53 33.92
N ASP N 30 27.21 -82.46 33.99
CA ASP N 30 27.31 -83.69 34.77
C ASP N 30 28.44 -84.61 34.25
N ASN N 31 28.88 -85.56 35.08
CA ASN N 31 29.85 -86.57 34.66
C ASN N 31 29.28 -87.52 33.60
N GLU N 32 28.07 -88.04 33.85
CA GLU N 32 27.38 -88.93 32.90
C GLU N 32 27.05 -88.22 31.56
N GLU N 33 26.90 -86.90 31.61
CA GLU N 33 26.72 -86.07 30.41
C GLU N 33 28.05 -85.87 29.66
N GLN N 34 29.17 -85.82 30.40
CA GLN N 34 30.52 -85.76 29.83
C GLN N 34 30.93 -87.08 29.16
N GLU N 35 30.71 -88.19 29.88
CA GLU N 35 31.00 -89.55 29.37
C GLU N 35 30.27 -89.84 28.07
N LYS N 36 29.03 -89.37 27.97
CA LYS N 36 28.21 -89.53 26.76
C LYS N 36 28.84 -88.79 25.56
N LEU N 37 29.44 -87.62 25.80
CA LEU N 37 30.19 -86.90 24.77
C LEU N 37 31.53 -87.56 24.44
N LEU N 38 32.24 -88.03 25.47
CA LEU N 38 33.52 -88.73 25.29
C LEU N 38 33.41 -90.01 24.46
N LYS N 39 32.31 -90.73 24.60
CA LYS N 39 32.06 -91.96 23.84
C LYS N 39 31.68 -91.74 22.37
N LYS N 40 31.28 -90.53 22.01
CA LYS N 40 30.96 -90.17 20.62
C LYS N 40 31.95 -89.18 20.02
N SER N 41 32.98 -88.80 20.77
CA SER N 41 33.93 -87.78 20.31
C SER N 41 34.80 -88.28 19.15
N CYS N 42 35.24 -87.34 18.34
CA CYS N 42 36.29 -87.56 17.35
C CYS N 42 37.51 -86.71 17.67
N THR N 43 37.68 -86.35 18.93
CA THR N 43 38.63 -85.31 19.31
C THR N 43 39.52 -85.84 20.43
N LEU N 44 40.84 -85.71 20.26
CA LEU N 44 41.81 -86.27 21.18
C LEU N 44 42.66 -85.19 21.84
N TYR N 45 42.83 -85.29 23.16
CA TYR N 45 43.91 -84.58 23.86
C TYR N 45 45.19 -85.35 23.61
N VAL N 46 46.28 -84.63 23.37
CA VAL N 46 47.61 -85.21 23.16
C VAL N 46 48.59 -84.57 24.15
N GLY N 47 48.97 -85.33 25.18
CA GLY N 47 49.90 -84.87 26.22
C GLY N 47 51.37 -85.24 26.02
N ASN N 48 52.23 -84.58 26.79
CA ASN N 48 53.68 -84.82 26.84
C ASN N 48 54.45 -84.44 25.58
N LEU N 49 53.94 -83.50 24.79
CA LEU N 49 54.68 -82.96 23.65
C LEU N 49 55.85 -82.12 24.15
N SER N 50 56.89 -82.03 23.30
CA SER N 50 57.91 -81.01 23.46
C SER N 50 57.28 -79.65 23.19
N PHE N 51 57.85 -78.60 23.76
CA PHE N 51 57.48 -77.22 23.42
C PHE N 51 58.00 -76.86 22.02
N TYR N 52 59.06 -77.55 21.58
CA TYR N 52 59.63 -77.37 20.25
C TYR N 52 58.92 -78.17 19.14
N THR N 53 57.96 -79.03 19.52
CA THR N 53 57.22 -79.86 18.57
C THR N 53 56.27 -79.01 17.72
N THR N 54 56.51 -79.00 16.41
CA THR N 54 55.76 -78.19 15.44
C THR N 54 54.49 -78.91 14.92
N GLU N 55 53.50 -78.13 14.49
CA GLU N 55 52.29 -78.65 13.82
C GLU N 55 52.59 -79.57 12.62
N GLU N 56 53.66 -79.28 11.90
CA GLU N 56 54.16 -80.13 10.81
C GLU N 56 54.35 -81.59 11.26
N GLN N 57 54.91 -81.76 12.45
CA GLN N 57 55.16 -83.08 13.03
C GLN N 57 53.88 -83.76 13.51
N ILE N 58 53.04 -83.02 14.23
CA ILE N 58 51.78 -83.57 14.73
C ILE N 58 50.90 -84.01 13.56
N TYR N 59 50.86 -83.21 12.49
CA TYR N 59 50.06 -83.53 11.31
C TYR N 59 50.57 -84.80 10.61
N GLU N 60 51.88 -84.94 10.47
CA GLU N 60 52.46 -86.10 9.79
C GLU N 60 52.16 -87.43 10.52
N LEU N 61 52.34 -87.43 11.84
CA LEU N 61 52.12 -88.62 12.67
C LEU N 61 50.65 -88.99 12.70
N PHE N 62 49.82 -88.06 13.19
CA PHE N 62 48.39 -88.32 13.39
C PHE N 62 47.59 -88.52 12.10
N SER N 63 48.15 -88.11 10.96
CA SER N 63 47.60 -88.46 9.64
C SER N 63 47.60 -89.96 9.34
N LYS N 64 48.49 -90.71 9.99
CA LYS N 64 48.61 -92.14 9.73
C LYS N 64 47.43 -92.97 10.21
N SER N 65 46.59 -92.43 11.10
CA SER N 65 45.37 -93.11 11.53
C SER N 65 44.13 -92.67 10.76
N GLY N 66 44.25 -91.64 9.93
CA GLY N 66 43.11 -91.08 9.20
C GLY N 66 43.26 -89.59 8.88
N ASP N 67 42.33 -89.06 8.07
CA ASP N 67 42.39 -87.66 7.63
C ASP N 67 42.02 -86.71 8.78
N ILE N 68 42.88 -85.72 9.03
CA ILE N 68 42.70 -84.79 10.16
C ILE N 68 41.82 -83.62 9.76
N LYS N 69 40.82 -83.33 10.60
CA LYS N 69 39.98 -82.13 10.48
C LYS N 69 40.71 -80.90 11.00
N LYS N 70 41.15 -80.97 12.26
CA LYS N 70 41.68 -79.78 12.96
C LYS N 70 42.71 -80.13 14.03
N ILE N 71 43.86 -79.44 13.97
CA ILE N 71 44.85 -79.42 15.04
C ILE N 71 44.73 -78.07 15.74
N ILE N 72 44.55 -78.09 17.05
CA ILE N 72 44.50 -76.89 17.88
C ILE N 72 45.64 -76.98 18.88
N MET N 73 46.72 -76.24 18.64
CA MET N 73 47.91 -76.30 19.52
C MET N 73 47.60 -75.83 20.95
N GLY N 74 48.32 -76.40 21.90
CA GLY N 74 48.17 -76.07 23.32
C GLY N 74 49.08 -74.89 23.65
N LEU N 75 48.47 -73.79 24.10
CA LEU N 75 49.18 -72.52 24.27
C LEU N 75 49.34 -72.13 25.74
N ASP N 76 50.42 -71.40 26.03
CA ASP N 76 50.60 -70.75 27.32
C ASP N 76 49.59 -69.60 27.39
N LYS N 77 48.86 -69.48 28.50
CA LYS N 77 47.80 -68.47 28.62
C LYS N 77 48.29 -67.02 28.52
N MET N 78 49.49 -66.77 29.04
CA MET N 78 50.10 -65.44 29.00
C MET N 78 50.86 -65.24 27.69
N LYS N 79 51.83 -66.12 27.43
CA LYS N 79 52.79 -65.96 26.32
C LYS N 79 52.24 -66.33 24.94
N LYS N 80 51.24 -67.21 24.90
CA LYS N 80 50.74 -67.84 23.66
C LYS N 80 51.85 -68.56 22.84
N THR N 81 52.74 -69.20 23.60
CA THR N 81 53.74 -70.13 23.09
C THR N 81 53.26 -71.55 23.32
N ALA N 82 53.80 -72.50 22.56
CA ALA N 82 53.47 -73.91 22.73
C ALA N 82 53.95 -74.40 24.10
N CYS N 83 52.99 -74.75 24.98
CA CYS N 83 53.30 -75.21 26.33
C CYS N 83 53.09 -76.73 26.53
N GLY N 84 53.20 -77.50 25.45
CA GLY N 84 53.43 -78.95 25.52
C GLY N 84 52.27 -79.91 25.34
N PHE N 85 51.14 -79.43 24.83
CA PHE N 85 50.04 -80.34 24.44
C PHE N 85 49.34 -79.83 23.19
N CYS N 86 48.36 -80.60 22.72
CA CYS N 86 47.45 -80.15 21.65
C CYS N 86 46.18 -80.98 21.61
N PHE N 87 45.25 -80.56 20.74
CA PHE N 87 44.05 -81.35 20.43
C PHE N 87 44.08 -81.76 18.96
N VAL N 88 43.55 -82.94 18.67
CA VAL N 88 43.47 -83.44 17.30
C VAL N 88 42.05 -83.93 17.05
N GLU N 89 41.39 -83.32 16.06
CA GLU N 89 40.03 -83.68 15.68
C GLU N 89 40.06 -84.42 14.34
N TYR N 90 39.33 -85.52 14.26
CA TYR N 90 39.17 -86.32 13.05
C TYR N 90 37.74 -86.18 12.55
N TYR N 91 37.52 -86.52 11.29
CA TYR N 91 36.17 -86.52 10.72
C TYR N 91 35.33 -87.71 11.21
N SER N 92 35.94 -88.88 11.36
CA SER N 92 35.24 -90.05 11.90
C SER N 92 35.78 -90.50 13.26
N ARG N 93 34.91 -91.15 14.01
CA ARG N 93 35.24 -91.80 15.27
C ARG N 93 36.31 -92.88 15.02
N ALA N 94 36.09 -93.70 13.99
CA ALA N 94 36.98 -94.82 13.65
C ALA N 94 38.44 -94.40 13.48
N ASP N 95 38.67 -93.24 12.88
CA ASP N 95 40.02 -92.73 12.67
C ASP N 95 40.64 -92.27 13.99
N ALA N 96 39.83 -91.66 14.85
CA ALA N 96 40.29 -91.28 16.19
C ALA N 96 40.58 -92.52 17.05
N GLU N 97 39.72 -93.52 16.97
CA GLU N 97 39.95 -94.80 17.65
C GLU N 97 41.29 -95.41 17.24
N ASN N 98 41.61 -95.39 15.95
CA ASN N 98 42.89 -95.93 15.48
C ASN N 98 44.10 -95.14 15.99
N ALA N 99 43.98 -93.82 16.16
CA ALA N 99 45.06 -93.02 16.77
C ALA N 99 45.32 -93.46 18.20
N MET N 100 44.23 -93.61 18.96
CA MET N 100 44.27 -94.13 20.34
C MET N 100 44.87 -95.52 20.45
N ARG N 101 44.65 -96.34 19.42
CA ARG N 101 45.17 -97.72 19.40
C ARG N 101 46.64 -97.82 19.05
N TYR N 102 47.12 -96.99 18.11
CA TYR N 102 48.45 -97.20 17.52
C TYR N 102 49.43 -96.05 17.61
N ILE N 103 48.95 -94.83 17.88
CA ILE N 103 49.83 -93.68 18.06
C ILE N 103 50.06 -93.38 19.54
N ASN N 104 49.01 -93.52 20.35
CA ASN N 104 49.10 -93.46 21.81
C ASN N 104 50.25 -94.32 22.30
N GLY N 105 51.12 -93.74 23.12
CA GLY N 105 52.26 -94.47 23.69
C GLY N 105 53.42 -94.74 22.76
N THR N 106 53.49 -94.03 21.63
CA THR N 106 54.66 -94.09 20.73
C THR N 106 55.35 -92.72 20.73
N ARG N 107 56.47 -92.63 20.02
CA ARG N 107 57.30 -91.43 20.06
C ARG N 107 56.90 -90.36 19.05
N LEU N 108 56.93 -89.11 19.51
CA LEU N 108 56.81 -87.93 18.65
C LEU N 108 57.87 -86.95 19.12
N ASP N 109 58.87 -86.72 18.27
CA ASP N 109 60.01 -85.86 18.61
C ASP N 109 60.83 -86.47 19.76
N ASP N 110 61.03 -87.78 19.66
CA ASP N 110 61.72 -88.62 20.66
C ASP N 110 61.10 -88.61 22.09
N ARG N 111 59.81 -88.33 22.19
CA ARG N 111 59.10 -88.36 23.48
C ARG N 111 57.90 -89.27 23.39
N ILE N 112 57.70 -90.10 24.41
CA ILE N 112 56.51 -90.96 24.47
C ILE N 112 55.30 -90.08 24.79
N ILE N 113 54.43 -89.92 23.80
CA ILE N 113 53.23 -89.09 23.93
C ILE N 113 52.02 -89.93 24.33
N ARG N 114 51.09 -89.29 25.01
CA ARG N 114 49.88 -89.94 25.52
C ARG N 114 48.70 -89.25 24.88
N THR N 115 47.70 -90.03 24.47
CA THR N 115 46.45 -89.49 23.93
C THR N 115 45.30 -89.80 24.85
N ASP N 116 44.26 -88.98 24.80
CA ASP N 116 43.04 -89.22 25.56
C ASP N 116 41.84 -88.65 24.81
N TRP N 117 40.69 -89.30 24.97
CA TRP N 117 39.44 -88.78 24.45
C TRP N 117 39.12 -87.45 25.12
N ASP N 118 38.63 -86.51 24.33
CA ASP N 118 38.18 -85.20 24.82
C ASP N 118 36.69 -85.03 24.54
N ALA N 119 35.99 -84.34 25.43
CA ALA N 119 34.53 -84.14 25.28
C ALA N 119 34.16 -83.15 24.17
N GLY N 120 35.15 -82.39 23.70
CA GLY N 120 35.00 -81.50 22.56
C GLY N 120 35.64 -80.17 22.88
N PHE N 121 36.39 -79.65 21.91
CA PHE N 121 37.04 -78.34 22.07
C PHE N 121 36.01 -77.23 22.22
N LYS N 122 36.29 -76.29 23.14
CA LYS N 122 35.60 -75.01 23.25
C LYS N 122 36.68 -73.94 23.28
N GLU N 123 36.29 -72.68 23.17
CA GLU N 123 37.23 -71.56 23.34
C GLU N 123 37.68 -71.50 24.80
N GLY N 124 38.98 -71.22 25.01
CA GLY N 124 39.60 -71.21 26.33
C GLY N 124 40.35 -72.48 26.71
N ARG N 125 39.96 -73.61 26.12
CA ARG N 125 40.56 -74.90 26.43
C ARG N 125 41.96 -75.11 25.87
N GLN N 126 42.32 -74.34 24.84
CA GLN N 126 43.69 -74.36 24.31
C GLN N 126 44.75 -73.84 25.29
N TYR N 127 44.34 -73.04 26.27
CA TYR N 127 45.27 -72.39 27.20
C TYR N 127 45.59 -73.27 28.39
N GLY N 128 46.85 -73.24 28.81
CA GLY N 128 47.30 -73.96 30.00
C GLY N 128 46.72 -73.34 31.27
N ARG N 129 46.15 -74.20 32.12
CA ARG N 129 45.49 -73.76 33.35
C ARG N 129 46.43 -73.74 34.57
N GLY N 130 47.74 -73.86 34.34
CA GLY N 130 48.72 -73.65 35.40
C GLY N 130 48.78 -72.20 35.84
N ARG N 131 49.17 -72.00 37.09
CA ARG N 131 49.23 -70.65 37.71
C ARG N 131 50.13 -69.68 36.92
N SER N 132 51.28 -70.16 36.44
CA SER N 132 52.22 -69.33 35.68
C SER N 132 52.01 -69.34 34.16
N GLY N 133 50.88 -69.88 33.69
CA GLY N 133 50.50 -69.83 32.27
C GLY N 133 50.56 -71.16 31.53
N GLY N 134 51.58 -71.95 31.83
CA GLY N 134 51.76 -73.28 31.22
C GLY N 134 50.81 -74.33 31.78
N GLN N 135 51.10 -75.60 31.49
CA GLN N 135 50.26 -76.69 31.99
C GLN N 135 50.47 -76.89 33.48
N VAL N 136 49.42 -77.39 34.14
CA VAL N 136 49.45 -77.71 35.58
C VAL N 136 50.59 -78.70 35.90
N ARG N 137 50.82 -79.63 34.98
CA ARG N 137 51.87 -80.65 35.11
C ARG N 137 53.29 -80.05 35.23
N ASP N 138 53.52 -78.87 34.64
CA ASP N 138 54.85 -78.20 34.68
C ASP N 138 55.15 -77.31 35.90
N GLU N 139 54.23 -77.22 36.86
CA GLU N 139 54.40 -76.36 38.03
C GLU N 139 54.94 -77.15 39.23
N TYR N 140 54.31 -78.28 39.54
CA TYR N 140 54.75 -79.20 40.59
C TYR N 140 56.16 -79.77 40.38
N ARG N 141 56.37 -80.37 39.22
CA ARG N 141 57.47 -81.33 38.96
C ARG N 141 58.88 -80.87 39.36
N GLN N 142 59.66 -81.83 39.86
CA GLN N 142 61.05 -81.60 40.31
C GLN N 142 62.07 -81.72 39.17
N ASP N 143 61.91 -82.77 38.35
CA ASP N 143 62.87 -83.16 37.28
C ASP N 143 63.28 -82.06 36.30
N TYR N 144 64.43 -82.25 35.68
CA TYR N 144 64.83 -81.45 34.51
C TYR N 144 64.27 -82.11 33.24
N ASP N 145 63.89 -81.27 32.27
CA ASP N 145 63.32 -81.71 30.99
C ASP N 145 63.46 -80.61 29.94
N ALA N 146 64.48 -80.72 29.09
CA ALA N 146 64.84 -79.68 28.10
C ALA N 146 63.69 -79.24 27.20
N GLY N 147 62.96 -80.22 26.66
CA GLY N 147 61.80 -79.97 25.81
C GLY N 147 60.60 -79.35 26.51
N ARG N 148 60.48 -79.56 27.82
CA ARG N 148 59.36 -79.02 28.61
C ARG N 148 59.69 -77.70 29.35
N GLY N 149 60.80 -77.03 28.97
CA GLY N 149 61.16 -75.70 29.50
C GLY N 149 62.45 -75.71 30.30
N GLY N 150 62.57 -76.67 31.21
CA GLY N 150 63.74 -76.80 32.08
C GLY N 150 63.34 -77.44 33.41
N TYR N 151 63.48 -76.69 34.50
CA TYR N 151 62.95 -77.10 35.81
C TYR N 151 61.46 -76.73 35.89
N GLY N 152 60.82 -77.01 37.02
CA GLY N 152 59.41 -76.63 37.24
C GLY N 152 59.20 -75.14 37.45
N LYS N 153 58.24 -74.79 38.31
CA LYS N 153 57.89 -73.38 38.56
C LYS N 153 57.21 -73.19 39.91
N THR O 9 4.10 100.31 10.25
CA THR O 9 3.78 98.85 10.17
C THR O 9 3.76 98.11 11.53
N GLU O 10 4.24 98.74 12.61
CA GLU O 10 4.11 98.18 13.98
C GLU O 10 2.66 98.20 14.47
N ASP O 11 1.96 99.31 14.24
CA ASP O 11 0.53 99.42 14.52
C ASP O 11 -0.29 98.48 13.63
N HIS O 12 0.11 98.37 12.36
CA HIS O 12 -0.50 97.45 11.39
C HIS O 12 -0.30 95.97 11.78
N LEU O 13 0.90 95.62 12.24
CA LEU O 13 1.22 94.26 12.70
C LEU O 13 0.34 93.78 13.84
N GLU O 14 0.13 94.65 14.84
CA GLU O 14 -0.64 94.27 16.02
C GLU O 14 -2.10 93.97 15.64
N SER O 15 -2.71 94.83 14.85
CA SER O 15 -4.11 94.64 14.44
C SER O 15 -4.31 93.44 13.51
N LEU O 16 -3.30 93.12 12.69
CA LEU O 16 -3.36 91.93 11.82
C LEU O 16 -3.33 90.62 12.62
N ILE O 17 -2.43 90.54 13.60
CA ILE O 17 -2.33 89.38 14.49
C ILE O 17 -3.58 89.26 15.37
N CYS O 18 -4.09 90.39 15.86
CA CYS O 18 -5.32 90.40 16.67
C CYS O 18 -6.59 90.03 15.89
N LYS O 19 -6.69 90.46 14.64
CA LYS O 19 -7.93 90.28 13.87
C LYS O 19 -8.15 88.86 13.32
N VAL O 20 -7.08 88.12 13.05
CA VAL O 20 -7.22 86.71 12.62
C VAL O 20 -7.97 85.91 13.69
N GLY O 21 -8.89 85.05 13.25
CA GLY O 21 -9.77 84.29 14.16
C GLY O 21 -11.14 84.90 14.37
N GLU O 22 -11.29 86.19 14.10
CA GLU O 22 -12.57 86.90 14.24
C GLU O 22 -13.42 86.70 12.97
N LYS O 23 -14.62 87.29 12.96
CA LYS O 23 -15.48 87.37 11.77
C LYS O 23 -14.68 87.70 10.51
N SER O 24 -14.97 87.02 9.42
CA SER O 24 -14.26 87.25 8.15
C SER O 24 -15.04 86.75 6.94
N ALA O 25 -14.78 87.39 5.79
CA ALA O 25 -15.33 86.94 4.51
C ALA O 25 -14.74 85.57 4.16
N CYS O 26 -13.41 85.49 4.20
CA CYS O 26 -12.69 84.23 3.95
C CYS O 26 -12.81 83.28 5.15
N SER O 27 -12.30 82.06 4.96
CA SER O 27 -12.22 81.08 6.04
C SER O 27 -11.05 81.38 6.96
N LEU O 28 -11.01 80.66 8.08
CA LEU O 28 -9.92 80.76 9.06
C LEU O 28 -8.58 80.27 8.48
N GLU O 29 -8.65 79.17 7.73
CA GLU O 29 -7.47 78.58 7.08
C GLU O 29 -6.83 79.54 6.08
N SER O 30 -7.67 80.24 5.32
CA SER O 30 -7.20 81.24 4.37
C SER O 30 -6.44 82.39 5.05
N ASN O 31 -7.01 82.92 6.14
CA ASN O 31 -6.42 84.05 6.86
C ASN O 31 -5.07 83.71 7.53
N LEU O 32 -4.98 82.51 8.11
CA LEU O 32 -3.73 82.03 8.70
C LEU O 32 -2.63 81.88 7.65
N GLU O 33 -2.98 81.24 6.53
CA GLU O 33 -2.11 81.10 5.36
C GLU O 33 -1.59 82.47 4.90
N GLY O 34 -2.53 83.42 4.76
CA GLY O 34 -2.20 84.79 4.36
C GLY O 34 -1.33 85.52 5.37
N LEU O 35 -1.70 85.42 6.64
CA LEU O 35 -0.97 86.08 7.72
C LEU O 35 0.44 85.51 7.90
N ALA O 36 0.55 84.18 7.92
CA ALA O 36 1.83 83.49 8.00
C ALA O 36 2.79 83.98 6.90
N GLY O 37 2.25 84.20 5.70
CA GLY O 37 3.01 84.78 4.60
C GLY O 37 3.47 86.21 4.85
N VAL O 38 2.53 87.05 5.30
CA VAL O 38 2.83 88.47 5.58
C VAL O 38 3.85 88.60 6.72
N LEU O 39 3.72 87.76 7.74
CA LEU O 39 4.65 87.78 8.87
C LEU O 39 6.06 87.30 8.48
N GLU O 40 6.17 86.29 7.62
CA GLU O 40 7.48 85.82 7.12
C GLU O 40 8.20 86.91 6.32
N ALA O 41 7.44 87.69 5.55
CA ALA O 41 7.97 88.86 4.82
C ALA O 41 8.54 89.93 5.76
N ASP O 42 7.90 90.14 6.91
CA ASP O 42 8.37 91.12 7.92
C ASP O 42 9.49 90.61 8.86
N LEU O 43 9.86 89.33 8.78
CA LEU O 43 10.91 88.75 9.65
C LEU O 43 12.31 89.39 9.53
N PRO O 44 12.78 89.69 8.30
CA PRO O 44 14.06 90.40 8.12
C PRO O 44 14.35 91.53 9.12
N ASN O 45 13.39 92.45 9.32
CA ASN O 45 13.61 93.64 10.18
C ASN O 45 12.51 93.95 11.25
N TYR O 46 11.59 93.02 11.49
CA TYR O 46 10.63 93.13 12.61
C TYR O 46 10.51 91.81 13.41
N LYS O 47 11.54 90.97 13.39
CA LYS O 47 11.53 89.69 14.11
C LYS O 47 11.29 89.88 15.60
N SER O 48 11.87 90.94 16.16
CA SER O 48 11.72 91.27 17.57
C SER O 48 10.27 91.61 17.96
N LYS O 49 9.63 92.48 17.17
CA LYS O 49 8.21 92.83 17.38
C LYS O 49 7.30 91.61 17.35
N ILE O 50 7.47 90.79 16.32
CA ILE O 50 6.56 89.66 16.07
C ILE O 50 6.69 88.56 17.14
N LEU O 51 7.90 88.33 17.63
CA LEU O 51 8.11 87.41 18.76
C LEU O 51 7.38 87.89 20.01
N ARG O 52 7.47 89.19 20.29
CA ARG O 52 6.88 89.78 21.48
C ARG O 52 5.35 89.84 21.39
N LEU O 53 4.83 90.19 20.21
CA LEU O 53 3.39 90.24 19.98
C LEU O 53 2.73 88.86 20.02
N LEU O 54 3.43 87.84 19.52
CA LEU O 54 2.90 86.47 19.60
C LEU O 54 2.99 85.90 21.02
N CYS O 55 3.99 86.32 21.80
CA CYS O 55 4.05 85.98 23.23
C CYS O 55 2.92 86.62 24.03
N THR O 56 2.56 87.84 23.65
CA THR O 56 1.50 88.58 24.31
C THR O 56 0.11 87.95 24.09
N VAL O 57 -0.20 87.57 22.85
CA VAL O 57 -1.46 86.89 22.56
C VAL O 57 -1.52 85.48 23.17
N ALA O 58 -0.36 84.83 23.31
CA ALA O 58 -0.27 83.53 24.00
C ALA O 58 -0.65 83.63 25.47
N ARG O 59 -0.29 84.77 26.07
CA ARG O 59 -0.52 85.06 27.48
C ARG O 59 -1.92 85.66 27.76
N LEU O 60 -2.39 86.54 26.88
CA LEU O 60 -3.61 87.34 27.10
C LEU O 60 -4.89 86.88 26.38
N LEU O 61 -4.75 86.04 25.35
CA LEU O 61 -5.90 85.55 24.58
C LEU O 61 -5.94 84.01 24.51
N PRO O 62 -6.07 83.34 25.67
CA PRO O 62 -6.15 81.89 25.68
C PRO O 62 -7.43 81.32 25.05
N GLU O 63 -8.50 82.12 25.01
CA GLU O 63 -9.72 81.74 24.28
C GLU O 63 -9.47 81.47 22.78
N LYS O 64 -8.44 82.09 22.21
CA LYS O 64 -8.03 81.88 20.83
C LYS O 64 -6.70 81.10 20.71
N LEU O 65 -6.48 80.18 21.66
CA LEU O 65 -5.24 79.38 21.74
C LEU O 65 -4.83 78.67 20.44
N THR O 66 -5.72 77.82 19.93
CA THR O 66 -5.41 76.97 18.78
C THR O 66 -5.26 77.72 17.47
N ILE O 67 -5.86 78.90 17.39
CA ILE O 67 -5.65 79.79 16.24
C ILE O 67 -4.19 80.24 16.20
N TYR O 68 -3.63 80.63 17.34
CA TYR O 68 -2.27 81.19 17.37
C TYR O 68 -1.17 80.14 17.39
N THR O 69 -1.41 78.98 18.00
CA THR O 69 -0.45 77.88 17.92
C THR O 69 -0.30 77.41 16.47
N THR O 70 -1.42 77.31 15.76
CA THR O 70 -1.41 77.03 14.33
C THR O 70 -0.57 78.07 13.59
N LEU O 71 -0.82 79.36 13.85
CA LEU O 71 -0.03 80.43 13.21
C LEU O 71 1.47 80.26 13.43
N VAL O 72 1.85 79.89 14.64
CA VAL O 72 3.25 79.63 14.98
C VAL O 72 3.76 78.39 14.24
N GLY O 73 2.93 77.33 14.16
CA GLY O 73 3.24 76.13 13.38
C GLY O 73 3.63 76.42 11.94
N LEU O 74 2.86 77.27 11.28
CA LEU O 74 3.09 77.64 9.89
C LEU O 74 4.35 78.48 9.72
N LEU O 75 4.62 79.36 10.68
CA LEU O 75 5.86 80.16 10.69
C LEU O 75 7.11 79.30 10.95
N ASN O 76 6.98 78.32 11.84
CA ASN O 76 8.05 77.36 12.12
C ASN O 76 8.44 76.55 10.88
N ALA O 77 7.43 76.12 10.12
CA ALA O 77 7.64 75.35 8.89
C ALA O 77 8.37 76.12 7.80
N ARG O 78 8.08 77.42 7.65
CA ARG O 78 8.76 78.29 6.69
C ARG O 78 10.11 78.81 7.19
N ASN O 79 10.28 78.90 8.51
CA ASN O 79 11.48 79.45 9.12
C ASN O 79 11.73 78.77 10.46
N TYR O 80 12.62 77.78 10.45
CA TYR O 80 12.96 77.00 11.64
C TYR O 80 13.50 77.85 12.79
N ASN O 81 14.37 78.82 12.48
CA ASN O 81 15.03 79.64 13.51
C ASN O 81 14.08 80.56 14.26
N PHE O 82 13.00 80.99 13.60
CA PHE O 82 11.93 81.75 14.27
C PHE O 82 11.25 80.91 15.34
N GLY O 83 10.86 79.69 14.97
CA GLY O 83 10.28 78.72 15.93
C GLY O 83 11.17 78.40 17.12
N GLY O 84 12.48 78.41 16.90
CA GLY O 84 13.46 78.24 17.97
C GLY O 84 13.48 79.42 18.92
N GLU O 85 13.55 80.63 18.36
CA GLU O 85 13.55 81.86 19.17
C GLU O 85 12.22 82.13 19.88
N PHE O 86 11.12 81.62 19.33
CA PHE O 86 9.81 81.74 19.97
C PHE O 86 9.70 80.88 21.22
N VAL O 87 10.08 79.60 21.09
CA VAL O 87 10.04 78.68 22.23
C VAL O 87 10.96 79.17 23.36
N GLU O 88 12.09 79.78 23.01
CA GLU O 88 12.96 80.46 23.98
C GLU O 88 12.22 81.61 24.67
N ALA O 89 11.60 82.49 23.87
CA ALA O 89 10.85 83.65 24.38
C ALA O 89 9.70 83.26 25.32
N MET O 90 8.99 82.19 24.97
CA MET O 90 7.90 81.67 25.80
C MET O 90 8.40 81.13 27.14
N ILE O 91 9.54 80.44 27.13
CA ILE O 91 10.14 79.94 28.38
C ILE O 91 10.60 81.10 29.27
N ARG O 92 11.16 82.16 28.67
CA ARG O 92 11.49 83.37 29.41
C ARG O 92 10.24 84.00 30.03
N GLN O 93 9.19 84.13 29.23
CA GLN O 93 7.93 84.71 29.68
C GLN O 93 7.25 83.86 30.78
N LEU O 94 7.42 82.54 30.71
CA LEU O 94 6.85 81.64 31.71
C LEU O 94 7.53 81.81 33.05
N LYS O 95 8.85 81.86 33.03
CA LYS O 95 9.64 82.07 34.26
C LYS O 95 9.40 83.47 34.83
N GLU O 96 9.27 84.47 33.94
CA GLU O 96 8.90 85.84 34.32
C GLU O 96 7.56 85.87 35.07
N SER O 97 6.57 85.16 34.52
CA SER O 97 5.22 85.14 35.10
C SER O 97 5.16 84.40 36.43
N LEU O 98 5.93 83.32 36.57
CA LEU O 98 5.96 82.55 37.82
C LEU O 98 6.66 83.30 38.95
N LYS O 99 7.80 83.94 38.62
CA LYS O 99 8.53 84.80 39.55
C LYS O 99 7.65 85.93 40.11
N ALA O 100 6.79 86.49 39.26
CA ALA O 100 5.89 87.58 39.64
C ALA O 100 4.54 87.12 40.23
N ASN O 101 4.42 85.83 40.58
CA ASN O 101 3.17 85.23 41.07
C ASN O 101 1.93 85.41 40.17
N ASN O 102 2.15 85.43 38.85
CA ASN O 102 1.06 85.42 37.87
C ASN O 102 0.86 83.98 37.43
N TYR O 103 0.37 83.17 38.36
CA TYR O 103 0.15 81.75 38.11
C TYR O 103 -1.01 81.53 37.15
N ASN O 104 -1.98 82.43 37.13
CA ASN O 104 -3.11 82.29 36.22
C ASN O 104 -2.71 82.53 34.76
N GLU O 105 -1.82 83.49 34.53
CA GLU O 105 -1.23 83.69 33.18
C GLU O 105 -0.32 82.54 32.78
N ALA O 106 0.43 82.01 33.74
CA ALA O 106 1.37 80.91 33.48
C ALA O 106 0.68 79.67 32.90
N VAL O 107 -0.49 79.31 33.41
CA VAL O 107 -1.26 78.17 32.88
C VAL O 107 -1.48 78.34 31.38
N TYR O 108 -1.89 79.54 30.97
CA TYR O 108 -2.14 79.82 29.55
C TYR O 108 -0.88 79.63 28.71
N LEU O 109 0.27 80.03 29.25
CA LEU O 109 1.54 79.80 28.57
C LEU O 109 1.89 78.31 28.50
N VAL O 110 1.61 77.57 29.56
CA VAL O 110 1.84 76.11 29.60
C VAL O 110 0.95 75.40 28.57
N ARG O 111 -0.34 75.73 28.54
CA ARG O 111 -1.27 75.20 27.53
C ARG O 111 -0.86 75.55 26.12
N PHE O 112 -0.33 76.75 25.92
CA PHE O 112 0.19 77.15 24.61
C PHE O 112 1.38 76.29 24.16
N LEU O 113 2.33 76.07 25.07
CA LEU O 113 3.47 75.19 24.78
C LEU O 113 2.99 73.76 24.53
N SER O 114 2.01 73.30 25.31
CA SER O 114 1.39 71.99 25.11
C SER O 114 0.86 71.81 23.70
N ASP O 115 -0.03 72.70 23.29
CA ASP O 115 -0.67 72.60 21.99
C ASP O 115 0.29 72.87 20.80
N LEU O 116 1.44 73.50 21.07
CA LEU O 116 2.51 73.63 20.05
C LEU O 116 3.17 72.29 19.66
N VAL O 117 2.97 71.26 20.49
CA VAL O 117 3.37 69.89 20.12
C VAL O 117 2.47 69.36 18.97
N ASN O 118 1.17 69.67 19.02
CA ASN O 118 0.24 69.28 17.95
C ASN O 118 0.55 69.97 16.61
N CYS O 119 1.20 71.14 16.65
CA CYS O 119 1.62 71.87 15.44
C CYS O 119 3.04 71.53 14.95
N HIS O 120 3.66 70.50 15.55
CA HIS O 120 5.03 70.08 15.24
C HIS O 120 6.02 71.26 15.32
N VAL O 121 5.94 71.98 16.43
CA VAL O 121 6.91 73.02 16.79
C VAL O 121 7.77 72.57 17.97
N ILE O 122 7.14 71.92 18.95
CA ILE O 122 7.83 71.39 20.12
C ILE O 122 7.77 69.86 20.05
N ALA O 123 8.91 69.22 20.40
CA ALA O 123 9.00 67.76 20.41
C ALA O 123 8.27 67.19 21.63
N ALA O 124 7.47 66.15 21.42
CA ALA O 124 6.65 65.54 22.48
C ALA O 124 7.43 65.07 23.73
N PRO O 125 8.64 64.49 23.56
CA PRO O 125 9.44 64.15 24.74
C PRO O 125 9.82 65.33 25.65
N SER O 126 9.95 66.54 25.09
CA SER O 126 10.28 67.73 25.88
C SER O 126 9.13 68.14 26.81
N MET O 127 7.89 68.07 26.31
CA MET O 127 6.72 68.35 27.15
C MET O 127 6.50 67.31 28.23
N VAL O 128 6.84 66.04 27.93
CA VAL O 128 6.72 64.99 28.93
C VAL O 128 7.78 65.21 30.02
N ALA O 129 8.98 65.66 29.62
CA ALA O 129 10.05 66.01 30.56
C ALA O 129 9.68 67.20 31.44
N MET O 130 9.08 68.24 30.83
CA MET O 130 8.58 69.40 31.57
C MET O 130 7.48 68.98 32.55
N PHE O 131 6.51 68.20 32.10
CA PHE O 131 5.44 67.72 32.97
C PHE O 131 5.91 66.73 34.05
N GLU O 132 6.99 66.00 33.80
CA GLU O 132 7.66 65.21 34.86
C GLU O 132 8.09 66.14 36.00
N ASN O 133 8.77 67.23 35.64
CA ASN O 133 9.24 68.23 36.60
C ASN O 133 8.11 68.98 37.32
N PHE O 134 6.99 69.21 36.62
CA PHE O 134 5.81 69.85 37.24
C PHE O 134 5.26 68.97 38.34
N VAL O 135 4.94 67.72 38.00
CA VAL O 135 4.32 66.80 38.95
C VAL O 135 5.26 66.45 40.10
N SER O 136 6.57 66.50 39.86
CA SER O 136 7.57 66.32 40.93
C SER O 136 7.48 67.34 42.08
N VAL O 137 6.80 68.47 41.85
CA VAL O 137 6.50 69.45 42.91
C VAL O 137 5.59 68.85 44.00
N THR O 138 4.81 67.83 43.67
CA THR O 138 4.03 67.10 44.68
C THR O 138 4.90 66.30 45.69
N GLN O 139 6.15 66.02 45.31
CA GLN O 139 7.13 65.33 46.17
C GLN O 139 7.80 66.28 47.19
N GLU O 140 7.98 67.56 46.81
CA GLU O 140 8.60 68.58 47.69
C GLU O 140 7.94 68.63 49.07
N GLU O 141 8.75 68.77 50.11
CA GLU O 141 8.24 68.89 51.48
C GLU O 141 8.48 70.28 52.04
N ASP O 142 7.73 70.59 53.10
CA ASP O 142 7.70 71.94 53.73
C ASP O 142 7.26 73.04 52.74
N VAL O 143 6.22 72.74 51.96
CA VAL O 143 5.61 73.69 51.02
C VAL O 143 4.09 73.58 51.06
N PRO O 144 3.36 74.67 50.74
CA PRO O 144 1.90 74.63 50.89
C PRO O 144 1.19 73.84 49.80
N GLN O 145 0.03 73.28 50.15
CA GLN O 145 -0.80 72.50 49.22
C GLN O 145 -1.11 73.27 47.93
N VAL O 146 -1.46 74.54 48.07
CA VAL O 146 -1.81 75.38 46.92
C VAL O 146 -0.70 75.49 45.86
N ARG O 147 0.57 75.39 46.27
CA ARG O 147 1.69 75.32 45.32
C ARG O 147 1.62 74.04 44.52
N ARG O 148 1.46 72.93 45.23
CA ARG O 148 1.41 71.61 44.60
C ARG O 148 0.20 71.51 43.69
N ASP O 149 -0.97 71.88 44.23
CA ASP O 149 -2.23 71.99 43.47
C ASP O 149 -2.08 72.67 42.12
N TRP O 150 -1.40 73.81 42.10
CA TRP O 150 -1.24 74.56 40.86
C TRP O 150 -0.46 73.79 39.82
N TYR O 151 0.68 73.22 40.24
CA TYR O 151 1.56 72.52 39.31
C TYR O 151 0.90 71.28 38.68
N VAL O 152 0.08 70.59 39.47
CA VAL O 152 -0.80 69.54 38.96
C VAL O 152 -1.84 70.13 38.00
N TYR O 153 -2.52 71.20 38.41
CA TYR O 153 -3.56 71.84 37.59
C TYR O 153 -3.04 72.26 36.21
N ALA O 154 -1.85 72.86 36.16
CA ALA O 154 -1.25 73.28 34.88
C ALA O 154 -1.00 72.09 33.94
N PHE O 155 -0.63 70.96 34.54
CA PHE O 155 -0.45 69.70 33.79
C PHE O 155 -1.80 69.14 33.31
N LEU O 156 -2.70 68.84 34.26
CA LEU O 156 -3.99 68.24 33.94
C LEU O 156 -4.81 69.08 32.96
N SER O 157 -4.83 70.40 33.15
CA SER O 157 -5.60 71.29 32.27
C SER O 157 -4.98 71.51 30.89
N SER O 158 -3.74 71.06 30.68
CA SER O 158 -3.15 71.03 29.33
C SER O 158 -3.54 69.80 28.51
N LEU O 159 -4.01 68.74 29.18
CA LEU O 159 -4.24 67.45 28.51
C LEU O 159 -5.37 67.40 27.50
N PRO O 160 -6.43 68.21 27.67
CA PRO O 160 -7.43 68.23 26.60
C PRO O 160 -6.87 68.62 25.23
N TRP O 161 -5.81 69.43 25.20
CA TRP O 161 -5.17 69.85 23.96
C TRP O 161 -4.10 68.88 23.49
N VAL O 162 -3.26 68.41 24.41
CA VAL O 162 -2.06 67.62 24.06
C VAL O 162 -2.05 66.18 24.61
N GLY O 163 -3.08 65.77 25.33
CA GLY O 163 -3.10 64.47 26.00
C GLY O 163 -2.99 63.25 25.08
N LYS O 164 -3.53 63.36 23.87
CA LYS O 164 -3.43 62.31 22.86
C LYS O 164 -1.99 62.17 22.36
N GLU O 165 -1.44 63.28 21.86
CA GLU O 165 -0.09 63.31 21.27
C GLU O 165 1.03 62.84 22.23
N LEU O 166 0.90 63.15 23.51
CA LEU O 166 1.89 62.72 24.52
C LEU O 166 1.77 61.24 24.85
N TYR O 167 0.54 60.75 24.96
CA TYR O 167 0.30 59.35 25.33
C TYR O 167 0.69 58.37 24.21
N GLU O 168 0.64 58.81 22.95
CA GLU O 168 1.08 57.98 21.82
C GLU O 168 2.61 57.94 21.64
N LYS O 169 3.30 59.03 22.00
CA LYS O 169 4.76 59.10 21.88
C LYS O 169 5.51 58.50 23.07
N LYS O 170 4.98 58.63 24.28
CA LYS O 170 5.68 58.20 25.51
C LYS O 170 4.71 57.69 26.60
N ASP O 171 3.89 56.68 26.29
CA ASP O 171 2.89 56.18 27.28
C ASP O 171 3.49 55.62 28.58
N ALA O 172 4.69 55.06 28.48
CA ALA O 172 5.42 54.55 29.66
C ALA O 172 5.67 55.67 30.65
N GLU O 173 6.29 56.75 30.15
CA GLU O 173 6.61 57.94 30.96
C GLU O 173 5.35 58.61 31.53
N MET O 174 4.28 58.65 30.71
CA MET O 174 3.02 59.28 31.13
C MET O 174 2.27 58.48 32.20
N ASP O 175 2.34 57.15 32.15
CA ASP O 175 1.73 56.33 33.21
C ASP O 175 2.32 56.59 34.60
N ARG O 176 3.63 56.89 34.67
CA ARG O 176 4.28 57.28 35.93
C ARG O 176 3.73 58.60 36.47
N ILE O 177 3.51 59.55 35.57
CA ILE O 177 2.96 60.87 35.94
C ILE O 177 1.55 60.72 36.51
N PHE O 178 0.74 59.90 35.84
CA PHE O 178 -0.62 59.61 36.32
C PHE O 178 -0.67 58.84 37.64
N ALA O 179 0.35 58.03 37.90
CA ALA O 179 0.49 57.31 39.19
C ALA O 179 0.86 58.27 40.32
N ASN O 180 1.88 59.10 40.09
CA ASN O 180 2.31 60.13 41.04
C ASN O 180 1.23 61.20 41.28
N THR O 181 0.57 61.62 40.20
CA THR O 181 -0.56 62.55 40.27
C THR O 181 -1.71 61.96 41.08
N GLU O 182 -2.11 60.74 40.74
CA GLU O 182 -3.22 60.07 41.44
C GLU O 182 -2.94 59.87 42.94
N SER O 183 -1.70 59.50 43.29
CA SER O 183 -1.33 59.35 44.69
C SER O 183 -1.43 60.66 45.46
N TYR O 184 -0.99 61.77 44.83
CA TYR O 184 -1.09 63.09 45.44
C TYR O 184 -2.55 63.51 45.70
N LEU O 185 -3.41 63.35 44.70
CA LEU O 185 -4.82 63.76 44.80
C LEU O 185 -5.59 62.97 45.87
N LYS O 186 -5.17 61.73 46.14
CA LYS O 186 -5.75 60.91 47.22
C LYS O 186 -5.46 61.50 48.60
N ARG O 187 -4.22 61.94 48.80
CA ARG O 187 -3.76 62.45 50.11
C ARG O 187 -3.89 63.98 50.32
N ARG O 188 -4.47 64.70 49.35
CA ARG O 188 -4.76 66.13 49.52
C ARG O 188 -5.78 66.39 50.62
N GLN O 189 -5.63 67.50 51.32
CA GLN O 189 -6.63 67.99 52.26
C GLN O 189 -7.82 68.56 51.50
N LYS O 190 -9.02 68.41 52.06
CA LYS O 190 -10.26 68.96 51.47
C LYS O 190 -10.99 69.87 52.47
N THR O 191 -10.24 70.53 53.35
CA THR O 191 -10.82 71.30 54.47
C THR O 191 -11.58 72.53 53.98
N HIS O 192 -11.06 73.12 52.90
CA HIS O 192 -11.63 74.30 52.25
C HIS O 192 -13.03 74.15 51.62
N VAL O 193 -13.39 72.93 51.21
CA VAL O 193 -14.55 72.73 50.34
C VAL O 193 -15.90 73.29 50.89
N PRO O 194 -16.21 73.06 52.19
CA PRO O 194 -17.46 73.63 52.73
C PRO O 194 -17.55 75.16 52.73
N MET O 195 -16.40 75.83 52.69
CA MET O 195 -16.33 77.29 52.60
C MET O 195 -16.57 77.85 51.20
N LEU O 196 -16.21 77.07 50.17
CA LEU O 196 -16.29 77.53 48.79
C LEU O 196 -17.49 77.04 47.99
N GLN O 197 -18.25 76.08 48.52
CA GLN O 197 -19.42 75.57 47.83
C GLN O 197 -20.54 76.58 47.86
N VAL O 198 -21.20 76.75 46.72
CA VAL O 198 -22.38 77.63 46.63
C VAL O 198 -23.55 76.94 47.31
N TRP O 199 -23.66 75.63 47.13
CA TRP O 199 -24.68 74.79 47.75
C TRP O 199 -24.00 73.62 48.48
N THR O 200 -24.37 73.42 49.76
CA THR O 200 -23.89 72.28 50.56
C THR O 200 -24.47 70.95 50.08
N ALA O 201 -25.72 70.98 49.58
CA ALA O 201 -26.40 69.79 49.04
C ALA O 201 -25.65 69.24 47.82
N ASP O 202 -25.73 67.93 47.62
CA ASP O 202 -25.13 67.29 46.42
C ASP O 202 -26.19 66.73 45.46
N LYS O 203 -27.45 67.15 45.67
CA LYS O 203 -28.55 66.86 44.77
C LYS O 203 -29.22 68.22 44.47
N PRO O 204 -29.48 68.57 43.21
CA PRO O 204 -29.26 67.74 42.01
C PRO O 204 -27.82 67.64 41.49
N HIS O 205 -26.92 68.50 41.94
CA HIS O 205 -25.53 68.49 41.46
C HIS O 205 -24.54 68.65 42.59
N PRO O 206 -23.58 67.71 42.72
CA PRO O 206 -22.50 67.95 43.68
C PRO O 206 -21.61 69.10 43.22
N GLN O 207 -21.38 70.06 44.11
CA GLN O 207 -20.42 71.13 43.87
C GLN O 207 -19.02 70.59 44.17
N GLU O 208 -18.38 70.08 43.13
CA GLU O 208 -17.13 69.31 43.25
C GLU O 208 -15.90 70.20 43.44
N GLU O 209 -14.91 69.65 44.12
CA GLU O 209 -13.63 70.33 44.32
C GLU O 209 -12.87 70.31 42.98
N TYR O 210 -12.27 71.45 42.64
CA TYR O 210 -11.81 71.69 41.26
C TYR O 210 -10.78 70.70 40.70
N LEU O 211 -9.92 70.12 41.54
CA LEU O 211 -8.94 69.15 41.05
C LEU O 211 -9.51 67.74 41.00
N ASP O 212 -10.43 67.42 41.91
CA ASP O 212 -11.18 66.16 41.84
C ASP O 212 -11.96 66.09 40.52
N CYS O 213 -12.66 67.17 40.22
CA CYS O 213 -13.46 67.27 39.00
C CYS O 213 -12.62 67.20 37.73
N LEU O 214 -11.53 67.95 37.66
CA LEU O 214 -10.64 67.89 36.50
C LEU O 214 -10.05 66.49 36.34
N TRP O 215 -9.70 65.84 37.45
CA TRP O 215 -9.21 64.46 37.43
C TRP O 215 -10.24 63.53 36.77
N ALA O 216 -11.46 63.51 37.31
CA ALA O 216 -12.56 62.74 36.72
C ALA O 216 -12.69 62.98 35.21
N GLN O 217 -12.59 64.24 34.80
CA GLN O 217 -12.66 64.62 33.38
C GLN O 217 -11.49 64.07 32.57
N ILE O 218 -10.28 64.13 33.14
CA ILE O 218 -9.11 63.61 32.45
C ILE O 218 -9.12 62.07 32.39
N GLN O 219 -9.72 61.44 33.40
CA GLN O 219 -9.87 59.97 33.38
C GLN O 219 -10.82 59.51 32.27
N LYS O 220 -11.99 60.15 32.17
CA LYS O 220 -12.95 59.85 31.09
C LYS O 220 -12.38 60.14 29.69
N LEU O 221 -11.54 61.16 29.57
CA LEU O 221 -10.86 61.45 28.31
C LEU O 221 -9.88 60.35 27.94
N LYS O 222 -9.11 59.87 28.92
CA LYS O 222 -8.17 58.76 28.71
C LYS O 222 -8.90 57.47 28.31
N LYS O 223 -9.98 57.16 29.04
CA LYS O 223 -10.84 56.01 28.75
C LYS O 223 -11.46 56.05 27.35
N ASP O 224 -11.69 57.24 26.80
CA ASP O 224 -12.18 57.42 25.43
C ASP O 224 -11.05 57.67 24.41
N ARG O 225 -9.87 57.06 24.66
CA ARG O 225 -8.71 57.12 23.74
C ARG O 225 -8.24 58.54 23.36
N TRP O 226 -8.40 59.50 24.28
CA TRP O 226 -8.06 60.91 24.05
C TRP O 226 -8.81 61.56 22.87
N GLN O 227 -10.04 61.11 22.65
CA GLN O 227 -10.92 61.68 21.62
C GLN O 227 -11.84 62.66 22.31
N GLU O 228 -11.78 63.92 21.89
CA GLU O 228 -12.65 64.97 22.41
C GLU O 228 -13.35 65.66 21.25
N ARG O 229 -14.54 66.19 21.51
CA ARG O 229 -15.48 66.60 20.46
C ARG O 229 -15.69 68.12 20.29
N HIS O 230 -14.96 68.96 21.05
CA HIS O 230 -15.21 70.42 21.06
C HIS O 230 -14.11 71.32 20.48
N ILE O 231 -12.85 71.04 20.79
CA ILE O 231 -11.75 71.96 20.51
C ILE O 231 -11.50 72.11 19.01
N LEU O 232 -11.68 73.33 18.50
CA LEU O 232 -11.32 73.65 17.13
C LEU O 232 -9.80 73.62 16.99
N ARG O 233 -9.34 72.88 15.99
CA ARG O 233 -7.91 72.67 15.75
C ARG O 233 -7.61 73.02 14.29
N PRO O 234 -7.34 74.31 14.01
CA PRO O 234 -7.03 74.74 12.64
C PRO O 234 -5.82 74.02 12.01
N TYR O 235 -4.85 73.64 12.83
CA TYR O 235 -3.66 72.91 12.36
C TYR O 235 -3.93 71.58 11.60
N LEU O 236 -5.02 70.89 11.91
CA LEU O 236 -5.39 69.66 11.20
C LEU O 236 -5.61 69.87 9.69
N ALA O 237 -6.08 71.07 9.32
CA ALA O 237 -6.24 71.45 7.90
C ALA O 237 -4.91 71.66 7.17
N PHE O 238 -3.85 72.02 7.90
CA PHE O 238 -2.50 72.20 7.32
C PHE O 238 -1.59 70.98 7.56
N ASP O 239 -2.16 69.78 7.59
CA ASP O 239 -1.42 68.56 7.91
C ASP O 239 -0.24 68.28 6.96
N SER O 240 -0.40 68.58 5.67
CA SER O 240 0.68 68.46 4.67
C SER O 240 1.93 69.25 5.06
N ILE O 241 1.72 70.52 5.42
CA ILE O 241 2.82 71.45 5.69
C ILE O 241 3.48 71.19 7.06
N LEU O 242 2.69 70.76 8.05
CA LEU O 242 3.16 70.62 9.43
C LEU O 242 3.84 69.28 9.75
N CYS O 243 3.59 68.23 8.96
CA CYS O 243 4.34 66.97 9.07
C CYS O 243 5.82 67.18 8.79
N GLU O 244 6.10 67.83 7.66
CA GLU O 244 7.47 68.08 7.22
C GLU O 244 8.25 69.10 8.06
N ALA O 245 7.54 69.89 8.88
CA ALA O 245 8.17 70.89 9.76
C ALA O 245 9.01 70.23 10.85
N LEU O 246 10.17 70.83 11.14
CA LEU O 246 11.12 70.28 12.09
C LEU O 246 10.84 70.82 13.49
N GLN O 247 10.95 69.93 14.47
CA GLN O 247 10.59 70.22 15.87
C GLN O 247 11.75 70.82 16.66
N HIS O 248 11.41 71.35 17.83
CA HIS O 248 12.37 71.93 18.78
C HIS O 248 12.22 71.27 20.13
N ASN O 249 13.32 71.22 20.87
CA ASN O 249 13.30 70.72 22.24
C ASN O 249 13.21 71.89 23.21
N LEU O 250 12.23 71.85 24.11
CA LEU O 250 12.22 72.74 25.26
C LEU O 250 13.44 72.43 26.10
N PRO O 251 14.11 73.47 26.66
CA PRO O 251 15.14 73.15 27.64
C PRO O 251 14.55 72.40 28.85
N PRO O 252 15.38 71.71 29.63
CA PRO O 252 14.88 71.13 30.87
C PRO O 252 14.39 72.22 31.81
N PHE O 253 13.28 71.97 32.50
CA PHE O 253 12.59 73.00 33.28
C PHE O 253 12.65 72.74 34.77
N THR O 254 13.31 73.62 35.51
CA THR O 254 13.34 73.60 36.97
C THR O 254 12.26 74.55 37.47
N PRO O 255 11.23 74.03 38.18
CA PRO O 255 10.19 74.94 38.68
C PRO O 255 10.76 75.87 39.76
N PRO O 256 10.59 77.21 39.59
CA PRO O 256 11.09 78.16 40.58
C PRO O 256 10.67 77.76 42.01
N PRO O 257 11.64 77.71 42.95
CA PRO O 257 11.33 77.11 44.24
C PRO O 257 10.49 78.03 45.11
N HIS O 258 9.86 77.44 46.12
CA HIS O 258 9.01 78.17 47.05
C HIS O 258 9.83 79.14 47.90
N THR O 259 9.34 80.37 48.03
CA THR O 259 9.87 81.34 48.99
C THR O 259 8.67 81.87 49.76
N GLU O 260 8.90 82.64 50.81
CA GLU O 260 7.79 83.23 51.57
C GLU O 260 7.22 84.50 50.89
N ASP O 261 7.85 84.94 49.80
CA ASP O 261 7.23 85.88 48.85
C ASP O 261 6.19 85.24 47.91
N SER O 262 6.20 83.91 47.78
CA SER O 262 5.32 83.19 46.84
C SER O 262 3.86 83.24 47.27
N VAL O 263 2.99 83.50 46.30
CA VAL O 263 1.55 83.64 46.50
C VAL O 263 0.90 82.79 45.41
N TYR O 264 0.20 81.73 45.80
CA TYR O 264 -0.43 80.82 44.84
C TYR O 264 -1.95 81.02 44.81
N PRO O 265 -2.61 80.63 43.70
CA PRO O 265 -4.07 80.74 43.62
C PRO O 265 -4.78 79.94 44.69
N MET O 266 -5.88 80.47 45.22
CA MET O 266 -6.72 79.75 46.16
C MET O 266 -7.38 78.57 45.47
N PRO O 267 -7.69 77.51 46.23
CA PRO O 267 -8.50 76.44 45.64
C PRO O 267 -9.90 76.93 45.25
N ARG O 268 -10.54 76.18 44.35
CA ARG O 268 -11.86 76.52 43.81
C ARG O 268 -12.80 75.31 43.91
N VAL O 269 -14.08 75.59 43.72
CA VAL O 269 -15.13 74.59 43.66
C VAL O 269 -15.94 74.85 42.38
N ILE O 270 -16.12 73.81 41.55
CA ILE O 270 -16.79 73.97 40.26
C ILE O 270 -18.29 74.21 40.44
N PHE O 271 -18.73 75.40 40.03
CA PHE O 271 -20.15 75.74 39.98
C PHE O 271 -20.84 74.84 38.99
N ARG O 272 -22.06 74.45 39.32
CA ARG O 272 -22.80 73.49 38.50
C ARG O 272 -24.28 73.59 38.78
N MET O 273 -25.06 74.02 37.78
CA MET O 273 -26.53 74.02 37.90
C MET O 273 -27.30 73.34 36.76
N PHE O 274 -26.66 73.09 35.61
CA PHE O 274 -27.33 72.47 34.46
C PHE O 274 -26.74 71.10 34.11
N ASP O 275 -27.61 70.18 33.67
CA ASP O 275 -27.22 69.06 32.80
C ASP O 275 -28.12 69.06 31.56
N TYR O 276 -27.93 68.12 30.64
CA TYR O 276 -28.69 68.08 29.38
C TYR O 276 -30.23 68.09 29.54
N THR O 277 -30.76 67.58 30.65
CA THR O 277 -32.22 67.50 30.86
C THR O 277 -32.90 68.86 31.12
N ASP O 278 -32.13 69.90 31.38
CA ASP O 278 -32.67 71.26 31.48
C ASP O 278 -32.90 71.92 30.10
N ASP O 279 -32.34 71.31 29.04
CA ASP O 279 -32.57 71.74 27.66
C ASP O 279 -32.77 70.50 26.75
N PRO O 280 -33.98 69.87 26.82
CA PRO O 280 -34.23 68.66 26.01
C PRO O 280 -34.34 68.93 24.51
N GLU O 281 -34.74 70.15 24.15
CA GLU O 281 -35.02 70.50 22.74
C GLU O 281 -33.72 70.78 22.00
N GLY O 282 -32.88 71.62 22.59
CA GLY O 282 -31.61 72.01 21.98
C GLY O 282 -30.56 70.91 22.01
N PRO O 283 -29.33 71.23 21.57
CA PRO O 283 -28.25 70.23 21.52
C PRO O 283 -27.90 69.64 22.89
N VAL O 284 -27.32 68.45 22.89
CA VAL O 284 -27.06 67.75 24.14
C VAL O 284 -25.88 68.39 24.84
N MET O 285 -26.11 68.83 26.08
CA MET O 285 -25.10 69.51 26.90
C MET O 285 -24.07 68.50 27.39
N PRO O 286 -22.76 68.73 27.09
CA PRO O 286 -21.71 67.86 27.61
C PRO O 286 -21.79 67.76 29.14
N GLY O 287 -21.51 66.58 29.68
CA GLY O 287 -21.72 66.31 31.10
C GLY O 287 -20.64 66.88 32.01
N SER O 288 -20.98 66.97 33.30
CA SER O 288 -20.07 67.48 34.34
C SER O 288 -18.67 66.91 34.27
N HIS O 289 -18.55 65.61 33.99
CA HIS O 289 -17.25 64.95 33.93
C HIS O 289 -16.70 64.74 32.52
N SER O 290 -17.07 65.63 31.58
CA SER O 290 -16.47 65.64 30.25
C SER O 290 -15.51 66.83 30.12
N VAL O 291 -14.37 66.62 29.48
CA VAL O 291 -13.43 67.72 29.19
C VAL O 291 -14.01 68.77 28.25
N GLU O 292 -15.03 68.40 27.48
CA GLU O 292 -15.79 69.35 26.69
C GLU O 292 -16.36 70.46 27.60
N ARG O 293 -17.01 70.05 28.69
CA ARG O 293 -17.62 71.00 29.63
C ARG O 293 -16.58 71.91 30.27
N PHE O 294 -15.40 71.36 30.56
CA PHE O 294 -14.29 72.14 31.13
C PHE O 294 -13.77 73.17 30.12
N VAL O 295 -13.54 72.76 28.88
CA VAL O 295 -12.97 73.65 27.87
C VAL O 295 -13.96 74.76 27.44
N ILE O 296 -15.24 74.45 27.44
CA ILE O 296 -16.28 75.41 27.14
C ILE O 296 -16.29 76.49 28.21
N GLU O 297 -16.40 76.07 29.46
CA GLU O 297 -16.51 77.02 30.57
C GLU O 297 -15.24 77.85 30.75
N GLU O 298 -14.09 77.22 30.56
CA GLU O 298 -12.81 77.92 30.62
C GLU O 298 -12.74 79.04 29.59
N ASN O 299 -13.10 78.74 28.35
CA ASN O 299 -13.06 79.73 27.26
C ASN O 299 -14.07 80.87 27.48
N LEU O 300 -15.28 80.53 27.90
CA LEU O 300 -16.29 81.53 28.23
C LEU O 300 -15.83 82.46 29.36
N HIS O 301 -15.21 81.89 30.39
CA HIS O 301 -14.61 82.70 31.46
C HIS O 301 -13.55 83.64 30.90
N CYS O 302 -12.67 83.11 30.04
CA CYS O 302 -11.59 83.90 29.43
C CYS O 302 -12.09 85.03 28.52
N ILE O 303 -13.20 84.80 27.83
CA ILE O 303 -13.85 85.84 27.02
C ILE O 303 -14.30 87.00 27.91
N ILE O 304 -14.91 86.68 29.05
CA ILE O 304 -15.35 87.71 29.98
C ILE O 304 -14.13 88.45 30.52
N LYS O 305 -13.09 87.69 30.89
CA LYS O 305 -11.83 88.29 31.36
C LYS O 305 -11.19 89.24 30.33
N SER O 306 -11.30 88.92 29.06
CA SER O 306 -10.75 89.77 27.99
C SER O 306 -11.58 91.00 27.68
N HIS O 307 -12.90 90.96 27.93
CA HIS O 307 -13.81 92.00 27.47
C HIS O 307 -14.74 92.56 28.54
N TRP O 308 -14.45 92.32 29.83
CA TRP O 308 -15.37 92.72 30.92
C TRP O 308 -15.78 94.19 30.91
N LYS O 309 -14.90 95.07 30.43
CA LYS O 309 -15.14 96.52 30.42
C LYS O 309 -16.11 97.00 29.34
N GLU O 310 -16.25 96.21 28.28
CA GLU O 310 -17.07 96.56 27.12
C GLU O 310 -18.28 95.63 27.10
N ARG O 311 -19.31 95.95 27.87
CA ARG O 311 -20.43 95.02 28.04
C ARG O 311 -21.08 94.54 26.74
N LYS O 312 -21.20 95.43 25.76
CA LYS O 312 -21.83 95.10 24.48
C LYS O 312 -20.92 94.19 23.66
N THR O 313 -19.63 94.54 23.59
CA THR O 313 -18.61 93.66 22.99
C THR O 313 -18.53 92.32 23.70
N CYS O 314 -18.59 92.34 25.03
CA CYS O 314 -18.53 91.10 25.82
C CYS O 314 -19.68 90.15 25.50
N ALA O 315 -20.89 90.71 25.30
CA ALA O 315 -22.05 89.89 24.93
C ALA O 315 -21.89 89.28 23.55
N ALA O 316 -21.47 90.10 22.59
CA ALA O 316 -21.25 89.66 21.23
C ALA O 316 -20.28 88.49 21.14
N GLN O 317 -19.15 88.60 21.84
CA GLN O 317 -18.12 87.56 21.81
C GLN O 317 -18.57 86.25 22.42
N LEU O 318 -19.38 86.34 23.49
CA LEU O 318 -19.93 85.14 24.12
C LEU O 318 -20.91 84.44 23.19
N VAL O 319 -21.80 85.21 22.58
CA VAL O 319 -22.84 84.66 21.70
C VAL O 319 -22.26 84.07 20.42
N SER O 320 -21.16 84.64 19.93
CA SER O 320 -20.49 84.11 18.74
C SER O 320 -19.36 83.10 19.03
N TYR O 321 -19.43 82.40 20.16
CA TYR O 321 -18.39 81.43 20.55
C TYR O 321 -18.40 80.22 19.62
N PRO O 322 -17.26 79.96 18.92
CA PRO O 322 -17.19 78.82 18.00
C PRO O 322 -16.78 77.50 18.69
N GLY O 323 -17.31 76.39 18.16
CA GLY O 323 -16.87 75.05 18.55
C GLY O 323 -16.95 74.09 17.37
N LYS O 324 -16.28 72.94 17.51
CA LYS O 324 -16.30 71.90 16.47
C LYS O 324 -17.71 71.32 16.31
N ASN O 325 -18.42 71.13 17.43
CA ASN O 325 -19.79 70.60 17.41
C ASN O 325 -20.74 71.56 18.12
N LYS O 326 -22.03 71.39 17.84
CA LYS O 326 -23.08 72.24 18.40
C LYS O 326 -23.34 71.95 19.88
N ILE O 327 -23.57 73.03 20.63
CA ILE O 327 -23.76 73.00 22.08
C ILE O 327 -24.84 74.01 22.46
N PRO O 328 -25.55 73.78 23.58
CA PRO O 328 -26.60 74.74 23.98
C PRO O 328 -25.99 76.01 24.61
N LEU O 329 -25.46 76.86 23.74
CA LEU O 329 -24.59 77.98 24.13
C LEU O 329 -25.23 78.96 25.13
N ASN O 330 -26.54 79.21 25.00
CA ASN O 330 -27.24 80.07 25.95
C ASN O 330 -27.20 79.54 27.38
N TYR O 331 -27.26 78.21 27.54
CA TYR O 331 -27.22 77.60 28.88
C TYR O 331 -25.82 77.71 29.48
N HIS O 332 -24.81 77.38 28.69
CA HIS O 332 -23.42 77.55 29.11
C HIS O 332 -23.08 79.00 29.50
N ILE O 333 -23.61 79.97 28.76
CA ILE O 333 -23.32 81.38 29.04
C ILE O 333 -23.95 81.81 30.38
N VAL O 334 -25.23 81.51 30.55
CA VAL O 334 -25.90 81.83 31.81
C VAL O 334 -25.23 81.14 33.00
N GLU O 335 -24.78 79.91 32.82
CA GLU O 335 -24.11 79.17 33.88
C GLU O 335 -22.77 79.80 34.26
N VAL O 336 -21.93 80.01 33.24
CA VAL O 336 -20.63 80.68 33.41
C VAL O 336 -20.76 82.07 34.07
N ILE O 337 -21.81 82.81 33.72
CA ILE O 337 -22.05 84.10 34.37
C ILE O 337 -22.38 83.91 35.84
N PHE O 338 -23.36 83.07 36.17
CA PHE O 338 -23.68 82.81 37.59
C PHE O 338 -22.54 82.12 38.33
N ALA O 339 -21.72 81.35 37.64
CA ALA O 339 -20.52 80.76 38.25
C ALA O 339 -19.53 81.82 38.77
N GLU O 340 -19.41 82.92 38.03
CA GLU O 340 -18.57 84.04 38.45
C GLU O 340 -19.27 84.85 39.52
N LEU O 341 -20.51 85.24 39.29
CA LEU O 341 -21.23 86.03 40.28
C LEU O 341 -21.25 85.38 41.65
N PHE O 342 -21.44 84.06 41.70
CA PHE O 342 -21.48 83.33 42.98
C PHE O 342 -20.15 82.72 43.42
N GLN O 343 -19.03 83.04 42.77
CA GLN O 343 -17.75 82.44 43.13
C GLN O 343 -17.34 82.89 44.53
N LEU O 344 -16.72 81.96 45.27
CA LEU O 344 -16.19 82.24 46.60
C LEU O 344 -14.65 82.09 46.58
N PRO O 345 -13.91 82.99 47.23
CA PRO O 345 -14.42 84.07 48.05
C PRO O 345 -15.17 85.18 47.30
N ALA O 346 -14.65 85.57 46.15
CA ALA O 346 -15.18 86.71 45.39
C ALA O 346 -15.36 86.42 43.90
N PRO O 347 -16.21 87.21 43.22
CA PRO O 347 -16.27 87.10 41.77
C PRO O 347 -15.02 87.69 41.15
N PRO O 348 -14.68 87.32 39.91
CA PRO O 348 -13.49 87.91 39.28
C PRO O 348 -13.63 89.37 38.91
N HIS O 349 -14.86 89.88 38.83
CA HIS O 349 -15.13 91.27 38.44
C HIS O 349 -16.25 91.83 39.30
N ILE O 350 -16.37 93.15 39.34
CA ILE O 350 -17.40 93.82 40.15
C ILE O 350 -18.81 93.26 39.87
N ASP O 351 -19.57 92.99 40.94
CA ASP O 351 -20.88 92.29 40.88
C ASP O 351 -21.84 92.84 39.84
N VAL O 352 -21.91 94.17 39.75
CA VAL O 352 -22.90 94.84 38.91
C VAL O 352 -22.70 94.62 37.41
N MET O 353 -21.46 94.37 37.00
CA MET O 353 -21.15 94.04 35.60
C MET O 353 -22.00 92.88 35.10
N TYR O 354 -22.20 91.86 35.94
CA TYR O 354 -22.95 90.66 35.57
C TYR O 354 -24.43 90.96 35.27
N THR O 355 -25.01 91.87 36.04
CA THR O 355 -26.40 92.29 35.81
C THR O 355 -26.54 92.91 34.42
N THR O 356 -25.62 93.80 34.09
CA THR O 356 -25.62 94.48 32.80
C THR O 356 -25.30 93.54 31.63
N LEU O 357 -24.32 92.67 31.81
CA LEU O 357 -23.97 91.70 30.76
C LEU O 357 -25.15 90.81 30.42
N LEU O 358 -25.88 90.36 31.44
CA LEU O 358 -27.09 89.58 31.22
C LEU O 358 -28.15 90.36 30.44
N ILE O 359 -28.31 91.67 30.70
CA ILE O 359 -29.22 92.52 29.92
C ILE O 359 -28.79 92.62 28.45
N GLU O 360 -27.51 92.93 28.21
CA GLU O 360 -26.98 93.01 26.85
C GLU O 360 -27.11 91.69 26.09
N LEU O 361 -27.03 90.58 26.83
CA LEU O 361 -27.26 89.25 26.25
C LEU O 361 -28.74 89.02 25.89
N CYS O 362 -29.66 89.50 26.73
CA CYS O 362 -31.09 89.44 26.37
C CYS O 362 -31.36 90.27 25.12
N LYS O 363 -30.78 91.46 25.03
CA LYS O 363 -30.89 92.30 23.83
C LYS O 363 -30.40 91.59 22.56
N LEU O 364 -29.27 90.89 22.68
CA LEU O 364 -28.64 90.23 21.53
C LEU O 364 -29.33 88.92 21.10
N GLN O 365 -30.07 88.28 21.99
CA GLN O 365 -30.76 87.01 21.71
C GLN O 365 -32.15 87.07 22.34
N PRO O 366 -32.98 88.03 21.90
CA PRO O 366 -34.24 88.26 22.62
C PRO O 366 -35.27 87.14 22.50
N GLY O 367 -35.16 86.32 21.46
CA GLY O 367 -36.07 85.20 21.27
C GLY O 367 -35.84 84.00 22.17
N SER O 368 -34.61 83.81 22.66
CA SER O 368 -34.22 82.62 23.42
C SER O 368 -33.63 82.87 24.81
N LEU O 369 -32.72 83.83 24.95
CA LEU O 369 -31.97 84.05 26.20
C LEU O 369 -32.85 84.38 27.42
N PRO O 370 -33.83 85.30 27.29
CA PRO O 370 -34.68 85.60 28.45
C PRO O 370 -35.39 84.40 29.04
N GLN O 371 -35.78 83.45 28.19
CA GLN O 371 -36.40 82.21 28.66
C GLN O 371 -35.43 81.35 29.45
N VAL O 372 -34.21 81.19 28.93
CA VAL O 372 -33.15 80.45 29.63
C VAL O 372 -32.81 81.14 30.95
N LEU O 373 -32.72 82.47 30.93
CA LEU O 373 -32.47 83.24 32.14
C LEU O 373 -33.54 83.02 33.19
N ALA O 374 -34.81 83.11 32.80
CA ALA O 374 -35.94 82.91 33.73
C ALA O 374 -36.00 81.50 34.31
N GLN O 375 -35.69 80.51 33.47
CA GLN O 375 -35.60 79.11 33.89
C GLN O 375 -34.51 78.93 34.95
N ALA O 376 -33.35 79.52 34.71
CA ALA O 376 -32.23 79.48 35.66
C ALA O 376 -32.59 80.17 36.98
N THR O 377 -33.22 81.33 36.89
CA THR O 377 -33.68 82.06 38.09
C THR O 377 -34.61 81.19 38.93
N GLU O 378 -35.52 80.48 38.27
CA GLU O 378 -36.43 79.53 38.92
C GLU O 378 -35.66 78.43 39.62
N MET O 379 -34.67 77.86 38.94
CA MET O 379 -33.85 76.78 39.51
C MET O 379 -33.02 77.26 40.70
N LEU O 380 -32.55 78.51 40.66
CA LEU O 380 -31.80 79.09 41.77
C LEU O 380 -32.68 79.27 43.00
N TYR O 381 -33.89 79.74 42.76
CA TYR O 381 -34.89 79.88 43.83
C TYR O 381 -35.22 78.53 44.46
N MET O 382 -35.46 77.51 43.65
CA MET O 382 -35.82 76.16 44.15
C MET O 382 -34.72 75.53 45.02
N ARG O 383 -33.47 75.88 44.76
CA ARG O 383 -32.32 75.33 45.50
C ARG O 383 -31.80 76.23 46.62
N LEU O 384 -32.57 77.26 47.00
CA LEU O 384 -32.17 78.23 48.03
C LEU O 384 -31.87 77.63 49.40
N ASP O 385 -32.47 76.50 49.71
CA ASP O 385 -32.40 75.94 51.06
C ASP O 385 -30.98 75.62 51.54
N THR O 386 -30.10 75.20 50.63
CA THR O 386 -28.68 74.97 50.95
C THR O 386 -27.70 76.00 50.36
N MET O 387 -28.21 77.10 49.80
CA MET O 387 -27.34 78.13 49.20
C MET O 387 -26.65 78.95 50.29
N ASN O 388 -25.34 79.14 50.13
CA ASN O 388 -24.53 79.95 51.05
C ASN O 388 -25.06 81.39 51.12
N THR O 389 -25.03 81.99 52.31
CA THR O 389 -25.59 83.32 52.56
C THR O 389 -24.89 84.40 51.73
N THR O 390 -23.58 84.28 51.55
CA THR O 390 -22.80 85.20 50.73
C THR O 390 -23.37 85.24 49.29
N CYS O 391 -23.59 84.07 48.71
CA CYS O 391 -24.22 83.94 47.40
C CYS O 391 -25.68 84.42 47.34
N VAL O 392 -26.44 84.16 48.39
CA VAL O 392 -27.84 84.59 48.44
C VAL O 392 -27.96 86.11 48.38
N ASP O 393 -27.05 86.82 49.05
CA ASP O 393 -27.01 88.29 48.97
C ASP O 393 -26.79 88.78 47.54
N ARG O 394 -25.89 88.12 46.83
CA ARG O 394 -25.58 88.48 45.45
C ARG O 394 -26.76 88.21 44.51
N PHE O 395 -27.45 87.09 44.76
CA PHE O 395 -28.66 86.70 44.05
C PHE O 395 -29.77 87.75 44.26
N ILE O 396 -30.01 88.11 45.52
CA ILE O 396 -30.96 89.16 45.88
C ILE O 396 -30.63 90.48 45.15
N ASN O 397 -29.37 90.91 45.23
CA ASN O 397 -28.95 92.16 44.60
C ASN O 397 -29.05 92.11 43.09
N TRP O 398 -28.68 90.97 42.50
CA TRP O 398 -28.77 90.84 41.04
C TRP O 398 -30.22 90.83 40.56
N PHE O 399 -31.04 89.99 41.19
CA PHE O 399 -32.41 89.80 40.77
C PHE O 399 -33.25 91.08 40.95
N SER O 400 -33.10 91.77 42.08
CA SER O 400 -33.82 93.02 42.31
C SER O 400 -33.44 94.11 41.29
N HIS O 401 -32.14 94.20 40.99
CA HIS O 401 -31.63 95.17 40.04
C HIS O 401 -32.01 94.82 38.60
N HIS O 402 -32.04 93.53 38.29
CA HIS O 402 -32.54 93.05 37.01
C HIS O 402 -34.01 93.44 36.84
N LEU O 403 -34.87 93.01 37.77
CA LEU O 403 -36.28 93.37 37.74
C LEU O 403 -36.51 94.87 37.55
N SER O 404 -35.73 95.70 38.23
CA SER O 404 -35.87 97.16 38.08
C SER O 404 -35.65 97.67 36.66
N ASN O 405 -34.93 96.89 35.83
CA ASN O 405 -34.74 97.19 34.39
C ASN O 405 -35.82 96.65 33.43
N PHE O 406 -36.76 95.85 33.94
CA PHE O 406 -37.86 95.33 33.13
C PHE O 406 -39.18 95.48 33.88
N GLN O 407 -39.41 96.69 34.37
CA GLN O 407 -40.69 97.10 34.97
C GLN O 407 -41.23 96.16 36.07
N PHE O 408 -40.31 95.56 36.81
CA PHE O 408 -40.63 94.61 37.89
C PHE O 408 -41.57 93.48 37.47
N ARG O 409 -41.49 93.08 36.20
CA ARG O 409 -42.30 92.00 35.66
C ARG O 409 -41.75 90.67 36.15
N TRP O 410 -42.54 89.94 36.93
CA TRP O 410 -42.18 88.59 37.36
C TRP O 410 -43.40 87.79 37.79
N SER O 411 -43.43 86.52 37.41
CA SER O 411 -44.51 85.60 37.80
C SER O 411 -44.37 85.20 39.28
N TRP O 412 -44.83 86.08 40.17
CA TRP O 412 -44.63 85.91 41.62
C TRP O 412 -45.32 84.67 42.19
N GLU O 413 -46.53 84.39 41.68
CA GLU O 413 -47.28 83.17 42.05
C GLU O 413 -46.56 81.84 41.82
N ASP O 414 -45.57 81.79 40.92
CA ASP O 414 -44.69 80.60 40.78
C ASP O 414 -43.97 80.24 42.09
N TRP O 415 -43.79 81.23 42.97
CA TRP O 415 -43.14 81.08 44.26
C TRP O 415 -44.13 81.14 45.45
N SER O 416 -45.37 80.69 45.28
CA SER O 416 -46.38 80.72 46.35
C SER O 416 -46.09 79.78 47.54
N ASP O 417 -45.35 78.70 47.27
CA ASP O 417 -44.87 77.76 48.31
C ASP O 417 -44.14 78.39 49.51
N CYS O 418 -43.54 79.57 49.32
CA CYS O 418 -42.88 80.31 50.41
C CYS O 418 -43.84 80.84 51.48
N LEU O 419 -45.08 81.13 51.08
CA LEU O 419 -46.06 81.74 51.99
C LEU O 419 -46.50 80.84 53.15
N SER O 420 -46.50 79.52 52.93
CA SER O 420 -46.84 78.54 53.97
C SER O 420 -45.64 78.08 54.83
N GLN O 421 -44.41 78.35 54.39
CA GLN O 421 -43.19 78.02 55.15
C GLN O 421 -42.92 79.05 56.27
N ASP O 422 -42.00 78.66 57.16
CA ASP O 422 -41.52 79.52 58.26
C ASP O 422 -40.82 80.78 57.69
N PRO O 423 -41.28 81.99 58.08
CA PRO O 423 -40.64 83.25 57.61
C PRO O 423 -39.11 83.35 57.66
N GLU O 424 -38.47 82.66 58.62
CA GLU O 424 -37.01 82.63 58.69
C GLU O 424 -36.35 81.77 57.60
N SER O 425 -37.09 80.83 57.01
CA SER O 425 -36.54 79.91 56.00
C SER O 425 -36.03 80.64 54.76
N PRO O 426 -35.06 80.03 54.03
CA PRO O 426 -34.38 80.71 52.90
C PRO O 426 -35.29 81.30 51.82
N LYS O 427 -36.36 80.59 51.45
CA LYS O 427 -37.23 81.03 50.36
C LYS O 427 -38.09 82.28 50.65
N PRO O 428 -38.87 82.27 51.74
CA PRO O 428 -39.63 83.50 52.05
C PRO O 428 -38.74 84.68 52.46
N LYS O 429 -37.60 84.37 53.10
CA LYS O 429 -36.62 85.39 53.47
C LYS O 429 -35.94 85.99 52.23
N PHE O 430 -35.69 85.14 51.22
CA PHE O 430 -35.25 85.61 49.91
C PHE O 430 -36.24 86.62 49.33
N VAL O 431 -37.52 86.24 49.32
CA VAL O 431 -38.54 87.09 48.69
C VAL O 431 -38.73 88.41 49.45
N ARG O 432 -38.71 88.36 50.78
CA ARG O 432 -38.82 89.59 51.59
C ARG O 432 -37.73 90.60 51.25
N GLU O 433 -36.48 90.11 51.24
CA GLU O 433 -35.31 90.96 50.99
C GLU O 433 -35.27 91.49 49.54
N VAL O 434 -35.69 90.66 48.59
CA VAL O 434 -35.78 91.06 47.19
C VAL O 434 -36.74 92.24 47.05
N LEU O 435 -37.90 92.12 47.68
CA LEU O 435 -38.91 93.17 47.63
C LEU O 435 -38.47 94.42 48.36
N GLU O 436 -37.77 94.25 49.49
CA GLU O 436 -37.13 95.36 50.21
C GLU O 436 -36.12 96.08 49.31
N LYS O 437 -35.33 95.30 48.57
CA LYS O 437 -34.37 95.84 47.61
C LYS O 437 -35.02 96.52 46.41
N CYS O 438 -36.13 95.95 45.94
CA CYS O 438 -36.91 96.57 44.87
C CYS O 438 -37.44 97.95 45.29
N MET O 439 -37.96 98.04 46.52
CA MET O 439 -38.48 99.30 47.07
C MET O 439 -37.45 100.42 47.04
N ARG O 440 -36.20 100.10 47.35
CA ARG O 440 -35.13 101.11 47.37
C ARG O 440 -34.86 101.70 45.98
N LEU O 441 -34.95 100.86 44.95
CA LEU O 441 -34.82 101.30 43.57
C LEU O 441 -36.07 101.97 43.01
N SER O 442 -37.20 101.78 43.69
CA SER O 442 -38.50 102.28 43.28
C SER O 442 -39.09 103.15 44.40
N TYR O 443 -40.34 102.87 44.81
CA TYR O 443 -40.96 103.45 46.01
C TYR O 443 -41.99 102.47 46.61
N HIS O 444 -42.39 102.70 47.86
CA HIS O 444 -43.24 101.74 48.61
C HIS O 444 -44.49 101.29 47.84
N GLN O 445 -45.23 102.25 47.29
CA GLN O 445 -46.51 101.96 46.63
C GLN O 445 -46.36 101.09 45.37
N ARG O 446 -45.29 101.31 44.61
CA ARG O 446 -45.05 100.59 43.35
C ARG O 446 -44.81 99.09 43.58
N ILE O 447 -44.24 98.75 44.74
CA ILE O 447 -43.97 97.35 45.10
C ILE O 447 -45.26 96.64 45.54
N LEU O 448 -46.12 97.35 46.26
CA LEU O 448 -47.46 96.83 46.61
C LEU O 448 -48.30 96.46 45.38
N ASP O 449 -48.16 97.25 44.31
CA ASP O 449 -48.89 97.03 43.06
C ASP O 449 -48.42 95.78 42.33
N ILE O 450 -47.11 95.70 42.07
CA ILE O 450 -46.53 94.63 41.22
C ILE O 450 -46.55 93.21 41.78
N VAL O 451 -46.89 93.04 43.06
CA VAL O 451 -47.06 91.71 43.64
C VAL O 451 -48.55 91.36 43.80
N PRO O 452 -48.90 90.06 43.73
CA PRO O 452 -50.23 89.59 44.13
C PRO O 452 -50.62 90.01 45.56
N PRO O 453 -51.93 90.14 45.86
CA PRO O 453 -52.35 90.44 47.24
C PRO O 453 -51.98 89.39 48.30
N THR O 454 -51.72 88.13 47.91
CA THR O 454 -51.21 87.11 48.84
C THR O 454 -49.74 87.35 49.27
N PHE O 455 -48.98 88.11 48.47
CA PHE O 455 -47.57 88.43 48.74
C PHE O 455 -47.32 89.71 49.57
N SER O 456 -48.33 90.57 49.76
CA SER O 456 -48.15 91.83 50.50
C SER O 456 -47.89 91.67 52.01
N ALA O 457 -48.05 90.45 52.54
CA ALA O 457 -47.49 90.09 53.85
C ALA O 457 -45.96 90.17 53.84
N LEU O 458 -45.34 89.64 52.78
CA LEU O 458 -43.88 89.66 52.60
C LEU O 458 -43.31 91.01 52.12
N CYS O 459 -44.17 91.97 51.77
CA CYS O 459 -43.70 93.32 51.37
C CYS O 459 -43.09 94.09 52.55
N PRO O 460 -42.20 95.04 52.24
CA PRO O 460 -41.56 95.85 53.27
C PRO O 460 -42.52 96.89 53.83
N VAL O 461 -42.17 97.45 54.97
CA VAL O 461 -42.98 98.46 55.64
C VAL O 461 -42.73 99.82 55.03
N ASN O 462 -43.62 100.78 55.27
CA ASN O 462 -43.36 102.12 54.72
C ASN O 462 -42.17 102.78 55.45
N PRO O 463 -41.20 103.35 54.70
CA PRO O 463 -39.99 103.90 55.35
C PRO O 463 -40.24 105.30 55.96
N THR O 464 -40.76 105.31 57.18
CA THR O 464 -41.12 106.55 57.90
C THR O 464 -40.41 106.70 59.24
N CYS O 465 -40.27 107.97 59.63
CA CYS O 465 -39.64 108.36 60.88
C CYS O 465 -40.55 108.01 62.06
N ILE O 466 -39.96 107.45 63.12
CA ILE O 466 -40.66 107.24 64.40
C ILE O 466 -40.14 108.27 65.39
N TYR O 467 -40.90 109.34 65.59
CA TYR O 467 -40.54 110.42 66.52
C TYR O 467 -41.21 110.19 67.88
N LYS O 468 -40.46 110.42 68.95
CA LYS O 468 -40.94 110.26 70.33
C LYS O 468 -41.50 111.58 70.87
N GLY O 479 -38.19 114.44 79.90
CA GLY O 479 -37.72 115.47 78.99
C GLY O 479 -38.68 115.75 77.84
N HIS O 480 -39.97 115.80 78.14
CA HIS O 480 -41.02 116.11 77.16
C HIS O 480 -40.96 117.58 76.73
N SER O 481 -40.85 118.48 77.71
CA SER O 481 -40.76 119.92 77.45
C SER O 481 -39.41 120.36 76.85
N VAL O 482 -38.36 119.55 77.05
CA VAL O 482 -37.01 119.89 76.57
C VAL O 482 -36.94 119.72 75.05
N ALA O 483 -37.55 118.64 74.55
CA ALA O 483 -37.66 118.38 73.11
C ALA O 483 -38.48 119.45 72.38
N LEU O 484 -39.48 120.02 73.06
CA LEU O 484 -40.26 121.14 72.51
C LEU O 484 -39.43 122.43 72.38
N CYS O 485 -38.52 122.66 73.33
CA CYS O 485 -37.59 123.80 73.27
C CYS O 485 -36.61 123.70 72.11
N LEU O 486 -35.96 122.53 71.99
CA LEU O 486 -35.03 122.25 70.87
C LEU O 486 -35.72 122.38 69.51
N ALA O 487 -36.94 121.86 69.41
CA ALA O 487 -37.76 121.98 68.20
C ALA O 487 -37.84 123.43 67.71
N VAL O 488 -38.12 124.36 68.64
CA VAL O 488 -38.19 125.80 68.34
C VAL O 488 -36.82 126.37 67.92
N ALA O 489 -35.76 125.95 68.61
CA ALA O 489 -34.40 126.44 68.36
C ALA O 489 -33.84 126.04 66.98
N PHE O 490 -34.08 124.79 66.57
CA PHE O 490 -33.69 124.33 65.23
C PHE O 490 -34.43 125.09 64.14
N LYS O 491 -35.76 125.16 64.29
CA LYS O 491 -36.65 125.90 63.37
C LYS O 491 -36.23 127.38 63.21
N SER O 492 -35.83 128.01 64.31
CA SER O 492 -35.44 129.42 64.34
C SER O 492 -33.98 129.71 63.88
N LYS O 493 -33.28 128.72 63.34
CA LYS O 493 -31.92 128.89 62.80
C LYS O 493 -30.92 129.29 63.90
N ALA O 494 -30.89 128.50 64.96
CA ALA O 494 -30.03 128.78 66.12
C ALA O 494 -28.62 128.23 65.94
N THR O 495 -27.69 128.77 66.73
CA THR O 495 -26.28 128.36 66.71
C THR O 495 -26.04 127.14 67.64
N ASN O 496 -24.85 126.55 67.54
CA ASN O 496 -24.46 125.39 68.37
C ASN O 496 -24.45 125.72 69.88
N ASP O 497 -23.99 126.93 70.20
CA ASP O 497 -23.96 127.45 71.59
C ASP O 497 -25.33 127.40 72.26
N GLU O 498 -26.36 127.80 71.51
CA GLU O 498 -27.73 127.87 72.02
C GLU O 498 -28.36 126.49 72.21
N ILE O 499 -28.12 125.58 71.27
CA ILE O 499 -28.62 124.19 71.38
C ILE O 499 -27.94 123.46 72.55
N PHE O 500 -26.64 123.65 72.71
CA PHE O 500 -25.89 123.10 73.85
C PHE O 500 -26.39 123.65 75.18
N SER O 501 -26.74 124.95 75.19
CA SER O 501 -27.30 125.61 76.38
C SER O 501 -28.67 125.05 76.79
N ILE O 502 -29.52 124.77 75.81
CA ILE O 502 -30.86 124.19 76.04
C ILE O 502 -30.79 122.77 76.66
N LEU O 503 -29.73 122.03 76.31
CA LEU O 503 -29.54 120.66 76.84
C LEU O 503 -29.08 120.59 78.30
N LYS O 504 -28.83 121.74 78.95
CA LYS O 504 -28.50 121.78 80.37
C LYS O 504 -29.67 121.28 81.23
N ASP O 505 -30.91 121.68 80.87
CA ASP O 505 -32.12 121.31 81.62
C ASP O 505 -32.64 119.91 81.28
N VAL O 506 -31.94 118.87 81.75
CA VAL O 506 -32.33 117.48 81.49
C VAL O 506 -32.06 116.61 82.73
N PRO O 507 -33.10 115.90 83.26
CA PRO O 507 -32.89 115.04 84.43
C PRO O 507 -32.15 113.73 84.11
N ASN O 508 -31.14 113.40 84.93
CA ASN O 508 -30.31 112.20 84.76
C ASN O 508 -30.80 111.03 85.64
N PRO O 509 -31.15 109.87 85.01
CA PRO O 509 -31.42 108.66 85.79
C PRO O 509 -30.16 107.84 86.06
N ASN O 522 -24.98 111.09 80.71
CA ASN O 522 -26.41 111.40 80.61
C ASN O 522 -27.03 110.88 79.29
N PRO O 523 -27.70 109.72 79.33
CA PRO O 523 -28.29 109.14 78.10
C PRO O 523 -29.55 109.86 77.57
N LEU O 524 -30.21 110.66 78.41
CA LEU O 524 -31.42 111.37 78.00
C LEU O 524 -31.12 112.67 77.23
N LYS O 525 -29.91 113.24 77.41
CA LYS O 525 -29.47 114.38 76.59
C LYS O 525 -29.35 114.03 75.11
N ILE O 526 -28.76 112.87 74.85
CA ILE O 526 -28.61 112.34 73.50
C ILE O 526 -29.98 111.97 72.91
N GLU O 527 -30.79 111.30 73.70
CA GLU O 527 -32.13 110.86 73.27
C GLU O 527 -33.00 112.01 72.76
N VAL O 528 -33.10 113.09 73.54
CA VAL O 528 -33.89 114.27 73.13
C VAL O 528 -33.24 115.09 71.99
N PHE O 529 -31.91 115.05 71.89
CA PHE O 529 -31.21 115.75 70.80
C PHE O 529 -31.32 115.02 69.47
N VAL O 530 -31.04 113.71 69.47
CA VAL O 530 -31.03 112.92 68.24
C VAL O 530 -32.45 112.81 67.66
N GLN O 531 -33.41 112.41 68.49
CA GLN O 531 -34.83 112.29 68.09
C GLN O 531 -35.36 113.54 67.38
N THR O 532 -35.04 114.71 67.94
CA THR O 532 -35.54 115.99 67.44
C THR O 532 -34.86 116.44 66.15
N LEU O 533 -33.53 116.29 66.09
CA LEU O 533 -32.76 116.72 64.91
C LEU O 533 -33.04 115.85 63.69
N LEU O 534 -33.17 114.54 63.89
CA LEU O 534 -33.48 113.60 62.80
C LEU O 534 -34.94 113.70 62.33
N HIS O 535 -35.86 113.94 63.25
CA HIS O 535 -37.27 114.20 62.91
C HIS O 535 -37.42 115.44 62.00
N LEU O 536 -36.75 116.52 62.37
CA LEU O 536 -36.82 117.78 61.59
C LEU O 536 -36.02 117.76 60.30
N ALA O 537 -35.11 116.79 60.14
CA ALA O 537 -34.37 116.61 58.89
C ALA O 537 -34.72 115.29 58.18
N ALA O 538 -35.92 114.76 58.44
CA ALA O 538 -36.37 113.46 57.90
C ALA O 538 -36.86 113.49 56.45
N LYS O 539 -36.80 114.66 55.81
CA LYS O 539 -37.39 114.85 54.48
C LYS O 539 -36.58 114.13 53.39
N SER O 540 -35.25 114.17 53.50
CA SER O 540 -34.36 113.49 52.55
C SER O 540 -33.01 113.15 53.17
N PHE O 541 -32.16 112.49 52.39
CA PHE O 541 -30.77 112.23 52.78
C PHE O 541 -29.95 113.52 52.86
N SER O 542 -30.15 114.44 51.92
CA SER O 542 -29.43 115.73 51.93
C SER O 542 -29.76 116.61 53.15
N HIS O 543 -31.02 116.59 53.58
CA HIS O 543 -31.43 117.32 54.79
C HIS O 543 -30.82 116.71 56.05
N SER O 544 -30.92 115.39 56.18
CA SER O 544 -30.29 114.66 57.29
C SER O 544 -28.76 114.82 57.31
N PHE O 545 -28.12 114.87 56.14
CA PHE O 545 -26.67 115.14 56.05
C PHE O 545 -26.32 116.57 56.40
N SER O 546 -27.19 117.52 56.04
CA SER O 546 -26.99 118.92 56.43
C SER O 546 -27.14 119.12 57.95
N ALA O 547 -28.04 118.35 58.57
CA ALA O 547 -28.24 118.39 60.03
C ALA O 547 -27.01 117.93 60.80
N LEU O 548 -26.42 116.79 60.40
CA LEU O 548 -25.20 116.27 61.05
C LEU O 548 -24.03 117.24 60.89
N ALA O 549 -23.91 117.87 59.74
CA ALA O 549 -22.83 118.83 59.48
C ALA O 549 -22.99 120.12 60.27
N LYS O 550 -24.22 120.63 60.35
CA LYS O 550 -24.50 121.92 61.02
C LYS O 550 -24.29 121.83 62.53
N PHE O 551 -24.78 120.75 63.15
CA PHE O 551 -24.62 120.52 64.59
C PHE O 551 -23.63 119.38 64.89
N HIS O 552 -22.51 119.41 64.14
CA HIS O 552 -21.43 118.43 64.26
C HIS O 552 -20.78 118.49 65.64
N GLU O 553 -20.57 119.71 66.12
CA GLU O 553 -19.91 119.96 67.39
C GLU O 553 -20.76 119.51 68.59
N VAL O 554 -22.08 119.61 68.48
CA VAL O 554 -22.98 119.12 69.53
C VAL O 554 -22.95 117.59 69.59
N PHE O 555 -22.88 116.94 68.42
CA PHE O 555 -22.74 115.48 68.34
C PHE O 555 -21.43 114.98 68.95
N LYS O 556 -20.32 115.61 68.57
CA LYS O 556 -18.98 115.24 69.07
C LYS O 556 -18.86 115.36 70.60
N THR O 557 -19.48 116.39 71.17
CA THR O 557 -19.48 116.58 72.62
C THR O 557 -20.33 115.54 73.33
N LEU O 558 -21.52 115.28 72.79
CA LEU O 558 -22.44 114.29 73.37
C LEU O 558 -21.95 112.84 73.27
N ALA O 559 -21.11 112.53 72.27
CA ALA O 559 -20.67 111.16 72.01
C ALA O 559 -19.16 111.01 71.91
N GLU O 560 -18.43 111.68 72.80
CA GLU O 560 -16.98 111.46 72.91
C GLU O 560 -16.69 110.25 73.80
N SER O 561 -17.59 109.99 74.74
CA SER O 561 -17.61 108.74 75.51
C SER O 561 -17.88 107.54 74.60
N ASP O 562 -17.29 106.37 74.91
CA ASP O 562 -17.59 105.13 74.19
C ASP O 562 -19.05 104.71 74.36
N GLU O 563 -19.57 104.80 75.58
CA GLU O 563 -20.99 104.51 75.83
C GLU O 563 -21.92 105.62 75.30
N GLY O 564 -21.38 106.82 75.09
CA GLY O 564 -22.07 107.88 74.36
C GLY O 564 -22.24 107.60 72.87
N LYS O 565 -21.23 107.01 72.25
CA LYS O 565 -21.32 106.58 70.84
C LYS O 565 -22.39 105.51 70.69
N LEU O 566 -22.29 104.45 71.50
CA LEU O 566 -23.27 103.35 71.51
C LEU O 566 -24.72 103.82 71.65
N HIS O 567 -24.93 104.88 72.42
CA HIS O 567 -26.29 105.40 72.66
C HIS O 567 -26.79 106.24 71.47
N VAL O 568 -25.90 106.97 70.79
CA VAL O 568 -26.28 107.71 69.56
C VAL O 568 -26.77 106.74 68.49
N LEU O 569 -26.10 105.59 68.35
CA LEU O 569 -26.52 104.55 67.42
C LEU O 569 -27.84 103.90 67.85
N ARG O 570 -27.99 103.62 69.15
CA ARG O 570 -29.23 103.04 69.68
C ARG O 570 -30.45 103.94 69.46
N VAL O 571 -30.31 105.25 69.67
CA VAL O 571 -31.41 106.20 69.47
C VAL O 571 -31.73 106.35 67.99
N MET O 572 -30.69 106.64 67.20
CA MET O 572 -30.79 106.75 65.73
C MET O 572 -31.48 105.54 65.08
N PHE O 573 -31.24 104.34 65.62
CA PHE O 573 -31.97 103.14 65.18
C PHE O 573 -33.47 103.23 65.49
N GLU O 574 -33.80 103.59 66.73
CA GLU O 574 -35.21 103.70 67.17
C GLU O 574 -36.02 104.76 66.40
N VAL O 575 -35.33 105.78 65.88
CA VAL O 575 -35.97 106.76 64.99
C VAL O 575 -36.22 106.15 63.61
N TRP O 576 -35.21 105.48 63.06
CA TRP O 576 -35.22 105.05 61.66
C TRP O 576 -35.28 103.55 61.42
N ARG O 577 -35.76 102.77 62.39
CA ARG O 577 -35.85 101.31 62.22
C ARG O 577 -36.75 100.84 61.06
N ASN O 578 -37.64 101.70 60.60
CA ASN O 578 -38.44 101.43 59.39
C ASN O 578 -37.72 101.75 58.06
N HIS O 579 -36.62 102.52 58.12
CA HIS O 579 -35.89 102.93 56.91
C HIS O 579 -34.42 102.49 56.93
N PRO O 580 -34.17 101.15 56.84
CA PRO O 580 -32.82 100.58 56.79
C PRO O 580 -31.78 101.34 55.95
N GLN O 581 -32.18 101.87 54.81
CA GLN O 581 -31.25 102.60 53.95
C GLN O 581 -30.74 103.88 54.64
N MET O 582 -31.63 104.58 55.35
CA MET O 582 -31.26 105.79 56.09
C MET O 582 -30.30 105.48 57.23
N ILE O 583 -30.56 104.38 57.95
CA ILE O 583 -29.65 103.92 58.99
C ILE O 583 -28.24 103.78 58.42
N ALA O 584 -28.15 103.07 57.30
CA ALA O 584 -26.87 102.77 56.65
C ALA O 584 -26.11 104.02 56.22
N VAL O 585 -26.77 104.95 55.57
CA VAL O 585 -26.11 106.18 55.12
C VAL O 585 -25.79 107.16 56.28
N LEU O 586 -26.52 107.05 57.39
CA LEU O 586 -26.23 107.88 58.57
C LEU O 586 -25.01 107.33 59.31
N VAL O 587 -25.04 106.04 59.61
CA VAL O 587 -23.90 105.33 60.23
C VAL O 587 -22.62 105.61 59.46
N ASP O 588 -22.72 105.63 58.13
CA ASP O 588 -21.60 105.96 57.26
C ASP O 588 -21.07 107.38 57.51
N LYS O 589 -21.98 108.36 57.54
CA LYS O 589 -21.58 109.76 57.73
C LYS O 589 -21.04 109.97 59.15
N MET O 590 -21.65 109.30 60.13
CA MET O 590 -21.21 109.40 61.51
C MET O 590 -19.78 108.85 61.70
N ILE O 591 -19.44 107.78 60.99
CA ILE O 591 -18.07 107.25 61.00
C ILE O 591 -17.10 108.18 60.27
N ARG O 592 -17.52 108.72 59.13
CA ARG O 592 -16.66 109.60 58.33
C ARG O 592 -16.31 110.93 59.01
N THR O 593 -17.24 111.46 59.80
CA THR O 593 -17.03 112.72 60.52
C THR O 593 -16.66 112.51 62.01
N GLN O 594 -16.41 111.26 62.38
CA GLN O 594 -15.93 110.85 63.71
C GLN O 594 -16.91 111.08 64.86
N ILE O 595 -18.21 111.16 64.55
CA ILE O 595 -19.25 111.16 65.60
C ILE O 595 -19.12 109.86 66.37
N VAL O 596 -19.05 108.75 65.63
CA VAL O 596 -18.73 107.43 66.20
C VAL O 596 -17.48 106.85 65.52
N ASP O 597 -17.03 105.72 66.02
CA ASP O 597 -15.92 104.97 65.41
C ASP O 597 -16.36 103.56 65.05
N CYS O 598 -15.53 102.88 64.25
CA CYS O 598 -15.86 101.55 63.76
C CYS O 598 -16.14 100.54 64.86
N ALA O 599 -15.41 100.65 65.97
CA ALA O 599 -15.60 99.76 67.12
C ALA O 599 -16.98 99.89 67.74
N ALA O 600 -17.47 101.13 67.86
CA ALA O 600 -18.82 101.39 68.37
C ALA O 600 -19.87 100.70 67.50
N VAL O 601 -19.73 100.88 66.18
CA VAL O 601 -20.66 100.31 65.21
C VAL O 601 -20.62 98.78 65.21
N ALA O 602 -19.44 98.21 65.42
CA ALA O 602 -19.29 96.76 65.52
C ALA O 602 -20.07 96.19 66.71
N ASN O 603 -19.86 96.77 67.89
CA ASN O 603 -20.59 96.35 69.11
C ASN O 603 -22.10 96.54 68.97
N TRP O 604 -22.48 97.71 68.46
CA TRP O 604 -23.88 98.05 68.19
C TRP O 604 -24.61 97.01 67.31
N ILE O 605 -23.91 96.42 66.35
CA ILE O 605 -24.49 95.42 65.44
C ILE O 605 -24.76 94.10 66.15
N PHE O 606 -23.85 93.68 67.02
CA PHE O 606 -24.05 92.46 67.81
C PHE O 606 -24.84 92.67 69.10
N SER O 607 -25.25 93.91 69.39
CA SER O 607 -26.06 94.21 70.59
C SER O 607 -27.48 93.64 70.49
N SER O 608 -28.19 93.69 71.61
CA SER O 608 -29.54 93.12 71.71
C SER O 608 -30.62 93.96 70.99
N GLU O 609 -30.37 95.25 70.77
CA GLU O 609 -31.33 96.13 70.06
C GLU O 609 -31.54 95.74 68.60
N LEU O 610 -30.52 95.16 67.98
CA LEU O 610 -30.58 94.62 66.61
C LEU O 610 -30.68 93.08 66.60
N SER O 611 -31.18 92.49 67.69
CA SER O 611 -31.27 91.04 67.82
C SER O 611 -32.37 90.46 66.95
N ARG O 612 -33.49 91.19 66.87
CA ARG O 612 -34.62 90.82 65.99
C ARG O 612 -34.29 90.96 64.51
N ASP O 613 -33.47 91.96 64.18
CA ASP O 613 -33.11 92.28 62.78
C ASP O 613 -31.72 91.74 62.36
N PHE O 614 -31.16 90.82 63.14
CA PHE O 614 -29.78 90.33 62.96
C PHE O 614 -29.59 89.52 61.68
N THR O 615 -30.63 88.76 61.30
CA THR O 615 -30.62 87.98 60.06
C THR O 615 -30.89 88.80 58.80
N ARG O 616 -31.39 90.02 58.94
CA ARG O 616 -31.69 90.89 57.81
C ARG O 616 -30.40 91.41 57.16
N LEU O 617 -30.48 91.73 55.87
CA LEU O 617 -29.29 92.09 55.08
C LEU O 617 -28.64 93.39 55.51
N PHE O 618 -29.45 94.43 55.72
CA PHE O 618 -28.92 95.78 55.99
C PHE O 618 -27.91 95.85 57.14
N VAL O 619 -28.08 94.99 58.15
CA VAL O 619 -27.12 94.87 59.25
C VAL O 619 -25.72 94.61 58.68
N TRP O 620 -25.63 93.62 57.81
CA TRP O 620 -24.35 93.18 57.26
C TRP O 620 -23.83 94.11 56.16
N GLU O 621 -24.71 94.83 55.49
CA GLU O 621 -24.30 95.94 54.63
C GLU O 621 -23.54 96.98 55.46
N ILE O 622 -24.09 97.31 56.63
CA ILE O 622 -23.52 98.33 57.51
C ILE O 622 -22.19 97.85 58.10
N LEU O 623 -22.14 96.58 58.52
CA LEU O 623 -20.89 96.03 59.04
C LEU O 623 -19.80 96.06 57.98
N HIS O 624 -20.10 95.56 56.78
CA HIS O 624 -19.10 95.46 55.72
C HIS O 624 -18.68 96.84 55.22
N SER O 625 -19.62 97.77 55.15
CA SER O 625 -19.32 99.14 54.76
C SER O 625 -18.34 99.73 55.78
N THR O 626 -18.65 99.51 57.06
CA THR O 626 -17.81 99.94 58.16
C THR O 626 -16.40 99.35 58.05
N ILE O 627 -16.30 98.03 57.85
CA ILE O 627 -15.00 97.35 57.67
C ILE O 627 -14.24 97.94 56.48
N ARG O 628 -14.94 98.24 55.37
CA ARG O 628 -14.31 98.83 54.17
C ARG O 628 -13.69 100.20 54.43
N LYS O 629 -14.43 101.07 55.14
CA LYS O 629 -13.92 102.41 55.50
C LYS O 629 -12.61 102.26 56.31
N MET O 630 -12.61 101.31 57.24
CA MET O 630 -11.42 100.99 58.03
C MET O 630 -10.27 100.54 57.15
N ASN O 631 -10.53 99.61 56.24
CA ASN O 631 -9.48 99.07 55.39
C ASN O 631 -8.92 100.11 54.41
N LYS O 632 -9.77 101.01 53.94
CA LYS O 632 -9.34 102.09 53.03
C LYS O 632 -8.54 103.16 53.76
N HIS O 633 -8.94 103.46 54.99
CA HIS O 633 -8.20 104.37 55.86
C HIS O 633 -6.74 103.90 56.06
N VAL O 634 -6.55 102.60 56.29
CA VAL O 634 -5.22 102.02 56.43
C VAL O 634 -4.46 102.15 55.11
N LEU O 635 -5.12 101.83 54.00
CA LEU O 635 -4.50 101.87 52.68
C LEU O 635 -4.02 103.26 52.30
N LYS O 636 -4.84 104.28 52.59
CA LYS O 636 -4.47 105.67 52.28
C LYS O 636 -3.23 106.12 53.08
N ILE O 637 -3.20 105.79 54.38
CA ILE O 637 -2.05 106.10 55.22
C ILE O 637 -0.82 105.31 54.72
N GLN O 638 -1.03 104.07 54.26
CA GLN O 638 0.07 103.25 53.72
C GLN O 638 0.66 103.78 52.43
N LYS O 639 -0.16 104.41 51.59
CA LYS O 639 0.31 104.98 50.31
C LYS O 639 0.93 106.38 50.47
N GLU O 640 0.48 107.14 51.46
CA GLU O 640 1.19 108.38 51.85
C GLU O 640 2.62 108.06 52.35
N LEU O 641 2.79 106.88 52.94
CA LEU O 641 4.11 106.40 53.37
C LEU O 641 5.03 106.07 52.19
N GLU O 642 4.56 105.30 51.23
CA GLU O 642 5.40 104.94 50.06
C GLU O 642 5.61 106.10 49.07
N GLU O 643 4.65 107.03 48.99
CA GLU O 643 4.84 108.26 48.22
C GLU O 643 5.87 109.21 48.86
N ALA O 644 6.09 109.07 50.16
CA ALA O 644 7.16 109.80 50.86
C ALA O 644 8.52 109.10 50.71
N LYS O 645 8.54 107.76 50.78
CA LYS O 645 9.78 106.97 50.62
C LYS O 645 10.33 106.99 49.19
N GLU O 646 9.44 106.98 48.19
CA GLU O 646 9.83 107.17 46.78
C GLU O 646 10.34 108.59 46.51
N LYS O 647 9.77 109.60 47.19
CA LYS O 647 10.28 110.98 47.14
C LYS O 647 11.69 111.10 47.76
N LEU O 648 11.98 110.28 48.77
CA LEU O 648 13.33 110.19 49.35
C LEU O 648 14.34 109.55 48.38
N ALA O 649 13.92 108.50 47.68
CA ALA O 649 14.79 107.78 46.73
C ALA O 649 15.16 108.62 45.50
N ARG O 650 14.21 109.42 44.99
CA ARG O 650 14.47 110.35 43.87
C ARG O 650 15.47 111.45 44.25
N GLN O 651 15.33 111.97 45.47
CA GLN O 651 16.21 113.04 45.97
C GLN O 651 17.64 112.53 46.23
N HIS O 652 17.78 111.24 46.57
CA HIS O 652 19.09 110.57 46.67
C HIS O 652 19.46 109.92 45.33
N VAL O 669 14.54 116.54 57.17
CA VAL O 669 13.15 116.82 57.53
C VAL O 669 12.21 115.78 56.93
N LEU O 670 12.41 115.43 55.65
CA LEU O 670 11.59 114.44 54.96
C LEU O 670 11.71 113.04 55.57
N GLU O 671 12.89 112.69 56.05
CA GLU O 671 13.11 111.38 56.69
C GLU O 671 12.44 111.28 58.08
N GLU O 672 12.22 112.43 58.73
CA GLU O 672 11.45 112.50 59.98
C GLU O 672 9.94 112.49 59.76
N GLN O 673 9.47 112.91 58.57
CA GLN O 673 8.07 112.71 58.16
C GLN O 673 7.76 111.21 57.93
N ILE O 674 8.74 110.46 57.44
CA ILE O 674 8.62 109.00 57.27
C ILE O 674 8.49 108.28 58.62
N GLU O 675 9.25 108.71 59.62
CA GLU O 675 9.10 108.17 60.98
C GLU O 675 7.71 108.45 61.57
N ARG O 676 7.13 109.60 61.24
CA ARG O 676 5.77 109.93 61.68
C ARG O 676 4.70 109.05 60.98
N LEU O 677 4.84 108.88 59.66
CA LEU O 677 3.89 108.06 58.90
C LEU O 677 3.93 106.57 59.25
N GLN O 678 5.12 106.02 59.51
CA GLN O 678 5.25 104.64 60.02
C GLN O 678 4.54 104.45 61.36
N GLU O 679 4.49 105.49 62.17
CA GLU O 679 3.74 105.49 63.44
C GLU O 679 2.22 105.53 63.19
N LYS O 680 1.78 106.37 62.24
CA LYS O 680 0.36 106.47 61.88
C LYS O 680 -0.17 105.17 61.26
N VAL O 681 0.64 104.54 60.41
CA VAL O 681 0.32 103.22 59.84
C VAL O 681 0.08 102.20 60.94
N GLU O 682 0.99 102.15 61.89
CA GLU O 682 0.93 101.16 62.98
C GLU O 682 -0.27 101.41 63.89
N SER O 683 -0.59 102.67 64.14
CA SER O 683 -1.78 103.00 64.94
C SER O 683 -3.05 102.65 64.16
N ALA O 684 -3.04 102.91 62.84
CA ALA O 684 -4.17 102.58 61.97
C ALA O 684 -4.37 101.07 61.84
N GLN O 685 -3.28 100.35 61.56
CA GLN O 685 -3.28 98.89 61.52
C GLN O 685 -3.70 98.28 62.84
N SER O 686 -3.37 98.94 63.94
CA SER O 686 -3.80 98.50 65.26
C SER O 686 -5.30 98.65 65.41
N GLU O 687 -5.82 99.82 65.01
CA GLU O 687 -7.26 100.07 65.04
C GLU O 687 -8.02 99.05 64.17
N GLN O 688 -7.47 98.77 62.98
CA GLN O 688 -8.00 97.79 62.05
C GLN O 688 -8.06 96.39 62.67
N LYS O 689 -6.96 95.96 63.26
CA LYS O 689 -6.88 94.64 63.89
C LYS O 689 -7.91 94.48 64.98
N ASN O 690 -8.07 95.53 65.79
CA ASN O 690 -9.01 95.48 66.91
C ASN O 690 -10.45 95.38 66.45
N LEU O 691 -10.77 96.02 65.32
CA LEU O 691 -12.09 95.93 64.73
C LEU O 691 -12.46 94.50 64.35
N PHE O 692 -11.51 93.76 63.80
CA PHE O 692 -11.71 92.35 63.48
C PHE O 692 -11.79 91.48 64.72
N LEU O 693 -10.91 91.74 65.69
CA LEU O 693 -10.90 90.99 66.95
C LEU O 693 -12.20 91.19 67.73
N VAL O 694 -12.71 92.42 67.75
CA VAL O 694 -14.04 92.69 68.31
C VAL O 694 -15.05 91.80 67.59
N ILE O 695 -15.13 91.92 66.27
CA ILE O 695 -16.14 91.21 65.48
C ILE O 695 -16.06 89.71 65.71
N PHE O 696 -14.87 89.12 65.65
CA PHE O 696 -14.74 87.68 65.85
C PHE O 696 -15.15 87.25 67.26
N GLN O 697 -14.76 88.02 68.27
CA GLN O 697 -15.15 87.75 69.67
C GLN O 697 -16.66 87.65 69.84
N ARG O 698 -17.38 88.58 69.23
CA ARG O 698 -18.82 88.66 69.37
C ARG O 698 -19.48 87.48 68.64
N PHE O 699 -18.91 87.08 67.50
CA PHE O 699 -19.37 85.87 66.79
C PHE O 699 -19.18 84.63 67.66
N ILE O 700 -17.97 84.46 68.18
CA ILE O 700 -17.65 83.30 69.01
C ILE O 700 -18.53 83.24 70.26
N MET O 701 -18.84 84.41 70.83
CA MET O 701 -19.71 84.51 72.00
C MET O 701 -21.12 84.03 71.66
N ILE O 702 -21.78 84.69 70.69
CA ILE O 702 -23.20 84.37 70.38
C ILE O 702 -23.39 83.01 69.71
N LEU O 703 -22.36 82.50 69.03
CA LEU O 703 -22.39 81.14 68.49
C LEU O 703 -22.25 80.09 69.59
N THR O 704 -21.33 80.35 70.53
CA THR O 704 -21.15 79.49 71.72
C THR O 704 -22.43 79.47 72.57
N GLU O 705 -22.98 80.65 72.83
CA GLU O 705 -24.26 80.82 73.56
C GLU O 705 -25.44 80.02 72.96
N HIS O 706 -25.44 79.84 71.64
CA HIS O 706 -26.42 79.01 70.93
C HIS O 706 -26.11 77.52 71.09
N LEU O 707 -24.86 77.14 70.84
CA LEU O 707 -24.43 75.73 70.88
C LEU O 707 -24.52 75.10 72.27
N VAL O 708 -24.27 75.89 73.31
CA VAL O 708 -24.43 75.45 74.71
C VAL O 708 -25.92 75.23 75.03
N ARG O 709 -26.77 76.22 74.72
CA ARG O 709 -28.21 76.09 74.97
C ARG O 709 -28.91 75.00 74.14
N CYS O 710 -28.33 74.64 72.99
CA CYS O 710 -28.88 73.56 72.16
C CYS O 710 -28.67 72.16 72.74
N GLU O 711 -27.48 71.88 73.27
CA GLU O 711 -27.24 70.60 73.94
C GLU O 711 -27.87 70.54 75.34
N THR O 712 -27.98 71.69 76.03
CA THR O 712 -28.67 71.78 77.32
C THR O 712 -30.17 71.49 77.17
N ASP O 713 -30.83 72.17 76.23
CA ASP O 713 -32.26 71.97 75.97
C ASP O 713 -32.59 70.79 75.02
N GLY O 714 -31.57 70.14 74.47
CA GLY O 714 -31.76 68.99 73.55
C GLY O 714 -32.32 69.32 72.17
N THR O 715 -32.37 70.61 71.81
CA THR O 715 -32.99 71.07 70.56
C THR O 715 -32.05 70.82 69.37
N SER O 716 -32.55 71.12 68.16
CA SER O 716 -31.74 71.05 66.95
C SER O 716 -30.72 72.20 66.90
N VAL O 717 -29.52 71.88 66.45
CA VAL O 717 -28.43 72.85 66.31
C VAL O 717 -28.68 73.71 65.07
N LEU O 718 -28.95 73.05 63.95
CA LEU O 718 -28.99 73.67 62.63
C LEU O 718 -30.31 74.41 62.36
N THR O 719 -30.56 75.48 63.11
CA THR O 719 -31.75 76.33 62.94
C THR O 719 -31.53 77.31 61.78
N PRO O 720 -32.58 78.06 61.38
CA PRO O 720 -32.37 79.17 60.44
C PRO O 720 -31.46 80.29 60.96
N TRP O 721 -31.60 80.68 62.24
CA TRP O 721 -30.74 81.71 62.84
C TRP O 721 -29.27 81.32 62.82
N TYR O 722 -28.98 80.06 63.15
CA TYR O 722 -27.60 79.55 63.15
C TYR O 722 -26.98 79.55 61.75
N LYS O 723 -27.76 79.14 60.75
CA LYS O 723 -27.30 79.11 59.36
C LYS O 723 -26.80 80.48 58.93
N ASN O 724 -27.62 81.51 59.18
CA ASN O 724 -27.22 82.90 58.94
C ASN O 724 -25.90 83.21 59.66
N CYS O 725 -25.92 83.08 60.99
CA CYS O 725 -24.80 83.52 61.81
C CYS O 725 -23.45 82.86 61.47
N ILE O 726 -23.43 81.53 61.40
CA ILE O 726 -22.18 80.80 61.07
C ILE O 726 -21.64 81.17 59.67
N GLU O 727 -22.54 81.43 58.73
CA GLU O 727 -22.16 81.82 57.36
C GLU O 727 -21.79 83.31 57.23
N ARG O 728 -22.34 84.16 58.08
CA ARG O 728 -21.89 85.57 58.18
C ARG O 728 -20.49 85.68 58.81
N LEU O 729 -20.15 84.77 59.72
CA LEU O 729 -18.77 84.65 60.21
C LEU O 729 -17.86 84.25 59.05
N GLN O 730 -18.23 83.15 58.40
CA GLN O 730 -17.56 82.67 57.18
C GLN O 730 -17.38 83.78 56.13
N GLN O 731 -18.38 84.66 56.00
CA GLN O 731 -18.33 85.80 55.08
C GLN O 731 -17.19 86.77 55.39
N ILE O 732 -16.99 87.06 56.67
CA ILE O 732 -15.93 87.98 57.12
C ILE O 732 -14.58 87.47 56.62
N PHE O 733 -14.31 86.18 56.84
CA PHE O 733 -13.08 85.55 56.35
C PHE O 733 -12.91 85.63 54.83
N LEU O 734 -13.99 85.38 54.09
CA LEU O 734 -13.96 85.40 52.63
C LEU O 734 -13.72 86.81 52.10
N GLN O 735 -14.49 87.78 52.59
CA GLN O 735 -14.35 89.16 52.14
C GLN O 735 -12.97 89.74 52.38
N HIS O 736 -12.32 89.36 53.50
CA HIS O 736 -11.09 90.02 53.94
C HIS O 736 -9.93 89.07 54.22
N HIS O 737 -9.89 87.92 53.55
CA HIS O 737 -8.89 86.89 53.85
C HIS O 737 -7.45 87.40 53.84
N GLN O 738 -7.11 88.33 52.93
CA GLN O 738 -5.71 88.76 52.84
C GLN O 738 -5.28 89.62 54.02
N ILE O 739 -6.19 90.44 54.51
CA ILE O 739 -5.95 91.21 55.74
C ILE O 739 -5.95 90.31 56.99
N ILE O 740 -6.94 89.43 57.10
CA ILE O 740 -7.03 88.55 58.27
C ILE O 740 -5.82 87.59 58.39
N GLN O 741 -5.21 87.21 57.25
CA GLN O 741 -3.94 86.45 57.25
C GLN O 741 -2.83 87.09 58.09
N GLN O 742 -2.82 88.42 58.21
CA GLN O 742 -1.85 89.11 59.07
C GLN O 742 -2.02 88.80 60.57
N TYR O 743 -3.20 88.31 60.97
CA TYR O 743 -3.54 88.08 62.37
C TYR O 743 -3.50 86.58 62.79
N MET O 744 -2.77 85.74 62.07
CA MET O 744 -2.83 84.27 62.29
C MET O 744 -2.39 83.86 63.69
N VAL O 745 -1.29 84.45 64.15
CA VAL O 745 -0.72 84.12 65.45
C VAL O 745 -1.69 84.51 66.57
N THR O 746 -2.18 85.74 66.55
CA THR O 746 -3.16 86.20 67.54
C THR O 746 -4.45 85.37 67.50
N LEU O 747 -4.90 85.00 66.31
CA LEU O 747 -6.16 84.25 66.16
C LEU O 747 -6.03 82.78 66.61
N GLU O 748 -4.89 82.14 66.33
CA GLU O 748 -4.64 80.76 66.77
C GLU O 748 -4.50 80.66 68.29
N ASN O 749 -3.77 81.61 68.88
CA ASN O 749 -3.49 81.59 70.32
C ASN O 749 -4.67 82.04 71.21
N LEU O 750 -5.32 83.15 70.83
CA LEU O 750 -6.27 83.82 71.73
C LEU O 750 -7.76 83.66 71.43
N LEU O 751 -8.14 83.41 70.18
CA LEU O 751 -9.57 83.36 69.80
C LEU O 751 -10.01 82.01 69.23
N PHE O 752 -9.41 81.60 68.13
CA PHE O 752 -9.77 80.33 67.48
C PHE O 752 -8.83 79.23 67.92
N THR O 753 -9.07 78.76 69.14
CA THR O 753 -8.26 77.74 69.82
C THR O 753 -8.96 76.39 69.82
N ALA O 754 -8.23 75.35 70.21
CA ALA O 754 -8.78 73.99 70.31
C ALA O 754 -9.95 73.86 71.32
N GLU O 755 -10.00 74.74 72.32
CA GLU O 755 -11.11 74.77 73.30
C GLU O 755 -12.51 75.01 72.72
N LEU O 756 -12.60 75.62 71.54
CA LEU O 756 -13.89 75.95 70.92
C LEU O 756 -14.62 74.76 70.34
N ASP O 757 -15.94 74.88 70.29
CA ASP O 757 -16.82 73.90 69.66
C ASP O 757 -16.39 73.73 68.19
N PRO O 758 -16.14 72.48 67.74
CA PRO O 758 -15.56 72.29 66.39
C PRO O 758 -16.39 72.85 65.22
N HIS O 759 -17.68 73.11 65.46
CA HIS O 759 -18.52 73.90 64.55
C HIS O 759 -17.93 75.29 64.26
N ILE O 760 -17.59 76.04 65.31
CA ILE O 760 -16.99 77.37 65.18
C ILE O 760 -15.54 77.29 64.67
N LEU O 761 -14.75 76.35 65.20
CA LEU O 761 -13.35 76.19 64.77
C LEU O 761 -13.20 75.73 63.31
N ALA O 762 -14.20 75.02 62.78
CA ALA O 762 -14.18 74.58 61.37
C ALA O 762 -14.05 75.76 60.38
N VAL O 763 -14.76 76.85 60.66
CA VAL O 763 -14.73 78.06 59.84
C VAL O 763 -13.32 78.63 59.76
N PHE O 764 -12.62 78.63 60.90
CA PHE O 764 -11.24 79.12 60.97
C PHE O 764 -10.26 78.18 60.27
N GLN O 765 -10.42 76.88 60.45
CA GLN O 765 -9.58 75.88 59.75
C GLN O 765 -9.83 75.88 58.24
N GLN O 766 -11.07 76.20 57.85
CA GLN O 766 -11.42 76.42 56.44
C GLN O 766 -10.65 77.62 55.88
N PHE O 767 -10.74 78.75 56.57
CA PHE O 767 -9.97 79.95 56.22
C PHE O 767 -8.44 79.68 56.12
N CYS O 768 -7.89 78.94 57.08
CA CYS O 768 -6.49 78.46 57.01
C CYS O 768 -6.17 77.80 55.67
N ALA O 769 -7.10 76.97 55.20
CA ALA O 769 -6.90 76.16 54.00
C ALA O 769 -6.79 76.93 52.69
N LEU O 770 -7.28 78.19 52.65
CA LEU O 770 -7.26 78.96 51.42
C LEU O 770 -5.83 79.24 50.91
N GLN O 771 -4.87 79.44 51.81
CA GLN O 771 -3.48 79.66 51.41
C GLN O 771 -2.49 78.63 51.97
N ALA O 772 -3.00 77.62 52.68
CA ALA O 772 -2.19 76.51 53.17
C ALA O 772 -2.00 75.43 52.11
N GLY P 6 3.90 92.55 26.91
CA GLY P 6 3.28 93.90 27.00
C GLY P 6 1.77 93.83 27.09
N LEU P 7 1.09 94.68 26.31
CA LEU P 7 -0.37 94.70 26.23
C LEU P 7 -0.86 94.84 24.77
N LEU P 8 -2.13 94.52 24.55
CA LEU P 8 -2.80 94.69 23.26
C LEU P 8 -3.72 95.91 23.34
N LYS P 9 -3.58 96.83 22.40
CA LYS P 9 -4.47 98.01 22.31
C LYS P 9 -5.95 97.61 22.26
N ALA P 10 -6.24 96.52 21.54
CA ALA P 10 -7.60 95.99 21.41
C ALA P 10 -8.24 95.61 22.75
N LEU P 11 -7.46 95.07 23.67
CA LEU P 11 -7.95 94.71 25.01
C LEU P 11 -8.03 95.92 25.95
N ARG P 12 -7.09 96.86 25.83
CA ARG P 12 -7.14 98.11 26.61
C ARG P 12 -8.39 98.94 26.33
N SER P 13 -9.01 98.73 25.15
CA SER P 13 -10.25 99.39 24.78
C SER P 13 -11.22 99.58 25.95
N ASP P 14 -11.64 100.82 26.17
CA ASP P 14 -12.53 101.17 27.27
C ASP P 14 -13.43 102.32 26.85
N SER P 15 -14.30 102.01 25.90
CA SER P 15 -15.11 103.03 25.21
C SER P 15 -16.17 103.70 26.09
N TYR P 16 -16.66 102.98 27.11
CA TYR P 16 -17.69 103.53 28.00
C TYR P 16 -17.13 104.61 28.95
N VAL P 17 -15.81 104.70 29.03
CA VAL P 17 -15.11 105.66 29.90
C VAL P 17 -14.57 106.89 29.13
N GLU P 18 -14.51 106.81 27.80
CA GLU P 18 -14.08 107.98 27.00
C GLU P 18 -15.00 109.19 27.19
N LEU P 19 -14.48 110.36 26.85
CA LEU P 19 -15.19 111.62 27.10
C LEU P 19 -16.28 111.81 26.07
N SER P 20 -17.42 112.37 26.49
CA SER P 20 -18.46 112.75 25.55
C SER P 20 -18.06 114.04 24.82
N GLN P 21 -18.89 114.45 23.86
CA GLN P 21 -18.67 115.72 23.15
C GLN P 21 -19.06 116.96 23.97
N TYR P 22 -19.81 116.78 25.06
CA TYR P 22 -20.25 117.88 25.93
C TYR P 22 -19.07 118.63 26.59
N ARG P 23 -19.19 119.95 26.63
CA ARG P 23 -18.37 120.79 27.50
C ARG P 23 -19.23 121.82 28.20
N ASP P 24 -18.71 122.31 29.33
CA ASP P 24 -19.41 123.25 30.17
C ASP P 24 -19.01 124.68 29.75
N GLN P 25 -20.02 125.53 29.56
CA GLN P 25 -19.81 126.89 29.05
C GLN P 25 -19.40 127.84 30.18
N HIS P 26 -20.11 127.77 31.32
CA HIS P 26 -19.74 128.56 32.52
C HIS P 26 -18.39 128.13 33.15
N PHE P 27 -17.70 127.13 32.57
CA PHE P 27 -16.37 126.74 33.03
C PHE P 27 -15.33 127.84 32.76
N ARG P 28 -14.85 128.45 33.85
CA ARG P 28 -13.73 129.41 33.80
C ARG P 28 -12.43 128.72 33.40
N GLY P 29 -12.23 128.55 32.10
CA GLY P 29 -10.99 127.97 31.60
C GLY P 29 -11.01 127.47 30.18
N ASP P 30 -9.81 127.13 29.72
CA ASP P 30 -9.55 126.55 28.40
C ASP P 30 -10.22 125.16 28.24
N ASN P 31 -10.38 124.71 27.00
CA ASN P 31 -10.88 123.35 26.73
C ASN P 31 -9.87 122.28 27.16
N GLU P 32 -8.61 122.45 26.80
CA GLU P 32 -7.55 121.51 27.20
C GLU P 32 -7.33 121.46 28.72
N GLU P 33 -7.66 122.57 29.40
CA GLU P 33 -7.65 122.64 30.87
C GLU P 33 -8.87 121.91 31.47
N GLN P 34 -10.01 121.95 30.78
CA GLN P 34 -11.21 121.20 31.17
C GLN P 34 -11.05 119.68 30.98
N GLU P 35 -10.54 119.29 29.81
CA GLU P 35 -10.26 117.88 29.49
C GLU P 35 -9.32 117.23 30.50
N LYS P 36 -8.32 117.98 30.95
CA LYS P 36 -7.38 117.51 31.96
C LYS P 36 -8.06 117.23 33.30
N LEU P 37 -9.07 118.04 33.66
CA LEU P 37 -9.90 117.78 34.84
C LEU P 37 -10.86 116.61 34.65
N LEU P 38 -11.48 116.54 33.47
CA LEU P 38 -12.40 115.44 33.12
C LEU P 38 -11.74 114.05 33.15
N LYS P 39 -10.47 113.97 32.75
CA LYS P 39 -9.72 112.71 32.77
C LYS P 39 -9.28 112.24 34.16
N LYS P 40 -9.28 113.15 35.15
CA LYS P 40 -8.94 112.80 36.53
C LYS P 40 -10.15 112.91 37.47
N SER P 41 -11.33 113.22 36.95
CA SER P 41 -12.51 113.42 37.78
C SER P 41 -13.00 112.13 38.42
N CYS P 42 -13.64 112.28 39.57
CA CYS P 42 -14.42 111.22 40.21
C CYS P 42 -15.88 111.62 40.28
N THR P 43 -16.32 112.48 39.38
CA THR P 43 -17.61 113.15 39.52
C THR P 43 -18.39 112.99 38.21
N LEU P 44 -19.64 112.54 38.32
CA LEU P 44 -20.46 112.23 37.14
C LEU P 44 -21.72 113.11 37.08
N TYR P 45 -21.99 113.66 35.89
CA TYR P 45 -23.32 114.18 35.58
C TYR P 45 -24.21 112.97 35.28
N VAL P 46 -25.45 113.02 35.76
CA VAL P 46 -26.45 111.99 35.51
C VAL P 46 -27.70 112.64 34.92
N GLY P 47 -27.92 112.45 33.61
CA GLY P 47 -29.06 113.01 32.89
C GLY P 47 -30.27 112.09 32.73
N ASN P 48 -31.38 112.70 32.34
CA ASN P 48 -32.65 112.02 32.04
C ASN P 48 -33.36 111.37 33.23
N LEU P 49 -33.12 111.87 34.44
CA LEU P 49 -33.87 111.43 35.62
C LEU P 49 -35.31 111.92 35.53
N SER P 50 -36.20 111.18 36.18
CA SER P 50 -37.54 111.68 36.48
C SER P 50 -37.41 112.81 37.49
N PHE P 51 -38.38 113.73 37.50
CA PHE P 51 -38.48 114.74 38.55
C PHE P 51 -38.94 114.11 39.88
N TYR P 52 -39.61 112.95 39.78
CA TYR P 52 -40.05 112.18 40.94
C TYR P 52 -38.97 111.27 41.53
N THR P 53 -37.83 111.15 40.85
CA THR P 53 -36.72 110.28 41.30
C THR P 53 -36.04 110.85 42.56
N THR P 54 -36.12 110.08 43.64
CA THR P 54 -35.59 110.47 44.95
C THR P 54 -34.09 110.11 45.13
N GLU P 55 -33.39 110.85 45.99
CA GLU P 55 -32.00 110.54 46.40
C GLU P 55 -31.82 109.10 46.92
N GLU P 56 -32.84 108.56 47.59
CA GLU P 56 -32.87 107.15 48.02
C GLU P 56 -32.58 106.20 46.86
N GLN P 57 -33.18 106.48 45.70
CA GLN P 57 -33.01 105.65 44.51
C GLN P 57 -31.64 105.83 43.86
N ILE P 58 -31.21 107.09 43.71
CA ILE P 58 -29.90 107.38 43.13
C ILE P 58 -28.79 106.76 43.97
N TYR P 59 -28.91 106.84 45.29
CA TYR P 59 -27.91 106.27 46.20
C TYR P 59 -27.85 104.75 46.08
N GLU P 60 -29.00 104.08 46.01
CA GLU P 60 -29.06 102.62 45.91
C GLU P 60 -28.40 102.08 44.63
N LEU P 61 -28.71 102.70 43.49
CA LEU P 61 -28.18 102.27 42.19
C LEU P 61 -26.69 102.55 42.10
N PHE P 62 -26.31 103.82 42.26
CA PHE P 62 -24.92 104.24 42.07
C PHE P 62 -23.95 103.70 43.14
N SER P 63 -24.48 103.23 44.27
CA SER P 63 -23.68 102.48 45.25
C SER P 63 -23.13 101.16 44.73
N LYS P 64 -23.76 100.59 43.71
CA LYS P 64 -23.34 99.30 43.17
C LYS P 64 -21.99 99.33 42.44
N SER P 65 -21.53 100.51 42.03
CA SER P 65 -20.21 100.65 41.42
C SER P 65 -19.11 101.03 42.41
N GLY P 66 -19.49 101.36 43.64
CA GLY P 66 -18.54 101.82 44.67
C GLY P 66 -19.15 102.77 45.70
N ASP P 67 -18.39 103.08 46.74
CA ASP P 67 -18.87 103.92 47.85
C ASP P 67 -19.00 105.39 47.41
N ILE P 68 -20.18 105.98 47.64
CA ILE P 68 -20.48 107.34 47.18
C ILE P 68 -20.02 108.37 48.22
N LYS P 69 -19.30 109.39 47.74
CA LYS P 69 -18.94 110.55 48.54
C LYS P 69 -20.11 111.52 48.67
N LYS P 70 -20.65 111.96 47.55
CA LYS P 70 -21.64 113.04 47.53
C LYS P 70 -22.61 112.95 46.35
N ILE P 71 -23.91 113.03 46.65
CA ILE P 71 -24.96 113.25 45.67
C ILE P 71 -25.42 114.69 45.81
N ILE P 72 -25.39 115.43 44.70
CA ILE P 72 -25.89 116.81 44.64
C ILE P 72 -27.03 116.83 43.64
N MET P 73 -28.27 116.88 44.12
CA MET P 73 -29.45 116.87 43.24
C MET P 73 -29.51 118.08 42.31
N GLY P 74 -30.10 117.87 41.14
CA GLY P 74 -30.24 118.93 40.13
C GLY P 74 -31.54 119.67 40.37
N LEU P 75 -31.43 120.98 40.63
CA LEU P 75 -32.55 121.80 41.10
C LEU P 75 -33.01 122.81 40.04
N ASP P 76 -34.31 123.13 40.08
CA ASP P 76 -34.86 124.25 39.32
C ASP P 76 -34.34 125.53 39.96
N LYS P 77 -33.84 126.47 39.15
CA LYS P 77 -33.23 127.70 39.69
C LYS P 77 -34.19 128.58 40.48
N MET P 78 -35.46 128.62 40.05
CA MET P 78 -36.50 129.40 40.71
C MET P 78 -37.12 128.59 41.86
N LYS P 79 -37.67 127.42 41.52
CA LYS P 79 -38.48 126.62 42.46
C LYS P 79 -37.67 125.83 43.50
N LYS P 80 -36.43 125.48 43.16
CA LYS P 80 -35.60 124.53 43.93
C LYS P 80 -36.27 123.15 44.13
N THR P 81 -36.95 122.71 43.07
CA THR P 81 -37.50 121.36 42.92
C THR P 81 -36.55 120.57 42.02
N ALA P 82 -36.62 119.24 42.12
CA ALA P 82 -35.85 118.36 41.26
C ALA P 82 -36.27 118.53 39.79
N CYS P 83 -35.37 119.07 38.96
CA CYS P 83 -35.65 119.30 37.54
C CYS P 83 -34.94 118.32 36.60
N GLY P 84 -34.64 117.12 37.11
CA GLY P 84 -34.35 115.95 36.25
C GLY P 84 -32.91 115.54 36.01
N PHE P 85 -31.96 116.05 36.79
CA PHE P 85 -30.58 115.54 36.76
C PHE P 85 -29.96 115.53 38.15
N CYS P 86 -28.72 115.05 38.23
CA CYS P 86 -27.92 115.17 39.46
C CYS P 86 -26.43 114.97 39.18
N PHE P 87 -25.61 115.18 40.21
CA PHE P 87 -24.18 114.84 40.18
C PHE P 87 -23.89 113.76 41.19
N VAL P 88 -22.94 112.89 40.87
CA VAL P 88 -22.53 111.82 41.77
C VAL P 88 -21.01 111.81 41.85
N GLU P 89 -20.49 112.01 43.07
CA GLU P 89 -19.06 112.02 43.32
C GLU P 89 -18.67 110.76 44.07
N TYR P 90 -17.59 110.13 43.62
CA TYR P 90 -17.01 108.93 44.24
C TYR P 90 -15.67 109.31 44.87
N TYR P 91 -15.19 108.47 45.78
CA TYR P 91 -13.87 108.66 46.37
C TYR P 91 -12.74 108.30 45.42
N SER P 92 -12.91 107.23 44.62
CA SER P 92 -11.91 106.86 43.61
C SER P 92 -12.42 107.02 42.18
N ARG P 93 -11.46 107.22 41.28
CA ARG P 93 -11.71 107.25 39.83
C ARG P 93 -12.30 105.89 39.39
N ALA P 94 -11.68 104.80 39.85
CA ALA P 94 -12.07 103.44 39.47
C ALA P 94 -13.55 103.14 39.72
N ASP P 95 -14.09 103.66 40.80
CA ASP P 95 -15.50 103.46 41.13
C ASP P 95 -16.40 104.27 40.19
N ALA P 96 -15.97 105.48 39.87
CA ALA P 96 -16.69 106.30 38.88
C ALA P 96 -16.63 105.68 37.49
N GLU P 97 -15.46 105.18 37.10
CA GLU P 97 -15.32 104.44 35.84
C GLU P 97 -16.28 103.27 35.74
N ASN P 98 -16.44 102.50 36.83
CA ASN P 98 -17.39 101.39 36.83
C ASN P 98 -18.85 101.83 36.70
N ALA P 99 -19.22 102.99 37.25
CA ALA P 99 -20.58 103.53 37.06
C ALA P 99 -20.83 103.84 35.58
N MET P 100 -19.85 104.50 34.97
CA MET P 100 -19.87 104.80 33.52
C MET P 100 -19.94 103.56 32.65
N ARG P 101 -19.35 102.47 33.11
CA ARG P 101 -19.33 101.20 32.37
C ARG P 101 -20.63 100.42 32.48
N TYR P 102 -21.25 100.40 33.66
CA TYR P 102 -22.34 99.46 33.93
C TYR P 102 -23.66 100.05 34.36
N ILE P 103 -23.68 101.30 34.81
CA ILE P 103 -24.92 101.99 35.18
C ILE P 103 -25.41 102.89 34.05
N ASN P 104 -24.49 103.57 33.40
CA ASN P 104 -24.76 104.35 32.18
C ASN P 104 -25.60 103.52 31.22
N GLY P 105 -26.70 104.09 30.74
CA GLY P 105 -27.56 103.42 29.77
C GLY P 105 -28.44 102.31 30.31
N THR P 106 -28.62 102.24 31.63
CA THR P 106 -29.58 101.32 32.25
C THR P 106 -30.70 102.11 32.90
N ARG P 107 -31.69 101.42 33.45
CA ARG P 107 -32.89 102.07 33.97
C ARG P 107 -32.78 102.51 35.42
N LEU P 108 -33.29 103.71 35.69
CA LEU P 108 -33.50 104.23 37.03
C LEU P 108 -34.88 104.86 37.05
N ASP P 109 -35.80 104.24 37.80
CA ASP P 109 -37.19 104.66 37.85
C ASP P 109 -37.88 104.51 36.48
N ASP P 110 -37.59 103.37 35.85
CA ASP P 110 -38.07 103.00 34.51
C ASP P 110 -37.64 103.95 33.37
N ARG P 111 -36.56 104.69 33.55
CA ARG P 111 -36.04 105.59 32.52
C ARG P 111 -34.59 105.26 32.22
N ILE P 112 -34.23 105.21 30.95
CA ILE P 112 -32.83 105.01 30.56
C ILE P 112 -32.07 106.29 30.86
N ILE P 113 -31.19 106.22 31.87
CA ILE P 113 -30.38 107.36 32.30
C ILE P 113 -29.02 107.34 31.64
N ARG P 114 -28.45 108.53 31.48
CA ARG P 114 -27.17 108.72 30.82
C ARG P 114 -26.24 109.36 31.83
N THR P 115 -24.99 108.90 31.87
CA THR P 115 -23.96 109.48 32.72
C THR P 115 -22.89 110.14 31.87
N ASP P 116 -22.22 111.13 32.44
CA ASP P 116 -21.08 111.77 31.79
C ASP P 116 -20.09 112.24 32.82
N TRP P 117 -18.81 112.24 32.45
CA TRP P 117 -17.76 112.82 33.28
C TRP P 117 -18.00 114.32 33.44
N ASP P 118 -17.80 114.83 34.65
CA ASP P 118 -17.91 116.25 34.95
C ASP P 118 -16.56 116.77 35.43
N ALA P 119 -16.26 118.03 35.11
CA ALA P 119 -14.97 118.64 35.47
C ALA P 119 -14.85 118.95 36.97
N GLY P 120 -15.98 118.94 37.67
CA GLY P 120 -16.02 119.10 39.12
C GLY P 120 -17.13 120.07 39.48
N PHE P 121 -17.88 119.71 40.50
CA PHE P 121 -18.96 120.57 41.00
C PHE P 121 -18.43 121.88 41.54
N LYS P 122 -19.13 122.97 41.23
CA LYS P 122 -18.95 124.28 41.88
C LYS P 122 -20.34 124.72 42.32
N GLU P 123 -20.40 125.78 43.12
CA GLU P 123 -21.70 126.38 43.49
C GLU P 123 -22.33 127.04 42.25
N GLY P 124 -23.63 126.88 42.10
CA GLY P 124 -24.38 127.37 40.92
C GLY P 124 -24.67 126.31 39.87
N ARG P 125 -23.83 125.28 39.81
CA ARG P 125 -23.98 124.22 38.80
C ARG P 125 -25.13 123.27 39.05
N GLN P 126 -25.62 123.18 40.29
CA GLN P 126 -26.82 122.39 40.60
C GLN P 126 -28.10 122.91 39.95
N TYR P 127 -28.11 124.19 39.58
CA TYR P 127 -29.32 124.85 39.06
C TYR P 127 -29.44 124.67 37.55
N GLY P 128 -30.67 124.45 37.09
CA GLY P 128 -30.97 124.35 35.67
C GLY P 128 -30.80 125.70 34.98
N ARG P 129 -30.07 125.69 33.87
CA ARG P 129 -29.75 126.91 33.11
C ARG P 129 -30.78 127.24 32.02
N GLY P 130 -31.92 126.55 32.02
CA GLY P 130 -33.02 126.91 31.14
C GLY P 130 -33.64 128.24 31.53
N ARG P 131 -34.24 128.92 30.54
CA ARG P 131 -34.84 130.24 30.72
C ARG P 131 -35.93 130.26 31.81
N SER P 132 -36.76 129.22 31.85
CA SER P 132 -37.85 129.12 32.83
C SER P 132 -37.48 128.37 34.13
N GLY P 133 -36.18 128.13 34.35
CA GLY P 133 -35.67 127.58 35.61
C GLY P 133 -35.16 126.15 35.54
N GLY P 134 -35.87 125.30 34.76
CA GLY P 134 -35.49 123.90 34.57
C GLY P 134 -34.30 123.74 33.64
N GLN P 135 -34.07 122.50 33.19
CA GLN P 135 -32.96 122.21 32.28
C GLN P 135 -33.25 122.76 30.88
N VAL P 136 -32.18 123.12 30.17
CA VAL P 136 -32.25 123.60 28.78
C VAL P 136 -32.99 122.60 27.89
N ARG P 137 -32.76 121.32 28.15
CA ARG P 137 -33.38 120.23 27.40
C ARG P 137 -34.93 120.23 27.47
N ASP P 138 -35.49 120.74 28.56
CA ASP P 138 -36.96 120.81 28.76
C ASP P 138 -37.71 122.01 28.15
N GLU P 139 -36.99 122.91 27.49
CA GLU P 139 -37.60 124.13 26.93
C GLU P 139 -37.95 123.96 25.45
N TYR P 140 -37.00 123.48 24.67
CA TYR P 140 -37.19 123.17 23.24
C TYR P 140 -38.26 122.10 22.98
N ARG P 141 -38.10 120.94 23.62
CA ARG P 141 -38.74 119.68 23.22
C ARG P 141 -40.27 119.73 22.98
N GLN P 142 -40.70 118.96 21.99
CA GLN P 142 -42.11 118.86 21.58
C GLN P 142 -42.88 117.80 22.38
N ASP P 143 -42.27 116.63 22.56
CA ASP P 143 -42.91 115.43 23.15
C ASP P 143 -43.58 115.63 24.52
N TYR P 144 -44.52 114.74 24.84
CA TYR P 144 -45.04 114.62 26.21
C TYR P 144 -44.16 113.65 27.01
N ASP P 145 -43.98 113.93 28.30
CA ASP P 145 -43.15 113.13 29.20
C ASP P 145 -43.56 113.39 30.67
N ALA P 146 -44.38 112.49 31.22
CA ALA P 146 -44.97 112.66 32.56
C ALA P 146 -43.95 112.92 33.68
N GLY P 147 -42.87 112.15 33.68
CA GLY P 147 -41.79 112.31 34.66
C GLY P 147 -40.97 113.58 34.51
N ARG P 148 -40.94 114.16 33.30
CA ARG P 148 -40.18 115.39 33.03
C ARG P 148 -41.04 116.68 33.06
N GLY P 149 -42.26 116.60 33.62
CA GLY P 149 -43.12 117.77 33.82
C GLY P 149 -44.39 117.74 33.01
N GLY P 150 -44.27 117.43 31.72
CA GLY P 150 -45.40 117.35 30.80
C GLY P 150 -44.97 117.69 29.39
N TYR P 151 -45.48 118.80 28.84
CA TYR P 151 -44.98 119.33 27.57
C TYR P 151 -43.73 120.19 27.83
N GLY P 152 -43.18 120.80 26.79
CA GLY P 152 -42.04 121.72 26.93
C GLY P 152 -42.41 123.05 27.57
N LYS P 153 -41.75 124.13 27.13
CA LYS P 153 -41.97 125.48 27.68
C LYS P 153 -41.53 126.56 26.71
N ASP Q 29 -27.16 -42.72 -65.13
CA ASP Q 29 -26.55 -43.17 -63.84
C ASP Q 29 -25.30 -44.03 -64.14
N PRO Q 30 -24.08 -43.45 -63.93
CA PRO Q 30 -22.83 -44.14 -64.27
C PRO Q 30 -22.31 -45.06 -63.16
N ARG Q 31 -23.08 -46.09 -62.80
CA ARG Q 31 -22.73 -47.04 -61.74
C ARG Q 31 -23.60 -48.30 -61.84
N ALA Q 32 -23.22 -49.36 -61.10
CA ALA Q 32 -23.79 -50.69 -61.28
C ALA Q 32 -24.99 -50.97 -60.37
N ILE Q 33 -25.90 -51.80 -60.87
CA ILE Q 33 -27.02 -52.32 -60.07
C ILE Q 33 -26.46 -53.40 -59.14
N VAL Q 34 -26.39 -53.10 -57.84
CA VAL Q 34 -25.63 -53.91 -56.87
C VAL Q 34 -26.32 -55.27 -56.60
N GLU Q 35 -25.50 -56.33 -56.56
CA GLU Q 35 -25.98 -57.69 -56.35
C GLU Q 35 -25.84 -58.09 -54.89
N TYR Q 36 -26.97 -58.33 -54.22
CA TYR Q 36 -27.01 -58.77 -52.81
C TYR Q 36 -27.23 -60.28 -52.79
N ARG Q 37 -26.14 -61.03 -52.89
CA ARG Q 37 -26.20 -62.51 -52.99
C ARG Q 37 -26.34 -63.38 -51.69
N ASP Q 38 -25.52 -63.16 -50.65
CA ASP Q 38 -25.71 -63.78 -49.34
C ASP Q 38 -25.26 -62.91 -48.17
N VAL Q 45 -29.23 -60.36 -33.27
CA VAL Q 45 -30.04 -60.08 -32.07
C VAL Q 45 -29.40 -58.97 -31.24
N ASP Q 46 -30.22 -57.99 -30.83
CA ASP Q 46 -29.77 -56.86 -30.01
C ASP Q 46 -29.74 -57.21 -28.53
N PHE Q 47 -28.57 -57.09 -27.90
CA PHE Q 47 -28.41 -57.38 -26.47
C PHE Q 47 -28.36 -56.09 -25.62
N PHE Q 48 -27.82 -55.01 -26.19
CA PHE Q 48 -27.77 -53.69 -25.57
C PHE Q 48 -28.68 -52.74 -26.35
N ASP R 29 -27.24 -17.73 5.49
CA ASP R 29 -26.28 -17.77 6.63
C ASP R 29 -26.94 -17.10 7.85
N PRO R 30 -27.38 -17.89 8.86
CA PRO R 30 -28.03 -17.36 10.05
C PRO R 30 -27.06 -16.92 11.16
N ARG R 31 -26.23 -15.92 10.86
CA ARG R 31 -25.27 -15.35 11.83
C ARG R 31 -24.76 -14.00 11.34
N ALA R 32 -24.09 -13.25 12.22
CA ALA R 32 -23.69 -11.86 11.94
C ALA R 32 -22.30 -11.73 11.35
N ILE R 33 -22.12 -10.73 10.48
CA ILE R 33 -20.79 -10.41 9.91
C ILE R 33 -20.00 -9.67 10.99
N VAL R 34 -18.99 -10.33 11.56
CA VAL R 34 -18.35 -9.89 12.81
C VAL R 34 -17.51 -8.62 12.61
N GLU R 35 -17.63 -7.68 13.55
CA GLU R 35 -16.94 -6.39 13.51
C GLU R 35 -15.68 -6.47 14.39
N TYR R 36 -14.50 -6.35 13.76
CA TYR R 36 -13.22 -6.38 14.48
C TYR R 36 -12.74 -4.94 14.64
N ARG R 37 -13.19 -4.27 15.70
CA ARG R 37 -12.99 -2.83 15.91
C ARG R 37 -11.87 -2.64 16.92
N ASP R 38 -10.66 -2.40 16.43
CA ASP R 38 -9.46 -2.07 17.25
C ASP R 38 -9.14 -3.08 18.37
N VAL R 45 3.65 -10.52 21.12
CA VAL R 45 5.06 -10.92 21.06
C VAL R 45 5.29 -12.22 21.86
N ASP R 46 6.00 -13.17 21.24
CA ASP R 46 6.31 -14.46 21.83
C ASP R 46 7.53 -14.38 22.75
N PHE R 47 7.35 -14.76 24.02
CA PHE R 47 8.44 -14.84 25.00
C PHE R 47 8.92 -16.27 25.22
N PHE R 48 8.02 -17.25 25.11
CA PHE R 48 8.34 -18.68 25.18
C PHE R 48 8.16 -19.30 23.79
N ASP S 29 49.92 50.46 53.06
CA ASP S 29 48.96 50.74 51.96
C ASP S 29 49.34 52.09 51.29
N PRO S 30 49.95 52.04 50.08
CA PRO S 30 50.41 53.24 49.38
C PRO S 30 49.31 53.93 48.53
N ARG S 31 48.27 54.41 49.19
CA ARG S 31 47.15 55.13 48.52
C ARG S 31 46.33 55.91 49.55
N ALA S 32 45.48 56.80 49.07
CA ALA S 32 44.79 57.79 49.93
C ALA S 32 43.42 57.33 50.39
N ILE S 33 43.03 57.76 51.59
CA ILE S 33 41.69 57.48 52.13
C ILE S 33 40.71 58.43 51.44
N VAL S 34 39.88 57.89 50.55
CA VAL S 34 39.07 58.68 49.60
C VAL S 34 37.95 59.47 50.32
N GLU S 35 37.79 60.74 49.93
CA GLU S 35 36.80 61.64 50.51
C GLU S 35 35.54 61.68 49.63
N TYR S 36 34.42 61.21 50.17
CA TYR S 36 33.13 61.21 49.47
C TYR S 36 32.31 62.41 49.95
N ARG S 37 32.52 63.55 49.30
CA ARG S 37 31.98 64.85 49.77
C ARG S 37 30.70 65.23 49.05
CA VAL S 45 15.69 56.11 40.62
C VAL S 45 15.76 55.27 39.34
N ASP S 46 15.47 53.98 39.48
CA ASP S 46 15.49 53.01 38.36
C ASP S 46 14.18 53.06 37.57
N PHE S 47 14.28 53.34 36.27
CA PHE S 47 13.12 53.34 35.36
C PHE S 47 13.00 52.07 34.53
N PHE S 48 14.12 51.45 34.18
CA PHE S 48 14.16 50.21 33.41
C PHE S 48 14.70 49.08 34.29
N ASP T 29 26.73 -117.54 -27.64
CA ASP T 29 26.23 -117.47 -29.04
C ASP T 29 25.40 -118.73 -29.35
N PRO T 30 24.05 -118.61 -29.38
CA PRO T 30 23.16 -119.77 -29.59
C PRO T 30 22.90 -120.09 -31.07
N ARG T 31 23.96 -120.46 -31.80
CA ARG T 31 23.89 -120.80 -33.23
C ARG T 31 25.15 -121.54 -33.67
N ALA T 32 25.11 -122.14 -34.85
CA ALA T 32 26.16 -123.09 -35.30
C ALA T 32 27.26 -122.42 -36.15
N ILE T 33 28.47 -122.96 -36.07
CA ILE T 33 29.59 -122.53 -36.92
C ILE T 33 29.37 -123.11 -38.32
N VAL T 34 29.02 -122.24 -39.28
CA VAL T 34 28.51 -122.67 -40.60
C VAL T 34 29.60 -123.32 -41.46
N GLU T 35 29.23 -124.43 -42.10
CA GLU T 35 30.14 -125.20 -42.96
C GLU T 35 29.94 -124.82 -44.43
N TYR T 36 30.98 -124.26 -45.04
CA TYR T 36 30.95 -123.86 -46.46
C TYR T 36 31.58 -124.93 -47.35
N ASP T 46 30.66 -111.26 -63.62
CA ASP T 46 29.91 -110.03 -63.88
C ASP T 46 29.88 -109.70 -65.36
N PHE T 47 28.69 -109.64 -65.95
CA PHE T 47 28.50 -109.21 -67.34
C PHE T 47 28.00 -107.77 -67.45
N PHE T 48 27.18 -107.35 -66.49
CA PHE T 48 26.59 -106.01 -66.46
C PHE T 48 27.15 -105.25 -65.26
N ASP U 29 -46.88 83.51 -31.87
CA ASP U 29 -46.37 83.13 -30.52
C ASP U 29 -45.10 82.29 -30.68
N PRO U 30 -43.91 82.87 -30.39
CA PRO U 30 -42.64 82.16 -30.53
C PRO U 30 -42.24 81.31 -29.30
N ARG U 31 -43.05 80.31 -28.98
CA ARG U 31 -42.79 79.38 -27.86
C ARG U 31 -43.66 78.12 -28.00
N ALA U 32 -43.35 77.10 -27.22
CA ALA U 32 -43.98 75.77 -27.35
C ALA U 32 -45.21 75.59 -26.47
N ILE U 33 -46.18 74.82 -26.97
CA ILE U 33 -47.38 74.46 -26.20
C ILE U 33 -46.96 73.37 -25.21
N VAL U 34 -46.89 73.72 -23.91
CA VAL U 34 -46.23 72.90 -22.89
C VAL U 34 -47.01 71.61 -22.59
N GLU U 35 -46.29 70.49 -22.49
CA GLU U 35 -46.88 69.18 -22.23
C GLU U 35 -46.76 68.86 -20.74
N TYR U 36 -47.91 68.74 -20.06
CA TYR U 36 -47.95 68.40 -18.63
C TYR U 36 -48.29 66.92 -18.50
N ARG U 37 -47.25 66.07 -18.56
CA ARG U 37 -47.41 64.61 -18.68
C ARG U 37 -47.17 63.98 -17.31
N ASP U 38 -48.24 63.71 -16.60
CA ASP U 38 -48.23 62.99 -15.27
C ASP U 38 -47.30 63.59 -14.22
N VAL U 45 -50.05 68.29 -0.28
CA VAL U 45 -50.78 68.45 0.98
C VAL U 45 -50.05 69.46 1.89
N ASP U 46 -50.83 70.39 2.44
CA ASP U 46 -50.32 71.45 3.34
C ASP U 46 -50.21 70.94 4.78
N PHE U 47 -49.00 71.02 5.33
CA PHE U 47 -48.74 70.69 6.74
C PHE U 47 -48.63 71.93 7.62
N PHE U 48 -48.11 73.04 7.06
CA PHE U 48 -48.03 74.34 7.74
C PHE U 48 -49.00 75.31 7.08
N ASP V 29 4.94 12.93 6.72
CA ASP V 29 4.45 13.07 5.32
C ASP V 29 3.49 11.89 5.02
N PRO V 30 2.16 12.15 4.98
CA PRO V 30 1.17 11.10 4.75
C PRO V 30 0.90 10.80 3.26
N ARG V 31 1.93 10.31 2.57
CA ARG V 31 1.82 9.95 1.14
C ARG V 31 3.00 9.06 0.73
N ALA V 32 2.91 8.44 -0.45
CA ALA V 32 3.86 7.41 -0.88
C ALA V 32 5.03 7.96 -1.70
N ILE V 33 6.18 7.32 -1.58
CA ILE V 33 7.37 7.62 -2.40
C ILE V 33 7.12 7.02 -3.80
N VAL V 34 6.87 7.89 -4.78
CA VAL V 34 6.33 7.48 -6.09
C VAL V 34 7.34 6.68 -6.91
N GLU V 35 6.87 5.60 -7.54
CA GLU V 35 7.70 4.69 -8.34
C GLU V 35 7.56 5.05 -9.82
N TYR V 36 8.66 5.49 -10.44
CA TYR V 36 8.67 5.85 -11.86
C TYR V 36 9.28 4.68 -12.65
N ARG V 37 8.43 3.72 -13.01
CA ARG V 37 8.83 2.46 -13.66
C ARG V 37 8.53 2.58 -15.15
N ASP V 38 9.54 2.92 -15.93
CA ASP V 38 9.47 2.98 -17.44
C ASP V 38 8.32 3.86 -17.97
N VAL V 45 10.05 14.54 -28.74
CA VAL V 45 10.70 15.53 -29.57
C VAL V 45 9.72 16.67 -29.93
N ASP V 46 10.18 17.91 -29.77
CA ASP V 46 9.39 19.12 -30.04
C ASP V 46 9.44 19.48 -31.53
N PHE V 47 8.27 19.54 -32.16
CA PHE V 47 8.14 19.95 -33.56
C PHE V 47 7.70 21.41 -33.73
N PHE V 48 6.89 21.91 -32.80
CA PHE V 48 6.39 23.29 -32.82
C PHE V 48 7.01 24.06 -31.66
N ASP W 29 67.83 -78.81 21.09
CA ASP W 29 66.84 -78.47 20.03
C ASP W 29 67.15 -77.05 19.49
N PRO W 30 67.75 -76.95 18.28
CA PRO W 30 68.15 -75.65 17.73
C PRO W 30 67.04 -74.93 16.93
N ARG W 31 65.94 -74.60 17.61
CA ARG W 31 64.78 -73.92 17.00
C ARG W 31 63.89 -73.32 18.09
N ALA W 32 62.96 -72.44 17.69
CA ALA W 32 62.20 -71.61 18.63
C ALA W 32 60.85 -72.21 19.01
N ILE W 33 60.37 -71.91 20.22
CA ILE W 33 59.02 -72.27 20.66
C ILE W 33 58.03 -71.32 19.96
N VAL W 34 57.26 -71.86 19.00
CA VAL W 34 56.46 -71.05 18.07
C VAL W 34 55.28 -70.36 18.76
N GLU W 35 55.09 -69.08 18.42
CA GLU W 35 54.01 -68.25 18.99
C GLU W 35 52.81 -68.21 18.05
N TYR W 36 51.68 -68.74 18.51
CA TYR W 36 50.43 -68.76 17.74
C TYR W 36 49.52 -67.60 18.14
N ASP W 46 34.02 -76.52 6.39
CA ASP W 46 33.97 -77.48 5.28
C ASP W 46 32.70 -77.31 4.45
N PHE W 47 32.87 -77.02 3.16
CA PHE W 47 31.77 -77.01 2.19
C PHE W 47 31.72 -78.28 1.35
N PHE W 48 32.88 -78.87 1.05
CA PHE W 48 32.99 -80.10 0.25
C PHE W 48 33.49 -81.23 1.13
N ASP X 29 -47.14 108.62 38.42
CA ASP X 29 -46.27 108.63 39.63
C ASP X 29 -47.04 109.32 40.79
N PRO X 30 -47.53 108.53 41.76
CA PRO X 30 -48.34 109.08 42.87
C PRO X 30 -47.52 109.59 44.07
N ARG X 31 -46.68 110.60 43.82
CA ARG X 31 -45.81 111.20 44.86
C ARG X 31 -45.28 112.56 44.40
N ALA X 32 -44.69 113.32 45.32
CA ALA X 32 -44.37 114.74 45.08
C ALA X 32 -42.94 114.94 44.59
N ILE X 33 -42.75 115.96 43.75
CA ILE X 33 -41.42 116.41 43.32
C ILE X 33 -40.79 117.17 44.48
N VAL X 34 -39.78 116.56 45.11
CA VAL X 34 -39.22 117.01 46.39
C VAL X 34 -38.46 118.34 46.25
N GLU X 35 -38.69 119.25 47.19
CA GLU X 35 -38.07 120.58 47.22
C GLU X 35 -36.84 120.58 48.13
N TYR X 36 -35.67 120.79 47.54
CA TYR X 36 -34.40 120.88 48.28
C TYR X 36 -34.03 122.35 48.47
N ARG X 37 -34.57 122.94 49.53
CA ARG X 37 -34.39 124.39 49.82
C ARG X 37 -33.08 124.89 50.55
N ASP X 38 -32.66 124.29 51.67
CA ASP X 38 -31.37 124.55 52.28
C ASP X 38 -30.79 123.33 53.00
N VAL X 45 -16.69 117.90 55.64
CA VAL X 45 -15.31 117.48 55.42
C VAL X 45 -15.04 116.12 56.06
N ASP X 46 -14.41 115.23 55.29
CA ASP X 46 -14.09 113.85 55.74
C ASP X 46 -12.78 113.84 56.54
N PHE X 47 -12.85 113.37 57.79
CA PHE X 47 -11.67 113.24 58.66
C PHE X 47 -11.13 111.80 58.73
N PHE X 48 -12.03 110.82 58.64
CA PHE X 48 -11.67 109.40 58.75
C PHE X 48 -11.93 108.72 57.40
PG MGT Y . -48.74 -55.49 -56.87
O1G MGT Y . -49.35 -56.02 -58.15
O2G MGT Y . -49.66 -55.70 -55.67
O3G MGT Y . -48.20 -54.08 -57.03
O3B MGT Y . -47.38 -56.38 -56.61
PB MGT Y . -47.09 -57.34 -55.35
O1B MGT Y . -47.45 -56.65 -54.07
O2B MGT Y . -47.74 -58.68 -55.62
O3A MGT Y . -45.51 -57.65 -55.22
PA MGT Y . -44.33 -56.86 -55.97
O1A MGT Y . -43.73 -57.72 -57.06
O2A MGT Y . -44.76 -55.45 -56.29
O5' MGT Y . -43.27 -56.68 -54.76
C5' MGT Y . -42.73 -57.76 -54.00
C4' MGT Y . -42.58 -57.40 -52.51
O4' MGT Y . -42.82 -56.02 -52.22
C3' MGT Y . -43.56 -58.18 -51.67
O3' MGT Y . -43.04 -58.41 -50.37
C2' MGT Y . -44.73 -57.24 -51.66
O2' MGT Y . -45.66 -57.59 -50.63
C1' MGT Y . -44.02 -55.90 -51.44
N9 MGT Y . -44.90 -54.72 -51.74
C8 MGT Y . -45.06 -54.35 -53.15
N7 MGT Y . -45.97 -53.22 -52.94
CM7 MGT Y . -46.42 -52.51 -54.17
C5 MGT Y . -46.26 -52.99 -51.68
C6 MGT Y . -47.11 -51.97 -51.02
O6 MGT Y . -47.75 -51.10 -51.66
N1 MGT Y . -47.17 -52.05 -49.68
C2 MGT Y . -46.49 -53.00 -48.97
N2 MGT Y . -46.61 -53.00 -47.63
N3 MGT Y . -45.70 -53.94 -49.52
C4 MGT Y . -45.56 -53.99 -50.86
PG MGT Z . -6.69 -7.01 -6.89
O1G MGT Z . -5.19 -6.95 -7.21
O2G MGT Z . -7.34 -8.37 -7.04
O3G MGT Z . -7.47 -5.90 -7.53
O3B MGT Z . -6.84 -6.71 -5.31
PB MGT Z . -5.86 -5.71 -4.52
O1B MGT Z . -4.74 -6.48 -3.88
O2B MGT Z . -5.43 -4.62 -5.47
O3A MGT Z . -6.82 -5.10 -3.38
PA MGT Z . -7.82 -5.95 -2.42
O1A MGT Z . -8.80 -5.03 -1.74
O2A MGT Z . -8.37 -7.15 -3.15
O5' MGT Z . -6.77 -6.45 -1.30
C5' MGT Z . -6.82 -6.09 0.09
C4' MGT Z . -5.65 -6.77 0.82
O4' MGT Z . -5.56 -8.16 0.43
C3' MGT Z . -4.31 -6.15 0.48
O3' MGT Z . -3.42 -6.23 1.59
C2' MGT Z . -3.82 -7.02 -0.66
O2' MGT Z . -2.40 -6.94 -0.84
C1' MGT Z . -4.30 -8.39 -0.23
N9 MGT Z . -4.34 -9.35 -1.37
C8 MGT Z . -5.57 -9.30 -2.17
N7 MGT Z . -5.20 -10.34 -3.13
CM7 MGT Z . -6.23 -10.60 -4.16
C5 MGT Z . -4.01 -10.89 -2.92
C6 MGT Z . -3.28 -11.95 -3.62
O6 MGT Z . -3.76 -12.52 -4.62
N1 MGT Z . -2.06 -12.27 -3.12
C2 MGT Z . -1.54 -11.65 -2.02
N2 MGT Z . -0.31 -12.03 -1.58
N3 MGT Z . -2.19 -10.66 -1.34
C4 MGT Z . -3.42 -10.24 -1.74
PG MGT AA . 28.05 49.77 67.90
O1G MGT AA . 26.70 50.09 68.53
O2G MGT AA . 28.16 48.38 67.32
O3G MGT AA . 29.26 50.08 68.74
O3B MGT AA . 28.13 50.77 66.63
PB MGT AA . 26.97 51.81 66.24
O1B MGT AA . 25.68 51.07 65.99
O2B MGT AA . 26.95 52.87 67.29
O3A MGT AA . 27.44 52.50 64.85
PA MGT AA . 28.97 52.64 64.30
O1A MGT AA . 29.54 54.01 64.59
O2A MGT AA . 29.85 51.47 64.67
O5' MGT AA . 28.64 52.55 62.73
C5' MGT AA . 27.91 53.58 62.05
C4' MGT AA . 26.84 53.08 61.09
O4' MGT AA . 27.00 51.69 60.80
C3' MGT AA . 25.43 53.20 61.65
O3' MGT AA . 24.52 53.52 60.58
C2' MGT AA . 25.13 51.84 62.23
O2' MGT AA . 23.72 51.59 62.30
C1' MGT AA . 25.85 50.94 61.24
N9 MGT AA . 26.16 49.58 61.81
C8 MGT AA . 27.38 49.50 62.62
N7 MGT AA . 27.30 48.08 62.94
CM7 MGT AA . 28.43 47.61 63.79
C5 MGT AA . 26.24 47.46 62.43
C6 MGT AA . 25.75 46.07 62.50
O6 MGT AA . 26.37 45.17 63.13
N1 MGT AA . 24.61 45.81 61.84
C2 MGT AA . 23.93 46.77 61.14
N2 MGT AA . 22.79 46.43 60.51
N3 MGT AA . 24.34 48.05 61.06
C4 MGT AA . 25.46 48.45 61.67
PG MGT BA . 50.33 -115.10 -39.08
O1G MGT BA . 51.58 -115.93 -38.83
O2G MGT BA . 50.52 -113.61 -38.91
O3G MGT BA . 49.07 -115.63 -38.39
O3B MGT BA . 50.15 -115.29 -40.68
PB MGT BA . 49.51 -116.61 -41.35
O1B MGT BA . 49.32 -116.30 -42.81
O2B MGT BA . 50.40 -117.77 -40.96
O3A MGT BA . 48.08 -116.75 -40.60
PA MGT BA . 46.91 -117.74 -41.09
O1A MGT BA . 47.61 -118.84 -41.78
O2A MGT BA . 45.94 -118.07 -39.99
O5' MGT BA . 46.12 -116.97 -42.26
C5' MGT BA . 45.09 -117.60 -43.03
C4' MGT BA . 44.81 -116.77 -44.28
O4' MGT BA . 44.51 -115.43 -43.89
C3' MGT BA . 46.02 -116.71 -45.22
O3' MGT BA . 45.64 -116.68 -46.60
C2' MGT BA . 46.70 -115.42 -44.82
O2' MGT BA . 47.51 -114.87 -45.86
C1' MGT BA . 45.52 -114.54 -44.42
N9 MGT BA . 45.96 -113.45 -43.49
C8 MGT BA . 46.10 -113.82 -42.08
N7 MGT BA . 46.53 -112.50 -41.61
CM7 MGT BA . 46.78 -112.46 -40.15
C5 MGT BA . 46.64 -111.57 -42.55
C6 MGT BA . 47.04 -110.14 -42.51
O6 MGT BA . 47.37 -109.56 -41.45
N1 MGT BA . 47.02 -109.50 -43.70
C2 MGT BA . 46.66 -110.11 -44.87
N2 MGT BA . 46.67 -109.39 -46.01
N3 MGT BA . 46.29 -111.43 -44.95
C4 MGT BA . 46.26 -112.19 -43.83
PG MGT CA . -69.37 73.43 -22.71
O1G MGT CA . -70.38 73.14 -21.61
O2G MGT CA . -69.04 74.90 -22.92
O3G MGT CA . -69.66 72.71 -24.00
O3B MGT CA . -67.95 72.83 -22.22
PB MGT CA . -67.84 71.47 -21.37
O1B MGT CA . -67.61 71.79 -19.93
O2B MGT CA . -69.04 70.59 -21.67
O3A MGT CA . -66.51 70.81 -22.01
PA MGT CA . -65.02 71.42 -21.90
O1A MGT CA . -64.06 70.58 -22.70
O2A MGT CA . -65.04 72.90 -22.19
O5' MGT CA . -64.73 71.14 -20.34
C5' MGT CA . -63.47 70.72 -19.81
C4' MGT CA . -63.34 71.10 -18.33
O4' MGT CA . -63.55 72.51 -18.17
C3' MGT CA . -64.39 70.40 -17.47
O3' MGT CA . -63.85 70.07 -16.18
C2' MGT CA . -65.48 71.44 -17.37
O2' MGT CA . -66.32 71.21 -16.24
C1' MGT CA . -64.67 72.73 -17.28
N9 MGT CA . -65.47 73.95 -17.60
C8 MGT CA . -65.56 74.29 -19.03
N7 MGT CA . -66.40 75.47 -18.87
CM7 MGT CA . -66.71 76.15 -20.15
C5 MGT CA . -66.72 75.77 -17.63
C6 MGT CA . -67.53 76.85 -17.05
O6 MGT CA . -68.06 77.73 -17.76
N1 MGT CA . -67.65 76.84 -15.70
C2 MGT CA . -67.08 75.90 -14.91
N2 MGT CA . -67.26 75.96 -13.56
N3 MGT CA . -66.32 74.87 -15.41
C4 MGT CA . -66.11 74.75 -16.75
PG MGT DA . 28.74 12.95 -4.89
O1G MGT DA . 30.10 12.68 -5.52
O2G MGT DA . 28.19 14.31 -5.23
O3G MGT DA . 28.58 12.66 -3.42
O3B MGT DA . 27.76 11.88 -5.61
PB MGT DA . 27.69 11.66 -7.22
O1B MGT DA . 27.43 12.97 -7.87
O2B MGT DA . 28.92 10.93 -7.70
O3A MGT DA . 26.35 10.76 -7.41
PA MGT DA . 24.98 10.95 -6.57
O1A MGT DA . 24.42 9.62 -6.14
O2A MGT DA . 25.14 11.99 -5.49
O5' MGT DA . 24.01 11.55 -7.71
C5' MGT DA . 23.48 10.76 -8.78
C4' MGT DA . 23.08 11.66 -9.96
O4' MGT DA . 22.88 13.02 -9.54
C3' MGT DA . 24.16 11.72 -11.03
O3' MGT DA . 23.61 11.98 -12.33
C2' MGT DA . 25.01 12.87 -10.52
O2' MGT DA . 25.90 13.39 -11.51
C1' MGT DA . 23.92 13.85 -10.10
N9 MGT DA . 24.46 14.94 -9.23
C8 MGT DA . 24.57 14.65 -7.80
N7 MGT DA . 25.13 15.93 -7.38
CM7 MGT DA . 25.39 16.03 -5.92
C5 MGT DA . 25.31 16.80 -8.37
C6 MGT DA . 25.81 18.18 -8.42
O6 MGT DA . 26.21 18.78 -7.40
N1 MGT DA . 25.84 18.74 -9.63
C2 MGT DA . 25.42 18.11 -10.75
N2 MGT DA . 25.49 18.76 -11.94
N3 MGT DA . 24.95 16.85 -10.76
C4 MGT DA . 24.86 16.15 -9.61
PG MGT EA . 45.68 -81.81 35.38
O1G MGT EA . 45.43 -81.23 36.75
O2G MGT EA . 45.42 -83.30 35.28
O3G MGT EA . 46.99 -81.40 34.73
O3B MGT EA . 44.47 -81.13 34.51
PB MGT EA . 44.39 -79.57 34.08
O1B MGT EA . 43.33 -79.50 33.01
O2B MGT EA . 44.22 -78.74 35.32
O3A MGT EA . 45.85 -79.28 33.46
PA MGT EA . 46.24 -78.34 32.22
O1A MGT EA . 46.33 -76.91 32.67
O2A MGT EA . 47.52 -78.89 31.64
O5' MGT EA . 45.09 -78.41 31.09
C5' MGT EA . 45.24 -77.68 29.86
C4' MGT EA . 44.27 -78.15 28.78
O4' MGT EA . 44.64 -79.47 28.36
C3' MGT EA . 42.82 -78.22 29.27
O3' MGT EA . 41.86 -77.89 28.25
C2' MGT EA . 42.68 -79.67 29.68
O2' MGT EA . 41.32 -80.13 29.67
C1' MGT EA . 43.58 -80.38 28.67
N9 MGT EA . 43.98 -81.69 29.24
C8 MGT EA . 45.14 -81.67 30.12
N7 MGT EA . 45.14 -83.09 30.43
CM7 MGT EA . 46.23 -83.49 31.34
C5 MGT EA . 44.16 -83.80 29.86
C6 MGT EA . 43.79 -85.23 29.90
O6 MGT EA . 44.43 -86.08 30.57
N1 MGT EA . 42.71 -85.58 29.16
C2 MGT EA . 42.00 -84.68 28.42
N2 MGT EA . 40.93 -85.11 27.72
N3 MGT EA . 42.31 -83.35 28.35
C4 MGT EA . 43.36 -82.86 29.05
PG MGT FA . -27.25 121.85 27.01
O1G MGT FA . -25.75 121.95 26.83
O2G MGT FA . -27.78 120.45 27.15
O3G MGT FA . -28.07 122.71 26.08
O3B MGT FA . -27.58 122.50 28.46
PB MGT FA . -26.53 123.08 29.54
O1B MGT FA . -25.62 122.00 30.07
O2B MGT FA . -25.85 124.32 28.99
O3A MGT FA . -27.59 123.50 30.68
PA MGT FA . -28.52 122.49 31.54
O1A MGT FA . -29.73 123.22 32.04
O2A MGT FA . -28.75 121.20 30.78
O5' MGT FA . -27.43 122.20 32.69
C5' MGT FA . -27.71 122.15 34.10
C4' MGT FA . -26.49 121.62 34.87
O4' MGT FA . -26.21 120.26 34.51
C3' MGT FA . -25.23 122.39 34.57
O3' MGT FA . -24.34 122.33 35.69
C2' MGT FA . -24.61 121.64 33.42
O2' MGT FA . -23.22 121.87 33.30
C1' MGT FA . -24.96 120.20 33.79
N9 MGT FA . -24.97 119.31 32.60
C8 MGT FA . -26.18 119.33 31.77
N7 MGT FA . -25.74 118.36 30.78
CM7 MGT FA . -26.73 118.07 29.70
C5 MGT FA . -24.53 117.86 30.99
C6 MGT FA . -23.72 116.86 30.25
O6 MGT FA . -24.13 116.30 29.20
N1 MGT FA . -22.52 116.61 30.80
C2 MGT FA . -22.06 117.22 31.92
N2 MGT FA . -20.83 116.91 32.40
N3 MGT FA . -22.78 118.14 32.63
C4 MGT FA . -24.00 118.49 32.21
#